data_8P5U
#
_entry.id   8P5U
#
_cell.length_a   1.00
_cell.length_b   1.00
_cell.length_c   1.00
_cell.angle_alpha   90.00
_cell.angle_beta   90.00
_cell.angle_gamma   90.00
#
_symmetry.space_group_name_H-M   'P 1'
#
loop_
_entity.id
_entity.type
_entity.pdbx_description
1 polymer '2-oxoglutarate dehydrogenase E1/E2 component'
2 non-polymer 'MAGNESIUM ION'
3 non-polymer 'COENZYME A'
4 non-polymer 'ACETYL COENZYME *A'
5 non-polymer 'THIAMINE DIPHOSPHATE'
#
_entity_poly.entity_id   1
_entity_poly.type   'polypeptide(L)'
_entity_poly.pdbx_seq_one_letter_code
;GSMSSASTFGQNAWLVDEMFQQFQKDPKSVDKEWRELFEAQGGPNTTPATTEAQPSAPKESAKPAPKAAPAAKAAPRVET
KPADKTAPKAKESSVPQQPKLPEPGQTPIRGIFKSIAKNMDISLEIPTATSVRDMPARLMFENRAMVNDQLKRTRGGKIS
FTHIIGYAMVKAVMAHPDMNNSYDVIDGKPTLIVPEHINLGLAIDLPQKDGSRALVVAAIKETEKMNFSEFLAAYEDIVA
RSRKGKLTMDDYQGVTVSLTNPGGIGTRHSVPRLTKGQGTIIGVGSMDYPAEFQGASEDRLAELGVGKLVTITSTYDHRV
IQGAVSGEFLRTMSRLLTDDSFWDEIFDAMNVPYTPMRWAQDVPNTGVDKNTRVMQLIEAYRSRGHLIADTNPLSWVQPG
MPVPDHRDLDIETHNLTIWDLDRTFNVGGFGGKETMTLREVLSRLRAAYTLKVGSEYTHILDRDERTWLQDRLEAGMPKP
TQAEQKYILQKLNAAEAFENFLQTKYVGQKRFSLEGAEALIPLMDSAIDTAAGQGLDEVVIGMPHRGRLNVLFNIVGKPL
ASIFNEFEGQMEQGQIGGSGDVKYHLGSEGQHLQMFGDGEIKVSLTANPSHLEAVNPVMEGIVRAKQDYLDKGVDGKTVV
PLLLHGDAAFAGLGIVPETINLAKLRGYDVGGTIHIVVNNQIGFTTTPDSSRSMHYATDYAKAFGCPVFHVNGDDPEAVV
WVGQLATEYRRRFGKDVFIDLVCYRLRGHNEADDPSMTQPKMYELITGRETVRAQYTEDLLGRGDLSNEDAEAVVRDFHD
QMESVFNEVKEGGKKQAEAQTGITGSQKLPHGLETNISREELLELGQAFANTPEGFNYHPRVAPVAKKRVSSVTEGGIDW
AWGELLAFGSLANSGRLVRLAGEDSRRGTFTQRHAVAIDPATAEEFNPLHELAQSKGNNGKFLVYNSALTEYAGMGFEYG
YSVGNEDSIVAWEAQFGDFANGAQTIIDEYVSSGEAKWGQTSKLILLLPHGYEGQGPDHSSARIERFLQLCAEGSMTVAQ
PSTPANHFHLLRRHALSDLKRPLVIFTPKSMLRNKAAASAPEDFTEVTKFQSVINDPNVADAAKVKKVMLVSGKLYYELA
KRKEKDGRDDIAIVRIEMLHPIPFNRISEALAGYPNAEEVLFVQDEPANQGPWPFYQEHLPELIPNMPKMRRVSRRAQSS
TATGVAKVHQLEEKQLIDEAFEA
;
_entity_poly.pdbx_strand_id   A,B,C,D,E,F
#
# COMPACT_ATOMS: atom_id res chain seq x y z
N PRO A 104 -16.52 -44.61 -49.33
CA PRO A 104 -15.63 -45.73 -49.04
C PRO A 104 -15.15 -46.45 -50.31
N GLY A 105 -13.86 -46.81 -50.32
CA GLY A 105 -13.27 -47.52 -51.44
C GLY A 105 -12.08 -46.78 -52.05
N GLN A 106 -11.63 -47.27 -53.20
CA GLN A 106 -10.44 -46.78 -53.87
C GLN A 106 -10.83 -45.92 -55.06
N THR A 107 -10.02 -44.90 -55.36
CA THR A 107 -10.29 -44.03 -56.50
C THR A 107 -8.99 -43.40 -56.99
N PRO A 108 -8.66 -43.50 -58.30
CA PRO A 108 -7.48 -42.87 -58.86
C PRO A 108 -7.37 -41.37 -58.66
N ILE A 109 -6.14 -40.89 -58.47
CA ILE A 109 -5.84 -39.48 -58.32
C ILE A 109 -5.70 -38.89 -59.72
N ARG A 110 -6.42 -37.81 -59.99
CA ARG A 110 -6.42 -37.19 -61.30
C ARG A 110 -6.30 -35.68 -61.17
N GLY A 111 -5.60 -35.05 -62.13
CA GLY A 111 -5.63 -33.62 -62.29
C GLY A 111 -4.44 -32.95 -61.59
N ILE A 112 -4.74 -31.83 -60.90
CA ILE A 112 -3.74 -31.07 -60.17
C ILE A 112 -3.18 -31.91 -59.02
N PHE A 113 -4.02 -32.81 -58.48
CA PHE A 113 -3.66 -33.62 -57.33
C PHE A 113 -2.61 -34.66 -57.71
N LYS A 114 -2.66 -35.15 -58.95
CA LYS A 114 -1.68 -36.09 -59.45
C LYS A 114 -0.32 -35.41 -59.56
N SER A 115 -0.32 -34.12 -59.94
CA SER A 115 0.90 -33.34 -60.05
C SER A 115 1.51 -33.08 -58.68
N ILE A 116 0.67 -32.82 -57.67
CA ILE A 116 1.14 -32.55 -56.32
C ILE A 116 1.76 -33.83 -55.76
N ALA A 117 1.16 -34.97 -56.07
CA ALA A 117 1.64 -36.26 -55.57
C ALA A 117 3.00 -36.60 -56.16
N LYS A 118 3.19 -36.30 -57.46
CA LYS A 118 4.41 -36.68 -58.14
C LYS A 118 5.58 -35.84 -57.65
N ASN A 119 5.34 -34.56 -57.38
CA ASN A 119 6.39 -33.66 -56.94
C ASN A 119 6.86 -34.01 -55.53
N MET A 120 5.92 -34.43 -54.67
CA MET A 120 6.24 -34.79 -53.31
C MET A 120 7.13 -36.05 -53.30
N ASP A 121 6.91 -36.94 -54.27
CA ASP A 121 7.70 -38.15 -54.41
C ASP A 121 9.11 -37.82 -54.89
N ILE A 122 9.23 -36.88 -55.83
CA ILE A 122 10.53 -36.46 -56.33
C ILE A 122 11.33 -35.82 -55.21
N SER A 123 10.66 -35.10 -54.31
CA SER A 123 11.32 -34.29 -53.31
C SER A 123 11.99 -35.13 -52.23
N LEU A 124 11.80 -36.45 -52.28
CA LEU A 124 12.39 -37.34 -51.30
C LEU A 124 13.91 -37.37 -51.45
N GLU A 125 14.43 -36.88 -52.58
CA GLU A 125 15.85 -36.95 -52.83
C GLU A 125 16.56 -35.66 -52.45
N ILE A 126 15.98 -34.88 -51.53
CA ILE A 126 16.62 -33.69 -51.00
C ILE A 126 16.88 -33.90 -49.52
N PRO A 127 18.14 -33.87 -49.04
CA PRO A 127 18.45 -33.80 -47.62
C PRO A 127 18.15 -32.43 -46.99
N THR A 128 17.28 -32.40 -45.99
CA THR A 128 16.79 -31.13 -45.45
C THR A 128 17.07 -31.01 -43.97
N ALA A 129 17.29 -29.77 -43.52
CA ALA A 129 17.39 -29.44 -42.11
C ALA A 129 16.61 -28.15 -41.83
N THR A 130 16.31 -27.90 -40.55
CA THR A 130 15.41 -26.83 -40.16
C THR A 130 16.01 -26.02 -39.01
N SER A 131 15.71 -24.71 -38.98
CA SER A 131 16.06 -23.80 -37.90
C SER A 131 14.82 -23.05 -37.44
N VAL A 132 14.73 -22.75 -36.14
CA VAL A 132 13.55 -22.15 -35.54
C VAL A 132 14.01 -20.98 -34.66
N ARG A 133 13.34 -19.82 -34.77
CA ARG A 133 13.65 -18.65 -33.96
C ARG A 133 12.37 -17.90 -33.61
N ASP A 134 12.31 -17.36 -32.39
CA ASP A 134 11.15 -16.62 -31.91
C ASP A 134 11.53 -15.16 -31.67
N MET A 135 10.61 -14.24 -31.99
CA MET A 135 10.88 -12.82 -32.08
C MET A 135 9.75 -12.05 -31.42
N PRO A 136 10.00 -10.86 -30.81
CA PRO A 136 8.92 -9.98 -30.38
C PRO A 136 8.07 -9.45 -31.53
N ALA A 137 6.81 -9.11 -31.25
CA ALA A 137 5.89 -8.72 -32.32
C ALA A 137 5.10 -7.44 -32.00
N ARG A 138 5.50 -6.69 -30.96
CA ARG A 138 4.73 -5.55 -30.51
C ARG A 138 4.82 -4.41 -31.51
N LEU A 139 6.03 -4.12 -31.97
CA LEU A 139 6.28 -3.00 -32.84
C LEU A 139 5.59 -3.19 -34.18
N MET A 140 5.38 -4.44 -34.61
CA MET A 140 4.71 -4.70 -35.85
C MET A 140 3.25 -4.30 -35.73
N PHE A 141 2.62 -4.66 -34.61
CA PHE A 141 1.22 -4.33 -34.41
C PHE A 141 1.03 -2.82 -34.39
N GLU A 142 1.91 -2.10 -33.71
CA GLU A 142 1.80 -0.66 -33.54
C GLU A 142 1.95 0.05 -34.89
N ASN A 143 3.03 -0.25 -35.60
CA ASN A 143 3.37 0.49 -36.79
C ASN A 143 2.43 0.13 -37.94
N ARG A 144 1.87 -1.07 -37.94
CA ARG A 144 0.92 -1.44 -38.97
C ARG A 144 -0.35 -0.62 -38.80
N ALA A 145 -0.75 -0.40 -37.55
CA ALA A 145 -1.96 0.36 -37.27
C ALA A 145 -1.81 1.80 -37.73
N MET A 146 -0.62 2.35 -37.57
CA MET A 146 -0.36 3.72 -37.97
C MET A 146 -0.45 3.85 -39.48
N VAL A 147 0.00 2.85 -40.23
CA VAL A 147 -0.01 2.91 -41.69
C VAL A 147 -1.43 2.75 -42.20
N ASN A 148 -2.21 1.90 -41.56
CA ASN A 148 -3.56 1.62 -42.04
C ASN A 148 -4.50 2.79 -41.73
N ASP A 149 -4.19 3.60 -40.72
CA ASP A 149 -4.98 4.78 -40.42
C ASP A 149 -4.80 5.83 -41.52
N GLN A 150 -3.58 5.99 -42.01
CA GLN A 150 -3.29 6.92 -43.08
C GLN A 150 -4.03 6.51 -44.35
N LEU A 151 -4.06 5.21 -44.64
CA LEU A 151 -4.65 4.75 -45.89
C LEU A 151 -6.17 4.91 -45.83
N LYS A 152 -6.76 4.78 -44.64
CA LYS A 152 -8.20 4.86 -44.52
C LYS A 152 -8.69 6.27 -44.82
N ARG A 153 -7.93 7.29 -44.39
CA ARG A 153 -8.34 8.67 -44.62
C ARG A 153 -8.20 9.02 -46.09
N THR A 154 -7.22 8.40 -46.77
CA THR A 154 -6.94 8.67 -48.17
C THR A 154 -7.66 7.66 -49.07
N ARG A 155 -8.62 6.92 -48.51
CA ARG A 155 -9.41 5.93 -49.25
C ARG A 155 -8.50 5.01 -50.07
N GLY A 156 -7.40 4.58 -49.46
CA GLY A 156 -6.54 3.55 -50.03
C GLY A 156 -6.93 2.16 -49.54
N GLY A 157 -5.97 1.24 -49.53
CA GLY A 157 -6.22 -0.15 -49.19
C GLY A 157 -5.83 -0.49 -47.75
N LYS A 158 -5.07 -1.58 -47.59
CA LYS A 158 -4.73 -2.17 -46.31
C LYS A 158 -3.47 -2.99 -46.49
N ILE A 159 -2.50 -2.87 -45.58
CA ILE A 159 -1.35 -3.76 -45.61
C ILE A 159 -1.50 -4.83 -44.54
N SER A 160 -0.78 -5.95 -44.73
CA SER A 160 -0.84 -7.13 -43.89
C SER A 160 0.54 -7.46 -43.33
N PHE A 161 0.59 -8.45 -42.42
CA PHE A 161 1.84 -8.84 -41.78
C PHE A 161 2.76 -9.54 -42.78
N THR A 162 2.15 -10.25 -43.75
CA THR A 162 2.91 -10.98 -44.74
C THR A 162 3.65 -10.03 -45.67
N HIS A 163 3.07 -8.85 -45.95
CA HIS A 163 3.72 -7.84 -46.75
C HIS A 163 5.02 -7.38 -46.08
N ILE A 164 4.97 -7.15 -44.77
CA ILE A 164 6.10 -6.60 -44.05
C ILE A 164 7.18 -7.65 -43.92
N ILE A 165 6.80 -8.89 -43.59
CA ILE A 165 7.76 -9.97 -43.40
C ILE A 165 8.38 -10.34 -44.74
N GLY A 166 7.58 -10.27 -45.81
CA GLY A 166 8.06 -10.49 -47.15
C GLY A 166 9.18 -9.54 -47.53
N TYR A 167 8.99 -8.25 -47.25
CA TYR A 167 9.95 -7.24 -47.64
C TYR A 167 11.23 -7.43 -46.84
N ALA A 168 11.10 -7.74 -45.55
CA ALA A 168 12.25 -7.96 -44.69
C ALA A 168 13.04 -9.18 -45.17
N MET A 169 12.33 -10.18 -45.65
CA MET A 169 12.93 -11.43 -46.10
C MET A 169 13.79 -11.17 -47.33
N VAL A 170 13.34 -10.29 -48.22
CA VAL A 170 14.07 -9.95 -49.43
C VAL A 170 15.36 -9.23 -49.08
N LYS A 171 15.29 -8.29 -48.14
CA LYS A 171 16.46 -7.54 -47.72
C LYS A 171 17.49 -8.48 -47.10
N ALA A 172 17.00 -9.51 -46.40
CA ALA A 172 17.88 -10.45 -45.70
C ALA A 172 18.59 -11.37 -46.69
N VAL A 173 17.91 -11.76 -47.77
CA VAL A 173 18.49 -12.62 -48.78
C VAL A 173 19.58 -11.86 -49.52
N MET A 174 19.41 -10.54 -49.68
CA MET A 174 20.44 -9.71 -50.28
C MET A 174 21.68 -9.68 -49.40
N ALA A 175 21.49 -9.63 -48.09
CA ALA A 175 22.59 -9.58 -47.14
C ALA A 175 23.31 -10.91 -47.03
N HIS A 176 22.60 -12.02 -47.31
CA HIS A 176 23.15 -13.36 -47.22
C HIS A 176 22.84 -14.12 -48.49
N PRO A 177 23.58 -13.88 -49.59
CA PRO A 177 23.25 -14.42 -50.91
C PRO A 177 23.20 -15.94 -51.08
N ASP A 178 23.88 -16.68 -50.20
CA ASP A 178 23.97 -18.13 -50.29
C ASP A 178 22.60 -18.78 -50.15
N MET A 179 21.62 -18.08 -49.57
CA MET A 179 20.31 -18.65 -49.33
C MET A 179 19.51 -18.73 -50.61
N ASN A 180 20.06 -18.25 -51.73
CA ASN A 180 19.31 -18.20 -52.98
C ASN A 180 19.77 -19.30 -53.95
N ASN A 181 20.76 -20.11 -53.54
CA ASN A 181 21.38 -21.07 -54.44
C ASN A 181 20.65 -22.40 -54.40
N SER A 182 20.90 -23.27 -55.39
CA SER A 182 20.29 -24.58 -55.47
C SER A 182 21.29 -25.60 -56.01
N TYR A 183 20.86 -26.87 -56.13
CA TYR A 183 21.73 -27.98 -56.47
C TYR A 183 21.18 -28.75 -57.65
N ASP A 184 22.06 -29.23 -58.53
CA ASP A 184 21.66 -30.04 -59.66
C ASP A 184 22.84 -30.84 -60.17
N VAL A 185 22.57 -31.98 -60.83
CA VAL A 185 23.63 -32.77 -61.42
C VAL A 185 23.54 -32.64 -62.94
N ILE A 186 24.64 -32.16 -63.54
CA ILE A 186 24.69 -31.77 -64.95
C ILE A 186 25.89 -32.43 -65.61
N ASP A 187 25.64 -33.23 -66.65
CA ASP A 187 26.69 -34.00 -67.28
C ASP A 187 27.19 -35.01 -66.27
N GLY A 188 26.31 -35.40 -65.35
CA GLY A 188 26.69 -36.34 -64.31
C GLY A 188 27.77 -35.81 -63.38
N LYS A 189 27.90 -34.51 -63.21
CA LYS A 189 28.70 -33.97 -62.15
C LYS A 189 27.85 -33.10 -61.23
N PRO A 190 28.06 -33.13 -59.90
CA PRO A 190 27.50 -32.13 -58.98
C PRO A 190 27.80 -30.67 -59.29
N THR A 191 26.79 -29.82 -59.12
CA THR A 191 26.86 -28.44 -59.58
C THR A 191 26.05 -27.53 -58.68
N LEU A 192 26.60 -26.33 -58.40
CA LEU A 192 25.92 -25.28 -57.68
C LEU A 192 25.35 -24.30 -58.70
N ILE A 193 24.11 -23.86 -58.49
CA ILE A 193 23.44 -22.97 -59.42
C ILE A 193 23.19 -21.63 -58.73
N VAL A 194 23.73 -20.55 -59.30
CA VAL A 194 23.59 -19.22 -58.76
C VAL A 194 22.72 -18.39 -59.67
N PRO A 195 21.45 -18.09 -59.34
CA PRO A 195 20.56 -17.38 -60.24
C PRO A 195 20.89 -15.91 -60.43
N GLU A 196 20.18 -15.28 -61.38
CA GLU A 196 20.37 -13.89 -61.72
C GLU A 196 19.53 -13.00 -60.82
N HIS A 197 18.31 -13.47 -60.48
CA HIS A 197 17.37 -12.65 -59.74
C HIS A 197 16.86 -13.38 -58.49
N ILE A 198 16.20 -12.63 -57.61
CA ILE A 198 15.45 -13.16 -56.49
C ILE A 198 13.97 -13.17 -56.85
N ASN A 199 13.44 -14.34 -57.16
CA ASN A 199 12.03 -14.50 -57.46
C ASN A 199 11.34 -15.15 -56.26
N LEU A 200 10.33 -14.49 -55.69
CA LEU A 200 9.74 -14.89 -54.43
C LEU A 200 8.40 -15.56 -54.70
N GLY A 201 8.27 -16.81 -54.26
CA GLY A 201 7.05 -17.56 -54.43
C GLY A 201 6.13 -17.43 -53.23
N LEU A 202 4.84 -17.23 -53.49
CA LEU A 202 3.83 -17.13 -52.46
C LEU A 202 2.94 -18.37 -52.53
N ALA A 203 2.65 -18.95 -51.37
CA ALA A 203 1.80 -20.12 -51.29
C ALA A 203 0.36 -19.68 -51.05
N ILE A 204 -0.48 -19.75 -52.09
CA ILE A 204 -1.84 -19.26 -52.02
C ILE A 204 -2.79 -20.45 -51.99
N ASP A 205 -3.62 -20.52 -50.94
CA ASP A 205 -4.64 -21.52 -50.81
C ASP A 205 -5.91 -21.01 -51.49
N LEU A 206 -6.28 -21.62 -52.61
CA LEU A 206 -7.45 -21.21 -53.37
C LEU A 206 -8.39 -22.40 -53.55
N PRO A 207 -9.66 -22.30 -53.08
CA PRO A 207 -10.70 -23.25 -53.47
C PRO A 207 -11.04 -23.23 -54.96
N GLN A 208 -11.53 -24.37 -55.47
CA GLN A 208 -11.90 -24.52 -56.86
C GLN A 208 -13.42 -24.63 -56.97
N LYS A 209 -13.91 -24.74 -58.21
CA LYS A 209 -15.35 -24.82 -58.49
C LYS A 209 -15.97 -26.06 -57.85
N ASP A 210 -15.22 -27.17 -57.87
CA ASP A 210 -15.70 -28.45 -57.37
C ASP A 210 -16.00 -28.37 -55.87
N GLY A 211 -15.11 -27.71 -55.12
CA GLY A 211 -15.24 -27.60 -53.68
C GLY A 211 -14.07 -28.25 -52.92
N SER A 212 -12.94 -28.47 -53.61
CA SER A 212 -11.72 -28.93 -52.99
C SER A 212 -10.64 -27.87 -53.05
N ARG A 213 -10.02 -27.60 -51.90
CA ARG A 213 -8.93 -26.64 -51.79
C ARG A 213 -7.66 -27.25 -52.38
N ALA A 214 -6.86 -26.39 -53.03
CA ALA A 214 -5.55 -26.77 -53.55
C ALA A 214 -4.59 -25.61 -53.35
N LEU A 215 -3.31 -25.94 -53.15
CA LEU A 215 -2.29 -24.93 -52.90
C LEU A 215 -1.41 -24.79 -54.14
N VAL A 216 -1.16 -23.53 -54.54
CA VAL A 216 -0.33 -23.22 -55.69
C VAL A 216 0.73 -22.22 -55.26
N VAL A 217 1.88 -22.21 -55.94
CA VAL A 217 2.94 -21.28 -55.66
C VAL A 217 3.20 -20.39 -56.87
N ALA A 218 2.89 -19.10 -56.74
CA ALA A 218 3.05 -18.10 -57.78
C ALA A 218 4.21 -17.18 -57.45
N ALA A 219 4.80 -16.53 -58.45
CA ALA A 219 6.07 -15.85 -58.29
C ALA A 219 5.97 -14.35 -58.53
N ILE A 220 6.66 -13.58 -57.69
CA ILE A 220 6.97 -12.18 -57.92
C ILE A 220 8.40 -12.11 -58.43
N LYS A 221 8.62 -11.51 -59.60
CA LYS A 221 9.91 -11.62 -60.26
C LYS A 221 10.71 -10.33 -60.11
N GLU A 222 12.03 -10.48 -60.07
CA GLU A 222 12.97 -9.37 -60.02
C GLU A 222 12.65 -8.47 -58.84
N THR A 223 12.86 -9.01 -57.64
CA THR A 223 12.40 -8.39 -56.41
C THR A 223 13.53 -7.55 -55.81
N GLU A 224 14.76 -7.78 -56.25
CA GLU A 224 15.90 -7.14 -55.63
C GLU A 224 16.11 -5.73 -56.16
N LYS A 225 15.21 -5.26 -57.02
CA LYS A 225 15.25 -3.91 -57.53
C LYS A 225 13.87 -3.27 -57.35
N MET A 226 13.33 -3.40 -56.13
CA MET A 226 12.02 -2.85 -55.79
C MET A 226 12.11 -2.11 -54.45
N ASN A 227 11.30 -1.06 -54.29
CA ASN A 227 11.06 -0.43 -53.00
C ASN A 227 9.70 -0.93 -52.49
N PHE A 228 9.29 -0.49 -51.30
CA PHE A 228 8.12 -1.06 -50.67
C PHE A 228 6.87 -0.80 -51.48
N SER A 229 6.81 0.36 -52.14
CA SER A 229 5.65 0.73 -52.93
C SER A 229 5.48 -0.23 -54.10
N GLU A 230 6.59 -0.49 -54.80
CA GLU A 230 6.60 -1.39 -55.94
C GLU A 230 6.26 -2.81 -55.49
N PHE A 231 6.84 -3.23 -54.35
CA PHE A 231 6.66 -4.56 -53.82
C PHE A 231 5.19 -4.84 -53.54
N LEU A 232 4.50 -3.87 -52.95
CA LEU A 232 3.12 -4.05 -52.52
C LEU A 232 2.23 -4.24 -53.75
N ALA A 233 2.52 -3.49 -54.82
CA ALA A 233 1.74 -3.54 -56.03
C ALA A 233 1.82 -4.90 -56.68
N ALA A 234 3.06 -5.41 -56.80
CA ALA A 234 3.32 -6.70 -57.42
C ALA A 234 2.62 -7.82 -56.65
N TYR A 235 2.67 -7.74 -55.32
CA TYR A 235 2.07 -8.73 -54.45
C TYR A 235 0.58 -8.79 -54.74
N GLU A 236 -0.07 -7.63 -54.73
CA GLU A 236 -1.52 -7.56 -54.84
C GLU A 236 -1.97 -7.96 -56.24
N ASP A 237 -1.10 -7.76 -57.24
CA ASP A 237 -1.38 -8.16 -58.60
C ASP A 237 -1.54 -9.68 -58.68
N ILE A 238 -0.58 -10.42 -58.10
CA ILE A 238 -0.58 -11.87 -58.14
C ILE A 238 -1.83 -12.41 -57.44
N VAL A 239 -2.14 -11.84 -56.28
CA VAL A 239 -3.24 -12.33 -55.46
C VAL A 239 -4.55 -12.11 -56.19
N ALA A 240 -4.70 -10.93 -56.81
CA ALA A 240 -5.94 -10.55 -57.47
C ALA A 240 -6.25 -11.49 -58.62
N ARG A 241 -5.25 -11.77 -59.45
CA ARG A 241 -5.44 -12.58 -60.64
C ARG A 241 -5.70 -14.04 -60.27
N SER A 242 -5.24 -14.45 -59.08
CA SER A 242 -5.38 -15.83 -58.66
C SER A 242 -6.83 -16.14 -58.34
N ARG A 243 -7.54 -15.17 -57.76
CA ARG A 243 -8.92 -15.35 -57.36
C ARG A 243 -9.83 -15.39 -58.59
N LYS A 244 -9.50 -14.56 -59.60
CA LYS A 244 -10.29 -14.48 -60.82
C LYS A 244 -9.95 -15.62 -61.78
N GLY A 245 -8.88 -16.36 -61.49
CA GLY A 245 -8.52 -17.51 -62.29
C GLY A 245 -7.87 -17.10 -63.61
N LYS A 246 -6.88 -16.20 -63.53
CA LYS A 246 -6.25 -15.65 -64.72
C LYS A 246 -4.73 -15.65 -64.57
N LEU A 247 -4.17 -16.75 -64.05
CA LEU A 247 -2.73 -16.92 -63.97
C LEU A 247 -2.25 -17.74 -65.17
N THR A 248 -1.14 -17.31 -65.77
CA THR A 248 -0.55 -17.97 -66.91
C THR A 248 0.46 -19.02 -66.44
N MET A 249 1.14 -19.65 -67.40
CA MET A 249 2.08 -20.71 -67.09
C MET A 249 3.43 -20.10 -66.73
N ASP A 250 3.66 -18.86 -67.09
CA ASP A 250 4.93 -18.20 -66.82
C ASP A 250 5.02 -17.81 -65.35
N ASP A 251 3.86 -17.66 -64.68
CA ASP A 251 3.83 -17.23 -63.30
C ASP A 251 4.23 -18.36 -62.35
N TYR A 252 4.24 -19.60 -62.84
CA TYR A 252 4.59 -20.73 -62.02
C TYR A 252 6.02 -21.18 -62.26
N GLN A 253 6.85 -20.36 -62.90
CA GLN A 253 8.19 -20.81 -63.26
C GLN A 253 9.23 -19.83 -62.78
N GLY A 254 10.36 -20.35 -62.32
CA GLY A 254 11.53 -19.56 -62.01
C GLY A 254 11.66 -19.19 -60.53
N VAL A 255 10.92 -19.87 -59.66
CA VAL A 255 10.94 -19.54 -58.24
C VAL A 255 12.30 -19.90 -57.66
N THR A 256 12.86 -19.03 -56.82
CA THR A 256 14.15 -19.27 -56.20
C THR A 256 14.04 -19.37 -54.68
N VAL A 257 12.97 -18.86 -54.07
CA VAL A 257 12.78 -18.91 -52.63
C VAL A 257 11.32 -18.66 -52.32
N SER A 258 10.77 -19.35 -51.30
CA SER A 258 9.33 -19.42 -51.05
C SER A 258 8.96 -18.92 -49.65
N LEU A 259 7.68 -18.54 -49.50
CA LEU A 259 7.12 -18.02 -48.26
C LEU A 259 5.73 -18.63 -48.03
N THR A 260 5.44 -19.04 -46.79
CA THR A 260 4.19 -19.66 -46.42
C THR A 260 3.73 -19.13 -45.07
N ASN A 261 2.42 -19.14 -44.82
CA ASN A 261 1.83 -18.56 -43.62
C ASN A 261 0.84 -19.52 -42.99
N PRO A 262 1.29 -20.57 -42.26
CA PRO A 262 0.40 -21.42 -41.50
C PRO A 262 -0.19 -20.83 -40.22
N GLY A 263 0.24 -19.61 -39.86
CA GLY A 263 -0.20 -18.95 -38.65
C GLY A 263 -1.58 -18.31 -38.77
N GLY A 264 -2.12 -18.24 -39.99
CA GLY A 264 -3.47 -17.77 -40.21
C GLY A 264 -4.51 -18.61 -39.46
N ILE A 265 -4.34 -19.93 -39.47
CA ILE A 265 -5.22 -20.85 -38.79
C ILE A 265 -4.95 -20.80 -37.28
N GLY A 266 -3.69 -20.62 -36.90
CA GLY A 266 -3.32 -20.51 -35.49
C GLY A 266 -2.27 -21.55 -35.07
N THR A 267 -1.60 -22.18 -36.04
CA THR A 267 -0.51 -23.09 -35.79
C THR A 267 0.68 -22.32 -35.25
N ARG A 268 1.44 -22.93 -34.33
CA ARG A 268 2.54 -22.25 -33.68
C ARG A 268 3.77 -22.28 -34.58
N HIS A 269 4.12 -23.45 -35.12
CA HIS A 269 5.10 -23.54 -36.19
C HIS A 269 4.96 -24.87 -36.91
N SER A 270 5.63 -25.00 -38.06
CA SER A 270 5.57 -26.19 -38.89
C SER A 270 6.95 -26.59 -39.40
N VAL A 271 7.08 -27.84 -39.86
CA VAL A 271 8.27 -28.33 -40.52
C VAL A 271 7.87 -28.81 -41.92
N PRO A 272 7.91 -27.93 -42.95
CA PRO A 272 7.42 -28.27 -44.29
C PRO A 272 8.38 -29.00 -45.20
N ARG A 273 7.89 -29.36 -46.41
CA ARG A 273 8.67 -30.05 -47.43
C ARG A 273 9.24 -29.04 -48.43
N LEU A 274 10.44 -29.34 -48.92
CA LEU A 274 11.12 -28.48 -49.88
C LEU A 274 11.01 -29.14 -51.24
N THR A 275 10.66 -28.35 -52.27
CA THR A 275 10.45 -28.85 -53.62
C THR A 275 11.69 -28.60 -54.46
N LYS A 276 11.89 -29.44 -55.49
CA LYS A 276 13.13 -29.49 -56.23
C LYS A 276 13.32 -28.22 -57.03
N GLY A 277 14.55 -27.70 -57.03
CA GLY A 277 14.91 -26.50 -57.76
C GLY A 277 15.11 -25.29 -56.87
N GLN A 278 14.92 -25.43 -55.56
CA GLN A 278 15.05 -24.33 -54.61
C GLN A 278 16.05 -24.68 -53.53
N GLY A 279 16.40 -23.68 -52.72
CA GLY A 279 17.34 -23.84 -51.63
C GLY A 279 16.69 -23.69 -50.26
N THR A 280 15.64 -22.87 -50.15
CA THR A 280 15.03 -22.63 -48.85
C THR A 280 13.54 -22.33 -48.99
N ILE A 281 12.82 -22.54 -47.87
CA ILE A 281 11.43 -22.17 -47.69
C ILE A 281 11.28 -21.60 -46.29
N ILE A 282 10.57 -20.46 -46.16
CA ILE A 282 10.40 -19.75 -44.91
C ILE A 282 8.94 -19.82 -44.48
N GLY A 283 8.69 -20.07 -43.19
CA GLY A 283 7.35 -20.22 -42.65
C GLY A 283 7.09 -19.26 -41.49
N VAL A 284 5.87 -18.70 -41.45
CA VAL A 284 5.46 -17.72 -40.46
C VAL A 284 4.33 -18.30 -39.62
N GLY A 285 4.54 -18.35 -38.30
CA GLY A 285 3.60 -18.94 -37.38
C GLY A 285 2.69 -17.89 -36.74
N SER A 286 1.93 -18.32 -35.74
CA SER A 286 0.91 -17.49 -35.11
C SER A 286 1.53 -16.33 -34.35
N MET A 287 0.89 -15.16 -34.43
CA MET A 287 1.30 -13.99 -33.69
C MET A 287 0.29 -13.74 -32.58
N ASP A 288 0.60 -14.24 -31.38
CA ASP A 288 -0.35 -14.26 -30.28
C ASP A 288 0.43 -14.39 -28.97
N TYR A 289 -0.25 -14.18 -27.85
CA TYR A 289 0.31 -14.42 -26.54
C TYR A 289 0.59 -15.90 -26.39
N PRO A 290 1.56 -16.32 -25.56
CA PRO A 290 1.74 -17.73 -25.26
C PRO A 290 0.56 -18.33 -24.51
N ALA A 291 0.42 -19.66 -24.56
CA ALA A 291 -0.78 -20.33 -24.08
C ALA A 291 -0.88 -20.34 -22.56
N GLU A 292 0.21 -20.03 -21.85
CA GLU A 292 0.18 -19.95 -20.40
C GLU A 292 -0.33 -18.59 -19.93
N PHE A 293 -0.65 -17.68 -20.85
CA PHE A 293 -1.20 -16.38 -20.51
C PHE A 293 -2.53 -16.15 -21.19
N GLN A 294 -3.15 -17.19 -21.75
CA GLN A 294 -4.36 -17.00 -22.54
C GLN A 294 -5.60 -16.86 -21.67
N GLY A 295 -5.45 -17.04 -20.35
CA GLY A 295 -6.56 -16.85 -19.43
C GLY A 295 -6.40 -15.61 -18.56
N ALA A 296 -5.27 -14.91 -18.68
CA ALA A 296 -4.98 -13.77 -17.83
C ALA A 296 -5.78 -12.56 -18.28
N SER A 297 -5.89 -11.58 -17.38
CA SER A 297 -6.63 -10.35 -17.64
C SER A 297 -5.76 -9.37 -18.41
N GLU A 298 -6.41 -8.45 -19.13
CA GLU A 298 -5.71 -7.42 -19.87
C GLU A 298 -4.96 -6.50 -18.90
N ASP A 299 -5.59 -6.21 -17.77
CA ASP A 299 -5.01 -5.32 -16.77
C ASP A 299 -3.68 -5.89 -16.30
N ARG A 300 -3.64 -7.18 -16.02
CA ARG A 300 -2.48 -7.81 -15.43
C ARG A 300 -1.34 -7.89 -16.43
N LEU A 301 -1.68 -8.18 -17.70
CA LEU A 301 -0.69 -8.27 -18.76
C LEU A 301 -0.03 -6.91 -19.01
N ALA A 302 -0.83 -5.84 -18.92
CA ALA A 302 -0.33 -4.48 -19.11
C ALA A 302 0.62 -4.09 -17.98
N GLU A 303 0.30 -4.52 -16.76
CA GLU A 303 1.10 -4.20 -15.60
C GLU A 303 2.49 -4.83 -15.72
N LEU A 304 2.52 -6.11 -16.11
CA LEU A 304 3.75 -6.88 -16.12
C LEU A 304 4.64 -6.42 -17.27
N GLY A 305 4.03 -6.21 -18.44
CA GLY A 305 4.76 -5.83 -19.63
C GLY A 305 5.00 -7.01 -20.57
N VAL A 306 4.00 -7.87 -20.69
CA VAL A 306 4.08 -9.07 -21.50
C VAL A 306 3.69 -8.72 -22.92
N GLY A 307 4.48 -9.17 -23.89
CA GLY A 307 4.20 -8.90 -25.28
C GLY A 307 3.78 -10.16 -26.04
N LYS A 308 3.64 -10.03 -27.36
CA LYS A 308 3.30 -11.13 -28.23
C LYS A 308 4.52 -11.61 -28.99
N LEU A 309 4.43 -12.84 -29.51
CA LEU A 309 5.52 -13.58 -30.13
C LEU A 309 5.23 -13.73 -31.62
N VAL A 310 6.27 -14.13 -32.36
CA VAL A 310 6.11 -14.77 -33.65
C VAL A 310 7.28 -15.74 -33.81
N THR A 311 6.99 -16.95 -34.30
CA THR A 311 8.01 -17.96 -34.57
C THR A 311 8.19 -18.08 -36.08
N ILE A 312 9.44 -18.02 -36.53
CA ILE A 312 9.79 -18.10 -37.94
C ILE A 312 10.73 -19.29 -38.14
N THR A 313 10.52 -20.04 -39.23
CA THR A 313 11.28 -21.24 -39.52
C THR A 313 12.00 -21.11 -40.86
N SER A 314 13.05 -21.92 -41.03
CA SER A 314 13.83 -21.99 -42.25
C SER A 314 14.18 -23.43 -42.56
N THR A 315 13.73 -23.95 -43.71
CA THR A 315 14.01 -25.31 -44.14
C THR A 315 14.85 -25.27 -45.40
N TYR A 316 16.03 -25.91 -45.38
CA TYR A 316 17.04 -25.71 -46.41
C TYR A 316 17.68 -27.02 -46.83
N ASP A 317 18.27 -27.01 -48.03
CA ASP A 317 18.99 -28.14 -48.61
C ASP A 317 20.43 -28.13 -48.13
N HIS A 318 20.86 -29.21 -47.48
CA HIS A 318 22.08 -29.21 -46.70
C HIS A 318 23.31 -29.52 -47.54
N ARG A 319 23.10 -29.80 -48.83
CA ARG A 319 24.20 -30.02 -49.74
C ARG A 319 24.81 -28.70 -50.18
N VAL A 320 24.07 -27.59 -50.06
CA VAL A 320 24.53 -26.32 -50.59
C VAL A 320 24.43 -25.19 -49.56
N ILE A 321 23.68 -25.37 -48.47
CA ILE A 321 23.58 -24.34 -47.43
C ILE A 321 23.95 -24.97 -46.09
N GLN A 322 24.76 -24.26 -45.31
CA GLN A 322 25.18 -24.71 -43.99
C GLN A 322 24.30 -24.10 -42.92
N GLY A 323 24.40 -24.64 -41.70
CA GLY A 323 23.55 -24.24 -40.59
C GLY A 323 23.81 -22.83 -40.12
N ALA A 324 25.08 -22.44 -40.08
CA ALA A 324 25.49 -21.12 -39.63
C ALA A 324 24.91 -20.03 -40.52
N VAL A 325 24.83 -20.29 -41.82
CA VAL A 325 24.27 -19.35 -42.76
C VAL A 325 22.79 -19.17 -42.50
N SER A 326 22.08 -20.29 -42.25
CA SER A 326 20.65 -20.25 -41.99
C SER A 326 20.35 -19.50 -40.70
N GLY A 327 21.18 -19.69 -39.68
CA GLY A 327 21.03 -19.00 -38.42
C GLY A 327 21.22 -17.50 -38.55
N GLU A 328 22.26 -17.09 -39.28
CA GLU A 328 22.58 -15.70 -39.48
C GLU A 328 21.49 -15.00 -40.28
N PHE A 329 20.88 -15.74 -41.21
CA PHE A 329 19.77 -15.21 -41.99
C PHE A 329 18.62 -14.82 -41.08
N LEU A 330 18.24 -15.70 -40.15
CA LEU A 330 17.13 -15.42 -39.26
C LEU A 330 17.49 -14.31 -38.27
N ARG A 331 18.76 -14.19 -37.89
CA ARG A 331 19.19 -13.15 -36.98
C ARG A 331 19.05 -11.78 -37.64
N THR A 332 19.31 -11.70 -38.95
CA THR A 332 19.20 -10.46 -39.69
C THR A 332 17.74 -10.04 -39.79
N MET A 333 16.85 -11.00 -40.04
CA MET A 333 15.43 -10.69 -40.14
C MET A 333 14.91 -10.17 -38.81
N SER A 334 15.44 -10.70 -37.71
CA SER A 334 15.01 -10.31 -36.38
C SER A 334 15.41 -8.86 -36.10
N ARG A 335 16.59 -8.45 -36.58
CA ARG A 335 17.11 -7.11 -36.36
C ARG A 335 16.35 -6.08 -37.17
N LEU A 336 15.95 -6.44 -38.40
CA LEU A 336 15.29 -5.50 -39.28
C LEU A 336 13.91 -5.15 -38.77
N LEU A 337 13.21 -6.10 -38.16
CA LEU A 337 11.83 -5.88 -37.78
C LEU A 337 11.73 -5.07 -36.48
N THR A 338 12.87 -4.65 -35.93
CA THR A 338 12.90 -3.86 -34.72
C THR A 338 13.90 -2.72 -34.89
N ASP A 339 14.07 -2.26 -36.14
CA ASP A 339 15.12 -1.33 -36.49
C ASP A 339 14.51 0.00 -36.92
N ASP A 340 15.18 1.10 -36.56
CA ASP A 340 14.68 2.44 -36.82
C ASP A 340 14.64 2.70 -38.32
N SER A 341 15.73 2.35 -39.01
CA SER A 341 15.90 2.70 -40.40
C SER A 341 14.98 1.92 -41.30
N PHE A 342 14.51 0.75 -40.85
CA PHE A 342 13.68 -0.11 -41.66
C PHE A 342 12.29 0.50 -41.76
N TRP A 343 11.78 1.01 -40.64
CA TRP A 343 10.43 1.54 -40.58
C TRP A 343 10.35 2.94 -41.16
N ASP A 344 11.48 3.63 -41.25
CA ASP A 344 11.53 4.91 -41.93
C ASP A 344 11.26 4.72 -43.43
N GLU A 345 11.80 3.64 -44.00
CA GLU A 345 11.58 3.35 -45.40
C GLU A 345 10.10 3.13 -45.67
N ILE A 346 9.44 2.35 -44.83
CA ILE A 346 8.08 1.93 -45.11
C ILE A 346 7.17 3.15 -44.99
N PHE A 347 7.44 3.99 -43.99
CA PHE A 347 6.62 5.17 -43.71
C PHE A 347 6.79 6.19 -44.84
N ASP A 348 8.01 6.36 -45.30
CA ASP A 348 8.32 7.31 -46.37
C ASP A 348 7.59 6.92 -47.64
N ALA A 349 7.52 5.62 -47.93
CA ALA A 349 6.95 5.14 -49.16
C ALA A 349 5.43 5.21 -49.16
N MET A 350 4.82 5.23 -47.99
CA MET A 350 3.37 5.18 -47.90
C MET A 350 2.80 6.56 -47.56
N ASN A 351 3.68 7.55 -47.39
CA ASN A 351 3.30 8.94 -47.16
C ASN A 351 2.51 9.06 -45.86
N VAL A 352 3.17 8.76 -44.74
CA VAL A 352 2.59 8.98 -43.43
C VAL A 352 3.45 10.03 -42.73
N PRO A 353 2.85 11.06 -42.09
CA PRO A 353 3.60 12.22 -41.62
C PRO A 353 4.26 12.15 -40.25
N TYR A 354 3.97 11.11 -39.48
CA TYR A 354 4.43 11.00 -38.11
C TYR A 354 5.71 10.17 -38.04
N THR A 355 6.48 10.36 -36.96
CA THR A 355 7.61 9.51 -36.70
C THR A 355 7.12 8.13 -36.28
N PRO A 356 7.73 7.02 -36.77
CA PRO A 356 7.34 5.69 -36.33
C PRO A 356 7.63 5.44 -34.86
N MET A 357 6.81 4.61 -34.24
CA MET A 357 7.02 4.16 -32.86
C MET A 357 8.32 3.39 -32.79
N ARG A 358 9.12 3.63 -31.75
CA ARG A 358 10.44 3.06 -31.64
C ARG A 358 10.44 1.89 -30.67
N TRP A 359 11.52 1.11 -30.67
CA TRP A 359 11.68 -0.06 -29.81
C TRP A 359 12.53 0.30 -28.63
N ALA A 360 12.06 -0.01 -27.41
CA ALA A 360 12.78 0.29 -26.20
C ALA A 360 12.30 -0.60 -25.08
N GLN A 361 13.02 -0.59 -23.96
CA GLN A 361 12.64 -1.33 -22.77
C GLN A 361 11.68 -0.51 -21.91
N ASP A 362 10.87 -1.21 -21.14
CA ASP A 362 9.95 -0.59 -20.19
C ASP A 362 10.77 0.01 -19.06
N VAL A 363 10.34 1.18 -18.58
CA VAL A 363 11.07 1.92 -17.56
C VAL A 363 10.25 1.90 -16.27
N PRO A 364 10.89 1.95 -15.08
CA PRO A 364 10.17 1.97 -13.81
C PRO A 364 9.48 3.29 -13.48
N ASN A 365 8.37 3.21 -12.74
CA ASN A 365 7.64 4.37 -12.28
C ASN A 365 8.30 4.90 -11.01
N THR A 366 9.45 5.55 -11.18
CA THR A 366 10.22 6.11 -10.08
C THR A 366 10.59 7.54 -10.45
N GLY A 367 11.01 8.33 -9.45
CA GLY A 367 11.33 9.73 -9.65
C GLY A 367 10.07 10.54 -9.93
N VAL A 368 10.04 11.20 -11.09
CA VAL A 368 8.88 11.92 -11.56
C VAL A 368 7.84 10.91 -12.02
N ASP A 369 6.62 11.04 -11.50
CA ASP A 369 5.56 10.09 -11.73
C ASP A 369 5.15 10.16 -13.18
N LYS A 370 4.49 9.10 -13.66
CA LYS A 370 4.12 9.02 -15.06
C LYS A 370 2.90 9.88 -15.37
N ASN A 371 2.04 10.15 -14.40
CA ASN A 371 0.94 11.07 -14.62
C ASN A 371 1.45 12.47 -14.92
N THR A 372 2.53 12.87 -14.26
CA THR A 372 3.14 14.16 -14.51
C THR A 372 3.64 14.22 -15.94
N ARG A 373 4.16 13.11 -16.46
CA ARG A 373 4.74 13.09 -17.78
C ARG A 373 3.66 13.16 -18.85
N VAL A 374 2.49 12.60 -18.60
CA VAL A 374 1.41 12.63 -19.56
C VAL A 374 0.82 14.03 -19.64
N MET A 375 0.87 14.77 -18.53
CA MET A 375 0.34 16.12 -18.51
C MET A 375 1.29 17.06 -19.24
N GLN A 376 2.58 16.77 -19.18
CA GLN A 376 3.56 17.56 -19.90
C GLN A 376 3.47 17.34 -21.41
N LEU A 377 3.04 16.15 -21.83
CA LEU A 377 2.85 15.84 -23.23
C LEU A 377 1.66 16.59 -23.78
N ILE A 378 0.58 16.69 -23.00
CA ILE A 378 -0.61 17.41 -23.42
C ILE A 378 -0.27 18.87 -23.63
N GLU A 379 0.57 19.43 -22.75
CA GLU A 379 0.92 20.84 -22.81
C GLU A 379 1.81 21.10 -24.01
N ALA A 380 2.66 20.16 -24.37
CA ALA A 380 3.56 20.31 -25.50
C ALA A 380 2.82 20.36 -26.83
N TYR A 381 1.77 19.56 -26.99
CA TYR A 381 1.01 19.54 -28.23
C TYR A 381 0.16 20.80 -28.35
N ARG A 382 -0.44 21.25 -27.25
CA ARG A 382 -1.22 22.47 -27.26
C ARG A 382 -0.37 23.66 -27.61
N SER A 383 0.92 23.60 -27.30
CA SER A 383 1.80 24.75 -27.46
C SER A 383 2.58 24.72 -28.77
N ARG A 384 3.01 23.54 -29.22
CA ARG A 384 3.97 23.46 -30.30
C ARG A 384 3.58 22.44 -31.38
N GLY A 385 2.33 22.03 -31.43
CA GLY A 385 1.91 20.98 -32.35
C GLY A 385 1.77 21.46 -33.78
N HIS A 386 1.68 22.77 -33.96
CA HIS A 386 1.55 23.40 -35.26
C HIS A 386 2.80 23.20 -36.09
N LEU A 387 3.90 22.77 -35.47
CA LEU A 387 5.14 22.63 -36.18
C LEU A 387 5.15 21.38 -37.04
N ILE A 388 4.22 20.44 -36.83
CA ILE A 388 4.19 19.23 -37.61
C ILE A 388 2.82 19.02 -38.24
N ALA A 389 2.05 20.07 -38.49
CA ALA A 389 0.70 19.93 -39.00
C ALA A 389 0.69 19.91 -40.52
N ASP A 390 -0.33 19.27 -41.09
CA ASP A 390 -0.44 19.07 -42.51
C ASP A 390 -1.10 20.28 -43.14
N THR A 391 -0.35 21.36 -43.31
CA THR A 391 -0.91 22.61 -43.78
C THR A 391 -0.35 23.04 -45.11
N ASN A 392 0.59 22.29 -45.68
CA ASN A 392 1.19 22.65 -46.95
C ASN A 392 0.63 21.76 -48.05
N PRO A 393 -0.02 22.30 -49.10
CA PRO A 393 -0.48 21.49 -50.20
C PRO A 393 0.58 20.78 -51.02
N LEU A 394 1.78 21.36 -51.07
CA LEU A 394 2.91 20.76 -51.74
C LEU A 394 3.76 20.00 -50.75
N SER A 395 4.52 19.03 -51.25
CA SER A 395 5.50 18.31 -50.46
C SER A 395 6.84 18.98 -50.64
N TRP A 396 6.97 20.18 -50.09
CA TRP A 396 8.05 21.09 -50.41
C TRP A 396 8.68 21.63 -49.13
N VAL A 397 10.00 21.51 -49.02
CA VAL A 397 10.75 22.17 -47.97
C VAL A 397 11.77 23.09 -48.63
N GLN A 398 11.72 24.36 -48.25
CA GLN A 398 12.57 25.38 -48.85
C GLN A 398 14.00 25.16 -48.39
N PRO A 399 14.96 24.98 -49.32
CA PRO A 399 16.33 24.66 -48.97
C PRO A 399 17.18 25.49 -48.02
N GLY A 400 16.95 26.80 -47.88
CA GLY A 400 17.87 27.57 -47.06
C GLY A 400 17.28 28.08 -45.75
N MET A 401 16.13 27.54 -45.34
CA MET A 401 15.43 28.02 -44.16
C MET A 401 15.70 27.09 -42.99
N PRO A 402 15.97 27.60 -41.77
CA PRO A 402 16.16 26.74 -40.60
C PRO A 402 14.92 25.94 -40.24
N VAL A 403 15.12 24.70 -39.81
CA VAL A 403 14.03 23.85 -39.38
C VAL A 403 14.02 23.86 -37.85
N PRO A 404 12.92 24.30 -37.20
CA PRO A 404 12.84 24.29 -35.74
C PRO A 404 12.91 22.90 -35.13
N ASP A 405 13.39 22.84 -33.88
CA ASP A 405 13.43 21.63 -33.10
C ASP A 405 12.00 21.25 -32.70
N HIS A 406 11.62 20.00 -32.94
CA HIS A 406 10.33 19.52 -32.48
C HIS A 406 10.48 18.13 -31.88
N ARG A 407 11.42 18.02 -30.93
CA ARG A 407 11.65 16.79 -30.19
C ARG A 407 10.69 16.69 -29.02
N ASP A 408 9.95 17.76 -28.74
CA ASP A 408 9.03 17.80 -27.61
C ASP A 408 7.78 17.00 -27.91
N LEU A 409 7.59 16.56 -29.15
CA LEU A 409 6.34 15.98 -29.57
C LEU A 409 6.44 14.47 -29.70
N ASP A 410 7.56 13.87 -29.30
CA ASP A 410 7.67 12.41 -29.33
C ASP A 410 7.78 11.89 -27.92
N ILE A 411 7.21 10.70 -27.67
CA ILE A 411 6.98 10.21 -26.33
C ILE A 411 8.28 9.81 -25.65
N GLU A 412 9.39 9.75 -26.39
CA GLU A 412 10.67 9.36 -25.82
C GLU A 412 11.25 10.47 -24.98
N THR A 413 10.95 11.72 -25.31
CA THR A 413 11.53 12.85 -24.62
C THR A 413 10.87 13.05 -23.26
N HIS A 414 9.70 12.45 -23.06
CA HIS A 414 8.98 12.54 -21.81
C HIS A 414 9.06 11.24 -21.02
N ASN A 415 10.02 10.37 -21.38
CA ASN A 415 10.25 9.09 -20.72
C ASN A 415 9.01 8.21 -20.72
N LEU A 416 8.41 8.01 -21.88
CA LEU A 416 7.34 7.06 -22.04
C LEU A 416 7.70 6.14 -23.19
N THR A 417 6.99 5.04 -23.36
CA THR A 417 7.40 3.96 -24.24
C THR A 417 6.15 3.26 -24.75
N ILE A 418 6.30 2.44 -25.78
CA ILE A 418 5.21 1.64 -26.33
C ILE A 418 4.50 0.83 -25.26
N TRP A 419 5.17 0.54 -24.14
CA TRP A 419 4.61 -0.30 -23.10
C TRP A 419 3.62 0.46 -22.23
N ASP A 420 3.41 1.75 -22.48
CA ASP A 420 2.52 2.57 -21.68
C ASP A 420 1.25 2.90 -22.42
N LEU A 421 1.06 2.39 -23.63
CA LEU A 421 -0.02 2.85 -24.48
C LEU A 421 -1.36 2.35 -24.01
N ASP A 422 -1.42 1.21 -23.32
CA ASP A 422 -2.68 0.64 -22.86
C ASP A 422 -2.86 0.78 -21.36
N ARG A 423 -1.95 1.49 -20.68
CA ARG A 423 -2.11 1.84 -19.28
C ARG A 423 -2.99 3.08 -19.16
N THR A 424 -3.57 3.28 -17.98
CA THR A 424 -4.58 4.31 -17.75
C THR A 424 -4.01 5.36 -16.81
N PHE A 425 -4.34 6.63 -17.05
CA PHE A 425 -3.73 7.76 -16.36
C PHE A 425 -4.77 8.81 -15.99
N ASN A 426 -4.44 9.69 -15.03
CA ASN A 426 -5.29 10.80 -14.63
C ASN A 426 -4.95 12.03 -15.46
N VAL A 427 -5.96 12.62 -16.10
CA VAL A 427 -5.74 13.62 -17.13
C VAL A 427 -6.41 14.94 -16.78
N GLY A 428 -7.21 14.96 -15.73
CA GLY A 428 -7.66 16.21 -15.14
C GLY A 428 -8.62 16.98 -16.03
N GLY A 429 -9.60 16.28 -16.61
CA GLY A 429 -10.68 16.94 -17.32
C GLY A 429 -10.46 17.04 -18.82
N PHE A 430 -9.29 16.60 -19.30
CA PHE A 430 -9.02 16.59 -20.73
C PHE A 430 -10.02 15.68 -21.42
N GLY A 431 -10.68 16.20 -22.45
CA GLY A 431 -11.64 15.44 -23.22
C GLY A 431 -12.94 15.19 -22.45
N GLY A 432 -13.15 15.95 -21.37
CA GLY A 432 -14.30 15.78 -20.52
C GLY A 432 -14.25 14.47 -19.72
N LYS A 433 -13.04 13.99 -19.43
CA LYS A 433 -12.87 12.75 -18.70
C LYS A 433 -11.81 12.93 -17.63
N GLU A 434 -11.93 12.15 -16.54
CA GLU A 434 -11.00 12.20 -15.43
C GLU A 434 -9.89 11.19 -15.64
N THR A 435 -10.09 10.22 -16.51
CA THR A 435 -9.16 9.12 -16.69
C THR A 435 -9.17 8.67 -18.15
N MET A 436 -8.03 8.17 -18.65
CA MET A 436 -7.85 7.87 -20.06
C MET A 436 -6.61 7.03 -20.27
N THR A 437 -6.49 6.38 -21.43
CA THR A 437 -5.29 5.66 -21.81
C THR A 437 -4.41 6.54 -22.69
N LEU A 438 -3.12 6.23 -22.75
CA LEU A 438 -2.18 7.04 -23.51
C LEU A 438 -2.45 6.94 -25.00
N ARG A 439 -3.08 5.86 -25.43
CA ARG A 439 -3.45 5.71 -26.82
C ARG A 439 -4.54 6.71 -27.15
N GLU A 440 -5.55 6.83 -26.31
CA GLU A 440 -6.63 7.75 -26.58
C GLU A 440 -6.16 9.20 -26.48
N VAL A 441 -5.23 9.50 -25.57
CA VAL A 441 -4.71 10.85 -25.42
C VAL A 441 -4.03 11.25 -26.70
N LEU A 442 -3.17 10.40 -27.24
CA LEU A 442 -2.43 10.72 -28.44
C LEU A 442 -3.36 10.90 -29.63
N SER A 443 -4.40 10.09 -29.70
CA SER A 443 -5.33 10.16 -30.80
C SER A 443 -6.04 11.50 -30.82
N ARG A 444 -6.51 11.96 -29.67
CA ARG A 444 -7.23 13.21 -29.59
C ARG A 444 -6.33 14.40 -29.88
N LEU A 445 -5.11 14.40 -29.33
CA LEU A 445 -4.18 15.48 -29.56
C LEU A 445 -3.86 15.61 -31.04
N ARG A 446 -3.70 14.49 -31.72
CA ARG A 446 -3.30 14.50 -33.12
C ARG A 446 -4.45 14.96 -34.00
N ALA A 447 -5.68 14.66 -33.61
CA ALA A 447 -6.83 15.06 -34.39
C ALA A 447 -7.12 16.54 -34.26
N ALA A 448 -6.68 17.14 -33.16
CA ALA A 448 -7.00 18.52 -32.86
C ALA A 448 -5.92 19.48 -33.32
N TYR A 449 -4.65 19.06 -33.37
CA TYR A 449 -3.57 20.00 -33.53
C TYR A 449 -2.61 19.63 -34.66
N THR A 450 -2.87 18.59 -35.45
CA THR A 450 -1.88 18.12 -36.40
C THR A 450 -2.45 17.81 -37.78
N LEU A 451 -3.73 18.05 -38.02
CA LEU A 451 -4.35 17.81 -39.31
C LEU A 451 -4.27 19.08 -40.16
N LYS A 452 -5.39 19.58 -40.69
CA LYS A 452 -5.37 20.65 -41.68
C LYS A 452 -5.45 22.03 -41.07
N VAL A 453 -5.60 22.17 -39.75
CA VAL A 453 -5.59 23.46 -39.10
C VAL A 453 -4.56 23.47 -37.98
N GLY A 454 -3.61 24.40 -38.05
CA GLY A 454 -2.64 24.62 -36.98
C GLY A 454 -2.87 25.93 -36.27
N SER A 455 -2.78 25.93 -34.94
CA SER A 455 -3.23 27.05 -34.14
C SER A 455 -2.18 27.46 -33.12
N GLU A 456 -2.04 28.76 -32.90
CA GLU A 456 -1.18 29.33 -31.89
C GLU A 456 -1.99 30.24 -30.97
N TYR A 457 -2.14 29.87 -29.69
CA TYR A 457 -2.96 30.62 -28.77
C TYR A 457 -2.50 30.57 -27.31
N THR A 458 -1.39 29.92 -27.01
CA THR A 458 -1.03 29.64 -25.62
C THR A 458 -0.25 30.81 -25.03
N HIS A 459 0.15 31.76 -25.88
CA HIS A 459 0.87 32.93 -25.46
C HIS A 459 -0.05 34.02 -24.91
N ILE A 460 -1.36 33.85 -25.04
CA ILE A 460 -2.33 34.83 -24.56
C ILE A 460 -2.35 34.79 -23.04
N LEU A 461 -2.47 35.97 -22.41
CA LEU A 461 -2.30 36.12 -20.98
C LEU A 461 -3.60 35.90 -20.23
N ASP A 462 -4.74 36.20 -20.85
CA ASP A 462 -6.04 36.09 -20.18
C ASP A 462 -6.51 34.65 -20.21
N ARG A 463 -7.10 34.19 -19.10
CA ARG A 463 -7.45 32.79 -18.92
C ARG A 463 -8.75 32.47 -19.65
N ASP A 464 -9.69 33.41 -19.66
CA ASP A 464 -10.98 33.20 -20.27
C ASP A 464 -10.88 33.13 -21.79
N GLU A 465 -10.02 33.96 -22.39
CA GLU A 465 -9.73 33.88 -23.81
C GLU A 465 -9.16 32.52 -24.19
N ARG A 466 -8.11 32.10 -23.48
CA ARG A 466 -7.46 30.83 -23.76
C ARG A 466 -8.45 29.69 -23.70
N THR A 467 -9.34 29.69 -22.70
CA THR A 467 -10.24 28.58 -22.48
C THR A 467 -11.27 28.53 -23.61
N TRP A 468 -11.70 29.69 -24.10
CA TRP A 468 -12.69 29.76 -25.15
C TRP A 468 -12.16 29.13 -26.42
N LEU A 469 -10.91 29.46 -26.78
CA LEU A 469 -10.28 28.93 -27.97
C LEU A 469 -10.02 27.45 -27.82
N GLN A 470 -9.50 27.03 -26.67
CA GLN A 470 -9.14 25.66 -26.42
C GLN A 470 -10.35 24.74 -26.51
N ASP A 471 -11.49 25.20 -26.01
CA ASP A 471 -12.70 24.41 -26.01
C ASP A 471 -13.22 24.22 -27.42
N ARG A 472 -13.16 25.26 -28.25
CA ARG A 472 -13.74 25.21 -29.58
C ARG A 472 -12.83 24.47 -30.55
N LEU A 473 -11.56 24.39 -30.23
CA LEU A 473 -10.55 23.83 -31.11
C LEU A 473 -10.44 22.33 -30.88
N GLU A 474 -10.91 21.86 -29.71
CA GLU A 474 -10.84 20.45 -29.35
C GLU A 474 -12.19 19.76 -29.54
N ALA A 475 -13.26 20.53 -29.70
CA ALA A 475 -14.54 19.97 -30.08
C ALA A 475 -14.50 19.49 -31.52
N GLY A 476 -13.82 20.27 -32.37
CA GLY A 476 -13.63 19.90 -33.76
C GLY A 476 -14.56 20.68 -34.68
N MET A 477 -14.41 20.45 -35.99
CA MET A 477 -15.23 21.10 -37.00
C MET A 477 -16.50 20.29 -37.17
N PRO A 478 -17.70 20.90 -37.04
CA PRO A 478 -18.96 20.18 -37.23
C PRO A 478 -19.21 19.80 -38.68
N LYS A 479 -19.91 18.69 -38.89
CA LYS A 479 -20.12 18.15 -40.22
C LYS A 479 -21.14 19.00 -40.95
N PRO A 480 -20.84 19.50 -42.17
CA PRO A 480 -21.79 20.34 -42.90
C PRO A 480 -22.86 19.57 -43.67
N THR A 481 -23.96 20.25 -43.97
CA THR A 481 -25.09 19.65 -44.66
C THR A 481 -24.81 19.61 -46.15
N GLN A 482 -25.70 18.99 -46.92
CA GLN A 482 -25.47 18.81 -48.34
C GLN A 482 -25.66 20.13 -49.07
N ALA A 483 -26.63 20.94 -48.65
CA ALA A 483 -26.84 22.23 -49.27
C ALA A 483 -25.62 23.12 -49.11
N GLU A 484 -25.00 23.08 -47.93
CA GLU A 484 -23.81 23.85 -47.64
C GLU A 484 -22.67 23.41 -48.54
N GLN A 485 -22.53 22.10 -48.72
CA GLN A 485 -21.46 21.55 -49.53
C GLN A 485 -21.60 21.97 -50.98
N LYS A 486 -22.82 22.03 -51.49
CA LYS A 486 -23.02 22.40 -52.87
C LYS A 486 -22.72 23.88 -53.06
N TYR A 487 -22.94 24.69 -52.03
CA TYR A 487 -22.68 26.12 -52.09
C TYR A 487 -21.19 26.37 -52.18
N ILE A 488 -20.38 25.59 -51.45
CA ILE A 488 -18.94 25.73 -51.51
C ILE A 488 -18.45 25.39 -52.92
N LEU A 489 -19.06 24.40 -53.57
CA LEU A 489 -18.64 23.98 -54.90
C LEU A 489 -18.98 25.03 -55.93
N GLN A 490 -20.10 25.75 -55.76
CA GLN A 490 -20.48 26.79 -56.69
C GLN A 490 -19.48 27.93 -56.68
N LYS A 491 -18.97 28.30 -55.49
CA LYS A 491 -18.06 29.41 -55.35
C LYS A 491 -16.69 29.04 -55.91
N LEU A 492 -16.23 27.81 -55.67
CA LEU A 492 -14.95 27.36 -56.22
C LEU A 492 -15.02 27.37 -57.74
N ASN A 493 -16.15 26.95 -58.30
CA ASN A 493 -16.28 26.88 -59.73
C ASN A 493 -16.20 28.28 -60.32
N ALA A 494 -16.90 29.23 -59.70
CA ALA A 494 -16.96 30.59 -60.21
C ALA A 494 -15.56 31.17 -60.30
N ALA A 495 -14.76 30.98 -59.26
CA ALA A 495 -13.41 31.50 -59.21
C ALA A 495 -12.58 30.98 -60.37
N GLU A 496 -12.51 29.65 -60.52
CA GLU A 496 -11.65 29.04 -61.52
C GLU A 496 -12.15 29.35 -62.92
N ALA A 497 -13.46 29.37 -63.11
CA ALA A 497 -14.04 29.57 -64.43
C ALA A 497 -13.74 30.97 -64.96
N PHE A 498 -13.82 31.97 -64.09
CA PHE A 498 -13.59 33.35 -64.44
C PHE A 498 -12.16 33.54 -64.92
N GLU A 499 -11.21 32.90 -64.24
CA GLU A 499 -9.80 33.01 -64.58
C GLU A 499 -9.55 32.43 -65.96
N ASN A 500 -10.13 31.26 -66.24
CA ASN A 500 -9.92 30.56 -67.49
C ASN A 500 -10.54 31.33 -68.64
N PHE A 501 -11.66 31.99 -68.40
CA PHE A 501 -12.31 32.73 -69.46
C PHE A 501 -11.42 33.87 -69.92
N LEU A 502 -10.87 34.63 -68.98
CA LEU A 502 -10.02 35.78 -69.28
C LEU A 502 -8.75 35.32 -69.99
N GLN A 503 -8.21 34.17 -69.59
CA GLN A 503 -7.02 33.62 -70.20
C GLN A 503 -7.25 33.38 -71.68
N THR A 504 -8.43 32.89 -72.02
CA THR A 504 -8.75 32.46 -73.37
C THR A 504 -9.03 33.65 -74.28
N LYS A 505 -9.71 34.68 -73.78
CA LYS A 505 -10.16 35.76 -74.63
C LYS A 505 -9.17 36.92 -74.70
N TYR A 506 -8.30 37.07 -73.70
CA TYR A 506 -7.30 38.14 -73.68
C TYR A 506 -5.96 37.56 -73.22
N VAL A 507 -5.09 37.21 -74.18
CA VAL A 507 -3.98 36.31 -73.90
C VAL A 507 -2.82 37.09 -73.28
N GLY A 508 -2.43 38.19 -73.93
CA GLY A 508 -1.24 38.92 -73.53
C GLY A 508 -1.45 39.80 -72.29
N GLN A 509 -2.71 40.09 -71.95
CA GLN A 509 -3.01 41.15 -71.01
C GLN A 509 -2.75 40.68 -69.58
N LYS A 510 -2.30 41.64 -68.76
CA LYS A 510 -1.84 41.41 -67.39
C LYS A 510 -3.05 41.44 -66.46
N ARG A 511 -3.22 40.40 -65.62
CA ARG A 511 -4.43 40.30 -64.81
C ARG A 511 -4.15 39.88 -63.36
N PHE A 512 -2.96 39.35 -63.05
CA PHE A 512 -2.62 38.90 -61.71
C PHE A 512 -3.61 37.87 -61.20
N SER A 513 -3.43 36.61 -61.61
CA SER A 513 -4.42 35.58 -61.41
C SER A 513 -4.37 35.03 -60.00
N LEU A 514 -5.46 34.36 -59.63
CA LEU A 514 -5.67 33.80 -58.30
C LEU A 514 -5.55 32.29 -58.35
N GLU A 515 -5.09 31.77 -59.50
CA GLU A 515 -4.97 30.33 -59.69
C GLU A 515 -3.92 29.78 -58.74
N GLY A 516 -4.32 28.80 -57.95
CA GLY A 516 -3.50 28.29 -56.88
C GLY A 516 -4.08 28.64 -55.52
N ALA A 517 -4.91 29.68 -55.48
CA ALA A 517 -5.44 30.21 -54.24
C ALA A 517 -6.91 30.54 -54.38
N GLU A 518 -7.70 29.61 -54.90
CA GLU A 518 -9.10 29.86 -55.16
C GLU A 518 -9.94 29.69 -53.91
N ALA A 519 -9.37 29.15 -52.83
CA ALA A 519 -10.11 28.98 -51.60
C ALA A 519 -10.34 30.30 -50.88
N LEU A 520 -9.69 31.36 -51.32
CA LEU A 520 -9.89 32.69 -50.78
C LEU A 520 -11.32 33.15 -50.95
N ILE A 521 -12.02 32.72 -52.01
CA ILE A 521 -13.35 33.23 -52.27
C ILE A 521 -14.35 32.66 -51.28
N PRO A 522 -14.43 31.34 -51.04
CA PRO A 522 -15.23 30.85 -49.94
C PRO A 522 -14.83 31.26 -48.53
N LEU A 523 -13.58 31.66 -48.28
CA LEU A 523 -13.16 32.14 -46.95
C LEU A 523 -13.76 33.51 -46.67
N MET A 524 -13.67 34.41 -47.64
CA MET A 524 -14.17 35.76 -47.51
C MET A 524 -15.69 35.75 -47.42
N ASP A 525 -16.32 34.83 -48.14
CA ASP A 525 -17.76 34.70 -48.14
C ASP A 525 -18.25 34.22 -46.78
N SER A 526 -17.52 33.33 -46.14
CA SER A 526 -17.87 32.78 -44.85
C SER A 526 -17.88 33.87 -43.79
N ALA A 527 -16.85 34.72 -43.81
CA ALA A 527 -16.68 35.77 -42.84
C ALA A 527 -17.79 36.81 -42.96
N ILE A 528 -18.11 37.23 -44.19
CA ILE A 528 -19.13 38.23 -44.43
C ILE A 528 -20.49 37.71 -44.04
N ASP A 529 -20.72 36.40 -44.23
CA ASP A 529 -21.99 35.78 -43.92
C ASP A 529 -22.20 35.73 -42.42
N THR A 530 -21.12 35.45 -41.67
CA THR A 530 -21.17 35.39 -40.22
C THR A 530 -21.44 36.76 -39.64
N ALA A 531 -20.89 37.80 -40.26
CA ALA A 531 -21.09 39.17 -39.79
C ALA A 531 -22.53 39.60 -40.00
N ALA A 532 -23.16 39.17 -41.10
CA ALA A 532 -24.54 39.48 -41.38
C ALA A 532 -25.46 38.81 -40.38
N GLY A 533 -25.06 37.65 -39.88
CA GLY A 533 -25.83 36.96 -38.86
C GLY A 533 -25.75 37.63 -37.50
N GLN A 534 -24.64 38.30 -37.22
CA GLN A 534 -24.43 38.98 -35.95
C GLN A 534 -25.22 40.27 -35.91
N GLY A 535 -25.61 40.79 -37.07
CA GLY A 535 -26.48 41.94 -37.13
C GLY A 535 -25.75 43.25 -37.35
N LEU A 536 -24.60 43.21 -38.04
CA LEU A 536 -23.75 44.37 -38.20
C LEU A 536 -24.10 45.10 -39.49
N ASP A 537 -23.47 46.25 -39.73
CA ASP A 537 -23.94 47.21 -40.72
C ASP A 537 -23.15 47.15 -42.02
N GLU A 538 -21.81 47.08 -41.96
CA GLU A 538 -20.99 47.16 -43.15
C GLU A 538 -19.70 46.36 -42.98
N VAL A 539 -19.08 45.98 -44.11
CA VAL A 539 -17.75 45.41 -44.17
C VAL A 539 -16.92 46.21 -45.16
N VAL A 540 -15.74 46.69 -44.74
CA VAL A 540 -14.84 47.47 -45.58
C VAL A 540 -13.60 46.64 -45.87
N ILE A 541 -13.20 46.55 -47.16
CA ILE A 541 -12.11 45.68 -47.60
C ILE A 541 -10.98 46.55 -48.14
N GLY A 542 -9.74 46.16 -47.82
CA GLY A 542 -8.56 46.68 -48.48
C GLY A 542 -7.63 45.53 -48.87
N MET A 543 -7.07 45.59 -50.07
CA MET A 543 -6.28 44.48 -50.58
C MET A 543 -5.29 44.95 -51.65
N PRO A 544 -4.29 44.12 -51.99
CA PRO A 544 -3.44 44.33 -53.16
C PRO A 544 -3.92 43.77 -54.48
N HIS A 545 -3.00 43.60 -55.43
CA HIS A 545 -3.23 43.20 -56.81
C HIS A 545 -3.70 41.75 -56.99
N ARG A 546 -3.27 40.83 -56.13
CA ARG A 546 -3.46 39.41 -56.34
C ARG A 546 -4.92 39.02 -56.19
N GLY A 547 -5.59 38.80 -57.31
CA GLY A 547 -6.96 38.32 -57.32
C GLY A 547 -7.98 39.41 -57.09
N ARG A 548 -7.78 40.59 -57.65
CA ARG A 548 -8.63 41.71 -57.35
C ARG A 548 -9.89 41.67 -58.20
N LEU A 549 -9.74 41.37 -59.49
CA LEU A 549 -10.87 41.34 -60.39
C LEU A 549 -11.80 40.20 -60.05
N ASN A 550 -11.29 39.19 -59.36
CA ASN A 550 -12.05 38.04 -58.96
C ASN A 550 -12.92 38.41 -57.76
N VAL A 551 -12.36 39.18 -56.82
CA VAL A 551 -13.07 39.62 -55.62
C VAL A 551 -14.12 40.65 -55.99
N LEU A 552 -13.84 41.51 -56.96
CA LEU A 552 -14.79 42.52 -57.38
C LEU A 552 -16.05 41.89 -57.94
N PHE A 553 -15.92 40.77 -58.65
CA PHE A 553 -17.06 40.14 -59.29
C PHE A 553 -17.78 39.18 -58.36
N ASN A 554 -17.05 38.42 -57.54
CA ASN A 554 -17.65 37.31 -56.81
C ASN A 554 -17.99 37.68 -55.37
N ILE A 555 -17.39 38.73 -54.79
CA ILE A 555 -17.66 39.11 -53.41
C ILE A 555 -18.41 40.43 -53.34
N VAL A 556 -18.10 41.41 -54.19
CA VAL A 556 -18.63 42.74 -54.04
C VAL A 556 -19.83 42.96 -54.95
N GLY A 557 -19.81 42.37 -56.15
CA GLY A 557 -20.97 42.37 -57.02
C GLY A 557 -20.90 43.40 -58.14
N LYS A 558 -19.69 43.77 -58.56
CA LYS A 558 -19.51 44.66 -59.69
C LYS A 558 -19.98 43.91 -60.94
N PRO A 559 -20.78 44.54 -61.83
CA PRO A 559 -21.29 43.86 -63.02
C PRO A 559 -20.20 43.45 -64.00
N LEU A 560 -20.46 42.36 -64.73
CA LEU A 560 -19.45 41.69 -65.53
C LEU A 560 -19.17 42.49 -66.78
N ALA A 561 -20.16 43.24 -67.23
CA ALA A 561 -20.02 44.06 -68.42
C ALA A 561 -18.94 45.10 -68.22
N SER A 562 -18.87 45.63 -67.00
CA SER A 562 -17.90 46.66 -66.65
C SER A 562 -16.48 46.15 -66.78
N ILE A 563 -16.25 44.90 -66.34
CA ILE A 563 -14.92 44.33 -66.35
C ILE A 563 -14.47 44.02 -67.77
N PHE A 564 -15.37 43.49 -68.60
CA PHE A 564 -15.02 43.19 -69.98
C PHE A 564 -14.71 44.47 -70.75
N ASN A 565 -15.48 45.54 -70.48
CA ASN A 565 -15.24 46.82 -71.14
C ASN A 565 -13.86 47.34 -70.80
N GLU A 566 -13.44 47.18 -69.53
CA GLU A 566 -12.13 47.61 -69.09
C GLU A 566 -11.04 46.95 -69.94
N PHE A 567 -11.21 45.66 -70.23
CA PHE A 567 -10.22 44.89 -70.97
C PHE A 567 -10.19 45.30 -72.43
N GLU A 568 -11.27 45.92 -72.93
CA GLU A 568 -11.34 46.34 -74.32
C GLU A 568 -10.95 47.82 -74.47
N GLY A 569 -10.64 48.48 -73.35
CA GLY A 569 -10.04 49.81 -73.39
C GLY A 569 -11.01 50.95 -73.06
N GLN A 570 -12.26 50.62 -72.70
CA GLN A 570 -13.22 51.62 -72.28
C GLN A 570 -13.24 51.67 -70.74
N MET A 571 -12.83 52.81 -70.19
CA MET A 571 -12.63 52.97 -68.75
C MET A 571 -13.64 53.96 -68.21
N GLU A 572 -14.23 53.65 -67.05
CA GLU A 572 -15.21 54.51 -66.41
C GLU A 572 -14.52 55.74 -65.83
N GLN A 573 -15.16 56.90 -65.99
CA GLN A 573 -14.59 58.17 -65.59
C GLN A 573 -15.02 58.51 -64.16
N GLY A 574 -14.05 58.86 -63.31
CA GLY A 574 -14.31 59.23 -61.92
C GLY A 574 -14.67 60.70 -61.79
N GLN A 575 -13.81 61.57 -62.33
CA GLN A 575 -14.00 63.01 -62.29
C GLN A 575 -13.90 63.53 -63.71
N ILE A 576 -14.62 64.62 -64.00
CA ILE A 576 -14.64 65.19 -65.33
C ILE A 576 -13.25 65.75 -65.63
N GLY A 577 -12.61 65.21 -66.67
CA GLY A 577 -11.29 65.65 -67.11
C GLY A 577 -10.16 64.98 -66.35
N GLY A 578 -10.43 63.82 -65.73
CA GLY A 578 -9.46 63.12 -64.92
C GLY A 578 -8.53 62.23 -65.74
N SER A 579 -7.43 61.82 -65.12
CA SER A 579 -6.36 61.09 -65.80
C SER A 579 -6.57 59.58 -65.73
N GLY A 580 -6.98 59.07 -64.59
CA GLY A 580 -7.36 57.67 -64.49
C GLY A 580 -6.30 56.81 -63.80
N ASP A 581 -6.53 55.50 -63.77
CA ASP A 581 -5.60 54.56 -63.21
C ASP A 581 -5.91 53.15 -63.74
N VAL A 582 -4.97 52.23 -63.55
CA VAL A 582 -5.05 50.88 -64.06
C VAL A 582 -6.17 50.13 -63.33
N LYS A 583 -6.63 49.03 -63.94
CA LYS A 583 -7.91 48.41 -63.61
C LYS A 583 -7.88 47.75 -62.23
N TYR A 584 -6.69 47.37 -61.75
CA TYR A 584 -6.60 46.67 -60.48
C TYR A 584 -6.25 47.64 -59.34
N HIS A 585 -6.66 48.91 -59.46
CA HIS A 585 -6.48 49.89 -58.41
C HIS A 585 -7.79 50.58 -58.03
N LEU A 586 -8.94 50.06 -58.50
CA LEU A 586 -10.22 50.73 -58.36
C LEU A 586 -11.07 50.08 -57.28
N GLY A 587 -12.12 50.80 -56.84
CA GLY A 587 -13.02 50.33 -55.79
C GLY A 587 -14.48 50.19 -56.26
N SER A 588 -15.35 49.70 -55.36
CA SER A 588 -16.77 49.57 -55.65
C SER A 588 -17.58 49.29 -54.38
N GLU A 589 -18.92 49.33 -54.51
CA GLU A 589 -19.85 49.06 -53.42
C GLU A 589 -20.88 48.02 -53.84
N GLY A 590 -21.54 47.37 -52.86
CA GLY A 590 -22.53 46.35 -53.13
C GLY A 590 -23.25 45.87 -51.88
N GLN A 591 -24.16 44.89 -52.05
CA GLN A 591 -24.92 44.28 -50.98
C GLN A 591 -24.68 42.78 -50.97
N HIS A 592 -24.85 42.14 -49.81
CA HIS A 592 -24.69 40.70 -49.68
C HIS A 592 -25.86 40.16 -48.87
N LEU A 593 -26.59 39.19 -49.45
CA LEU A 593 -27.71 38.54 -48.81
C LEU A 593 -27.28 37.19 -48.28
N GLN A 594 -27.74 36.86 -47.08
CA GLN A 594 -27.41 35.61 -46.41
C GLN A 594 -28.12 34.47 -47.15
N MET A 595 -27.41 33.36 -47.39
CA MET A 595 -27.91 32.28 -48.22
C MET A 595 -28.92 31.44 -47.46
N PHE A 596 -28.63 31.19 -46.18
CA PHE A 596 -29.49 30.42 -45.31
C PHE A 596 -29.84 31.26 -44.08
N GLY A 597 -30.49 32.40 -44.32
CA GLY A 597 -30.87 33.32 -43.26
C GLY A 597 -31.63 34.51 -43.84
N ASP A 598 -32.00 35.46 -42.98
CA ASP A 598 -32.76 36.63 -43.40
C ASP A 598 -31.92 37.90 -43.28
N GLY A 599 -30.59 37.74 -43.19
CA GLY A 599 -29.68 38.85 -42.98
C GLY A 599 -29.28 39.53 -44.29
N GLU A 600 -28.76 40.75 -44.17
CA GLU A 600 -28.26 41.53 -45.29
C GLU A 600 -27.20 42.49 -44.78
N ILE A 601 -26.11 42.68 -45.53
CA ILE A 601 -25.02 43.55 -45.13
C ILE A 601 -24.48 44.28 -46.35
N LYS A 602 -23.80 45.40 -46.12
CA LYS A 602 -23.22 46.22 -47.17
C LYS A 602 -21.73 45.95 -47.27
N VAL A 603 -21.18 45.90 -48.48
CA VAL A 603 -19.78 45.56 -48.71
C VAL A 603 -19.16 46.62 -49.59
N SER A 604 -17.98 47.12 -49.19
CA SER A 604 -17.26 48.18 -49.86
C SER A 604 -15.80 47.79 -50.07
N LEU A 605 -15.19 48.29 -51.16
CA LEU A 605 -13.76 48.10 -51.43
C LEU A 605 -13.13 49.43 -51.78
N THR A 606 -11.95 49.73 -51.23
CA THR A 606 -11.33 51.04 -51.30
C THR A 606 -10.21 51.07 -52.33
N ALA A 607 -9.94 52.25 -52.88
CA ALA A 607 -8.91 52.44 -53.88
C ALA A 607 -7.53 52.45 -53.23
N ASN A 608 -6.49 52.20 -54.02
CA ASN A 608 -5.14 52.16 -53.51
C ASN A 608 -4.13 52.31 -54.63
N PRO A 609 -2.89 52.78 -54.34
CA PRO A 609 -1.80 52.76 -55.30
C PRO A 609 -1.00 51.47 -55.34
N SER A 610 0.04 51.44 -56.18
CA SER A 610 0.89 50.28 -56.35
C SER A 610 1.75 50.03 -55.11
N HIS A 611 2.09 51.11 -54.39
CA HIS A 611 2.89 51.02 -53.19
C HIS A 611 2.19 50.11 -52.19
N LEU A 612 2.85 49.01 -51.82
CA LEU A 612 2.24 47.98 -51.02
C LEU A 612 2.09 48.47 -49.58
N GLU A 613 0.94 48.14 -48.99
CA GLU A 613 0.66 48.28 -47.57
C GLU A 613 0.39 49.73 -47.18
N ALA A 614 0.12 50.60 -48.16
CA ALA A 614 -0.16 52.00 -47.90
C ALA A 614 -1.64 52.24 -47.66
N VAL A 615 -2.45 51.18 -47.74
CA VAL A 615 -3.89 51.26 -47.60
C VAL A 615 -4.28 50.87 -46.18
N ASN A 616 -3.32 50.42 -45.37
CA ASN A 616 -3.63 49.90 -44.06
C ASN A 616 -4.16 50.99 -43.14
N PRO A 617 -3.44 52.11 -42.90
CA PRO A 617 -4.00 53.20 -42.11
C PRO A 617 -5.20 53.91 -42.71
N VAL A 618 -5.30 53.96 -44.03
CA VAL A 618 -6.39 54.65 -44.69
C VAL A 618 -7.70 53.92 -44.45
N MET A 619 -7.70 52.59 -44.48
CA MET A 619 -8.94 51.87 -44.36
C MET A 619 -9.37 51.80 -42.89
N GLU A 620 -8.43 51.93 -41.97
CA GLU A 620 -8.74 51.98 -40.55
C GLU A 620 -9.48 53.27 -40.20
N GLY A 621 -9.06 54.37 -40.79
CA GLY A 621 -9.72 55.65 -40.62
C GLY A 621 -11.12 55.70 -41.21
N ILE A 622 -11.33 55.05 -42.35
CA ILE A 622 -12.64 55.00 -42.97
C ILE A 622 -13.61 54.29 -42.03
N VAL A 623 -13.16 53.24 -41.37
CA VAL A 623 -14.02 52.46 -40.50
C VAL A 623 -14.38 53.28 -39.27
N ARG A 624 -13.41 54.01 -38.72
CA ARG A 624 -13.63 54.77 -37.50
C ARG A 624 -14.63 55.89 -37.74
N ALA A 625 -14.57 56.52 -38.91
CA ALA A 625 -15.45 57.62 -39.22
C ALA A 625 -16.89 57.12 -39.36
N LYS A 626 -17.06 55.94 -39.96
CA LYS A 626 -18.37 55.37 -40.15
C LYS A 626 -18.98 54.96 -38.83
N GLN A 627 -18.18 54.43 -37.92
CA GLN A 627 -18.65 54.02 -36.61
C GLN A 627 -19.11 55.24 -35.82
N ASP A 628 -18.39 56.35 -35.94
CA ASP A 628 -18.69 57.54 -35.17
C ASP A 628 -20.01 58.16 -35.63
N TYR A 629 -20.34 58.02 -36.91
CA TYR A 629 -21.56 58.57 -37.46
C TYR A 629 -22.78 57.78 -37.02
N LEU A 630 -22.64 56.47 -36.82
CA LEU A 630 -23.76 55.66 -36.41
C LEU A 630 -24.08 55.91 -34.94
N ASP A 631 -23.05 55.98 -34.10
CA ASP A 631 -23.17 56.46 -32.72
C ASP A 631 -23.94 55.46 -31.87
N LYS A 632 -23.39 54.25 -31.71
CA LYS A 632 -24.06 53.20 -30.95
C LYS A 632 -23.33 52.90 -29.65
N GLY A 633 -22.22 53.58 -29.37
CA GLY A 633 -21.58 53.48 -28.06
C GLY A 633 -20.48 52.42 -27.99
N VAL A 634 -20.14 52.03 -26.76
CA VAL A 634 -19.02 51.15 -26.47
C VAL A 634 -19.36 49.71 -26.86
N ASP A 635 -20.66 49.38 -26.82
CA ASP A 635 -21.14 48.04 -27.13
C ASP A 635 -21.48 47.94 -28.62
N GLY A 636 -21.11 48.96 -29.40
CA GLY A 636 -21.40 49.00 -30.81
C GLY A 636 -20.26 48.39 -31.62
N LYS A 637 -19.53 49.24 -32.34
CA LYS A 637 -18.43 48.81 -33.20
C LYS A 637 -18.93 47.84 -34.24
N THR A 638 -19.77 48.35 -35.15
CA THR A 638 -20.60 47.53 -36.02
C THR A 638 -20.21 47.67 -37.49
N VAL A 639 -19.02 48.19 -37.76
CA VAL A 639 -18.43 48.17 -39.09
C VAL A 639 -17.13 47.36 -39.01
N VAL A 640 -17.01 46.32 -39.83
CA VAL A 640 -15.96 45.32 -39.73
C VAL A 640 -14.87 45.60 -40.75
N PRO A 641 -13.59 45.77 -40.37
CA PRO A 641 -12.49 45.82 -41.32
C PRO A 641 -11.87 44.47 -41.68
N LEU A 642 -11.72 44.21 -42.99
CA LEU A 642 -11.20 42.97 -43.52
C LEU A 642 -10.04 43.29 -44.45
N LEU A 643 -8.82 42.88 -44.09
CA LEU A 643 -7.62 43.39 -44.70
C LEU A 643 -6.76 42.22 -45.21
N LEU A 644 -6.41 42.26 -46.50
CA LEU A 644 -5.69 41.19 -47.17
C LEU A 644 -4.25 41.63 -47.43
N HIS A 645 -3.30 40.69 -47.32
CA HIS A 645 -1.89 40.97 -47.52
C HIS A 645 -1.24 39.87 -48.36
N GLY A 646 0.02 40.08 -48.75
CA GLY A 646 0.90 39.05 -49.26
C GLY A 646 2.03 38.75 -48.27
N ASP A 647 2.68 37.59 -48.42
CA ASP A 647 3.59 37.08 -47.42
C ASP A 647 4.87 37.91 -47.37
N ALA A 648 5.45 38.25 -48.52
CA ALA A 648 6.67 39.03 -48.54
C ALA A 648 6.45 40.43 -47.99
N ALA A 649 5.35 41.06 -48.37
CA ALA A 649 5.07 42.42 -47.95
C ALA A 649 4.76 42.51 -46.47
N PHE A 650 4.10 41.51 -45.91
CA PHE A 650 3.70 41.54 -44.53
C PHE A 650 4.91 41.46 -43.60
N ALA A 651 5.92 40.70 -43.99
CA ALA A 651 7.09 40.49 -43.15
C ALA A 651 8.10 41.62 -43.32
N GLY A 652 8.06 42.33 -44.44
CA GLY A 652 9.14 43.21 -44.81
C GLY A 652 8.90 44.67 -44.47
N LEU A 653 7.76 45.20 -44.84
CA LEU A 653 7.47 46.62 -44.72
C LEU A 653 7.07 46.95 -43.30
N GLY A 654 7.51 48.13 -42.82
CA GLY A 654 7.37 48.51 -41.43
C GLY A 654 6.04 49.18 -41.09
N ILE A 655 5.28 49.54 -42.11
CA ILE A 655 3.97 50.16 -41.93
C ILE A 655 2.98 49.18 -41.31
N VAL A 656 3.22 47.87 -41.48
CA VAL A 656 2.28 46.87 -41.02
C VAL A 656 2.22 46.88 -39.50
N PRO A 657 3.31 46.62 -38.76
CA PRO A 657 3.27 46.66 -37.30
C PRO A 657 2.99 48.03 -36.69
N GLU A 658 3.32 49.09 -37.42
CA GLU A 658 3.07 50.46 -37.00
C GLU A 658 1.56 50.73 -36.92
N THR A 659 0.79 50.09 -37.79
CA THR A 659 -0.66 50.29 -37.84
C THR A 659 -1.35 49.37 -36.84
N ILE A 660 -0.80 48.19 -36.58
CA ILE A 660 -1.39 47.27 -35.62
C ILE A 660 -1.25 47.84 -34.22
N ASN A 661 -0.29 48.76 -34.02
CA ASN A 661 -0.01 49.35 -32.73
C ASN A 661 -1.06 50.39 -32.35
N LEU A 662 -1.93 50.80 -33.28
CA LEU A 662 -2.98 51.75 -32.98
C LEU A 662 -4.27 51.07 -32.55
N ALA A 663 -4.28 49.76 -32.39
CA ALA A 663 -5.52 49.00 -32.29
C ALA A 663 -6.29 49.28 -31.00
N LYS A 664 -5.58 49.50 -29.88
CA LYS A 664 -6.23 49.61 -28.60
C LYS A 664 -6.09 51.01 -28.02
N LEU A 665 -5.83 52.01 -28.85
CA LEU A 665 -5.68 53.38 -28.37
C LEU A 665 -7.00 54.12 -28.49
N ARG A 666 -7.10 55.23 -27.77
CA ARG A 666 -8.37 55.84 -27.42
C ARG A 666 -9.03 56.44 -28.65
N GLY A 667 -8.27 57.09 -29.51
CA GLY A 667 -8.86 57.72 -30.68
C GLY A 667 -8.77 56.89 -31.96
N TYR A 668 -8.41 55.61 -31.87
CA TYR A 668 -8.12 54.81 -33.04
C TYR A 668 -8.80 53.44 -33.03
N ASP A 669 -9.40 53.03 -31.90
CA ASP A 669 -9.93 51.68 -31.75
C ASP A 669 -11.15 51.50 -32.65
N VAL A 670 -11.25 50.35 -33.32
CA VAL A 670 -12.36 50.06 -34.21
C VAL A 670 -12.92 48.67 -33.91
N GLY A 671 -12.55 48.07 -32.80
CA GLY A 671 -13.16 46.83 -32.37
C GLY A 671 -12.45 45.58 -32.84
N GLY A 672 -11.30 45.72 -33.49
CA GLY A 672 -10.55 44.59 -34.00
C GLY A 672 -10.52 44.57 -35.52
N THR A 673 -9.50 43.91 -36.08
CA THR A 673 -9.33 43.77 -37.52
C THR A 673 -9.10 42.30 -37.85
N ILE A 674 -9.73 41.79 -38.91
CA ILE A 674 -9.51 40.45 -39.40
C ILE A 674 -8.47 40.52 -40.52
N HIS A 675 -7.33 39.85 -40.34
CA HIS A 675 -6.24 39.85 -41.30
C HIS A 675 -6.14 38.51 -42.02
N ILE A 676 -5.96 38.53 -43.34
CA ILE A 676 -5.73 37.35 -44.14
C ILE A 676 -4.41 37.51 -44.89
N VAL A 677 -3.47 36.58 -44.71
CA VAL A 677 -2.21 36.57 -45.42
C VAL A 677 -2.23 35.42 -46.41
N VAL A 678 -2.12 35.73 -47.70
CA VAL A 678 -2.10 34.76 -48.77
C VAL A 678 -0.67 34.29 -48.96
N ASN A 679 -0.35 33.15 -48.36
CA ASN A 679 1.00 32.63 -48.28
C ASN A 679 1.20 31.65 -49.42
N ASN A 680 1.73 32.14 -50.54
CA ASN A 680 1.95 31.31 -51.71
C ASN A 680 3.43 31.04 -51.91
N GLN A 681 4.21 31.27 -50.86
CA GLN A 681 5.54 30.72 -50.70
C GLN A 681 6.52 31.33 -51.69
N ILE A 682 6.25 32.54 -52.16
CA ILE A 682 7.14 33.21 -53.09
C ILE A 682 6.80 34.69 -53.21
N GLY A 683 7.83 35.51 -53.41
CA GLY A 683 7.72 36.93 -53.66
C GLY A 683 7.48 37.18 -55.14
N PHE A 684 8.48 37.73 -55.83
CA PHE A 684 8.44 37.85 -57.28
C PHE A 684 9.37 36.80 -57.84
N THR A 685 10.67 36.92 -57.54
CA THR A 685 11.66 35.91 -57.83
C THR A 685 12.42 35.54 -56.56
N THR A 686 11.84 35.85 -55.40
CA THR A 686 12.53 35.72 -54.13
C THR A 686 11.78 34.76 -53.23
N THR A 687 12.50 33.87 -52.56
CA THR A 687 11.92 32.85 -51.71
C THR A 687 12.01 33.28 -50.26
N PRO A 688 11.22 32.68 -49.35
CA PRO A 688 11.20 33.08 -47.94
C PRO A 688 12.51 33.15 -47.18
N ASP A 689 13.52 32.43 -47.65
CA ASP A 689 14.82 32.41 -47.00
C ASP A 689 15.53 33.75 -47.15
N SER A 690 15.12 34.55 -48.14
CA SER A 690 15.73 35.84 -48.39
C SER A 690 14.79 36.99 -48.05
N SER A 691 13.66 36.70 -47.42
CA SER A 691 12.61 37.68 -47.22
C SER A 691 12.36 37.97 -45.74
N ARG A 692 12.61 37.03 -44.85
CA ARG A 692 12.31 37.26 -43.46
C ARG A 692 13.25 36.47 -42.56
N SER A 693 13.33 36.88 -41.30
CA SER A 693 14.10 36.25 -40.26
C SER A 693 13.20 35.63 -39.21
N MET A 694 11.90 35.58 -39.48
CA MET A 694 10.94 34.93 -38.62
C MET A 694 10.61 33.58 -39.23
N HIS A 695 10.11 32.63 -38.44
CA HIS A 695 9.77 31.31 -38.93
C HIS A 695 8.51 31.35 -39.78
N TYR A 696 7.48 32.05 -39.30
CA TYR A 696 6.26 32.28 -40.04
C TYR A 696 6.13 33.75 -40.37
N ALA A 697 5.33 34.07 -41.38
CA ALA A 697 5.13 35.45 -41.82
C ALA A 697 4.23 36.20 -40.84
N THR A 698 3.45 35.46 -40.05
CA THR A 698 2.46 36.04 -39.17
C THR A 698 2.94 36.07 -37.72
N ASP A 699 4.24 36.32 -37.50
CA ASP A 699 4.80 36.22 -36.16
C ASP A 699 4.70 37.54 -35.40
N TYR A 700 4.28 38.61 -36.06
CA TYR A 700 4.02 39.87 -35.39
C TYR A 700 2.84 39.74 -34.43
N ALA A 701 2.00 38.74 -34.62
CA ALA A 701 0.87 38.49 -33.76
C ALA A 701 1.29 38.22 -32.31
N LYS A 702 2.45 37.59 -32.13
CA LYS A 702 2.93 37.24 -30.82
C LYS A 702 3.43 38.46 -30.06
N ALA A 703 3.70 39.56 -30.76
CA ALA A 703 4.10 40.79 -30.12
C ALA A 703 2.91 41.52 -29.53
N PHE A 704 1.71 41.24 -30.03
CA PHE A 704 0.52 41.98 -29.66
C PHE A 704 -0.48 41.12 -28.90
N GLY A 705 -0.20 39.82 -28.76
CA GLY A 705 -1.01 38.95 -27.93
C GLY A 705 -2.30 38.52 -28.61
N CYS A 706 -2.21 38.04 -29.84
CA CYS A 706 -3.37 37.72 -30.65
C CYS A 706 -3.24 36.31 -31.22
N PRO A 707 -4.37 35.61 -31.50
CA PRO A 707 -4.32 34.25 -32.05
C PRO A 707 -4.04 34.12 -33.54
N VAL A 708 -3.43 33.01 -33.95
CA VAL A 708 -3.12 32.74 -35.35
C VAL A 708 -3.68 31.38 -35.74
N PHE A 709 -4.26 31.29 -36.94
CA PHE A 709 -4.77 30.05 -37.51
C PHE A 709 -4.12 29.81 -38.86
N HIS A 710 -3.40 28.69 -39.03
CA HIS A 710 -2.83 28.30 -40.30
C HIS A 710 -3.70 27.21 -40.91
N VAL A 711 -4.10 27.36 -42.18
CA VAL A 711 -5.03 26.42 -42.80
C VAL A 711 -4.57 26.06 -44.19
N ASN A 712 -4.78 24.79 -44.55
CA ASN A 712 -4.44 24.22 -45.85
C ASN A 712 -5.44 24.71 -46.88
N GLY A 713 -4.93 25.19 -48.01
CA GLY A 713 -5.75 25.79 -49.02
C GLY A 713 -6.33 24.80 -50.03
N ASP A 714 -6.15 23.50 -49.78
CA ASP A 714 -6.76 22.46 -50.58
C ASP A 714 -7.75 21.66 -49.77
N ASP A 715 -8.26 22.20 -48.65
CA ASP A 715 -9.33 21.58 -47.89
C ASP A 715 -10.42 22.61 -47.62
N PRO A 716 -11.35 22.85 -48.57
CA PRO A 716 -12.28 23.95 -48.47
C PRO A 716 -13.23 24.00 -47.28
N GLU A 717 -13.55 22.85 -46.68
CA GLU A 717 -14.44 22.85 -45.55
C GLU A 717 -13.76 23.38 -44.30
N ALA A 718 -12.47 23.12 -44.17
CA ALA A 718 -11.69 23.65 -43.06
C ALA A 718 -11.49 25.15 -43.19
N VAL A 719 -11.42 25.66 -44.43
CA VAL A 719 -11.24 27.08 -44.67
C VAL A 719 -12.49 27.82 -44.24
N VAL A 720 -13.66 27.24 -44.48
CA VAL A 720 -14.93 27.88 -44.16
C VAL A 720 -15.12 27.90 -42.65
N TRP A 721 -14.61 26.89 -41.95
CA TRP A 721 -14.74 26.83 -40.52
C TRP A 721 -13.87 27.90 -39.85
N VAL A 722 -12.66 28.11 -40.37
CA VAL A 722 -11.71 29.04 -39.78
C VAL A 722 -12.21 30.47 -39.96
N GLY A 723 -12.88 30.74 -41.07
CA GLY A 723 -13.45 32.05 -41.32
C GLY A 723 -14.53 32.40 -40.31
N GLN A 724 -15.38 31.44 -39.98
CA GLN A 724 -16.46 31.62 -39.02
C GLN A 724 -15.92 31.83 -37.62
N LEU A 725 -14.92 31.05 -37.23
CA LEU A 725 -14.38 31.08 -35.89
C LEU A 725 -13.66 32.38 -35.61
N ALA A 726 -13.04 32.97 -36.65
CA ALA A 726 -12.32 34.22 -36.51
C ALA A 726 -13.27 35.38 -36.29
N THR A 727 -14.40 35.39 -37.01
CA THR A 727 -15.37 36.47 -36.92
C THR A 727 -16.10 36.44 -35.58
N GLU A 728 -16.25 35.26 -34.99
CA GLU A 728 -16.86 35.12 -33.68
C GLU A 728 -15.92 35.59 -32.58
N TYR A 729 -14.62 35.35 -32.74
CA TYR A 729 -13.63 35.76 -31.75
C TYR A 729 -13.55 37.27 -31.69
N ARG A 730 -13.68 37.93 -32.84
CA ARG A 730 -13.61 39.37 -32.92
C ARG A 730 -14.78 40.01 -32.20
N ARG A 731 -15.96 39.42 -32.31
CA ARG A 731 -17.17 40.01 -31.76
C ARG A 731 -17.19 39.88 -30.25
N ARG A 732 -16.60 38.83 -29.69
CA ARG A 732 -16.66 38.60 -28.27
C ARG A 732 -15.58 39.36 -27.52
N PHE A 733 -14.38 39.47 -28.07
CA PHE A 733 -13.23 39.94 -27.32
C PHE A 733 -12.72 41.30 -27.82
N GLY A 734 -13.06 41.68 -29.03
CA GLY A 734 -12.71 43.00 -29.54
C GLY A 734 -11.25 43.17 -29.85
N LYS A 735 -10.60 42.14 -30.37
CA LYS A 735 -9.17 42.15 -30.67
C LYS A 735 -8.93 41.69 -32.10
N ASP A 736 -7.67 41.79 -32.54
CA ASP A 736 -7.26 41.40 -33.88
C ASP A 736 -7.05 39.89 -33.96
N VAL A 737 -7.24 39.33 -35.16
CA VAL A 737 -7.13 37.91 -35.40
C VAL A 737 -6.45 37.73 -36.76
N PHE A 738 -5.60 36.69 -36.89
CA PHE A 738 -4.79 36.50 -38.07
C PHE A 738 -5.00 35.11 -38.69
N ILE A 739 -5.24 35.07 -40.01
CA ILE A 739 -5.40 33.82 -40.75
C ILE A 739 -4.29 33.73 -41.79
N ASP A 740 -3.62 32.56 -41.84
CA ASP A 740 -2.57 32.27 -42.79
C ASP A 740 -3.03 31.16 -43.74
N LEU A 741 -3.31 31.53 -45.00
CA LEU A 741 -3.82 30.61 -45.99
C LEU A 741 -2.66 30.12 -46.85
N VAL A 742 -2.27 28.87 -46.66
CA VAL A 742 -1.11 28.29 -47.32
C VAL A 742 -1.52 27.70 -48.66
N CYS A 743 -0.92 28.19 -49.74
CA CYS A 743 -1.29 27.85 -51.09
C CYS A 743 -0.09 28.01 -52.03
N TYR A 744 -0.29 28.04 -53.34
CA TYR A 744 0.80 28.22 -54.29
C TYR A 744 0.38 29.17 -55.41
N ARG A 745 1.33 29.53 -56.27
CA ARG A 745 1.10 30.40 -57.43
C ARG A 745 1.36 29.60 -58.69
N LEU A 746 0.33 29.40 -59.54
CA LEU A 746 0.40 28.44 -60.63
C LEU A 746 1.26 28.97 -61.76
N ARG A 747 1.10 30.22 -62.12
CA ARG A 747 1.88 30.81 -63.20
C ARG A 747 2.99 31.65 -62.60
N GLY A 748 3.60 32.51 -63.42
CA GLY A 748 4.59 33.46 -62.94
C GLY A 748 3.95 34.64 -62.22
N HIS A 749 4.78 35.64 -61.89
CA HIS A 749 4.33 36.80 -61.14
C HIS A 749 3.22 37.48 -61.92
N ASN A 750 3.47 37.67 -63.21
CA ASN A 750 2.45 38.08 -64.16
C ASN A 750 2.41 36.99 -65.23
N GLU A 751 1.58 37.19 -66.26
CA GLU A 751 1.33 36.15 -67.24
C GLU A 751 2.32 36.24 -68.40
N ALA A 752 3.41 37.00 -68.23
CA ALA A 752 4.41 37.14 -69.26
C ALA A 752 5.77 36.66 -68.75
N ASP A 753 5.81 36.01 -67.58
CA ASP A 753 7.07 35.68 -66.93
C ASP A 753 7.24 34.18 -66.85
N ASP A 754 8.49 33.69 -66.88
CA ASP A 754 8.80 32.28 -66.78
C ASP A 754 9.46 32.00 -65.43
N PRO A 755 8.79 31.33 -64.48
CA PRO A 755 9.36 31.10 -63.17
C PRO A 755 10.40 29.99 -63.03
N SER A 756 10.63 29.24 -64.11
CA SER A 756 11.54 28.11 -64.09
C SER A 756 12.99 28.57 -64.17
N MET A 757 13.21 29.82 -64.58
CA MET A 757 14.57 30.33 -64.71
C MET A 757 15.24 30.36 -63.35
N THR A 758 14.47 30.62 -62.29
CA THR A 758 15.04 30.88 -60.98
C THR A 758 14.54 29.91 -59.91
N GLN A 759 13.38 29.28 -60.12
CA GLN A 759 12.88 28.27 -59.20
C GLN A 759 12.54 26.98 -59.93
N PRO A 760 13.54 26.21 -60.44
CA PRO A 760 13.28 25.00 -61.19
C PRO A 760 12.60 23.84 -60.46
N LYS A 761 13.02 23.59 -59.22
CA LYS A 761 12.57 22.42 -58.50
C LYS A 761 11.16 22.60 -57.96
N MET A 762 10.81 23.84 -57.63
CA MET A 762 9.50 24.15 -57.07
C MET A 762 8.44 24.03 -58.16
N TYR A 763 8.80 24.34 -59.40
CA TYR A 763 7.82 24.33 -60.47
C TYR A 763 7.81 22.98 -61.18
N GLU A 764 8.56 21.99 -60.69
CA GLU A 764 8.36 20.61 -61.07
C GLU A 764 7.19 20.03 -60.28
N LEU A 765 7.00 20.47 -59.05
CA LEU A 765 5.91 20.01 -58.23
C LEU A 765 4.59 20.67 -58.60
N ILE A 766 4.61 21.82 -59.25
CA ILE A 766 3.40 22.60 -59.44
C ILE A 766 2.77 22.28 -60.77
N THR A 767 3.59 22.15 -61.82
CA THR A 767 3.06 21.96 -63.16
C THR A 767 2.41 20.60 -63.29
N GLY A 768 1.14 20.59 -63.69
CA GLY A 768 0.42 19.37 -63.95
C GLY A 768 -0.32 18.80 -62.74
N ARG A 769 -0.57 19.62 -61.73
CA ARG A 769 -1.39 19.22 -60.60
C ARG A 769 -2.84 19.25 -61.01
N GLU A 770 -3.72 18.71 -60.16
CA GLU A 770 -5.15 18.86 -60.34
C GLU A 770 -5.63 19.93 -59.37
N THR A 771 -6.59 20.74 -59.80
CA THR A 771 -7.02 21.92 -59.11
C THR A 771 -7.88 21.58 -57.91
N VAL A 772 -8.19 22.58 -57.09
CA VAL A 772 -8.92 22.40 -55.84
C VAL A 772 -10.38 22.13 -56.13
N ARG A 773 -10.89 22.62 -57.25
CA ARG A 773 -12.25 22.35 -57.66
C ARG A 773 -12.41 20.91 -58.09
N ALA A 774 -11.43 20.39 -58.83
CA ALA A 774 -11.45 19.02 -59.31
C ALA A 774 -11.36 18.03 -58.18
N GLN A 775 -10.48 18.28 -57.22
CA GLN A 775 -10.33 17.40 -56.09
C GLN A 775 -11.60 17.37 -55.26
N TYR A 776 -12.27 18.50 -55.09
CA TYR A 776 -13.42 18.57 -54.20
C TYR A 776 -14.62 17.90 -54.85
N THR A 777 -14.75 18.02 -56.17
CA THR A 777 -15.82 17.36 -56.90
C THR A 777 -15.68 15.86 -56.79
N GLU A 778 -14.45 15.37 -56.84
CA GLU A 778 -14.17 13.94 -56.82
C GLU A 778 -14.47 13.39 -55.44
N ASP A 779 -14.18 14.14 -54.39
CA ASP A 779 -14.43 13.71 -53.03
C ASP A 779 -15.92 13.59 -52.75
N LEU A 780 -16.72 14.55 -53.21
CA LEU A 780 -18.14 14.55 -52.94
C LEU A 780 -18.84 13.43 -53.69
N LEU A 781 -18.43 13.15 -54.93
CA LEU A 781 -19.01 12.06 -55.69
C LEU A 781 -18.64 10.72 -55.07
N GLY A 782 -17.50 10.65 -54.44
CA GLY A 782 -17.09 9.42 -53.78
C GLY A 782 -17.91 9.11 -52.54
N ARG A 783 -18.21 10.12 -51.74
CA ARG A 783 -18.93 9.92 -50.50
C ARG A 783 -20.43 9.93 -50.73
N GLY A 784 -20.85 10.11 -51.97
CA GLY A 784 -22.26 10.00 -52.32
C GLY A 784 -23.05 11.24 -51.94
N ASP A 785 -22.37 12.40 -51.87
CA ASP A 785 -22.98 13.64 -51.41
C ASP A 785 -23.47 14.50 -52.58
N LEU A 786 -23.26 14.04 -53.81
CA LEU A 786 -23.62 14.80 -55.00
C LEU A 786 -23.80 13.85 -56.18
N SER A 787 -24.71 14.16 -57.10
CA SER A 787 -24.92 13.37 -58.31
C SER A 787 -24.10 13.93 -59.46
N ASN A 788 -24.02 13.19 -60.56
CA ASN A 788 -23.24 13.61 -61.71
C ASN A 788 -23.97 14.68 -62.49
N GLU A 789 -25.30 14.57 -62.59
CA GLU A 789 -26.09 15.57 -63.28
C GLU A 789 -25.92 16.91 -62.61
N ASP A 790 -25.92 16.92 -61.27
CA ASP A 790 -25.76 18.14 -60.50
C ASP A 790 -24.39 18.75 -60.79
N ALA A 791 -23.35 17.91 -60.77
CA ALA A 791 -21.98 18.36 -60.94
C ALA A 791 -21.76 18.95 -62.32
N GLU A 792 -22.54 18.52 -63.31
CA GLU A 792 -22.35 18.97 -64.67
C GLU A 792 -23.13 20.24 -64.91
N ALA A 793 -24.26 20.39 -64.23
CA ALA A 793 -25.06 21.59 -64.36
C ALA A 793 -24.33 22.79 -63.79
N VAL A 794 -23.65 22.60 -62.66
CA VAL A 794 -22.92 23.67 -62.00
C VAL A 794 -21.96 24.32 -62.99
N VAL A 795 -21.29 23.52 -63.81
CA VAL A 795 -20.29 24.04 -64.73
C VAL A 795 -20.96 24.70 -65.92
N ARG A 796 -21.94 24.03 -66.51
CA ARG A 796 -22.56 24.48 -67.75
C ARG A 796 -23.25 25.82 -67.57
N ASP A 797 -23.95 25.98 -66.45
CA ASP A 797 -24.77 27.17 -66.25
C ASP A 797 -23.90 28.42 -66.18
N PHE A 798 -22.79 28.36 -65.44
CA PHE A 798 -21.95 29.52 -65.23
C PHE A 798 -21.27 29.92 -66.53
N HIS A 799 -20.88 28.94 -67.35
CA HIS A 799 -20.19 29.23 -68.58
C HIS A 799 -21.13 29.89 -69.58
N ASP A 800 -22.40 29.50 -69.55
CA ASP A 800 -23.38 30.07 -70.46
C ASP A 800 -23.62 31.54 -70.11
N GLN A 801 -23.68 31.84 -68.82
CA GLN A 801 -23.88 33.19 -68.34
C GLN A 801 -22.77 34.11 -68.85
N MET A 802 -21.52 33.67 -68.76
CA MET A 802 -20.38 34.49 -69.13
C MET A 802 -20.35 34.71 -70.63
N GLU A 803 -20.69 33.68 -71.40
CA GLU A 803 -20.66 33.76 -72.85
C GLU A 803 -21.72 34.76 -73.33
N SER A 804 -22.87 34.77 -72.67
CA SER A 804 -23.96 35.66 -73.02
C SER A 804 -23.54 37.12 -72.90
N VAL A 805 -22.98 37.47 -71.74
CA VAL A 805 -22.60 38.83 -71.44
C VAL A 805 -21.50 39.29 -72.41
N PHE A 806 -20.56 38.40 -72.71
CA PHE A 806 -19.44 38.73 -73.56
C PHE A 806 -19.91 39.13 -74.94
N ASN A 807 -20.86 38.38 -75.49
CA ASN A 807 -21.35 38.62 -76.83
C ASN A 807 -22.07 39.96 -76.87
N GLU A 808 -22.83 40.27 -75.83
CA GLU A 808 -23.57 41.52 -75.73
C GLU A 808 -22.61 42.71 -75.75
N VAL A 809 -21.44 42.54 -75.15
CA VAL A 809 -20.46 43.62 -75.00
C VAL A 809 -19.76 43.88 -76.33
N LYS A 810 -19.68 42.87 -77.19
CA LYS A 810 -18.95 42.98 -78.46
C LYS A 810 -19.83 43.56 -79.56
N GLU A 811 -21.16 43.55 -79.39
CA GLU A 811 -22.08 44.11 -80.36
C GLU A 811 -21.84 45.61 -80.49
N GLY A 812 -21.81 46.30 -79.34
CA GLY A 812 -21.47 47.71 -79.30
C GLY A 812 -20.04 47.96 -79.78
N GLY A 813 -19.89 48.96 -80.66
CA GLY A 813 -18.60 49.27 -81.27
C GLY A 813 -17.66 49.95 -80.28
N LYS A 814 -16.36 49.89 -80.59
CA LYS A 814 -15.32 50.47 -79.76
C LYS A 814 -15.12 51.94 -80.13
N LYS A 815 -15.06 52.81 -79.11
CA LYS A 815 -14.79 54.22 -79.31
C LYS A 815 -13.29 54.43 -79.51
N GLN A 816 -12.91 55.59 -80.04
CA GLN A 816 -11.51 55.94 -80.25
C GLN A 816 -11.05 56.87 -79.12
N ALA A 817 -9.73 56.96 -78.94
CA ALA A 817 -9.14 57.69 -77.84
C ALA A 817 -9.37 59.19 -78.02
N GLU A 818 -9.46 59.90 -76.89
CA GLU A 818 -9.68 61.34 -76.88
C GLU A 818 -8.84 61.94 -75.75
N ALA A 819 -8.35 63.17 -75.96
CA ALA A 819 -7.46 63.82 -75.01
C ALA A 819 -8.20 64.15 -73.72
N GLN A 820 -7.46 64.16 -72.61
CA GLN A 820 -8.00 64.45 -71.28
C GLN A 820 -7.74 65.91 -70.95
N THR A 821 -8.77 66.60 -70.45
CA THR A 821 -8.81 68.05 -70.45
C THR A 821 -8.24 68.64 -69.15
N GLY A 822 -8.53 68.03 -68.00
CA GLY A 822 -8.03 68.48 -66.72
C GLY A 822 -9.16 68.67 -65.72
N ILE A 823 -8.81 68.92 -64.45
CA ILE A 823 -9.81 68.94 -63.39
C ILE A 823 -9.92 70.33 -62.76
N THR A 824 -9.36 71.36 -63.39
CA THR A 824 -9.28 72.67 -62.76
C THR A 824 -10.68 73.25 -62.52
N GLY A 825 -11.59 73.09 -63.48
CA GLY A 825 -12.89 73.73 -63.41
C GLY A 825 -14.03 72.77 -63.06
N SER A 826 -13.70 71.62 -62.47
CA SER A 826 -14.68 70.59 -62.21
C SER A 826 -15.44 70.86 -60.91
N GLN A 827 -14.91 71.74 -60.06
CA GLN A 827 -15.57 72.15 -58.83
C GLN A 827 -15.64 73.67 -58.78
N LYS A 828 -16.68 74.21 -58.12
CA LYS A 828 -16.95 75.64 -58.13
C LYS A 828 -16.32 76.31 -56.92
N LEU A 829 -16.08 77.62 -57.04
CA LEU A 829 -15.50 78.44 -55.98
C LEU A 829 -16.59 79.23 -55.27
N PRO A 830 -16.52 79.42 -53.94
CA PRO A 830 -17.60 80.07 -53.19
C PRO A 830 -17.61 81.58 -53.31
N HIS A 831 -18.25 82.08 -54.36
CA HIS A 831 -18.30 83.51 -54.62
C HIS A 831 -19.36 84.16 -53.73
N GLY A 832 -18.93 85.16 -52.95
CA GLY A 832 -19.83 85.97 -52.16
C GLY A 832 -20.22 85.33 -50.84
N LEU A 833 -19.29 84.63 -50.19
CA LEU A 833 -19.55 83.98 -48.92
C LEU A 833 -18.91 84.81 -47.82
N GLU A 834 -19.65 85.02 -46.73
CA GLU A 834 -19.19 85.84 -45.63
C GLU A 834 -18.89 84.96 -44.43
N THR A 835 -17.77 85.21 -43.76
CA THR A 835 -17.24 84.28 -42.78
C THR A 835 -17.09 84.92 -41.41
N ASN A 836 -17.79 86.03 -41.16
CA ASN A 836 -17.69 86.72 -39.89
C ASN A 836 -18.75 86.19 -38.94
N ILE A 837 -18.48 86.25 -37.63
CA ILE A 837 -19.43 85.85 -36.63
C ILE A 837 -19.98 87.10 -35.96
N SER A 838 -21.04 86.94 -35.15
CA SER A 838 -21.68 88.04 -34.44
C SER A 838 -20.94 88.33 -33.15
N ARG A 839 -21.23 89.50 -32.55
CA ARG A 839 -20.56 89.93 -31.35
C ARG A 839 -21.02 89.10 -30.16
N GLU A 840 -22.26 88.62 -30.21
CA GLU A 840 -22.80 87.78 -29.17
C GLU A 840 -22.12 86.43 -29.17
N GLU A 841 -21.82 85.91 -30.36
CA GLU A 841 -21.17 84.61 -30.51
C GLU A 841 -19.75 84.67 -29.97
N LEU A 842 -19.07 85.81 -30.15
CA LEU A 842 -17.70 85.96 -29.74
C LEU A 842 -17.58 85.98 -28.22
N LEU A 843 -18.53 86.64 -27.55
CA LEU A 843 -18.49 86.76 -26.10
C LEU A 843 -18.80 85.42 -25.45
N GLU A 844 -19.66 84.63 -26.07
CA GLU A 844 -20.03 83.34 -25.53
C GLU A 844 -18.84 82.39 -25.58
N LEU A 845 -18.07 82.46 -26.68
CA LEU A 845 -16.88 81.63 -26.83
C LEU A 845 -15.86 81.99 -25.78
N GLY A 846 -15.74 83.29 -25.49
CA GLY A 846 -14.83 83.77 -24.48
C GLY A 846 -15.15 83.23 -23.09
N GLN A 847 -16.43 83.23 -22.74
CA GLN A 847 -16.87 82.84 -21.41
C GLN A 847 -16.71 81.35 -21.16
N ALA A 848 -16.59 80.57 -22.20
CA ALA A 848 -16.45 79.13 -22.04
C ALA A 848 -15.31 78.79 -21.10
N PHE A 849 -14.31 79.67 -21.03
CA PHE A 849 -13.11 79.42 -20.25
C PHE A 849 -13.26 79.92 -18.82
N ALA A 850 -14.41 80.49 -18.46
CA ALA A 850 -14.72 80.88 -17.10
C ALA A 850 -15.72 79.95 -16.45
N ASN A 851 -16.45 79.16 -17.22
CA ASN A 851 -17.46 78.26 -16.70
C ASN A 851 -16.83 76.93 -16.36
N THR A 852 -16.01 76.92 -15.31
CA THR A 852 -15.33 75.71 -14.88
C THR A 852 -16.32 74.82 -14.15
N PRO A 853 -16.10 73.51 -14.06
CA PRO A 853 -16.91 72.65 -13.21
C PRO A 853 -16.83 73.02 -11.74
N GLU A 854 -17.45 72.21 -10.87
CA GLU A 854 -17.82 72.65 -9.53
C GLU A 854 -16.60 72.87 -8.64
N GLY A 855 -15.72 71.90 -8.51
CA GLY A 855 -14.56 72.14 -7.68
C GLY A 855 -13.25 72.01 -8.45
N PHE A 856 -13.21 72.61 -9.66
CA PHE A 856 -12.06 72.54 -10.55
C PHE A 856 -11.26 73.81 -10.40
N ASN A 857 -9.94 73.69 -10.36
CA ASN A 857 -9.05 74.83 -10.43
C ASN A 857 -7.94 74.57 -11.45
N TYR A 858 -7.47 75.62 -12.10
CA TYR A 858 -6.42 75.53 -13.08
C TYR A 858 -5.06 75.47 -12.38
N HIS A 859 -4.03 75.03 -13.11
CA HIS A 859 -2.66 75.03 -12.65
C HIS A 859 -2.19 76.45 -12.68
N PRO A 860 -1.31 76.89 -11.77
CA PRO A 860 -0.90 78.28 -11.70
C PRO A 860 -0.25 78.92 -12.92
N ARG A 861 0.25 78.10 -13.84
CA ARG A 861 0.93 78.61 -15.03
C ARG A 861 -0.02 78.58 -16.23
N VAL A 862 -1.21 78.00 -16.06
CA VAL A 862 -2.23 77.93 -17.09
C VAL A 862 -3.33 78.95 -16.83
N ALA A 863 -3.44 79.44 -15.59
CA ALA A 863 -4.53 80.29 -15.19
C ALA A 863 -4.45 81.65 -15.84
N PRO A 864 -3.27 82.28 -15.98
CA PRO A 864 -3.16 83.51 -16.73
C PRO A 864 -3.61 83.47 -18.19
N VAL A 865 -3.46 82.33 -18.84
CA VAL A 865 -3.85 82.14 -20.23
C VAL A 865 -5.37 82.16 -20.32
N ALA A 866 -6.04 81.50 -19.38
CA ALA A 866 -7.48 81.47 -19.34
C ALA A 866 -8.05 82.86 -19.09
N LYS A 867 -7.48 83.64 -18.19
CA LYS A 867 -8.00 84.95 -17.90
C LYS A 867 -7.90 85.84 -19.11
N LYS A 868 -6.81 85.71 -19.86
CA LYS A 868 -6.56 86.57 -21.00
C LYS A 868 -7.55 86.25 -22.11
N ARG A 869 -7.97 85.00 -22.21
CA ARG A 869 -8.92 84.58 -23.22
C ARG A 869 -10.28 85.20 -22.94
N VAL A 870 -10.66 85.33 -21.67
CA VAL A 870 -11.95 85.87 -21.30
C VAL A 870 -11.98 87.38 -21.50
N SER A 871 -10.87 88.07 -21.30
CA SER A 871 -10.86 89.52 -21.39
C SER A 871 -10.58 90.02 -22.79
N SER A 872 -9.97 89.19 -23.64
CA SER A 872 -9.45 89.64 -24.93
C SER A 872 -10.56 89.86 -25.93
N VAL A 873 -11.69 89.17 -25.73
CA VAL A 873 -12.81 89.23 -26.65
C VAL A 873 -13.56 90.53 -26.47
N THR A 874 -13.10 91.42 -25.58
CA THR A 874 -13.69 92.74 -25.45
C THR A 874 -12.65 93.85 -25.42
N GLU A 875 -11.39 93.56 -25.10
CA GLU A 875 -10.37 94.58 -24.97
C GLU A 875 -9.31 94.53 -26.06
N GLY A 876 -9.08 93.37 -26.68
CA GLY A 876 -8.13 93.27 -27.77
C GLY A 876 -6.99 92.32 -27.46
N GLY A 877 -6.06 92.20 -28.40
CA GLY A 877 -4.84 91.44 -28.19
C GLY A 877 -5.06 89.95 -28.27
N ILE A 878 -5.67 89.48 -29.36
CA ILE A 878 -5.91 88.06 -29.55
C ILE A 878 -4.70 87.45 -30.26
N ASP A 879 -4.19 86.34 -29.73
CA ASP A 879 -2.98 85.72 -30.26
C ASP A 879 -3.34 84.61 -31.22
N TRP A 880 -2.32 83.90 -31.71
CA TRP A 880 -2.48 82.94 -32.79
C TRP A 880 -3.32 81.75 -32.34
N ALA A 881 -2.99 81.16 -31.21
CA ALA A 881 -3.65 79.95 -30.78
C ALA A 881 -5.13 80.20 -30.52
N TRP A 882 -5.46 81.37 -30.00
CA TRP A 882 -6.82 81.71 -29.65
C TRP A 882 -7.64 81.94 -30.91
N GLY A 883 -7.01 82.46 -31.96
CA GLY A 883 -7.65 82.60 -33.25
C GLY A 883 -8.05 81.26 -33.87
N GLU A 884 -7.16 80.27 -33.78
CA GLU A 884 -7.42 78.95 -34.31
C GLU A 884 -8.57 78.29 -33.54
N LEU A 885 -8.57 78.39 -32.21
CA LEU A 885 -9.58 77.73 -31.40
C LEU A 885 -10.93 78.40 -31.58
N LEU A 886 -10.96 79.72 -31.82
CA LEU A 886 -12.20 80.42 -32.07
C LEU A 886 -12.85 79.90 -33.34
N ALA A 887 -12.04 79.56 -34.34
CA ALA A 887 -12.54 79.03 -35.60
C ALA A 887 -13.15 77.64 -35.41
N PHE A 888 -12.44 76.75 -34.75
CA PHE A 888 -12.93 75.41 -34.60
C PHE A 888 -14.15 75.38 -33.68
N GLY A 889 -14.16 76.25 -32.67
CA GLY A 889 -15.28 76.31 -31.75
C GLY A 889 -16.54 76.80 -32.42
N SER A 890 -16.43 77.82 -33.25
CA SER A 890 -17.58 78.34 -33.95
C SER A 890 -18.20 77.28 -34.84
N LEU A 891 -17.38 76.47 -35.49
CA LEU A 891 -17.89 75.45 -36.39
C LEU A 891 -18.53 74.32 -35.63
N ALA A 892 -18.05 74.00 -34.44
CA ALA A 892 -18.64 72.96 -33.64
C ALA A 892 -19.98 73.40 -33.07
N ASN A 893 -20.16 74.70 -32.87
CA ASN A 893 -21.42 75.23 -32.35
C ASN A 893 -22.52 75.05 -33.37
N SER A 894 -22.20 75.20 -34.65
CA SER A 894 -23.20 75.14 -35.70
C SER A 894 -23.69 73.71 -35.93
N GLY A 895 -22.92 72.73 -35.50
CA GLY A 895 -23.42 71.37 -35.44
C GLY A 895 -22.52 70.36 -36.13
N ARG A 896 -21.22 70.61 -36.19
CA ARG A 896 -20.30 69.75 -36.93
C ARG A 896 -19.37 69.00 -36.00
N LEU A 897 -18.83 67.89 -36.50
CA LEU A 897 -17.84 67.11 -35.81
C LEU A 897 -16.46 67.60 -36.22
N VAL A 898 -15.71 68.15 -35.27
CA VAL A 898 -14.38 68.66 -35.48
C VAL A 898 -13.39 67.76 -34.77
N ARG A 899 -12.36 67.28 -35.47
CA ARG A 899 -11.36 66.38 -34.96
C ARG A 899 -9.97 66.95 -35.20
N LEU A 900 -9.15 67.03 -34.16
CA LEU A 900 -7.78 67.50 -34.22
C LEU A 900 -6.86 66.46 -33.60
N ALA A 901 -5.86 66.01 -34.35
CA ALA A 901 -4.95 64.94 -33.90
C ALA A 901 -3.52 65.24 -34.30
N GLY A 902 -2.57 64.80 -33.46
CA GLY A 902 -1.16 65.07 -33.64
C GLY A 902 -0.36 64.81 -32.38
N GLU A 903 0.97 64.94 -32.47
CA GLU A 903 1.86 64.71 -31.34
C GLU A 903 1.82 65.89 -30.38
N ASP A 904 1.38 65.63 -29.15
CA ASP A 904 1.35 66.61 -28.08
C ASP A 904 0.44 67.77 -28.46
N SER A 905 -0.75 67.46 -28.98
CA SER A 905 -1.59 68.46 -29.60
C SER A 905 -2.64 68.97 -28.63
N ARG A 906 -2.80 68.33 -27.48
CA ARG A 906 -3.73 68.81 -26.47
C ARG A 906 -3.15 70.02 -25.73
N ARG A 907 -1.86 69.97 -25.38
CA ARG A 907 -1.18 71.08 -24.75
C ARG A 907 -0.60 72.00 -25.78
N GLY A 908 0.01 71.44 -26.82
CA GLY A 908 0.78 72.20 -27.79
C GLY A 908 2.27 71.97 -27.59
N THR A 909 3.03 71.97 -28.69
CA THR A 909 4.46 71.74 -28.65
C THR A 909 5.16 72.93 -28.03
N PHE A 910 4.62 74.12 -28.25
CA PHE A 910 5.22 75.33 -27.77
C PHE A 910 4.42 75.88 -26.60
N THR A 911 3.62 75.03 -25.95
CA THR A 911 2.83 75.38 -24.77
C THR A 911 1.94 76.57 -25.09
N GLN A 912 1.09 76.44 -26.09
CA GLN A 912 0.33 77.57 -26.58
C GLN A 912 -1.16 77.31 -26.68
N ARG A 913 -1.62 76.06 -26.64
CA ARG A 913 -2.98 75.76 -27.04
C ARG A 913 -3.89 75.58 -25.83
N HIS A 914 -3.59 74.61 -24.99
CA HIS A 914 -4.38 74.32 -23.81
C HIS A 914 -5.84 74.14 -24.18
N ALA A 915 -6.13 73.08 -24.94
CA ALA A 915 -7.48 72.76 -25.33
C ALA A 915 -8.11 71.85 -24.30
N VAL A 916 -7.31 71.06 -23.62
CA VAL A 916 -7.76 70.34 -22.44
C VAL A 916 -6.85 70.73 -21.29
N ALA A 917 -7.45 71.02 -20.12
CA ALA A 917 -6.72 71.43 -18.93
C ALA A 917 -6.83 70.36 -17.85
N ILE A 918 -5.86 70.31 -16.94
CA ILE A 918 -5.82 69.32 -15.88
C ILE A 918 -5.66 70.01 -14.54
N ASP A 919 -6.38 69.51 -13.52
CA ASP A 919 -6.34 70.05 -12.16
C ASP A 919 -5.19 69.41 -11.40
N PRO A 920 -4.28 70.18 -10.79
CA PRO A 920 -3.15 69.61 -10.10
C PRO A 920 -3.44 68.76 -8.89
N ALA A 921 -4.60 68.96 -8.28
CA ALA A 921 -4.92 68.32 -7.02
C ALA A 921 -5.61 66.99 -7.24
N THR A 922 -6.41 66.86 -8.29
CA THR A 922 -7.23 65.67 -8.45
C THR A 922 -7.00 64.95 -9.77
N ALA A 923 -6.37 65.63 -10.76
CA ALA A 923 -6.10 65.08 -12.08
C ALA A 923 -7.36 64.96 -12.94
N GLU A 924 -8.35 65.83 -12.72
CA GLU A 924 -9.57 65.87 -13.50
C GLU A 924 -9.29 66.65 -14.78
N GLU A 925 -9.99 66.31 -15.87
CA GLU A 925 -9.81 66.94 -17.17
C GLU A 925 -10.99 67.83 -17.50
N PHE A 926 -10.76 68.87 -18.30
CA PHE A 926 -11.78 69.81 -18.71
C PHE A 926 -11.55 70.23 -20.15
N ASN A 927 -12.61 70.19 -20.99
CA ASN A 927 -12.57 70.58 -22.39
C ASN A 927 -13.65 71.62 -22.63
N PRO A 928 -13.35 72.92 -22.53
CA PRO A 928 -14.34 73.97 -22.61
C PRO A 928 -15.23 74.03 -23.85
N LEU A 929 -14.61 73.94 -25.02
CA LEU A 929 -15.30 74.17 -26.26
C LEU A 929 -16.21 72.99 -26.61
N HIS A 930 -15.93 71.80 -26.08
CA HIS A 930 -16.81 70.67 -26.30
C HIS A 930 -18.08 70.82 -25.46
N GLU A 931 -17.92 71.33 -24.25
CA GLU A 931 -19.03 71.55 -23.35
C GLU A 931 -19.98 72.56 -23.96
N LEU A 932 -19.45 73.66 -24.47
CA LEU A 932 -20.28 74.70 -25.04
C LEU A 932 -21.04 74.17 -26.23
N ALA A 933 -20.41 73.32 -27.03
CA ALA A 933 -21.02 72.85 -28.25
C ALA A 933 -22.18 71.92 -27.94
N GLN A 934 -22.03 71.11 -26.91
CA GLN A 934 -23.06 70.15 -26.55
C GLN A 934 -24.23 70.82 -25.86
N SER A 935 -24.08 72.07 -25.45
CA SER A 935 -25.15 72.79 -24.78
C SER A 935 -25.85 73.76 -25.69
N LYS A 936 -25.87 73.51 -27.00
CA LYS A 936 -26.53 74.38 -27.94
C LYS A 936 -27.54 73.63 -28.80
N GLY A 937 -27.58 72.31 -28.67
CA GLY A 937 -28.70 71.56 -29.20
C GLY A 937 -28.59 71.26 -30.69
N ASN A 938 -27.39 71.36 -31.25
CA ASN A 938 -27.16 70.93 -32.61
C ASN A 938 -26.28 69.68 -32.67
N ASN A 939 -25.91 69.15 -31.52
CA ASN A 939 -25.14 67.92 -31.41
C ASN A 939 -23.78 68.04 -32.07
N GLY A 940 -23.05 69.12 -31.74
CA GLY A 940 -21.71 69.32 -32.25
C GLY A 940 -20.68 68.77 -31.28
N LYS A 941 -19.48 68.54 -31.78
CA LYS A 941 -18.42 67.89 -31.03
C LYS A 941 -17.07 68.53 -31.35
N PHE A 942 -16.20 68.67 -30.35
CA PHE A 942 -14.81 69.05 -30.52
C PHE A 942 -13.92 68.02 -29.84
N LEU A 943 -13.25 67.17 -30.62
CA LEU A 943 -12.49 66.04 -30.16
C LEU A 943 -11.00 66.26 -30.43
N VAL A 944 -10.16 66.22 -29.39
CA VAL A 944 -8.73 66.44 -29.50
C VAL A 944 -8.00 65.22 -28.95
N TYR A 945 -7.02 64.69 -29.71
CA TYR A 945 -6.33 63.48 -29.36
C TYR A 945 -4.82 63.66 -29.50
N ASN A 946 -4.06 63.00 -28.62
CA ASN A 946 -2.62 62.90 -28.68
C ASN A 946 -2.24 61.60 -29.38
N SER A 947 -1.55 61.69 -30.52
CA SER A 947 -1.23 60.53 -31.33
C SER A 947 -0.02 59.79 -30.76
N ALA A 948 0.23 58.59 -31.28
CA ALA A 948 1.47 57.88 -31.06
C ALA A 948 2.56 58.50 -31.92
N LEU A 949 3.79 58.04 -31.75
CA LEU A 949 4.92 58.66 -32.42
C LEU A 949 5.08 58.04 -33.81
N THR A 950 4.26 58.50 -34.74
CA THR A 950 4.25 58.04 -36.12
C THR A 950 3.78 59.14 -37.04
N GLU A 951 4.37 59.25 -38.23
CA GLU A 951 3.94 60.24 -39.21
C GLU A 951 3.22 59.57 -40.38
N TYR A 952 3.61 58.34 -40.71
CA TYR A 952 3.06 57.63 -41.84
C TYR A 952 1.67 57.13 -41.48
N ALA A 953 1.52 56.51 -40.31
CA ALA A 953 0.25 55.97 -39.88
C ALA A 953 -0.68 57.07 -39.39
N GLY A 954 -0.13 58.13 -38.80
CA GLY A 954 -0.90 59.25 -38.34
C GLY A 954 -1.62 59.98 -39.46
N MET A 955 -0.88 60.41 -40.47
CA MET A 955 -1.46 61.21 -41.53
C MET A 955 -2.38 60.35 -42.38
N GLY A 956 -2.05 59.07 -42.51
CA GLY A 956 -2.88 58.15 -43.27
C GLY A 956 -4.24 57.96 -42.64
N PHE A 957 -4.28 57.92 -41.32
CA PHE A 957 -5.51 57.70 -40.58
C PHE A 957 -6.42 58.92 -40.74
N GLU A 958 -5.87 60.12 -40.78
CA GLU A 958 -6.68 61.30 -40.90
C GLU A 958 -7.22 61.46 -42.31
N TYR A 959 -6.43 61.11 -43.33
CA TYR A 959 -6.92 61.13 -44.69
C TYR A 959 -8.11 60.21 -44.82
N GLY A 960 -8.03 59.04 -44.20
CA GLY A 960 -9.11 58.08 -44.26
C GLY A 960 -10.37 58.59 -43.60
N TYR A 961 -10.21 59.35 -42.51
CA TYR A 961 -11.33 59.86 -41.76
C TYR A 961 -12.09 60.85 -42.61
N SER A 962 -11.39 61.61 -43.43
CA SER A 962 -11.99 62.60 -44.28
C SER A 962 -12.78 61.98 -45.42
N VAL A 963 -12.41 60.77 -45.84
CA VAL A 963 -13.07 60.09 -46.94
C VAL A 963 -14.30 59.36 -46.41
N GLY A 964 -14.24 58.88 -45.18
CA GLY A 964 -15.32 58.13 -44.59
C GLY A 964 -16.49 59.00 -44.10
N ASN A 965 -16.23 60.28 -43.82
CA ASN A 965 -17.27 61.20 -43.45
C ASN A 965 -17.01 62.56 -44.09
N GLU A 966 -17.77 62.88 -45.13
CA GLU A 966 -17.50 64.02 -45.97
C GLU A 966 -17.87 65.31 -45.26
N ASP A 967 -18.61 65.25 -44.15
CA ASP A 967 -19.17 66.42 -43.53
C ASP A 967 -18.44 66.79 -42.24
N SER A 968 -17.31 66.13 -41.96
CA SER A 968 -16.52 66.41 -40.78
C SER A 968 -15.37 67.34 -41.12
N ILE A 969 -14.82 68.03 -40.11
CA ILE A 969 -13.66 68.87 -40.24
C ILE A 969 -12.50 68.20 -39.54
N VAL A 970 -11.47 67.78 -40.28
CA VAL A 970 -10.35 67.00 -39.77
C VAL A 970 -9.04 67.74 -40.02
N ALA A 971 -8.15 67.75 -39.02
CA ALA A 971 -6.86 68.41 -39.10
C ALA A 971 -5.78 67.55 -38.46
N TRP A 972 -4.66 67.37 -39.17
CA TRP A 972 -3.48 66.70 -38.66
C TRP A 972 -2.37 67.71 -38.45
N GLU A 973 -1.69 67.63 -37.31
CA GLU A 973 -0.63 68.55 -36.93
C GLU A 973 0.68 67.80 -36.78
N ALA A 974 1.76 68.43 -37.23
CA ALA A 974 3.10 67.89 -37.10
C ALA A 974 3.85 68.66 -36.02
N GLN A 975 4.72 67.97 -35.27
CA GLN A 975 5.44 68.59 -34.19
C GLN A 975 6.33 69.68 -34.74
N PHE A 976 7.10 69.36 -35.78
CA PHE A 976 7.71 70.33 -36.65
C PHE A 976 7.45 69.90 -38.08
N GLY A 977 7.43 70.85 -39.01
CA GLY A 977 7.10 70.55 -40.38
C GLY A 977 8.20 69.78 -41.11
N ASP A 978 9.33 69.56 -40.43
CA ASP A 978 10.48 68.90 -41.01
C ASP A 978 10.36 67.38 -40.88
N PHE A 979 9.34 66.91 -40.17
CA PHE A 979 9.18 65.49 -39.96
C PHE A 979 8.09 64.92 -40.85
N ALA A 980 7.57 65.73 -41.78
CA ALA A 980 6.50 65.30 -42.66
C ALA A 980 7.02 64.45 -43.81
N ASN A 981 8.33 64.42 -44.03
CA ASN A 981 8.92 63.59 -45.07
C ASN A 981 8.87 62.12 -44.69
N GLY A 982 8.49 61.82 -43.45
CA GLY A 982 8.25 60.45 -43.05
C GLY A 982 6.92 59.93 -43.54
N ALA A 983 6.08 60.82 -44.09
CA ALA A 983 4.79 60.46 -44.62
C ALA A 983 4.69 60.82 -46.10
N GLN A 984 5.79 60.72 -46.82
CA GLN A 984 5.86 61.20 -48.19
C GLN A 984 4.97 60.37 -49.10
N THR A 985 4.87 59.07 -48.84
CA THR A 985 4.03 58.18 -49.62
C THR A 985 2.59 58.68 -49.63
N ILE A 986 2.06 59.02 -48.46
CA ILE A 986 0.69 59.49 -48.33
C ILE A 986 0.51 60.81 -49.07
N ILE A 987 1.46 61.72 -48.95
CA ILE A 987 1.34 63.01 -49.61
C ILE A 987 1.33 62.85 -51.12
N ASP A 988 2.13 61.92 -51.66
CA ASP A 988 2.32 61.80 -53.10
C ASP A 988 1.24 60.93 -53.74
N GLU A 989 0.75 59.92 -53.02
CA GLU A 989 -0.09 58.91 -53.64
C GLU A 989 -1.57 59.12 -53.35
N TYR A 990 -1.91 59.88 -52.29
CA TYR A 990 -3.29 60.03 -51.87
C TYR A 990 -3.70 61.50 -51.86
N VAL A 991 -3.01 62.35 -51.13
CA VAL A 991 -3.47 63.70 -50.84
C VAL A 991 -3.36 64.57 -52.07
N SER A 992 -2.25 64.47 -52.79
CA SER A 992 -1.95 65.36 -53.89
C SER A 992 -2.63 64.95 -55.18
N SER A 993 -3.02 63.67 -55.32
CA SER A 993 -3.32 63.12 -56.64
C SER A 993 -4.51 62.17 -56.66
N GLY A 994 -5.31 62.11 -55.60
CA GLY A 994 -6.39 61.15 -55.53
C GLY A 994 -7.58 61.51 -56.42
N GLU A 995 -7.86 62.79 -56.56
CA GLU A 995 -8.98 63.26 -57.35
C GLU A 995 -8.74 62.98 -58.83
N ALA A 996 -7.53 63.22 -59.32
CA ALA A 996 -7.22 63.05 -60.72
C ALA A 996 -7.13 61.60 -61.13
N LYS A 997 -6.87 60.70 -60.18
CA LYS A 997 -6.69 59.29 -60.50
C LYS A 997 -8.00 58.52 -60.34
N TRP A 998 -8.71 58.73 -59.24
CA TRP A 998 -9.87 57.91 -58.93
C TRP A 998 -11.15 58.71 -58.76
N GLY A 999 -11.08 60.03 -58.74
CA GLY A 999 -12.26 60.84 -58.46
C GLY A 999 -12.65 60.83 -56.99
N GLN A 1000 -11.69 60.58 -56.10
CA GLN A 1000 -11.89 60.55 -54.66
C GLN A 1000 -11.48 61.90 -54.08
N THR A 1001 -12.39 62.58 -53.39
CA THR A 1001 -12.17 63.94 -52.92
C THR A 1001 -11.98 63.96 -51.41
N SER A 1002 -11.22 64.94 -50.92
CA SER A 1002 -10.93 65.09 -49.49
C SER A 1002 -10.79 66.55 -49.12
N LYS A 1003 -11.04 66.88 -47.84
CA LYS A 1003 -10.87 68.21 -47.30
C LYS A 1003 -10.02 68.19 -46.03
N LEU A 1004 -8.89 67.47 -46.07
CA LEU A 1004 -8.00 67.37 -44.94
C LEU A 1004 -7.25 68.68 -44.78
N ILE A 1005 -6.91 69.03 -43.54
CA ILE A 1005 -6.11 70.20 -43.23
C ILE A 1005 -4.78 69.73 -42.65
N LEU A 1006 -3.68 70.19 -43.23
CA LEU A 1006 -2.35 69.94 -42.69
C LEU A 1006 -1.82 71.22 -42.06
N LEU A 1007 -1.46 71.15 -40.77
CA LEU A 1007 -0.85 72.24 -40.03
C LEU A 1007 0.62 71.94 -39.80
N LEU A 1008 1.51 72.69 -40.47
CA LEU A 1008 2.94 72.38 -40.49
C LEU A 1008 3.73 73.58 -39.99
N PRO A 1009 4.33 73.55 -38.78
CA PRO A 1009 5.17 74.63 -38.29
C PRO A 1009 6.42 74.93 -39.09
N HIS A 1010 6.73 76.23 -39.27
CA HIS A 1010 7.76 76.66 -40.19
C HIS A 1010 8.35 77.98 -39.73
N GLY A 1011 9.67 78.14 -39.86
CA GLY A 1011 10.32 79.41 -39.56
C GLY A 1011 11.80 79.26 -39.29
N TYR A 1012 12.57 80.27 -39.71
CA TYR A 1012 14.02 80.29 -39.58
C TYR A 1012 14.41 81.13 -38.37
N GLU A 1013 14.81 80.48 -37.29
CA GLU A 1013 15.03 81.13 -36.02
C GLU A 1013 16.33 80.73 -35.32
N GLY A 1014 17.11 79.81 -35.90
CA GLY A 1014 18.41 79.46 -35.35
C GLY A 1014 18.41 78.18 -34.52
N GLN A 1015 17.47 77.27 -34.77
CA GLN A 1015 17.41 76.04 -34.00
C GLN A 1015 18.02 74.87 -34.74
N GLY A 1016 18.54 75.09 -35.95
CA GLY A 1016 19.28 74.08 -36.65
C GLY A 1016 18.54 73.55 -37.88
N PRO A 1017 19.16 72.64 -38.66
CA PRO A 1017 18.58 72.17 -39.90
C PRO A 1017 17.36 71.23 -39.86
N ASP A 1018 17.05 70.65 -38.71
CA ASP A 1018 15.89 69.77 -38.61
C ASP A 1018 14.78 70.40 -37.79
N HIS A 1019 14.85 71.71 -37.58
CA HIS A 1019 13.82 72.45 -36.88
C HIS A 1019 13.65 73.81 -37.53
N SER A 1020 13.61 73.89 -38.85
CA SER A 1020 13.57 75.16 -39.54
C SER A 1020 12.62 75.21 -40.74
N SER A 1021 12.48 74.16 -41.56
CA SER A 1021 11.72 74.28 -42.79
C SER A 1021 10.78 73.11 -43.02
N ALA A 1022 9.56 73.42 -43.46
CA ALA A 1022 8.56 72.43 -43.79
C ALA A 1022 8.55 72.11 -45.28
N ARG A 1023 9.52 72.66 -46.03
CA ARG A 1023 9.75 72.33 -47.41
C ARG A 1023 8.61 72.83 -48.29
N ILE A 1024 8.49 74.15 -48.39
CA ILE A 1024 7.45 74.80 -49.17
C ILE A 1024 7.63 74.44 -50.64
N GLU A 1025 8.88 74.39 -51.11
CA GLU A 1025 9.19 74.16 -52.50
C GLU A 1025 8.65 72.82 -52.98
N ARG A 1026 8.66 71.81 -52.11
CA ARG A 1026 8.22 70.49 -52.48
C ARG A 1026 6.71 70.48 -52.70
N PHE A 1027 5.97 71.18 -51.84
CA PHE A 1027 4.52 71.23 -51.94
C PHE A 1027 4.10 72.02 -53.16
N LEU A 1028 4.84 73.05 -53.53
CA LEU A 1028 4.47 73.84 -54.67
C LEU A 1028 4.80 73.12 -55.98
N GLN A 1029 5.69 72.12 -55.97
CA GLN A 1029 5.92 71.29 -57.14
C GLN A 1029 4.71 70.42 -57.42
N LEU A 1030 4.13 69.83 -56.37
CA LEU A 1030 3.03 68.90 -56.51
C LEU A 1030 1.75 69.58 -56.98
N CYS A 1031 1.68 70.91 -56.94
CA CYS A 1031 0.46 71.62 -57.28
C CYS A 1031 0.34 71.85 -58.78
N ALA A 1032 -0.82 71.48 -59.34
CA ALA A 1032 -1.19 71.76 -60.70
C ALA A 1032 -2.67 71.46 -60.87
N GLU A 1033 -3.32 72.16 -61.80
CA GLU A 1033 -4.74 71.98 -62.09
C GLU A 1033 -5.61 72.38 -60.89
N GLY A 1034 -5.11 73.26 -60.04
CA GLY A 1034 -5.83 73.64 -58.83
C GLY A 1034 -6.14 72.46 -57.92
N SER A 1035 -5.12 71.66 -57.59
CA SER A 1035 -5.33 70.42 -56.87
C SER A 1035 -5.52 70.68 -55.38
N MET A 1036 -4.75 71.59 -54.79
CA MET A 1036 -4.93 71.95 -53.39
C MET A 1036 -4.51 73.39 -53.14
N THR A 1037 -4.87 73.91 -51.95
CA THR A 1037 -4.65 75.29 -51.53
C THR A 1037 -3.48 75.35 -50.55
N VAL A 1038 -2.54 76.28 -50.78
CA VAL A 1038 -1.35 76.45 -49.95
C VAL A 1038 -1.27 77.90 -49.48
N ALA A 1039 -1.07 78.10 -48.17
CA ALA A 1039 -1.14 79.42 -47.56
C ALA A 1039 -0.15 79.58 -46.40
N GLN A 1040 0.21 80.83 -46.12
CA GLN A 1040 1.09 81.19 -45.00
C GLN A 1040 0.64 82.52 -44.42
N PRO A 1041 -0.39 82.56 -43.55
CA PRO A 1041 -0.93 83.82 -43.06
C PRO A 1041 -0.09 84.50 -41.98
N SER A 1042 -0.36 85.80 -41.77
CA SER A 1042 0.47 86.62 -40.91
C SER A 1042 -0.27 87.25 -39.73
N THR A 1043 -1.58 87.01 -39.60
CA THR A 1043 -2.35 87.55 -38.49
C THR A 1043 -3.37 86.54 -38.05
N PRO A 1044 -3.68 86.40 -36.74
CA PRO A 1044 -4.69 85.46 -36.26
C PRO A 1044 -6.07 85.52 -36.90
N ALA A 1045 -6.53 86.73 -37.21
CA ALA A 1045 -7.81 86.92 -37.83
C ALA A 1045 -7.85 86.33 -39.23
N ASN A 1046 -6.73 86.40 -39.95
CA ASN A 1046 -6.68 85.94 -41.31
C ASN A 1046 -6.62 84.40 -41.32
N HIS A 1047 -6.07 83.80 -40.28
CA HIS A 1047 -6.07 82.36 -40.14
C HIS A 1047 -7.47 81.88 -39.87
N PHE A 1048 -8.23 82.65 -39.09
CA PHE A 1048 -9.60 82.34 -38.73
C PHE A 1048 -10.47 82.31 -39.97
N HIS A 1049 -10.32 83.31 -40.82
CA HIS A 1049 -11.15 83.44 -41.99
C HIS A 1049 -10.84 82.37 -43.02
N LEU A 1050 -9.57 81.95 -43.13
CA LEU A 1050 -9.16 80.93 -44.06
C LEU A 1050 -9.77 79.58 -43.69
N LEU A 1051 -9.76 79.24 -42.41
CA LEU A 1051 -10.29 77.97 -41.96
C LEU A 1051 -11.80 77.92 -42.17
N ARG A 1052 -12.49 79.04 -41.95
CA ARG A 1052 -13.94 79.07 -42.04
C ARG A 1052 -14.40 79.03 -43.48
N ARG A 1053 -13.66 79.64 -44.40
CA ARG A 1053 -14.01 79.61 -45.80
C ARG A 1053 -13.92 78.20 -46.34
N HIS A 1054 -12.91 77.45 -45.89
CA HIS A 1054 -12.71 76.09 -46.31
C HIS A 1054 -13.85 75.21 -45.84
N ALA A 1055 -14.32 75.41 -44.61
CA ALA A 1055 -15.30 74.53 -44.01
C ALA A 1055 -16.69 74.78 -44.54
N LEU A 1056 -17.00 76.01 -44.94
CA LEU A 1056 -18.35 76.37 -45.32
C LEU A 1056 -18.55 76.37 -46.82
N SER A 1057 -17.51 76.10 -47.61
CA SER A 1057 -17.63 76.09 -49.07
C SER A 1057 -18.02 74.71 -49.55
N ASP A 1058 -18.10 74.55 -50.88
CA ASP A 1058 -18.41 73.29 -51.51
C ASP A 1058 -17.27 72.89 -52.44
N LEU A 1059 -16.04 73.31 -52.11
CA LEU A 1059 -14.84 72.97 -52.86
C LEU A 1059 -14.09 71.91 -52.07
N LYS A 1060 -14.17 70.67 -52.52
CA LYS A 1060 -13.68 69.54 -51.76
C LYS A 1060 -12.25 69.21 -52.16
N ARG A 1061 -11.31 70.04 -51.73
CA ARG A 1061 -9.89 69.85 -51.97
C ARG A 1061 -9.11 70.17 -50.71
N PRO A 1062 -7.93 69.58 -50.49
CA PRO A 1062 -7.15 69.82 -49.28
C PRO A 1062 -6.56 71.21 -49.09
N LEU A 1063 -6.16 71.50 -47.84
CA LEU A 1063 -5.63 72.79 -47.44
C LEU A 1063 -4.36 72.59 -46.62
N VAL A 1064 -3.26 73.23 -47.05
CA VAL A 1064 -1.96 73.13 -46.40
C VAL A 1064 -1.58 74.51 -45.88
N ILE A 1065 -1.39 74.63 -44.56
CA ILE A 1065 -1.08 75.88 -43.89
C ILE A 1065 0.29 75.77 -43.24
N PHE A 1066 1.08 76.84 -43.32
CA PHE A 1066 2.39 76.94 -42.71
C PHE A 1066 2.31 77.86 -41.50
N THR A 1067 2.40 77.27 -40.30
CA THR A 1067 2.08 77.93 -39.04
C THR A 1067 3.34 78.42 -38.37
N PRO A 1068 3.29 79.47 -37.51
CA PRO A 1068 4.48 79.99 -36.86
C PRO A 1068 4.94 79.36 -35.54
N LYS A 1069 6.13 79.77 -35.08
CA LYS A 1069 6.74 79.25 -33.87
C LYS A 1069 7.08 80.37 -32.89
N SER A 1070 7.63 81.47 -33.38
CA SER A 1070 8.03 82.58 -32.55
C SER A 1070 7.00 83.71 -32.60
N MET A 1071 6.26 83.78 -33.71
CA MET A 1071 5.25 84.79 -33.92
C MET A 1071 4.03 84.49 -33.06
N LEU A 1072 3.97 83.29 -32.47
CA LEU A 1072 2.91 82.91 -31.55
C LEU A 1072 2.78 83.92 -30.41
N ARG A 1073 3.89 84.54 -30.00
CA ARG A 1073 3.90 85.41 -28.84
C ARG A 1073 4.44 86.79 -29.17
N ASN A 1074 4.27 87.25 -30.41
CA ASN A 1074 4.69 88.56 -30.83
C ASN A 1074 3.52 89.51 -30.71
N LYS A 1075 3.72 90.67 -30.10
CA LYS A 1075 2.62 91.54 -29.73
C LYS A 1075 2.27 92.47 -30.87
N ALA A 1076 3.08 92.51 -31.92
CA ALA A 1076 2.75 93.31 -33.09
C ALA A 1076 1.84 92.54 -34.04
N ALA A 1077 1.62 91.25 -33.77
CA ALA A 1077 0.86 90.41 -34.65
C ALA A 1077 -0.53 90.11 -34.11
N ALA A 1078 -0.89 90.66 -32.94
CA ALA A 1078 -2.17 90.36 -32.33
C ALA A 1078 -3.29 91.09 -33.05
N SER A 1079 -4.53 90.64 -32.84
CA SER A 1079 -5.70 91.10 -33.57
C SER A 1079 -6.77 91.68 -32.64
N ALA A 1080 -7.60 92.58 -33.17
CA ALA A 1080 -8.68 93.23 -32.44
C ALA A 1080 -9.99 92.53 -32.71
N PRO A 1081 -11.01 92.65 -31.85
CA PRO A 1081 -12.29 91.98 -32.05
C PRO A 1081 -13.07 92.33 -33.32
N GLU A 1082 -12.89 93.56 -33.81
CA GLU A 1082 -13.56 94.00 -35.02
C GLU A 1082 -13.11 93.19 -36.22
N ASP A 1083 -11.92 92.58 -36.15
CA ASP A 1083 -11.38 91.82 -37.25
C ASP A 1083 -12.07 90.48 -37.38
N PHE A 1084 -12.76 90.02 -36.33
CA PHE A 1084 -13.50 88.78 -36.39
C PHE A 1084 -14.99 89.00 -36.65
N THR A 1085 -15.49 90.23 -36.48
CA THR A 1085 -16.93 90.48 -36.49
C THR A 1085 -17.37 91.54 -37.49
N GLU A 1086 -16.46 92.36 -38.01
CA GLU A 1086 -16.85 93.38 -38.98
C GLU A 1086 -16.18 93.17 -40.33
N VAL A 1087 -14.98 92.58 -40.38
CA VAL A 1087 -14.34 92.20 -41.63
C VAL A 1087 -14.95 90.89 -42.09
N THR A 1088 -15.35 90.82 -43.36
CA THR A 1088 -16.25 89.80 -43.84
C THR A 1088 -15.53 88.63 -44.50
N LYS A 1089 -14.36 88.85 -45.11
CA LYS A 1089 -13.71 87.87 -45.96
C LYS A 1089 -12.23 87.73 -45.64
N PHE A 1090 -11.63 86.66 -46.16
CA PHE A 1090 -10.19 86.39 -46.10
C PHE A 1090 -9.46 87.22 -47.14
N GLN A 1091 -8.29 87.73 -46.78
CA GLN A 1091 -7.49 88.55 -47.66
C GLN A 1091 -6.30 87.73 -48.16
N SER A 1092 -6.05 87.78 -49.47
CA SER A 1092 -4.98 87.03 -50.09
C SER A 1092 -3.74 87.89 -50.26
N VAL A 1093 -3.92 89.20 -50.37
CA VAL A 1093 -2.83 90.15 -50.42
C VAL A 1093 -3.17 91.29 -49.46
N ILE A 1094 -2.23 91.64 -48.58
CA ILE A 1094 -2.40 92.75 -47.64
C ILE A 1094 -1.42 93.84 -48.01
N ASN A 1095 -1.92 95.00 -48.37
CA ASN A 1095 -1.12 96.13 -48.80
C ASN A 1095 -0.54 96.82 -47.57
N ASP A 1096 0.44 97.70 -47.78
CA ASP A 1096 1.20 98.30 -46.69
C ASP A 1096 0.31 99.29 -45.93
N PRO A 1097 0.16 99.15 -44.60
CA PRO A 1097 -0.62 100.11 -43.83
C PRO A 1097 0.08 101.34 -43.31
N ASN A 1098 1.35 101.55 -43.67
CA ASN A 1098 2.09 102.71 -43.19
C ASN A 1098 2.71 103.45 -44.37
N VAL A 1099 1.89 103.79 -45.36
CA VAL A 1099 2.34 104.61 -46.47
C VAL A 1099 1.66 105.96 -46.40
N ALA A 1100 2.48 107.02 -46.19
CA ALA A 1100 1.98 108.37 -46.06
C ALA A 1100 1.48 108.87 -47.41
N ASP A 1101 2.35 108.82 -48.43
CA ASP A 1101 2.03 109.28 -49.76
C ASP A 1101 2.50 108.24 -50.77
N ALA A 1102 1.61 107.88 -51.70
CA ALA A 1102 1.84 106.76 -52.59
C ALA A 1102 2.59 107.20 -53.84
N ALA A 1103 2.72 108.51 -54.05
CA ALA A 1103 3.36 109.03 -55.24
C ALA A 1103 4.86 109.19 -55.02
N LYS A 1104 5.36 108.86 -53.83
CA LYS A 1104 6.77 108.99 -53.52
C LYS A 1104 7.44 107.62 -53.37
N VAL A 1105 6.72 106.53 -53.68
CA VAL A 1105 7.27 105.20 -53.56
C VAL A 1105 8.07 104.88 -54.83
N LYS A 1106 9.24 104.25 -54.66
CA LYS A 1106 10.09 103.88 -55.79
C LYS A 1106 10.61 102.45 -55.67
N LYS A 1107 10.24 101.72 -54.62
CA LYS A 1107 10.57 100.31 -54.51
C LYS A 1107 9.42 99.59 -53.83
N VAL A 1108 9.04 98.42 -54.35
CA VAL A 1108 8.04 97.57 -53.76
C VAL A 1108 8.71 96.25 -53.36
N MET A 1109 8.49 95.81 -52.13
CA MET A 1109 8.97 94.54 -51.64
C MET A 1109 7.81 93.58 -51.49
N LEU A 1110 7.97 92.34 -51.96
CA LEU A 1110 7.00 91.28 -51.75
C LEU A 1110 7.56 90.29 -50.74
N VAL A 1111 6.75 89.90 -49.76
CA VAL A 1111 7.19 89.05 -48.68
C VAL A 1111 6.06 88.10 -48.31
N SER A 1112 6.37 87.00 -47.62
CA SER A 1112 5.38 86.10 -47.07
C SER A 1112 5.84 85.59 -45.72
N GLY A 1113 4.99 85.71 -44.69
CA GLY A 1113 5.25 85.11 -43.39
C GLY A 1113 5.78 86.11 -42.37
N LYS A 1114 6.69 85.64 -41.51
CA LYS A 1114 7.11 86.37 -40.33
C LYS A 1114 8.20 87.38 -40.59
N LEU A 1115 8.79 87.39 -41.77
CA LEU A 1115 9.87 88.32 -42.04
C LEU A 1115 9.30 89.72 -42.26
N TYR A 1116 7.97 89.83 -42.36
CA TYR A 1116 7.34 91.12 -42.53
C TYR A 1116 7.68 92.02 -41.35
N TYR A 1117 7.62 91.46 -40.15
CA TYR A 1117 7.65 92.25 -38.94
C TYR A 1117 9.04 92.80 -38.69
N GLU A 1118 10.07 92.25 -39.35
CA GLU A 1118 11.42 92.75 -39.23
C GLU A 1118 11.65 93.89 -40.22
N LEU A 1119 11.15 93.71 -41.44
CA LEU A 1119 11.31 94.72 -42.46
C LEU A 1119 10.55 95.98 -42.06
N ALA A 1120 9.36 95.80 -41.47
CA ALA A 1120 8.52 96.90 -41.06
C ALA A 1120 9.20 97.73 -39.97
N LYS A 1121 9.81 97.01 -39.03
CA LYS A 1121 10.53 97.58 -37.91
C LYS A 1121 11.62 98.51 -38.42
N ARG A 1122 12.38 98.03 -39.40
CA ARG A 1122 13.53 98.75 -39.91
C ARG A 1122 13.09 99.97 -40.70
N LYS A 1123 11.97 99.84 -41.39
CA LYS A 1123 11.45 100.93 -42.21
C LYS A 1123 11.06 102.10 -41.34
N GLU A 1124 10.51 101.81 -40.16
CA GLU A 1124 10.09 102.83 -39.21
C GLU A 1124 11.29 103.52 -38.61
N LYS A 1125 12.33 102.75 -38.30
CA LYS A 1125 13.52 103.25 -37.62
C LYS A 1125 14.28 104.19 -38.53
N ASP A 1126 14.39 103.87 -39.80
CA ASP A 1126 15.23 104.63 -40.72
C ASP A 1126 14.42 105.69 -41.45
N GLY A 1127 13.10 105.67 -41.30
CA GLY A 1127 12.27 106.71 -41.87
C GLY A 1127 12.27 106.69 -43.39
N ARG A 1128 12.02 105.53 -43.98
CA ARG A 1128 12.02 105.37 -45.42
C ARG A 1128 10.60 105.52 -45.94
N ASP A 1129 10.38 106.50 -46.82
CA ASP A 1129 9.08 106.79 -47.38
C ASP A 1129 9.06 106.44 -48.87
N ASP A 1130 10.14 105.81 -49.36
CA ASP A 1130 10.24 105.44 -50.75
C ASP A 1130 10.08 103.93 -50.90
N ILE A 1131 9.70 103.23 -49.83
CA ILE A 1131 9.52 101.80 -49.85
C ILE A 1131 8.09 101.45 -49.45
N ALA A 1132 7.55 100.36 -50.01
CA ALA A 1132 6.27 99.80 -49.62
C ALA A 1132 6.36 98.28 -49.52
N ILE A 1133 5.97 97.70 -48.39
CA ILE A 1133 6.03 96.27 -48.17
C ILE A 1133 4.64 95.65 -48.37
N VAL A 1134 4.53 94.66 -49.25
CA VAL A 1134 3.27 94.00 -49.61
C VAL A 1134 3.36 92.51 -49.31
N ARG A 1135 2.35 91.96 -48.65
CA ARG A 1135 2.35 90.59 -48.17
C ARG A 1135 1.52 89.70 -49.07
N ILE A 1136 1.93 88.43 -49.22
CA ILE A 1136 1.21 87.41 -49.96
C ILE A 1136 0.86 86.30 -49.01
N GLU A 1137 -0.44 86.05 -48.81
CA GLU A 1137 -0.93 85.16 -47.77
C GLU A 1137 -1.29 83.81 -48.36
N MET A 1138 -1.82 83.81 -49.59
CA MET A 1138 -2.14 82.59 -50.31
C MET A 1138 -1.12 82.42 -51.43
N LEU A 1139 -0.39 81.29 -51.40
CA LEU A 1139 0.72 81.04 -52.31
C LEU A 1139 0.22 80.35 -53.56
N HIS A 1140 -0.63 79.33 -53.41
CA HIS A 1140 -1.26 78.65 -54.53
C HIS A 1140 -2.74 78.48 -54.28
N PRO A 1141 -3.65 78.88 -55.18
CA PRO A 1141 -3.34 79.57 -56.44
C PRO A 1141 -2.76 80.96 -56.30
N ILE A 1142 -2.19 81.47 -57.40
CA ILE A 1142 -1.56 82.77 -57.39
C ILE A 1142 -2.64 83.82 -57.54
N PRO A 1143 -2.76 84.76 -56.59
CA PRO A 1143 -3.71 85.86 -56.72
C PRO A 1143 -3.13 86.99 -57.55
N PHE A 1144 -3.12 86.82 -58.86
CA PHE A 1144 -2.38 87.70 -59.72
C PHE A 1144 -3.14 88.98 -60.00
N ASN A 1145 -4.47 88.96 -59.83
CA ASN A 1145 -5.28 90.15 -60.03
C ASN A 1145 -5.06 91.13 -58.90
N ARG A 1146 -4.91 90.62 -57.67
CA ARG A 1146 -4.70 91.46 -56.52
C ARG A 1146 -3.29 92.03 -56.51
N ILE A 1147 -2.29 91.22 -56.90
CA ILE A 1147 -0.92 91.69 -56.94
C ILE A 1147 -0.82 92.78 -57.99
N SER A 1148 -1.53 92.61 -59.10
CA SER A 1148 -1.50 93.60 -60.16
C SER A 1148 -2.10 94.90 -59.68
N GLU A 1149 -3.19 94.80 -58.91
CA GLU A 1149 -3.92 95.95 -58.41
C GLU A 1149 -3.04 96.73 -57.44
N ALA A 1150 -2.32 96.01 -56.58
CA ALA A 1150 -1.46 96.61 -55.58
C ALA A 1150 -0.30 97.36 -56.24
N LEU A 1151 0.34 96.72 -57.23
CA LEU A 1151 1.47 97.31 -57.92
C LEU A 1151 1.02 98.55 -58.69
N ALA A 1152 -0.21 98.54 -59.21
CA ALA A 1152 -0.72 99.65 -60.00
C ALA A 1152 -0.98 100.87 -59.13
N GLY A 1153 -1.16 100.67 -57.83
CA GLY A 1153 -1.41 101.75 -56.90
C GLY A 1153 -0.17 102.61 -56.64
N TYR A 1154 1.01 102.12 -57.05
CA TYR A 1154 2.24 102.88 -56.94
C TYR A 1154 2.77 103.17 -58.34
N PRO A 1155 2.40 104.29 -58.97
CA PRO A 1155 2.70 104.54 -60.38
C PRO A 1155 4.12 104.99 -60.74
N ASN A 1156 4.96 105.26 -59.73
CA ASN A 1156 6.31 105.72 -59.97
C ASN A 1156 7.33 104.69 -59.52
N ALA A 1157 6.92 103.43 -59.37
CA ALA A 1157 7.81 102.37 -58.95
C ALA A 1157 8.73 101.97 -60.09
N GLU A 1158 9.98 101.64 -59.76
CA GLU A 1158 11.00 101.30 -60.74
C GLU A 1158 11.51 99.89 -60.52
N GLU A 1159 11.41 99.38 -59.28
CA GLU A 1159 11.94 98.07 -58.93
C GLU A 1159 10.88 97.26 -58.20
N VAL A 1160 11.00 95.93 -58.29
CA VAL A 1160 10.27 95.00 -57.45
C VAL A 1160 11.27 94.01 -56.88
N LEU A 1161 11.23 93.81 -55.57
CA LEU A 1161 12.11 92.91 -54.86
C LEU A 1161 11.29 91.78 -54.27
N PHE A 1162 11.77 90.54 -54.37
CA PHE A 1162 11.16 89.41 -53.70
C PHE A 1162 12.08 89.00 -52.57
N VAL A 1163 11.59 89.05 -51.33
CA VAL A 1163 12.43 88.86 -50.16
C VAL A 1163 11.97 87.61 -49.42
N GLN A 1164 12.89 86.69 -49.14
CA GLN A 1164 12.58 85.51 -48.35
C GLN A 1164 13.74 85.15 -47.45
N ASP A 1165 13.46 84.37 -46.42
CA ASP A 1165 14.46 83.91 -45.47
C ASP A 1165 15.15 82.64 -45.94
N GLU A 1166 14.48 81.84 -46.77
CA GLU A 1166 14.99 80.52 -47.12
C GLU A 1166 16.13 80.66 -48.11
N PRO A 1167 17.01 79.65 -48.25
CA PRO A 1167 17.99 79.62 -49.32
C PRO A 1167 17.38 79.74 -50.71
N ALA A 1168 18.19 80.07 -51.71
CA ALA A 1168 17.70 80.46 -53.01
C ALA A 1168 17.11 79.28 -53.79
N ASN A 1169 17.40 78.05 -53.39
CA ASN A 1169 16.85 76.88 -54.04
C ASN A 1169 15.70 76.31 -53.24
N GLN A 1170 15.22 77.06 -52.26
CA GLN A 1170 14.14 76.63 -51.39
C GLN A 1170 13.16 77.80 -51.22
N GLY A 1171 12.04 77.55 -50.55
CA GLY A 1171 11.05 78.57 -50.30
C GLY A 1171 10.18 78.83 -51.52
N PRO A 1172 9.35 79.88 -51.55
CA PRO A 1172 8.53 80.20 -52.71
C PRO A 1172 9.11 80.85 -53.96
N TRP A 1173 10.41 81.15 -53.99
CA TRP A 1173 10.99 81.91 -55.09
C TRP A 1173 11.01 81.12 -56.39
N PRO A 1174 11.45 79.84 -56.42
CA PRO A 1174 11.47 79.07 -57.65
C PRO A 1174 10.15 79.03 -58.41
N PHE A 1175 9.04 78.91 -57.66
CA PHE A 1175 7.71 78.84 -58.22
C PHE A 1175 7.30 80.17 -58.81
N TYR A 1176 7.61 81.26 -58.10
CA TYR A 1176 7.12 82.57 -58.47
C TYR A 1176 7.92 83.17 -59.61
N GLN A 1177 9.22 82.87 -59.70
CA GLN A 1177 10.04 83.44 -60.75
C GLN A 1177 9.65 82.85 -62.10
N GLU A 1178 9.07 81.64 -62.09
CA GLU A 1178 8.65 80.97 -63.31
C GLU A 1178 7.31 81.50 -63.78
N HIS A 1179 6.36 81.66 -62.86
CA HIS A 1179 4.95 81.82 -63.20
C HIS A 1179 4.48 83.26 -63.20
N LEU A 1180 5.06 84.14 -62.38
CA LEU A 1180 4.43 85.43 -62.14
C LEU A 1180 4.68 86.38 -63.31
N PRO A 1181 5.87 86.43 -63.93
CA PRO A 1181 6.06 87.29 -65.10
C PRO A 1181 5.13 87.07 -66.28
N GLU A 1182 4.66 85.84 -66.48
CA GLU A 1182 3.72 85.52 -67.54
C GLU A 1182 2.36 86.12 -67.23
N LEU A 1183 1.94 86.03 -65.97
CA LEU A 1183 0.59 86.42 -65.56
C LEU A 1183 0.47 87.93 -65.43
N ILE A 1184 1.58 88.64 -65.17
CA ILE A 1184 1.56 90.09 -65.11
C ILE A 1184 2.61 90.62 -66.07
N PRO A 1185 2.28 90.77 -67.38
CA PRO A 1185 3.26 91.18 -68.38
C PRO A 1185 3.98 92.52 -68.19
N ASN A 1186 3.32 93.49 -67.55
CA ASN A 1186 3.82 94.84 -67.52
C ASN A 1186 4.63 95.12 -66.26
N MET A 1187 4.89 94.08 -65.45
CA MET A 1187 5.61 94.23 -64.20
C MET A 1187 7.10 94.39 -64.50
N PRO A 1188 7.85 95.23 -63.74
CA PRO A 1188 9.31 95.29 -63.86
C PRO A 1188 9.97 93.95 -63.52
N LYS A 1189 11.23 93.78 -63.93
CA LYS A 1189 11.93 92.54 -63.64
C LYS A 1189 12.14 92.41 -62.14
N MET A 1190 11.90 91.21 -61.61
CA MET A 1190 12.00 90.95 -60.19
C MET A 1190 13.47 90.72 -59.83
N ARG A 1191 13.82 90.99 -58.57
CA ARG A 1191 15.15 90.80 -58.06
C ARG A 1191 15.07 90.05 -56.74
N ARG A 1192 15.81 88.96 -56.61
CA ARG A 1192 15.77 88.11 -55.44
C ARG A 1192 16.63 88.72 -54.35
N VAL A 1193 16.17 88.61 -53.09
CA VAL A 1193 16.99 88.86 -51.93
C VAL A 1193 16.73 87.74 -50.93
N SER A 1194 17.72 86.89 -50.69
CA SER A 1194 17.58 85.73 -49.85
C SER A 1194 18.93 85.25 -49.35
N ARG A 1195 18.93 84.13 -48.64
CA ARG A 1195 20.15 83.42 -48.31
C ARG A 1195 20.68 82.69 -49.54
N ARG A 1196 21.97 82.35 -49.54
CA ARG A 1196 22.60 81.61 -50.64
C ARG A 1196 22.09 80.18 -50.68
N ALA A 1197 22.25 79.52 -51.84
CA ALA A 1197 21.79 78.16 -52.02
C ALA A 1197 22.63 77.19 -51.21
N GLN A 1198 21.98 76.16 -50.65
CA GLN A 1198 22.63 75.26 -49.72
C GLN A 1198 22.15 73.83 -49.95
N SER A 1199 22.98 72.88 -49.54
CA SER A 1199 22.66 71.47 -49.62
C SER A 1199 21.78 71.05 -48.45
N SER A 1200 22.01 71.66 -47.28
CA SER A 1200 21.15 71.46 -46.13
C SER A 1200 20.15 72.60 -46.04
N THR A 1201 19.27 72.53 -45.04
CA THR A 1201 18.19 73.48 -44.87
C THR A 1201 18.68 74.77 -44.24
N ALA A 1202 19.52 74.67 -43.20
CA ALA A 1202 19.98 75.82 -42.45
C ALA A 1202 21.27 75.50 -41.71
N THR A 1203 21.90 76.54 -41.14
CA THR A 1203 23.14 76.39 -40.39
C THR A 1203 22.88 75.74 -39.04
N GLY A 1204 23.95 75.27 -38.41
CA GLY A 1204 23.86 74.63 -37.11
C GLY A 1204 24.39 75.52 -35.99
N VAL A 1205 25.04 76.63 -36.36
CA VAL A 1205 25.58 77.60 -35.42
C VAL A 1205 24.63 78.77 -35.31
N ALA A 1206 24.43 79.27 -34.09
CA ALA A 1206 23.45 80.31 -33.82
C ALA A 1206 23.99 81.69 -34.13
N LYS A 1207 25.28 81.93 -33.90
CA LYS A 1207 25.85 83.23 -34.16
C LYS A 1207 25.88 83.51 -35.66
N VAL A 1208 26.08 82.46 -36.46
CA VAL A 1208 26.10 82.59 -37.91
C VAL A 1208 24.72 82.94 -38.42
N HIS A 1209 23.68 82.39 -37.78
CA HIS A 1209 22.31 82.68 -38.13
C HIS A 1209 22.03 84.17 -37.97
N GLN A 1210 22.50 84.75 -36.88
CA GLN A 1210 22.23 86.14 -36.59
C GLN A 1210 22.97 87.03 -37.57
N LEU A 1211 24.17 86.63 -37.97
CA LEU A 1211 24.97 87.39 -38.91
C LEU A 1211 24.32 87.39 -40.28
N GLU A 1212 23.76 86.25 -40.68
CA GLU A 1212 23.11 86.10 -41.97
C GLU A 1212 21.86 86.98 -42.07
N GLU A 1213 21.10 87.05 -40.97
CA GLU A 1213 19.85 87.79 -40.97
C GLU A 1213 20.13 89.28 -41.13
N LYS A 1214 21.19 89.76 -40.48
CA LYS A 1214 21.57 91.16 -40.57
C LYS A 1214 21.97 91.48 -42.00
N GLN A 1215 22.73 90.59 -42.62
CA GLN A 1215 23.25 90.77 -43.97
C GLN A 1215 22.10 90.87 -44.96
N LEU A 1216 21.05 90.07 -44.72
CA LEU A 1216 19.90 89.96 -45.61
C LEU A 1216 19.09 91.26 -45.60
N ILE A 1217 18.78 91.76 -44.41
CA ILE A 1217 17.94 92.93 -44.28
C ILE A 1217 18.69 94.16 -44.78
N ASP A 1218 20.01 94.18 -44.61
CA ASP A 1218 20.81 95.30 -45.08
C ASP A 1218 20.80 95.35 -46.60
N GLU A 1219 20.84 94.18 -47.22
CA GLU A 1219 20.88 94.08 -48.67
C GLU A 1219 19.56 94.55 -49.27
N ALA A 1220 18.46 94.34 -48.53
CA ALA A 1220 17.13 94.73 -48.99
C ALA A 1220 16.98 96.24 -49.05
N PHE A 1221 17.58 96.94 -48.09
CA PHE A 1221 17.46 98.39 -48.01
C PHE A 1221 18.67 99.07 -48.64
N GLU A 1222 19.18 98.50 -49.73
CA GLU A 1222 20.32 99.02 -50.47
C GLU A 1222 21.58 98.92 -49.61
N PRO B 104 14.87 35.10 56.71
CA PRO B 104 13.76 34.79 57.62
C PRO B 104 13.37 35.99 58.49
N GLY B 105 12.05 36.16 58.69
CA GLY B 105 11.52 37.20 59.56
C GLY B 105 10.57 38.14 58.83
N GLN B 106 10.25 39.25 59.50
CA GLN B 106 9.29 40.23 59.02
C GLN B 106 10.03 41.46 58.52
N THR B 107 9.50 42.12 57.48
CA THR B 107 10.10 43.32 56.96
C THR B 107 9.05 44.18 56.27
N PRO B 108 8.93 45.47 56.63
CA PRO B 108 7.99 46.39 55.97
C PRO B 108 8.15 46.52 54.46
N ILE B 109 7.02 46.68 53.77
CA ILE B 109 6.99 46.88 52.33
C ILE B 109 7.17 48.36 52.06
N ARG B 110 8.13 48.69 51.20
CA ARG B 110 8.45 50.08 50.92
C ARG B 110 8.59 50.29 49.41
N GLY B 111 8.18 51.47 48.94
CA GLY B 111 8.49 51.91 47.59
C GLY B 111 7.36 51.60 46.60
N ILE B 112 7.75 51.11 45.42
CA ILE B 112 6.81 50.75 44.37
C ILE B 112 5.95 49.58 44.82
N PHE B 113 6.50 48.72 45.69
CA PHE B 113 5.83 47.52 46.15
C PHE B 113 4.68 47.87 47.08
N LYS B 114 4.83 48.96 47.84
CA LYS B 114 3.77 49.42 48.72
C LYS B 114 2.60 49.93 47.88
N SER B 115 2.89 50.55 46.73
CA SER B 115 1.87 51.05 45.83
C SER B 115 1.11 49.90 45.18
N ILE B 116 1.82 48.83 44.82
CA ILE B 116 1.23 47.66 44.19
C ILE B 116 0.29 46.97 45.18
N ALA B 117 0.71 46.94 46.44
CA ALA B 117 -0.06 46.28 47.49
C ALA B 117 -1.36 47.04 47.75
N LYS B 118 -1.31 48.36 47.75
CA LYS B 118 -2.45 49.18 48.10
C LYS B 118 -3.51 49.10 47.00
N ASN B 119 -3.08 49.05 45.74
CA ASN B 119 -4.00 49.01 44.62
C ASN B 119 -4.72 47.68 44.56
N MET B 120 -4.03 46.59 44.90
CA MET B 120 -4.61 45.26 44.89
C MET B 120 -5.70 45.16 45.95
N ASP B 121 -5.51 45.87 47.07
CA ASP B 121 -6.48 45.90 48.15
C ASP B 121 -7.71 46.69 47.73
N ILE B 122 -7.51 47.81 47.02
CA ILE B 122 -8.63 48.62 46.57
C ILE B 122 -9.46 47.82 45.57
N SER B 123 -8.80 46.98 44.77
CA SER B 123 -9.45 46.30 43.65
C SER B 123 -10.42 45.22 44.11
N LEU B 124 -10.47 44.97 45.41
CA LEU B 124 -11.35 43.96 45.95
C LEU B 124 -12.80 44.39 45.80
N GLU B 125 -13.05 45.67 45.51
CA GLU B 125 -14.43 46.15 45.44
C GLU B 125 -14.93 46.20 44.00
N ILE B 126 -14.35 45.36 43.12
CA ILE B 126 -14.83 45.21 41.76
C ILE B 126 -15.35 43.80 41.59
N PRO B 127 -16.64 43.58 41.27
CA PRO B 127 -17.13 42.28 40.82
C PRO B 127 -16.69 41.91 39.41
N THR B 128 -15.98 40.79 39.27
CA THR B 128 -15.35 40.44 38.00
C THR B 128 -15.82 39.09 37.50
N ALA B 129 -15.87 38.94 36.17
CA ALA B 129 -16.12 37.69 35.51
C ALA B 129 -15.15 37.53 34.33
N THR B 130 -15.00 36.30 33.83
CA THR B 130 -14.00 35.97 32.83
C THR B 130 -14.59 35.14 31.70
N SER B 131 -14.06 35.33 30.49
CA SER B 131 -14.39 34.53 29.32
C SER B 131 -13.12 34.01 28.66
N VAL B 132 -13.17 32.81 28.09
CA VAL B 132 -12.01 32.14 27.54
C VAL B 132 -12.36 31.62 26.16
N ARG B 133 -11.49 31.84 25.16
CA ARG B 133 -11.69 31.35 23.80
C ARG B 133 -10.36 30.92 23.18
N ASP B 134 -10.38 29.85 22.39
CA ASP B 134 -9.19 29.34 21.73
C ASP B 134 -9.33 29.49 20.22
N MET B 135 -8.21 29.80 19.55
CA MET B 135 -8.19 30.21 18.16
C MET B 135 -7.04 29.52 17.44
N PRO B 136 -7.16 29.24 16.13
CA PRO B 136 -6.01 28.80 15.33
C PRO B 136 -4.91 29.86 15.22
N ALA B 137 -3.67 29.43 15.03
CA ALA B 137 -2.55 30.36 15.03
C ALA B 137 -1.58 30.17 13.86
N ARG B 138 -1.96 29.40 12.84
CA ARG B 138 -1.07 29.04 11.74
C ARG B 138 -0.80 30.26 10.87
N LEU B 139 -1.85 30.99 10.53
CA LEU B 139 -1.76 32.10 9.61
C LEU B 139 -0.92 33.22 10.21
N MET B 140 -0.89 33.33 11.53
CA MET B 140 -0.09 34.36 12.18
C MET B 140 1.38 34.04 11.99
N PHE B 141 1.76 32.78 12.16
CA PHE B 141 3.14 32.39 12.01
C PHE B 141 3.62 32.65 10.59
N GLU B 142 2.79 32.30 9.60
CA GLU B 142 3.14 32.42 8.20
C GLU B 142 3.33 33.87 7.81
N ASN B 143 2.33 34.69 8.10
CA ASN B 143 2.31 36.05 7.62
C ASN B 143 3.32 36.92 8.36
N ARG B 144 3.64 36.57 9.60
CA ARG B 144 4.65 37.31 10.34
C ARG B 144 6.01 37.08 9.70
N ALA B 145 6.26 35.86 9.25
CA ALA B 145 7.53 35.51 8.64
C ALA B 145 7.73 36.27 7.34
N MET B 146 6.64 36.46 6.59
CA MET B 146 6.70 37.16 5.34
C MET B 146 7.05 38.62 5.57
N VAL B 147 6.52 39.23 6.65
CA VAL B 147 6.76 40.63 6.92
C VAL B 147 8.19 40.83 7.41
N ASN B 148 8.71 39.89 8.20
CA ASN B 148 10.03 40.05 8.77
C ASN B 148 11.11 39.83 7.72
N ASP B 149 10.81 39.07 6.66
CA ASP B 149 11.75 38.88 5.56
C ASP B 149 11.95 40.18 4.79
N GLN B 150 10.85 40.92 4.56
CA GLN B 150 10.90 42.20 3.89
C GLN B 150 11.74 43.18 4.69
N LEU B 151 11.57 43.20 6.01
CA LEU B 151 12.24 44.19 6.82
C LEU B 151 13.73 43.89 6.88
N LYS B 152 14.10 42.61 6.82
CA LYS B 152 15.50 42.23 6.93
C LYS B 152 16.28 42.72 5.72
N ARG B 153 15.68 42.65 4.53
CA ARG B 153 16.37 43.07 3.31
C ARG B 153 16.52 44.59 3.31
N THR B 154 15.55 45.30 3.91
CA THR B 154 15.54 46.76 3.94
C THR B 154 16.19 47.29 5.22
N ARG B 155 16.89 46.41 5.96
CA ARG B 155 17.58 46.77 7.19
C ARG B 155 16.66 47.54 8.13
N GLY B 156 15.40 47.08 8.23
CA GLY B 156 14.46 47.58 9.22
C GLY B 156 14.51 46.75 10.50
N GLY B 157 13.39 46.74 11.24
CA GLY B 157 13.33 46.06 12.53
C GLY B 157 12.68 44.69 12.46
N LYS B 158 11.72 44.46 13.37
CA LYS B 158 11.09 43.16 13.58
C LYS B 158 9.73 43.40 14.21
N ILE B 159 8.67 42.74 13.74
CA ILE B 159 7.40 42.80 14.43
C ILE B 159 7.18 41.52 15.24
N SER B 160 6.30 41.61 16.25
CA SER B 160 6.01 40.55 17.20
C SER B 160 4.54 40.21 17.18
N PHE B 161 4.15 39.15 17.91
CA PHE B 161 2.78 38.69 17.96
C PHE B 161 1.91 39.67 18.73
N THR B 162 2.50 40.33 19.72
CA THR B 162 1.78 41.30 20.55
C THR B 162 1.37 42.51 19.73
N HIS B 163 2.20 42.90 18.75
CA HIS B 163 1.87 44.01 17.86
C HIS B 163 0.61 43.70 17.08
N ILE B 164 0.51 42.47 16.56
CA ILE B 164 -0.60 42.10 15.70
C ILE B 164 -1.88 41.97 16.51
N ILE B 165 -1.78 41.34 17.69
CA ILE B 165 -2.94 41.10 18.53
C ILE B 165 -3.41 42.43 19.11
N GLY B 166 -2.45 43.33 19.41
CA GLY B 166 -2.76 44.66 19.87
C GLY B 166 -3.62 45.43 18.87
N TYR B 167 -3.24 45.39 17.59
CA TYR B 167 -3.93 46.15 16.57
C TYR B 167 -5.33 45.57 16.37
N ALA B 168 -5.45 44.25 16.40
CA ALA B 168 -6.73 43.58 16.24
C ALA B 168 -7.66 43.95 17.39
N MET B 169 -7.08 44.07 18.59
CA MET B 169 -7.83 44.36 19.79
C MET B 169 -8.44 45.76 19.70
N VAL B 170 -7.70 46.71 19.14
CA VAL B 170 -8.17 48.08 18.98
C VAL B 170 -9.34 48.12 18.02
N LYS B 171 -9.24 47.40 16.91
CA LYS B 171 -10.30 47.36 15.91
C LYS B 171 -11.56 46.77 16.52
N ALA B 172 -11.39 45.80 17.41
CA ALA B 172 -12.51 45.09 18.03
C ALA B 172 -13.23 45.99 19.02
N VAL B 173 -12.48 46.82 19.76
CA VAL B 173 -13.06 47.73 20.73
C VAL B 173 -13.88 48.79 20.01
N MET B 174 -13.44 49.18 18.80
CA MET B 174 -14.18 50.12 17.99
C MET B 174 -15.52 49.51 17.57
N ALA B 175 -15.52 48.22 17.25
CA ALA B 175 -16.72 47.53 16.81
C ALA B 175 -17.68 47.29 17.97
N HIS B 176 -17.16 47.20 19.20
CA HIS B 176 -17.96 46.94 20.38
C HIS B 176 -17.60 47.96 21.46
N PRO B 177 -18.13 49.20 21.37
CA PRO B 177 -17.71 50.29 22.25
C PRO B 177 -17.92 50.14 23.75
N ASP B 178 -18.85 49.26 24.16
CA ASP B 178 -19.18 49.08 25.56
C ASP B 178 -18.00 48.55 26.37
N MET B 179 -17.01 47.96 25.69
CA MET B 179 -15.88 47.36 26.37
C MET B 179 -14.92 48.44 26.87
N ASN B 180 -15.19 49.71 26.59
CA ASN B 180 -14.28 50.78 26.95
C ASN B 180 -14.80 51.57 28.16
N ASN B 181 -15.96 51.20 28.69
CA ASN B 181 -16.62 51.98 29.73
C ASN B 181 -16.15 51.53 31.11
N SER B 182 -16.41 52.36 32.14
CA SER B 182 -16.05 52.07 33.51
C SER B 182 -17.14 52.55 34.47
N TYR B 183 -16.94 52.33 35.77
CA TYR B 183 -17.95 52.59 36.80
C TYR B 183 -17.38 53.46 37.89
N ASP B 184 -18.20 54.37 38.42
CA ASP B 184 -17.79 55.22 39.54
C ASP B 184 -19.02 55.77 40.23
N VAL B 185 -18.88 56.11 41.52
CA VAL B 185 -19.97 56.72 42.26
C VAL B 185 -19.64 58.19 42.50
N ILE B 186 -20.51 59.08 42.01
CA ILE B 186 -20.28 60.51 41.95
C ILE B 186 -21.46 61.25 42.56
N ASP B 187 -21.21 62.03 43.61
CA ASP B 187 -22.29 62.68 44.34
C ASP B 187 -23.11 61.60 45.00
N GLY B 188 -22.48 60.48 45.29
CA GLY B 188 -23.17 59.36 45.88
C GLY B 188 -24.27 58.77 45.00
N LYS B 189 -24.16 58.90 43.70
CA LYS B 189 -25.02 58.14 42.81
C LYS B 189 -24.16 57.28 41.89
N PRO B 190 -24.56 56.02 41.56
CA PRO B 190 -23.99 55.25 40.50
C PRO B 190 -23.93 55.90 39.12
N THR B 191 -22.82 55.72 38.41
CA THR B 191 -22.55 56.44 37.18
C THR B 191 -21.73 55.61 36.21
N LEU B 192 -22.09 55.68 34.93
CA LEU B 192 -21.33 55.07 33.84
C LEU B 192 -20.44 56.14 33.23
N ILE B 193 -19.19 55.80 32.94
CA ILE B 193 -18.23 56.75 32.40
C ILE B 193 -17.84 56.32 31.00
N VAL B 194 -18.08 57.20 30.02
CA VAL B 194 -17.78 56.92 28.62
C VAL B 194 -16.65 57.81 28.17
N PRO B 195 -15.41 57.31 27.99
CA PRO B 195 -14.29 58.16 27.65
C PRO B 195 -14.30 58.70 26.22
N GLU B 196 -13.37 59.61 25.94
CA GLU B 196 -13.23 60.26 24.65
C GLU B 196 -12.37 59.41 23.73
N HIS B 197 -11.34 58.76 24.27
CA HIS B 197 -10.37 58.05 23.47
C HIS B 197 -10.19 56.61 23.96
N ILE B 198 -9.54 55.79 23.13
CA ILE B 198 -9.07 54.47 23.50
C ILE B 198 -7.59 54.55 23.80
N ASN B 199 -7.24 54.50 25.08
CA ASN B 199 -5.85 54.50 25.51
C ASN B 199 -5.47 53.09 25.97
N LEU B 200 -4.46 52.49 25.35
CA LEU B 200 -4.14 51.08 25.52
C LEU B 200 -2.93 50.94 26.42
N GLY B 201 -3.11 50.25 27.55
CA GLY B 201 -2.03 50.04 28.50
C GLY B 201 -1.30 48.73 28.21
N LEU B 202 0.04 48.78 28.27
CA LEU B 202 0.88 47.62 28.08
C LEU B 202 1.53 47.27 29.42
N ALA B 203 1.54 45.98 29.76
CA ALA B 203 2.15 45.50 30.98
C ALA B 203 3.58 45.09 30.69
N ILE B 204 4.54 45.92 31.13
CA ILE B 204 5.95 45.70 30.83
C ILE B 204 6.65 45.26 32.11
N ASP B 205 7.28 44.08 32.04
CA ASP B 205 8.08 43.55 33.13
C ASP B 205 9.51 44.08 32.98
N LEU B 206 9.91 44.97 33.90
CA LEU B 206 11.25 45.56 33.85
C LEU B 206 11.96 45.31 35.18
N PRO B 207 13.15 44.66 35.16
CA PRO B 207 14.04 44.60 36.33
C PRO B 207 14.58 45.97 36.74
N GLN B 208 14.88 46.10 38.04
CA GLN B 208 15.33 47.36 38.63
C GLN B 208 16.79 47.22 39.05
N LYS B 209 17.36 48.30 39.59
CA LYS B 209 18.77 48.37 39.95
C LYS B 209 19.12 47.34 41.03
N ASP B 210 18.20 47.14 41.98
CA ASP B 210 18.43 46.27 43.11
C ASP B 210 18.57 44.82 42.65
N GLY B 211 17.74 44.41 41.69
CA GLY B 211 17.67 43.04 41.22
C GLY B 211 16.31 42.40 41.48
N SER B 212 15.27 43.23 41.62
CA SER B 212 13.91 42.78 41.81
C SER B 212 13.04 43.25 40.64
N ARG B 213 12.31 42.31 40.04
CA ARG B 213 11.41 42.61 38.93
C ARG B 213 10.16 43.31 39.46
N ALA B 214 9.65 44.26 38.66
CA ALA B 214 8.38 44.92 38.95
C ALA B 214 7.62 45.14 37.65
N LEU B 215 6.29 45.10 37.72
CA LEU B 215 5.46 45.27 36.54
C LEU B 215 4.81 46.64 36.57
N VAL B 216 4.87 47.35 35.43
CA VAL B 216 4.30 48.67 35.29
C VAL B 216 3.39 48.68 34.07
N VAL B 217 2.37 49.54 34.06
CA VAL B 217 1.46 49.66 32.94
C VAL B 217 1.55 51.07 32.34
N ALA B 218 2.07 51.15 31.11
CA ALA B 218 2.25 52.39 30.37
C ALA B 218 1.25 52.48 29.24
N ALA B 219 0.94 53.69 28.78
CA ALA B 219 -0.19 53.91 27.89
C ALA B 219 0.22 54.42 26.52
N ILE B 220 -0.43 53.90 25.47
CA ILE B 220 -0.44 54.47 24.14
C ILE B 220 -1.74 55.23 23.98
N LYS B 221 -1.67 56.52 23.63
CA LYS B 221 -2.84 57.38 23.72
C LYS B 221 -3.40 57.65 22.32
N GLU B 222 -4.73 57.82 22.26
CA GLU B 222 -5.44 58.18 21.05
C GLU B 222 -5.13 57.17 19.96
N THR B 223 -5.60 55.94 20.17
CA THR B 223 -5.23 54.81 19.34
C THR B 223 -6.25 54.60 18.24
N GLU B 224 -7.43 55.20 18.37
CA GLU B 224 -8.52 54.95 17.44
C GLU B 224 -8.37 55.78 16.17
N LYS B 225 -7.28 56.54 16.06
CA LYS B 225 -6.99 57.32 14.88
C LYS B 225 -5.57 57.01 14.43
N MET B 226 -5.24 55.72 14.34
CA MET B 226 -3.93 55.27 13.93
C MET B 226 -4.07 54.14 12.90
N ASN B 227 -3.10 54.06 11.98
CA ASN B 227 -2.94 52.90 11.11
C ASN B 227 -1.80 52.05 11.67
N PHE B 228 -1.49 50.92 11.03
CA PHE B 228 -0.56 49.97 11.62
C PHE B 228 0.83 50.59 11.73
N SER B 229 1.21 51.45 10.78
CA SER B 229 2.52 52.06 10.78
C SER B 229 2.68 52.96 12.00
N GLU B 230 1.65 53.78 12.25
CA GLU B 230 1.64 54.70 13.38
C GLU B 230 1.65 53.91 14.69
N PHE B 231 0.84 52.84 14.74
CA PHE B 231 0.68 52.02 15.92
C PHE B 231 2.02 51.43 16.35
N LEU B 232 2.78 50.92 15.38
CA LEU B 232 4.01 50.22 15.66
C LEU B 232 5.03 51.19 16.25
N ALA B 233 5.05 52.42 15.73
CA ALA B 233 5.98 53.44 16.17
C ALA B 233 5.73 53.81 17.63
N ALA B 234 4.46 54.05 17.96
CA ALA B 234 4.07 54.43 19.31
C ALA B 234 4.41 53.33 20.31
N TYR B 235 4.19 52.08 19.91
CA TYR B 235 4.46 50.92 20.74
C TYR B 235 5.93 50.90 21.09
N GLU B 236 6.78 51.02 20.07
CA GLU B 236 8.21 50.87 20.25
C GLU B 236 8.79 52.05 21.02
N ASP B 237 8.12 53.21 20.94
CA ASP B 237 8.53 54.39 21.69
C ASP B 237 8.41 54.12 23.18
N ILE B 238 7.26 53.59 23.61
CA ILE B 238 6.99 53.34 25.02
C ILE B 238 8.00 52.32 25.56
N VAL B 239 8.24 51.27 24.80
CA VAL B 239 9.09 50.17 25.24
C VAL B 239 10.53 50.68 25.39
N ALA B 240 10.98 51.48 24.42
CA ALA B 240 12.35 51.96 24.38
C ALA B 240 12.65 52.82 25.60
N ARG B 241 11.75 53.76 25.91
CA ARG B 241 11.96 54.69 27.00
C ARG B 241 11.88 53.99 28.35
N SER B 242 11.18 52.86 28.41
CA SER B 242 11.01 52.14 29.66
C SER B 242 12.32 51.50 30.10
N ARG B 243 13.09 51.01 29.13
CA ARG B 243 14.35 50.34 29.42
C ARG B 243 15.40 51.35 29.86
N LYS B 244 15.39 52.55 29.25
CA LYS B 244 16.34 53.59 29.57
C LYS B 244 15.95 54.35 30.84
N GLY B 245 14.74 54.11 31.33
CA GLY B 245 14.28 54.73 32.57
C GLY B 245 13.91 56.19 32.38
N LYS B 246 13.11 56.47 31.36
CA LYS B 246 12.77 57.84 31.02
C LYS B 246 11.27 57.98 30.76
N LEU B 247 10.44 57.36 31.61
CA LEU B 247 9.00 57.51 31.55
C LEU B 247 8.55 58.58 32.54
N THR B 248 7.65 59.45 32.09
CA THR B 248 7.12 60.53 32.91
C THR B 248 5.88 60.05 33.66
N MET B 249 5.24 60.97 34.38
CA MET B 249 4.09 60.63 35.20
C MET B 249 2.83 60.64 34.34
N ASP B 250 2.90 61.29 33.18
CA ASP B 250 1.75 61.40 32.31
C ASP B 250 1.51 60.09 31.57
N ASP B 251 2.55 59.26 31.45
CA ASP B 251 2.47 58.01 30.72
C ASP B 251 1.72 56.95 31.52
N TYR B 252 1.56 57.16 32.83
CA TYR B 252 0.89 56.21 33.67
C TYR B 252 -0.55 56.62 33.95
N GLN B 253 -1.11 57.56 33.20
CA GLN B 253 -2.44 58.06 33.51
C GLN B 253 -3.34 58.00 32.30
N GLY B 254 -4.60 57.66 32.53
CA GLY B 254 -5.64 57.73 31.52
C GLY B 254 -5.91 56.43 30.80
N VAL B 255 -5.45 55.30 31.35
CA VAL B 255 -5.61 54.01 30.70
C VAL B 255 -7.09 53.64 30.70
N THR B 256 -7.58 53.11 29.59
CA THR B 256 -8.97 52.70 29.48
C THR B 256 -9.13 51.19 29.25
N VAL B 257 -8.07 50.52 28.78
CA VAL B 257 -8.12 49.09 28.51
C VAL B 257 -6.69 48.56 28.43
N SER B 258 -6.45 47.34 28.93
CA SER B 258 -5.10 46.82 29.14
C SER B 258 -4.84 45.52 28.39
N LEU B 259 -3.55 45.21 28.19
CA LEU B 259 -3.09 44.01 27.49
C LEU B 259 -1.90 43.41 28.23
N THR B 260 -1.89 42.08 28.38
CA THR B 260 -0.84 41.36 29.08
C THR B 260 -0.50 40.09 28.32
N ASN B 261 0.74 39.60 28.47
CA ASN B 261 1.24 38.46 27.72
C ASN B 261 1.93 37.47 28.65
N PRO B 262 1.18 36.65 29.41
CA PRO B 262 1.78 35.56 30.19
C PRO B 262 2.27 34.35 29.39
N GLY B 263 2.02 34.33 28.08
CA GLY B 263 2.40 33.22 27.23
C GLY B 263 3.89 33.22 26.86
N GLY B 264 4.60 34.31 27.16
CA GLY B 264 6.04 34.36 26.96
C GLY B 264 6.79 33.28 27.75
N ILE B 265 6.36 33.05 28.99
CA ILE B 265 6.95 32.04 29.85
C ILE B 265 6.48 30.66 29.41
N GLY B 266 5.23 30.55 28.95
CA GLY B 266 4.68 29.29 28.47
C GLY B 266 3.40 28.87 29.20
N THR B 267 2.79 29.81 29.94
CA THR B 267 1.52 29.57 30.59
C THR B 267 0.42 29.43 29.54
N ARG B 268 -0.56 28.57 29.80
CA ARG B 268 -1.60 28.28 28.84
C ARG B 268 -2.67 29.37 28.89
N HIS B 269 -3.15 29.72 30.09
CA HIS B 269 -3.96 30.91 30.28
C HIS B 269 -3.96 31.30 31.75
N SER B 270 -4.47 32.50 32.04
CA SER B 270 -4.51 33.04 33.40
C SER B 270 -5.86 33.71 33.68
N VAL B 271 -6.15 33.92 34.97
CA VAL B 271 -7.30 34.68 35.42
C VAL B 271 -6.79 35.86 36.26
N PRO B 272 -6.51 37.03 35.65
CA PRO B 272 -5.89 38.15 36.37
C PRO B 272 -6.83 39.06 37.14
N ARG B 273 -6.24 40.06 37.83
CA ARG B 273 -6.97 41.04 38.62
C ARG B 273 -7.18 42.31 37.80
N LEU B 274 -8.33 42.95 38.01
CA LEU B 274 -8.69 44.17 37.31
C LEU B 274 -8.51 45.34 38.28
N THR B 275 -7.86 46.42 37.80
CA THR B 275 -7.55 47.57 38.63
C THR B 275 -8.60 48.67 38.41
N LYS B 276 -8.79 49.51 39.43
CA LYS B 276 -9.90 50.45 39.45
C LYS B 276 -9.72 51.52 38.39
N GLY B 277 -10.82 51.84 37.71
CA GLY B 277 -10.83 52.87 36.69
C GLY B 277 -10.95 52.30 35.28
N GLN B 278 -10.98 50.97 35.14
CA GLN B 278 -11.04 50.31 33.84
C GLN B 278 -12.25 49.38 33.79
N GLY B 279 -12.51 48.87 32.58
CA GLY B 279 -13.62 47.96 32.36
C GLY B 279 -13.17 46.55 31.98
N THR B 280 -12.01 46.42 31.32
CA THR B 280 -11.56 45.12 30.89
C THR B 280 -10.04 45.03 30.84
N ILE B 281 -9.54 43.79 30.89
CA ILE B 281 -8.15 43.43 30.69
C ILE B 281 -8.09 42.16 29.84
N ILE B 282 -7.22 42.14 28.82
CA ILE B 282 -7.11 41.05 27.87
C ILE B 282 -5.77 40.35 28.05
N GLY B 283 -5.77 39.01 28.04
CA GLY B 283 -4.57 38.22 28.25
C GLY B 283 -4.30 37.25 27.10
N VAL B 284 -3.02 37.10 26.74
CA VAL B 284 -2.59 36.27 25.62
C VAL B 284 -1.74 35.13 26.16
N GLY B 285 -2.14 33.90 25.87
CA GLY B 285 -1.47 32.71 26.35
C GLY B 285 -0.48 32.15 25.35
N SER B 286 0.03 30.95 25.62
CA SER B 286 1.08 30.32 24.85
C SER B 286 0.58 29.94 23.46
N MET B 287 1.42 30.14 22.44
CA MET B 287 1.14 29.75 21.08
C MET B 287 1.99 28.54 20.75
N ASP B 288 1.42 27.34 20.89
CA ASP B 288 2.17 26.10 20.80
C ASP B 288 1.21 24.96 20.51
N TYR B 289 1.75 23.80 20.14
CA TYR B 289 0.95 22.60 19.97
C TYR B 289 0.38 22.21 21.32
N PRO B 290 -0.75 21.49 21.39
CA PRO B 290 -1.25 20.95 22.65
C PRO B 290 -0.31 19.90 23.24
N ALA B 291 -0.43 19.66 24.54
CA ALA B 291 0.54 18.84 25.25
C ALA B 291 0.41 17.36 24.92
N GLU B 292 -0.69 16.93 24.30
CA GLU B 292 -0.86 15.55 23.89
C GLU B 292 -0.17 15.27 22.56
N PHE B 293 0.44 16.29 21.94
CA PHE B 293 1.16 16.12 20.70
C PHE B 293 2.60 16.57 20.84
N GLN B 294 3.10 16.78 22.06
CA GLN B 294 4.42 17.37 22.24
C GLN B 294 5.52 16.32 22.09
N GLY B 295 5.15 15.05 21.93
CA GLY B 295 6.12 14.00 21.71
C GLY B 295 6.07 13.44 20.29
N ALA B 296 5.12 13.90 19.48
CA ALA B 296 4.91 13.37 18.15
C ALA B 296 5.98 13.90 17.21
N SER B 297 6.13 13.22 16.07
CA SER B 297 7.12 13.57 15.07
C SER B 297 6.58 14.67 14.16
N GLU B 298 7.50 15.43 13.55
CA GLU B 298 7.12 16.48 12.62
C GLU B 298 6.41 15.88 11.41
N ASP B 299 6.91 14.73 10.96
CA ASP B 299 6.37 14.06 9.79
C ASP B 299 4.90 13.75 10.02
N ARG B 300 4.58 13.22 11.20
CA ARG B 300 3.25 12.74 11.49
C ARG B 300 2.27 13.90 11.62
N LEU B 301 2.74 15.00 12.25
CA LEU B 301 1.92 16.18 12.44
C LEU B 301 1.58 16.82 11.09
N ALA B 302 2.53 16.81 10.16
CA ALA B 302 2.34 17.36 8.83
C ALA B 302 1.32 16.53 8.04
N GLU B 303 1.37 15.21 8.22
CA GLU B 303 0.47 14.31 7.52
C GLU B 303 -0.97 14.55 7.95
N LEU B 304 -1.18 14.69 9.26
CA LEU B 304 -2.52 14.76 9.82
C LEU B 304 -3.12 16.13 9.51
N GLY B 305 -2.32 17.17 9.68
CA GLY B 305 -2.79 18.54 9.47
C GLY B 305 -3.09 19.26 10.78
N VAL B 306 -2.27 19.00 11.80
CA VAL B 306 -2.46 19.55 13.13
C VAL B 306 -1.80 20.91 13.17
N GLY B 307 -2.50 21.90 13.72
CA GLY B 307 -1.98 23.24 13.84
C GLY B 307 -1.69 23.63 15.27
N LYS B 308 -1.33 24.90 15.47
CA LYS B 308 -1.07 25.46 16.78
C LYS B 308 -2.24 26.32 17.24
N LEU B 309 -2.31 26.54 18.55
CA LEU B 309 -3.41 27.20 19.25
C LEU B 309 -2.95 28.54 19.77
N VAL B 310 -3.91 29.35 20.17
CA VAL B 310 -3.69 30.44 21.11
C VAL B 310 -4.98 30.62 21.90
N THR B 311 -4.86 30.79 23.23
CA THR B 311 -5.99 31.03 24.10
C THR B 311 -5.97 32.48 24.56
N ILE B 312 -7.11 33.17 24.40
CA ILE B 312 -7.25 34.57 24.76
C ILE B 312 -8.36 34.70 25.80
N THR B 313 -8.12 35.55 26.82
CA THR B 313 -9.05 35.73 27.93
C THR B 313 -9.52 37.18 28.01
N SER B 314 -10.66 37.37 28.67
CA SER B 314 -11.25 38.68 28.91
C SER B 314 -11.82 38.74 30.32
N THR B 315 -11.30 39.67 31.15
CA THR B 315 -11.76 39.85 32.51
C THR B 315 -12.39 41.22 32.65
N TYR B 316 -13.65 41.30 33.08
CA TYR B 316 -14.44 42.51 32.97
C TYR B 316 -15.24 42.77 34.24
N ASP B 317 -15.64 44.04 34.43
CA ASP B 317 -16.47 44.49 35.53
C ASP B 317 -17.93 44.30 35.19
N HIS B 318 -18.65 43.53 36.00
CA HIS B 318 -19.95 43.00 35.65
C HIS B 318 -21.07 43.98 35.97
N ARG B 319 -20.74 45.11 36.56
CA ARG B 319 -21.71 46.15 36.82
C ARG B 319 -22.00 46.96 35.56
N VAL B 320 -21.10 46.94 34.58
CA VAL B 320 -21.22 47.79 33.41
C VAL B 320 -21.06 47.01 32.11
N ILE B 321 -20.54 45.79 32.13
CA ILE B 321 -20.39 44.98 30.92
C ILE B 321 -21.07 43.63 31.16
N GLN B 322 -21.83 43.17 30.17
CA GLN B 322 -22.51 41.89 30.25
C GLN B 322 -21.70 40.81 29.54
N GLY B 323 -22.08 39.56 29.76
CA GLY B 323 -21.35 38.42 29.25
C GLY B 323 -21.40 38.31 27.74
N ALA B 324 -22.58 38.58 27.16
CA ALA B 324 -22.79 38.49 25.73
C ALA B 324 -21.90 39.46 24.98
N VAL B 325 -21.67 40.64 25.55
CA VAL B 325 -20.82 41.64 24.93
C VAL B 325 -19.39 41.15 24.93
N SER B 326 -18.93 40.55 26.05
CA SER B 326 -17.58 40.05 26.16
C SER B 326 -17.34 38.90 25.18
N GLY B 327 -18.34 38.03 25.01
CA GLY B 327 -18.24 36.93 24.08
C GLY B 327 -18.13 37.40 22.64
N GLU B 328 -18.95 38.38 22.27
CA GLU B 328 -18.98 38.91 20.92
C GLU B 328 -17.67 39.64 20.61
N PHE B 329 -17.07 40.25 21.61
CA PHE B 329 -15.79 40.92 21.46
C PHE B 329 -14.73 39.90 21.04
N LEU B 330 -14.67 38.76 21.72
CA LEU B 330 -13.67 37.75 21.41
C LEU B 330 -13.96 37.10 20.07
N ARG B 331 -15.23 37.00 19.68
CA ARG B 331 -15.59 36.42 18.39
C ARG B 331 -15.09 37.31 17.25
N THR B 332 -15.14 38.63 17.44
CA THR B 332 -14.69 39.57 16.44
C THR B 332 -13.18 39.47 16.28
N MET B 333 -12.45 39.35 17.38
CA MET B 333 -11.00 39.25 17.33
C MET B 333 -10.59 37.98 16.59
N SER B 334 -11.37 36.91 16.77
CA SER B 334 -11.09 35.64 16.15
C SER B 334 -11.26 35.73 14.63
N ARG B 335 -12.24 36.50 14.17
CA ARG B 335 -12.53 36.65 12.75
C ARG B 335 -11.46 37.51 12.07
N LEU B 336 -10.97 38.53 12.76
CA LEU B 336 -10.03 39.46 12.16
C LEU B 336 -8.69 38.78 11.92
N LEU B 337 -8.29 37.86 12.79
CA LEU B 337 -6.96 37.28 12.69
C LEU B 337 -6.91 36.18 11.63
N THR B 338 -8.02 35.95 10.93
CA THR B 338 -8.07 34.95 9.88
C THR B 338 -8.80 35.54 8.68
N ASP B 339 -8.70 36.86 8.51
CA ASP B 339 -9.49 37.59 7.53
C ASP B 339 -8.58 38.16 6.45
N ASP B 340 -9.09 38.16 5.21
CA ASP B 340 -8.32 38.59 4.05
C ASP B 340 -8.00 40.07 4.16
N SER B 341 -9.02 40.86 4.50
CA SER B 341 -8.92 42.30 4.46
C SER B 341 -8.03 42.85 5.57
N PHE B 342 -7.87 42.08 6.65
CA PHE B 342 -7.10 42.52 7.78
C PHE B 342 -5.62 42.50 7.43
N TRP B 343 -5.20 41.43 6.75
CA TRP B 343 -3.79 41.23 6.43
C TRP B 343 -3.36 42.06 5.23
N ASP B 344 -4.32 42.50 4.42
CA ASP B 344 -4.03 43.43 3.34
C ASP B 344 -3.59 44.77 3.92
N GLU B 345 -4.23 45.20 5.02
CA GLU B 345 -3.87 46.45 5.66
C GLU B 345 -2.43 46.38 6.15
N ILE B 346 -2.06 45.29 6.80
CA ILE B 346 -0.76 45.23 7.46
C ILE B 346 0.33 45.20 6.40
N PHE B 347 0.08 44.46 5.32
CA PHE B 347 1.04 44.28 4.25
C PHE B 347 1.25 45.59 3.51
N ASP B 348 0.15 46.31 3.26
CA ASP B 348 0.18 47.58 2.56
C ASP B 348 1.02 48.59 3.35
N ALA B 349 0.88 48.58 4.67
CA ALA B 349 1.52 49.57 5.51
C ALA B 349 3.02 49.29 5.66
N MET B 350 3.45 48.05 5.45
CA MET B 350 4.83 47.69 5.70
C MET B 350 5.59 47.54 4.38
N ASN B 351 4.90 47.75 3.26
CA ASN B 351 5.50 47.74 1.93
C ASN B 351 6.09 46.37 1.63
N VAL B 352 5.22 45.35 1.55
CA VAL B 352 5.64 44.03 1.11
C VAL B 352 4.89 43.73 -0.17
N PRO B 353 5.57 43.21 -1.22
CA PRO B 353 5.00 43.12 -2.56
C PRO B 353 4.14 41.92 -2.91
N TYR B 354 4.12 40.92 -2.03
CA TYR B 354 3.44 39.66 -2.31
C TYR B 354 2.04 39.66 -1.74
N THR B 355 1.16 38.79 -2.28
CA THR B 355 -0.14 38.60 -1.70
C THR B 355 0.03 37.82 -0.40
N PRO B 356 -0.71 38.18 0.69
CA PRO B 356 -0.64 37.42 1.93
C PRO B 356 -1.20 36.01 1.78
N MET B 357 -0.65 35.08 2.56
CA MET B 357 -1.13 33.72 2.64
C MET B 357 -2.56 33.72 3.17
N ARG B 358 -3.43 32.92 2.59
CA ARG B 358 -4.85 32.95 2.91
C ARG B 358 -5.20 31.77 3.80
N TRP B 359 -6.40 31.81 4.39
CA TRP B 359 -6.89 30.78 5.29
C TRP B 359 -7.84 29.88 4.53
N ALA B 360 -7.61 28.57 4.63
CA ALA B 360 -8.44 27.60 3.95
C ALA B 360 -8.29 26.23 4.61
N GLN B 361 -9.16 25.30 4.24
CA GLN B 361 -9.11 23.93 4.74
C GLN B 361 -8.15 23.10 3.88
N ASP B 362 -7.61 22.05 4.50
CA ASP B 362 -6.74 21.11 3.83
C ASP B 362 -7.58 20.29 2.86
N VAL B 363 -7.02 19.99 1.68
CA VAL B 363 -7.74 19.30 0.63
C VAL B 363 -7.14 17.90 0.47
N PRO B 364 -7.93 16.90 0.04
CA PRO B 364 -7.42 15.54 -0.16
C PRO B 364 -6.55 15.37 -1.40
N ASN B 365 -5.60 14.43 -1.33
CA ASN B 365 -4.74 14.08 -2.45
C ASN B 365 -5.47 13.09 -3.35
N THR B 366 -6.44 13.60 -4.11
CA THR B 366 -7.24 12.81 -5.02
C THR B 366 -7.27 13.54 -6.37
N GLY B 367 -7.67 12.82 -7.41
CA GLY B 367 -7.69 13.35 -8.76
C GLY B 367 -6.27 13.56 -9.28
N VAL B 368 -5.95 14.80 -9.65
CA VAL B 368 -4.61 15.17 -10.05
C VAL B 368 -3.72 15.21 -8.81
N ASP B 369 -2.60 14.52 -8.88
CA ASP B 369 -1.71 14.34 -7.75
C ASP B 369 -1.07 15.67 -7.41
N LYS B 370 -0.56 15.80 -6.19
CA LYS B 370 -0.01 17.04 -5.72
C LYS B 370 1.37 17.29 -6.30
N ASN B 371 2.12 16.25 -6.66
CA ASN B 371 3.40 16.45 -7.32
C ASN B 371 3.19 17.12 -8.67
N THR B 372 2.13 16.77 -9.38
CA THR B 372 1.82 17.39 -10.64
C THR B 372 1.55 18.88 -10.45
N ARG B 373 0.91 19.24 -9.33
CA ARG B 373 0.54 20.61 -9.08
C ARG B 373 1.77 21.45 -8.73
N VAL B 374 2.77 20.88 -8.09
CA VAL B 374 3.96 21.61 -7.73
C VAL B 374 4.80 21.86 -8.98
N MET B 375 4.73 20.96 -9.96
CA MET B 375 5.50 21.12 -11.18
C MET B 375 4.85 22.19 -12.05
N GLN B 376 3.53 22.32 -11.98
CA GLN B 376 2.83 23.35 -12.71
C GLN B 376 3.11 24.73 -12.13
N LEU B 377 3.37 24.81 -10.82
CA LEU B 377 3.69 26.06 -10.17
C LEU B 377 5.08 26.52 -10.59
N ILE B 378 6.03 25.60 -10.70
CA ILE B 378 7.38 25.93 -11.13
C ILE B 378 7.34 26.48 -12.53
N GLU B 379 6.51 25.91 -13.40
CA GLU B 379 6.43 26.32 -14.79
C GLU B 379 5.81 27.70 -14.89
N ALA B 380 4.85 28.01 -14.03
CA ALA B 380 4.17 29.29 -14.05
C ALA B 380 5.10 30.43 -13.67
N TYR B 381 6.00 30.24 -12.71
CA TYR B 381 6.91 31.28 -12.29
C TYR B 381 7.99 31.50 -13.35
N ARG B 382 8.49 30.43 -13.95
CA ARG B 382 9.48 30.53 -15.00
C ARG B 382 8.92 31.27 -16.20
N SER B 383 7.61 31.21 -16.39
CA SER B 383 6.98 31.75 -17.60
C SER B 383 6.43 33.15 -17.38
N ARG B 384 5.84 33.43 -16.20
CA ARG B 384 5.06 34.63 -16.01
C ARG B 384 5.41 35.37 -14.73
N GLY B 385 6.56 35.11 -14.13
CA GLY B 385 6.90 35.70 -12.85
C GLY B 385 7.34 37.16 -12.95
N HIS B 386 7.70 37.58 -14.17
CA HIS B 386 8.14 38.93 -14.44
C HIS B 386 7.01 39.92 -14.23
N LEU B 387 5.77 39.44 -14.13
CA LEU B 387 4.64 40.33 -14.01
C LEU B 387 4.53 40.88 -12.61
N ILE B 388 5.22 40.31 -11.62
CA ILE B 388 5.15 40.81 -10.27
C ILE B 388 6.53 41.11 -9.72
N ALA B 389 7.52 41.43 -10.56
CA ALA B 389 8.87 41.64 -10.10
C ALA B 389 9.10 43.09 -9.73
N ASP B 390 10.06 43.33 -8.83
CA ASP B 390 10.34 44.64 -8.30
C ASP B 390 11.30 45.36 -9.21
N THR B 391 10.79 45.89 -10.32
CA THR B 391 11.64 46.48 -11.32
C THR B 391 11.37 47.96 -11.52
N ASN B 392 10.40 48.54 -10.79
CA ASN B 392 10.08 49.94 -10.94
C ASN B 392 10.62 50.69 -9.74
N PRO B 393 11.49 51.69 -9.92
CA PRO B 393 11.96 52.50 -8.81
C PRO B 393 10.91 53.35 -8.11
N LEU B 394 9.86 53.75 -8.83
CA LEU B 394 8.75 54.48 -8.27
C LEU B 394 7.64 53.51 -7.89
N SER B 395 6.80 53.94 -6.95
CA SER B 395 5.60 53.22 -6.60
C SER B 395 4.43 53.78 -7.41
N TRP B 396 4.46 53.52 -8.72
CA TRP B 396 3.62 54.21 -9.68
C TRP B 396 2.93 53.22 -10.57
N VAL B 397 1.60 53.34 -10.68
CA VAL B 397 0.84 52.61 -11.68
C VAL B 397 0.12 53.61 -12.56
N GLN B 398 0.34 53.51 -13.87
CA GLN B 398 -0.20 54.45 -14.83
C GLN B 398 -1.71 54.23 -14.93
N PRO B 399 -2.53 55.26 -14.68
CA PRO B 399 -3.97 55.12 -14.66
C PRO B 399 -4.78 54.54 -15.82
N GLY B 400 -4.34 54.63 -17.07
CA GLY B 400 -5.21 54.17 -18.14
C GLY B 400 -4.74 52.90 -18.85
N MET B 401 -3.77 52.19 -18.26
CA MET B 401 -3.18 51.02 -18.88
C MET B 401 -3.79 49.76 -18.29
N PRO B 402 -4.12 48.75 -19.11
CA PRO B 402 -4.65 47.49 -18.60
C PRO B 402 -3.64 46.74 -17.73
N VAL B 403 -4.14 46.11 -16.66
CA VAL B 403 -3.30 45.31 -15.78
C VAL B 403 -3.51 43.85 -16.13
N PRO B 404 -2.46 43.10 -16.54
CA PRO B 404 -2.61 41.70 -16.86
C PRO B 404 -3.02 40.83 -15.67
N ASP B 405 -3.67 39.72 -15.98
CA ASP B 405 -4.05 38.72 -15.00
C ASP B 405 -2.79 37.99 -14.53
N HIS B 406 -2.61 37.90 -13.21
CA HIS B 406 -1.52 37.11 -12.66
C HIS B 406 -2.02 36.26 -11.49
N ARG B 407 -3.08 35.51 -11.74
CA ARG B 407 -3.65 34.59 -10.77
C ARG B 407 -2.92 33.27 -10.82
N ASP B 408 -2.03 33.09 -11.80
CA ASP B 408 -1.31 31.83 -11.96
C ASP B 408 -0.19 31.71 -10.93
N LEU B 409 0.10 32.78 -10.20
CA LEU B 409 1.27 32.82 -9.36
C LEU B 409 0.91 32.66 -7.89
N ASP B 410 -0.35 32.36 -7.56
CA ASP B 410 -0.73 32.12 -6.18
C ASP B 410 -1.15 30.66 -6.02
N ILE B 411 -0.85 30.10 -4.85
CA ILE B 411 -0.91 28.66 -4.66
C ILE B 411 -2.35 28.17 -4.64
N GLU B 412 -3.33 29.06 -4.56
CA GLU B 412 -4.72 28.68 -4.50
C GLU B 412 -5.21 28.20 -5.86
N THR B 413 -4.64 28.72 -6.95
CA THR B 413 -5.09 28.40 -8.29
C THR B 413 -4.62 27.01 -8.69
N HIS B 414 -3.62 26.47 -7.99
CA HIS B 414 -3.08 25.16 -8.27
C HIS B 414 -3.52 24.16 -7.20
N ASN B 415 -4.55 24.49 -6.42
CA ASN B 415 -5.12 23.64 -5.39
C ASN B 415 -4.08 23.23 -4.36
N LEU B 416 -3.38 24.19 -3.80
CA LEU B 416 -2.48 23.95 -2.70
C LEU B 416 -2.84 24.94 -1.60
N THR B 417 -2.33 24.74 -0.39
CA THR B 417 -2.80 25.44 0.79
C THR B 417 -1.64 25.55 1.76
N ILE B 418 -1.79 26.40 2.77
CA ILE B 418 -0.80 26.57 3.83
C ILE B 418 -0.42 25.24 4.46
N TRP B 419 -1.29 24.24 4.38
CA TRP B 419 -1.06 22.96 5.03
C TRP B 419 -0.09 22.09 4.25
N ASP B 420 0.40 22.57 3.10
CA ASP B 420 1.30 21.79 2.26
C ASP B 420 2.71 22.33 2.31
N LEU B 421 2.97 23.36 3.11
CA LEU B 421 4.23 24.07 3.02
C LEU B 421 5.38 23.26 3.61
N ASP B 422 5.11 22.35 4.55
CA ASP B 422 6.17 21.57 5.16
C ASP B 422 6.14 20.12 4.72
N ARG B 423 5.29 19.78 3.74
CA ARG B 423 5.31 18.47 3.11
C ARG B 423 6.38 18.45 2.02
N THR B 424 6.81 17.25 1.63
CA THR B 424 7.95 17.05 0.74
C THR B 424 7.46 16.46 -0.58
N PHE B 425 8.06 16.90 -1.70
CA PHE B 425 7.57 16.58 -3.03
C PHE B 425 8.72 16.25 -3.97
N ASN B 426 8.42 15.57 -5.09
CA ASN B 426 9.39 15.27 -6.12
C ASN B 426 9.42 16.37 -7.16
N VAL B 427 10.60 16.92 -7.44
CA VAL B 427 10.72 18.16 -8.18
C VAL B 427 11.57 17.97 -9.43
N GLY B 428 12.19 16.81 -9.59
CA GLY B 428 12.77 16.41 -10.86
C GLY B 428 13.98 17.24 -11.25
N GLY B 429 14.88 17.48 -10.29
CA GLY B 429 16.16 18.09 -10.60
C GLY B 429 16.19 19.59 -10.38
N PHE B 430 15.06 20.19 -10.01
CA PHE B 430 15.00 21.61 -9.71
C PHE B 430 15.90 21.90 -8.53
N GLY B 431 16.79 22.88 -8.70
CA GLY B 431 17.70 23.27 -7.64
C GLY B 431 18.79 22.24 -7.38
N GLY B 432 18.98 21.33 -8.34
CA GLY B 432 19.94 20.26 -8.20
C GLY B 432 19.54 19.23 -7.15
N LYS B 433 18.23 19.07 -6.94
CA LYS B 433 17.73 18.15 -5.93
C LYS B 433 16.56 17.35 -6.51
N GLU B 434 16.38 16.14 -6.00
CA GLU B 434 15.32 15.26 -6.44
C GLU B 434 14.07 15.45 -5.58
N THR B 435 14.23 16.05 -4.41
CA THR B 435 13.14 16.18 -3.46
C THR B 435 13.29 17.49 -2.66
N MET B 436 12.17 18.07 -2.24
CA MET B 436 12.15 19.40 -1.65
C MET B 436 10.80 19.65 -0.98
N THR B 437 10.74 20.66 -0.10
CA THR B 437 9.49 21.10 0.49
C THR B 437 8.93 22.28 -0.28
N LEU B 438 7.62 22.53 -0.16
CA LEU B 438 6.97 23.59 -0.91
C LEU B 438 7.44 24.95 -0.42
N ARG B 439 7.91 25.04 0.81
CA ARG B 439 8.45 26.26 1.34
C ARG B 439 9.75 26.59 0.62
N GLU B 440 10.62 25.62 0.45
CA GLU B 440 11.90 25.86 -0.20
C GLU B 440 11.70 26.14 -1.68
N VAL B 441 10.71 25.50 -2.32
CA VAL B 441 10.44 25.74 -3.73
C VAL B 441 10.03 27.18 -3.93
N LEU B 442 9.11 27.68 -3.11
CA LEU B 442 8.63 29.03 -3.25
C LEU B 442 9.75 30.03 -3.00
N SER B 443 10.62 29.75 -2.06
CA SER B 443 11.70 30.65 -1.72
C SER B 443 12.65 30.81 -2.91
N ARG B 444 13.02 29.71 -3.55
CA ARG B 444 13.94 29.75 -4.66
C ARG B 444 13.33 30.44 -5.87
N LEU B 445 12.07 30.15 -6.17
CA LEU B 445 11.40 30.76 -7.30
C LEU B 445 11.32 32.26 -7.13
N ARG B 446 11.07 32.73 -5.91
CA ARG B 446 10.88 34.13 -5.65
C ARG B 446 12.22 34.87 -5.72
N ALA B 447 13.30 34.21 -5.34
CA ALA B 447 14.61 34.82 -5.38
C ALA B 447 15.14 34.94 -6.79
N ALA B 448 14.66 34.09 -7.69
CA ALA B 448 15.18 34.03 -9.04
C ALA B 448 14.38 34.87 -10.01
N TYR B 449 13.08 35.06 -9.78
CA TYR B 449 12.22 35.60 -10.80
C TYR B 449 11.40 36.80 -10.33
N THR B 450 11.57 37.30 -9.10
CA THR B 450 10.65 38.30 -8.58
C THR B 450 11.36 39.45 -7.88
N LEU B 451 12.68 39.50 -7.87
CA LEU B 451 13.43 40.57 -7.25
C LEU B 451 13.72 41.66 -8.28
N LYS B 452 14.97 42.07 -8.47
CA LYS B 452 15.30 43.23 -9.26
C LYS B 452 15.54 42.92 -10.73
N VAL B 453 15.51 41.65 -11.15
CA VAL B 453 15.65 41.29 -12.55
C VAL B 453 14.49 40.41 -12.96
N GLY B 454 13.74 40.83 -13.98
CA GLY B 454 12.68 40.05 -14.58
C GLY B 454 13.05 39.58 -15.98
N SER B 455 12.76 38.32 -16.31
CA SER B 455 13.28 37.70 -17.50
C SER B 455 12.18 37.00 -18.28
N GLU B 456 12.26 37.08 -19.61
CA GLU B 456 11.38 36.38 -20.52
C GLU B 456 12.20 35.54 -21.49
N TYR B 457 12.10 34.21 -21.40
CA TYR B 457 12.89 33.33 -22.24
C TYR B 457 12.23 32.01 -22.59
N THR B 458 10.97 31.78 -22.20
CA THR B 458 10.37 30.46 -22.32
C THR B 458 9.74 30.28 -23.69
N HIS B 459 9.66 31.36 -24.46
CA HIS B 459 9.11 31.34 -25.80
C HIS B 459 10.12 30.87 -26.83
N ILE B 460 11.39 30.72 -26.45
CA ILE B 460 12.44 30.28 -27.35
C ILE B 460 12.23 28.81 -27.68
N LEU B 461 12.47 28.43 -28.94
CA LEU B 461 12.12 27.11 -29.44
C LEU B 461 13.24 26.10 -29.21
N ASP B 462 14.49 26.55 -29.19
CA ASP B 462 15.63 25.64 -29.04
C ASP B 462 15.83 25.28 -27.58
N ARG B 463 16.14 24.01 -27.32
CA ARG B 463 16.20 23.49 -25.96
C ARG B 463 17.50 23.88 -25.29
N ASP B 464 18.60 23.90 -26.05
CA ASP B 464 19.91 24.20 -25.51
C ASP B 464 20.02 25.67 -25.10
N GLU B 465 19.43 26.57 -25.88
CA GLU B 465 19.35 27.98 -25.51
C GLU B 465 18.60 28.17 -24.21
N ARG B 466 17.39 27.61 -24.12
CA ARG B 466 16.57 27.72 -22.94
C ARG B 466 17.30 27.24 -21.70
N THR B 467 18.01 26.13 -21.81
CA THR B 467 18.66 25.51 -20.67
C THR B 467 19.82 26.39 -20.20
N TRP B 468 20.52 27.02 -21.12
CA TRP B 468 21.65 27.87 -20.80
C TRP B 468 21.20 29.05 -19.97
N LEU B 469 20.11 29.70 -20.39
CA LEU B 469 19.57 30.86 -19.70
C LEU B 469 19.03 30.45 -18.35
N GLN B 470 18.28 29.36 -18.29
CA GLN B 470 17.64 28.90 -17.09
C GLN B 470 18.64 28.58 -16.01
N ASP B 471 19.77 27.98 -16.40
CA ASP B 471 20.80 27.59 -15.45
C ASP B 471 21.47 28.81 -14.86
N ARG B 472 21.73 29.82 -15.69
CA ARG B 472 22.49 30.98 -15.23
C ARG B 472 21.60 31.93 -14.43
N LEU B 473 20.30 31.84 -14.63
CA LEU B 473 19.37 32.78 -14.03
C LEU B 473 18.95 32.27 -12.65
N GLU B 474 19.13 30.96 -12.41
CA GLU B 474 18.75 30.32 -11.15
C GLU B 474 19.96 30.11 -10.25
N ALA B 475 21.17 30.23 -10.78
CA ALA B 475 22.37 30.25 -9.96
C ALA B 475 22.44 31.54 -9.18
N GLY B 476 22.06 32.65 -9.82
CA GLY B 476 22.02 33.95 -9.17
C GLY B 476 23.20 34.82 -9.56
N MET B 477 23.19 36.05 -9.07
CA MET B 477 24.26 37.00 -9.33
C MET B 477 25.38 36.77 -8.33
N PRO B 478 26.64 36.55 -8.76
CA PRO B 478 27.74 36.35 -7.84
C PRO B 478 28.14 37.62 -7.11
N LYS B 479 28.65 37.47 -5.88
CA LYS B 479 28.95 38.60 -5.02
C LYS B 479 30.20 39.29 -5.53
N PRO B 480 30.20 40.61 -5.77
CA PRO B 480 31.37 41.31 -6.26
C PRO B 480 32.38 41.70 -5.17
N THR B 481 33.62 41.92 -5.59
CA THR B 481 34.71 42.25 -4.71
C THR B 481 34.65 43.73 -4.35
N GLN B 482 35.52 44.17 -3.45
CA GLN B 482 35.47 45.54 -2.99
C GLN B 482 36.01 46.48 -4.04
N ALA B 483 37.03 46.07 -4.78
CA ALA B 483 37.57 46.88 -5.85
C ALA B 483 36.52 47.14 -6.91
N GLU B 484 35.75 46.10 -7.25
CA GLU B 484 34.68 46.22 -8.23
C GLU B 484 33.62 47.19 -7.76
N GLN B 485 33.28 47.13 -6.49
CA GLN B 485 32.26 47.99 -5.92
C GLN B 485 32.68 49.45 -5.97
N LYS B 486 33.95 49.73 -5.73
CA LYS B 486 34.42 51.10 -5.74
C LYS B 486 34.43 51.64 -7.16
N TYR B 487 34.64 50.76 -8.14
CA TYR B 487 34.66 51.16 -9.54
C TYR B 487 33.27 51.57 -9.98
N ILE B 488 32.24 50.87 -9.53
CA ILE B 488 30.88 51.22 -9.86
C ILE B 488 30.54 52.59 -9.27
N LEU B 489 31.06 52.91 -8.08
CA LEU B 489 30.75 54.17 -7.43
C LEU B 489 31.45 55.32 -8.15
N GLN B 490 32.63 55.09 -8.71
CA GLN B 490 33.33 56.13 -9.45
C GLN B 490 32.56 56.53 -10.69
N LYS B 491 31.97 55.56 -11.39
CA LYS B 491 31.26 55.82 -12.63
C LYS B 491 29.95 56.53 -12.35
N LEU B 492 29.23 56.15 -11.28
CA LEU B 492 28.00 56.81 -10.92
C LEU B 492 28.28 58.26 -10.56
N ASN B 493 29.38 58.51 -9.86
CA ASN B 493 29.71 59.85 -9.45
C ASN B 493 29.99 60.71 -10.65
N ALA B 494 30.75 60.19 -11.61
CA ALA B 494 31.13 60.93 -12.80
C ALA B 494 29.89 61.41 -13.54
N ALA B 495 28.93 60.50 -13.72
CA ALA B 495 27.69 60.82 -14.42
C ALA B 495 26.96 61.98 -13.78
N GLU B 496 26.67 61.87 -12.49
CA GLU B 496 25.88 62.88 -11.79
C GLU B 496 26.62 64.19 -11.69
N ALA B 497 27.93 64.13 -11.46
CA ALA B 497 28.72 65.33 -11.27
C ALA B 497 28.77 66.18 -12.53
N PHE B 498 28.91 65.53 -13.68
CA PHE B 498 28.99 66.18 -14.97
C PHE B 498 27.71 66.96 -15.25
N GLU B 499 26.56 66.35 -14.93
CA GLU B 499 25.27 66.97 -15.17
C GLU B 499 25.12 68.22 -14.33
N ASN B 500 25.51 68.14 -13.05
CA ASN B 500 25.36 69.24 -12.12
C ASN B 500 26.28 70.39 -12.50
N PHE B 501 27.45 70.09 -13.02
CA PHE B 501 28.38 71.13 -13.40
C PHE B 501 27.80 71.97 -14.51
N LEU B 502 27.25 71.32 -15.55
CA LEU B 502 26.70 72.01 -16.70
C LEU B 502 25.47 72.83 -16.29
N GLN B 503 24.68 72.31 -15.36
CA GLN B 503 23.51 73.00 -14.86
C GLN B 503 23.91 74.34 -14.26
N THR B 504 25.03 74.34 -13.52
CA THR B 504 25.44 75.50 -12.75
C THR B 504 26.07 76.56 -13.64
N LYS B 505 26.86 76.17 -14.65
CA LYS B 505 27.63 77.12 -15.42
C LYS B 505 26.89 77.61 -16.66
N TYR B 506 25.92 76.83 -17.17
CA TYR B 506 25.15 77.22 -18.34
C TYR B 506 23.68 76.92 -18.10
N VAL B 507 22.91 77.92 -17.67
CA VAL B 507 21.61 77.69 -17.05
C VAL B 507 20.54 77.45 -18.12
N GLY B 508 20.47 78.37 -19.09
CA GLY B 508 19.38 78.37 -20.06
C GLY B 508 19.56 77.31 -21.15
N GLN B 509 20.79 76.80 -21.32
CA GLN B 509 21.13 76.06 -22.51
C GLN B 509 20.58 74.64 -22.44
N LYS B 510 20.21 74.13 -23.62
CA LYS B 510 19.54 72.85 -23.79
C LYS B 510 20.58 71.75 -23.84
N ARG B 511 20.42 70.70 -23.02
CA ARG B 511 21.44 69.66 -22.92
C ARG B 511 20.88 68.24 -22.90
N PHE B 512 19.58 68.06 -22.64
CA PHE B 512 18.96 66.74 -22.57
C PHE B 512 19.66 65.86 -21.55
N SER B 513 19.31 66.02 -20.27
CA SER B 513 20.05 65.45 -19.18
C SER B 513 19.69 63.98 -18.98
N LEU B 514 20.57 63.28 -18.27
CA LEU B 514 20.47 61.86 -18.00
C LEU B 514 20.08 61.62 -16.55
N GLU B 515 19.71 62.70 -15.86
CA GLU B 515 19.36 62.61 -14.45
C GLU B 515 18.10 61.79 -14.28
N GLY B 516 18.19 60.75 -13.47
CA GLY B 516 17.13 59.76 -13.35
C GLY B 516 17.56 58.43 -13.92
N ALA B 517 18.56 58.43 -14.80
CA ALA B 517 18.98 57.25 -15.52
C ALA B 517 20.49 57.19 -15.60
N GLU B 518 21.16 57.35 -14.46
CA GLU B 518 22.61 57.40 -14.43
C GLU B 518 23.22 56.00 -14.43
N ALA B 519 22.40 54.96 -14.26
CA ALA B 519 22.90 53.60 -14.26
C ALA B 519 23.26 53.13 -15.67
N LEU B 520 22.89 53.90 -16.68
CA LEU B 520 23.25 53.62 -18.05
C LEU B 520 24.76 53.60 -18.25
N ILE B 521 25.51 54.40 -17.49
CA ILE B 521 26.94 54.52 -17.71
C ILE B 521 27.66 53.26 -17.24
N PRO B 522 27.46 52.74 -16.02
CA PRO B 522 27.97 51.44 -15.68
C PRO B 522 27.46 50.23 -16.47
N LEU B 523 26.29 50.31 -17.10
CA LEU B 523 25.77 49.21 -17.93
C LEU B 523 26.56 49.12 -19.22
N MET B 524 26.79 50.25 -19.88
CA MET B 524 27.50 50.30 -21.13
C MET B 524 28.95 49.93 -20.92
N ASP B 525 29.51 50.32 -19.78
CA ASP B 525 30.88 50.03 -19.44
C ASP B 525 31.08 48.53 -19.22
N SER B 526 30.10 47.88 -18.62
CA SER B 526 30.15 46.45 -18.35
C SER B 526 30.21 45.66 -19.64
N ALA B 527 29.36 46.03 -20.59
CA ALA B 527 29.25 45.35 -21.86
C ALA B 527 30.54 45.48 -22.67
N ILE B 528 31.11 46.67 -22.73
CA ILE B 528 32.31 46.93 -23.49
C ILE B 528 33.50 46.21 -22.88
N ASP B 529 33.50 46.08 -21.55
CA ASP B 529 34.57 45.41 -20.84
C ASP B 529 34.54 43.92 -21.11
N THR B 530 33.34 43.34 -21.16
CA THR B 530 33.17 41.92 -21.43
C THR B 530 33.60 41.59 -22.85
N ALA B 531 33.35 42.50 -23.79
CA ALA B 531 33.72 42.30 -25.18
C ALA B 531 35.23 42.33 -25.34
N ALA B 532 35.91 43.17 -24.57
CA ALA B 532 37.36 43.25 -24.61
C ALA B 532 37.99 41.98 -24.06
N GLY B 533 37.31 41.34 -23.12
CA GLY B 533 37.78 40.08 -22.57
C GLY B 533 37.62 38.92 -23.55
N GLN B 534 36.62 39.00 -24.43
CA GLN B 534 36.36 37.94 -25.40
C GLN B 534 37.37 38.03 -26.53
N GLY B 535 38.00 39.17 -26.70
CA GLY B 535 39.07 39.31 -27.67
C GLY B 535 38.63 39.92 -28.99
N LEU B 536 37.61 40.80 -28.96
CA LEU B 536 37.03 41.34 -30.16
C LEU B 536 37.69 42.66 -30.51
N ASP B 537 37.32 43.24 -31.65
CA ASP B 537 38.10 44.30 -32.27
C ASP B 537 37.52 45.70 -32.04
N GLU B 538 36.20 45.87 -32.18
CA GLU B 538 35.58 47.18 -32.10
C GLU B 538 34.16 47.09 -31.57
N VAL B 539 33.65 48.21 -31.03
CA VAL B 539 32.27 48.40 -30.66
C VAL B 539 31.75 49.67 -31.33
N VAL B 540 30.63 49.58 -32.06
CA VAL B 540 30.03 50.72 -32.74
C VAL B 540 28.72 51.06 -32.06
N ILE B 541 28.50 52.35 -31.72
CA ILE B 541 27.35 52.81 -30.96
C ILE B 541 26.49 53.71 -31.84
N GLY B 542 25.17 53.55 -31.73
CA GLY B 542 24.20 54.50 -32.24
C GLY B 542 23.16 54.82 -31.19
N MET B 543 22.80 56.10 -31.05
CA MET B 543 21.90 56.51 -29.98
C MET B 543 21.19 57.80 -30.32
N PRO B 544 20.11 58.15 -29.60
CA PRO B 544 19.50 59.48 -29.65
C PRO B 544 20.06 60.55 -28.73
N HIS B 545 19.27 61.59 -28.49
CA HIS B 545 19.63 62.80 -27.74
C HIS B 545 19.85 62.58 -26.24
N ARG B 546 19.13 61.65 -25.62
CA ARG B 546 19.07 61.53 -24.18
C ARG B 546 20.40 61.03 -23.63
N GLY B 547 21.18 61.94 -23.05
CA GLY B 547 22.42 61.59 -22.38
C GLY B 547 23.58 61.40 -23.33
N ARG B 548 23.68 62.22 -24.37
CA ARG B 548 24.68 62.00 -25.39
C ARG B 548 26.02 62.57 -24.96
N LEU B 549 26.00 63.78 -24.40
CA LEU B 549 27.23 64.45 -23.99
C LEU B 549 27.88 63.70 -22.83
N ASN B 550 27.09 62.93 -22.11
CA ASN B 550 27.56 62.16 -20.98
C ASN B 550 28.29 60.93 -21.48
N VAL B 551 27.75 60.28 -22.52
CA VAL B 551 28.34 59.09 -23.12
C VAL B 551 29.61 59.47 -23.88
N LEU B 552 29.64 60.62 -24.52
CA LEU B 552 30.81 61.06 -25.25
C LEU B 552 32.00 61.24 -24.31
N PHE B 553 31.78 61.72 -23.09
CA PHE B 553 32.86 61.99 -22.17
C PHE B 553 33.24 60.76 -21.36
N ASN B 554 32.27 59.95 -20.93
CA ASN B 554 32.54 58.91 -19.95
C ASN B 554 32.73 57.54 -20.58
N ILE B 555 32.25 57.31 -21.82
CA ILE B 555 32.39 56.02 -22.46
C ILE B 555 33.34 56.07 -23.65
N VAL B 556 33.35 57.15 -24.42
CA VAL B 556 34.10 57.18 -25.67
C VAL B 556 35.43 57.88 -25.48
N GLY B 557 35.48 58.93 -24.65
CA GLY B 557 36.73 59.54 -24.28
C GLY B 557 37.02 60.84 -25.01
N LYS B 558 35.98 61.54 -25.45
CA LYS B 558 36.14 62.84 -26.07
C LYS B 558 36.64 63.80 -24.99
N PRO B 559 37.66 64.64 -25.27
CA PRO B 559 38.21 65.55 -24.26
C PRO B 559 37.22 66.61 -23.80
N LEU B 560 37.38 67.04 -22.55
CA LEU B 560 36.39 67.86 -21.86
C LEU B 560 36.45 69.28 -22.38
N ALA B 561 37.62 69.69 -22.85
CA ALA B 561 37.82 71.02 -23.38
C ALA B 561 36.92 71.23 -24.59
N SER B 562 36.78 70.19 -25.40
CA SER B 562 35.98 70.24 -26.61
C SER B 562 34.52 70.52 -26.29
N ILE B 563 34.01 69.90 -25.23
CA ILE B 563 32.60 70.03 -24.89
C ILE B 563 32.32 71.42 -24.32
N PHE B 564 33.22 71.94 -23.48
CA PHE B 564 33.03 73.27 -22.93
C PHE B 564 33.08 74.32 -24.03
N ASN B 565 33.99 74.15 -24.99
CA ASN B 565 34.10 75.08 -26.11
C ASN B 565 32.79 75.13 -26.89
N GLU B 566 32.17 73.96 -27.10
CA GLU B 566 30.92 73.85 -27.82
C GLU B 566 29.86 74.73 -27.14
N PHE B 567 29.82 74.72 -25.82
CA PHE B 567 28.83 75.46 -25.05
C PHE B 567 29.10 76.96 -25.10
N GLU B 568 30.33 77.36 -25.42
CA GLU B 568 30.69 78.77 -25.50
C GLU B 568 30.61 79.28 -26.93
N GLY B 569 30.26 78.40 -27.89
CA GLY B 569 29.93 78.83 -29.24
C GLY B 569 31.04 78.56 -30.26
N GLN B 570 32.13 77.92 -29.85
CA GLN B 570 33.19 77.53 -30.76
C GLN B 570 32.99 76.07 -31.16
N MET B 571 32.73 75.85 -32.46
CA MET B 571 32.35 74.54 -32.98
C MET B 571 33.44 74.04 -33.90
N GLU B 572 33.77 72.74 -33.78
CA GLU B 572 34.79 72.12 -34.61
C GLU B 572 34.26 71.94 -36.04
N GLN B 573 35.12 72.21 -37.02
CA GLN B 573 34.74 72.19 -38.43
C GLN B 573 35.01 70.81 -39.01
N GLY B 574 34.01 70.25 -39.70
CA GLY B 574 34.11 68.95 -40.33
C GLY B 574 34.72 69.04 -41.73
N GLN B 575 34.13 69.90 -42.56
CA GLN B 575 34.57 70.12 -43.93
C GLN B 575 34.79 71.62 -44.12
N ILE B 576 35.73 71.98 -44.99
CA ILE B 576 36.05 73.38 -45.23
C ILE B 576 34.85 74.04 -45.90
N GLY B 577 34.28 75.04 -45.23
CA GLY B 577 33.15 75.80 -45.75
C GLY B 577 31.81 75.14 -45.44
N GLY B 578 31.78 74.28 -44.43
CA GLY B 578 30.57 73.52 -44.10
C GLY B 578 29.63 74.30 -43.20
N SER B 579 28.39 73.83 -43.10
CA SER B 579 27.32 74.54 -42.41
C SER B 579 27.22 74.13 -40.94
N GLY B 580 27.37 72.84 -40.64
CA GLY B 580 27.46 72.39 -39.27
C GLY B 580 26.17 71.75 -38.77
N ASP B 581 26.15 71.41 -37.47
CA ASP B 581 24.98 70.85 -36.83
C ASP B 581 25.11 71.01 -35.32
N VAL B 582 23.99 70.81 -34.61
CA VAL B 582 23.90 71.02 -33.17
C VAL B 582 24.73 69.95 -32.46
N LYS B 583 25.08 70.23 -31.20
CA LYS B 583 26.15 69.53 -30.49
C LYS B 583 25.79 68.08 -30.18
N TYR B 584 24.50 67.76 -30.11
CA TYR B 584 24.09 66.42 -29.75
C TYR B 584 23.76 65.59 -30.99
N HIS B 585 24.42 65.88 -32.12
CA HIS B 585 24.27 65.11 -33.33
C HIS B 585 25.61 64.64 -33.89
N LEU B 586 26.70 64.76 -33.10
CA LEU B 586 28.04 64.54 -33.60
C LEU B 586 28.59 63.21 -33.10
N GLY B 587 29.68 62.73 -33.73
CA GLY B 587 30.31 61.46 -33.38
C GLY B 587 31.76 61.60 -32.93
N SER B 588 32.39 60.48 -32.53
CA SER B 588 33.79 60.47 -32.13
C SER B 588 34.34 59.04 -32.05
N GLU B 589 35.67 58.92 -31.85
CA GLU B 589 36.36 57.64 -31.71
C GLU B 589 37.23 57.64 -30.45
N GLY B 590 37.59 56.45 -29.97
CA GLY B 590 38.42 56.32 -28.78
C GLY B 590 38.84 54.88 -28.49
N GLN B 591 39.57 54.68 -27.38
CA GLN B 591 40.05 53.38 -26.93
C GLN B 591 39.53 53.12 -25.52
N HIS B 592 39.39 51.84 -25.16
CA HIS B 592 38.96 51.45 -23.83
C HIS B 592 39.87 50.35 -23.32
N LEU B 593 40.49 50.57 -22.16
CA LEU B 593 41.37 49.61 -21.51
C LEU B 593 40.62 48.91 -20.39
N GLN B 594 40.83 47.61 -20.29
CA GLN B 594 40.17 46.77 -19.30
C GLN B 594 40.77 47.11 -17.93
N MET B 595 39.91 47.24 -16.91
CA MET B 595 40.32 47.74 -15.60
C MET B 595 41.03 46.65 -14.81
N PHE B 596 40.52 45.42 -14.92
CA PHE B 596 41.09 44.27 -14.25
C PHE B 596 41.41 43.19 -15.28
N GLY B 597 42.28 43.53 -16.23
CA GLY B 597 42.65 42.64 -17.31
C GLY B 597 43.69 43.28 -18.22
N ASP B 598 44.09 42.58 -19.28
CA ASP B 598 45.11 43.08 -20.19
C ASP B 598 44.51 43.38 -21.56
N GLY B 599 43.17 43.50 -21.62
CA GLY B 599 42.47 43.71 -22.88
C GLY B 599 42.40 45.18 -23.27
N GLU B 600 42.10 45.41 -24.55
CA GLU B 600 41.93 46.74 -25.12
C GLU B 600 41.00 46.63 -26.32
N ILE B 601 40.09 47.61 -26.49
CA ILE B 601 39.12 47.60 -27.57
C ILE B 601 38.93 49.01 -28.06
N LYS B 602 38.43 49.15 -29.30
CA LYS B 602 38.18 50.43 -29.93
C LYS B 602 36.69 50.75 -29.87
N VAL B 603 36.33 52.01 -29.62
CA VAL B 603 34.94 52.42 -29.44
C VAL B 603 34.65 53.61 -30.36
N SER B 604 33.55 53.53 -31.11
CA SER B 604 33.14 54.54 -32.07
C SER B 604 31.69 54.93 -31.87
N LEU B 605 31.34 56.19 -32.17
CA LEU B 605 29.96 56.67 -32.15
C LEU B 605 29.66 57.39 -33.44
N THR B 606 28.48 57.15 -34.02
CA THR B 606 28.13 57.61 -35.36
C THR B 606 27.20 58.80 -35.32
N ALA B 607 27.24 59.62 -36.36
CA ALA B 607 26.42 60.82 -36.48
C ALA B 607 24.99 60.45 -36.84
N ASN B 608 24.05 61.36 -36.58
CA ASN B 608 22.66 61.11 -36.86
C ASN B 608 21.87 62.40 -36.89
N PRO B 609 20.71 62.45 -37.58
CA PRO B 609 19.80 63.57 -37.51
C PRO B 609 18.77 63.50 -36.38
N SER B 610 17.89 64.49 -36.32
CA SER B 610 16.88 64.58 -35.28
C SER B 610 15.81 63.51 -35.47
N HIS B 611 15.57 63.09 -36.72
CA HIS B 611 14.60 62.06 -37.03
C HIS B 611 14.96 60.79 -36.29
N LEU B 612 14.06 60.34 -35.41
CA LEU B 612 14.35 59.24 -34.52
C LEU B 612 14.37 57.92 -35.29
N GLU B 613 15.34 57.07 -34.94
CA GLU B 613 15.44 55.69 -35.36
C GLU B 613 15.91 55.57 -36.82
N ALA B 614 16.47 56.63 -37.38
CA ALA B 614 16.97 56.61 -38.75
C ALA B 614 18.41 56.14 -38.81
N VAL B 615 19.02 55.86 -37.65
CA VAL B 615 20.41 55.47 -37.55
C VAL B 615 20.50 53.95 -37.45
N ASN B 616 19.37 53.27 -37.34
CA ASN B 616 19.38 51.85 -37.09
C ASN B 616 19.96 51.09 -38.28
N PRO B 617 19.43 51.22 -39.53
CA PRO B 617 20.05 50.58 -40.66
C PRO B 617 21.45 51.07 -41.04
N VAL B 618 21.74 52.33 -40.75
CA VAL B 618 23.03 52.90 -41.11
C VAL B 618 24.13 52.27 -40.27
N MET B 619 23.89 52.04 -38.98
CA MET B 619 24.94 51.54 -38.12
C MET B 619 25.13 50.04 -38.35
N GLU B 620 24.10 49.35 -38.82
CA GLU B 620 24.20 47.94 -39.16
C GLU B 620 25.10 47.73 -40.36
N GLY B 621 24.98 48.60 -41.36
CA GLY B 621 25.84 48.58 -42.53
C GLY B 621 27.30 48.88 -42.22
N ILE B 622 27.56 49.82 -41.31
CA ILE B 622 28.92 50.15 -40.92
C ILE B 622 29.58 48.93 -40.32
N VAL B 623 28.85 48.17 -39.52
CA VAL B 623 29.41 47.02 -38.86
C VAL B 623 29.73 45.93 -39.87
N ARG B 624 28.84 45.73 -40.84
CA ARG B 624 29.02 44.68 -41.83
C ARG B 624 30.23 44.95 -42.69
N ALA B 625 30.46 46.21 -43.04
CA ALA B 625 31.58 46.57 -43.89
C ALA B 625 32.89 46.34 -43.16
N LYS B 626 32.93 46.63 -41.87
CA LYS B 626 34.13 46.47 -41.08
C LYS B 626 34.46 44.99 -40.90
N GLN B 627 33.43 44.16 -40.72
CA GLN B 627 33.63 42.74 -40.57
C GLN B 627 34.19 42.14 -41.84
N ASP B 628 33.71 42.61 -43.00
CA ASP B 628 34.12 42.06 -44.28
C ASP B 628 35.57 42.38 -44.57
N TYR B 629 36.06 43.52 -44.08
CA TYR B 629 37.42 43.94 -44.30
C TYR B 629 38.40 43.13 -43.47
N LEU B 630 37.99 42.70 -42.28
CA LEU B 630 38.87 41.92 -41.43
C LEU B 630 38.99 40.50 -41.95
N ASP B 631 37.88 39.90 -42.38
CA ASP B 631 37.89 38.65 -43.14
C ASP B 631 38.33 37.49 -42.27
N LYS B 632 37.55 37.18 -41.22
CA LYS B 632 37.88 36.12 -40.31
C LYS B 632 36.93 34.94 -40.42
N GLY B 633 35.93 35.00 -41.31
CA GLY B 633 35.11 33.86 -41.61
C GLY B 633 33.83 33.78 -40.77
N VAL B 634 33.23 32.58 -40.73
CA VAL B 634 31.94 32.34 -40.12
C VAL B 634 32.06 32.36 -38.60
N ASP B 635 33.25 32.00 -38.10
CA ASP B 635 33.52 31.93 -36.67
C ASP B 635 34.05 33.27 -36.17
N GLY B 636 34.00 34.30 -37.03
CA GLY B 636 34.49 35.62 -36.69
C GLY B 636 33.40 36.48 -36.08
N LYS B 637 32.96 37.49 -36.83
CA LYS B 637 31.94 38.42 -36.40
C LYS B 637 32.40 39.14 -35.13
N THR B 638 33.44 39.96 -35.29
CA THR B 638 34.23 40.48 -34.17
C THR B 638 34.09 41.99 -34.02
N VAL B 639 33.07 42.58 -34.64
CA VAL B 639 32.69 43.96 -34.39
C VAL B 639 31.27 43.96 -33.83
N VAL B 640 31.08 44.56 -32.65
CA VAL B 640 29.85 44.44 -31.87
C VAL B 640 29.00 45.69 -32.07
N PRO B 641 27.73 45.60 -32.51
CA PRO B 641 26.82 46.73 -32.49
C PRO B 641 26.01 46.91 -31.21
N LEU B 642 26.01 48.14 -30.68
CA LEU B 642 25.36 48.50 -29.43
C LEU B 642 24.44 49.68 -29.70
N LEU B 643 23.12 49.47 -29.58
CA LEU B 643 22.13 50.39 -30.09
C LEU B 643 21.16 50.78 -28.98
N LEU B 644 21.02 52.10 -28.77
CA LEU B 644 20.22 52.67 -27.69
C LEU B 644 18.94 53.26 -28.26
N HIS B 645 17.83 53.14 -27.53
CA HIS B 645 16.54 53.65 -27.96
C HIS B 645 15.83 54.35 -26.80
N GLY B 646 14.71 55.01 -27.10
CA GLY B 646 13.73 55.45 -26.12
C GLY B 646 12.43 54.66 -26.23
N ASP B 647 11.61 54.68 -25.18
CA ASP B 647 10.48 53.79 -25.06
C ASP B 647 9.39 54.15 -26.07
N ALA B 648 9.06 55.43 -26.20
CA ALA B 648 8.02 55.85 -27.12
C ALA B 648 8.41 55.57 -28.57
N ALA B 649 9.66 55.85 -28.93
CA ALA B 649 10.12 55.69 -30.29
C ALA B 649 10.21 54.21 -30.69
N PHE B 650 10.58 53.35 -29.75
CA PHE B 650 10.77 51.95 -30.05
C PHE B 650 9.45 51.28 -30.37
N ALA B 651 8.38 51.68 -29.70
CA ALA B 651 7.08 51.05 -29.88
C ALA B 651 6.34 51.64 -31.06
N GLY B 652 6.68 52.84 -31.47
CA GLY B 652 5.85 53.59 -32.40
C GLY B 652 6.28 53.51 -33.84
N LEU B 653 7.57 53.77 -34.10
CA LEU B 653 8.08 53.89 -35.44
C LEU B 653 8.33 52.51 -36.04
N GLY B 654 8.05 52.38 -37.35
CA GLY B 654 8.04 51.09 -38.02
C GLY B 654 9.41 50.65 -38.54
N ILE B 655 10.38 51.57 -38.54
CA ILE B 655 11.72 51.28 -38.98
C ILE B 655 12.41 50.30 -38.03
N VAL B 656 11.97 50.24 -36.78
CA VAL B 656 12.63 49.41 -35.78
C VAL B 656 12.45 47.95 -36.13
N PRO B 657 11.23 47.38 -36.22
CA PRO B 657 11.08 45.98 -36.59
C PRO B 657 11.51 45.62 -38.02
N GLU B 658 11.49 46.60 -38.91
CA GLU B 658 11.93 46.43 -40.29
C GLU B 658 13.42 46.13 -40.34
N THR B 659 14.20 46.69 -39.41
CA THR B 659 15.64 46.50 -39.37
C THR B 659 15.99 45.23 -38.62
N ILE B 660 15.20 44.84 -37.62
CA ILE B 660 15.46 43.62 -36.88
C ILE B 660 15.23 42.41 -37.78
N ASN B 661 14.44 42.59 -38.84
CA ASN B 661 14.09 41.53 -39.76
C ASN B 661 15.23 41.18 -40.69
N LEU B 662 16.29 41.99 -40.74
CA LEU B 662 17.44 41.70 -41.57
C LEU B 662 18.52 40.92 -40.82
N ALA B 663 18.25 40.48 -39.60
CA ALA B 663 19.29 40.00 -38.70
C ALA B 663 19.90 38.69 -39.17
N LYS B 664 19.10 37.79 -39.74
CA LYS B 664 19.56 36.45 -40.04
C LYS B 664 19.60 36.21 -41.54
N LEU B 665 19.66 37.25 -42.37
CA LEU B 665 19.69 37.10 -43.80
C LEU B 665 21.13 37.11 -44.29
N ARG B 666 21.33 36.64 -45.51
CA ARG B 666 22.62 36.19 -45.99
C ARG B 666 23.55 37.37 -46.18
N GLY B 667 23.06 38.48 -46.72
CA GLY B 667 23.93 39.62 -46.96
C GLY B 667 23.88 40.69 -45.88
N TYR B 668 23.27 40.40 -44.72
CA TYR B 668 23.02 41.42 -43.72
C TYR B 668 23.41 41.00 -42.31
N ASP B 669 23.76 39.73 -42.09
CA ASP B 669 24.00 39.21 -40.75
C ASP B 669 25.29 39.80 -40.18
N VAL B 670 25.27 40.20 -38.91
CA VAL B 670 26.42 40.78 -38.25
C VAL B 670 26.67 40.10 -36.91
N GLY B 671 26.03 38.99 -36.64
CA GLY B 671 26.33 38.21 -35.46
C GLY B 671 25.48 38.54 -34.25
N GLY B 672 24.48 39.41 -34.41
CA GLY B 672 23.62 39.80 -33.29
C GLY B 672 23.82 41.26 -32.93
N THR B 673 22.79 41.86 -32.33
CA THR B 673 22.80 43.23 -31.88
C THR B 673 22.35 43.29 -30.42
N ILE B 674 23.04 44.10 -29.60
CA ILE B 674 22.64 44.34 -28.23
C ILE B 674 21.81 45.61 -28.18
N HIS B 675 20.56 45.53 -27.74
CA HIS B 675 19.64 46.65 -27.69
C HIS B 675 19.40 47.08 -26.25
N ILE B 676 19.43 48.39 -25.99
CA ILE B 676 19.09 48.95 -24.69
C ILE B 676 17.96 49.95 -24.88
N VAL B 677 16.84 49.76 -24.16
CA VAL B 677 15.72 50.67 -24.17
C VAL B 677 15.68 51.39 -22.83
N VAL B 678 15.83 52.72 -22.85
CA VAL B 678 15.78 53.55 -21.67
C VAL B 678 14.33 53.90 -21.38
N ASN B 679 13.71 53.15 -20.47
CA ASN B 679 12.30 53.23 -20.19
C ASN B 679 12.09 54.16 -19.01
N ASN B 680 11.83 55.44 -19.29
CA ASN B 680 11.63 56.43 -18.27
C ASN B 680 10.17 56.84 -18.18
N GLN B 681 9.31 56.02 -18.77
CA GLN B 681 7.89 56.01 -18.47
C GLN B 681 7.20 57.27 -18.98
N ILE B 682 7.76 57.91 -20.00
CA ILE B 682 7.15 59.10 -20.55
C ILE B 682 7.78 59.46 -21.90
N GLY B 683 6.96 60.02 -22.78
CA GLY B 683 7.37 60.54 -24.07
C GLY B 683 7.86 61.97 -23.95
N PHE B 684 7.11 62.92 -24.45
CA PHE B 684 7.38 64.33 -24.24
C PHE B 684 6.35 64.83 -23.23
N THR B 685 5.08 64.81 -23.61
CA THR B 685 3.98 65.08 -22.72
C THR B 685 2.98 63.93 -22.77
N THR B 686 3.42 62.76 -23.26
CA THR B 686 2.54 61.63 -23.53
C THR B 686 2.96 60.44 -22.70
N THR B 687 1.98 59.75 -22.11
CA THR B 687 2.24 58.62 -21.24
C THR B 687 2.02 57.32 -22.01
N PRO B 688 2.54 56.18 -21.53
CA PRO B 688 2.43 54.91 -22.24
C PRO B 688 1.06 54.44 -22.68
N ASP B 689 0.00 54.93 -22.03
CA ASP B 689 -1.36 54.54 -22.36
C ASP B 689 -1.77 55.10 -23.71
N SER B 690 -1.08 56.13 -24.19
CA SER B 690 -1.39 56.75 -25.46
C SER B 690 -0.32 56.48 -26.51
N SER B 691 0.64 55.60 -26.20
CA SER B 691 1.81 55.42 -27.04
C SER B 691 1.90 54.01 -27.63
N ARG B 692 1.34 53.01 -26.97
CA ARG B 692 1.47 51.65 -27.46
C ARG B 692 0.28 50.81 -27.05
N SER B 693 0.10 49.69 -27.76
CA SER B 693 -0.93 48.71 -27.51
C SER B 693 -0.33 47.40 -27.02
N MET B 694 0.97 47.42 -26.72
CA MET B 694 1.66 46.27 -26.15
C MET B 694 1.81 46.52 -24.64
N HIS B 695 2.00 45.46 -23.86
CA HIS B 695 2.16 45.60 -22.41
C HIS B 695 3.51 46.19 -22.07
N TYR B 696 4.58 45.68 -22.70
CA TYR B 696 5.92 46.22 -22.56
C TYR B 696 6.37 46.82 -23.89
N ALA B 697 7.35 47.70 -23.83
CA ALA B 697 7.87 48.36 -25.02
C ALA B 697 8.74 47.41 -25.83
N THR B 698 9.24 46.35 -25.20
CA THR B 698 10.18 45.44 -25.81
C THR B 698 9.50 44.16 -26.26
N ASP B 699 8.26 44.23 -26.73
CA ASP B 699 7.50 43.03 -27.04
C ASP B 699 7.73 42.56 -28.48
N TYR B 700 8.43 43.33 -29.29
CA TYR B 700 8.82 42.89 -30.62
C TYR B 700 9.80 41.73 -30.55
N ALA B 701 10.46 41.55 -29.41
CA ALA B 701 11.38 40.45 -29.21
C ALA B 701 10.70 39.10 -29.35
N LYS B 702 9.44 39.01 -28.96
CA LYS B 702 8.70 37.76 -29.00
C LYS B 702 8.33 37.38 -30.42
N ALA B 703 8.38 38.33 -31.36
CA ALA B 703 8.12 38.04 -32.75
C ALA B 703 9.33 37.39 -33.41
N PHE B 704 10.52 37.60 -32.85
CA PHE B 704 11.76 37.16 -33.47
C PHE B 704 12.45 36.07 -32.67
N GLY B 705 11.91 35.72 -31.50
CA GLY B 705 12.41 34.59 -30.74
C GLY B 705 13.69 34.91 -29.96
N CYS B 706 13.69 36.03 -29.23
CA CYS B 706 14.88 36.52 -28.55
C CYS B 706 14.59 36.79 -27.09
N PRO B 707 15.59 36.71 -26.19
CA PRO B 707 15.37 36.97 -24.76
C PRO B 707 15.29 38.42 -24.32
N VAL B 708 14.56 38.70 -23.25
CA VAL B 708 14.42 40.05 -22.71
C VAL B 708 14.75 40.04 -21.22
N PHE B 709 15.49 41.06 -20.77
CA PHE B 709 15.82 41.27 -19.37
C PHE B 709 15.36 42.64 -18.92
N HIS B 710 14.48 42.70 -17.92
CA HIS B 710 14.04 43.94 -17.31
C HIS B 710 14.78 44.16 -16.00
N VAL B 711 15.38 45.33 -15.79
CA VAL B 711 16.20 45.56 -14.62
C VAL B 711 15.88 46.92 -14.01
N ASN B 712 15.91 46.96 -12.67
CA ASN B 712 15.68 48.15 -11.87
C ASN B 712 16.88 49.06 -11.95
N GLY B 713 16.65 50.33 -12.21
CA GLY B 713 17.71 51.28 -12.44
C GLY B 713 18.23 51.93 -11.18
N ASP B 714 17.78 51.47 -10.01
CA ASP B 714 18.30 51.91 -8.74
C ASP B 714 19.00 50.77 -8.00
N ASP B 715 19.42 49.72 -8.72
CA ASP B 715 20.23 48.67 -8.14
C ASP B 715 21.44 48.42 -9.03
N PRO B 716 22.53 49.20 -8.89
CA PRO B 716 23.62 49.16 -9.84
C PRO B 716 24.38 47.85 -10.01
N GLU B 717 24.39 46.98 -9.01
CA GLU B 717 25.09 45.73 -9.14
C GLU B 717 24.33 44.77 -10.04
N ALA B 718 23.01 44.82 -10.01
CA ALA B 718 22.19 44.02 -10.89
C ALA B 718 22.29 44.49 -12.34
N VAL B 719 22.51 45.78 -12.54
CA VAL B 719 22.63 46.34 -13.88
C VAL B 719 23.92 45.85 -14.51
N VAL B 720 24.99 45.74 -13.73
CA VAL B 720 26.28 45.33 -14.22
C VAL B 720 26.24 43.85 -14.57
N TRP B 721 25.47 43.06 -13.84
CA TRP B 721 25.36 41.64 -14.10
C TRP B 721 24.62 41.39 -15.40
N VAL B 722 23.56 42.16 -15.67
CA VAL B 722 22.73 41.96 -16.84
C VAL B 722 23.51 42.32 -18.09
N GLY B 723 24.36 43.33 -18.00
CA GLY B 723 25.21 43.72 -19.11
C GLY B 723 26.18 42.63 -19.53
N GLN B 724 26.77 41.95 -18.56
CA GLN B 724 27.71 40.88 -18.79
C GLN B 724 27.02 39.66 -19.40
N LEU B 725 25.84 39.33 -18.90
CA LEU B 725 25.12 38.14 -19.30
C LEU B 725 24.62 38.27 -20.73
N ALA B 726 24.28 39.50 -21.16
CA ALA B 726 23.80 39.76 -22.49
C ALA B 726 24.91 39.61 -23.52
N THR B 727 26.10 40.09 -23.19
CA THR B 727 27.24 40.04 -24.11
C THR B 727 27.74 38.61 -24.27
N GLU B 728 27.58 37.78 -23.25
CA GLU B 728 27.95 36.38 -23.34
C GLU B 728 26.97 35.60 -24.20
N TYR B 729 25.68 35.93 -24.11
CA TYR B 729 24.66 35.25 -24.89
C TYR B 729 24.85 35.53 -26.38
N ARG B 730 25.27 36.74 -26.71
CA ARG B 730 25.47 37.12 -28.10
C ARG B 730 26.63 36.34 -28.71
N ARG B 731 27.68 36.12 -27.93
CA ARG B 731 28.88 35.48 -28.44
C ARG B 731 28.65 34.00 -28.67
N ARG B 732 27.80 33.37 -27.88
CA ARG B 732 27.61 31.92 -27.98
C ARG B 732 26.59 31.57 -29.05
N PHE B 733 25.52 32.35 -29.20
CA PHE B 733 24.39 31.93 -30.00
C PHE B 733 24.21 32.78 -31.26
N GLY B 734 24.79 33.98 -31.30
CA GLY B 734 24.78 34.79 -32.50
C GLY B 734 23.42 35.39 -32.81
N LYS B 735 22.68 35.81 -31.79
CA LYS B 735 21.34 36.36 -31.94
C LYS B 735 21.23 37.68 -31.20
N ASP B 736 20.09 38.36 -31.38
CA ASP B 736 19.82 39.64 -30.76
C ASP B 736 19.35 39.45 -29.33
N VAL B 737 19.61 40.45 -28.48
CA VAL B 737 19.27 40.42 -27.07
C VAL B 737 18.77 41.81 -26.67
N PHE B 738 17.79 41.88 -25.78
CA PHE B 738 17.12 43.13 -25.44
C PHE B 738 17.17 43.40 -23.93
N ILE B 739 17.59 44.60 -23.53
CA ILE B 739 17.62 45.04 -22.14
C ILE B 739 16.68 46.22 -21.98
N ASP B 740 15.83 46.16 -20.95
CA ASP B 740 14.89 47.21 -20.60
C ASP B 740 15.28 47.81 -19.24
N LEU B 741 15.80 49.03 -19.25
CA LEU B 741 16.27 49.71 -18.07
C LEU B 741 15.19 50.65 -17.57
N VAL B 742 14.55 50.30 -16.46
CA VAL B 742 13.41 51.02 -15.93
C VAL B 742 13.89 52.11 -14.99
N CYS B 743 13.56 53.36 -15.30
CA CYS B 743 14.05 54.53 -14.59
C CYS B 743 13.05 55.68 -14.72
N TYR B 744 13.45 56.91 -14.40
CA TYR B 744 12.56 58.06 -14.53
C TYR B 744 13.32 59.25 -15.12
N ARG B 745 12.59 60.33 -15.41
CA ARG B 745 13.14 61.58 -15.93
C ARG B 745 12.93 62.68 -14.91
N LEU B 746 14.00 63.25 -14.37
CA LEU B 746 13.94 64.13 -13.21
C LEU B 746 13.36 65.48 -13.58
N ARG B 747 13.81 66.06 -14.68
CA ARG B 747 13.31 67.35 -15.10
C ARG B 747 12.30 67.16 -16.22
N GLY B 748 12.00 68.23 -16.95
CA GLY B 748 11.14 68.15 -18.12
C GLY B 748 11.87 67.58 -19.33
N HIS B 749 11.20 67.61 -20.48
CA HIS B 749 11.74 67.05 -21.70
C HIS B 749 13.06 67.74 -22.02
N ASN B 750 13.05 69.06 -21.94
CA ASN B 750 14.25 69.86 -21.97
C ASN B 750 14.25 70.66 -20.66
N GLU B 751 15.25 71.54 -20.49
CA GLU B 751 15.44 72.23 -19.22
C GLU B 751 14.67 73.55 -19.19
N ALA B 752 13.73 73.74 -20.13
CA ALA B 752 12.94 74.94 -20.17
C ALA B 752 11.45 74.62 -20.03
N ASP B 753 11.11 73.37 -19.68
CA ASP B 753 9.74 72.91 -19.70
C ASP B 753 9.29 72.54 -18.29
N ASP B 754 7.98 72.72 -18.02
CA ASP B 754 7.40 72.38 -16.73
C ASP B 754 6.51 71.16 -16.86
N PRO B 755 6.90 69.99 -16.34
CA PRO B 755 6.09 68.78 -16.51
C PRO B 755 4.86 68.63 -15.63
N SER B 756 4.67 69.55 -14.69
CA SER B 756 3.57 69.47 -13.75
C SER B 756 2.26 69.92 -14.39
N MET B 757 2.33 70.61 -15.53
CA MET B 757 1.13 71.08 -16.20
C MET B 757 0.28 69.90 -16.64
N THR B 758 0.92 68.79 -17.03
CA THR B 758 0.22 67.69 -17.65
C THR B 758 0.37 66.39 -16.90
N GLN B 759 1.40 66.24 -16.06
CA GLN B 759 1.58 65.05 -15.25
C GLN B 759 1.77 65.43 -13.78
N PRO B 760 0.74 65.94 -13.07
CA PRO B 760 0.88 66.36 -11.69
C PRO B 760 1.21 65.29 -10.65
N LYS B 761 0.58 64.14 -10.75
CA LYS B 761 0.68 63.12 -9.73
C LYS B 761 2.00 62.37 -9.83
N MET B 762 2.54 62.23 -11.04
CA MET B 762 3.78 61.52 -11.26
C MET B 762 4.93 62.34 -10.73
N TYR B 763 4.84 63.67 -10.80
CA TYR B 763 5.93 64.52 -10.39
C TYR B 763 5.81 64.92 -8.92
N GLU B 764 4.82 64.39 -8.21
CA GLU B 764 4.82 64.43 -6.76
C GLU B 764 5.72 63.34 -6.20
N LEU B 765 5.80 62.21 -6.89
CA LEU B 765 6.65 61.12 -6.48
C LEU B 765 8.11 61.36 -6.83
N ILE B 766 8.41 62.22 -7.79
CA ILE B 766 9.76 62.34 -8.31
C ILE B 766 10.51 63.44 -7.60
N THR B 767 9.85 64.57 -7.35
CA THR B 767 10.51 65.72 -6.78
C THR B 767 10.91 65.44 -5.34
N GLY B 768 12.20 65.59 -5.04
CA GLY B 768 12.71 65.47 -3.70
C GLY B 768 13.14 64.04 -3.33
N ARG B 769 13.39 63.19 -4.32
CA ARG B 769 13.95 61.87 -4.07
C ARG B 769 15.42 62.00 -3.78
N GLU B 770 16.05 60.90 -3.34
CA GLU B 770 17.49 60.85 -3.24
C GLU B 770 18.02 60.05 -4.42
N THR B 771 19.17 60.46 -4.94
CA THR B 771 19.71 59.96 -6.19
C THR B 771 20.31 58.57 -6.01
N VAL B 772 20.68 57.92 -7.11
CA VAL B 772 21.15 56.56 -7.12
C VAL B 772 22.56 56.51 -6.57
N ARG B 773 23.32 57.58 -6.71
CA ARG B 773 24.65 57.67 -6.16
C ARG B 773 24.61 57.76 -4.65
N ALA B 774 23.67 58.55 -4.12
CA ALA B 774 23.51 58.73 -2.70
C ALA B 774 23.06 57.45 -2.03
N GLN B 775 22.12 56.75 -2.61
CA GLN B 775 21.65 55.51 -2.06
C GLN B 775 22.75 54.47 -2.03
N TYR B 776 23.58 54.41 -3.06
CA TYR B 776 24.58 53.36 -3.16
C TYR B 776 25.72 53.63 -2.19
N THR B 777 26.06 54.89 -1.98
CA THR B 777 27.09 55.25 -1.02
C THR B 777 26.65 54.88 0.38
N GLU B 778 25.38 55.06 0.68
CA GLU B 778 24.84 54.79 2.00
C GLU B 778 24.82 53.30 2.27
N ASP B 779 24.54 52.50 1.25
CA ASP B 779 24.49 51.05 1.38
C ASP B 779 25.88 50.49 1.66
N LEU B 780 26.89 50.97 0.95
CA LEU B 780 28.24 50.45 1.10
C LEU B 780 28.82 50.81 2.46
N LEU B 781 28.55 52.02 2.95
CA LEU B 781 29.04 52.42 4.26
C LEU B 781 28.33 51.62 5.35
N GLY B 782 27.11 51.21 5.11
CA GLY B 782 26.39 50.41 6.07
C GLY B 782 26.94 49.00 6.20
N ARG B 783 27.30 48.38 5.09
CA ARG B 783 27.78 47.01 5.10
C ARG B 783 29.28 46.95 5.37
N GLY B 784 29.91 48.11 5.55
CA GLY B 784 31.30 48.16 5.94
C GLY B 784 32.25 47.90 4.77
N ASP B 785 31.79 48.19 3.55
CA ASP B 785 32.53 47.89 2.34
C ASP B 785 33.34 49.09 1.86
N LEU B 786 33.24 50.23 2.56
CA LEU B 786 33.91 51.45 2.15
C LEU B 786 34.08 52.37 3.36
N SER B 787 35.18 53.15 3.40
CA SER B 787 35.41 54.10 4.48
C SER B 787 34.88 55.48 4.10
N ASN B 788 34.83 56.40 5.05
CA ASN B 788 34.32 57.73 4.80
C ASN B 788 35.35 58.56 4.05
N GLU B 789 36.63 58.39 4.39
CA GLU B 789 37.68 59.11 3.70
C GLU B 789 37.66 58.77 2.23
N ASP B 790 37.47 57.49 1.90
CA ASP B 790 37.42 57.04 0.52
C ASP B 790 36.24 57.69 -0.19
N ALA B 791 35.08 57.69 0.47
CA ALA B 791 33.86 58.20 -0.13
C ALA B 791 33.96 59.69 -0.41
N GLU B 792 34.78 60.41 0.36
CA GLU B 792 34.88 61.85 0.21
C GLU B 792 35.91 62.19 -0.84
N ALA B 793 36.93 61.36 -0.99
CA ALA B 793 37.96 61.59 -1.99
C ALA B 793 37.38 61.41 -3.38
N VAL B 794 36.51 60.42 -3.56
CA VAL B 794 35.90 60.14 -4.85
C VAL B 794 35.24 61.40 -5.39
N VAL B 795 34.57 62.15 -4.53
CA VAL B 795 33.83 63.32 -4.95
C VAL B 795 34.78 64.48 -5.21
N ARG B 796 35.70 64.72 -4.29
CA ARG B 796 36.56 65.89 -4.34
C ARG B 796 37.46 65.85 -5.57
N ASP B 797 38.01 64.69 -5.89
CA ASP B 797 38.98 64.59 -6.96
C ASP B 797 38.35 64.95 -8.29
N PHE B 798 37.16 64.42 -8.57
CA PHE B 798 36.52 64.62 -9.86
C PHE B 798 36.12 66.08 -10.05
N HIS B 799 35.70 66.73 -8.97
CA HIS B 799 35.26 68.11 -9.06
C HIS B 799 36.44 69.03 -9.33
N ASP B 800 37.61 68.69 -8.77
CA ASP B 800 38.79 69.49 -8.97
C ASP B 800 39.24 69.42 -10.42
N GLN B 801 39.16 68.22 -11.00
CA GLN B 801 39.53 68.00 -12.39
C GLN B 801 38.71 68.89 -13.31
N MET B 802 37.40 68.94 -13.09
CA MET B 802 36.50 69.67 -13.95
C MET B 802 36.72 71.16 -13.83
N GLU B 803 36.98 71.64 -12.61
CA GLU B 803 37.19 73.05 -12.36
C GLU B 803 38.47 73.52 -13.05
N SER B 804 39.50 72.67 -13.04
CA SER B 804 40.76 72.99 -13.66
C SER B 804 40.61 73.25 -15.15
N VAL B 805 39.96 72.31 -15.84
CA VAL B 805 39.78 72.37 -17.28
C VAL B 805 38.96 73.60 -17.65
N PHE B 806 37.93 73.88 -16.87
CA PHE B 806 37.01 74.98 -17.15
C PHE B 806 37.75 76.30 -17.14
N ASN B 807 38.62 76.49 -16.15
CA ASN B 807 39.35 77.74 -16.00
C ASN B 807 40.30 77.93 -17.18
N GLU B 808 40.94 76.83 -17.60
CA GLU B 808 41.88 76.87 -18.71
C GLU B 808 41.17 77.31 -20.00
N VAL B 809 39.90 76.91 -20.15
CA VAL B 809 39.13 77.17 -21.36
C VAL B 809 38.70 78.64 -21.41
N LYS B 810 38.55 79.27 -20.24
CA LYS B 810 38.07 80.64 -20.17
C LYS B 810 39.20 81.66 -20.34
N GLU B 811 40.46 81.23 -20.18
CA GLU B 811 41.60 82.12 -20.34
C GLU B 811 41.67 82.59 -21.79
N GLY B 812 41.60 81.64 -22.73
CA GLY B 812 41.52 81.94 -24.15
C GLY B 812 40.26 82.73 -24.49
N GLY B 813 40.42 83.80 -25.26
CA GLY B 813 39.33 84.70 -25.61
C GLY B 813 38.38 84.07 -26.64
N LYS B 814 37.15 84.61 -26.70
CA LYS B 814 36.13 84.12 -27.61
C LYS B 814 36.28 84.82 -28.96
N LYS B 815 36.22 84.03 -30.04
CA LYS B 815 36.26 84.56 -31.39
C LYS B 815 34.86 85.06 -31.77
N GLN B 816 34.80 85.89 -32.83
CA GLN B 816 33.55 86.43 -33.32
C GLN B 816 33.09 85.63 -34.54
N ALA B 817 31.80 85.72 -34.86
CA ALA B 817 31.19 84.92 -35.91
C ALA B 817 31.71 85.36 -37.28
N GLU B 818 31.77 84.40 -38.21
CA GLU B 818 32.26 84.62 -39.56
C GLU B 818 31.39 83.82 -40.52
N ALA B 819 31.19 84.36 -41.73
CA ALA B 819 30.29 83.74 -42.71
C ALA B 819 30.87 82.42 -43.22
N GLN B 820 29.98 81.50 -43.59
CA GLN B 820 30.36 80.18 -44.10
C GLN B 820 30.32 80.22 -45.63
N THR B 821 31.39 79.69 -46.25
CA THR B 821 31.69 79.97 -47.65
C THR B 821 31.05 78.96 -48.59
N GLY B 822 31.05 77.66 -48.23
CA GLY B 822 30.46 76.62 -49.04
C GLY B 822 31.44 75.47 -49.29
N ILE B 823 30.95 74.37 -49.88
CA ILE B 823 31.77 73.18 -49.99
C ILE B 823 32.03 72.83 -51.46
N THR B 824 31.78 73.75 -52.39
CA THR B 824 31.85 73.44 -53.80
C THR B 824 33.26 73.06 -54.21
N GLY B 825 34.27 73.77 -53.69
CA GLY B 825 35.64 73.60 -54.13
C GLY B 825 36.51 72.85 -53.12
N SER B 826 35.89 72.12 -52.20
CA SER B 826 36.62 71.47 -51.13
C SER B 826 37.21 70.13 -51.58
N GLN B 827 36.73 69.59 -52.71
CA GLN B 827 37.27 68.37 -53.28
C GLN B 827 37.62 68.62 -54.74
N LYS B 828 38.63 67.91 -55.26
CA LYS B 828 39.15 68.15 -56.60
C LYS B 828 38.48 67.23 -57.62
N LEU B 829 38.51 67.66 -58.89
CA LEU B 829 37.94 66.92 -60.01
C LEU B 829 39.05 66.20 -60.76
N PRO B 830 38.82 64.97 -61.26
CA PRO B 830 39.86 64.19 -61.90
C PRO B 830 40.18 64.61 -63.33
N HIS B 831 41.05 65.60 -63.47
CA HIS B 831 41.40 66.12 -64.78
C HIS B 831 42.41 65.21 -65.45
N GLY B 832 42.07 64.75 -66.66
CA GLY B 832 42.98 63.98 -67.49
C GLY B 832 43.04 62.50 -67.12
N LEU B 833 41.92 61.92 -66.73
CA LEU B 833 41.86 60.51 -66.38
C LEU B 833 41.23 59.75 -67.52
N GLU B 834 41.82 58.60 -67.87
CA GLU B 834 41.37 57.80 -68.99
C GLU B 834 40.75 56.52 -68.46
N THR B 835 39.60 56.14 -69.02
CA THR B 835 38.76 55.11 -68.42
C THR B 835 38.53 53.94 -69.38
N ASN B 836 39.38 53.80 -70.41
CA ASN B 836 39.23 52.74 -71.37
C ASN B 836 40.03 51.52 -70.94
N ILE B 837 39.57 50.33 -71.33
CA ILE B 837 40.28 49.11 -71.04
C ILE B 837 40.95 48.61 -72.33
N SER B 838 41.82 47.61 -72.20
CA SER B 838 42.54 47.04 -73.33
C SER B 838 41.69 45.99 -74.02
N ARG B 839 42.10 45.60 -75.23
CA ARG B 839 41.34 44.65 -76.03
C ARG B 839 41.47 43.26 -75.44
N GLU B 840 42.59 42.98 -74.78
CA GLU B 840 42.82 41.71 -74.14
C GLU B 840 41.90 41.56 -72.94
N GLU B 841 41.70 42.65 -72.21
CA GLU B 841 40.84 42.64 -71.02
C GLU B 841 39.39 42.40 -71.42
N LEU B 842 38.97 42.93 -72.56
CA LEU B 842 37.59 42.83 -73.02
C LEU B 842 37.27 41.40 -73.41
N LEU B 843 38.21 40.71 -74.06
CA LEU B 843 37.98 39.35 -74.51
C LEU B 843 37.93 38.40 -73.32
N GLU B 844 38.72 38.67 -72.30
CA GLU B 844 38.76 37.82 -71.13
C GLU B 844 37.44 37.89 -70.39
N LEU B 845 36.87 39.10 -70.30
CA LEU B 845 35.58 39.30 -69.65
C LEU B 845 34.50 38.55 -70.39
N GLY B 846 34.57 38.57 -71.72
CA GLY B 846 33.62 37.85 -72.55
C GLY B 846 33.65 36.35 -72.31
N GLN B 847 34.84 35.78 -72.20
CA GLN B 847 34.99 34.33 -72.08
C GLN B 847 34.52 33.83 -70.73
N ALA B 848 34.42 34.69 -69.74
CA ALA B 848 33.98 34.26 -68.42
C ALA B 848 32.67 33.50 -68.48
N PHE B 849 31.85 33.80 -69.49
CA PHE B 849 30.53 33.21 -69.61
C PHE B 849 30.55 31.91 -70.40
N ALA B 850 31.73 31.48 -70.88
CA ALA B 850 31.90 30.20 -71.53
C ALA B 850 32.60 29.19 -70.62
N ASN B 851 33.28 29.64 -69.58
CA ASN B 851 34.02 28.77 -68.69
C ASN B 851 33.11 28.28 -67.59
N THR B 852 32.15 27.43 -67.94
CA THR B 852 31.21 26.89 -66.98
C THR B 852 31.89 25.82 -66.16
N PRO B 853 31.42 25.50 -64.94
CA PRO B 853 31.93 24.36 -64.20
C PRO B 853 31.68 23.04 -64.92
N GLU B 854 32.01 21.92 -64.26
CA GLU B 854 32.25 20.65 -64.95
C GLU B 854 30.98 20.08 -65.56
N GLY B 855 29.93 19.91 -64.78
CA GLY B 855 28.71 19.40 -65.37
C GLY B 855 27.53 20.35 -65.24
N PHE B 856 27.78 21.63 -65.53
CA PHE B 856 26.79 22.69 -65.43
C PHE B 856 26.23 22.96 -66.82
N ASN B 857 24.92 23.15 -66.91
CA ASN B 857 24.27 23.62 -68.10
C ASN B 857 23.30 24.74 -67.77
N TYR B 858 23.13 25.67 -68.71
CA TYR B 858 22.24 26.79 -68.55
C TYR B 858 20.81 26.35 -68.85
N HIS B 859 19.84 27.16 -68.42
CA HIS B 859 18.44 26.99 -68.73
C HIS B 859 18.24 27.38 -70.17
N PRO B 860 17.33 26.76 -70.92
CA PRO B 860 17.18 27.05 -72.33
C PRO B 860 16.86 28.47 -72.77
N ARG B 861 16.36 29.30 -71.84
CA ARG B 861 15.97 30.65 -72.15
C ARG B 861 17.06 31.63 -71.71
N VAL B 862 18.09 31.13 -71.00
CA VAL B 862 19.21 31.90 -70.54
C VAL B 862 20.43 31.66 -71.42
N ALA B 863 20.44 30.55 -72.16
CA ALA B 863 21.61 30.13 -72.91
C ALA B 863 21.88 31.05 -74.08
N PRO B 864 20.87 31.53 -74.83
CA PRO B 864 21.10 32.53 -75.86
C PRO B 864 21.75 33.83 -75.41
N VAL B 865 21.49 34.26 -74.17
CA VAL B 865 22.04 35.48 -73.61
C VAL B 865 23.54 35.29 -73.39
N ALA B 866 23.91 34.12 -72.88
CA ALA B 866 25.30 33.81 -72.64
C ALA B 866 26.09 33.75 -73.94
N LYS B 867 25.53 33.14 -74.99
CA LYS B 867 26.25 33.03 -76.24
C LYS B 867 26.48 34.41 -76.82
N LYS B 868 25.51 35.30 -76.69
CA LYS B 868 25.60 36.62 -77.29
C LYS B 868 26.67 37.44 -76.57
N ARG B 869 26.85 37.20 -75.28
CA ARG B 869 27.86 37.90 -74.51
C ARG B 869 29.26 37.52 -74.96
N VAL B 870 29.45 36.25 -75.33
CA VAL B 870 30.75 35.76 -75.74
C VAL B 870 31.09 36.25 -77.14
N SER B 871 30.11 36.42 -78.02
CA SER B 871 30.38 36.79 -79.38
C SER B 871 30.42 38.29 -79.59
N SER B 872 29.80 39.06 -78.68
CA SER B 872 29.56 40.48 -78.90
C SER B 872 30.84 41.28 -78.71
N VAL B 873 31.77 40.74 -77.92
CA VAL B 873 33.00 41.43 -77.60
C VAL B 873 33.95 41.38 -78.78
N THR B 874 33.53 40.80 -79.91
CA THR B 874 34.33 40.83 -81.12
C THR B 874 33.52 41.21 -82.35
N GLU B 875 32.19 41.08 -82.33
CA GLU B 875 31.36 41.35 -83.49
C GLU B 875 30.50 42.59 -83.35
N GLY B 876 30.15 42.99 -82.12
CA GLY B 876 29.36 44.20 -81.91
C GLY B 876 28.04 43.91 -81.24
N GLY B 877 27.25 44.97 -81.05
CA GLY B 877 25.90 44.84 -80.54
C GLY B 877 25.85 44.56 -79.05
N ILE B 878 26.50 45.40 -78.26
CA ILE B 878 26.51 45.25 -76.81
C ILE B 878 25.33 46.03 -76.24
N ASP B 879 24.55 45.39 -75.37
CA ASP B 879 23.34 45.99 -74.84
C ASP B 879 23.63 46.63 -73.48
N TRP B 880 22.58 47.15 -72.84
CA TRP B 880 22.70 47.95 -71.65
C TRP B 880 23.24 47.13 -70.49
N ALA B 881 22.63 45.98 -70.23
CA ALA B 881 22.99 45.19 -69.06
C ALA B 881 24.44 44.72 -69.14
N TRP B 882 24.91 44.41 -70.35
CA TRP B 882 26.24 43.88 -70.55
C TRP B 882 27.26 44.99 -70.36
N GLY B 883 26.89 46.22 -70.70
CA GLY B 883 27.74 47.37 -70.45
C GLY B 883 27.97 47.62 -68.96
N GLU B 884 26.91 47.49 -68.16
CA GLU B 884 27.00 47.68 -66.72
C GLU B 884 27.88 46.61 -66.10
N LEU B 885 27.69 45.34 -66.50
CA LEU B 885 28.43 44.25 -65.92
C LEU B 885 29.90 44.31 -66.32
N LEU B 886 30.21 44.79 -67.52
CA LEU B 886 31.58 44.94 -67.95
C LEU B 886 32.30 45.94 -67.06
N ALA B 887 31.60 46.99 -66.62
CA ALA B 887 32.18 48.00 -65.74
C ALA B 887 32.48 47.42 -64.37
N PHE B 888 31.53 46.73 -63.77
CA PHE B 888 31.73 46.22 -62.44
C PHE B 888 32.77 45.10 -62.45
N GLY B 889 32.79 44.30 -63.51
CA GLY B 889 33.76 43.24 -63.62
C GLY B 889 35.18 43.75 -63.75
N SER B 890 35.38 44.77 -64.55
CA SER B 890 36.69 45.33 -64.73
C SER B 890 37.24 45.85 -63.40
N LEU B 891 36.38 46.47 -62.58
CA LEU B 891 36.82 47.04 -61.32
C LEU B 891 37.13 45.95 -60.32
N ALA B 892 36.41 44.83 -60.37
CA ALA B 892 36.68 43.74 -59.46
C ALA B 892 37.99 43.03 -59.82
N ASN B 893 38.37 43.07 -61.09
CA ASN B 893 39.60 42.45 -61.52
C ASN B 893 40.80 43.19 -60.97
N SER B 894 40.71 44.52 -60.85
CA SER B 894 41.81 45.33 -60.40
C SER B 894 42.06 45.17 -58.90
N GLY B 895 41.07 44.70 -58.17
CA GLY B 895 41.30 44.26 -56.81
C GLY B 895 40.34 44.89 -55.81
N ARG B 896 39.12 45.23 -56.23
CA ARG B 896 38.19 45.94 -55.37
C ARG B 896 37.01 45.07 -55.00
N LEU B 897 36.35 45.42 -53.90
CA LEU B 897 35.14 44.78 -53.45
C LEU B 897 33.96 45.54 -54.02
N VAL B 898 33.18 44.86 -54.89
CA VAL B 898 32.03 45.43 -55.53
C VAL B 898 30.79 44.73 -54.99
N ARG B 899 29.81 45.51 -54.52
CA ARG B 899 28.59 45.02 -53.91
C ARG B 899 27.38 45.63 -54.61
N LEU B 900 26.44 44.79 -55.05
CA LEU B 900 25.20 45.19 -55.70
C LEU B 900 24.03 44.55 -54.98
N ALA B 901 23.08 45.37 -54.51
CA ALA B 901 21.95 44.90 -53.72
C ALA B 901 20.66 45.61 -54.13
N GLY B 902 19.54 44.89 -54.05
CA GLY B 902 18.24 45.39 -54.48
C GLY B 902 17.23 44.28 -54.65
N GLU B 903 15.97 44.63 -54.96
CA GLU B 903 14.90 43.66 -55.12
C GLU B 903 15.01 42.98 -56.47
N ASP B 904 15.22 41.66 -56.44
CA ASP B 904 15.27 40.83 -57.63
C ASP B 904 16.42 41.26 -58.52
N SER B 905 17.59 41.48 -57.92
CA SER B 905 18.69 42.12 -58.62
C SER B 905 19.67 41.10 -59.17
N ARG B 906 19.53 39.82 -58.81
CA ARG B 906 20.37 38.77 -59.37
C ARG B 906 19.92 38.42 -60.78
N ARG B 907 18.61 38.32 -61.00
CA ARG B 907 18.06 38.06 -62.32
C ARG B 907 17.82 39.35 -63.06
N GLY B 908 17.28 40.35 -62.37
CA GLY B 908 16.80 41.58 -62.98
C GLY B 908 15.28 41.62 -63.03
N THR B 909 14.72 42.82 -62.89
CA THR B 909 13.28 43.00 -62.88
C THR B 909 12.73 42.77 -64.28
N PHE B 910 13.51 43.13 -65.28
CA PHE B 910 13.08 43.03 -66.66
C PHE B 910 13.79 41.87 -67.34
N THR B 911 14.31 40.92 -66.56
CA THR B 911 14.96 39.71 -67.05
C THR B 911 16.09 40.09 -67.98
N GLN B 912 17.05 40.88 -67.50
CA GLN B 912 18.06 41.43 -68.37
C GLN B 912 19.49 41.19 -67.86
N ARG B 913 19.69 40.81 -66.60
CA ARG B 913 21.01 40.89 -66.02
C ARG B 913 21.68 39.51 -65.99
N HIS B 914 21.08 38.56 -65.30
CA HIS B 914 21.63 37.23 -65.18
C HIS B 914 23.07 37.27 -64.70
N ALA B 915 23.27 37.73 -63.47
CA ALA B 915 24.58 37.80 -62.88
C ALA B 915 24.88 36.49 -62.14
N VAL B 916 23.85 35.83 -61.65
CA VAL B 916 23.98 34.47 -61.16
C VAL B 916 23.00 33.61 -61.95
N ALA B 917 23.46 32.45 -62.42
CA ALA B 917 22.65 31.52 -63.19
C ALA B 917 22.41 30.24 -62.41
N ILE B 918 21.31 29.54 -62.71
CA ILE B 918 20.93 28.32 -62.02
C ILE B 918 20.71 27.20 -63.02
N ASP B 919 21.16 25.99 -62.67
CA ASP B 919 21.02 24.81 -63.51
C ASP B 919 19.67 24.16 -63.25
N PRO B 920 18.83 23.90 -64.26
CA PRO B 920 17.52 23.33 -64.04
C PRO B 920 17.46 21.94 -63.46
N ALA B 921 18.54 21.17 -63.63
CA ALA B 921 18.56 19.78 -63.27
C ALA B 921 19.00 19.59 -61.84
N THR B 922 19.91 20.42 -61.34
CA THR B 922 20.52 20.18 -60.04
C THR B 922 20.35 21.35 -59.08
N ALA B 923 20.02 22.54 -59.59
CA ALA B 923 19.85 23.75 -58.79
C ALA B 923 21.18 24.31 -58.29
N GLU B 924 22.27 24.10 -59.03
CA GLU B 924 23.57 24.63 -58.70
C GLU B 924 23.64 26.07 -59.19
N GLU B 925 24.42 26.92 -58.51
CA GLU B 925 24.56 28.33 -58.84
C GLU B 925 25.92 28.60 -59.44
N PHE B 926 26.00 29.63 -60.28
CA PHE B 926 27.23 30.03 -60.93
C PHE B 926 27.30 31.55 -61.05
N ASN B 927 28.44 32.14 -60.66
CA ASN B 927 28.69 33.57 -60.70
C ASN B 927 29.96 33.82 -61.48
N PRO B 928 29.89 34.04 -62.81
CA PRO B 928 31.07 34.14 -63.64
C PRO B 928 32.12 35.18 -63.29
N LEU B 929 31.67 36.40 -63.02
CA LEU B 929 32.58 37.52 -62.84
C LEU B 929 33.29 37.43 -61.50
N HIS B 930 32.73 36.75 -60.51
CA HIS B 930 33.40 36.56 -59.24
C HIS B 930 34.53 35.55 -59.40
N GLU B 931 34.29 34.52 -60.21
CA GLU B 931 35.29 33.50 -60.45
C GLU B 931 36.49 34.12 -61.14
N LEU B 932 36.25 34.93 -62.15
CA LEU B 932 37.33 35.52 -62.90
C LEU B 932 38.14 36.43 -62.01
N ALA B 933 37.50 37.13 -61.09
CA ALA B 933 38.19 38.11 -60.27
C ALA B 933 39.08 37.40 -59.27
N GLN B 934 38.64 36.26 -58.75
CA GLN B 934 39.40 35.54 -57.76
C GLN B 934 40.57 34.79 -58.39
N SER B 935 40.60 34.68 -59.71
CA SER B 935 41.66 33.98 -60.40
C SER B 935 42.67 34.93 -61.02
N LYS B 936 42.83 36.14 -60.46
CA LYS B 936 43.77 37.09 -60.99
C LYS B 936 44.73 37.58 -59.92
N GLY B 937 44.53 37.17 -58.67
CA GLY B 937 45.54 37.33 -57.65
C GLY B 937 45.60 38.72 -57.05
N ASN B 938 44.53 39.50 -57.18
CA ASN B 938 44.43 40.77 -56.49
C ASN B 938 43.37 40.73 -55.40
N ASN B 939 42.73 39.58 -55.22
CA ASN B 939 41.74 39.36 -54.18
C ASN B 939 40.53 40.28 -54.35
N GLY B 940 39.97 40.32 -55.56
CA GLY B 940 38.79 41.10 -55.84
C GLY B 940 37.55 40.24 -55.68
N LYS B 941 36.40 40.90 -55.52
CA LYS B 941 35.14 40.24 -55.23
C LYS B 941 34.00 40.92 -55.98
N PHE B 942 33.03 40.16 -56.47
CA PHE B 942 31.78 40.65 -57.00
C PHE B 942 30.63 39.96 -56.30
N LEU B 943 29.94 40.66 -55.40
CA LEU B 943 28.90 40.13 -54.53
C LEU B 943 27.55 40.71 -54.91
N VAL B 944 26.57 39.85 -55.23
CA VAL B 944 25.23 40.27 -55.63
C VAL B 944 24.22 39.64 -54.70
N TYR B 945 23.29 40.43 -54.16
CA TYR B 945 22.33 39.97 -53.17
C TYR B 945 20.93 40.44 -53.54
N ASN B 946 19.93 39.60 -53.23
CA ASN B 946 18.52 39.92 -53.33
C ASN B 946 18.01 40.38 -51.98
N SER B 947 17.53 41.63 -51.90
CA SER B 947 17.12 42.23 -50.66
C SER B 947 15.72 41.77 -50.25
N ALA B 948 15.35 42.07 -49.01
CA ALA B 948 13.97 41.94 -48.56
C ALA B 948 13.16 43.10 -49.13
N LEU B 949 11.85 43.07 -48.91
CA LEU B 949 10.97 44.05 -49.52
C LEU B 949 10.90 45.29 -48.62
N THR B 950 11.93 46.13 -48.71
CA THR B 950 12.04 47.36 -47.94
C THR B 950 12.85 48.38 -48.74
N GLU B 951 12.48 49.65 -48.64
CA GLU B 951 13.21 50.71 -49.30
C GLU B 951 13.96 51.56 -48.28
N TYR B 952 13.41 51.70 -47.08
CA TYR B 952 13.99 52.54 -46.04
C TYR B 952 15.19 51.83 -45.44
N ALA B 953 15.03 50.55 -45.09
CA ALA B 953 16.10 49.80 -44.49
C ALA B 953 17.15 49.37 -45.52
N GLY B 954 16.71 49.12 -46.75
CA GLY B 954 17.62 48.77 -47.83
C GLY B 954 18.61 49.86 -48.15
N MET B 955 18.11 51.06 -48.45
CA MET B 955 18.99 52.14 -48.88
C MET B 955 19.84 52.59 -47.72
N GLY B 956 19.31 52.52 -46.50
CA GLY B 956 20.05 52.91 -45.33
C GLY B 956 21.24 52.01 -45.09
N PHE B 957 21.08 50.71 -45.35
CA PHE B 957 22.14 49.74 -45.13
C PHE B 957 23.27 49.97 -46.11
N GLU B 958 22.95 50.36 -47.35
CA GLU B 958 23.99 50.56 -48.34
C GLU B 958 24.74 51.85 -48.09
N TYR B 959 24.07 52.90 -47.62
CA TYR B 959 24.75 54.13 -47.26
C TYR B 959 25.75 53.85 -46.16
N GLY B 960 25.36 53.03 -45.21
CA GLY B 960 26.24 52.69 -44.10
C GLY B 960 27.46 51.92 -44.55
N TYR B 961 27.29 51.07 -45.56
CA TYR B 961 28.36 50.24 -46.05
C TYR B 961 29.42 51.12 -46.70
N SER B 962 28.98 52.19 -47.34
CA SER B 962 29.88 53.09 -48.02
C SER B 962 30.70 53.91 -47.03
N VAL B 963 30.18 54.14 -45.83
CA VAL B 963 30.85 54.93 -44.83
C VAL B 963 31.84 54.05 -44.07
N GLY B 964 31.50 52.79 -43.89
CA GLY B 964 32.34 51.86 -43.14
C GLY B 964 33.55 51.36 -43.93
N ASN B 965 33.50 51.40 -45.26
CA ASN B 965 34.64 51.03 -46.09
C ASN B 965 34.71 51.98 -47.27
N GLU B 966 35.67 52.90 -47.22
CA GLU B 966 35.74 53.98 -48.18
C GLU B 966 36.24 53.51 -49.54
N ASP B 967 36.79 52.28 -49.61
CA ASP B 967 37.46 51.81 -50.80
C ASP B 967 36.61 50.79 -51.56
N SER B 968 35.36 50.60 -51.16
CA SER B 968 34.47 49.66 -51.82
C SER B 968 33.57 50.39 -52.81
N ILE B 969 33.02 49.66 -53.78
CA ILE B 969 32.06 50.18 -54.74
C ILE B 969 30.71 49.57 -54.42
N VAL B 970 29.73 50.41 -54.01
CA VAL B 970 28.44 49.96 -53.54
C VAL B 970 27.34 50.59 -54.38
N ALA B 971 26.33 49.80 -54.75
CA ALA B 971 25.21 50.25 -55.56
C ALA B 971 23.91 49.66 -55.05
N TRP B 972 22.88 50.51 -54.88
CA TRP B 972 21.54 50.10 -54.52
C TRP B 972 20.61 50.32 -55.71
N GLU B 973 19.77 49.33 -56.00
CA GLU B 973 18.86 49.35 -57.13
C GLU B 973 17.42 49.29 -56.64
N ALA B 974 16.55 50.06 -57.29
CA ALA B 974 15.13 50.08 -57.01
C ALA B 974 14.39 49.34 -58.12
N GLN B 975 13.31 48.64 -57.75
CA GLN B 975 12.56 47.86 -58.71
C GLN B 975 11.98 48.78 -59.77
N PHE B 976 11.33 49.85 -59.32
CA PHE B 976 11.04 51.01 -60.15
C PHE B 976 11.43 52.24 -59.36
N GLY B 977 11.76 53.32 -60.06
CA GLY B 977 12.23 54.52 -59.41
C GLY B 977 11.13 55.26 -58.65
N ASP B 978 9.89 54.78 -58.77
CA ASP B 978 8.74 55.42 -58.17
C ASP B 978 8.55 54.96 -56.73
N PHE B 979 9.35 53.99 -56.29
CA PHE B 979 9.20 53.48 -54.94
C PHE B 979 10.29 54.02 -54.02
N ALA B 980 11.08 54.98 -54.51
CA ALA B 980 12.18 55.53 -53.73
C ALA B 980 11.69 56.57 -52.73
N ASN B 981 10.44 57.02 -52.85
CA ASN B 981 9.88 57.95 -51.90
C ASN B 981 9.59 57.28 -50.57
N GLY B 982 9.72 55.96 -50.50
CA GLY B 982 9.63 55.25 -49.24
C GLY B 982 10.91 55.36 -48.44
N ALA B 983 11.96 55.92 -49.04
CA ALA B 983 13.24 56.12 -48.38
C ALA B 983 13.62 57.59 -48.37
N GLN B 984 12.63 58.47 -48.26
CA GLN B 984 12.87 59.89 -48.42
C GLN B 984 13.70 60.43 -47.27
N THR B 985 13.52 59.90 -46.07
CA THR B 985 14.28 60.31 -44.91
C THR B 985 15.77 60.15 -45.18
N ILE B 986 16.19 59.00 -45.70
CA ILE B 986 17.59 58.72 -45.97
C ILE B 986 18.12 59.67 -47.04
N ILE B 987 17.34 59.92 -48.09
CA ILE B 987 17.79 60.79 -49.15
C ILE B 987 18.00 62.21 -48.64
N ASP B 988 17.12 62.69 -47.74
CA ASP B 988 17.14 64.08 -47.33
C ASP B 988 18.12 64.32 -46.18
N GLU B 989 18.31 63.33 -45.30
CA GLU B 989 19.02 63.55 -44.06
C GLU B 989 20.45 63.04 -44.12
N TYR B 990 20.77 62.12 -45.04
CA TYR B 990 22.07 61.48 -45.08
C TYR B 990 22.76 61.71 -46.43
N VAL B 991 22.12 61.30 -47.53
CA VAL B 991 22.78 61.22 -48.82
C VAL B 991 23.02 62.61 -49.38
N SER B 992 22.03 63.48 -49.27
CA SER B 992 22.06 64.76 -49.93
C SER B 992 22.83 65.80 -49.13
N SER B 993 23.00 65.61 -47.81
CA SER B 993 23.38 66.69 -46.94
C SER B 993 24.36 66.31 -45.83
N GLY B 994 24.96 65.12 -45.90
CA GLY B 994 25.84 64.67 -44.83
C GLY B 994 27.19 65.37 -44.79
N GLU B 995 27.72 65.72 -45.96
CA GLU B 995 29.00 66.37 -46.06
C GLU B 995 28.95 67.77 -45.49
N ALA B 996 27.88 68.51 -45.77
CA ALA B 996 27.76 69.89 -45.35
C ALA B 996 27.47 70.00 -43.85
N LYS B 997 26.89 68.96 -43.25
CA LYS B 997 26.52 69.01 -41.86
C LYS B 997 27.62 68.45 -40.95
N TRP B 998 28.19 67.30 -41.30
CA TRP B 998 29.11 66.62 -40.41
C TRP B 998 30.48 66.39 -41.04
N GLY B 999 30.66 66.65 -42.32
CA GLY B 999 31.91 66.32 -42.98
C GLY B 999 32.07 64.83 -43.27
N GLN B 1000 30.96 64.10 -43.38
CA GLN B 1000 30.94 62.67 -43.65
C GLN B 1000 30.70 62.48 -45.13
N THR B 1001 31.60 61.78 -45.82
CA THR B 1001 31.57 61.65 -47.26
C THR B 1001 31.17 60.23 -47.66
N SER B 1002 30.54 60.09 -48.83
CA SER B 1002 30.08 58.81 -49.35
C SER B 1002 30.16 58.77 -50.87
N LYS B 1003 30.28 57.57 -51.43
CA LYS B 1003 30.27 57.35 -52.87
C LYS B 1003 29.26 56.28 -53.27
N LEU B 1004 28.04 56.38 -52.74
CA LEU B 1004 26.98 55.44 -53.03
C LEU B 1004 26.47 55.69 -54.44
N ILE B 1005 26.01 54.63 -55.12
CA ILE B 1005 25.42 54.72 -56.44
C ILE B 1005 23.96 54.31 -56.32
N LEU B 1006 23.05 55.17 -56.79
CA LEU B 1006 21.64 54.85 -56.87
C LEU B 1006 21.26 54.61 -58.33
N LEU B 1007 20.71 53.41 -58.60
CA LEU B 1007 20.21 53.04 -59.93
C LEU B 1007 18.69 53.03 -59.91
N LEU B 1008 18.05 53.99 -60.59
CA LEU B 1008 16.62 54.22 -60.52
C LEU B 1008 15.99 54.14 -61.89
N PRO B 1009 15.23 53.07 -62.23
CA PRO B 1009 14.54 52.98 -63.53
C PRO B 1009 13.51 54.04 -63.81
N HIS B 1010 13.46 54.53 -65.05
CA HIS B 1010 12.69 55.70 -65.42
C HIS B 1010 12.29 55.63 -66.87
N GLY B 1011 11.05 56.02 -67.20
CA GLY B 1011 10.62 56.12 -68.59
C GLY B 1011 9.11 56.11 -68.72
N TYR B 1012 8.60 56.87 -69.70
CA TYR B 1012 7.18 57.02 -69.96
C TYR B 1012 6.78 56.10 -71.11
N GLU B 1013 6.11 54.99 -70.79
CA GLU B 1013 5.83 53.94 -71.76
C GLU B 1013 4.39 53.44 -71.73
N GLY B 1014 3.55 53.95 -70.84
CA GLY B 1014 2.14 53.59 -70.81
C GLY B 1014 1.78 52.55 -69.77
N GLN B 1015 2.55 52.42 -68.69
CA GLN B 1015 2.29 51.42 -67.70
C GLN B 1015 1.58 52.02 -66.48
N GLY B 1016 1.30 53.32 -66.51
CA GLY B 1016 0.49 53.93 -65.47
C GLY B 1016 1.29 54.85 -64.57
N PRO B 1017 0.64 55.54 -63.61
CA PRO B 1017 1.30 56.53 -62.77
C PRO B 1017 2.30 56.07 -61.71
N ASP B 1018 2.33 54.79 -61.36
CA ASP B 1018 3.28 54.30 -60.37
C ASP B 1018 4.35 53.42 -61.01
N HIS B 1019 4.50 53.52 -62.33
CA HIS B 1019 5.53 52.79 -63.05
C HIS B 1019 6.04 53.66 -64.18
N SER B 1020 6.29 54.94 -63.92
CA SER B 1020 6.67 55.86 -64.98
C SER B 1020 7.78 56.85 -64.62
N SER B 1021 7.83 57.39 -63.39
CA SER B 1021 8.78 58.46 -63.11
C SER B 1021 9.51 58.26 -61.79
N ALA B 1022 10.82 58.53 -61.82
CA ALA B 1022 11.67 58.45 -60.63
C ALA B 1022 11.83 59.81 -59.98
N ARG B 1023 11.10 60.82 -60.47
CA ARG B 1023 11.02 62.14 -59.86
C ARG B 1023 12.36 62.86 -59.98
N ILE B 1024 12.73 63.21 -61.20
CA ILE B 1024 13.97 63.91 -61.49
C ILE B 1024 13.96 65.28 -60.84
N GLU B 1025 12.80 65.95 -60.87
CA GLU B 1025 12.66 67.31 -60.38
C GLU B 1025 13.00 67.39 -58.89
N ARG B 1026 12.67 66.35 -58.13
CA ARG B 1026 12.92 66.36 -56.70
C ARG B 1026 14.41 66.29 -56.42
N PHE B 1027 15.14 65.47 -57.18
CA PHE B 1027 16.57 65.30 -56.98
C PHE B 1027 17.30 66.56 -57.39
N LEU B 1028 16.83 67.26 -58.42
CA LEU B 1028 17.51 68.45 -58.86
C LEU B 1028 17.25 69.62 -57.91
N GLN B 1029 16.20 69.57 -57.08
CA GLN B 1029 15.99 70.58 -56.05
C GLN B 1029 17.05 70.44 -54.96
N LEU B 1030 17.35 69.21 -54.57
CA LEU B 1030 18.26 68.94 -53.46
C LEU B 1030 19.70 69.30 -53.82
N CYS B 1031 20.01 69.52 -55.09
CA CYS B 1031 21.37 69.76 -55.52
C CYS B 1031 21.77 71.23 -55.37
N ALA B 1032 22.90 71.46 -54.72
CA ALA B 1032 23.52 72.77 -54.62
C ALA B 1032 24.92 72.60 -54.07
N GLU B 1033 25.83 73.50 -54.42
CA GLU B 1033 27.22 73.47 -53.98
C GLU B 1033 27.95 72.25 -54.51
N GLY B 1034 27.50 71.70 -55.63
CA GLY B 1034 28.09 70.48 -56.17
C GLY B 1034 28.03 69.30 -55.20
N SER B 1035 26.85 69.02 -54.65
CA SER B 1035 26.72 68.03 -53.61
C SER B 1035 26.73 66.62 -54.16
N MET B 1036 26.07 66.39 -55.30
CA MET B 1036 26.09 65.09 -55.94
C MET B 1036 25.92 65.20 -57.44
N THR B 1037 26.19 64.10 -58.16
CA THR B 1037 26.16 64.01 -59.61
C THR B 1037 24.89 63.30 -60.08
N VAL B 1038 24.19 63.89 -61.05
CA VAL B 1038 22.94 63.34 -61.59
C VAL B 1038 23.06 63.20 -63.10
N ALA B 1039 22.71 62.02 -63.63
CA ALA B 1039 22.93 61.69 -65.03
C ALA B 1039 21.83 60.79 -65.60
N GLN B 1040 21.68 60.83 -66.92
CA GLN B 1040 20.72 60.00 -67.66
C GLN B 1040 21.30 59.63 -69.01
N PRO B 1041 22.19 58.62 -69.09
CA PRO B 1041 22.87 58.29 -70.33
C PRO B 1041 22.04 57.56 -71.36
N SER B 1042 22.49 57.56 -72.62
CA SER B 1042 21.71 57.07 -73.74
C SER B 1042 22.38 55.92 -74.51
N THR B 1043 23.58 55.49 -74.11
CA THR B 1043 24.28 54.40 -74.78
C THR B 1043 25.01 53.58 -73.75
N PRO B 1044 25.10 52.24 -73.89
CA PRO B 1044 25.82 51.41 -72.94
C PRO B 1044 27.27 51.77 -72.65
N ALA B 1045 27.99 52.23 -73.66
CA ALA B 1045 29.36 52.62 -73.51
C ALA B 1045 29.49 53.83 -72.61
N ASN B 1046 28.53 54.75 -72.68
CA ASN B 1046 28.59 55.98 -71.91
C ASN B 1046 28.26 55.69 -70.46
N HIS B 1047 27.46 54.66 -70.20
CA HIS B 1047 27.16 54.24 -68.85
C HIS B 1047 28.41 53.62 -68.24
N PHE B 1048 29.17 52.89 -69.06
CA PHE B 1048 30.39 52.22 -68.64
C PHE B 1048 31.41 53.25 -68.19
N HIS B 1049 31.57 54.30 -68.97
CA HIS B 1049 32.59 55.29 -68.70
C HIS B 1049 32.23 56.13 -67.47
N LEU B 1050 30.94 56.38 -67.24
CA LEU B 1050 30.48 57.14 -66.10
C LEU B 1050 30.78 56.40 -64.81
N LEU B 1051 30.50 55.11 -64.77
CA LEU B 1051 30.73 54.31 -63.58
C LEU B 1051 32.21 54.22 -63.26
N ARG B 1052 33.06 54.12 -64.29
CA ARG B 1052 34.48 53.93 -64.07
C ARG B 1052 35.13 55.23 -63.64
N ARG B 1053 34.66 56.38 -64.12
CA ARG B 1053 35.20 57.65 -63.71
C ARG B 1053 34.94 57.90 -62.24
N HIS B 1054 33.76 57.50 -61.78
CA HIS B 1054 33.37 57.66 -60.39
C HIS B 1054 34.25 56.82 -59.50
N ALA B 1055 34.56 55.59 -59.91
CA ALA B 1055 35.24 54.65 -59.05
C ALA B 1055 36.74 54.95 -58.97
N LEU B 1056 37.33 55.53 -60.01
CA LEU B 1056 38.76 55.71 -60.07
C LEU B 1056 39.17 57.13 -59.68
N SER B 1057 38.22 58.03 -59.41
CA SER B 1057 38.55 59.39 -59.04
C SER B 1057 38.76 59.52 -57.54
N ASP B 1058 39.00 60.74 -57.07
CA ASP B 1058 39.15 61.04 -55.65
C ASP B 1058 38.11 62.07 -55.23
N LEU B 1059 36.95 62.06 -55.89
CA LEU B 1059 35.83 62.92 -55.57
C LEU B 1059 34.78 62.09 -54.85
N LYS B 1060 34.70 62.26 -53.53
CA LYS B 1060 33.91 61.38 -52.70
C LYS B 1060 32.53 61.97 -52.49
N ARG B 1061 31.68 61.90 -53.53
CA ARG B 1061 30.32 62.36 -53.51
C ARG B 1061 29.43 61.36 -54.23
N PRO B 1062 28.13 61.24 -53.88
CA PRO B 1062 27.25 60.26 -54.51
C PRO B 1062 26.91 60.48 -55.98
N LEU B 1063 26.39 59.42 -56.60
CA LEU B 1063 26.04 59.38 -58.02
C LEU B 1063 24.66 58.79 -58.21
N VAL B 1064 23.77 59.54 -58.88
CA VAL B 1064 22.40 59.14 -59.13
C VAL B 1064 22.20 58.99 -60.63
N ILE B 1065 21.85 57.77 -61.08
CA ILE B 1065 21.68 57.46 -62.49
C ILE B 1065 20.23 57.06 -62.74
N PHE B 1066 19.68 57.50 -63.88
CA PHE B 1066 18.33 57.18 -64.30
C PHE B 1066 18.40 56.18 -65.45
N THR B 1067 18.01 54.93 -65.18
CA THR B 1067 18.27 53.80 -66.05
C THR B 1067 17.03 53.47 -66.86
N PRO B 1068 17.14 52.85 -68.06
CA PRO B 1068 15.99 52.56 -68.90
C PRO B 1068 15.24 51.25 -68.67
N LYS B 1069 14.09 51.11 -69.34
CA LYS B 1069 13.21 49.95 -69.21
C LYS B 1069 12.96 49.30 -70.57
N SER B 1070 12.69 50.11 -71.60
CA SER B 1070 12.40 49.61 -72.93
C SER B 1070 13.61 49.70 -73.84
N MET B 1071 14.51 50.64 -73.54
CA MET B 1071 15.71 50.86 -74.31
C MET B 1071 16.71 49.74 -74.04
N LEU B 1072 16.45 48.92 -73.02
CA LEU B 1072 17.28 47.76 -72.73
C LEU B 1072 17.42 46.86 -73.93
N ARG B 1073 16.40 46.79 -74.80
CA ARG B 1073 16.38 45.85 -75.91
C ARG B 1073 16.16 46.56 -77.23
N ASN B 1074 16.59 47.81 -77.35
CA ASN B 1074 16.49 48.56 -78.58
C ASN B 1074 17.79 48.42 -79.35
N LYS B 1075 17.71 48.11 -80.64
CA LYS B 1075 18.89 47.73 -81.39
C LYS B 1075 19.58 48.95 -81.95
N ALA B 1076 18.95 50.11 -81.88
CA ALA B 1076 19.60 51.34 -82.31
C ALA B 1076 20.48 51.92 -81.22
N ALA B 1077 20.41 51.36 -80.02
CA ALA B 1077 21.12 51.89 -78.88
C ALA B 1077 22.34 51.05 -78.52
N ALA B 1078 22.62 49.97 -79.27
CA ALA B 1078 23.71 49.09 -78.93
C ALA B 1078 25.04 49.72 -79.30
N SER B 1079 26.14 49.19 -78.73
CA SER B 1079 27.47 49.77 -78.83
C SER B 1079 28.46 48.80 -79.45
N ALA B 1080 29.52 49.34 -80.07
CA ALA B 1080 30.58 48.58 -80.71
C ALA B 1080 31.76 48.45 -79.76
N PRO B 1081 32.65 47.45 -79.94
CA PRO B 1081 33.80 47.27 -79.05
C PRO B 1081 34.80 48.42 -78.98
N GLU B 1082 34.93 49.18 -80.07
CA GLU B 1082 35.85 50.30 -80.12
C GLU B 1082 35.43 51.37 -79.12
N ASP B 1083 34.16 51.40 -78.74
CA ASP B 1083 33.65 52.41 -77.83
C ASP B 1083 34.10 52.13 -76.40
N PHE B 1084 34.52 50.91 -76.10
CA PHE B 1084 35.02 50.56 -74.79
C PHE B 1084 36.54 50.59 -74.73
N THR B 1085 37.24 50.58 -75.87
CA THR B 1085 38.69 50.38 -75.90
C THR B 1085 39.45 51.47 -76.63
N GLU B 1086 38.80 52.32 -77.42
CA GLU B 1086 39.52 53.38 -78.11
C GLU B 1086 39.02 54.77 -77.71
N VAL B 1087 37.75 54.91 -77.30
CA VAL B 1087 37.24 56.14 -76.74
C VAL B 1087 37.66 56.21 -75.28
N THR B 1088 38.23 57.34 -74.86
CA THR B 1088 38.98 57.43 -73.62
C THR B 1088 38.16 57.96 -72.45
N LYS B 1089 37.16 58.80 -72.71
CA LYS B 1089 36.47 59.53 -71.65
C LYS B 1089 34.96 59.47 -71.81
N PHE B 1090 34.25 59.88 -70.75
CA PHE B 1090 32.80 60.03 -70.72
C PHE B 1090 32.40 61.33 -71.39
N GLN B 1091 31.30 61.30 -72.14
CA GLN B 1091 30.80 62.47 -72.83
C GLN B 1091 29.57 63.00 -72.12
N SER B 1092 29.52 64.31 -71.91
CA SER B 1092 28.44 64.96 -71.19
C SER B 1092 27.42 65.53 -72.16
N VAL B 1093 27.85 65.87 -73.36
CA VAL B 1093 26.98 66.31 -74.43
C VAL B 1093 27.37 65.55 -75.69
N ILE B 1094 26.39 64.96 -76.38
CA ILE B 1094 26.62 64.26 -77.64
C ILE B 1094 25.92 65.01 -78.75
N ASN B 1095 26.69 65.51 -79.71
CA ASN B 1095 26.18 66.29 -80.81
C ASN B 1095 25.58 65.37 -81.84
N ASP B 1096 24.81 65.93 -82.79
CA ASP B 1096 24.03 65.13 -83.73
C ASP B 1096 24.95 64.45 -84.73
N PRO B 1097 24.88 63.11 -84.88
CA PRO B 1097 25.70 62.41 -85.86
C PRO B 1097 25.17 62.30 -87.29
N ASN B 1098 24.04 62.93 -87.58
CA ASN B 1098 23.46 62.85 -88.91
C ASN B 1098 23.17 64.24 -89.44
N VAL B 1099 24.18 65.11 -89.43
CA VAL B 1099 24.06 66.43 -90.03
C VAL B 1099 24.95 66.51 -91.25
N ALA B 1100 24.33 66.68 -92.41
CA ALA B 1100 25.03 66.74 -93.68
C ALA B 1100 25.82 68.04 -93.77
N ASP B 1101 25.11 69.16 -93.61
CA ASP B 1101 25.71 70.48 -93.70
C ASP B 1101 25.21 71.33 -92.54
N ALA B 1102 26.15 71.97 -91.85
CA ALA B 1102 25.84 72.65 -90.59
C ALA B 1102 25.38 74.08 -90.84
N ALA B 1103 25.53 74.57 -92.07
CA ALA B 1103 25.18 75.94 -92.39
C ALA B 1103 23.72 76.05 -92.81
N LYS B 1104 23.00 74.93 -92.84
CA LYS B 1104 21.61 74.91 -93.25
C LYS B 1104 20.68 74.61 -92.08
N VAL B 1105 21.23 74.55 -90.85
CA VAL B 1105 20.42 74.27 -89.67
C VAL B 1105 19.79 75.57 -89.20
N LYS B 1106 18.51 75.51 -88.80
CA LYS B 1106 17.79 76.67 -88.31
C LYS B 1106 16.99 76.37 -87.03
N LYS B 1107 17.04 75.14 -86.53
CA LYS B 1107 16.46 74.80 -85.24
C LYS B 1107 17.34 73.79 -84.53
N VAL B 1108 17.57 73.99 -83.23
CA VAL B 1108 18.28 73.05 -82.40
C VAL B 1108 17.34 72.53 -81.33
N MET B 1109 17.30 71.21 -81.16
CA MET B 1109 16.50 70.57 -80.12
C MET B 1109 17.44 70.02 -79.06
N LEU B 1110 17.13 70.24 -77.78
CA LEU B 1110 17.84 69.65 -76.67
C LEU B 1110 16.96 68.59 -76.04
N VAL B 1111 17.53 67.41 -75.76
CA VAL B 1111 16.78 66.28 -75.25
C VAL B 1111 17.65 65.51 -74.27
N SER B 1112 17.04 64.69 -73.42
CA SER B 1112 17.76 63.80 -72.53
C SER B 1112 17.02 62.47 -72.42
N GLY B 1113 17.72 61.36 -72.65
CA GLY B 1113 17.15 60.04 -72.41
C GLY B 1113 16.67 59.36 -73.69
N LYS B 1114 15.58 58.60 -73.58
CA LYS B 1114 15.14 57.68 -74.61
C LYS B 1114 14.31 58.34 -75.69
N LEU B 1115 13.90 59.59 -75.51
CA LEU B 1115 13.07 60.25 -76.50
C LEU B 1115 13.92 60.63 -77.70
N TYR B 1116 15.24 60.51 -77.60
CA TYR B 1116 16.12 60.80 -78.70
C TYR B 1116 15.78 59.92 -79.90
N TYR B 1117 15.55 58.65 -79.63
CA TYR B 1117 15.49 57.64 -80.67
C TYR B 1117 14.20 57.78 -81.47
N GLU B 1118 13.20 58.50 -80.93
CA GLU B 1118 11.96 58.74 -81.65
C GLU B 1118 12.11 59.95 -82.53
N LEU B 1119 12.74 61.00 -82.02
CA LEU B 1119 12.92 62.21 -82.77
C LEU B 1119 13.83 61.95 -83.96
N ALA B 1120 14.87 61.13 -83.75
CA ALA B 1120 15.83 60.79 -84.78
C ALA B 1120 15.17 60.04 -85.92
N LYS B 1121 14.29 59.11 -85.54
CA LYS B 1121 13.53 58.29 -86.46
C LYS B 1121 12.73 59.16 -87.39
N ARG B 1122 12.03 60.14 -86.83
CA ARG B 1122 11.13 61.00 -87.57
C ARG B 1122 11.90 61.93 -88.48
N LYS B 1123 13.07 62.37 -88.04
CA LYS B 1123 13.90 63.27 -88.82
C LYS B 1123 14.37 62.60 -90.09
N GLU B 1124 14.69 61.30 -90.00
CA GLU B 1124 15.14 60.52 -91.13
C GLU B 1124 14.00 60.31 -92.12
N LYS B 1125 12.81 60.04 -91.61
CA LYS B 1125 11.65 59.71 -92.42
C LYS B 1125 11.22 60.92 -93.24
N ASP B 1126 11.23 62.11 -92.64
CA ASP B 1126 10.69 63.28 -93.28
C ASP B 1126 11.78 64.06 -94.00
N GLY B 1127 13.04 63.66 -93.84
CA GLY B 1127 14.13 64.27 -94.57
C GLY B 1127 14.34 65.74 -94.20
N ARG B 1128 14.46 66.02 -92.90
CA ARG B 1128 14.65 67.36 -92.42
C ARG B 1128 16.13 67.63 -92.24
N ASP B 1129 16.65 68.63 -92.95
CA ASP B 1129 18.06 68.99 -92.89
C ASP B 1129 18.23 70.34 -92.21
N ASP B 1130 17.14 70.88 -91.66
CA ASP B 1130 17.17 72.16 -90.99
C ASP B 1130 17.06 71.98 -89.48
N ILE B 1131 17.15 70.73 -89.01
CA ILE B 1131 17.06 70.44 -87.59
C ILE B 1131 18.33 69.71 -87.14
N ALA B 1132 18.73 69.92 -85.89
CA ALA B 1132 19.81 69.20 -85.25
C ALA B 1132 19.43 68.82 -83.82
N ILE B 1133 19.54 67.53 -83.46
CA ILE B 1133 19.17 67.05 -82.15
C ILE B 1133 20.43 66.85 -81.30
N VAL B 1134 20.50 67.48 -80.12
CA VAL B 1134 21.64 67.46 -79.22
C VAL B 1134 21.24 66.88 -77.88
N ARG B 1135 22.02 65.95 -77.35
CA ARG B 1135 21.69 65.20 -76.15
C ARG B 1135 22.47 65.73 -74.95
N ILE B 1136 21.86 65.69 -73.76
CA ILE B 1136 22.48 66.07 -72.50
C ILE B 1136 22.47 64.85 -71.60
N GLU B 1137 23.66 64.37 -71.22
CA GLU B 1137 23.82 63.10 -70.54
C GLU B 1137 24.01 63.32 -69.04
N MET B 1138 24.70 64.41 -68.68
CA MET B 1138 24.90 64.80 -67.30
C MET B 1138 24.05 66.02 -67.01
N LEU B 1139 23.11 65.90 -66.05
CA LEU B 1139 22.13 66.94 -65.77
C LEU B 1139 22.67 67.90 -64.73
N HIS B 1140 23.28 67.38 -63.66
CA HIS B 1140 23.93 68.22 -62.65
C HIS B 1140 25.30 67.66 -62.32
N PRO B 1141 26.40 68.45 -62.38
CA PRO B 1141 26.41 69.85 -62.79
C PRO B 1141 26.07 70.12 -64.25
N ILE B 1142 25.78 71.37 -64.56
CA ILE B 1142 25.40 71.75 -65.91
C ILE B 1142 26.67 71.91 -66.72
N PRO B 1143 26.83 71.16 -67.84
CA PRO B 1143 27.97 71.34 -68.71
C PRO B 1143 27.74 72.47 -69.70
N PHE B 1144 27.90 73.70 -69.22
CA PHE B 1144 27.46 74.84 -70.00
C PHE B 1144 28.49 75.24 -71.04
N ASN B 1145 29.75 74.82 -70.86
CA ASN B 1145 30.78 75.10 -71.83
C ASN B 1145 30.58 74.26 -73.08
N ARG B 1146 30.16 73.00 -72.89
CA ARG B 1146 29.93 72.10 -74.00
C ARG B 1146 28.67 72.47 -74.76
N ILE B 1147 27.61 72.86 -74.04
CA ILE B 1147 26.37 73.26 -74.68
C ILE B 1147 26.63 74.51 -75.50
N SER B 1148 27.45 75.40 -74.97
CA SER B 1148 27.77 76.63 -75.69
C SER B 1148 28.53 76.32 -76.96
N GLU B 1149 29.47 75.36 -76.88
CA GLU B 1149 30.30 74.97 -78.00
C GLU B 1149 29.45 74.35 -79.10
N ALA B 1150 28.48 73.53 -78.71
CA ALA B 1150 27.60 72.85 -79.65
C ALA B 1150 26.72 73.85 -80.38
N LEU B 1151 26.14 74.78 -79.64
CA LEU B 1151 25.26 75.78 -80.21
C LEU B 1151 26.02 76.70 -81.16
N ALA B 1152 27.30 76.96 -80.85
CA ALA B 1152 28.12 77.84 -81.65
C ALA B 1152 28.47 77.21 -82.99
N GLY B 1153 28.41 75.88 -83.07
CA GLY B 1153 28.71 75.16 -84.29
C GLY B 1153 27.63 75.31 -85.36
N TYR B 1154 26.46 75.84 -84.97
CA TYR B 1154 25.39 76.12 -85.91
C TYR B 1154 25.13 77.62 -85.94
N PRO B 1155 25.80 78.38 -86.82
CA PRO B 1155 25.76 79.84 -86.78
C PRO B 1155 24.52 80.54 -87.34
N ASN B 1156 23.61 79.79 -87.96
CA ASN B 1156 22.42 80.37 -88.55
C ASN B 1156 21.16 79.91 -87.81
N ALA B 1157 21.31 79.43 -86.57
CA ALA B 1157 20.18 78.97 -85.79
C ALA B 1157 19.39 80.16 -85.27
N GLU B 1158 18.06 80.01 -85.22
CA GLU B 1158 17.16 81.07 -84.82
C GLU B 1158 16.36 80.67 -83.57
N GLU B 1159 16.17 79.36 -83.36
CA GLU B 1159 15.36 78.85 -82.26
C GLU B 1159 16.13 77.79 -81.50
N VAL B 1160 15.79 77.64 -80.22
CA VAL B 1160 16.20 76.50 -79.42
C VAL B 1160 14.95 75.93 -78.74
N LEU B 1161 14.77 74.63 -78.84
CA LEU B 1161 13.63 73.93 -78.27
C LEU B 1161 14.13 72.98 -77.20
N PHE B 1162 13.45 72.90 -76.06
CA PHE B 1162 13.73 71.92 -75.03
C PHE B 1162 12.60 70.92 -75.04
N VAL B 1163 12.90 69.65 -75.31
CA VAL B 1163 11.88 68.63 -75.51
C VAL B 1163 11.99 67.59 -74.43
N GLN B 1164 10.89 67.30 -73.73
CA GLN B 1164 10.85 66.25 -72.74
C GLN B 1164 9.52 65.53 -72.77
N ASP B 1165 9.50 64.31 -72.21
CA ASP B 1165 8.31 63.50 -72.14
C ASP B 1165 7.47 63.83 -70.91
N GLU B 1166 8.10 64.33 -69.85
CA GLU B 1166 7.41 64.48 -68.58
C GLU B 1166 6.48 65.69 -68.66
N PRO B 1167 5.45 65.78 -67.78
CA PRO B 1167 4.65 67.00 -67.66
C PRO B 1167 5.47 68.24 -67.35
N ALA B 1168 4.89 69.42 -67.57
CA ALA B 1168 5.63 70.67 -67.56
C ALA B 1168 6.10 71.06 -66.18
N ASN B 1169 5.54 70.47 -65.12
CA ASN B 1169 5.94 70.77 -63.76
C ASN B 1169 6.83 69.66 -63.22
N GLN B 1170 7.31 68.78 -64.10
CA GLN B 1170 8.15 67.66 -63.73
C GLN B 1170 9.27 67.55 -64.74
N GLY B 1171 10.23 66.65 -64.50
CA GLY B 1171 11.35 66.43 -65.40
C GLY B 1171 12.42 67.49 -65.21
N PRO B 1172 13.43 67.58 -66.11
CA PRO B 1172 14.45 68.62 -66.02
C PRO B 1172 14.19 70.05 -66.45
N TRP B 1173 12.98 70.39 -66.91
CA TRP B 1173 12.72 71.71 -67.47
C TRP B 1173 12.76 72.79 -66.42
N PRO B 1174 12.09 72.65 -65.26
CA PRO B 1174 12.12 73.68 -64.23
C PRO B 1174 13.50 74.16 -63.81
N PHE B 1175 14.44 73.21 -63.71
CA PHE B 1175 15.81 73.49 -63.31
C PHE B 1175 16.53 74.24 -64.40
N TYR B 1176 16.34 73.84 -65.66
CA TYR B 1176 17.12 74.37 -66.76
C TYR B 1176 16.61 75.74 -67.19
N GLN B 1177 15.31 76.00 -67.07
CA GLN B 1177 14.77 77.28 -67.51
C GLN B 1177 15.24 78.38 -66.56
N GLU B 1178 15.58 78.03 -65.32
CA GLU B 1178 16.04 78.98 -64.33
C GLU B 1178 17.51 79.29 -64.52
N HIS B 1179 18.33 78.25 -64.76
CA HIS B 1179 19.77 78.35 -64.61
C HIS B 1179 20.50 78.57 -65.93
N LEU B 1180 19.99 78.07 -67.04
CA LEU B 1180 20.79 77.99 -68.25
C LEU B 1180 20.91 79.34 -68.93
N PRO B 1181 19.85 80.18 -69.01
CA PRO B 1181 19.98 81.52 -69.58
C PRO B 1181 21.04 82.42 -68.97
N GLU B 1182 21.29 82.28 -67.67
CA GLU B 1182 22.30 83.06 -66.98
C GLU B 1182 23.70 82.63 -67.42
N LEU B 1183 23.90 81.32 -67.58
CA LEU B 1183 25.22 80.75 -67.84
C LEU B 1183 25.60 80.91 -69.31
N ILE B 1184 24.61 81.01 -70.21
CA ILE B 1184 24.88 81.25 -71.62
C ILE B 1184 24.11 82.48 -72.06
N PRO B 1185 24.64 83.70 -71.85
CA PRO B 1185 23.92 84.93 -72.15
C PRO B 1185 23.44 85.16 -73.59
N ASN B 1186 24.17 84.61 -74.57
CA ASN B 1186 23.93 84.96 -75.96
C ASN B 1186 23.01 83.94 -76.63
N MET B 1187 22.44 83.01 -75.86
CA MET B 1187 21.58 81.96 -76.41
C MET B 1187 20.22 82.56 -76.72
N PRO B 1188 19.54 82.14 -77.82
CA PRO B 1188 18.14 82.54 -78.06
C PRO B 1188 17.20 82.06 -76.96
N LYS B 1189 16.01 82.64 -76.89
CA LYS B 1189 15.05 82.25 -75.87
C LYS B 1189 14.61 80.82 -76.12
N MET B 1190 14.53 80.03 -75.04
CA MET B 1190 14.17 78.64 -75.14
C MET B 1190 12.65 78.52 -75.22
N ARG B 1191 12.17 77.42 -75.82
CA ARG B 1191 10.77 77.13 -75.96
C ARG B 1191 10.51 75.69 -75.52
N ARG B 1192 9.56 75.49 -74.62
CA ARG B 1192 9.28 74.19 -74.06
C ARG B 1192 8.40 73.42 -75.04
N VAL B 1193 8.64 72.11 -75.15
CA VAL B 1193 7.71 71.19 -75.78
C VAL B 1193 7.61 69.96 -74.90
N SER B 1194 6.45 69.74 -74.29
CA SER B 1194 6.26 68.66 -73.34
C SER B 1194 4.79 68.32 -73.21
N ARG B 1195 4.47 67.42 -72.30
CA ARG B 1195 3.11 67.18 -71.87
C ARG B 1195 2.65 68.31 -70.95
N ARG B 1196 1.32 68.50 -70.82
CA ARG B 1196 0.74 69.51 -69.96
C ARG B 1196 0.98 69.18 -68.49
N ALA B 1197 0.87 70.19 -67.62
CA ALA B 1197 1.09 70.02 -66.20
C ALA B 1197 -0.03 69.19 -65.58
N GLN B 1198 0.32 68.32 -64.62
CA GLN B 1198 -0.60 67.37 -64.07
C GLN B 1198 -0.38 67.21 -62.57
N SER B 1199 -1.41 66.76 -61.88
CA SER B 1199 -1.36 66.50 -60.46
C SER B 1199 -0.76 65.12 -60.20
N SER B 1200 -1.03 64.17 -61.08
CA SER B 1200 -0.41 62.86 -61.03
C SER B 1200 0.77 62.83 -61.99
N THR B 1201 1.46 61.69 -62.03
CA THR B 1201 2.65 61.50 -62.82
C THR B 1201 2.32 61.25 -64.28
N ALA B 1202 1.34 60.39 -64.56
CA ALA B 1202 1.00 59.98 -65.90
C ALA B 1202 -0.42 59.46 -65.96
N THR B 1203 -0.92 59.23 -67.18
CA THR B 1203 -2.27 58.71 -67.40
C THR B 1203 -2.34 57.25 -67.06
N GLY B 1204 -3.56 56.74 -66.90
CA GLY B 1204 -3.79 55.34 -66.58
C GLY B 1204 -4.31 54.54 -67.77
N VAL B 1205 -4.67 55.25 -68.85
CA VAL B 1205 -5.17 54.64 -70.07
C VAL B 1205 -4.03 54.59 -71.08
N ALA B 1206 -3.93 53.48 -71.82
CA ALA B 1206 -2.84 53.25 -72.73
C ALA B 1206 -3.05 53.93 -74.07
N LYS B 1207 -4.29 54.00 -74.54
CA LYS B 1207 -4.57 54.62 -75.83
C LYS B 1207 -4.33 56.12 -75.74
N VAL B 1208 -4.59 56.72 -74.58
CA VAL B 1208 -4.37 58.14 -74.37
C VAL B 1208 -2.87 58.43 -74.38
N HIS B 1209 -2.08 57.51 -73.84
CA HIS B 1209 -0.64 57.65 -73.84
C HIS B 1209 -0.10 57.75 -75.26
N GLN B 1210 -0.63 56.91 -76.16
CA GLN B 1210 -0.15 56.86 -77.51
C GLN B 1210 -0.56 58.13 -78.25
N LEU B 1211 -1.73 58.65 -77.94
CA LEU B 1211 -2.23 59.86 -78.58
C LEU B 1211 -1.39 61.06 -78.16
N GLU B 1212 -1.00 61.10 -76.88
CA GLU B 1212 -0.20 62.19 -76.34
C GLU B 1212 1.18 62.24 -76.98
N GLU B 1213 1.77 61.05 -77.20
CA GLU B 1213 3.12 60.97 -77.73
C GLU B 1213 3.15 61.48 -79.16
N LYS B 1214 2.11 61.15 -79.93
CA LYS B 1214 2.01 61.59 -81.30
C LYS B 1214 1.89 63.11 -81.35
N GLN B 1215 1.08 63.66 -80.46
CA GLN B 1215 0.82 65.08 -80.39
C GLN B 1215 2.10 65.86 -80.08
N LEU B 1216 2.93 65.27 -79.22
CA LEU B 1216 4.18 65.87 -78.74
C LEU B 1216 5.19 65.99 -79.87
N ILE B 1217 5.41 64.88 -80.58
CA ILE B 1217 6.42 64.84 -81.62
C ILE B 1217 5.98 65.71 -82.79
N ASP B 1218 4.68 65.80 -83.04
CA ASP B 1218 4.18 66.62 -84.13
C ASP B 1218 4.43 68.09 -83.82
N GLU B 1219 4.27 68.47 -82.55
CA GLU B 1219 4.44 69.85 -82.13
C GLU B 1219 5.89 70.27 -82.25
N ALA B 1220 6.80 69.31 -82.07
CA ALA B 1220 8.23 69.57 -82.13
C ALA B 1220 8.67 69.91 -83.54
N PHE B 1221 8.07 69.25 -84.54
CA PHE B 1221 8.44 69.44 -85.93
C PHE B 1221 7.49 70.41 -86.62
N GLU B 1222 7.06 71.45 -85.89
CA GLU B 1222 6.15 72.47 -86.38
C GLU B 1222 4.78 71.86 -86.67
N PRO C 104 26.93 -15.20 -61.14
CA PRO C 104 25.79 -15.89 -61.77
C PRO C 104 26.24 -17.02 -62.69
N GLY C 105 25.51 -18.15 -62.65
CA GLY C 105 25.78 -19.29 -63.51
C GLY C 105 26.09 -20.56 -62.71
N GLN C 106 26.63 -21.57 -63.40
CA GLN C 106 26.86 -22.89 -62.86
C GLN C 106 28.35 -23.06 -62.59
N THR C 107 28.70 -23.81 -61.54
CA THR C 107 30.10 -24.05 -61.21
C THR C 107 30.24 -25.35 -60.43
N PRO C 108 31.11 -26.29 -60.87
CA PRO C 108 31.35 -27.53 -60.15
C PRO C 108 31.80 -27.38 -58.71
N ILE C 109 31.34 -28.31 -57.86
CA ILE C 109 31.70 -28.35 -56.45
C ILE C 109 33.01 -29.11 -56.34
N ARG C 110 34.00 -28.52 -55.67
CA ARG C 110 35.32 -29.13 -55.56
C ARG C 110 35.81 -29.01 -54.12
N GLY C 111 36.56 -30.03 -53.68
CA GLY C 111 37.31 -29.97 -52.45
C GLY C 111 36.55 -30.56 -51.27
N ILE C 112 36.60 -29.85 -50.13
CA ILE C 112 35.93 -30.26 -48.91
C ILE C 112 34.42 -30.22 -49.11
N PHE C 113 33.95 -29.32 -49.99
CA PHE C 113 32.53 -29.13 -50.23
C PHE C 113 31.94 -30.32 -50.98
N LYS C 114 32.75 -30.95 -51.84
CA LYS C 114 32.31 -32.14 -52.55
C LYS C 114 32.12 -33.28 -51.57
N SER C 115 32.98 -33.35 -50.55
CA SER C 115 32.89 -34.38 -49.52
C SER C 115 31.65 -34.19 -48.66
N ILE C 116 31.32 -32.93 -48.35
CA ILE C 116 30.16 -32.61 -47.53
C ILE C 116 28.89 -32.99 -48.29
N ALA C 117 28.89 -32.74 -49.60
CA ALA C 117 27.75 -33.02 -50.44
C ALA C 117 27.50 -34.52 -50.54
N LYS C 118 28.56 -35.32 -50.64
CA LYS C 118 28.42 -36.74 -50.85
C LYS C 118 27.91 -37.42 -49.59
N ASN C 119 28.35 -36.94 -48.42
CA ASN C 119 27.95 -37.53 -47.16
C ASN C 119 26.47 -37.26 -46.88
N MET C 120 26.00 -36.06 -47.24
CA MET C 120 24.62 -35.67 -47.02
C MET C 120 23.70 -36.55 -47.88
N ASP C 121 24.18 -36.93 -49.08
CA ASP C 121 23.43 -37.80 -49.97
C ASP C 121 23.36 -39.21 -49.41
N ILE C 122 24.46 -39.70 -48.84
CA ILE C 122 24.49 -41.03 -48.26
C ILE C 122 23.53 -41.10 -47.07
N SER C 123 23.41 -40.00 -46.33
CA SER C 123 22.68 -39.98 -45.08
C SER C 123 21.17 -40.08 -45.28
N LEU C 124 20.73 -40.07 -46.54
CA LEU C 124 19.31 -40.16 -46.83
C LEU C 124 18.78 -41.53 -46.47
N GLU C 125 19.66 -42.51 -46.25
CA GLU C 125 19.22 -43.87 -45.99
C GLU C 125 19.18 -44.16 -44.48
N ILE C 126 19.03 -43.12 -43.65
CA ILE C 126 18.85 -43.29 -42.22
C ILE C 126 17.47 -42.78 -41.85
N PRO C 127 16.57 -43.62 -41.30
CA PRO C 127 15.34 -43.15 -40.67
C PRO C 127 15.55 -42.46 -39.33
N THR C 128 15.14 -41.20 -39.21
CA THR C 128 15.47 -40.38 -38.05
C THR C 128 14.22 -39.87 -37.36
N ALA C 129 14.30 -39.70 -36.04
CA ALA C 129 13.29 -39.04 -35.24
C ALA C 129 13.95 -38.11 -34.24
N THR C 130 13.18 -37.18 -33.67
CA THR C 130 13.72 -36.10 -32.83
C THR C 130 12.90 -35.95 -31.56
N SER C 131 13.58 -35.56 -30.46
CA SER C 131 12.95 -35.23 -29.19
C SER C 131 13.44 -33.86 -28.72
N VAL C 132 12.58 -33.10 -28.05
CA VAL C 132 12.86 -31.73 -27.65
C VAL C 132 12.49 -31.57 -26.18
N ARG C 133 13.35 -30.95 -25.38
CA ARG C 133 13.08 -30.69 -23.98
C ARG C 133 13.67 -29.35 -23.55
N ASP C 134 12.96 -28.62 -22.68
CA ASP C 134 13.39 -27.32 -22.19
C ASP C 134 13.68 -27.39 -20.70
N MET C 135 14.72 -26.67 -20.26
CA MET C 135 15.30 -26.82 -18.92
C MET C 135 15.58 -25.44 -18.35
N PRO C 136 15.51 -25.24 -17.01
CA PRO C 136 16.02 -24.03 -16.38
C PRO C 136 17.51 -23.83 -16.54
N ALA C 137 17.97 -22.58 -16.52
CA ALA C 137 19.37 -22.29 -16.79
C ALA C 137 20.00 -21.34 -15.77
N ARG C 138 19.35 -21.07 -14.64
CA ARG C 138 19.79 -20.07 -13.68
C ARG C 138 21.05 -20.56 -12.97
N LEU C 139 21.03 -21.81 -12.52
CA LEU C 139 22.09 -22.37 -11.72
C LEU C 139 23.37 -22.47 -12.54
N MET C 140 23.26 -22.62 -13.86
CA MET C 140 24.43 -22.70 -14.70
C MET C 140 25.11 -21.34 -14.74
N PHE C 141 24.35 -20.27 -14.87
CA PHE C 141 24.91 -18.94 -14.92
C PHE C 141 25.65 -18.63 -13.62
N GLU C 142 25.03 -18.97 -12.48
CA GLU C 142 25.58 -18.66 -11.18
C GLU C 142 26.88 -19.41 -10.94
N ASN C 143 26.86 -20.72 -11.13
CA ASN C 143 27.99 -21.55 -10.76
C ASN C 143 29.14 -21.37 -11.74
N ARG C 144 28.86 -20.99 -12.98
CA ARG C 144 29.92 -20.74 -13.93
C ARG C 144 30.68 -19.49 -13.51
N ALA C 145 29.96 -18.49 -13.02
CA ALA C 145 30.58 -17.24 -12.60
C ALA C 145 31.50 -17.47 -11.42
N MET C 146 31.11 -18.36 -10.51
CA MET C 146 31.91 -18.66 -9.34
C MET C 146 33.21 -19.34 -9.76
N VAL C 147 33.17 -20.19 -10.78
CA VAL C 147 34.35 -20.92 -11.20
C VAL C 147 35.30 -19.98 -11.94
N ASN C 148 34.76 -19.06 -12.72
CA ASN C 148 35.60 -18.18 -13.52
C ASN C 148 36.26 -17.12 -12.66
N ASP C 149 35.68 -16.79 -11.50
CA ASP C 149 36.29 -15.85 -10.57
C ASP C 149 37.55 -16.47 -9.95
N GLN C 150 37.47 -17.76 -9.60
CA GLN C 150 38.60 -18.47 -9.04
C GLN C 150 39.75 -18.52 -10.05
N LEU C 151 39.43 -18.76 -11.32
CA LEU C 151 40.48 -18.93 -12.32
C LEU C 151 41.15 -17.60 -12.60
N LYS C 152 40.40 -16.50 -12.50
CA LYS C 152 40.95 -15.19 -12.81
C LYS C 152 42.01 -14.79 -11.79
N ARG C 153 41.79 -15.13 -10.51
CA ARG C 153 42.74 -14.77 -9.47
C ARG C 153 44.00 -15.61 -9.62
N THR C 154 43.85 -16.85 -10.10
CA THR C 154 44.97 -17.78 -10.25
C THR C 154 45.56 -17.72 -11.65
N ARG C 155 45.18 -16.69 -12.42
CA ARG C 155 45.69 -16.48 -13.77
C ARG C 155 45.55 -17.76 -14.60
N GLY C 156 44.40 -18.44 -14.46
CA GLY C 156 44.05 -19.56 -15.32
C GLY C 156 43.23 -19.09 -16.51
N GLY C 157 42.40 -19.99 -17.06
CA GLY C 157 41.64 -19.71 -18.27
C GLY C 157 40.18 -19.34 -17.97
N LYS C 158 39.27 -20.00 -18.68
CA LYS C 158 37.85 -19.68 -18.68
C LYS C 158 37.10 -20.94 -19.11
N ILE C 159 36.02 -21.30 -18.41
CA ILE C 159 35.17 -22.38 -18.88
C ILE C 159 33.91 -21.82 -19.53
N SER C 160 33.28 -22.62 -20.39
CA SER C 160 32.13 -22.26 -21.19
C SER C 160 30.95 -23.19 -20.90
N PHE C 161 29.79 -22.87 -21.46
CA PHE C 161 28.58 -23.64 -21.24
C PHE C 161 28.68 -25.00 -21.93
N THR C 162 29.39 -25.04 -23.07
CA THR C 162 29.55 -26.26 -23.83
C THR C 162 30.38 -27.27 -23.06
N HIS C 163 31.36 -26.81 -22.27
CA HIS C 163 32.15 -27.68 -21.42
C HIS C 163 31.27 -28.41 -20.42
N ILE C 164 30.35 -27.68 -19.80
CA ILE C 164 29.53 -28.22 -18.73
C ILE C 164 28.52 -29.19 -19.31
N ILE C 165 27.89 -28.81 -20.43
CA ILE C 165 26.85 -29.63 -21.05
C ILE C 165 27.50 -30.88 -21.64
N GLY C 166 28.72 -30.72 -22.18
CA GLY C 166 29.48 -31.84 -22.68
C GLY C 166 29.72 -32.91 -21.61
N TYR C 167 30.14 -32.48 -20.43
CA TYR C 167 30.48 -33.41 -19.36
C TYR C 167 29.21 -34.11 -18.89
N ALA C 168 28.10 -33.38 -18.78
CA ALA C 168 26.83 -33.94 -18.36
C ALA C 168 26.35 -34.98 -19.37
N MET C 169 26.61 -34.71 -20.65
CA MET C 169 26.17 -35.57 -21.74
C MET C 169 26.89 -36.91 -21.66
N VAL C 170 28.18 -36.89 -21.31
CA VAL C 170 28.98 -38.08 -21.18
C VAL C 170 28.45 -38.95 -20.04
N LYS C 171 28.15 -38.33 -18.91
CA LYS C 171 27.63 -39.05 -17.75
C LYS C 171 26.31 -39.70 -18.09
N ALA C 172 25.50 -39.03 -18.92
CA ALA C 172 24.17 -39.50 -19.29
C ALA C 172 24.26 -40.71 -20.22
N VAL C 173 25.24 -40.70 -21.13
CA VAL C 173 25.42 -41.80 -22.07
C VAL C 173 25.88 -43.04 -21.30
N MET C 174 26.64 -42.85 -20.23
CA MET C 174 27.05 -43.95 -19.38
C MET C 174 25.84 -44.57 -18.70
N ALA C 175 24.89 -43.73 -18.28
CA ALA C 175 23.70 -44.19 -17.58
C ALA C 175 22.73 -44.88 -18.54
N HIS C 176 22.77 -44.51 -19.83
CA HIS C 176 21.88 -45.06 -20.84
C HIS C 176 22.71 -45.51 -22.03
N PRO C 177 23.37 -46.69 -21.96
CA PRO C 177 24.32 -47.12 -23.00
C PRO C 177 23.81 -47.32 -24.42
N ASP C 178 22.50 -47.51 -24.58
CA ASP C 178 21.91 -47.77 -25.89
C ASP C 178 22.08 -46.59 -26.83
N MET C 179 22.35 -45.39 -26.30
CA MET C 179 22.47 -44.20 -27.11
C MET C 179 23.80 -44.17 -27.84
N ASN C 180 24.66 -45.17 -27.62
CA ASN C 180 26.00 -45.17 -28.21
C ASN C 180 26.09 -46.15 -29.38
N ASN C 181 24.99 -46.87 -29.68
CA ASN C 181 25.02 -47.95 -30.66
C ASN C 181 24.72 -47.42 -32.05
N SER C 182 25.02 -48.21 -33.08
CA SER C 182 24.78 -47.87 -34.46
C SER C 182 24.33 -49.09 -35.26
N TYR C 183 24.07 -48.91 -36.55
CA TYR C 183 23.48 -49.94 -37.41
C TYR C 183 24.33 -50.13 -38.65
N ASP C 184 24.45 -51.39 -39.10
CA ASP C 184 25.15 -51.69 -40.33
C ASP C 184 24.71 -53.04 -40.86
N VAL C 185 24.85 -53.25 -42.18
CA VAL C 185 24.52 -54.53 -42.78
C VAL C 185 25.82 -55.21 -43.19
N ILE C 186 26.05 -56.41 -42.63
CA ILE C 186 27.32 -57.13 -42.73
C ILE C 186 27.05 -58.55 -43.20
N ASP C 187 27.63 -58.94 -44.33
CA ASP C 187 27.36 -60.23 -44.92
C ASP C 187 25.90 -60.24 -45.34
N GLY C 188 25.37 -59.07 -45.64
CA GLY C 188 23.98 -58.95 -46.02
C GLY C 188 23.00 -59.34 -44.93
N LYS C 189 23.39 -59.25 -43.67
CA LYS C 189 22.43 -59.36 -42.59
C LYS C 189 22.44 -58.08 -41.76
N PRO C 190 21.28 -57.58 -41.28
CA PRO C 190 21.22 -56.55 -40.25
C PRO C 190 21.98 -56.81 -38.97
N THR C 191 22.65 -55.79 -38.43
CA THR C 191 23.57 -55.96 -37.33
C THR C 191 23.59 -54.71 -36.44
N LEU C 192 23.66 -54.92 -35.13
CA LEU C 192 23.83 -53.87 -34.15
C LEU C 192 25.31 -53.81 -33.78
N ILE C 193 25.86 -52.60 -33.69
CA ILE C 193 27.27 -52.40 -33.40
C ILE C 193 27.42 -51.72 -32.05
N VAL C 194 28.13 -52.37 -31.13
CA VAL C 194 28.33 -51.86 -29.78
C VAL C 194 29.79 -51.50 -29.60
N PRO C 195 30.19 -50.22 -29.60
CA PRO C 195 31.60 -49.85 -29.52
C PRO C 195 32.24 -50.08 -28.16
N GLU C 196 33.57 -49.91 -28.12
CA GLU C 196 34.37 -50.11 -26.93
C GLU C 196 34.39 -48.85 -26.08
N HIS C 197 34.43 -47.69 -26.73
CA HIS C 197 34.59 -46.43 -26.04
C HIS C 197 33.50 -45.42 -26.44
N ILE C 198 33.40 -44.34 -25.66
CA ILE C 198 32.60 -43.18 -25.99
C ILE C 198 33.52 -42.10 -26.55
N ASN C 199 33.49 -41.91 -27.86
CA ASN C 199 34.24 -40.86 -28.52
C ASN C 199 33.31 -39.73 -28.91
N LEU C 200 33.57 -38.52 -28.42
CA LEU C 200 32.65 -37.41 -28.53
C LEU C 200 33.13 -36.46 -29.61
N GLY C 201 32.30 -36.23 -30.62
CA GLY C 201 32.63 -35.34 -31.72
C GLY C 201 32.12 -33.94 -31.46
N LEU C 202 32.97 -32.94 -31.76
CA LEU C 202 32.62 -31.55 -31.62
C LEU C 202 32.52 -30.93 -33.01
N ALA C 203 31.47 -30.15 -33.24
CA ALA C 203 31.27 -29.47 -34.51
C ALA C 203 31.88 -28.08 -34.44
N ILE C 204 33.03 -27.90 -35.09
CA ILE C 204 33.77 -26.65 -35.03
C ILE C 204 33.64 -25.93 -36.36
N ASP C 205 33.12 -24.70 -36.31
CA ASP C 205 33.04 -23.84 -37.48
C ASP C 205 34.34 -23.05 -37.60
N LEU C 206 35.14 -23.37 -38.62
CA LEU C 206 36.41 -22.71 -38.84
C LEU C 206 36.44 -22.10 -40.24
N PRO C 207 36.64 -20.76 -40.36
CA PRO C 207 36.98 -20.13 -41.64
C PRO C 207 38.32 -20.58 -42.21
N GLN C 208 38.44 -20.52 -43.54
CA GLN C 208 39.61 -21.01 -44.25
C GLN C 208 40.37 -19.83 -44.85
N LYS C 209 41.50 -20.12 -45.50
CA LYS C 209 42.35 -19.10 -46.11
C LYS C 209 41.59 -18.36 -47.22
N ASP C 210 40.77 -19.10 -47.98
CA ASP C 210 40.04 -18.57 -49.12
C ASP C 210 39.06 -17.49 -48.67
N GLY C 211 38.37 -17.74 -47.55
CA GLY C 211 37.34 -16.84 -47.03
C GLY C 211 35.96 -17.49 -46.98
N SER C 212 35.92 -18.83 -47.01
CA SER C 212 34.69 -19.59 -46.93
C SER C 212 34.70 -20.47 -45.69
N ARG C 213 33.62 -20.39 -44.90
CA ARG C 213 33.48 -21.16 -43.69
C ARG C 213 33.14 -22.61 -44.04
N ALA C 214 33.68 -23.53 -43.23
CA ALA C 214 33.36 -24.95 -43.34
C ALA C 214 33.27 -25.56 -41.96
N LEU C 215 32.39 -26.55 -41.79
CA LEU C 215 32.21 -27.21 -40.52
C LEU C 215 32.87 -28.58 -40.54
N VAL C 216 33.64 -28.90 -39.50
CA VAL C 216 34.33 -30.16 -39.36
C VAL C 216 33.98 -30.77 -38.01
N VAL C 217 34.03 -32.10 -37.91
CA VAL C 217 33.75 -32.78 -36.66
C VAL C 217 34.99 -33.55 -36.20
N ALA C 218 35.57 -33.10 -35.07
CA ALA C 218 36.77 -33.67 -34.48
C ALA C 218 36.40 -34.41 -33.21
N ALA C 219 37.23 -35.38 -32.79
CA ALA C 219 36.86 -36.32 -31.76
C ALA C 219 37.73 -36.21 -30.51
N ILE C 220 37.10 -36.30 -29.34
CA ILE C 220 37.76 -36.56 -28.08
C ILE C 220 37.59 -38.03 -27.76
N LYS C 221 38.69 -38.76 -27.54
CA LYS C 221 38.63 -40.21 -27.48
C LYS C 221 38.73 -40.70 -26.04
N GLU C 222 38.06 -41.83 -25.78
CA GLU C 222 38.11 -42.51 -24.49
C GLU C 222 37.69 -41.55 -23.39
N THR C 223 36.42 -41.15 -23.42
CA THR C 223 35.91 -40.09 -22.58
C THR C 223 35.31 -40.67 -21.30
N GLU C 224 35.03 -41.96 -21.29
CA GLU C 224 34.33 -42.56 -20.17
C GLU C 224 35.28 -42.88 -19.01
N LYS C 225 36.55 -42.51 -19.16
CA LYS C 225 37.53 -42.67 -18.10
C LYS C 225 38.24 -41.35 -17.87
N MET C 226 37.45 -40.27 -17.74
CA MET C 226 37.97 -38.93 -17.52
C MET C 226 37.19 -38.25 -16.40
N ASN C 227 37.87 -37.38 -15.64
CA ASN C 227 37.21 -36.46 -14.72
C ASN C 227 37.16 -35.09 -15.39
N PHE C 228 36.59 -34.09 -14.72
CA PHE C 228 36.33 -32.82 -15.37
C PHE C 228 37.62 -32.14 -15.77
N SER C 229 38.68 -32.32 -14.97
CA SER C 229 39.96 -31.68 -15.23
C SER C 229 40.54 -32.22 -16.53
N GLU C 230 40.51 -33.55 -16.67
CA GLU C 230 41.03 -34.22 -17.85
C GLU C 230 40.20 -33.83 -19.08
N PHE C 231 38.87 -33.79 -18.91
CA PHE C 231 37.94 -33.49 -19.99
C PHE C 231 38.23 -32.12 -20.57
N LEU C 232 38.46 -31.13 -19.71
CA LEU C 232 38.64 -29.75 -20.13
C LEU C 232 39.91 -29.62 -20.96
N ALA C 233 40.96 -30.35 -20.55
CA ALA C 233 42.25 -30.30 -21.23
C ALA C 233 42.13 -30.84 -22.65
N ALA C 234 41.48 -32.00 -22.79
CA ALA C 234 41.31 -32.65 -24.08
C ALA C 234 40.51 -31.77 -25.02
N TYR C 235 39.46 -31.13 -24.49
CA TYR C 235 38.59 -30.27 -25.26
C TYR C 235 39.42 -29.14 -25.86
N GLU C 236 40.20 -28.46 -25.01
CA GLU C 236 40.94 -27.28 -25.41
C GLU C 236 42.06 -27.65 -26.37
N ASP C 237 42.57 -28.87 -26.26
CA ASP C 237 43.60 -29.37 -27.15
C ASP C 237 43.07 -29.42 -28.59
N ILE C 238 41.89 -30.02 -28.77
CA ILE C 238 41.29 -30.17 -30.09
C ILE C 238 41.03 -28.80 -30.71
N VAL C 239 40.48 -27.88 -29.91
CA VAL C 239 40.09 -26.58 -30.40
C VAL C 239 41.33 -25.80 -30.83
N ALA C 240 42.39 -25.88 -30.03
CA ALA C 240 43.61 -25.12 -30.26
C ALA C 240 44.25 -25.52 -31.58
N ARG C 241 44.36 -26.83 -31.81
CA ARG C 241 45.03 -27.34 -32.99
C ARG C 241 44.21 -27.07 -34.23
N SER C 242 42.89 -26.90 -34.09
CA SER C 242 42.02 -26.70 -35.23
C SER C 242 42.26 -25.32 -35.83
N ARG C 243 42.51 -24.32 -34.97
CA ARG C 243 42.70 -22.95 -35.41
C ARG C 243 44.06 -22.82 -36.11
N LYS C 244 45.08 -23.52 -35.61
CA LYS C 244 46.42 -23.46 -36.17
C LYS C 244 46.54 -24.35 -37.42
N GLY C 245 45.54 -25.18 -37.67
CA GLY C 245 45.52 -26.01 -38.86
C GLY C 245 46.46 -27.20 -38.73
N LYS C 246 46.37 -27.92 -37.62
CA LYS C 246 47.28 -29.02 -37.33
C LYS C 246 46.51 -30.24 -36.83
N LEU C 247 45.39 -30.55 -37.49
CA LEU C 247 44.63 -31.77 -37.19
C LEU C 247 45.03 -32.87 -38.18
N THR C 248 45.23 -34.08 -37.66
CA THR C 248 45.60 -35.23 -38.47
C THR C 248 44.34 -35.95 -38.94
N MET C 249 44.53 -37.08 -39.62
CA MET C 249 43.44 -37.83 -40.20
C MET C 249 42.82 -38.73 -39.14
N ASP C 250 43.57 -39.00 -38.07
CA ASP C 250 43.08 -39.88 -37.03
C ASP C 250 42.05 -39.18 -36.16
N ASP C 251 42.07 -37.84 -36.16
CA ASP C 251 41.18 -37.06 -35.31
C ASP C 251 39.76 -37.03 -35.90
N TYR C 252 39.61 -37.41 -37.17
CA TYR C 252 38.31 -37.39 -37.80
C TYR C 252 37.70 -38.78 -37.86
N GLN C 253 38.22 -39.75 -37.10
CA GLN C 253 37.74 -41.12 -37.23
C GLN C 253 37.35 -41.68 -35.88
N GLY C 254 36.27 -42.46 -35.88
CA GLY C 254 35.87 -43.24 -34.72
C GLY C 254 34.81 -42.55 -33.85
N VAL C 255 34.13 -41.54 -34.38
CA VAL C 255 33.15 -40.80 -33.61
C VAL C 255 31.95 -41.71 -33.35
N THR C 256 31.43 -41.66 -32.12
CA THR C 256 30.29 -42.48 -31.75
C THR C 256 29.07 -41.63 -31.37
N VAL C 257 29.27 -40.35 -31.03
CA VAL C 257 28.17 -39.47 -30.65
C VAL C 257 28.66 -38.02 -30.76
N SER C 258 27.78 -37.10 -31.20
CA SER C 258 28.18 -35.75 -31.59
C SER C 258 27.44 -34.67 -30.80
N LEU C 259 28.02 -33.47 -30.78
CA LEU C 259 27.50 -32.30 -30.08
C LEU C 259 27.65 -31.06 -30.95
N THR C 260 26.60 -30.23 -30.98
CA THR C 260 26.57 -29.02 -31.80
C THR C 260 25.92 -27.89 -31.00
N ASN C 261 26.27 -26.64 -31.31
CA ASN C 261 25.83 -25.47 -30.57
C ASN C 261 25.33 -24.39 -31.51
N PRO C 262 24.11 -24.51 -32.07
CA PRO C 262 23.51 -23.43 -32.85
C PRO C 262 23.00 -22.22 -32.06
N GLY C 263 23.06 -22.30 -30.73
CA GLY C 263 22.57 -21.23 -29.86
C GLY C 263 23.54 -20.06 -29.73
N GLY C 264 24.76 -20.21 -30.24
CA GLY C 264 25.72 -19.11 -30.29
C GLY C 264 25.22 -17.92 -31.10
N ILE C 265 24.57 -18.21 -32.23
CA ILE C 265 24.00 -17.18 -33.10
C ILE C 265 22.71 -16.64 -32.48
N GLY C 266 21.95 -17.51 -31.81
CA GLY C 266 20.72 -17.10 -31.14
C GLY C 266 19.49 -17.89 -31.61
N THR C 267 19.70 -18.99 -32.31
CA THR C 267 18.64 -19.90 -32.72
C THR C 267 18.05 -20.57 -31.49
N ARG C 268 16.73 -20.81 -31.52
CA ARG C 268 16.03 -21.36 -30.37
C ARG C 268 16.21 -22.88 -30.33
N HIS C 269 15.99 -23.56 -31.45
CA HIS C 269 16.38 -24.95 -31.60
C HIS C 269 16.44 -25.32 -33.08
N SER C 270 17.01 -26.49 -33.38
CA SER C 270 17.17 -26.96 -34.75
C SER C 270 16.82 -28.44 -34.85
N VAL C 271 16.59 -28.90 -36.09
CA VAL C 271 16.41 -30.32 -36.40
C VAL C 271 17.48 -30.72 -37.40
N PRO C 272 18.66 -31.19 -36.94
CA PRO C 272 19.78 -31.49 -37.84
C PRO C 272 19.78 -32.86 -38.52
N ARG C 273 20.79 -33.07 -39.37
CA ARG C 273 20.97 -34.33 -40.10
C ARG C 273 21.96 -35.23 -39.38
N LEU C 274 21.72 -36.54 -39.45
CA LEU C 274 22.56 -37.53 -38.80
C LEU C 274 23.41 -38.20 -39.88
N THR C 275 24.72 -38.34 -39.60
CA THR C 275 25.66 -38.89 -40.55
C THR C 275 25.90 -40.37 -40.26
N LYS C 276 26.27 -41.13 -41.29
CA LYS C 276 26.30 -42.58 -41.21
C LYS C 276 27.42 -43.03 -40.28
N GLY C 277 27.11 -44.04 -39.45
CA GLY C 277 28.07 -44.61 -38.53
C GLY C 277 27.80 -44.21 -37.07
N GLN C 278 26.77 -43.39 -36.83
CA GLN C 278 26.45 -42.92 -35.50
C GLN C 278 25.00 -43.25 -35.15
N GLY C 279 24.65 -43.04 -33.89
CA GLY C 279 23.31 -43.32 -33.39
C GLY C 279 22.55 -42.05 -33.00
N THR C 280 23.26 -41.00 -32.54
CA THR C 280 22.60 -39.81 -32.09
C THR C 280 23.47 -38.57 -32.29
N ILE C 281 22.80 -37.41 -32.32
CA ILE C 281 23.41 -36.09 -32.33
C ILE C 281 22.61 -35.18 -31.41
N ILE C 282 23.29 -34.42 -30.56
CA ILE C 282 22.69 -33.57 -29.54
C ILE C 282 22.94 -32.10 -29.89
N GLY C 283 21.90 -31.26 -29.76
CA GLY C 283 21.99 -29.85 -30.11
C GLY C 283 21.59 -28.95 -28.95
N VAL C 284 22.32 -27.83 -28.79
CA VAL C 284 22.14 -26.89 -27.70
C VAL C 284 21.70 -25.55 -28.27
N GLY C 285 20.54 -25.07 -27.81
CA GLY C 285 19.95 -23.84 -28.30
C GLY C 285 20.29 -22.64 -27.43
N SER C 286 19.63 -21.52 -27.70
CA SER C 286 19.92 -20.26 -27.05
C SER C 286 19.55 -20.29 -25.58
N MET C 287 20.40 -19.67 -24.74
CA MET C 287 20.14 -19.55 -23.33
C MET C 287 19.80 -18.09 -23.04
N ASP C 288 18.50 -17.79 -22.98
CA ASP C 288 18.02 -16.43 -22.92
C ASP C 288 16.59 -16.44 -22.38
N TYR C 289 16.08 -15.25 -22.01
CA TYR C 289 14.69 -15.11 -21.63
C TYR C 289 13.82 -15.40 -22.83
N PRO C 290 12.56 -15.84 -22.65
CA PRO C 290 11.64 -16.00 -23.77
C PRO C 290 11.29 -14.65 -24.41
N ALA C 291 10.82 -14.68 -25.65
CA ALA C 291 10.66 -13.47 -26.45
C ALA C 291 9.48 -12.62 -25.98
N GLU C 292 8.58 -13.16 -25.15
CA GLU C 292 7.48 -12.38 -24.60
C GLU C 292 7.91 -11.57 -23.39
N PHE C 293 9.18 -11.69 -22.97
CA PHE C 293 9.70 -10.92 -21.86
C PHE C 293 10.91 -10.10 -22.26
N GLN C 294 11.16 -9.96 -23.57
CA GLN C 294 12.40 -9.31 -24.00
C GLN C 294 12.29 -7.80 -23.95
N GLY C 295 11.12 -7.26 -23.63
CA GLY C 295 10.95 -5.84 -23.48
C GLY C 295 10.73 -5.41 -22.03
N ALA C 296 10.64 -6.37 -21.12
CA ALA C 296 10.32 -6.09 -19.73
C ALA C 296 11.54 -5.51 -19.02
N SER C 297 11.29 -4.88 -17.87
CA SER C 297 12.33 -4.26 -17.07
C SER C 297 13.00 -5.31 -16.19
N GLU C 298 14.24 -5.03 -15.79
CA GLU C 298 14.98 -5.91 -14.89
C GLU C 298 14.28 -5.98 -13.54
N ASP C 299 13.78 -4.84 -13.09
CA ASP C 299 13.12 -4.74 -11.80
C ASP C 299 11.93 -5.70 -11.75
N ARG C 300 11.14 -5.71 -12.81
CA ARG C 300 9.90 -6.45 -12.84
C ARG C 300 10.19 -7.95 -12.91
N LEU C 301 11.21 -8.34 -13.67
CA LEU C 301 11.59 -9.72 -13.82
C LEU C 301 12.10 -10.28 -12.50
N ALA C 302 12.84 -9.46 -11.73
CA ALA C 302 13.36 -9.85 -10.44
C ALA C 302 12.22 -10.06 -9.43
N GLU C 303 11.21 -9.20 -9.51
CA GLU C 303 10.08 -9.28 -8.60
C GLU C 303 9.31 -10.58 -8.80
N LEU C 304 9.07 -10.94 -10.06
CA LEU C 304 8.21 -12.05 -10.40
C LEU C 304 8.96 -13.35 -10.11
N GLY C 305 10.22 -13.41 -10.49
CA GLY C 305 11.03 -14.61 -10.32
C GLY C 305 11.16 -15.40 -11.62
N VAL C 306 11.31 -14.68 -12.73
CA VAL C 306 11.40 -15.28 -14.05
C VAL C 306 12.84 -15.62 -14.32
N GLY C 307 13.09 -16.84 -14.82
CA GLY C 307 14.43 -17.29 -15.12
C GLY C 307 14.67 -17.42 -16.62
N LYS C 308 15.83 -17.96 -16.98
CA LYS C 308 16.19 -18.22 -18.36
C LYS C 308 16.06 -19.70 -18.69
N LEU C 309 15.99 -19.99 -19.99
CA LEU C 309 15.69 -21.31 -20.55
C LEU C 309 16.93 -21.84 -21.24
N VAL C 310 16.90 -23.14 -21.55
CA VAL C 310 17.72 -23.71 -22.61
C VAL C 310 16.94 -24.88 -23.19
N THR C 311 16.92 -25.00 -24.51
CA THR C 311 16.27 -26.10 -25.20
C THR C 311 17.34 -27.03 -25.76
N ILE C 312 17.19 -28.33 -25.49
CA ILE C 312 18.13 -29.35 -25.93
C ILE C 312 17.38 -30.37 -26.78
N THR C 313 17.99 -30.80 -27.88
CA THR C 313 17.39 -31.73 -28.83
C THR C 313 18.20 -33.01 -28.96
N SER C 314 17.54 -34.07 -29.43
CA SER C 314 18.15 -35.36 -29.67
C SER C 314 17.61 -35.95 -30.97
N THR C 315 18.50 -36.20 -31.95
CA THR C 315 18.12 -36.78 -33.22
C THR C 315 18.79 -38.14 -33.36
N TYR C 316 18.00 -39.19 -33.57
CA TYR C 316 18.47 -40.57 -33.43
C TYR C 316 17.97 -41.46 -34.57
N ASP C 317 18.68 -42.57 -34.79
CA ASP C 317 18.34 -43.59 -35.76
C ASP C 317 17.36 -44.58 -35.16
N HIS C 318 16.18 -44.72 -35.79
CA HIS C 318 15.04 -45.36 -35.17
C HIS C 318 15.07 -46.86 -35.38
N ARG C 319 16.05 -47.37 -36.11
CA ARG C 319 16.21 -48.79 -36.29
C ARG C 319 16.86 -49.42 -35.06
N VAL C 320 17.57 -48.63 -34.25
CA VAL C 320 18.34 -49.17 -33.15
C VAL C 320 18.07 -48.46 -31.83
N ILE C 321 17.43 -47.28 -31.84
CA ILE C 321 17.10 -46.57 -30.62
C ILE C 321 15.61 -46.27 -30.62
N GLN C 322 14.95 -46.48 -29.49
CA GLN C 322 13.53 -46.22 -29.34
C GLN C 322 13.32 -44.86 -28.70
N GLY C 323 12.07 -44.38 -28.74
CA GLY C 323 11.72 -43.05 -28.28
C GLY C 323 11.86 -42.90 -26.78
N ALA C 324 11.44 -43.93 -26.03
CA ALA C 324 11.48 -43.93 -24.58
C ALA C 324 12.92 -43.78 -24.07
N VAL C 325 13.87 -44.40 -24.77
CA VAL C 325 15.26 -44.32 -24.39
C VAL C 325 15.76 -42.89 -24.59
N SER C 326 15.39 -42.26 -25.71
CA SER C 326 15.80 -40.91 -26.01
C SER C 326 15.23 -39.92 -25.00
N GLY C 327 13.98 -40.14 -24.59
CA GLY C 327 13.34 -39.29 -23.61
C GLY C 327 14.02 -39.39 -22.24
N GLU C 328 14.34 -40.61 -21.82
CA GLU C 328 14.96 -40.85 -20.54
C GLU C 328 16.37 -40.27 -20.51
N PHE C 329 17.04 -40.28 -21.64
CA PHE C 329 18.36 -39.69 -21.76
C PHE C 329 18.30 -38.20 -21.43
N LEU C 330 17.34 -37.49 -22.03
CA LEU C 330 17.21 -36.06 -21.81
C LEU C 330 16.77 -35.76 -20.39
N ARG C 331 15.98 -36.64 -19.78
CA ARG C 331 15.52 -36.47 -18.42
C ARG C 331 16.70 -36.54 -17.45
N THR C 332 17.66 -37.43 -17.74
CA THR C 332 18.84 -37.59 -16.90
C THR C 332 19.71 -36.35 -16.99
N MET C 333 19.88 -35.80 -18.20
CA MET C 333 20.69 -34.61 -18.37
C MET C 333 20.08 -33.43 -17.61
N SER C 334 18.75 -33.38 -17.57
CA SER C 334 18.04 -32.31 -16.90
C SER C 334 18.26 -32.37 -15.39
N ARG C 335 18.33 -33.59 -14.83
CA ARG C 335 18.52 -33.79 -13.41
C ARG C 335 19.94 -33.46 -12.98
N LEU C 336 20.92 -33.76 -13.83
CA LEU C 336 22.31 -33.56 -13.47
C LEU C 336 22.65 -32.09 -13.39
N LEU C 337 22.04 -31.27 -14.24
CA LEU C 337 22.41 -29.86 -14.32
C LEU C 337 21.77 -29.06 -13.19
N THR C 338 21.03 -29.72 -12.31
CA THR C 338 20.39 -29.05 -11.18
C THR C 338 20.61 -29.89 -9.92
N ASP C 339 21.72 -30.62 -9.88
CA ASP C 339 21.96 -31.62 -8.85
C ASP C 339 23.14 -31.19 -7.98
N ASP C 340 23.05 -31.48 -6.68
CA ASP C 340 24.04 -31.07 -5.71
C ASP C 340 25.36 -31.78 -5.99
N SER C 341 25.28 -33.09 -6.21
CA SER C 341 26.48 -33.92 -6.30
C SER C 341 27.25 -33.65 -7.58
N PHE C 342 26.58 -33.14 -8.61
CA PHE C 342 27.20 -32.91 -9.89
C PHE C 342 28.14 -31.72 -9.78
N TRP C 343 27.69 -30.67 -9.10
CA TRP C 343 28.45 -29.43 -9.02
C TRP C 343 29.56 -29.52 -7.97
N ASP C 344 29.45 -30.48 -7.04
CA ASP C 344 30.51 -30.75 -6.11
C ASP C 344 31.73 -31.30 -6.87
N GLU C 345 31.48 -32.15 -7.86
CA GLU C 345 32.56 -32.70 -8.66
C GLU C 345 33.32 -31.59 -9.36
N ILE C 346 32.59 -30.67 -9.99
CA ILE C 346 33.22 -29.68 -10.85
C ILE C 346 34.04 -28.74 -9.99
N PHE C 347 33.49 -28.37 -8.82
CA PHE C 347 34.13 -27.43 -7.91
C PHE C 347 35.39 -28.04 -7.32
N ASP C 348 35.31 -29.32 -6.96
CA ASP C 348 36.44 -30.04 -6.38
C ASP C 348 37.60 -30.09 -7.37
N ALA C 349 37.29 -30.29 -8.65
CA ALA C 349 38.31 -30.48 -9.66
C ALA C 349 38.98 -29.18 -10.04
N MET C 350 38.32 -28.05 -9.80
CA MET C 350 38.84 -26.77 -10.25
C MET C 350 39.41 -25.99 -9.07
N ASN C 351 39.33 -26.56 -7.86
CA ASN C 351 39.92 -25.99 -6.65
C ASN C 351 39.27 -24.64 -6.35
N VAL C 352 37.97 -24.67 -6.05
CA VAL C 352 37.28 -23.49 -5.58
C VAL C 352 36.80 -23.78 -4.16
N PRO C 353 36.99 -22.84 -3.20
CA PRO C 353 36.81 -23.13 -1.79
C PRO C 353 35.42 -23.01 -1.19
N TYR C 354 34.47 -22.47 -1.96
CA TYR C 354 33.13 -22.17 -1.47
C TYR C 354 32.18 -23.30 -1.80
N THR C 355 31.08 -23.40 -1.05
CA THR C 355 30.02 -24.33 -1.40
C THR C 355 29.31 -23.81 -2.64
N PRO C 356 28.94 -24.68 -3.62
CA PRO C 356 28.19 -24.25 -4.78
C PRO C 356 26.78 -23.78 -4.42
N MET C 357 26.27 -22.83 -5.21
CA MET C 357 24.91 -22.35 -5.09
C MET C 357 23.95 -23.50 -5.39
N ARG C 358 22.90 -23.63 -4.59
CA ARG C 358 22.00 -24.77 -4.67
C ARG C 358 20.72 -24.37 -5.39
N TRP C 359 19.92 -25.37 -5.78
CA TRP C 359 18.67 -25.18 -6.50
C TRP C 359 17.51 -25.28 -5.52
N ALA C 360 16.62 -24.29 -5.54
CA ALA C 360 15.48 -24.26 -4.66
C ALA C 360 14.41 -23.35 -5.22
N GLN C 361 13.21 -23.41 -4.62
CA GLN C 361 12.11 -22.54 -5.01
C GLN C 361 12.19 -21.22 -4.27
N ASP C 362 11.61 -20.18 -4.88
CA ASP C 362 11.54 -18.86 -4.27
C ASP C 362 10.54 -18.92 -3.12
N VAL C 363 10.85 -18.21 -2.03
CA VAL C 363 10.05 -18.25 -0.81
C VAL C 363 9.37 -16.90 -0.64
N PRO C 364 8.18 -16.85 0.00
CA PRO C 364 7.48 -15.58 0.23
C PRO C 364 8.08 -14.69 1.31
N ASN C 365 7.92 -13.38 1.16
CA ASN C 365 8.38 -12.40 2.14
C ASN C 365 7.32 -12.28 3.22
N THR C 366 7.25 -13.29 4.09
CA THR C 366 6.29 -13.34 5.19
C THR C 366 7.04 -13.71 6.46
N GLY C 367 6.41 -13.48 7.61
CA GLY C 367 7.04 -13.72 8.89
C GLY C 367 8.15 -12.71 9.16
N VAL C 368 9.37 -13.22 9.36
CA VAL C 368 10.55 -12.39 9.51
C VAL C 368 10.92 -11.83 8.14
N ASP C 369 11.08 -10.51 8.07
CA ASP C 369 11.30 -9.81 6.83
C ASP C 369 12.66 -10.19 6.28
N LYS C 370 12.87 -9.96 4.99
CA LYS C 370 14.10 -10.38 4.34
C LYS C 370 15.23 -9.42 4.65
N ASN C 371 14.94 -8.15 4.95
CA ASN C 371 15.98 -7.23 5.38
C ASN C 371 16.61 -7.69 6.68
N THR C 372 15.81 -8.25 7.58
CA THR C 372 16.31 -8.78 8.84
C THR C 372 17.25 -9.94 8.57
N ARG C 373 16.96 -10.74 7.55
CA ARG C 373 17.76 -11.92 7.27
C ARG C 373 19.10 -11.54 6.65
N VAL C 374 19.16 -10.44 5.89
CA VAL C 374 20.40 -10.01 5.28
C VAL C 374 21.30 -9.42 6.34
N MET C 375 20.73 -8.83 7.39
CA MET C 375 21.53 -8.23 8.45
C MET C 375 22.10 -9.32 9.32
N GLN C 376 21.39 -10.43 9.46
CA GLN C 376 21.88 -11.56 10.22
C GLN C 376 23.03 -12.27 9.50
N LEU C 377 23.03 -12.22 8.17
CA LEU C 377 24.08 -12.81 7.37
C LEU C 377 25.36 -11.99 7.50
N ILE C 378 25.23 -10.66 7.53
CA ILE C 378 26.39 -9.80 7.68
C ILE C 378 27.05 -10.06 9.03
N GLU C 379 26.23 -10.27 10.06
CA GLU C 379 26.74 -10.48 11.41
C GLU C 379 27.45 -11.82 11.52
N ALA C 380 26.95 -12.83 10.80
CA ALA C 380 27.54 -14.16 10.82
C ALA C 380 28.92 -14.19 10.21
N TYR C 381 29.15 -13.44 9.13
CA TYR C 381 30.45 -13.43 8.48
C TYR C 381 31.45 -12.64 9.31
N ARG C 382 31.02 -11.53 9.90
CA ARG C 382 31.89 -10.74 10.75
C ARG C 382 32.33 -11.55 11.96
N SER C 383 31.51 -12.50 12.40
CA SER C 383 31.76 -13.22 13.63
C SER C 383 32.47 -14.56 13.40
N ARG C 384 32.13 -15.28 12.32
CA ARG C 384 32.54 -16.66 12.17
C ARG C 384 33.12 -16.96 10.79
N GLY C 385 33.51 -15.95 10.03
CA GLY C 385 33.95 -16.17 8.66
C GLY C 385 35.37 -16.73 8.57
N HIS C 386 36.12 -16.62 9.67
CA HIS C 386 37.48 -17.11 9.75
C HIS C 386 37.52 -18.62 9.66
N LEU C 387 36.38 -19.29 9.81
CA LEU C 387 36.35 -20.73 9.82
C LEU C 387 36.49 -21.28 8.42
N ILE C 388 36.30 -20.47 7.37
CA ILE C 388 36.41 -20.96 6.01
C ILE C 388 37.39 -20.13 5.21
N ALA C 389 38.38 -19.49 5.84
CA ALA C 389 39.30 -18.61 5.15
C ALA C 389 40.49 -19.38 4.63
N ASP C 390 41.10 -18.86 3.56
CA ASP C 390 42.19 -19.51 2.87
C ASP C 390 43.50 -19.15 3.55
N THR C 391 43.79 -19.78 4.68
CA THR C 391 44.94 -19.41 5.48
C THR C 391 45.95 -20.54 5.59
N ASN C 392 45.68 -21.70 5.00
CA ASN C 392 46.59 -22.82 5.08
C ASN C 392 47.30 -22.99 3.76
N PRO C 393 48.64 -22.92 3.70
CA PRO C 393 49.37 -23.16 2.47
C PRO C 393 49.25 -24.55 1.88
N LEU C 394 49.04 -25.56 2.73
CA LEU C 394 48.84 -26.92 2.31
C LEU C 394 47.35 -27.21 2.21
N SER C 395 47.01 -28.20 1.40
CA SER C 395 45.65 -28.71 1.31
C SER C 395 45.51 -29.90 2.25
N TRP C 396 45.54 -29.60 3.55
CA TRP C 396 45.73 -30.61 4.58
C TRP C 396 44.68 -30.44 5.66
N VAL C 397 43.99 -31.53 5.99
CA VAL C 397 43.12 -31.57 7.14
C VAL C 397 43.61 -32.69 8.05
N GLN C 398 43.89 -32.35 9.31
CA GLN C 398 44.45 -33.27 10.27
C GLN C 398 43.38 -34.28 10.66
N PRO C 399 43.63 -35.59 10.47
CA PRO C 399 42.64 -36.62 10.70
C PRO C 399 41.89 -36.78 12.02
N GLY C 400 42.43 -36.40 13.16
CA GLY C 400 41.73 -36.69 14.41
C GLY C 400 41.16 -35.47 15.11
N MET C 401 41.10 -34.32 14.43
CA MET C 401 40.65 -33.08 15.04
C MET C 401 39.21 -32.81 14.67
N PRO C 402 38.35 -32.36 15.62
CA PRO C 402 36.97 -32.01 15.30
C PRO C 402 36.86 -30.85 14.33
N VAL C 403 35.89 -30.92 13.42
CA VAL C 403 35.64 -29.84 12.48
C VAL C 403 34.44 -29.05 12.99
N PRO C 404 34.57 -27.75 13.28
CA PRO C 404 33.45 -26.94 13.73
C PRO C 404 32.33 -26.81 12.71
N ASP C 405 31.11 -26.59 13.22
CA ASP C 405 29.95 -26.34 12.38
C ASP C 405 30.08 -24.95 11.77
N HIS C 406 29.89 -24.86 10.45
CA HIS C 406 29.85 -23.58 9.79
C HIS C 406 28.70 -23.52 8.80
N ARG C 407 27.51 -23.85 9.28
CA ARG C 407 26.29 -23.80 8.49
C ARG C 407 25.72 -22.39 8.52
N ASP C 408 26.29 -21.51 9.35
CA ASP C 408 25.79 -20.16 9.48
C ASP C 408 26.21 -19.30 8.29
N LEU C 409 27.08 -19.81 7.44
CA LEU C 409 27.70 -19.01 6.41
C LEU C 409 27.11 -19.30 5.04
N ASP C 410 26.04 -20.11 4.97
CA ASP C 410 25.39 -20.36 3.69
C ASP C 410 23.99 -19.78 3.72
N ILE C 411 23.53 -19.29 2.56
CA ILE C 411 22.35 -18.45 2.51
C ILE C 411 21.08 -19.26 2.77
N GLU C 412 21.17 -20.58 2.78
CA GLU C 412 20.01 -21.42 3.00
C GLU C 412 19.57 -21.39 4.45
N THR C 413 20.51 -21.19 5.37
CA THR C 413 20.20 -21.23 6.78
C THR C 413 19.49 -19.95 7.22
N HIS C 414 19.56 -18.90 6.40
CA HIS C 414 18.92 -17.65 6.69
C HIS C 414 17.70 -17.43 5.80
N ASN C 415 17.19 -18.52 5.19
CA ASN C 415 16.02 -18.49 4.33
C ASN C 415 16.16 -17.52 3.18
N LEU C 416 17.24 -17.62 2.43
CA LEU C 416 17.41 -16.86 1.21
C LEU C 416 17.78 -17.85 0.11
N THR C 417 17.74 -17.43 -1.14
CA THR C 417 17.79 -18.32 -2.28
C THR C 417 18.42 -17.58 -3.44
N ILE C 418 18.82 -18.29 -4.49
CA ILE C 418 19.38 -17.72 -5.70
C ILE C 418 18.48 -16.64 -6.28
N TRP C 419 17.18 -16.67 -5.98
CA TRP C 419 16.22 -15.75 -6.55
C TRP C 419 16.28 -14.39 -5.87
N ASP C 420 17.14 -14.22 -4.85
CA ASP C 420 17.23 -12.98 -4.11
C ASP C 420 18.51 -12.23 -4.43
N LEU C 421 19.33 -12.73 -5.35
CA LEU C 421 20.66 -12.20 -5.54
C LEU C 421 20.63 -10.85 -6.23
N ASP C 422 19.60 -10.56 -7.04
CA ASP C 422 19.54 -9.30 -7.76
C ASP C 422 18.48 -8.38 -7.20
N ARG C 423 17.86 -8.74 -6.06
CA ARG C 423 16.98 -7.86 -5.33
C ARG C 423 17.79 -6.93 -4.45
N THR C 424 17.19 -5.81 -4.04
CA THR C 424 17.88 -4.74 -3.34
C THR C 424 17.34 -4.64 -1.92
N PHE C 425 18.23 -4.36 -0.95
CA PHE C 425 17.91 -4.43 0.46
C PHE C 425 18.52 -3.25 1.22
N ASN C 426 17.99 -2.97 2.42
CA ASN C 426 18.52 -1.94 3.30
C ASN C 426 19.58 -2.53 4.21
N VAL C 427 20.77 -1.94 4.25
CA VAL C 427 21.93 -2.56 4.86
C VAL C 427 22.51 -1.68 5.96
N GLY C 428 22.02 -0.46 6.11
CA GLY C 428 22.29 0.33 7.28
C GLY C 428 23.74 0.78 7.38
N GLY C 429 24.30 1.25 6.28
CA GLY C 429 25.61 1.88 6.31
C GLY C 429 26.76 0.94 5.97
N PHE C 430 26.46 -0.35 5.75
CA PHE C 430 27.47 -1.31 5.36
C PHE C 430 28.05 -0.89 4.01
N GLY C 431 29.37 -0.80 3.94
CA GLY C 431 30.06 -0.44 2.72
C GLY C 431 29.88 1.04 2.37
N GLY C 432 29.46 1.84 3.36
CA GLY C 432 29.20 3.25 3.14
C GLY C 432 27.98 3.49 2.24
N LYS C 433 27.02 2.56 2.27
CA LYS C 433 25.83 2.67 1.45
C LYS C 433 24.61 2.32 2.28
N GLU C 434 23.46 2.90 1.91
CA GLU C 434 22.20 2.67 2.61
C GLU C 434 21.44 1.52 1.97
N THR C 435 21.81 1.16 0.73
CA THR C 435 21.07 0.16 -0.03
C THR C 435 22.05 -0.60 -0.93
N MET C 436 21.74 -1.88 -1.21
CA MET C 436 22.65 -2.79 -1.89
C MET C 436 21.93 -4.03 -2.34
N THR C 437 22.51 -4.78 -3.27
CA THR C 437 21.99 -6.07 -3.69
C THR C 437 22.69 -7.19 -2.92
N LEU C 438 22.07 -8.36 -2.85
CA LEU C 438 22.61 -9.47 -2.10
C LEU C 438 23.87 -10.00 -2.76
N ARG C 439 24.02 -9.79 -4.07
CA ARG C 439 25.21 -10.20 -4.77
C ARG C 439 26.37 -9.34 -4.30
N GLU C 440 26.19 -8.03 -4.21
CA GLU C 440 27.26 -7.15 -3.80
C GLU C 440 27.61 -7.36 -2.33
N VAL C 441 26.62 -7.67 -1.49
CA VAL C 441 26.86 -7.91 -0.08
C VAL C 441 27.77 -9.12 0.07
N LEU C 442 27.46 -10.21 -0.62
CA LEU C 442 28.24 -11.42 -0.51
C LEU C 442 29.65 -11.21 -1.02
N SER C 443 29.80 -10.44 -2.07
CA SER C 443 31.10 -10.19 -2.66
C SER C 443 32.00 -9.47 -1.68
N ARG C 444 31.49 -8.43 -1.02
CA ARG C 444 32.27 -7.65 -0.08
C ARG C 444 32.64 -8.47 1.15
N LEU C 445 31.69 -9.24 1.68
CA LEU C 445 31.94 -10.04 2.86
C LEU C 445 33.03 -11.07 2.57
N ARG C 446 33.02 -11.66 1.39
CA ARG C 446 33.96 -12.71 1.05
C ARG C 446 35.35 -12.12 0.83
N ALA C 447 35.44 -10.91 0.33
CA ALA C 447 36.72 -10.27 0.10
C ALA C 447 37.38 -9.83 1.38
N ALA C 448 36.58 -9.59 2.42
CA ALA C 448 37.08 -9.03 3.65
C ALA C 448 37.40 -10.10 4.68
N TYR C 449 36.72 -11.24 4.65
CA TYR C 449 36.79 -12.17 5.76
C TYR C 449 37.13 -13.59 5.34
N THR C 450 37.42 -13.87 4.07
CA THR C 450 37.54 -15.25 3.63
C THR C 450 38.74 -15.49 2.72
N LEU C 451 39.59 -14.50 2.49
CA LEU C 451 40.77 -14.66 1.66
C LEU C 451 41.96 -15.03 2.53
N LYS C 452 43.08 -14.30 2.47
CA LYS C 452 44.31 -14.71 3.10
C LYS C 452 44.47 -14.22 4.52
N VAL C 453 43.54 -13.41 5.04
CA VAL C 453 43.58 -12.95 6.41
C VAL C 453 42.26 -13.26 7.10
N GLY C 454 42.31 -14.02 8.19
CA GLY C 454 41.15 -14.29 9.02
C GLY C 454 41.26 -13.59 10.37
N SER C 455 40.16 -13.00 10.85
CA SER C 455 40.20 -12.11 11.98
C SER C 455 39.12 -12.45 12.99
N GLU C 456 39.46 -12.33 14.27
CA GLU C 456 38.53 -12.50 15.38
C GLU C 456 38.54 -11.25 16.25
N TYR C 457 37.44 -10.50 16.30
CA TYR C 457 37.39 -9.27 17.04
C TYR C 457 36.01 -8.93 17.62
N THR C 458 35.00 -9.78 17.47
CA THR C 458 33.64 -9.40 17.79
C THR C 458 33.34 -9.66 19.26
N HIS C 459 34.26 -10.35 19.94
CA HIS C 459 34.14 -10.64 21.35
C HIS C 459 34.56 -9.47 22.23
N ILE C 460 35.16 -8.43 21.64
CA ILE C 460 35.61 -7.26 22.39
C ILE C 460 34.39 -6.48 22.86
N LEU C 461 34.46 -5.94 24.08
CA LEU C 461 33.31 -5.35 24.74
C LEU C 461 33.18 -3.86 24.41
N ASP C 462 34.28 -3.17 24.14
CA ASP C 462 34.25 -1.74 23.87
C ASP C 462 33.84 -1.49 22.43
N ARG C 463 33.01 -0.46 22.22
CA ARG C 463 32.41 -0.21 20.92
C ARG C 463 33.41 0.51 20.01
N ASP C 464 34.22 1.40 20.58
CA ASP C 464 35.17 2.18 19.79
C ASP C 464 36.29 1.30 19.25
N GLU C 465 36.76 0.34 20.05
CA GLU C 465 37.74 -0.63 19.59
C GLU C 465 37.21 -1.44 18.43
N ARG C 466 36.02 -2.02 18.59
CA ARG C 466 35.41 -2.84 17.56
C ARG C 466 35.27 -2.07 16.25
N THR C 467 34.87 -0.81 16.33
CA THR C 467 34.59 -0.03 15.14
C THR C 467 35.89 0.28 14.42
N TRP C 468 36.97 0.51 15.16
CA TRP C 468 38.26 0.83 14.58
C TRP C 468 38.76 -0.34 13.75
N LEU C 469 38.67 -1.55 14.30
CA LEU C 469 39.12 -2.75 13.62
C LEU C 469 38.25 -3.04 12.40
N GLN C 470 36.93 -2.93 12.57
CA GLN C 470 35.98 -3.24 11.54
C GLN C 470 36.17 -2.34 10.33
N ASP C 471 36.46 -1.06 10.57
CA ASP C 471 36.62 -0.11 9.51
C ASP C 471 37.87 -0.40 8.71
N ARG C 472 38.96 -0.77 9.39
CA ARG C 472 40.25 -0.96 8.72
C ARG C 472 40.30 -2.29 8.01
N LEU C 473 39.48 -3.24 8.43
CA LEU C 473 39.51 -4.59 7.92
C LEU C 473 38.62 -4.71 6.69
N GLU C 474 37.69 -3.78 6.52
CA GLU C 474 36.76 -3.78 5.41
C GLU C 474 37.18 -2.78 4.33
N ALA C 475 38.10 -1.87 4.63
CA ALA C 475 38.70 -1.02 3.63
C ALA C 475 39.61 -1.84 2.73
N GLY C 476 40.35 -2.78 3.35
CA GLY C 476 41.21 -3.68 2.62
C GLY C 476 42.68 -3.28 2.73
N MET C 477 43.55 -4.11 2.14
CA MET C 477 44.98 -3.85 2.14
C MET C 477 45.30 -2.92 0.98
N PRO C 478 45.98 -1.78 1.22
CA PRO C 478 46.34 -0.87 0.14
C PRO C 478 47.44 -1.42 -0.76
N LYS C 479 47.42 -1.03 -2.04
CA LYS C 479 48.32 -1.58 -3.03
C LYS C 479 49.70 -1.00 -2.81
N PRO C 480 50.77 -1.83 -2.68
CA PRO C 480 52.11 -1.31 -2.45
C PRO C 480 52.84 -0.87 -3.72
N THR C 481 53.84 -0.02 -3.55
CA THR C 481 54.61 0.55 -4.63
C THR C 481 55.65 -0.46 -5.09
N GLN C 482 56.38 -0.14 -6.16
CA GLN C 482 57.32 -1.08 -6.72
C GLN C 482 58.56 -1.17 -5.85
N ALA C 483 58.98 -0.06 -5.27
CA ALA C 483 60.13 -0.06 -4.38
C ALA C 483 59.87 -0.94 -3.17
N GLU C 484 58.66 -0.87 -2.63
CA GLU C 484 58.27 -1.67 -1.49
C GLU C 484 58.29 -3.15 -1.85
N GLN C 485 57.81 -3.49 -3.04
CA GLN C 485 57.75 -4.86 -3.48
C GLN C 485 59.16 -5.44 -3.63
N LYS C 486 60.10 -4.65 -4.10
CA LYS C 486 61.44 -5.16 -4.30
C LYS C 486 62.12 -5.37 -2.95
N TYR C 487 61.74 -4.57 -1.94
CA TYR C 487 62.30 -4.69 -0.60
C TYR C 487 61.85 -5.99 0.04
N ILE C 488 60.59 -6.38 -0.17
CA ILE C 488 60.08 -7.64 0.36
C ILE C 488 60.83 -8.80 -0.27
N LEU C 489 61.19 -8.70 -1.55
CA LEU C 489 61.88 -9.78 -2.24
C LEU C 489 63.31 -9.91 -1.76
N GLN C 490 63.94 -8.80 -1.39
CA GLN C 490 65.30 -8.85 -0.88
C GLN C 490 65.36 -9.60 0.44
N LYS C 491 64.37 -9.38 1.31
CA LYS C 491 64.36 -9.99 2.63
C LYS C 491 64.05 -11.48 2.53
N LEU C 492 63.13 -11.87 1.65
CA LEU C 492 62.84 -13.29 1.44
C LEU C 492 64.07 -14.00 0.92
N ASN C 493 64.80 -13.36 0.02
CA ASN C 493 65.98 -13.98 -0.56
C ASN C 493 67.02 -14.23 0.52
N ALA C 494 67.24 -13.22 1.37
CA ALA C 494 68.25 -13.30 2.40
C ALA C 494 67.99 -14.48 3.31
N ALA C 495 66.74 -14.66 3.71
CA ALA C 495 66.35 -15.74 4.60
C ALA C 495 66.70 -17.10 4.00
N GLU C 496 66.21 -17.36 2.78
CA GLU C 496 66.37 -18.66 2.16
C GLU C 496 67.83 -18.91 1.83
N ALA C 497 68.55 -17.89 1.39
CA ALA C 497 69.92 -18.05 0.95
C ALA C 497 70.83 -18.44 2.12
N PHE C 498 70.60 -17.82 3.28
CA PHE C 498 71.38 -18.07 4.47
C PHE C 498 71.24 -19.53 4.90
N GLU C 499 70.02 -20.06 4.84
CA GLU C 499 69.75 -21.42 5.24
C GLU C 499 70.48 -22.40 4.34
N ASN C 500 70.43 -22.15 3.02
CA ASN C 500 71.03 -23.04 2.05
C ASN C 500 72.54 -23.02 2.16
N PHE C 501 73.12 -21.88 2.51
CA PHE C 501 74.56 -21.79 2.63
C PHE C 501 75.05 -22.68 3.76
N LEU C 502 74.38 -22.60 4.92
CA LEU C 502 74.77 -23.37 6.08
C LEU C 502 74.59 -24.87 5.82
N GLN C 503 73.54 -25.23 5.08
CA GLN C 503 73.28 -26.61 4.75
C GLN C 503 74.45 -27.18 3.97
N THR C 504 75.01 -26.39 3.05
CA THR C 504 76.03 -26.86 2.13
C THR C 504 77.38 -26.96 2.81
N LYS C 505 77.72 -26.03 3.70
CA LYS C 505 79.07 -25.97 4.26
C LYS C 505 79.21 -26.74 5.56
N TYR C 506 78.11 -26.97 6.29
CA TYR C 506 78.13 -27.71 7.54
C TYR C 506 76.96 -28.68 7.57
N VAL C 507 77.19 -29.94 7.20
CA VAL C 507 76.10 -30.85 6.82
C VAL C 507 75.46 -31.43 8.08
N GLY C 508 76.28 -31.99 8.96
CA GLY C 508 75.79 -32.74 10.10
C GLY C 508 75.28 -31.85 11.23
N GLN C 509 75.67 -30.57 11.23
CA GLN C 509 75.51 -29.74 12.40
C GLN C 509 74.06 -29.27 12.55
N LYS C 510 73.63 -29.15 13.81
CA LYS C 510 72.26 -28.87 14.19
C LYS C 510 72.04 -27.36 14.17
N ARG C 511 71.00 -26.89 13.47
CA ARG C 511 70.82 -25.45 13.29
C ARG C 511 69.36 -24.99 13.47
N PHE C 512 68.39 -25.90 13.46
CA PHE C 512 66.98 -25.55 13.61
C PHE C 512 66.55 -24.53 12.56
N SER C 513 66.25 -25.02 11.35
CA SER C 513 66.06 -24.17 10.20
C SER C 513 64.68 -23.54 10.19
N LEU C 514 64.56 -22.48 9.40
CA LEU C 514 63.35 -21.69 9.27
C LEU C 514 62.68 -21.96 7.94
N GLU C 515 63.17 -22.98 7.22
CA GLU C 515 62.65 -23.32 5.91
C GLU C 515 61.21 -23.78 6.04
N GLY C 516 60.32 -23.14 5.30
CA GLY C 516 58.90 -23.34 5.45
C GLY C 516 58.22 -22.13 6.05
N ALA C 517 58.99 -21.28 6.74
CA ALA C 517 58.46 -20.15 7.47
C ALA C 517 59.35 -18.93 7.28
N GLU C 518 59.68 -18.61 6.04
CA GLU C 518 60.60 -17.53 5.76
C GLU C 518 59.89 -16.18 5.77
N ALA C 519 58.56 -16.17 5.82
CA ALA C 519 57.82 -14.93 5.85
C ALA C 519 57.91 -14.24 7.20
N LEU C 520 58.46 -14.93 8.20
CA LEU C 520 58.70 -14.36 9.51
C LEU C 520 59.63 -13.16 9.45
N ILE C 521 60.59 -13.14 8.51
CA ILE C 521 61.58 -12.09 8.47
C ILE C 521 60.96 -10.79 7.99
N PRO C 522 60.24 -10.73 6.87
CA PRO C 522 59.48 -9.53 6.56
C PRO C 522 58.37 -9.11 7.52
N LEU C 523 57.82 -10.01 8.33
CA LEU C 523 56.81 -9.65 9.32
C LEU C 523 57.43 -8.87 10.46
N MET C 524 58.55 -9.36 10.97
CA MET C 524 59.24 -8.72 12.08
C MET C 524 59.82 -7.39 11.65
N ASP C 525 60.26 -7.30 10.40
CA ASP C 525 60.81 -6.07 9.85
C ASP C 525 59.74 -5.01 9.74
N SER C 526 58.53 -5.40 9.36
CA SER C 526 57.41 -4.49 9.20
C SER C 526 57.05 -3.85 10.52
N ALA C 527 57.00 -4.65 11.58
CA ALA C 527 56.61 -4.20 12.90
C ALA C 527 57.64 -3.21 13.47
N ILE C 528 58.92 -3.53 13.33
CA ILE C 528 59.99 -2.69 13.85
C ILE C 528 60.03 -1.37 13.10
N ASP C 529 59.71 -1.40 11.81
CA ASP C 529 59.73 -0.22 10.98
C ASP C 529 58.60 0.72 11.37
N THR C 530 57.43 0.16 11.68
CA THR C 530 56.27 0.94 12.09
C THR C 530 56.52 1.60 13.43
N ALA C 531 57.24 0.91 14.32
CA ALA C 531 57.54 1.45 15.64
C ALA C 531 58.51 2.61 15.54
N ALA C 532 59.45 2.55 14.60
CA ALA C 532 60.40 3.62 14.38
C ALA C 532 59.70 4.85 13.83
N GLY C 533 58.64 4.66 13.07
CA GLY C 533 57.86 5.77 12.57
C GLY C 533 57.03 6.44 13.64
N GLN C 534 56.63 5.70 14.67
CA GLN C 534 55.83 6.24 15.75
C GLN C 534 56.69 7.06 16.70
N GLY C 535 58.01 6.84 16.66
CA GLY C 535 58.93 7.67 17.41
C GLY C 535 59.35 7.06 18.73
N LEU C 536 59.40 5.72 18.80
CA LEU C 536 59.67 5.02 20.04
C LEU C 536 61.16 4.74 20.16
N ASP C 537 61.59 4.18 21.30
CA ASP C 537 62.99 4.17 21.69
C ASP C 537 63.67 2.82 21.44
N GLU C 538 63.01 1.71 21.79
CA GLU C 538 63.64 0.40 21.71
C GLU C 538 62.62 -0.69 21.44
N VAL C 539 63.08 -1.83 20.91
CA VAL C 539 62.31 -3.05 20.77
C VAL C 539 63.09 -4.19 21.40
N VAL C 540 62.47 -4.94 22.32
CA VAL C 540 63.10 -6.07 23.01
C VAL C 540 62.45 -7.36 22.53
N ILE C 541 63.25 -8.35 22.13
CA ILE C 541 62.78 -9.60 21.55
C ILE C 541 63.10 -10.76 22.48
N GLY C 542 62.15 -11.69 22.62
CA GLY C 542 62.39 -13.00 23.20
C GLY C 542 61.81 -14.09 22.32
N MET C 543 62.55 -15.18 22.14
CA MET C 543 62.14 -16.22 21.22
C MET C 543 62.76 -17.56 21.57
N PRO C 544 62.25 -18.67 21.01
CA PRO C 544 62.91 -19.97 21.07
C PRO C 544 63.93 -20.28 19.98
N HIS C 545 64.20 -21.59 19.79
CA HIS C 545 65.23 -22.11 18.90
C HIS C 545 64.95 -21.94 17.41
N ARG C 546 63.68 -21.97 17.00
CA ARG C 546 63.30 -22.05 15.60
C ARG C 546 63.63 -20.75 14.87
N GLY C 547 64.71 -20.78 14.10
CA GLY C 547 65.09 -19.66 13.25
C GLY C 547 65.82 -18.56 14.01
N ARG C 548 66.69 -18.91 14.93
CA ARG C 548 67.30 -17.92 15.78
C ARG C 548 68.48 -17.28 15.08
N LEU C 549 69.31 -18.09 14.43
CA LEU C 549 70.50 -17.60 13.78
C LEU C 549 70.13 -16.72 12.59
N ASN C 550 68.92 -16.91 12.07
CA ASN C 550 68.43 -16.16 10.95
C ASN C 550 68.01 -14.77 11.41
N VAL C 551 67.35 -14.70 12.58
CA VAL C 551 66.90 -13.44 13.17
C VAL C 551 68.09 -12.63 13.66
N LEU C 552 69.11 -13.29 14.19
CA LEU C 552 70.29 -12.59 14.66
C LEU C 552 70.99 -11.86 13.54
N PHE C 553 71.01 -12.44 12.34
CA PHE C 553 71.73 -11.85 11.22
C PHE C 553 70.88 -10.84 10.46
N ASN C 554 69.59 -11.12 10.27
CA ASN C 554 68.78 -10.35 9.35
C ASN C 554 67.93 -9.29 10.05
N ILE C 555 67.68 -9.41 11.37
CA ILE C 555 66.87 -8.43 12.08
C ILE C 555 67.70 -7.64 13.07
N VAL C 556 68.67 -8.24 13.74
CA VAL C 556 69.36 -7.58 14.84
C VAL C 556 70.69 -7.00 14.36
N GLY C 557 71.37 -7.69 13.46
CA GLY C 557 72.56 -7.13 12.83
C GLY C 557 73.87 -7.66 13.39
N LYS C 558 73.85 -8.88 13.94
CA LYS C 558 75.05 -9.53 14.41
C LYS C 558 75.92 -9.83 13.19
N PRO C 559 77.23 -9.54 13.21
CA PRO C 559 78.10 -9.78 12.06
C PRO C 559 78.23 -11.25 11.69
N LEU C 560 78.45 -11.50 10.40
CA LEU C 560 78.37 -12.83 9.83
C LEU C 560 79.59 -13.64 10.21
N ALA C 561 80.70 -12.95 10.43
CA ALA C 561 81.94 -13.59 10.81
C ALA C 561 81.77 -14.32 12.14
N SER C 562 81.01 -13.70 13.04
CA SER C 562 80.77 -14.26 14.36
C SER C 562 80.04 -15.59 14.28
N ILE C 563 79.07 -15.69 13.38
CA ILE C 563 78.25 -16.87 13.26
C ILE C 563 79.04 -18.02 12.64
N PHE C 564 79.86 -17.72 11.63
CA PHE C 564 80.67 -18.74 11.00
C PHE C 564 81.71 -19.27 11.99
N ASN C 565 82.29 -18.39 12.80
CA ASN C 565 83.27 -18.80 13.80
C ASN C 565 82.63 -19.77 14.78
N GLU C 566 81.40 -19.50 15.19
CA GLU C 566 80.68 -20.35 16.12
C GLU C 566 80.59 -21.78 15.57
N PHE C 567 80.32 -21.90 14.26
CA PHE C 567 80.16 -23.20 13.64
C PHE C 567 81.50 -23.93 13.51
N GLU C 568 82.62 -23.21 13.57
CA GLU C 568 83.93 -23.81 13.48
C GLU C 568 84.53 -24.07 14.86
N GLY C 569 83.80 -23.71 15.93
CA GLY C 569 84.16 -24.11 17.27
C GLY C 569 84.80 -23.01 18.12
N GLN C 570 84.91 -21.79 17.57
CA GLN C 570 85.41 -20.65 18.32
C GLN C 570 84.22 -19.86 18.87
N MET C 571 84.11 -19.82 20.20
CA MET C 571 82.95 -19.25 20.87
C MET C 571 83.39 -18.00 21.65
N GLU C 572 82.57 -16.94 21.58
CA GLU C 572 82.86 -15.69 22.26
C GLU C 572 82.64 -15.88 23.76
N GLN C 573 83.55 -15.30 24.57
CA GLN C 573 83.53 -15.46 26.02
C GLN C 573 82.73 -14.33 26.65
N GLY C 574 81.81 -14.70 27.55
CA GLY C 574 80.97 -13.75 28.25
C GLY C 574 81.65 -13.22 29.52
N GLN C 575 82.10 -14.15 30.36
CA GLN C 575 82.77 -13.83 31.61
C GLN C 575 84.09 -14.60 31.63
N ILE C 576 85.09 -14.02 32.29
CA ILE C 576 86.40 -14.63 32.37
C ILE C 576 86.30 -15.91 33.18
N GLY C 577 86.62 -17.04 32.54
CA GLY C 577 86.60 -18.35 33.18
C GLY C 577 85.21 -19.00 33.16
N GLY C 578 84.35 -18.56 32.25
CA GLY C 578 82.98 -19.05 32.19
C GLY C 578 82.85 -20.34 31.40
N SER C 579 81.71 -21.01 31.55
CA SER C 579 81.49 -22.35 31.00
C SER C 579 80.86 -22.27 29.61
N GLY C 580 79.90 -21.38 29.40
CA GLY C 580 79.37 -21.14 28.07
C GLY C 580 78.00 -21.77 27.85
N ASP C 581 77.51 -21.68 26.62
CA ASP C 581 76.26 -22.30 26.23
C ASP C 581 76.20 -22.42 24.70
N VAL C 582 75.25 -23.22 24.22
CA VAL C 582 75.10 -23.53 22.81
C VAL C 582 74.66 -22.28 22.06
N LYS C 583 74.87 -22.28 20.74
CA LYS C 583 74.88 -21.08 19.91
C LYS C 583 73.48 -20.48 19.79
N TYR C 584 72.43 -21.27 19.97
CA TYR C 584 71.08 -20.78 19.79
C TYR C 584 70.45 -20.40 21.14
N HIS C 585 71.28 -19.99 22.11
CA HIS C 585 70.79 -19.52 23.39
C HIS C 585 71.35 -18.14 23.74
N LEU C 586 71.98 -17.45 22.78
CA LEU C 586 72.71 -16.22 23.05
C LEU C 586 71.93 -15.00 22.58
N GLY C 587 72.33 -13.81 23.05
CA GLY C 587 71.68 -12.54 22.71
C GLY C 587 72.60 -11.55 22.00
N SER C 588 72.06 -10.40 21.60
CA SER C 588 72.83 -9.34 20.97
C SER C 588 72.04 -8.03 20.90
N GLU C 589 72.73 -6.94 20.49
CA GLU C 589 72.14 -5.62 20.33
C GLU C 589 72.46 -5.05 18.95
N GLY C 590 71.67 -4.06 18.51
CA GLY C 590 71.86 -3.43 17.21
C GLY C 590 70.97 -2.22 16.98
N GLN C 591 71.06 -1.63 15.78
CA GLN C 591 70.27 -0.48 15.37
C GLN C 591 69.50 -0.83 14.09
N HIS C 592 68.37 -0.15 13.86
CA HIS C 592 67.58 -0.36 12.66
C HIS C 592 67.19 1.00 12.10
N LEU C 593 67.55 1.24 10.82
CA LEU C 593 67.23 2.47 10.12
C LEU C 593 66.03 2.23 9.21
N GLN C 594 65.14 3.21 9.17
CA GLN C 594 63.93 3.14 8.38
C GLN C 594 64.32 3.27 6.91
N MET C 595 63.72 2.44 6.05
CA MET C 595 64.13 2.33 4.65
C MET C 595 63.58 3.51 3.84
N PHE C 596 62.33 3.89 4.14
CA PHE C 596 61.66 4.99 3.48
C PHE C 596 61.21 6.00 4.53
N GLY C 597 62.16 6.54 5.29
CA GLY C 597 61.88 7.49 6.35
C GLY C 597 63.18 7.96 7.00
N ASP C 598 63.07 8.80 8.03
CA ASP C 598 64.23 9.35 8.71
C ASP C 598 64.34 8.81 10.13
N GLY C 599 63.63 7.71 10.41
CA GLY C 599 63.58 7.15 11.75
C GLY C 599 64.73 6.20 12.03
N GLU C 600 64.95 5.93 13.32
CA GLU C 600 65.97 5.01 13.80
C GLU C 600 65.53 4.45 15.14
N ILE C 601 65.76 3.15 15.38
CA ILE C 601 65.35 2.51 16.62
C ILE C 601 66.41 1.50 17.03
N LYS C 602 66.43 1.13 18.31
CA LYS C 602 67.37 0.19 18.87
C LYS C 602 66.70 -1.17 19.04
N VAL C 603 67.41 -2.26 18.75
CA VAL C 603 66.85 -3.60 18.79
C VAL C 603 67.74 -4.50 19.63
N SER C 604 67.14 -5.24 20.57
CA SER C 604 67.84 -6.11 21.50
C SER C 604 67.21 -7.51 21.52
N LEU C 605 68.03 -8.53 21.78
CA LEU C 605 67.56 -9.90 21.95
C LEU C 605 68.15 -10.49 23.21
N THR C 606 67.34 -11.20 24.01
CA THR C 606 67.71 -11.65 25.34
C THR C 606 68.05 -13.12 25.36
N ALA C 607 68.90 -13.52 26.31
CA ALA C 607 69.34 -14.90 26.47
C ALA C 607 68.24 -15.74 27.10
N ASN C 608 68.33 -17.07 26.92
CA ASN C 608 67.32 -17.95 27.46
C ASN C 608 67.84 -19.38 27.52
N PRO C 609 67.29 -20.25 28.39
CA PRO C 609 67.59 -21.67 28.38
C PRO C 609 66.72 -22.50 27.46
N SER C 610 66.93 -23.82 27.46
CA SER C 610 66.19 -24.73 26.61
C SER C 610 64.75 -24.88 27.07
N HIS C 611 64.50 -24.69 28.37
CA HIS C 611 63.16 -24.77 28.92
C HIS C 611 62.27 -23.76 28.24
N LEU C 612 61.22 -24.23 27.57
CA LEU C 612 60.39 -23.40 26.74
C LEU C 612 59.53 -22.49 27.59
N GLU C 613 59.40 -21.23 27.16
CA GLU C 613 58.45 -20.27 27.67
C GLU C 613 58.90 -19.71 29.03
N ALA C 614 60.16 -19.89 29.40
CA ALA C 614 60.68 -19.38 30.65
C ALA C 614 61.22 -17.96 30.51
N VAL C 615 61.18 -17.41 29.29
CA VAL C 615 61.71 -16.10 28.99
C VAL C 615 60.58 -15.08 28.99
N ASN C 616 59.33 -15.53 29.14
CA ASN C 616 58.19 -14.66 29.01
C ASN C 616 58.17 -13.64 30.14
N PRO C 617 58.17 -14.02 31.44
CA PRO C 617 58.24 -13.04 32.51
C PRO C 617 59.54 -12.24 32.59
N VAL C 618 60.65 -12.82 32.16
CA VAL C 618 61.94 -12.17 32.25
C VAL C 618 61.98 -10.99 31.28
N MET C 619 61.43 -11.14 30.08
CA MET C 619 61.54 -10.08 29.10
C MET C 619 60.54 -8.97 29.41
N GLU C 620 59.45 -9.29 30.10
CA GLU C 620 58.48 -8.30 30.53
C GLU C 620 59.08 -7.37 31.58
N GLY C 621 59.86 -7.93 32.50
CA GLY C 621 60.55 -7.16 33.51
C GLY C 621 61.63 -6.24 32.94
N ILE C 622 62.35 -6.71 31.92
CA ILE C 622 63.38 -5.91 31.28
C ILE C 622 62.74 -4.67 30.67
N VAL C 623 61.57 -4.82 30.07
CA VAL C 623 60.90 -3.71 29.42
C VAL C 623 60.43 -2.70 30.45
N ARG C 624 59.91 -3.18 31.57
CA ARG C 624 59.36 -2.30 32.60
C ARG C 624 60.46 -1.47 33.22
N ALA C 625 61.64 -2.05 33.42
CA ALA C 625 62.74 -1.35 34.03
C ALA C 625 63.25 -0.24 33.12
N LYS C 626 63.28 -0.51 31.80
CA LYS C 626 63.74 0.47 30.84
C LYS C 626 62.76 1.63 30.73
N GLN C 627 61.47 1.35 30.79
CA GLN C 627 60.46 2.38 30.72
C GLN C 627 60.56 3.29 31.94
N ASP C 628 60.82 2.72 33.12
CA ASP C 628 60.87 3.49 34.34
C ASP C 628 62.05 4.43 34.35
N TYR C 629 63.14 4.05 33.70
CA TYR C 629 64.34 4.87 33.64
C TYR C 629 64.16 6.06 32.73
N LEU C 630 63.38 5.92 31.66
CA LEU C 630 63.17 7.01 30.74
C LEU C 630 62.24 8.05 31.35
N ASP C 631 61.18 7.60 32.01
CA ASP C 631 60.35 8.45 32.85
C ASP C 631 59.55 9.45 32.02
N LYS C 632 58.67 8.95 31.15
CA LYS C 632 57.89 9.81 30.27
C LYS C 632 56.41 9.82 30.64
N GLY C 633 56.02 9.08 31.68
CA GLY C 633 54.66 9.19 32.21
C GLY C 633 53.69 8.18 31.61
N VAL C 634 52.39 8.48 31.78
CA VAL C 634 51.30 7.58 31.42
C VAL C 634 51.14 7.54 29.90
N ASP C 635 51.50 8.64 29.23
CA ASP C 635 51.37 8.77 27.79
C ASP C 635 52.66 8.29 27.10
N GLY C 636 53.56 7.68 27.86
CA GLY C 636 54.82 7.20 27.34
C GLY C 636 54.72 5.77 26.87
N LYS C 637 55.35 4.85 27.60
CA LYS C 637 55.38 3.44 27.28
C LYS C 637 56.00 3.24 25.89
N THR C 638 57.30 3.54 25.79
CA THR C 638 57.99 3.73 24.53
C THR C 638 59.05 2.66 24.28
N VAL C 639 58.99 1.55 25.01
CA VAL C 639 59.77 0.38 24.73
C VAL C 639 58.81 -0.76 24.42
N VAL C 640 58.95 -1.39 23.24
CA VAL C 640 57.99 -2.33 22.70
C VAL C 640 58.47 -3.75 22.93
N PRO C 641 57.69 -4.65 23.60
CA PRO C 641 58.00 -6.07 23.64
C PRO C 641 57.44 -6.91 22.49
N LEU C 642 58.30 -7.72 21.88
CA LEU C 642 57.96 -8.57 20.74
C LEU C 642 58.36 -9.99 21.07
N LEU C 643 57.37 -10.88 21.18
CA LEU C 643 57.56 -12.19 21.79
C LEU C 643 57.10 -13.28 20.84
N LEU C 644 57.99 -14.24 20.54
CA LEU C 644 57.75 -15.30 19.58
C LEU C 644 57.53 -16.62 20.31
N HIS C 645 56.64 -17.47 19.80
CA HIS C 645 56.31 -18.75 20.39
C HIS C 645 56.23 -19.83 19.32
N GLY C 646 56.10 -21.09 19.75
CA GLY C 646 55.67 -22.21 18.92
C GLY C 646 54.29 -22.70 19.31
N ASP C 647 53.63 -23.43 18.42
CA ASP C 647 52.22 -23.75 18.56
C ASP C 647 52.00 -24.74 19.70
N ALA C 648 52.80 -25.80 19.79
CA ALA C 648 52.65 -26.78 20.84
C ALA C 648 52.92 -26.18 22.22
N ALA C 649 53.96 -25.36 22.34
CA ALA C 649 54.34 -24.79 23.61
C ALA C 649 53.32 -23.76 24.09
N PHE C 650 52.73 -23.01 23.18
CA PHE C 650 51.82 -21.95 23.55
C PHE C 650 50.54 -22.52 24.15
N ALA C 651 50.07 -23.66 23.63
CA ALA C 651 48.83 -24.25 24.07
C ALA C 651 49.03 -25.10 25.32
N GLY C 652 50.24 -25.56 25.58
CA GLY C 652 50.46 -26.60 26.56
C GLY C 652 50.91 -26.08 27.91
N LEU C 653 51.94 -25.24 27.93
CA LEU C 653 52.57 -24.81 29.15
C LEU C 653 51.76 -23.70 29.81
N GLY C 654 51.71 -23.72 31.14
CA GLY C 654 50.83 -22.86 31.91
C GLY C 654 51.42 -21.48 32.23
N ILE C 655 52.72 -21.32 31.99
CA ILE C 655 53.39 -20.06 32.22
C ILE C 655 52.90 -18.99 31.25
N VAL C 656 52.37 -19.39 30.09
CA VAL C 656 51.96 -18.45 29.08
C VAL C 656 50.78 -17.62 29.56
N PRO C 657 49.62 -18.21 29.90
CA PRO C 657 48.49 -17.42 30.41
C PRO C 657 48.73 -16.74 31.77
N GLU C 658 49.63 -17.29 32.56
CA GLU C 658 49.99 -16.74 33.85
C GLU C 658 50.68 -15.39 33.68
N THR C 659 51.43 -15.22 32.58
CA THR C 659 52.16 -14.00 32.31
C THR C 659 51.27 -12.98 31.62
N ILE C 660 50.32 -13.42 30.81
CA ILE C 660 49.40 -12.52 30.13
C ILE C 660 48.48 -11.87 31.16
N ASN C 661 48.32 -12.50 32.32
CA ASN C 661 47.43 -12.04 33.36
C ASN C 661 48.02 -10.83 34.11
N LEU C 662 49.31 -10.54 33.91
CA LEU C 662 49.93 -9.39 34.56
C LEU C 662 49.85 -8.13 33.70
N ALA C 663 49.15 -8.17 32.58
CA ALA C 663 49.26 -7.13 31.57
C ALA C 663 48.69 -5.80 32.02
N LYS C 664 47.61 -5.81 32.79
CA LYS C 664 46.90 -4.59 33.13
C LYS C 664 47.00 -4.28 34.62
N LEU C 665 47.98 -4.82 35.32
CA LEU C 665 48.13 -4.58 36.75
C LEU C 665 49.10 -3.44 36.97
N ARG C 666 49.07 -2.88 38.19
CA ARG C 666 49.59 -1.57 38.45
C ARG C 666 51.10 -1.57 38.40
N GLY C 667 51.75 -2.60 38.91
CA GLY C 667 53.20 -2.63 38.92
C GLY C 667 53.82 -3.44 37.78
N TYR C 668 53.03 -3.82 36.77
CA TYR C 668 53.50 -4.73 35.75
C TYR C 668 53.17 -4.28 34.33
N ASP C 669 52.37 -3.23 34.15
CA ASP C 669 51.88 -2.83 32.84
C ASP C 669 53.03 -2.25 32.02
N VAL C 670 53.10 -2.63 30.73
CA VAL C 670 54.15 -2.16 29.84
C VAL C 670 53.55 -1.65 28.54
N GLY C 671 52.24 -1.47 28.48
CA GLY C 671 51.63 -0.84 27.33
C GLY C 671 51.15 -1.81 26.26
N GLY C 672 51.24 -3.11 26.51
CA GLY C 672 50.84 -4.12 25.55
C GLY C 672 52.02 -4.92 25.04
N THR C 673 51.75 -6.13 24.57
CA THR C 673 52.75 -7.03 24.00
C THR C 673 52.27 -7.53 22.66
N ILE C 674 53.17 -7.58 21.67
CA ILE C 674 52.89 -8.15 20.36
C ILE C 674 53.36 -9.60 20.35
N HIS C 675 52.44 -10.54 20.15
CA HIS C 675 52.75 -11.96 20.16
C HIS C 675 52.68 -12.54 18.76
N ILE C 676 53.67 -13.36 18.39
CA ILE C 676 53.68 -14.09 17.13
C ILE C 676 53.79 -15.57 17.42
N VAL C 677 52.85 -16.38 16.93
CA VAL C 677 52.87 -17.82 17.05
C VAL C 677 53.17 -18.42 15.69
N VAL C 678 54.29 -19.15 15.58
CA VAL C 678 54.70 -19.80 14.35
C VAL C 678 54.04 -21.16 14.29
N ASN C 679 52.93 -21.24 13.56
CA ASN C 679 52.07 -22.41 13.53
C ASN C 679 52.46 -23.25 12.33
N ASN C 680 53.33 -24.23 12.54
CA ASN C 680 53.80 -25.08 11.48
C ASN C 680 53.22 -26.48 11.62
N GLN C 681 52.16 -26.59 12.40
CA GLN C 681 51.23 -27.70 12.36
C GLN C 681 51.86 -28.98 12.86
N ILE C 682 52.87 -28.87 13.72
CA ILE C 682 53.52 -30.05 14.26
C ILE C 682 54.40 -29.68 15.45
N GLY C 683 54.48 -30.59 16.42
CA GLY C 683 55.35 -30.49 17.58
C GLY C 683 56.74 -31.00 17.25
N PHE C 684 57.10 -32.15 17.80
CA PHE C 684 58.31 -32.84 17.42
C PHE C 684 57.90 -34.04 16.56
N THR C 685 57.17 -34.98 17.17
CA THR C 685 56.54 -36.08 16.45
C THR C 685 55.05 -36.11 16.77
N THR C 686 54.50 -35.00 17.26
CA THR C 686 53.15 -34.96 17.78
C THR C 686 52.34 -33.94 16.99
N THR C 687 51.11 -34.30 16.62
CA THR C 687 50.24 -33.47 15.82
C THR C 687 49.24 -32.76 16.72
N PRO C 688 48.59 -31.69 16.25
CA PRO C 688 47.67 -30.91 17.07
C PRO C 688 46.53 -31.63 17.77
N ASP C 689 46.16 -32.81 17.27
CA ASP C 689 45.08 -33.58 17.85
C ASP C 689 45.48 -34.15 19.21
N SER C 690 46.79 -34.22 19.49
CA SER C 690 47.29 -34.75 20.74
C SER C 690 47.92 -33.66 21.60
N SER C 691 47.77 -32.40 21.21
CA SER C 691 48.49 -31.31 21.85
C SER C 691 47.55 -30.32 22.53
N ARG C 692 46.33 -30.17 22.05
CA ARG C 692 45.44 -29.19 22.63
C ARG C 692 43.99 -29.61 22.50
N SER C 693 43.14 -28.98 23.31
CA SER C 693 41.71 -29.18 23.32
C SER C 693 40.98 -27.94 22.84
N MET C 694 41.73 -26.96 22.33
CA MET C 694 41.18 -25.76 21.74
C MET C 694 41.21 -25.92 20.23
N HIS C 695 40.38 -25.17 19.49
CA HIS C 695 40.33 -25.26 18.05
C HIS C 695 41.57 -24.62 17.43
N TYR C 696 41.93 -23.42 17.91
CA TYR C 696 43.14 -22.73 17.51
C TYR C 696 44.09 -22.65 18.68
N ALA C 697 45.38 -22.46 18.39
CA ALA C 697 46.40 -22.36 19.41
C ALA C 697 46.34 -21.04 20.14
N THR C 698 45.72 -20.03 19.52
CA THR C 698 45.70 -18.68 20.04
C THR C 698 44.37 -18.36 20.70
N ASP C 699 43.74 -19.33 21.36
CA ASP C 699 42.39 -19.14 21.89
C ASP C 699 42.41 -18.54 23.30
N TYR C 700 43.58 -18.41 23.92
CA TYR C 700 43.70 -17.73 25.19
C TYR C 700 43.38 -16.24 25.05
N ALA C 701 43.46 -15.72 23.82
CA ALA C 701 43.14 -14.33 23.56
C ALA C 701 41.70 -13.99 23.92
N LYS C 702 40.80 -14.94 23.76
CA LYS C 702 39.39 -14.72 24.03
C LYS C 702 39.10 -14.65 25.53
N ALA C 703 40.02 -15.13 26.35
CA ALA C 703 39.89 -15.03 27.79
C ALA C 703 40.24 -13.64 28.28
N PHE C 704 41.03 -12.89 27.51
CA PHE C 704 41.56 -11.62 27.94
C PHE C 704 40.99 -10.46 27.13
N GLY C 705 40.20 -10.75 26.10
CA GLY C 705 39.51 -9.71 25.35
C GLY C 705 40.40 -9.00 24.36
N CYS C 706 41.15 -9.76 23.55
CA CYS C 706 42.14 -9.21 22.64
C CYS C 706 41.92 -9.73 21.23
N PRO C 707 42.31 -8.98 20.18
CA PRO C 707 42.15 -9.43 18.80
C PRO C 707 43.15 -10.44 18.27
N VAL C 708 42.74 -11.28 17.32
CA VAL C 708 43.61 -12.28 16.70
C VAL C 708 43.55 -12.14 15.18
N PHE C 709 44.71 -12.24 14.53
CA PHE C 709 44.83 -12.22 13.09
C PHE C 709 45.54 -13.49 12.61
N HIS C 710 44.88 -14.29 11.77
CA HIS C 710 45.47 -15.45 11.16
C HIS C 710 45.85 -15.13 9.73
N VAL C 711 47.09 -15.43 9.31
CA VAL C 711 47.57 -15.03 8.01
C VAL C 711 48.32 -16.18 7.35
N ASN C 712 48.15 -16.30 6.03
CA ASN C 712 48.78 -17.30 5.18
C ASN C 712 50.23 -16.93 4.99
N GLY C 713 51.13 -17.89 5.18
CA GLY C 713 52.55 -17.64 5.16
C GLY C 713 53.15 -17.76 3.77
N ASP C 714 52.31 -17.90 2.73
CA ASP C 714 52.76 -17.88 1.36
C ASP C 714 52.18 -16.70 0.61
N ASP C 715 51.75 -15.65 1.33
CA ASP C 715 51.33 -14.40 0.70
C ASP C 715 52.03 -13.24 1.39
N PRO C 716 53.27 -12.90 1.01
CA PRO C 716 54.07 -11.94 1.76
C PRO C 716 53.55 -10.53 1.90
N GLU C 717 52.71 -10.05 0.99
CA GLU C 717 52.19 -8.71 1.10
C GLU C 717 51.14 -8.62 2.18
N ALA C 718 50.37 -9.67 2.38
CA ALA C 718 49.39 -9.74 3.46
C ALA C 718 50.07 -9.83 4.81
N VAL C 719 51.24 -10.46 4.88
CA VAL C 719 51.97 -10.61 6.12
C VAL C 719 52.49 -9.24 6.56
N VAL C 720 52.93 -8.43 5.62
CA VAL C 720 53.47 -7.13 5.92
C VAL C 720 52.37 -6.19 6.38
N TRP C 721 51.16 -6.36 5.86
CA TRP C 721 50.05 -5.53 6.25
C TRP C 721 49.62 -5.83 7.68
N VAL C 722 49.62 -7.10 8.06
CA VAL C 722 49.15 -7.53 9.37
C VAL C 722 50.13 -7.06 10.43
N GLY C 723 51.41 -7.04 10.11
CA GLY C 723 52.41 -6.54 11.04
C GLY C 723 52.23 -5.06 11.36
N GLN C 724 51.89 -4.26 10.36
CA GLN C 724 51.69 -2.84 10.52
C GLN C 724 50.43 -2.56 11.34
N LEU C 725 49.37 -3.31 11.07
CA LEU C 725 48.08 -3.09 11.69
C LEU C 725 48.12 -3.44 13.17
N ALA C 726 48.93 -4.43 13.53
CA ALA C 726 49.07 -4.86 14.91
C ALA C 726 49.80 -3.82 15.74
N THR C 727 50.85 -3.22 15.18
CA THR C 727 51.66 -2.24 15.89
C THR C 727 50.89 -0.94 16.07
N GLU C 728 49.97 -0.62 15.17
CA GLU C 728 49.13 0.56 15.30
C GLU C 728 48.07 0.35 16.37
N TYR C 729 47.53 -0.86 16.49
CA TYR C 729 46.52 -1.16 17.48
C TYR C 729 47.09 -1.06 18.89
N ARG C 730 48.34 -1.47 19.05
CA ARG C 730 49.00 -1.43 20.34
C ARG C 730 49.21 -0.01 20.80
N ARG C 731 49.54 0.89 19.88
CA ARG C 731 49.87 2.26 20.24
C ARG C 731 48.63 3.04 20.62
N ARG C 732 47.47 2.70 20.04
CA ARG C 732 46.27 3.47 20.28
C ARG C 732 45.55 3.00 21.54
N PHE C 733 45.53 1.69 21.80
CA PHE C 733 44.65 1.14 22.82
C PHE C 733 45.42 0.59 24.02
N GLY C 734 46.69 0.28 23.86
CA GLY C 734 47.53 -0.14 24.97
C GLY C 734 47.22 -1.54 25.47
N LYS C 735 46.91 -2.47 24.55
CA LYS C 735 46.55 -3.83 24.89
C LYS C 735 47.37 -4.80 24.07
N ASP C 736 47.24 -6.09 24.38
CA ASP C 736 47.96 -7.16 23.71
C ASP C 736 47.27 -7.53 22.41
N VAL C 737 48.07 -8.04 21.45
CA VAL C 737 47.59 -8.39 20.12
C VAL C 737 48.29 -9.68 19.70
N PHE C 738 47.59 -10.56 18.99
CA PHE C 738 48.09 -11.89 18.67
C PHE C 738 48.07 -12.14 17.16
N ILE C 739 49.20 -12.62 16.61
CA ILE C 739 49.32 -12.98 15.20
C ILE C 739 49.63 -14.46 15.10
N ASP C 740 48.89 -15.17 14.23
CA ASP C 740 49.07 -16.59 13.97
C ASP C 740 49.53 -16.77 12.53
N LEU C 741 50.81 -17.14 12.35
CA LEU C 741 51.42 -17.30 11.06
C LEU C 741 51.39 -18.77 10.68
N VAL C 742 50.53 -19.13 9.72
CA VAL C 742 50.31 -20.51 9.34
C VAL C 742 51.28 -20.89 8.24
N CYS C 743 52.10 -21.92 8.49
CA CYS C 743 53.19 -22.33 7.63
C CYS C 743 53.49 -23.80 7.83
N TYR C 744 54.63 -24.31 7.35
CA TYR C 744 55.00 -25.69 7.53
C TYR C 744 56.48 -25.83 7.88
N ARG C 745 56.92 -27.04 8.20
CA ARG C 745 58.30 -27.36 8.52
C ARG C 745 58.85 -28.29 7.45
N LEU C 746 59.87 -27.87 6.69
CA LEU C 746 60.30 -28.57 5.50
C LEU C 746 61.06 -29.83 5.84
N ARG C 747 61.96 -29.76 6.80
CA ARG C 747 62.73 -30.91 7.20
C ARG C 747 62.15 -31.49 8.48
N GLY C 748 62.92 -32.34 9.16
CA GLY C 748 62.54 -32.86 10.46
C GLY C 748 62.74 -31.84 11.57
N HIS C 749 62.56 -32.28 12.81
CA HIS C 749 62.67 -31.40 13.97
C HIS C 749 64.05 -30.78 14.00
N ASN C 750 65.06 -31.64 13.81
CA ASN C 750 66.41 -31.22 13.56
C ASN C 750 66.81 -31.81 12.21
N GLU C 751 68.06 -31.62 11.80
CA GLU C 751 68.50 -32.00 10.47
C GLU C 751 69.04 -33.44 10.46
N ALA C 752 68.78 -34.20 11.52
CA ALA C 752 69.23 -35.57 11.60
C ALA C 752 68.05 -36.53 11.74
N ASP C 753 66.82 -36.03 11.56
CA ASP C 753 65.62 -36.80 11.87
C ASP C 753 64.83 -37.04 10.59
N ASP C 754 64.12 -38.18 10.52
CA ASP C 754 63.28 -38.53 9.39
C ASP C 754 61.81 -38.43 9.78
N PRO C 755 61.05 -37.43 9.30
CA PRO C 755 59.66 -37.28 9.69
C PRO C 755 58.64 -38.21 9.05
N SER C 756 59.06 -39.02 8.09
CA SER C 756 58.17 -39.89 7.35
C SER C 756 57.82 -41.12 8.17
N MET C 757 58.59 -41.42 9.21
CA MET C 757 58.34 -42.59 10.03
C MET C 757 56.99 -42.47 10.71
N THR C 758 56.58 -41.25 11.07
CA THR C 758 55.41 -41.05 11.90
C THR C 758 54.37 -40.16 11.24
N GLN C 759 54.74 -39.34 10.26
CA GLN C 759 53.78 -38.53 9.53
C GLN C 759 53.95 -38.74 8.03
N PRO C 760 53.60 -39.92 7.46
CA PRO C 760 53.77 -40.20 6.05
C PRO C 760 52.97 -39.35 5.06
N LYS C 761 51.70 -39.10 5.36
CA LYS C 761 50.82 -38.47 4.42
C LYS C 761 51.07 -36.98 4.35
N MET C 762 51.50 -36.37 5.46
CA MET C 762 51.74 -34.95 5.54
C MET C 762 53.00 -34.61 4.75
N TYR C 763 53.97 -35.51 4.73
CA TYR C 763 55.23 -35.24 4.07
C TYR C 763 55.21 -35.70 2.61
N GLU C 764 54.07 -36.20 2.13
CA GLU C 764 53.86 -36.35 0.70
C GLU C 764 53.47 -35.01 0.08
N LEU C 765 52.77 -34.17 0.84
CA LEU C 765 52.38 -32.86 0.38
C LEU C 765 53.52 -31.86 0.45
N ILE C 766 54.53 -32.10 1.27
CA ILE C 766 55.53 -31.09 1.55
C ILE C 766 56.72 -31.26 0.63
N THR C 767 57.15 -32.49 0.41
CA THR C 767 58.35 -32.75 -0.36
C THR C 767 58.13 -32.39 -1.82
N GLY C 768 58.99 -31.52 -2.34
CA GLY C 768 58.98 -31.14 -3.74
C GLY C 768 58.08 -29.95 -4.06
N ARG C 769 57.74 -29.14 -3.06
CA ARG C 769 57.02 -27.90 -3.28
C ARG C 769 57.96 -26.86 -3.83
N GLU C 770 57.43 -25.73 -4.29
CA GLU C 770 58.24 -24.58 -4.63
C GLU C 770 58.14 -23.58 -3.49
N THR C 771 59.25 -22.90 -3.21
CA THR C 771 59.40 -22.06 -2.04
C THR C 771 58.66 -20.74 -2.21
N VAL C 772 58.58 -19.97 -1.13
CA VAL C 772 57.82 -18.73 -1.09
C VAL C 772 58.55 -17.65 -1.86
N ARG C 773 59.87 -17.73 -1.95
CA ARG C 773 60.65 -16.81 -2.72
C ARG C 773 60.44 -17.03 -4.21
N ALA C 774 60.38 -18.29 -4.63
CA ALA C 774 60.18 -18.65 -6.01
C ALA C 774 58.80 -18.25 -6.50
N GLN C 775 57.78 -18.48 -5.70
CA GLN C 775 56.44 -18.11 -6.06
C GLN C 775 56.30 -16.61 -6.19
N TYR C 776 56.95 -15.85 -5.32
CA TYR C 776 56.77 -14.40 -5.31
C TYR C 776 57.49 -13.77 -6.48
N THR C 777 58.65 -14.32 -6.85
CA THR C 777 59.39 -13.83 -7.99
C THR C 777 58.59 -14.05 -9.27
N GLU C 778 57.90 -15.17 -9.36
CA GLU C 778 57.13 -15.53 -10.53
C GLU C 778 55.92 -14.63 -10.68
N ASP C 779 55.30 -14.26 -9.56
CA ASP C 779 54.13 -13.39 -9.56
C ASP C 779 54.50 -11.99 -10.02
N LEU C 780 55.61 -11.45 -9.55
CA LEU C 780 56.01 -10.10 -9.88
C LEU C 780 56.41 -10.00 -11.35
N LEU C 781 57.09 -10.99 -11.89
CA LEU C 781 57.47 -11.00 -13.29
C LEU C 781 56.24 -11.12 -14.17
N GLY C 782 55.21 -11.79 -13.69
CA GLY C 782 53.98 -11.92 -14.43
C GLY C 782 53.21 -10.62 -14.56
N ARG C 783 53.14 -9.84 -13.47
CA ARG C 783 52.38 -8.62 -13.44
C ARG C 783 53.21 -7.46 -13.97
N GLY C 784 54.45 -7.71 -14.36
CA GLY C 784 55.27 -6.70 -14.98
C GLY C 784 55.85 -5.70 -13.98
N ASP C 785 56.02 -6.14 -12.72
CA ASP C 785 56.45 -5.27 -11.64
C ASP C 785 57.95 -5.37 -11.41
N LEU C 786 58.65 -6.22 -12.16
CA LEU C 786 60.07 -6.44 -11.98
C LEU C 786 60.67 -6.99 -13.28
N SER C 787 61.93 -6.63 -13.58
CA SER C 787 62.63 -7.15 -14.74
C SER C 787 63.43 -8.39 -14.39
N ASN C 788 63.95 -9.08 -15.40
CA ASN C 788 64.70 -10.30 -15.17
C ASN C 788 66.11 -9.96 -14.68
N GLU C 789 66.69 -8.90 -15.21
CA GLU C 789 68.02 -8.49 -14.79
C GLU C 789 68.00 -8.15 -13.30
N ASP C 790 66.95 -7.48 -12.86
CA ASP C 790 66.81 -7.10 -11.46
C ASP C 790 66.71 -8.36 -10.60
N ALA C 791 65.89 -9.32 -11.04
CA ALA C 791 65.64 -10.52 -10.28
C ALA C 791 66.90 -11.36 -10.14
N GLU C 792 67.82 -11.25 -11.10
CA GLU C 792 69.02 -12.07 -11.09
C GLU C 792 70.09 -11.39 -10.26
N ALA C 793 70.10 -10.07 -10.23
CA ALA C 793 71.07 -9.34 -9.45
C ALA C 793 70.83 -9.56 -7.96
N VAL C 794 69.56 -9.58 -7.56
CA VAL C 794 69.19 -9.77 -6.17
C VAL C 794 69.86 -11.02 -5.62
N VAL C 795 69.87 -12.09 -6.42
CA VAL C 795 70.40 -13.37 -5.96
C VAL C 795 71.92 -13.34 -5.95
N ARG C 796 72.51 -12.87 -7.05
CA ARG C 796 73.95 -12.94 -7.24
C ARG C 796 74.69 -12.12 -6.19
N ASP C 797 74.17 -10.93 -5.88
CA ASP C 797 74.87 -10.02 -5.00
C ASP C 797 74.99 -10.61 -3.60
N PHE C 798 73.91 -11.18 -3.08
CA PHE C 798 73.89 -11.70 -1.71
C PHE C 798 74.81 -12.91 -1.58
N HIS C 799 74.86 -13.74 -2.61
CA HIS C 799 75.68 -14.93 -2.56
C HIS C 799 77.16 -14.57 -2.59
N ASP C 800 77.51 -13.51 -3.30
CA ASP C 800 78.89 -13.08 -3.38
C ASP C 800 79.35 -12.56 -2.03
N GLN C 801 78.49 -11.82 -1.34
CA GLN C 801 78.78 -11.28 -0.03
C GLN C 801 79.12 -12.40 0.96
N MET C 802 78.32 -13.46 0.95
CA MET C 802 78.48 -14.54 1.91
C MET C 802 79.75 -15.32 1.62
N GLU C 803 80.06 -15.52 0.34
CA GLU C 803 81.24 -16.27 -0.06
C GLU C 803 82.50 -15.52 0.36
N SER C 804 82.47 -14.20 0.24
CA SER C 804 83.60 -13.36 0.60
C SER C 804 83.96 -13.52 2.07
N VAL C 805 82.96 -13.37 2.94
CA VAL C 805 83.15 -13.43 4.37
C VAL C 805 83.66 -14.81 4.78
N PHE C 806 83.10 -15.85 4.16
CA PHE C 806 83.45 -17.21 4.51
C PHE C 806 84.91 -17.48 4.27
N ASN C 807 85.43 -17.01 3.13
CA ASN C 807 86.81 -17.25 2.75
C ASN C 807 87.73 -16.54 3.73
N GLU C 808 87.36 -15.32 4.12
CA GLU C 808 88.14 -14.53 5.05
C GLU C 808 88.27 -15.25 6.39
N VAL C 809 87.22 -15.96 6.80
CA VAL C 809 87.15 -16.62 8.10
C VAL C 809 88.03 -17.87 8.10
N LYS C 810 88.23 -18.47 6.93
CA LYS C 810 88.97 -19.73 6.83
C LYS C 810 90.48 -19.48 6.72
N GLU C 811 90.89 -18.26 6.37
CA GLU C 811 92.31 -17.92 6.26
C GLU C 811 92.96 -18.05 7.64
N GLY C 812 92.34 -17.42 8.64
CA GLY C 812 92.78 -17.55 10.02
C GLY C 812 92.67 -18.99 10.51
N GLY C 813 93.74 -19.48 11.16
CA GLY C 813 93.81 -20.87 11.62
C GLY C 813 92.91 -21.10 12.84
N LYS C 814 92.58 -22.38 13.07
CA LYS C 814 91.73 -22.78 14.17
C LYS C 814 92.59 -23.00 15.42
N LYS C 815 92.14 -22.45 16.55
CA LYS C 815 92.79 -22.65 17.84
C LYS C 815 92.39 -24.01 18.40
N GLN C 816 93.17 -24.49 19.39
CA GLN C 816 92.90 -25.77 20.04
C GLN C 816 92.21 -25.50 21.38
N ALA C 817 91.55 -26.53 21.90
CA ALA C 817 90.74 -26.41 23.11
C ALA C 817 91.63 -26.17 24.32
N GLU C 818 91.09 -25.46 25.31
CA GLU C 818 91.79 -25.12 26.53
C GLU C 818 90.80 -25.19 27.69
N ALA C 819 91.30 -25.59 28.87
CA ALA C 819 90.46 -25.82 30.04
C ALA C 819 89.89 -24.49 30.54
N GLN C 820 88.69 -24.57 31.15
CA GLN C 820 87.99 -23.41 31.68
C GLN C 820 88.26 -23.31 33.18
N THR C 821 88.60 -22.11 33.66
CA THR C 821 89.25 -21.94 34.95
C THR C 821 88.24 -21.73 36.07
N GLY C 822 87.18 -20.94 35.81
CA GLY C 822 86.15 -20.67 36.81
C GLY C 822 85.91 -19.18 36.98
N ILE C 823 84.86 -18.80 37.73
CA ILE C 823 84.45 -17.42 37.80
C ILE C 823 84.61 -16.88 39.22
N THR C 824 85.31 -17.57 40.10
CA THR C 824 85.36 -17.20 41.51
C THR C 824 86.01 -15.83 41.68
N GLY C 825 87.08 -15.55 40.95
CA GLY C 825 87.86 -14.34 41.16
C GLY C 825 87.64 -13.29 40.08
N SER C 826 86.55 -13.38 39.34
CA SER C 826 86.30 -12.49 38.23
C SER C 826 85.71 -11.16 38.67
N GLN C 827 85.20 -11.09 39.91
CA GLN C 827 84.68 -9.87 40.48
C GLN C 827 85.33 -9.64 41.84
N LYS C 828 85.48 -8.37 42.23
CA LYS C 828 86.22 -8.01 43.43
C LYS C 828 85.28 -7.86 44.64
N LEU C 829 85.85 -8.01 45.83
CA LEU C 829 85.12 -7.89 47.09
C LEU C 829 85.36 -6.52 47.70
N PRO C 830 84.36 -5.88 48.34
CA PRO C 830 84.50 -4.52 48.85
C PRO C 830 85.26 -4.43 50.16
N HIS C 831 86.59 -4.37 50.07
CA HIS C 831 87.43 -4.31 51.24
C HIS C 831 87.46 -2.90 51.81
N GLY C 832 87.11 -2.78 53.09
CA GLY C 832 87.20 -1.53 53.82
C GLY C 832 86.04 -0.57 53.56
N LEU C 833 84.84 -1.11 53.41
CA LEU C 833 83.65 -0.30 53.19
C LEU C 833 82.87 -0.21 54.49
N GLU C 834 82.41 1.00 54.82
CA GLU C 834 81.70 1.24 56.07
C GLU C 834 80.24 1.52 55.76
N THR C 835 79.34 0.92 56.53
CA THR C 835 77.93 0.87 56.19
C THR C 835 77.06 1.51 57.25
N ASN C 836 77.64 2.34 58.12
CA ASN C 836 76.90 2.97 59.19
C ASN C 836 76.37 4.31 58.73
N ILE C 837 75.23 4.74 59.29
CA ILE C 837 74.66 6.04 58.98
C ILE C 837 74.91 6.97 60.16
N SER C 838 74.64 8.27 59.98
CA SER C 838 74.83 9.28 61.01
C SER C 838 73.62 9.34 61.92
N ARG C 839 73.78 9.99 63.07
CA ARG C 839 72.71 10.08 64.06
C ARG C 839 71.61 11.00 63.57
N GLU C 840 71.98 11.98 62.76
CA GLU C 840 71.01 12.91 62.19
C GLU C 840 70.13 12.18 61.18
N GLU C 841 70.73 11.29 60.40
CA GLU C 841 70.00 10.53 59.40
C GLU C 841 68.99 9.60 60.05
N LEU C 842 69.35 9.03 61.20
CA LEU C 842 68.51 8.07 61.88
C LEU C 842 67.26 8.76 62.45
N LEU C 843 67.42 9.97 62.97
CA LEU C 843 66.30 10.68 63.57
C LEU C 843 65.34 11.14 62.50
N GLU C 844 65.85 11.50 61.33
CA GLU C 844 65.02 11.97 60.25
C GLU C 844 64.14 10.84 59.74
N LEU C 845 64.71 9.63 59.66
CA LEU C 845 63.97 8.45 59.22
C LEU C 845 62.86 8.15 60.20
N GLY C 846 63.14 8.32 61.49
CA GLY C 846 62.16 8.09 62.52
C GLY C 846 60.96 9.03 62.41
N GLN C 847 61.22 10.31 62.14
CA GLN C 847 60.19 11.32 62.11
C GLN C 847 59.27 11.16 60.91
N ALA C 848 59.70 10.45 59.88
CA ALA C 848 58.88 10.28 58.70
C ALA C 848 57.51 9.75 59.05
N PHE C 849 57.41 9.01 60.15
CA PHE C 849 56.18 8.37 60.56
C PHE C 849 55.32 9.27 61.43
N ALA C 850 55.78 10.50 61.71
CA ALA C 850 55.00 11.49 62.43
C ALA C 850 54.49 12.58 61.51
N ASN C 851 55.08 12.73 60.33
CA ASN C 851 54.70 13.78 59.40
C ASN C 851 53.58 13.29 58.51
N THR C 852 52.40 13.12 59.08
CA THR C 852 51.24 12.64 58.35
C THR C 852 50.70 13.77 57.50
N PRO C 853 49.96 13.51 56.41
CA PRO C 853 49.26 14.56 55.69
C PRO C 853 48.21 15.28 56.53
N GLU C 854 47.44 16.18 55.91
CA GLU C 854 46.72 17.21 56.63
C GLU C 854 45.61 16.64 57.49
N GLY C 855 44.69 15.86 56.94
CA GLY C 855 43.65 15.31 57.77
C GLY C 855 43.65 13.79 57.79
N PHE C 856 44.84 13.19 57.93
CA PHE C 856 45.04 11.76 57.92
C PHE C 856 45.14 11.27 59.36
N ASN C 857 44.49 10.15 59.66
CA ASN C 857 44.67 9.45 60.91
C ASN C 857 44.89 7.97 60.65
N TYR C 858 45.66 7.34 61.53
CA TYR C 858 45.94 5.93 61.43
C TYR C 858 44.80 5.12 62.02
N HIS C 859 44.75 3.83 61.68
CA HIS C 859 43.80 2.88 62.23
C HIS C 859 44.24 2.59 63.65
N PRO C 860 43.32 2.35 64.61
CA PRO C 860 43.70 2.17 65.99
C PRO C 860 44.68 1.06 66.36
N ARG C 861 44.85 0.08 65.47
CA ARG C 861 45.71 -1.06 65.73
C ARG C 861 47.06 -0.87 65.03
N VAL C 862 47.18 0.19 64.21
CA VAL C 862 48.40 0.52 63.49
C VAL C 862 49.10 1.69 64.18
N ALA C 863 48.38 2.47 64.98
CA ALA C 863 48.90 3.69 65.56
C ALA C 863 49.97 3.41 66.58
N PRO C 864 49.86 2.39 67.45
CA PRO C 864 50.95 2.03 68.34
C PRO C 864 52.27 1.67 67.69
N VAL C 865 52.23 1.10 66.48
CA VAL C 865 53.42 0.71 65.74
C VAL C 865 54.14 1.97 65.27
N ALA C 866 53.39 2.96 64.80
CA ALA C 866 53.95 4.20 64.36
C ALA C 866 54.61 4.95 65.52
N LYS C 867 53.98 4.99 66.69
CA LYS C 867 54.55 5.72 67.80
C LYS C 867 55.86 5.09 68.21
N LYS C 868 55.93 3.77 68.18
CA LYS C 868 57.11 3.05 68.64
C LYS C 868 58.27 3.30 67.69
N ARG C 869 57.98 3.49 66.41
CA ARG C 869 59.01 3.76 65.42
C ARG C 869 59.63 5.13 65.66
N VAL C 870 58.84 6.10 66.09
CA VAL C 870 59.32 7.45 66.31
C VAL C 870 60.15 7.52 67.58
N SER C 871 59.83 6.74 68.61
CA SER C 871 60.52 6.82 69.87
C SER C 871 61.74 5.91 69.94
N SER C 872 61.80 4.88 69.09
CA SER C 872 62.79 3.83 69.23
C SER C 872 64.16 4.28 68.76
N VAL C 873 64.17 5.29 67.87
CA VAL C 873 65.40 5.77 67.28
C VAL C 873 66.15 6.63 68.29
N THR C 874 65.63 6.77 69.52
CA THR C 874 66.35 7.47 70.56
C THR C 874 66.36 6.72 71.88
N GLU C 875 65.45 5.76 72.10
CA GLU C 875 65.36 5.05 73.36
C GLU C 875 65.76 3.59 73.27
N GLY C 876 65.65 2.96 72.09
CA GLY C 876 66.07 1.59 71.92
C GLY C 876 64.92 0.68 71.52
N GLY C 877 65.22 -0.61 71.37
CA GLY C 877 64.21 -1.61 71.12
C GLY C 877 63.71 -1.61 69.69
N ILE C 878 64.63 -1.69 68.72
CA ILE C 878 64.26 -1.72 67.33
C ILE C 878 64.05 -3.16 66.90
N ASP C 879 62.93 -3.44 66.24
CA ASP C 879 62.55 -4.80 65.87
C ASP C 879 63.00 -5.09 64.44
N TRP C 880 62.65 -6.28 63.95
CA TRP C 880 63.15 -6.77 62.69
C TRP C 880 62.64 -5.95 61.52
N ALA C 881 61.34 -5.71 61.46
CA ALA C 881 60.75 -5.03 60.32
C ALA C 881 61.28 -3.62 60.19
N TRP C 882 61.52 -2.96 61.32
CA TRP C 882 61.97 -1.59 61.33
C TRP C 882 63.41 -1.50 60.88
N GLY C 883 64.20 -2.53 61.18
CA GLY C 883 65.57 -2.63 60.69
C GLY C 883 65.65 -2.72 59.17
N GLU C 884 64.77 -3.53 58.58
CA GLU C 884 64.71 -3.69 57.14
C GLU C 884 64.32 -2.38 56.46
N LEU C 885 63.30 -1.70 56.99
CA LEU C 885 62.79 -0.49 56.38
C LEU C 885 63.82 0.64 56.52
N LEU C 886 64.57 0.67 57.61
CA LEU C 886 65.61 1.67 57.78
C LEU C 886 66.67 1.52 56.71
N ALA C 887 66.97 0.28 56.30
CA ALA C 887 67.95 0.04 55.26
C ALA C 887 67.46 0.52 53.91
N PHE C 888 66.24 0.16 53.54
CA PHE C 888 65.74 0.53 52.24
C PHE C 888 65.52 2.03 52.16
N GLY C 889 65.10 2.65 53.26
CA GLY C 889 64.87 4.08 53.30
C GLY C 889 66.16 4.86 53.13
N SER C 890 67.22 4.45 53.81
CA SER C 890 68.48 5.12 53.70
C SER C 890 68.99 5.10 52.28
N LEU C 891 68.80 3.99 51.57
CA LEU C 891 69.29 3.85 50.21
C LEU C 891 68.47 4.70 49.26
N ALA C 892 67.17 4.85 49.52
CA ALA C 892 66.34 5.67 48.67
C ALA C 892 66.65 7.15 48.86
N ASN C 893 67.13 7.54 50.03
CA ASN C 893 67.48 8.91 50.31
C ASN C 893 68.68 9.33 49.49
N SER C 894 69.63 8.42 49.28
CA SER C 894 70.86 8.73 48.58
C SER C 894 70.62 8.89 47.09
N GLY C 895 69.52 8.36 46.57
CA GLY C 895 69.11 8.69 45.24
C GLY C 895 68.82 7.48 44.36
N ARG C 896 68.43 6.35 44.95
CA ARG C 896 68.26 5.11 44.22
C ARG C 896 66.80 4.72 44.12
N LEU C 897 66.48 3.90 43.13
CA LEU C 897 65.17 3.33 42.95
C LEU C 897 65.13 1.99 43.66
N VAL C 898 64.29 1.88 44.69
CA VAL C 898 64.12 0.68 45.47
C VAL C 898 62.74 0.11 45.21
N ARG C 899 62.67 -1.18 44.85
CA ARG C 899 61.43 -1.86 44.50
C ARG C 899 61.29 -3.12 45.35
N LEU C 900 60.14 -3.28 46.01
CA LEU C 900 59.81 -4.44 46.81
C LEU C 900 58.48 -5.00 46.37
N ALA C 901 58.44 -6.29 46.01
CA ALA C 901 57.25 -6.93 45.47
C ALA C 901 57.08 -8.33 46.03
N GLY C 902 55.82 -8.76 46.19
CA GLY C 902 55.49 -10.04 46.79
C GLY C 902 54.02 -10.11 47.21
N GLU C 903 53.60 -11.27 47.71
CA GLU C 903 52.21 -11.49 48.13
C GLU C 903 51.98 -10.85 49.50
N ASP C 904 51.09 -9.87 49.54
CA ASP C 904 50.68 -9.20 50.76
C ASP C 904 51.87 -8.51 51.41
N SER C 905 52.65 -7.79 50.61
CA SER C 905 53.94 -7.30 51.05
C SER C 905 53.85 -5.85 51.51
N ARG C 906 52.72 -5.19 51.28
CA ARG C 906 52.51 -3.83 51.76
C ARG C 906 52.21 -3.83 53.25
N ARG C 907 51.36 -4.77 53.71
CA ARG C 907 51.05 -4.92 55.11
C ARG C 907 52.03 -5.85 55.78
N GLY C 908 52.34 -6.96 55.11
CA GLY C 908 53.12 -8.04 55.70
C GLY C 908 52.23 -9.24 56.01
N THR C 909 52.78 -10.44 55.87
CA THR C 909 52.05 -11.68 56.08
C THR C 909 51.78 -11.84 57.57
N PHE C 910 52.70 -11.38 58.39
CA PHE C 910 52.59 -11.52 59.83
C PHE C 910 52.23 -10.20 60.48
N THR C 911 51.69 -9.26 59.69
CA THR C 911 51.24 -7.97 60.16
C THR C 911 52.38 -7.25 60.85
N GLN C 912 53.49 -7.04 60.15
CA GLN C 912 54.70 -6.54 60.79
C GLN C 912 55.30 -5.34 60.07
N ARG C 913 54.91 -5.04 58.82
CA ARG C 913 55.68 -4.11 58.02
C ARG C 913 55.02 -2.73 57.99
N HIS C 914 53.80 -2.65 57.49
CA HIS C 914 53.08 -1.40 57.39
C HIS C 914 53.91 -0.36 56.66
N ALA C 915 54.18 -0.60 55.39
CA ALA C 915 54.93 0.33 54.57
C ALA C 915 53.98 1.32 53.91
N VAL C 916 52.74 0.90 53.66
CA VAL C 916 51.69 1.81 53.28
C VAL C 916 50.56 1.66 54.28
N ALA C 917 50.02 2.79 54.75
CA ALA C 917 48.94 2.81 55.73
C ALA C 917 47.67 3.36 55.11
N ILE C 918 46.51 2.99 55.64
CA ILE C 918 45.22 3.40 55.12
C ILE C 918 44.39 4.02 56.23
N ASP C 919 43.67 5.10 55.91
CA ASP C 919 42.81 5.81 56.86
C ASP C 919 41.44 5.16 56.88
N PRO C 920 40.89 4.76 58.04
CA PRO C 920 39.62 4.08 58.10
C PRO C 920 38.41 4.86 57.65
N ALA C 921 38.50 6.19 57.68
CA ALA C 921 37.37 7.05 57.44
C ALA C 921 37.26 7.40 55.97
N THR C 922 38.37 7.53 55.27
CA THR C 922 38.33 8.04 53.92
C THR C 922 38.97 7.11 52.90
N ALA C 923 39.77 6.14 53.36
CA ALA C 923 40.47 5.17 52.51
C ALA C 923 41.63 5.80 51.74
N GLU C 924 42.25 6.84 52.30
CA GLU C 924 43.42 7.48 51.71
C GLU C 924 44.66 6.67 52.07
N GLU C 925 45.67 6.69 51.20
CA GLU C 925 46.90 5.93 51.38
C GLU C 925 48.05 6.86 51.72
N PHE C 926 49.03 6.34 52.45
CA PHE C 926 50.21 7.10 52.84
C PHE C 926 51.45 6.21 52.82
N ASN C 927 52.53 6.69 52.19
CA ASN C 927 53.80 5.98 52.08
C ASN C 927 54.91 6.87 52.61
N PRO C 928 55.25 6.79 53.90
CA PRO C 928 56.20 7.70 54.52
C PRO C 928 57.58 7.84 53.90
N LEU C 929 58.22 6.70 53.62
CA LEU C 929 59.60 6.69 53.20
C LEU C 929 59.74 7.17 51.76
N HIS C 930 58.69 7.09 50.95
CA HIS C 930 58.74 7.63 49.60
C HIS C 930 58.67 9.14 49.64
N GLU C 931 57.87 9.68 50.55
CA GLU C 931 57.72 11.11 50.71
C GLU C 931 59.05 11.71 51.13
N LEU C 932 59.70 11.10 52.11
CA LEU C 932 60.96 11.62 52.60
C LEU C 932 62.00 11.61 51.51
N ALA C 933 62.00 10.59 50.66
CA ALA C 933 63.03 10.44 49.66
C ALA C 933 62.86 11.50 48.58
N GLN C 934 61.61 11.83 48.25
CA GLN C 934 61.36 12.79 47.19
C GLN C 934 61.60 14.21 47.68
N SER C 935 61.76 14.41 48.98
CA SER C 935 61.98 15.73 49.53
C SER C 935 63.43 15.96 49.88
N LYS C 936 64.36 15.30 49.20
CA LYS C 936 65.78 15.47 49.49
C LYS C 936 66.55 15.82 48.23
N GLY C 937 65.90 15.80 47.08
CA GLY C 937 66.46 16.40 45.89
C GLY C 937 67.47 15.52 45.17
N ASN C 938 67.44 14.21 45.42
CA ASN C 938 68.25 13.28 44.66
C ASN C 938 67.38 12.39 43.78
N ASN C 939 66.07 12.60 43.79
CA ASN C 939 65.13 11.89 42.97
C ASN C 939 65.13 10.40 43.27
N GLY C 940 65.04 10.04 44.55
CA GLY C 940 64.95 8.66 44.98
C GLY C 940 63.51 8.22 45.10
N LYS C 941 63.29 6.91 45.09
CA LYS C 941 61.97 6.33 45.07
C LYS C 941 61.93 5.08 45.94
N PHE C 942 60.82 4.85 46.65
CA PHE C 942 60.54 3.61 47.35
C PHE C 942 59.17 3.10 46.91
N LEU C 943 59.14 2.05 46.09
CA LEU C 943 57.96 1.52 45.46
C LEU C 943 57.63 0.14 46.01
N VAL C 944 56.43 -0.05 46.57
CA VAL C 944 56.00 -1.31 47.15
C VAL C 944 54.73 -1.78 46.47
N TYR C 945 54.68 -3.04 46.02
CA TYR C 945 53.58 -3.58 45.26
C TYR C 945 53.14 -4.92 45.82
N ASN C 946 51.84 -5.19 45.75
CA ASN C 946 51.23 -6.47 46.07
C ASN C 946 51.04 -7.27 44.78
N SER C 947 51.70 -8.42 44.69
CA SER C 947 51.70 -9.23 43.48
C SER C 947 50.42 -10.04 43.36
N ALA C 948 50.21 -10.63 42.18
CA ALA C 948 49.19 -11.64 41.99
C ALA C 948 49.68 -12.96 42.59
N LEU C 949 48.83 -13.97 42.59
CA LEU C 949 49.14 -15.22 43.27
C LEU C 949 49.90 -16.12 42.30
N THR C 950 51.20 -15.85 42.15
CA THR C 950 52.09 -16.60 41.28
C THR C 950 53.50 -16.56 41.83
N GLU C 951 54.24 -17.65 41.70
CA GLU C 951 55.63 -17.69 42.14
C GLU C 951 56.57 -17.73 40.93
N TYR C 952 56.14 -18.35 39.83
CA TYR C 952 56.97 -18.51 38.65
C TYR C 952 57.05 -17.18 37.92
N ALA C 953 55.91 -16.53 37.71
CA ALA C 953 55.88 -15.27 37.00
C ALA C 953 56.36 -14.13 37.87
N GLY C 954 56.11 -14.20 39.17
CA GLY C 954 56.57 -13.19 40.10
C GLY C 954 58.08 -13.08 40.16
N MET C 955 58.76 -14.19 40.44
CA MET C 955 60.19 -14.16 40.63
C MET C 955 60.88 -13.88 39.30
N GLY C 956 60.29 -14.35 38.20
CA GLY C 956 60.84 -14.12 36.90
C GLY C 956 60.84 -12.66 36.52
N PHE C 957 59.78 -11.94 36.92
CA PHE C 957 59.64 -10.54 36.60
C PHE C 957 60.67 -9.72 37.36
N GLU C 958 60.98 -10.10 38.59
CA GLU C 958 61.94 -9.36 39.37
C GLU C 958 63.36 -9.60 38.89
N TYR C 959 63.68 -10.82 38.46
CA TYR C 959 64.99 -11.10 37.89
C TYR C 959 65.20 -10.24 36.67
N GLY C 960 64.16 -10.09 35.85
CA GLY C 960 64.24 -9.30 34.65
C GLY C 960 64.47 -7.83 34.95
N TYR C 961 63.88 -7.35 36.04
CA TYR C 961 63.98 -5.95 36.41
C TYR C 961 65.41 -5.64 36.78
N SER C 962 66.08 -6.59 37.40
CA SER C 962 67.45 -6.40 37.84
C SER C 962 68.42 -6.38 36.67
N VAL C 963 68.06 -7.03 35.56
CA VAL C 963 68.92 -7.08 34.39
C VAL C 963 68.71 -5.84 33.55
N GLY C 964 67.50 -5.31 33.54
CA GLY C 964 67.17 -4.14 32.74
C GLY C 964 67.65 -2.82 33.34
N ASN C 965 67.88 -2.78 34.65
CA ASN C 965 68.43 -1.60 35.30
C ASN C 965 69.42 -2.03 36.36
N GLU C 966 70.70 -1.88 36.08
CA GLU C 966 71.74 -2.43 36.92
C GLU C 966 71.91 -1.64 38.20
N ASP C 967 71.31 -0.44 38.28
CA ASP C 967 71.57 0.48 39.38
C ASP C 967 70.39 0.53 40.35
N SER C 968 69.41 -0.36 40.19
CA SER C 968 68.25 -0.40 41.07
C SER C 968 68.44 -1.47 42.12
N ILE C 969 67.71 -1.36 43.24
CA ILE C 969 67.69 -2.34 44.30
C ILE C 969 66.33 -3.04 44.28
N VAL C 970 66.32 -4.35 43.95
CA VAL C 970 65.09 -5.11 43.76
C VAL C 970 65.06 -6.28 44.73
N ALA C 971 63.89 -6.54 45.33
CA ALA C 971 63.69 -7.62 46.28
C ALA C 971 62.35 -8.30 46.04
N TRP C 972 62.35 -9.64 45.98
CA TRP C 972 61.15 -10.44 45.90
C TRP C 972 60.96 -11.21 47.20
N GLU C 973 59.72 -11.20 47.70
CA GLU C 973 59.40 -11.83 48.97
C GLU C 973 58.38 -12.95 48.73
N ALA C 974 58.56 -14.04 49.47
CA ALA C 974 57.65 -15.18 49.43
C ALA C 974 56.82 -15.19 50.71
N GLN C 975 55.55 -15.61 50.59
CA GLN C 975 54.64 -15.62 51.72
C GLN C 975 55.18 -16.56 52.79
N PHE C 976 55.54 -17.79 52.37
CA PHE C 976 56.40 -18.66 53.14
C PHE C 976 57.45 -19.21 52.20
N GLY C 977 58.61 -19.57 52.73
CA GLY C 977 59.72 -20.02 51.91
C GLY C 977 59.48 -21.39 51.30
N ASP C 978 58.38 -22.03 51.67
CA ASP C 978 58.05 -23.38 51.23
C ASP C 978 57.34 -23.35 49.88
N PHE C 979 57.00 -22.17 49.39
CA PHE C 979 56.29 -22.07 48.14
C PHE C 979 57.21 -21.64 47.01
N ALA C 980 58.52 -21.59 47.26
CA ALA C 980 59.49 -21.16 46.27
C ALA C 980 59.82 -22.28 45.28
N ASN C 981 59.42 -23.51 45.58
CA ASN C 981 59.63 -24.62 44.66
C ASN C 981 58.71 -24.52 43.46
N GLY C 982 57.76 -23.60 43.48
CA GLY C 982 56.94 -23.32 42.32
C GLY C 982 57.67 -22.47 41.29
N ALA C 983 58.85 -21.95 41.67
CA ALA C 983 59.67 -21.15 40.78
C ALA C 983 61.03 -21.77 40.59
N GLN C 984 61.10 -23.11 40.58
CA GLN C 984 62.37 -23.81 40.57
C GLN C 984 63.10 -23.59 39.26
N THR C 985 62.37 -23.49 38.16
CA THR C 985 62.96 -23.26 36.85
C THR C 985 63.79 -21.99 36.88
N ILE C 986 63.24 -20.90 37.41
CA ILE C 986 63.93 -19.62 37.45
C ILE C 986 65.16 -19.72 38.35
N ILE C 987 65.06 -20.38 39.48
CA ILE C 987 66.19 -20.51 40.38
C ILE C 987 67.33 -21.27 39.72
N ASP C 988 67.01 -22.33 38.96
CA ASP C 988 68.02 -23.23 38.43
C ASP C 988 68.61 -22.71 37.12
N GLU C 989 67.82 -22.01 36.31
CA GLU C 989 68.21 -21.72 34.95
C GLU C 989 68.70 -20.29 34.80
N TYR C 990 68.34 -19.38 35.72
CA TYR C 990 68.66 -17.97 35.59
C TYR C 990 69.48 -17.47 36.78
N VAL C 991 68.96 -17.61 38.01
CA VAL C 991 69.52 -16.94 39.17
C VAL C 991 70.83 -17.58 39.57
N SER C 992 70.88 -18.90 39.56
CA SER C 992 72.01 -19.64 40.10
C SER C 992 73.15 -19.75 39.09
N SER C 993 72.87 -19.62 37.79
CA SER C 993 73.80 -20.08 36.77
C SER C 993 73.91 -19.17 35.55
N GLY C 994 73.38 -17.95 35.61
CA GLY C 994 73.38 -17.07 34.45
C GLY C 994 74.73 -16.48 34.13
N GLU C 995 75.53 -16.19 35.15
CA GLU C 995 76.84 -15.60 34.97
C GLU C 995 77.79 -16.57 34.31
N ALA C 996 77.75 -17.84 34.71
CA ALA C 996 78.67 -18.83 34.20
C ALA C 996 78.32 -19.24 32.77
N LYS C 997 77.07 -19.08 32.36
CA LYS C 997 76.64 -19.52 31.05
C LYS C 997 76.72 -18.40 30.03
N TRP C 998 76.24 -17.20 30.37
CA TRP C 998 76.13 -16.14 29.39
C TRP C 998 76.89 -14.88 29.79
N GLY C 999 77.42 -14.80 30.99
CA GLY C 999 78.04 -13.57 31.46
C GLY C 999 77.04 -12.49 31.84
N GLN C 1000 75.81 -12.89 32.19
CA GLN C 1000 74.76 -11.98 32.58
C GLN C 1000 74.70 -11.92 34.09
N THR C 1001 74.84 -10.72 34.67
CA THR C 1001 74.96 -10.55 36.10
C THR C 1001 73.69 -9.93 36.68
N SER C 1002 73.41 -10.24 37.95
CA SER C 1002 72.22 -9.75 38.64
C SER C 1002 72.50 -9.54 40.12
N LYS C 1003 71.73 -8.64 40.76
CA LYS C 1003 71.82 -8.40 42.19
C LYS C 1003 70.43 -8.48 42.84
N LEU C 1004 69.68 -9.52 42.52
CA LEU C 1004 68.35 -9.72 43.06
C LEU C 1004 68.49 -10.16 44.51
N ILE C 1005 67.50 -9.79 45.35
CA ILE C 1005 67.43 -10.20 46.74
C ILE C 1005 66.20 -11.08 46.90
N LEU C 1006 66.39 -12.28 47.45
CA LEU C 1006 65.30 -13.16 47.80
C LEU C 1006 65.12 -13.18 49.31
N LEU C 1007 63.91 -12.84 49.78
CA LEU C 1007 63.55 -12.87 51.19
C LEU C 1007 62.61 -14.05 51.43
N LEU C 1008 63.08 -15.09 52.13
CA LEU C 1008 62.37 -16.34 52.28
C LEU C 1008 62.14 -16.66 53.75
N PRO C 1009 60.92 -16.55 54.30
CA PRO C 1009 60.64 -16.91 55.69
C PRO C 1009 60.89 -18.37 56.07
N HIS C 1010 61.46 -18.61 57.25
CA HIS C 1010 61.95 -19.91 57.64
C HIS C 1010 61.90 -20.06 59.15
N GLY C 1011 61.51 -21.23 59.64
CA GLY C 1011 61.55 -21.52 61.07
C GLY C 1011 60.65 -22.65 61.47
N TYR C 1012 61.09 -23.44 62.46
CA TYR C 1012 60.39 -24.61 62.94
C TYR C 1012 59.63 -24.26 64.21
N GLU C 1013 58.30 -24.10 64.11
CA GLU C 1013 57.49 -23.58 65.19
C GLU C 1013 56.21 -24.38 65.44
N GLY C 1014 55.93 -25.43 64.67
CA GLY C 1014 54.80 -26.28 64.91
C GLY C 1014 53.59 -25.99 64.04
N GLN C 1015 53.78 -25.40 62.87
CA GLN C 1015 52.66 -25.06 62.01
C GLN C 1015 52.48 -26.08 60.89
N GLY C 1016 53.32 -27.11 60.86
CA GLY C 1016 53.12 -28.21 59.92
C GLY C 1016 54.17 -28.25 58.82
N PRO C 1017 54.13 -29.26 57.93
CA PRO C 1017 55.17 -29.43 56.92
C PRO C 1017 55.24 -28.47 55.74
N ASP C 1018 54.20 -27.66 55.50
CA ASP C 1018 54.24 -26.71 54.40
C ASP C 1018 54.32 -25.29 54.93
N HIS C 1019 54.71 -25.11 56.19
CA HIS C 1019 54.90 -23.81 56.78
C HIS C 1019 56.09 -23.85 57.73
N SER C 1020 57.19 -24.49 57.33
CA SER C 1020 58.31 -24.68 58.23
C SER C 1020 59.69 -24.49 57.60
N SER C 1021 59.93 -24.88 56.34
CA SER C 1021 61.29 -24.85 55.82
C SER C 1021 61.36 -24.27 54.41
N ALA C 1022 62.37 -23.42 54.19
CA ALA C 1022 62.62 -22.82 52.89
C ALA C 1022 63.67 -23.60 52.11
N ARG C 1023 64.08 -24.76 52.63
CA ARG C 1023 64.94 -25.71 51.95
C ARG C 1023 66.34 -25.12 51.76
N ILE C 1024 67.04 -24.95 52.88
CA ILE C 1024 68.39 -24.41 52.89
C ILE C 1024 69.33 -25.33 52.15
N GLU C 1025 69.15 -26.64 52.31
CA GLU C 1025 70.03 -27.64 51.74
C GLU C 1025 70.04 -27.55 50.22
N ARG C 1026 68.91 -27.21 49.61
CA ARG C 1026 68.81 -27.14 48.17
C ARG C 1026 69.62 -25.97 47.64
N PHE C 1027 69.56 -24.83 48.33
CA PHE C 1027 70.28 -23.64 47.91
C PHE C 1027 71.78 -23.82 48.09
N LEU C 1028 72.19 -24.53 49.11
CA LEU C 1028 73.61 -24.73 49.33
C LEU C 1028 74.20 -25.75 48.35
N GLN C 1029 73.37 -26.60 47.72
CA GLN C 1029 73.84 -27.47 46.65
C GLN C 1029 74.20 -26.66 45.42
N LEU C 1030 73.36 -25.68 45.08
CA LEU C 1030 73.52 -24.90 43.87
C LEU C 1030 74.74 -23.98 43.94
N CYS C 1031 75.32 -23.78 45.13
CA CYS C 1031 76.42 -22.84 45.29
C CYS C 1031 77.76 -23.48 44.95
N ALA C 1032 78.52 -22.80 44.10
CA ALA C 1032 79.89 -23.16 43.78
C ALA C 1032 80.52 -22.02 43.01
N GLU C 1033 81.84 -21.85 43.14
CA GLU C 1033 82.59 -20.80 42.47
C GLU C 1033 82.19 -19.42 42.96
N GLY C 1034 81.67 -19.32 44.18
CA GLY C 1034 81.18 -18.06 44.71
C GLY C 1034 80.08 -17.44 43.87
N SER C 1035 79.05 -18.21 43.55
CA SER C 1035 78.02 -17.79 42.63
C SER C 1035 77.03 -16.84 43.29
N MET C 1036 76.64 -17.11 44.54
CA MET C 1036 75.76 -16.23 45.28
C MET C 1036 76.01 -16.31 46.77
N THR C 1037 75.44 -15.35 47.51
CA THR C 1037 75.61 -15.20 48.96
C THR C 1037 74.37 -15.69 49.70
N VAL C 1038 74.56 -16.52 50.73
CA VAL C 1038 73.47 -17.11 51.51
C VAL C 1038 73.68 -16.80 52.98
N ALA C 1039 72.65 -16.28 53.67
CA ALA C 1039 72.77 -15.79 55.03
C ALA C 1039 71.50 -16.03 55.84
N GLN C 1040 71.67 -16.07 57.17
CA GLN C 1040 70.57 -16.22 58.12
C GLN C 1040 70.87 -15.42 59.37
N PRO C 1041 70.64 -14.09 59.39
CA PRO C 1041 71.02 -13.25 60.52
C PRO C 1041 70.11 -13.36 61.73
N SER C 1042 70.62 -12.90 62.89
CA SER C 1042 69.94 -13.10 64.16
C SER C 1042 69.60 -11.80 64.89
N THR C 1043 69.94 -10.63 64.33
CA THR C 1043 69.63 -9.35 64.96
C THR C 1043 69.27 -8.35 63.88
N PRO C 1044 68.31 -7.43 64.12
CA PRO C 1044 67.94 -6.42 63.13
C PRO C 1044 69.06 -5.57 62.57
N ALA C 1045 70.02 -5.21 63.41
CA ALA C 1045 71.14 -4.40 62.99
C ALA C 1045 72.01 -5.15 61.99
N ASN C 1046 72.14 -6.46 62.14
CA ASN C 1046 73.00 -7.25 61.28
C ASN C 1046 72.31 -7.45 59.94
N HIS C 1047 71.00 -7.44 59.90
CA HIS C 1047 70.26 -7.51 58.66
C HIS C 1047 70.43 -6.21 57.89
N PHE C 1048 70.47 -5.10 58.63
CA PHE C 1048 70.63 -3.77 58.07
C PHE C 1048 71.97 -3.66 57.36
N HIS C 1049 73.02 -4.13 58.02
CA HIS C 1049 74.36 -4.00 57.50
C HIS C 1049 74.58 -4.90 56.29
N LEU C 1050 73.94 -6.07 56.27
CA LEU C 1050 74.06 -7.00 55.15
C LEU C 1050 73.43 -6.41 53.89
N LEU C 1051 72.27 -5.81 54.02
CA LEU C 1051 71.59 -5.24 52.87
C LEU C 1051 72.37 -4.06 52.31
N ARG C 1052 72.98 -3.25 53.18
CA ARG C 1052 73.68 -2.05 52.74
C ARG C 1052 75.00 -2.41 52.10
N ARG C 1053 75.67 -3.45 52.56
CA ARG C 1053 76.93 -3.87 51.96
C ARG C 1053 76.70 -4.35 50.54
N HIS C 1054 75.59 -5.04 50.32
CA HIS C 1054 75.24 -5.57 49.02
C HIS C 1054 74.96 -4.43 48.05
N ALA C 1055 74.29 -3.39 48.51
CA ALA C 1055 73.83 -2.33 47.62
C ALA C 1055 74.95 -1.37 47.26
N LEU C 1056 75.93 -1.20 48.14
CA LEU C 1056 76.97 -0.21 47.93
C LEU C 1056 78.25 -0.80 47.37
N SER C 1057 78.32 -2.13 47.18
CA SER C 1057 79.52 -2.75 46.66
C SER C 1057 79.47 -2.80 45.14
N ASP C 1058 80.48 -3.43 44.53
CA ASP C 1058 80.56 -3.61 43.09
C ASP C 1058 80.65 -5.10 42.76
N LEU C 1059 80.05 -5.93 43.62
CA LEU C 1059 79.98 -7.36 43.42
C LEU C 1059 78.57 -7.71 42.96
N LYS C 1060 78.42 -8.00 41.67
CA LYS C 1060 77.13 -8.12 41.06
C LYS C 1060 76.69 -9.58 41.04
N ARG C 1061 76.30 -10.09 42.22
CA ARG C 1061 75.82 -11.45 42.39
C ARG C 1061 74.63 -11.45 43.33
N PRO C 1062 73.69 -12.41 43.23
CA PRO C 1062 72.51 -12.42 44.07
C PRO C 1062 72.71 -12.70 45.55
N LEU C 1063 71.68 -12.38 46.35
CA LEU C 1063 71.70 -12.51 47.80
C LEU C 1063 70.41 -13.19 48.27
N VAL C 1064 70.56 -14.29 49.02
CA VAL C 1064 69.46 -15.09 49.54
C VAL C 1064 69.49 -15.01 51.05
N ILE C 1065 68.41 -14.49 51.66
CA ILE C 1065 68.29 -14.31 53.10
C ILE C 1065 67.14 -15.16 53.61
N PHE C 1066 67.34 -15.77 54.79
CA PHE C 1066 66.34 -16.58 55.46
C PHE C 1066 65.82 -15.80 56.66
N THR C 1067 64.57 -15.33 56.57
CA THR C 1067 64.00 -14.34 57.47
C THR C 1067 63.14 -15.03 58.51
N PRO C 1068 62.93 -14.46 59.72
CA PRO C 1068 62.14 -15.09 60.76
C PRO C 1068 60.64 -14.87 60.77
N LYS C 1069 59.94 -15.62 61.63
CA LYS C 1069 58.49 -15.57 61.75
C LYS C 1069 58.05 -15.25 63.18
N SER C 1070 58.69 -15.88 64.17
CA SER C 1070 58.35 -15.69 65.57
C SER C 1070 59.32 -14.73 66.25
N MET C 1071 60.54 -14.64 65.72
CA MET C 1071 61.58 -13.79 66.25
C MET C 1071 61.28 -12.34 65.91
N LEU C 1072 60.31 -12.10 65.02
CA LEU C 1072 59.87 -10.76 64.67
C LEU C 1072 59.47 -9.98 65.91
N ARG C 1073 58.93 -10.66 66.94
CA ARG C 1073 58.38 -10.00 68.11
C ARG C 1073 59.03 -10.50 69.40
N ASN C 1074 60.28 -10.93 69.33
CA ASN C 1074 61.00 -11.39 70.50
C ASN C 1074 61.82 -10.24 71.04
N LYS C 1075 61.75 -9.99 72.34
CA LYS C 1075 62.31 -8.78 72.91
C LYS C 1075 63.76 -8.97 73.26
N ALA C 1076 64.27 -10.19 73.19
CA ALA C 1076 65.68 -10.43 73.42
C ALA C 1076 66.49 -10.20 72.15
N ALA C 1077 65.80 -10.01 71.02
CA ALA C 1077 66.47 -9.88 69.73
C ALA C 1077 66.50 -8.44 69.25
N ALA C 1078 65.96 -7.49 70.02
CA ALA C 1078 65.88 -6.11 69.57
C ALA C 1078 67.26 -5.45 69.65
N SER C 1079 67.41 -4.31 68.95
CA SER C 1079 68.69 -3.65 68.78
C SER C 1079 68.65 -2.22 69.29
N ALA C 1080 69.82 -1.69 69.67
CA ALA C 1080 69.99 -0.33 70.18
C ALA C 1080 70.45 0.59 69.06
N PRO C 1081 70.25 1.92 69.16
CA PRO C 1081 70.67 2.84 68.11
C PRO C 1081 72.15 2.89 67.77
N GLU C 1082 73.00 2.60 68.75
CA GLU C 1082 74.44 2.61 68.56
C GLU C 1082 74.84 1.54 67.56
N ASP C 1083 74.03 0.50 67.40
CA ASP C 1083 74.34 -0.60 66.52
C ASP C 1083 74.15 -0.21 65.05
N PHE C 1084 73.42 0.87 64.79
CA PHE C 1084 73.22 1.37 63.44
C PHE C 1084 74.16 2.52 63.11
N THR C 1085 74.78 3.15 64.12
CA THR C 1085 75.50 4.41 63.91
C THR C 1085 76.95 4.38 64.41
N GLU C 1086 77.34 3.41 65.23
CA GLU C 1086 78.71 3.34 65.70
C GLU C 1086 79.42 2.06 65.28
N VAL C 1087 78.67 0.96 65.08
CA VAL C 1087 79.23 -0.26 64.52
C VAL C 1087 79.29 -0.10 63.02
N THR C 1088 80.44 -0.42 62.41
CA THR C 1088 80.75 0.02 61.06
C THR C 1088 80.47 -1.05 60.01
N LYS C 1089 80.54 -2.33 60.37
CA LYS C 1089 80.51 -3.42 59.39
C LYS C 1089 79.57 -4.53 59.81
N PHE C 1090 79.27 -5.43 58.86
CA PHE C 1090 78.49 -6.64 59.06
C PHE C 1090 79.36 -7.72 59.67
N GLN C 1091 78.80 -8.49 60.60
CA GLN C 1091 79.52 -9.54 61.27
C GLN C 1091 79.05 -10.89 60.74
N SER C 1092 80.01 -11.77 60.42
CA SER C 1092 79.72 -13.07 59.86
C SER C 1092 79.71 -14.14 60.94
N VAL C 1093 80.44 -13.92 62.02
CA VAL C 1093 80.43 -14.78 63.17
C VAL C 1093 80.31 -13.89 64.40
N ILE C 1094 79.36 -14.22 65.30
CA ILE C 1094 79.17 -13.50 66.55
C ILE C 1094 79.52 -14.43 67.70
N ASN C 1095 80.53 -14.06 68.48
CA ASN C 1095 81.02 -14.85 69.58
C ASN C 1095 80.11 -14.66 70.78
N ASP C 1096 80.24 -15.53 71.79
CA ASP C 1096 79.31 -15.56 72.91
C ASP C 1096 79.51 -14.34 73.79
N PRO C 1097 78.47 -13.52 74.05
CA PRO C 1097 78.59 -12.38 74.94
C PRO C 1097 78.41 -12.60 76.44
N ASN C 1098 78.26 -13.85 76.87
CA ASN C 1098 78.07 -14.14 78.28
C ASN C 1098 79.06 -15.19 78.74
N VAL C 1099 80.35 -14.95 78.47
CA VAL C 1099 81.39 -15.84 78.97
C VAL C 1099 82.21 -15.10 80.01
N ALA C 1100 82.16 -15.59 81.25
CA ALA C 1100 82.86 -14.98 82.37
C ALA C 1100 84.35 -15.18 82.22
N ASP C 1101 84.77 -16.45 82.10
CA ASP C 1101 86.16 -16.81 81.98
C ASP C 1101 86.32 -17.82 80.85
N ALA C 1102 87.26 -17.56 79.94
CA ALA C 1102 87.39 -18.31 78.71
C ALA C 1102 88.26 -19.55 78.91
N ALA C 1103 88.94 -19.65 80.07
CA ALA C 1103 89.84 -20.76 80.32
C ALA C 1103 89.10 -21.92 80.97
N LYS C 1104 87.80 -21.77 81.22
CA LYS C 1104 87.01 -22.80 81.85
C LYS C 1104 86.02 -23.43 80.89
N VAL C 1105 86.10 -23.08 79.60
CA VAL C 1105 85.18 -23.62 78.60
C VAL C 1105 85.72 -24.96 78.13
N LYS C 1106 84.81 -25.95 77.97
CA LYS C 1106 85.18 -27.27 77.51
C LYS C 1106 84.25 -27.81 76.43
N LYS C 1107 83.25 -27.03 76.02
CA LYS C 1107 82.40 -27.37 74.89
C LYS C 1107 82.05 -26.11 74.13
N VAL C 1108 82.11 -26.18 72.80
CA VAL C 1108 81.69 -25.10 71.93
C VAL C 1108 80.53 -25.58 71.09
N MET C 1109 79.45 -24.80 71.03
CA MET C 1109 78.29 -25.09 70.20
C MET C 1109 78.26 -24.11 69.04
N LEU C 1110 78.02 -24.60 67.83
CA LEU C 1110 77.81 -23.76 66.66
C LEU C 1110 76.34 -23.82 66.28
N VAL C 1111 75.73 -22.67 66.02
CA VAL C 1111 74.31 -22.57 65.74
C VAL C 1111 74.09 -21.50 64.68
N SER C 1112 72.93 -21.53 64.01
CA SER C 1112 72.52 -20.48 63.10
C SER C 1112 71.03 -20.24 63.23
N GLY C 1113 70.63 -18.98 63.42
CA GLY C 1113 69.23 -18.60 63.40
C GLY C 1113 68.62 -18.43 64.79
N LYS C 1114 67.36 -18.82 64.92
CA LYS C 1114 66.55 -18.50 66.09
C LYS C 1114 66.74 -19.47 67.24
N LEU C 1115 67.43 -20.58 67.03
CA LEU C 1115 67.60 -21.55 68.09
C LEU C 1115 68.62 -21.04 69.09
N TYR C 1116 69.31 -19.95 68.77
CA TYR C 1116 70.27 -19.37 69.69
C TYR C 1116 69.59 -18.98 70.98
N TYR C 1117 68.41 -18.37 70.86
CA TYR C 1117 67.78 -17.70 71.98
C TYR C 1117 67.23 -18.72 72.98
N GLU C 1118 67.08 -19.98 72.56
CA GLU C 1118 66.63 -21.03 73.45
C GLU C 1118 67.81 -21.62 74.20
N LEU C 1119 68.91 -21.83 73.50
CA LEU C 1119 70.11 -22.40 74.10
C LEU C 1119 70.66 -21.42 75.14
N ALA C 1120 70.62 -20.13 74.82
CA ALA C 1120 71.13 -19.09 75.70
C ALA C 1120 70.33 -19.03 76.99
N LYS C 1121 69.01 -19.15 76.85
CA LYS C 1121 68.06 -19.14 77.95
C LYS C 1121 68.41 -20.25 78.92
N ARG C 1122 68.66 -21.44 78.41
CA ARG C 1122 68.88 -22.62 79.22
C ARG C 1122 70.23 -22.52 79.91
N LYS C 1123 71.21 -21.94 79.24
CA LYS C 1123 72.55 -21.81 79.79
C LYS C 1123 72.53 -20.92 81.01
N GLU C 1124 71.71 -19.87 80.98
CA GLU C 1124 71.58 -18.93 82.08
C GLU C 1124 70.88 -19.59 83.26
N LYS C 1125 69.86 -20.39 82.98
CA LYS C 1125 69.03 -21.02 84.01
C LYS C 1125 69.84 -22.05 84.78
N ASP C 1126 70.66 -22.82 84.10
CA ASP C 1126 71.36 -23.93 84.72
C ASP C 1126 72.75 -23.52 85.18
N GLY C 1127 73.18 -22.31 84.84
CA GLY C 1127 74.44 -21.79 85.32
C GLY C 1127 75.64 -22.57 84.79
N ARG C 1128 75.70 -22.77 83.48
CA ARG C 1128 76.79 -23.51 82.87
C ARG C 1128 77.86 -22.54 82.40
N ASP C 1129 79.07 -22.71 82.94
CA ASP C 1129 80.20 -21.87 82.60
C ASP C 1129 81.24 -22.65 81.80
N ASP C 1130 80.89 -23.87 81.40
CA ASP C 1130 81.80 -24.70 80.63
C ASP C 1130 81.33 -24.78 79.18
N ILE C 1131 80.33 -23.97 78.80
CA ILE C 1131 79.81 -23.97 77.46
C ILE C 1131 79.94 -22.57 76.86
N ALA C 1132 80.15 -22.50 75.54
CA ALA C 1132 80.14 -21.25 74.79
C ALA C 1132 79.36 -21.42 73.49
N ILE C 1133 78.38 -20.56 73.23
CA ILE C 1133 77.56 -20.65 72.02
C ILE C 1133 78.03 -19.62 71.00
N VAL C 1134 78.35 -20.06 69.78
CA VAL C 1134 78.88 -19.23 68.70
C VAL C 1134 77.96 -19.29 67.49
N ARG C 1135 77.61 -18.14 66.92
CA ARG C 1135 76.64 -18.03 65.86
C ARG C 1135 77.32 -17.86 64.51
N ILE C 1136 76.70 -18.41 63.45
CA ILE C 1136 77.16 -18.27 62.08
C ILE C 1136 76.06 -17.58 61.28
N GLU C 1137 76.35 -16.40 60.75
CA GLU C 1137 75.36 -15.53 60.16
C GLU C 1137 75.38 -15.65 58.64
N MET C 1138 76.58 -15.83 58.08
CA MET C 1138 76.76 -16.04 56.66
C MET C 1138 77.14 -17.49 56.43
N LEU C 1139 76.31 -18.21 55.64
CA LEU C 1139 76.46 -19.64 55.46
C LEU C 1139 77.36 -19.92 54.26
N HIS C 1140 77.15 -19.21 53.14
CA HIS C 1140 78.02 -19.32 51.98
C HIS C 1140 78.38 -17.93 51.48
N PRO C 1141 79.66 -17.57 51.28
CA PRO C 1141 80.81 -18.41 51.56
C PRO C 1141 81.07 -18.72 53.02
N ILE C 1142 81.91 -19.71 53.28
CA ILE C 1142 82.20 -20.13 54.63
C ILE C 1142 83.24 -19.18 55.20
N PRO C 1143 82.96 -18.50 56.33
CA PRO C 1143 83.94 -17.65 56.97
C PRO C 1143 84.84 -18.45 57.89
N PHE C 1144 85.80 -19.15 57.30
CA PHE C 1144 86.56 -20.14 58.03
C PHE C 1144 87.66 -19.50 58.86
N ASN C 1145 88.08 -18.29 58.50
CA ASN C 1145 89.09 -17.58 59.26
C ASN C 1145 88.53 -17.10 60.57
N ARG C 1146 87.28 -16.65 60.57
CA ARG C 1146 86.62 -16.17 61.78
C ARG C 1146 86.28 -17.32 62.71
N ILE C 1147 85.81 -18.44 62.15
CA ILE C 1147 85.46 -19.59 62.95
C ILE C 1147 86.73 -20.11 63.61
N SER C 1148 87.84 -20.09 62.89
CA SER C 1148 89.10 -20.55 63.43
C SER C 1148 89.54 -19.67 64.58
N GLU C 1149 89.35 -18.35 64.42
CA GLU C 1149 89.76 -17.36 65.40
C GLU C 1149 88.96 -17.55 66.68
N ALA C 1150 87.65 -17.80 66.53
CA ALA C 1150 86.76 -17.98 67.66
C ALA C 1150 87.12 -19.23 68.45
N LEU C 1151 87.36 -20.33 67.74
CA LEU C 1151 87.68 -21.60 68.37
C LEU C 1151 89.01 -21.50 69.09
N ALA C 1152 89.95 -20.71 68.55
CA ALA C 1152 91.27 -20.57 69.13
C ALA C 1152 91.22 -19.79 70.44
N GLY C 1153 90.18 -18.99 70.63
CA GLY C 1153 90.02 -18.20 71.84
C GLY C 1153 89.67 -19.05 73.05
N TYR C 1154 89.28 -20.31 72.83
CA TYR C 1154 88.99 -21.24 73.92
C TYR C 1154 90.00 -22.37 73.86
N PRO C 1155 91.16 -22.27 74.55
CA PRO C 1155 92.24 -23.23 74.39
C PRO C 1155 92.12 -24.58 75.09
N ASN C 1156 91.09 -24.77 75.92
CA ASN C 1156 90.91 -26.00 76.65
C ASN C 1156 89.67 -26.75 76.18
N ALA C 1157 89.18 -26.43 74.98
CA ALA C 1157 87.99 -27.08 74.44
C ALA C 1157 88.35 -28.49 73.97
N GLU C 1158 87.41 -29.42 74.16
CA GLU C 1158 87.60 -30.82 73.83
C GLU C 1158 86.59 -31.28 72.79
N GLU C 1159 85.43 -30.62 72.71
CA GLU C 1159 84.36 -31.01 71.82
C GLU C 1159 83.87 -29.81 71.02
N VAL C 1160 83.32 -30.08 69.83
CA VAL C 1160 82.56 -29.11 69.07
C VAL C 1160 81.25 -29.77 68.67
N LEU C 1161 80.14 -29.09 68.92
CA LEU C 1161 78.81 -29.58 68.60
C LEU C 1161 78.20 -28.68 67.54
N PHE C 1162 77.53 -29.25 66.55
CA PHE C 1162 76.77 -28.51 65.57
C PHE C 1162 75.31 -28.75 65.86
N VAL C 1163 74.55 -27.69 66.17
CA VAL C 1163 73.18 -27.82 66.62
C VAL C 1163 72.24 -27.17 65.63
N GLN C 1164 71.24 -27.91 65.16
CA GLN C 1164 70.22 -27.35 64.29
C GLN C 1164 68.86 -27.92 64.60
N ASP C 1165 67.82 -27.23 64.16
CA ASP C 1165 66.44 -27.64 64.37
C ASP C 1165 65.98 -28.60 63.27
N GLU C 1166 66.57 -28.52 62.08
CA GLU C 1166 66.04 -29.25 60.93
C GLU C 1166 66.42 -30.72 61.07
N PRO C 1167 65.72 -31.64 60.38
CA PRO C 1167 66.15 -33.03 60.29
C PRO C 1167 67.55 -33.20 59.75
N ALA C 1168 68.14 -34.38 59.95
CA ALA C 1168 69.55 -34.59 59.72
C ALA C 1168 69.92 -34.59 58.24
N ASN C 1169 68.93 -34.74 57.36
CA ASN C 1169 69.17 -34.73 55.94
C ASN C 1169 68.77 -33.39 55.34
N GLN C 1170 68.53 -32.40 56.20
CA GLN C 1170 68.12 -31.08 55.77
C GLN C 1170 68.90 -30.05 56.59
N GLY C 1171 68.73 -28.77 56.27
CA GLY C 1171 69.41 -27.69 56.97
C GLY C 1171 70.85 -27.55 56.52
N PRO C 1172 71.68 -26.75 57.22
CA PRO C 1172 73.10 -26.61 56.88
C PRO C 1172 74.12 -27.69 57.23
N TRP C 1173 73.73 -28.78 57.86
CA TRP C 1173 74.69 -29.77 58.34
C TRP C 1173 75.36 -30.52 57.21
N PRO C 1174 74.65 -31.03 56.19
CA PRO C 1174 75.28 -31.75 55.10
C PRO C 1174 76.43 -31.01 54.42
N PHE C 1175 76.25 -29.70 54.23
CA PHE C 1175 77.22 -28.85 53.58
C PHE C 1175 78.45 -28.67 54.46
N TYR C 1176 78.22 -28.46 55.76
CA TYR C 1176 79.30 -28.11 56.67
C TYR C 1176 80.12 -29.32 57.07
N GLN C 1177 79.51 -30.50 57.15
CA GLN C 1177 80.25 -31.69 57.56
C GLN C 1177 81.23 -32.10 56.46
N GLU C 1178 80.94 -31.71 55.21
CA GLU C 1178 81.78 -32.04 54.09
C GLU C 1178 82.97 -31.09 54.00
N HIS C 1179 82.70 -29.78 54.18
CA HIS C 1179 83.64 -28.74 53.78
C HIS C 1179 84.47 -28.20 54.93
N LEU C 1180 83.96 -28.19 56.16
CA LEU C 1180 84.60 -27.42 57.22
C LEU C 1180 85.83 -28.13 57.75
N PRO C 1181 85.85 -29.46 57.94
CA PRO C 1181 87.06 -30.15 58.38
C PRO C 1181 88.30 -29.96 57.52
N GLU C 1182 88.12 -29.78 56.21
CA GLU C 1182 89.23 -29.55 55.29
C GLU C 1182 89.82 -28.17 55.52
N LEU C 1183 88.96 -27.17 55.75
CA LEU C 1183 89.37 -25.78 55.83
C LEU C 1183 89.98 -25.46 57.19
N ILE C 1184 89.61 -26.20 58.24
CA ILE C 1184 90.19 -26.02 59.55
C ILE C 1184 90.75 -27.36 60.02
N PRO C 1185 91.99 -27.74 59.62
CA PRO C 1185 92.55 -29.05 59.95
C PRO C 1185 92.68 -29.43 61.41
N ASN C 1186 92.87 -28.46 62.30
CA ASN C 1186 93.22 -28.73 63.69
C ASN C 1186 91.99 -28.76 64.59
N MET C 1187 90.79 -28.67 64.00
CA MET C 1187 89.55 -28.64 64.76
C MET C 1187 89.24 -30.05 65.25
N PRO C 1188 88.69 -30.23 66.47
CA PRO C 1188 88.18 -31.54 66.91
C PRO C 1188 87.05 -32.05 66.02
N LYS C 1189 86.76 -33.35 66.11
CA LYS C 1189 85.69 -33.93 65.30
C LYS C 1189 84.36 -33.35 65.75
N MET C 1190 83.52 -32.99 64.77
CA MET C 1190 82.23 -32.39 65.05
C MET C 1190 81.23 -33.48 65.40
N ARG C 1191 80.20 -33.10 66.15
CA ARG C 1191 79.14 -34.01 66.56
C ARG C 1191 77.79 -33.33 66.29
N ARG C 1192 76.91 -34.00 65.58
CA ARG C 1192 75.63 -33.44 65.20
C ARG C 1192 74.67 -33.57 66.37
N VAL C 1193 73.81 -32.55 66.54
CA VAL C 1193 72.66 -32.63 67.40
C VAL C 1193 71.48 -32.01 66.65
N SER C 1194 70.51 -32.82 66.27
CA SER C 1194 69.39 -32.37 65.46
C SER C 1194 68.21 -33.32 65.61
N ARG C 1195 67.16 -33.07 64.83
CA ARG C 1195 66.07 -34.01 64.67
C ARG C 1195 66.51 -35.15 63.76
N ARG C 1196 65.81 -36.29 63.84
CA ARG C 1196 66.09 -37.47 63.01
C ARG C 1196 65.73 -37.18 61.55
N ALA C 1197 66.29 -37.97 60.63
CA ALA C 1197 66.04 -37.81 59.21
C ALA C 1197 64.60 -38.20 58.86
N GLN C 1198 63.99 -37.46 57.94
CA GLN C 1198 62.59 -37.62 57.62
C GLN C 1198 62.36 -37.46 56.13
N SER C 1199 61.25 -38.05 55.67
CA SER C 1199 60.84 -37.96 54.28
C SER C 1199 60.10 -36.65 54.04
N SER C 1200 59.35 -36.19 55.03
CA SER C 1200 58.71 -34.89 54.98
C SER C 1200 59.57 -33.87 55.73
N THR C 1201 59.11 -32.62 55.74
CA THR C 1201 59.84 -31.52 56.33
C THR C 1201 59.70 -31.50 57.84
N ALA C 1202 58.47 -31.69 58.35
CA ALA C 1202 58.18 -31.59 59.76
C ALA C 1202 56.91 -32.36 60.10
N THR C 1203 56.64 -32.50 61.41
CA THR C 1203 55.46 -33.19 61.89
C THR C 1203 54.21 -32.35 61.68
N GLY C 1204 53.05 -32.98 61.78
CA GLY C 1204 51.78 -32.31 61.62
C GLY C 1204 51.05 -32.10 62.95
N VAL C 1205 51.55 -32.74 64.01
CA VAL C 1205 51.00 -32.64 65.35
C VAL C 1205 51.82 -31.65 66.16
N ALA C 1206 51.16 -30.81 66.95
CA ALA C 1206 51.81 -29.74 67.68
C ALA C 1206 52.43 -30.23 68.97
N LYS C 1207 51.80 -31.19 69.65
CA LYS C 1207 52.34 -31.69 70.90
C LYS C 1207 53.63 -32.46 70.65
N VAL C 1208 53.74 -33.13 69.50
CA VAL C 1208 54.92 -33.89 69.15
C VAL C 1208 56.07 -32.92 68.88
N HIS C 1209 55.76 -31.76 68.29
CA HIS C 1209 56.75 -30.74 68.03
C HIS C 1209 57.39 -30.27 69.32
N GLN C 1210 56.58 -30.08 70.35
CA GLN C 1210 57.07 -29.56 71.62
C GLN C 1210 57.92 -30.61 72.31
N LEU C 1211 57.55 -31.87 72.17
CA LEU C 1211 58.29 -32.96 72.78
C LEU C 1211 59.66 -33.11 72.12
N GLU C 1212 59.72 -32.94 70.80
CA GLU C 1212 60.94 -33.06 70.05
C GLU C 1212 61.94 -31.96 70.43
N GLU C 1213 61.43 -30.74 70.64
CA GLU C 1213 62.27 -29.60 70.94
C GLU C 1213 62.93 -29.78 72.30
N LYS C 1214 62.18 -30.31 73.25
CA LYS C 1214 62.69 -30.56 74.59
C LYS C 1214 63.80 -31.59 74.53
N GLN C 1215 63.58 -32.64 73.74
CA GLN C 1215 64.51 -33.75 73.61
C GLN C 1215 65.82 -33.27 73.02
N LEU C 1216 65.74 -32.32 72.08
CA LEU C 1216 66.88 -31.79 71.35
C LEU C 1216 67.78 -30.99 72.27
N ILE C 1217 67.19 -30.06 73.03
CA ILE C 1217 67.95 -29.16 73.86
C ILE C 1217 68.56 -29.95 75.02
N ASP C 1218 67.87 -30.99 75.49
CA ASP C 1218 68.40 -31.81 76.58
C ASP C 1218 69.63 -32.56 76.11
N GLU C 1219 69.59 -33.04 74.87
CA GLU C 1219 70.69 -33.81 74.30
C GLU C 1219 71.93 -32.94 74.13
N ALA C 1220 71.72 -31.65 73.87
CA ALA C 1220 72.80 -30.70 73.67
C ALA C 1220 73.58 -30.46 74.95
N PHE C 1221 72.88 -30.42 76.09
CA PHE C 1221 73.49 -30.14 77.38
C PHE C 1221 73.78 -31.43 78.13
N GLU C 1222 74.19 -32.48 77.40
CA GLU C 1222 74.50 -33.78 77.96
C GLU C 1222 73.24 -34.43 78.53
N PRO D 104 -36.33 19.37 54.67
CA PRO D 104 -36.69 20.77 54.37
C PRO D 104 -36.67 21.66 55.61
N GLY D 105 -36.18 22.89 55.44
CA GLY D 105 -36.18 23.88 56.51
C GLY D 105 -34.77 24.38 56.84
N GLN D 106 -34.68 25.09 57.97
CA GLN D 106 -33.45 25.74 58.40
C GLN D 106 -32.83 24.96 59.55
N THR D 107 -31.49 24.96 59.62
CA THR D 107 -30.80 24.29 60.71
C THR D 107 -29.44 24.93 60.93
N PRO D 108 -29.11 25.37 62.16
CA PRO D 108 -27.79 25.93 62.48
C PRO D 108 -26.60 25.03 62.15
N ILE D 109 -25.51 25.67 61.72
CA ILE D 109 -24.26 24.98 61.41
C ILE D 109 -23.49 24.84 62.71
N ARG D 110 -23.05 23.63 63.01
CA ARG D 110 -22.35 23.35 64.26
C ARG D 110 -21.13 22.48 63.98
N GLY D 111 -20.07 22.69 64.76
CA GLY D 111 -18.93 21.79 64.81
C GLY D 111 -17.81 22.23 63.88
N ILE D 112 -17.25 21.25 63.16
CA ILE D 112 -16.17 21.48 62.21
C ILE D 112 -16.67 22.34 61.05
N PHE D 113 -17.96 22.22 60.74
CA PHE D 113 -18.56 22.91 59.61
C PHE D 113 -18.66 24.40 59.89
N LYS D 114 -18.86 24.77 61.16
CA LYS D 114 -18.91 26.16 61.55
C LYS D 114 -17.54 26.79 61.38
N SER D 115 -16.48 26.01 61.64
CA SER D 115 -15.11 26.48 61.49
C SER D 115 -14.76 26.68 60.02
N ILE D 116 -15.25 25.79 59.16
CA ILE D 116 -14.99 25.87 57.73
C ILE D 116 -15.68 27.11 57.16
N ALA D 117 -16.88 27.39 57.67
CA ALA D 117 -17.66 28.52 57.20
C ALA D 117 -17.00 29.83 57.58
N LYS D 118 -16.44 29.91 58.78
CA LYS D 118 -15.88 31.14 59.29
C LYS D 118 -14.59 31.49 58.54
N ASN D 119 -13.80 30.47 58.22
CA ASN D 119 -12.52 30.68 57.54
C ASN D 119 -12.75 31.15 56.11
N MET D 120 -13.78 30.62 55.45
CA MET D 120 -14.11 30.99 54.07
C MET D 120 -14.54 32.45 54.02
N ASP D 121 -15.20 32.92 55.09
CA ASP D 121 -15.63 34.31 55.18
C ASP D 121 -14.44 35.23 55.39
N ILE D 122 -13.48 34.81 56.21
CA ILE D 122 -12.28 35.60 56.46
C ILE D 122 -11.48 35.72 55.17
N SER D 123 -11.48 34.68 54.35
CA SER D 123 -10.62 34.61 53.18
C SER D 123 -11.05 35.56 52.08
N LEU D 124 -12.17 36.24 52.26
CA LEU D 124 -12.66 37.17 51.27
C LEU D 124 -11.73 38.38 51.17
N GLU D 125 -10.86 38.57 52.15
CA GLU D 125 -10.00 39.75 52.16
C GLU D 125 -8.63 39.45 51.58
N ILE D 126 -8.53 38.44 50.70
CA ILE D 126 -7.31 38.15 49.99
C ILE D 126 -7.57 38.37 48.50
N PRO D 127 -6.85 39.30 47.83
CA PRO D 127 -6.85 39.36 46.37
C PRO D 127 -6.08 38.24 45.69
N THR D 128 -6.76 37.44 44.84
CA THR D 128 -6.16 36.23 44.31
C THR D 128 -6.15 36.26 42.78
N ALA D 129 -5.13 35.61 42.21
CA ALA D 129 -5.05 35.36 40.79
C ALA D 129 -4.59 33.93 40.54
N THR D 130 -4.78 33.43 39.31
CA THR D 130 -4.57 32.03 38.99
C THR D 130 -3.77 31.90 37.69
N SER D 131 -2.94 30.84 37.61
CA SER D 131 -2.21 30.45 36.41
C SER D 131 -2.46 28.99 36.11
N VAL D 132 -2.50 28.63 34.83
CA VAL D 132 -2.85 27.29 34.38
C VAL D 132 -1.83 26.83 33.36
N ARG D 133 -1.32 25.60 33.49
CA ARG D 133 -0.37 25.03 32.55
C ARG D 133 -0.62 23.54 32.34
N ASP D 134 -0.45 23.06 31.11
CA ASP D 134 -0.65 21.65 30.78
C ASP D 134 0.68 21.02 30.39
N MET D 135 0.87 19.75 30.77
CA MET D 135 2.14 19.06 30.69
C MET D 135 1.93 17.66 30.16
N PRO D 136 2.90 17.05 29.44
CA PRO D 136 2.85 15.62 29.12
C PRO D 136 2.93 14.73 30.35
N ALA D 137 2.37 13.51 30.27
CA ALA D 137 2.28 12.65 31.43
C ALA D 137 2.72 11.21 31.15
N ARG D 138 3.38 10.96 30.02
CA ARG D 138 3.71 9.60 29.60
C ARG D 138 4.81 9.04 30.49
N LEU D 139 5.85 9.84 30.72
CA LEU D 139 7.02 9.39 31.43
C LEU D 139 6.68 9.09 32.88
N MET D 140 5.66 9.75 33.42
CA MET D 140 5.25 9.49 34.80
C MET D 140 4.64 8.10 34.89
N PHE D 141 3.80 7.74 33.93
CA PHE D 141 3.17 6.44 33.93
C PHE D 141 4.21 5.34 33.84
N GLU D 142 5.20 5.52 32.95
CA GLU D 142 6.20 4.51 32.69
C GLU D 142 7.08 4.30 33.93
N ASN D 143 7.63 5.38 34.47
CA ASN D 143 8.60 5.26 35.52
C ASN D 143 7.95 4.86 36.83
N ARG D 144 6.68 5.18 37.02
CA ARG D 144 5.98 4.77 38.23
C ARG D 144 5.82 3.25 38.20
N ALA D 145 5.54 2.70 37.03
CA ALA D 145 5.33 1.26 36.90
C ALA D 145 6.61 0.51 37.21
N MET D 146 7.75 1.08 36.81
CA MET D 146 9.03 0.45 37.05
C MET D 146 9.33 0.41 38.53
N VAL D 147 8.95 1.46 39.28
CA VAL D 147 9.24 1.53 40.70
C VAL D 147 8.33 0.57 41.45
N ASN D 148 7.10 0.44 41.03
CA ASN D 148 6.15 -0.38 41.75
C ASN D 148 6.42 -1.86 41.52
N ASP D 149 7.07 -2.22 40.41
CA ASP D 149 7.45 -3.60 40.16
C ASP D 149 8.55 -4.03 41.12
N GLN D 150 9.51 -3.13 41.38
CA GLN D 150 10.59 -3.40 42.31
C GLN D 150 10.04 -3.62 43.70
N LEU D 151 9.06 -2.80 44.12
CA LEU D 151 8.55 -2.87 45.47
C LEU D 151 7.75 -4.15 45.66
N LYS D 152 7.08 -4.61 44.61
CA LYS D 152 6.24 -5.80 44.73
C LYS D 152 7.10 -7.03 44.99
N ARG D 153 8.27 -7.13 44.35
CA ARG D 153 9.13 -8.29 44.54
C ARG D 153 9.73 -8.27 45.94
N THR D 154 9.96 -7.07 46.48
CA THR D 154 10.58 -6.91 47.79
C THR D 154 9.52 -6.76 48.89
N ARG D 155 8.26 -7.07 48.56
CA ARG D 155 7.15 -7.01 49.49
C ARG D 155 7.12 -5.67 50.21
N GLY D 156 7.36 -4.58 49.46
CA GLY D 156 7.18 -3.23 49.96
C GLY D 156 5.78 -2.71 49.65
N GLY D 157 5.64 -1.38 49.55
CA GLY D 157 4.35 -0.75 49.36
C GLY D 157 4.08 -0.36 47.91
N LYS D 158 3.66 0.91 47.72
CA LYS D 158 3.21 1.43 46.44
C LYS D 158 3.37 2.94 46.48
N ILE D 159 3.91 3.54 45.40
CA ILE D 159 3.93 4.99 45.31
C ILE D 159 2.83 5.46 44.37
N SER D 160 2.44 6.75 44.53
CA SER D 160 1.34 7.38 43.81
C SER D 160 1.84 8.61 43.06
N PHE D 161 0.96 9.20 42.24
CA PHE D 161 1.31 10.36 41.44
C PHE D 161 1.50 11.59 42.33
N THR D 162 0.75 11.64 43.42
CA THR D 162 0.81 12.77 44.33
C THR D 162 2.15 12.82 45.04
N HIS D 163 2.75 11.65 45.31
CA HIS D 163 4.08 11.58 45.92
C HIS D 163 5.11 12.24 45.00
N ILE D 164 5.03 11.95 43.70
CA ILE D 164 6.02 12.42 42.76
C ILE D 164 5.87 13.92 42.53
N ILE D 165 4.61 14.37 42.39
CA ILE D 165 4.33 15.77 42.12
C ILE D 165 4.65 16.59 43.36
N GLY D 166 4.38 16.01 44.53
CA GLY D 166 4.74 16.64 45.79
C GLY D 166 6.23 16.95 45.90
N TYR D 167 7.06 15.96 45.55
CA TYR D 167 8.50 16.09 45.69
C TYR D 167 9.00 17.13 44.70
N ALA D 168 8.46 17.14 43.48
CA ALA D 168 8.84 18.09 42.46
C ALA D 168 8.48 19.50 42.89
N MET D 169 7.33 19.63 43.56
CA MET D 169 6.82 20.91 44.01
C MET D 169 7.76 21.52 45.04
N VAL D 170 8.30 20.69 45.93
CA VAL D 170 9.22 21.13 46.97
C VAL D 170 10.51 21.65 46.34
N LYS D 171 11.03 20.93 45.36
CA LYS D 171 12.25 21.33 44.68
C LYS D 171 12.06 22.66 43.98
N ALA D 172 10.85 22.89 43.45
CA ALA D 172 10.54 24.09 42.70
C ALA D 172 10.43 25.30 43.62
N VAL D 173 9.88 25.10 44.83
CA VAL D 173 9.75 26.18 45.80
C VAL D 173 11.14 26.60 46.27
N MET D 174 12.08 25.65 46.35
CA MET D 174 13.45 25.96 46.71
C MET D 174 14.09 26.84 45.63
N ALA D 175 13.78 26.56 44.37
CA ALA D 175 14.34 27.30 43.25
C ALA D 175 13.73 28.68 43.13
N HIS D 176 12.49 28.86 43.61
CA HIS D 176 11.77 30.12 43.53
C HIS D 176 11.20 30.45 44.91
N PRO D 177 12.03 30.97 45.85
CA PRO D 177 11.62 31.16 47.24
C PRO D 177 10.45 32.10 47.54
N ASP D 178 10.15 33.01 46.62
CA ASP D 178 9.10 33.99 46.80
C ASP D 178 7.73 33.34 46.95
N MET D 179 7.58 32.10 46.48
CA MET D 179 6.30 31.42 46.51
C MET D 179 5.97 30.96 47.92
N ASN D 180 6.86 31.16 48.89
CA ASN D 180 6.65 30.67 50.24
C ASN D 180 6.24 31.79 51.19
N ASN D 181 6.15 33.03 50.69
CA ASN D 181 5.93 34.19 51.54
C ASN D 181 4.44 34.45 51.74
N SER D 182 4.09 35.27 52.72
CA SER D 182 2.73 35.63 53.03
C SER D 182 2.63 37.08 53.46
N TYR D 183 1.42 37.57 53.77
CA TYR D 183 1.15 38.97 54.04
C TYR D 183 0.42 39.12 55.36
N ASP D 184 0.74 40.17 56.12
CA ASP D 184 0.04 40.47 57.35
C ASP D 184 0.24 41.94 57.72
N VAL D 185 -0.68 42.50 58.50
CA VAL D 185 -0.55 43.87 58.97
C VAL D 185 -0.25 43.84 60.47
N ILE D 186 0.90 44.43 60.84
CA ILE D 186 1.49 44.33 62.17
C ILE D 186 1.81 45.72 62.67
N ASP D 187 1.21 46.12 63.80
CA ASP D 187 1.37 47.47 64.31
C ASP D 187 0.73 48.42 63.32
N GLY D 188 -0.26 47.91 62.59
CA GLY D 188 -0.92 48.70 61.58
C GLY D 188 -0.02 49.14 60.44
N LYS D 189 1.03 48.39 60.15
CA LYS D 189 1.76 48.60 58.92
C LYS D 189 1.76 47.32 58.09
N PRO D 190 1.64 47.38 56.76
CA PRO D 190 1.90 46.25 55.88
C PRO D 190 3.26 45.58 56.01
N THR D 191 3.28 44.25 55.95
CA THR D 191 4.47 43.48 56.27
C THR D 191 4.53 42.20 55.44
N LEU D 192 5.73 41.85 54.99
CA LEU D 192 6.01 40.59 54.31
C LEU D 192 6.57 39.62 55.32
N ILE D 193 6.12 38.37 55.29
CA ILE D 193 6.55 37.36 56.23
C ILE D 193 7.32 36.27 55.50
N VAL D 194 8.57 36.05 55.89
CA VAL D 194 9.44 35.08 55.27
C VAL D 194 9.70 33.96 56.26
N PRO D 195 9.11 32.76 56.11
CA PRO D 195 9.27 31.69 57.09
C PRO D 195 10.64 31.03 57.09
N GLU D 196 10.86 30.18 58.10
CA GLU D 196 12.12 29.48 58.28
C GLU D 196 12.13 28.20 57.47
N HIS D 197 10.98 27.52 57.38
CA HIS D 197 10.90 26.22 56.75
C HIS D 197 9.82 26.19 55.67
N ILE D 198 9.84 25.13 54.85
CA ILE D 198 8.78 24.79 53.91
C ILE D 198 7.94 23.69 54.53
N ASN D 199 6.75 24.03 55.02
CA ASN D 199 5.82 23.07 55.56
C ASN D 199 4.69 22.85 54.56
N LEU D 200 4.50 21.60 54.10
CA LEU D 200 3.61 21.28 53.00
C LEU D 200 2.32 20.70 53.54
N GLY D 201 1.20 21.35 53.24
CA GLY D 201 -0.11 20.90 53.67
C GLY D 201 -0.76 19.99 52.63
N LEU D 202 -1.36 18.90 53.09
CA LEU D 202 -2.06 17.97 52.24
C LEU D 202 -3.54 18.06 52.55
N ALA D 203 -4.38 18.10 51.51
CA ALA D 203 -5.82 18.15 51.66
C ALA D 203 -6.38 16.73 51.63
N ILE D 204 -6.77 16.22 52.81
CA ILE D 204 -7.23 14.85 52.94
C ILE D 204 -8.74 14.85 53.16
N ASP D 205 -9.46 14.16 52.28
CA ASP D 205 -10.90 13.97 52.42
C ASP D 205 -11.15 12.73 53.27
N LEU D 206 -11.66 12.95 54.49
CA LEU D 206 -11.94 11.86 55.42
C LEU D 206 -13.42 11.90 55.84
N PRO D 207 -14.19 10.81 55.60
CA PRO D 207 -15.52 10.65 56.21
C PRO D 207 -15.49 10.55 57.73
N GLN D 208 -16.58 10.97 58.37
CA GLN D 208 -16.70 11.03 59.82
C GLN D 208 -17.72 10.00 60.28
N LYS D 209 -17.96 9.95 61.61
CA LYS D 209 -18.82 8.95 62.23
C LYS D 209 -20.26 9.07 61.72
N ASP D 210 -20.71 10.31 61.53
CA ASP D 210 -22.10 10.58 61.14
C ASP D 210 -22.38 10.01 59.76
N GLY D 211 -21.41 10.19 58.85
CA GLY D 211 -21.57 9.86 57.44
C GLY D 211 -21.49 11.10 56.53
N SER D 212 -20.86 12.17 57.04
CA SER D 212 -20.61 13.38 56.26
C SER D 212 -19.10 13.57 56.07
N ARG D 213 -18.72 13.78 54.81
CA ARG D 213 -17.32 14.01 54.45
C ARG D 213 -16.91 15.42 54.88
N ALA D 214 -15.66 15.56 55.30
CA ALA D 214 -15.07 16.85 55.61
C ALA D 214 -13.60 16.85 55.15
N LEU D 215 -13.10 18.01 54.74
CA LEU D 215 -11.74 18.14 54.26
C LEU D 215 -10.90 18.84 55.32
N VAL D 216 -9.72 18.28 55.60
CA VAL D 216 -8.79 18.84 56.56
C VAL D 216 -7.43 18.97 55.90
N VAL D 217 -6.62 19.92 56.38
CA VAL D 217 -5.29 20.14 55.84
C VAL D 217 -4.24 19.89 56.94
N ALA D 218 -3.45 18.82 56.76
CA ALA D 218 -2.40 18.40 57.68
C ALA D 218 -1.04 18.70 57.09
N ALA D 219 -0.02 18.84 57.92
CA ALA D 219 1.27 19.38 57.49
C ALA D 219 2.40 18.37 57.62
N ILE D 220 3.28 18.35 56.61
CA ILE D 220 4.59 17.72 56.68
C ILE D 220 5.61 18.84 56.93
N LYS D 221 6.41 18.71 58.00
CA LYS D 221 7.21 19.83 58.44
C LYS D 221 8.67 19.64 58.06
N GLU D 222 9.37 20.74 57.81
CA GLU D 222 10.78 20.79 57.51
C GLU D 222 11.08 19.88 56.33
N THR D 223 10.59 20.27 55.15
CA THR D 223 10.60 19.42 53.98
C THR D 223 11.82 19.73 53.13
N GLU D 224 12.48 20.86 53.37
CA GLU D 224 13.56 21.28 52.51
C GLU D 224 14.87 20.60 52.88
N LYS D 225 14.82 19.69 53.85
CA LYS D 225 15.98 18.90 54.24
C LYS D 225 15.60 17.42 54.24
N MET D 226 14.97 16.98 53.15
CA MET D 226 14.54 15.61 52.98
C MET D 226 14.94 15.10 51.60
N ASN D 227 15.22 13.80 51.50
CA ASN D 227 15.34 13.11 50.22
C ASN D 227 14.04 12.34 49.98
N PHE D 228 13.93 11.64 48.85
CA PHE D 228 12.66 11.05 48.46
C PHE D 228 12.24 9.98 49.46
N SER D 229 13.22 9.25 50.03
CA SER D 229 12.93 8.18 50.97
C SER D 229 12.28 8.75 52.22
N GLU D 230 12.86 9.83 52.74
CA GLU D 230 12.37 10.50 53.93
C GLU D 230 10.99 11.09 53.66
N PHE D 231 10.83 11.71 52.48
CA PHE D 231 9.59 12.37 52.10
C PHE D 231 8.43 11.38 52.09
N LEU D 232 8.67 10.20 51.54
CA LEU D 232 7.61 9.20 51.38
C LEU D 232 7.13 8.72 52.74
N ALA D 233 8.07 8.57 53.68
CA ALA D 233 7.77 8.08 55.01
C ALA D 233 6.86 9.06 55.75
N ALA D 234 7.24 10.35 55.71
CA ALA D 234 6.50 11.41 56.38
C ALA D 234 5.08 11.51 55.83
N TYR D 235 4.97 11.40 54.49
CA TYR D 235 3.69 11.48 53.82
C TYR D 235 2.77 10.39 54.36
N GLU D 236 3.26 9.15 54.37
CA GLU D 236 2.46 8.01 54.72
C GLU D 236 2.11 8.02 56.20
N ASP D 237 2.96 8.65 57.01
CA ASP D 237 2.71 8.79 58.43
C ASP D 237 1.45 9.63 58.66
N ILE D 238 1.37 10.79 57.99
CA ILE D 238 0.25 11.70 58.15
C ILE D 238 -1.03 11.02 57.72
N VAL D 239 -1.00 10.33 56.58
CA VAL D 239 -2.18 9.73 56.01
C VAL D 239 -2.69 8.62 56.92
N ALA D 240 -1.77 7.82 57.46
CA ALA D 240 -2.11 6.68 58.29
C ALA D 240 -2.84 7.12 59.55
N ARG D 241 -2.29 8.14 60.21
CA ARG D 241 -2.84 8.60 61.48
C ARG D 241 -4.19 9.28 61.27
N SER D 242 -4.43 9.81 60.06
CA SER D 242 -5.66 10.53 59.79
C SER D 242 -6.84 9.57 59.75
N ARG D 243 -6.61 8.36 59.22
CA ARG D 243 -7.66 7.38 59.09
C ARG D 243 -8.03 6.80 60.44
N LYS D 244 -7.03 6.61 61.31
CA LYS D 244 -7.23 6.04 62.64
C LYS D 244 -7.75 7.10 63.62
N GLY D 245 -7.71 8.37 63.21
CA GLY D 245 -8.25 9.44 64.03
C GLY D 245 -7.31 9.80 65.18
N LYS D 246 -6.03 10.00 64.86
CA LYS D 246 -5.02 10.24 65.87
C LYS D 246 -4.11 11.40 65.47
N LEU D 247 -4.72 12.49 64.95
CA LEU D 247 -3.99 13.71 64.63
C LEU D 247 -4.13 14.69 65.79
N THR D 248 -3.02 15.33 66.16
CA THR D 248 -2.98 16.29 67.24
C THR D 248 -3.24 17.69 66.69
N MET D 249 -3.16 18.69 67.57
CA MET D 249 -3.45 20.06 67.19
C MET D 249 -2.22 20.69 66.56
N ASP D 250 -1.05 20.11 66.78
CA ASP D 250 0.18 20.66 66.24
C ASP D 250 0.30 20.37 64.75
N ASP D 251 -0.41 19.34 64.27
CA ASP D 251 -0.34 18.92 62.89
C ASP D 251 -1.12 19.87 61.98
N TYR D 252 -1.99 20.69 62.56
CA TYR D 252 -2.80 21.60 61.79
C TYR D 252 -2.23 23.02 61.81
N GLN D 253 -0.98 23.21 62.24
CA GLN D 253 -0.46 24.54 62.40
C GLN D 253 0.87 24.70 61.68
N GLY D 254 1.07 25.87 61.08
CA GLY D 254 2.35 26.24 60.52
C GLY D 254 2.48 25.98 59.02
N VAL D 255 1.36 25.76 58.33
CA VAL D 255 1.39 25.45 56.91
C VAL D 255 1.84 26.68 56.14
N THR D 256 2.72 26.49 55.16
CA THR D 256 3.22 27.59 54.35
C THR D 256 2.81 27.45 52.88
N VAL D 257 2.45 26.26 52.42
CA VAL D 257 2.06 26.03 51.04
C VAL D 257 1.29 24.72 50.96
N SER D 258 0.25 24.64 50.11
CA SER D 258 -0.70 23.55 50.11
C SER D 258 -0.79 22.82 48.77
N LEU D 259 -1.31 21.58 48.80
CA LEU D 259 -1.46 20.73 47.63
C LEU D 259 -2.82 20.02 47.69
N THR D 260 -3.51 19.96 46.55
CA THR D 260 -4.83 19.35 46.45
C THR D 260 -4.93 18.57 45.15
N ASN D 261 -5.78 17.54 45.13
CA ASN D 261 -5.89 16.62 44.01
C ASN D 261 -7.35 16.41 43.63
N PRO D 262 -8.01 17.36 42.92
CA PRO D 262 -9.34 17.14 42.38
C PRO D 262 -9.44 16.21 41.18
N GLY D 263 -8.30 15.75 40.66
CA GLY D 263 -8.27 14.89 39.49
C GLY D 263 -8.60 13.43 39.79
N GLY D 264 -8.68 13.07 41.08
CA GLY D 264 -9.11 11.74 41.49
C GLY D 264 -10.51 11.40 41.00
N ILE D 265 -11.42 12.38 41.08
CA ILE D 265 -12.80 12.22 40.63
C ILE D 265 -12.85 12.27 39.10
N GLY D 266 -12.00 13.09 38.49
CA GLY D 266 -11.94 13.20 37.04
C GLY D 266 -12.15 14.63 36.53
N THR D 267 -12.08 15.62 37.42
CA THR D 267 -12.15 17.02 37.06
C THR D 267 -10.91 17.40 36.28
N ARG D 268 -11.06 18.31 35.31
CA ARG D 268 -9.98 18.68 34.42
C ARG D 268 -9.10 19.72 35.10
N HIS D 269 -9.70 20.77 35.67
CA HIS D 269 -9.00 21.67 36.56
C HIS D 269 -10.00 22.46 37.40
N SER D 270 -9.50 23.16 38.42
CA SER D 270 -10.32 23.92 39.34
C SER D 270 -9.69 25.28 39.65
N VAL D 271 -10.50 26.20 40.18
CA VAL D 271 -10.03 27.48 40.68
C VAL D 271 -10.41 27.58 42.15
N PRO D 272 -9.54 27.14 43.08
CA PRO D 272 -9.87 27.08 44.51
C PRO D 272 -9.69 28.36 45.32
N ARG D 273 -10.06 28.29 46.61
CA ARG D 273 -9.94 29.41 47.53
C ARG D 273 -8.66 29.30 48.34
N LEU D 274 -8.06 30.45 48.64
CA LEU D 274 -6.83 30.53 49.39
C LEU D 274 -7.17 30.97 50.81
N THR D 275 -6.59 30.28 51.81
CA THR D 275 -6.88 30.54 53.21
C THR D 275 -5.80 31.43 53.81
N LYS D 276 -6.16 32.19 54.85
CA LYS D 276 -5.31 33.24 55.38
C LYS D 276 -4.08 32.65 56.04
N GLY D 277 -2.93 33.28 55.78
CA GLY D 277 -1.66 32.84 56.34
C GLY D 277 -0.73 32.18 55.33
N GLN D 278 -1.20 32.01 54.08
CA GLN D 278 -0.43 31.35 53.05
C GLN D 278 -0.27 32.26 51.84
N GLY D 279 0.58 31.84 50.91
CA GLY D 279 0.84 32.58 49.70
C GLY D 279 0.33 31.87 48.44
N THR D 280 0.32 30.53 48.44
CA THR D 280 -0.09 29.81 47.25
C THR D 280 -0.73 28.47 47.61
N ILE D 281 -1.53 27.96 46.66
CA ILE D 281 -2.12 26.63 46.68
C ILE D 281 -2.02 26.04 45.28
N ILE D 282 -1.58 24.76 45.18
CA ILE D 282 -1.34 24.08 43.92
C ILE D 282 -2.36 22.97 43.75
N GLY D 283 -2.93 22.83 42.55
CA GLY D 283 -3.95 21.84 42.26
C GLY D 283 -3.57 20.94 41.09
N VAL D 284 -3.90 19.65 41.20
CA VAL D 284 -3.55 18.63 40.22
C VAL D 284 -4.83 18.07 39.64
N GLY D 285 -4.96 18.15 38.31
CA GLY D 285 -6.15 17.72 37.60
C GLY D 285 -6.01 16.30 37.05
N SER D 286 -6.96 15.90 36.23
CA SER D 286 -7.06 14.55 35.71
C SER D 286 -5.91 14.24 34.77
N MET D 287 -5.39 13.01 34.87
CA MET D 287 -4.35 12.52 33.98
C MET D 287 -4.96 11.51 33.04
N ASP D 288 -5.36 11.96 31.84
CA ASP D 288 -6.14 11.15 30.93
C ASP D 288 -6.00 11.72 29.52
N TYR D 289 -6.44 10.96 28.52
CA TYR D 289 -6.49 11.44 27.15
C TYR D 289 -7.50 12.58 27.08
N PRO D 290 -7.36 13.53 26.13
CA PRO D 290 -8.39 14.54 25.92
C PRO D 290 -9.71 13.95 25.44
N ALA D 291 -10.80 14.68 25.62
CA ALA D 291 -12.14 14.14 25.41
C ALA D 291 -12.46 13.94 23.93
N GLU D 292 -11.67 14.53 23.01
CA GLU D 292 -11.88 14.33 21.59
C GLU D 292 -11.23 13.03 21.11
N PHE D 293 -10.56 12.30 22.00
CA PHE D 293 -9.96 11.04 21.65
C PHE D 293 -10.49 9.92 22.53
N GLN D 294 -11.57 10.13 23.27
CA GLN D 294 -12.02 9.15 24.24
C GLN D 294 -12.81 8.03 23.58
N GLY D 295 -13.10 8.14 22.29
CA GLY D 295 -13.77 7.10 21.56
C GLY D 295 -12.87 6.35 20.58
N ALA D 296 -11.62 6.81 20.45
CA ALA D 296 -10.71 6.24 19.47
C ALA D 296 -10.19 4.90 19.95
N SER D 297 -9.64 4.13 19.00
CA SER D 297 -9.12 2.80 19.28
C SER D 297 -7.69 2.91 19.80
N GLU D 298 -7.25 1.90 20.55
CA GLU D 298 -5.90 1.84 21.07
C GLU D 298 -4.90 1.78 19.92
N ASP D 299 -5.25 1.01 18.89
CA ASP D 299 -4.38 0.82 17.74
C ASP D 299 -4.07 2.17 17.10
N ARG D 300 -5.10 2.99 16.93
CA ARG D 300 -4.99 4.22 16.19
C ARG D 300 -4.18 5.24 16.99
N LEU D 301 -4.39 5.26 18.31
CA LEU D 301 -3.69 6.18 19.20
C LEU D 301 -2.19 5.85 19.23
N ALA D 302 -1.87 4.56 19.20
CA ALA D 302 -0.49 4.10 19.18
C ALA D 302 0.21 4.49 17.89
N GLU D 303 -0.52 4.42 16.78
CA GLU D 303 0.03 4.75 15.47
C GLU D 303 0.40 6.22 15.40
N LEU D 304 -0.49 7.08 15.89
CA LEU D 304 -0.33 8.51 15.74
C LEU D 304 0.75 9.00 16.69
N GLY D 305 0.74 8.50 17.93
CA GLY D 305 1.69 8.92 18.93
C GLY D 305 1.09 9.92 19.91
N VAL D 306 -0.19 9.70 20.27
CA VAL D 306 -0.92 10.59 21.14
C VAL D 306 -0.64 10.18 22.58
N GLY D 307 -0.36 11.16 23.43
CA GLY D 307 -0.09 10.90 24.82
C GLY D 307 -1.19 11.41 25.74
N LYS D 308 -0.94 11.33 27.05
CA LYS D 308 -1.86 11.83 28.06
C LYS D 308 -1.35 13.14 28.63
N LEU D 309 -2.27 13.90 29.25
CA LEU D 309 -2.07 15.25 29.74
C LEU D 309 -2.10 15.25 31.25
N VAL D 310 -1.66 16.36 31.84
CA VAL D 310 -2.02 16.74 33.19
C VAL D 310 -2.04 18.26 33.22
N THR D 311 -3.06 18.85 33.86
CA THR D 311 -3.16 20.28 34.03
C THR D 311 -2.91 20.63 35.48
N ILE D 312 -2.01 21.59 35.71
CA ILE D 312 -1.62 22.03 37.05
C ILE D 312 -1.92 23.51 37.19
N THR D 313 -2.47 23.91 38.34
CA THR D 313 -2.87 25.28 38.61
C THR D 313 -2.11 25.86 39.79
N SER D 314 -2.06 27.19 39.85
CA SER D 314 -1.43 27.94 40.92
C SER D 314 -2.29 29.14 41.28
N THR D 315 -2.76 29.21 42.53
CA THR D 315 -3.58 30.32 43.00
C THR D 315 -2.83 31.04 44.11
N TYR D 316 -2.60 32.36 43.94
CA TYR D 316 -1.67 33.09 44.77
C TYR D 316 -2.22 34.45 45.18
N ASP D 317 -1.65 35.00 46.26
CA ASP D 317 -1.98 36.31 46.79
C ASP D 317 -1.16 37.38 46.09
N HIS D 318 -1.84 38.34 45.45
CA HIS D 318 -1.23 39.22 44.47
C HIS D 318 -0.58 40.43 45.13
N ARG D 319 -0.71 40.55 46.45
CA ARG D 319 -0.05 41.62 47.17
C ARG D 319 1.42 41.29 47.39
N VAL D 320 1.80 40.01 47.31
CA VAL D 320 3.15 39.61 47.66
C VAL D 320 3.79 38.75 46.58
N ILE D 321 3.02 38.19 45.64
CA ILE D 321 3.57 37.38 44.55
C ILE D 321 3.08 37.96 43.23
N GLN D 322 3.99 38.06 42.26
CA GLN D 322 3.68 38.57 40.95
C GLN D 322 3.43 37.41 39.98
N GLY D 323 2.88 37.74 38.81
CA GLY D 323 2.48 36.75 37.84
C GLY D 323 3.66 36.01 37.22
N ALA D 324 4.73 36.75 36.93
CA ALA D 324 5.92 36.20 36.31
C ALA D 324 6.56 35.13 37.20
N VAL D 325 6.52 35.34 38.51
CA VAL D 325 7.07 34.40 39.46
C VAL D 325 6.26 33.11 39.43
N SER D 326 4.92 33.24 39.40
CA SER D 326 4.03 32.09 39.37
C SER D 326 4.21 31.29 38.09
N GLY D 327 4.40 31.97 36.97
CA GLY D 327 4.62 31.31 35.70
C GLY D 327 5.93 30.53 35.68
N GLU D 328 6.99 31.15 36.19
CA GLU D 328 8.30 30.51 36.22
C GLU D 328 8.31 29.31 37.15
N PHE D 329 7.52 29.37 38.22
CA PHE D 329 7.38 28.25 39.13
C PHE D 329 6.83 27.04 38.39
N LEU D 330 5.77 27.23 37.62
CA LEU D 330 5.14 26.12 36.90
C LEU D 330 6.06 25.62 35.79
N ARG D 331 6.87 26.50 35.19
CA ARG D 331 7.79 26.10 34.14
C ARG D 331 8.87 25.18 34.70
N THR D 332 9.31 25.44 35.93
CA THR D 332 10.33 24.63 36.59
C THR D 332 9.77 23.25 36.89
N MET D 333 8.52 23.18 37.36
CA MET D 333 7.91 21.90 37.67
C MET D 333 7.77 21.06 36.42
N SER D 334 7.50 21.71 35.29
CA SER D 334 7.32 21.04 34.02
C SER D 334 8.63 20.42 33.55
N ARG D 335 9.76 21.10 33.80
CA ARG D 335 11.07 20.64 33.39
C ARG D 335 11.54 19.46 34.24
N LEU D 336 11.22 19.48 35.54
CA LEU D 336 11.69 18.46 36.44
C LEU D 336 11.03 17.12 36.15
N LEU D 337 9.76 17.13 35.72
CA LEU D 337 9.03 15.90 35.57
C LEU D 337 9.37 15.22 34.25
N THR D 338 10.30 15.79 33.48
CA THR D 338 10.72 15.21 32.22
C THR D 338 12.25 15.28 32.13
N ASP D 339 12.92 15.23 33.29
CA ASP D 339 14.35 15.48 33.39
C ASP D 339 15.07 14.20 33.81
N ASP D 340 16.27 14.00 33.25
CA ASP D 340 17.04 12.79 33.49
C ASP D 340 17.47 12.73 34.94
N SER D 341 17.97 13.84 35.45
CA SER D 341 18.59 13.87 36.77
C SER D 341 17.57 13.72 37.88
N PHE D 342 16.31 14.06 37.60
CA PHE D 342 15.27 14.02 38.60
C PHE D 342 14.91 12.57 38.90
N TRP D 343 14.80 11.77 37.84
CA TRP D 343 14.38 10.39 37.96
C TRP D 343 15.51 9.48 38.44
N ASP D 344 16.75 9.93 38.29
CA ASP D 344 17.88 9.21 38.84
C ASP D 344 17.82 9.27 40.36
N GLU D 345 17.41 10.41 40.92
CA GLU D 345 17.29 10.54 42.37
C GLU D 345 16.26 9.54 42.90
N ILE D 346 15.10 9.46 42.24
CA ILE D 346 14.01 8.68 42.78
C ILE D 346 14.37 7.21 42.72
N PHE D 347 15.02 6.80 41.63
CA PHE D 347 15.38 5.41 41.41
C PHE D 347 16.46 4.98 42.39
N ASP D 348 17.43 5.87 42.62
CA ASP D 348 18.52 5.60 43.55
C ASP D 348 17.98 5.38 44.95
N ALA D 349 16.98 6.16 45.35
CA ALA D 349 16.48 6.13 46.70
C ALA D 349 15.60 4.91 46.95
N MET D 350 15.04 4.33 45.89
CA MET D 350 14.11 3.22 46.05
C MET D 350 14.77 1.89 45.71
N ASN D 351 16.05 1.93 45.31
CA ASN D 351 16.85 0.75 45.05
C ASN D 351 16.25 -0.04 43.90
N VAL D 352 16.23 0.57 42.70
CA VAL D 352 15.83 -0.13 41.49
C VAL D 352 17.06 -0.16 40.57
N PRO D 353 17.38 -1.33 39.96
CA PRO D 353 18.65 -1.52 39.28
C PRO D 353 18.76 -1.09 37.83
N TYR D 354 17.64 -0.70 37.22
CA TYR D 354 17.59 -0.40 35.79
C TYR D 354 17.73 1.10 35.57
N THR D 355 18.15 1.48 34.37
CA THR D 355 18.15 2.88 33.99
C THR D 355 16.71 3.33 33.77
N PRO D 356 16.31 4.53 34.24
CA PRO D 356 14.97 5.04 33.98
C PRO D 356 14.71 5.31 32.51
N MET D 357 13.46 5.15 32.10
CA MET D 357 13.01 5.47 30.76
C MET D 357 13.19 6.96 30.52
N ARG D 358 13.69 7.34 29.35
CA ARG D 358 14.05 8.72 29.06
C ARG D 358 12.97 9.37 28.19
N TRP D 359 13.02 10.70 28.08
CA TRP D 359 12.07 11.48 27.31
C TRP D 359 12.67 11.81 25.96
N ALA D 360 11.93 11.56 24.89
CA ALA D 360 12.40 11.82 23.55
C ALA D 360 11.22 11.91 22.59
N GLN D 361 11.48 12.36 21.37
CA GLN D 361 10.47 12.44 20.34
C GLN D 361 10.38 11.11 19.59
N ASP D 362 9.21 10.85 19.01
CA ASP D 362 8.97 9.68 18.20
C ASP D 362 9.73 9.82 16.90
N VAL D 363 10.30 8.72 16.40
CA VAL D 363 11.15 8.73 15.22
C VAL D 363 10.41 8.01 14.11
N PRO D 364 10.65 8.37 12.83
CA PRO D 364 10.00 7.69 11.70
C PRO D 364 10.54 6.30 11.38
N ASN D 365 9.66 5.44 10.86
CA ASN D 365 10.03 4.08 10.49
C ASN D 365 10.61 4.09 9.08
N THR D 366 11.85 4.60 8.99
CA THR D 366 12.56 4.74 7.72
C THR D 366 13.97 4.20 7.90
N GLY D 367 14.66 3.95 6.78
CA GLY D 367 15.97 3.34 6.82
C GLY D 367 15.88 1.88 7.25
N VAL D 368 16.58 1.54 8.33
CA VAL D 368 16.51 0.22 8.93
C VAL D 368 15.16 0.09 9.64
N ASP D 369 14.44 -0.98 9.33
CA ASP D 369 13.09 -1.19 9.81
C ASP D 369 13.13 -1.42 11.31
N LYS D 370 12.00 -1.22 11.98
CA LYS D 370 11.94 -1.33 13.41
C LYS D 370 11.91 -2.79 13.86
N ASN D 371 11.42 -3.70 13.02
CA ASN D 371 11.49 -5.12 13.36
C ASN D 371 12.94 -5.57 13.46
N THR D 372 13.80 -5.06 12.60
CA THR D 372 15.21 -5.37 12.64
C THR D 372 15.82 -4.91 13.95
N ARG D 373 15.36 -3.76 14.45
CA ARG D 373 15.92 -3.19 15.66
C ARG D 373 15.49 -3.97 16.88
N VAL D 374 14.30 -4.55 16.89
CA VAL D 374 13.83 -5.32 18.01
C VAL D 374 14.56 -6.65 18.07
N MET D 375 14.98 -7.18 16.92
CA MET D 375 15.69 -8.43 16.89
C MET D 375 17.12 -8.24 17.36
N GLN D 376 17.69 -7.06 17.11
CA GLN D 376 19.02 -6.73 17.58
C GLN D 376 19.03 -6.54 19.09
N LEU D 377 17.93 -6.09 19.67
CA LEU D 377 17.81 -5.92 21.10
C LEU D 377 17.75 -7.28 21.78
N ILE D 378 17.04 -8.23 21.21
CA ILE D 378 16.95 -9.57 21.76
C ILE D 378 18.33 -10.21 21.79
N GLU D 379 19.11 -9.99 20.74
CA GLU D 379 20.43 -10.59 20.62
C GLU D 379 21.38 -9.98 21.63
N ALA D 380 21.23 -8.69 21.92
CA ALA D 380 22.10 -8.00 22.85
C ALA D 380 21.90 -8.49 24.28
N TYR D 381 20.67 -8.79 24.69
CA TYR D 381 20.40 -9.26 26.03
C TYR D 381 20.87 -10.70 26.19
N ARG D 382 20.67 -11.53 25.18
CA ARG D 382 21.14 -12.91 25.22
C ARG D 382 22.64 -12.97 25.32
N SER D 383 23.33 -11.95 24.81
CA SER D 383 24.79 -11.98 24.72
C SER D 383 25.45 -11.26 25.87
N ARG D 384 24.88 -10.14 26.34
CA ARG D 384 25.60 -9.26 27.25
C ARG D 384 24.75 -8.83 28.44
N GLY D 385 23.67 -9.53 28.75
CA GLY D 385 22.77 -9.12 29.80
C GLY D 385 23.30 -9.41 31.19
N HIS D 386 24.29 -10.30 31.28
CA HIS D 386 24.91 -10.67 32.53
C HIS D 386 25.66 -9.51 33.14
N LEU D 387 25.90 -8.45 32.39
CA LEU D 387 26.66 -7.34 32.88
C LEU D 387 25.85 -6.48 33.82
N ILE D 388 24.52 -6.62 33.83
CA ILE D 388 23.69 -5.82 34.72
C ILE D 388 22.79 -6.69 35.58
N ALA D 389 23.18 -7.93 35.87
CA ALA D 389 22.34 -8.84 36.61
C ALA D 389 22.57 -8.71 38.10
N ASP D 390 21.56 -9.05 38.89
CA ASP D 390 21.58 -8.89 40.34
C ASP D 390 22.22 -10.12 40.97
N THR D 391 23.55 -10.19 40.92
CA THR D 391 24.25 -11.38 41.36
C THR D 391 25.16 -11.10 42.55
N ASN D 392 25.24 -9.85 43.01
CA ASN D 392 26.10 -9.52 44.12
C ASN D 392 25.25 -9.30 45.36
N PRO D 393 25.45 -10.04 46.46
CA PRO D 393 24.73 -9.80 47.69
C PRO D 393 24.99 -8.46 48.36
N LEU D 394 26.17 -7.90 48.17
CA LEU D 394 26.52 -6.60 48.68
C LEU D 394 26.28 -5.55 47.61
N SER D 395 26.08 -4.30 48.05
CA SER D 395 25.98 -3.17 47.17
C SER D 395 27.37 -2.53 47.06
N TRP D 396 28.28 -3.24 46.39
CA TRP D 396 29.69 -2.95 46.45
C TRP D 396 30.27 -2.89 45.04
N VAL D 397 30.98 -1.81 44.73
CA VAL D 397 31.77 -1.73 43.51
C VAL D 397 33.21 -1.46 43.91
N GLN D 398 34.12 -2.31 43.45
CA GLN D 398 35.52 -2.25 43.83
C GLN D 398 36.15 -1.02 43.16
N PRO D 399 36.74 -0.10 43.95
CA PRO D 399 37.53 0.98 43.39
C PRO D 399 38.78 0.40 42.73
N GLY D 400 38.97 0.74 41.49
CA GLY D 400 40.22 0.37 40.82
C GLY D 400 40.00 -0.61 39.68
N MET D 401 38.80 -1.20 39.57
CA MET D 401 38.51 -2.13 38.50
C MET D 401 37.74 -1.44 37.38
N PRO D 402 38.09 -1.67 36.10
CA PRO D 402 37.35 -1.08 34.99
C PRO D 402 35.90 -1.55 34.92
N VAL D 403 35.00 -0.63 34.56
CA VAL D 403 33.60 -0.98 34.39
C VAL D 403 33.34 -1.12 32.91
N PRO D 404 32.89 -2.29 32.42
CA PRO D 404 32.59 -2.47 31.00
C PRO D 404 31.45 -1.59 30.50
N ASP D 405 31.49 -1.29 29.20
CA ASP D 405 30.44 -0.56 28.52
C ASP D 405 29.21 -1.46 28.40
N HIS D 406 28.05 -0.96 28.81
CA HIS D 406 26.81 -1.68 28.61
C HIS D 406 25.73 -0.74 28.10
N ARG D 407 26.05 -0.02 27.03
CA ARG D 407 25.12 0.87 26.36
C ARG D 407 24.27 0.09 25.38
N ASP D 408 24.59 -1.18 25.16
CA ASP D 408 23.86 -2.01 24.19
C ASP D 408 22.52 -2.45 24.75
N LEU D 409 22.28 -2.22 26.05
CA LEU D 409 21.14 -2.79 26.71
C LEU D 409 20.05 -1.74 26.94
N ASP D 410 20.20 -0.53 26.40
CA ASP D 410 19.15 0.48 26.54
C ASP D 410 18.57 0.77 25.17
N ILE D 411 17.27 1.07 25.13
CA ILE D 411 16.52 1.09 23.90
C ILE D 411 16.90 2.29 23.03
N GLU D 412 17.65 3.25 23.57
CA GLU D 412 18.04 4.43 22.82
C GLU D 412 19.11 4.10 21.81
N THR D 413 19.95 3.10 22.09
CA THR D 413 21.06 2.78 21.22
C THR D 413 20.58 2.03 19.98
N HIS D 414 19.36 1.49 20.03
CA HIS D 414 18.77 0.77 18.92
C HIS D 414 17.69 1.59 18.24
N ASN D 415 17.66 2.90 18.49
CA ASN D 415 16.71 3.83 17.90
C ASN D 415 15.27 3.44 18.19
N LEU D 416 14.94 3.20 19.45
CA LEU D 416 13.58 2.99 19.86
C LEU D 416 13.30 3.95 21.00
N THR D 417 12.04 4.10 21.37
CA THR D 417 11.59 5.18 22.24
C THR D 417 10.39 4.70 23.01
N ILE D 418 10.00 5.41 24.07
CA ILE D 418 8.83 5.12 24.87
C ILE D 418 7.58 4.98 24.00
N TRP D 419 7.58 5.60 22.81
CA TRP D 419 6.40 5.61 21.95
C TRP D 419 6.24 4.30 21.20
N ASP D 420 7.16 3.33 21.40
CA ASP D 420 7.10 2.07 20.69
C ASP D 420 6.70 0.93 21.60
N LEU D 421 6.39 1.21 22.87
CA LEU D 421 6.24 0.16 23.85
C LEU D 421 4.95 -0.60 23.66
N ASP D 422 3.92 0.02 23.08
CA ASP D 422 2.63 -0.65 22.89
C ASP D 422 2.37 -0.98 21.43
N ARG D 423 3.36 -0.79 20.55
CA ARG D 423 3.29 -1.26 19.17
C ARG D 423 3.69 -2.73 19.12
N THR D 424 3.29 -3.41 18.05
CA THR D 424 3.43 -4.85 17.91
C THR D 424 4.42 -5.16 16.81
N PHE D 425 5.25 -6.21 17.00
CA PHE D 425 6.38 -6.50 16.13
C PHE D 425 6.49 -7.99 15.86
N ASN D 426 7.21 -8.37 14.80
CA ASN D 426 7.48 -9.76 14.47
C ASN D 426 8.77 -10.20 15.13
N VAL D 427 8.73 -11.30 15.88
CA VAL D 427 9.81 -11.67 16.78
C VAL D 427 10.36 -13.05 16.44
N GLY D 428 9.72 -13.78 15.54
CA GLY D 428 10.32 -14.95 14.94
C GLY D 428 10.46 -16.11 15.91
N GLY D 429 9.43 -16.37 16.70
CA GLY D 429 9.40 -17.56 17.53
C GLY D 429 9.86 -17.33 18.96
N PHE D 430 10.31 -16.12 19.28
CA PHE D 430 10.71 -15.77 20.62
C PHE D 430 9.52 -15.92 21.55
N GLY D 431 9.70 -16.68 22.64
CA GLY D 431 8.64 -16.88 23.61
C GLY D 431 7.53 -17.78 23.10
N GLY D 432 7.81 -18.52 22.02
CA GLY D 432 6.82 -19.37 21.39
C GLY D 432 5.72 -18.58 20.70
N LYS D 433 6.03 -17.37 20.24
CA LYS D 433 5.05 -16.51 19.60
C LYS D 433 5.66 -15.89 18.35
N GLU D 434 4.80 -15.59 17.37
CA GLU D 434 5.21 -14.98 16.13
C GLU D 434 5.14 -13.47 16.21
N THR D 435 4.41 -12.94 17.18
CA THR D 435 4.17 -11.52 17.29
C THR D 435 4.05 -11.12 18.76
N MET D 436 4.44 -9.89 19.10
CA MET D 436 4.56 -9.44 20.48
C MET D 436 4.71 -7.92 20.53
N THR D 437 4.48 -7.33 21.69
CA THR D 437 4.73 -5.92 21.92
C THR D 437 6.10 -5.72 22.55
N LEU D 438 6.67 -4.52 22.42
CA LEU D 438 7.98 -4.24 22.94
C LEU D 438 8.00 -4.26 24.45
N ARG D 439 6.85 -4.02 25.08
CA ARG D 439 6.75 -4.10 26.51
C ARG D 439 6.90 -5.54 26.95
N GLU D 440 6.23 -6.47 26.29
CA GLU D 440 6.33 -7.87 26.66
C GLU D 440 7.72 -8.43 26.37
N VAL D 441 8.36 -7.97 25.30
CA VAL D 441 9.70 -8.43 24.94
C VAL D 441 10.65 -8.05 26.05
N LEU D 442 10.61 -6.80 26.50
CA LEU D 442 11.51 -6.33 27.53
C LEU D 442 11.28 -7.07 28.83
N SER D 443 10.04 -7.36 29.15
CA SER D 443 9.70 -8.03 30.38
C SER D 443 10.31 -9.42 30.42
N ARG D 444 10.19 -10.17 29.34
CA ARG D 444 10.68 -11.52 29.27
C ARG D 444 12.21 -11.55 29.31
N LEU D 445 12.86 -10.65 28.57
CA LEU D 445 14.31 -10.60 28.55
C LEU D 445 14.86 -10.30 29.93
N ARG D 446 14.21 -9.42 30.67
CA ARG D 446 14.69 -9.00 31.96
C ARG D 446 14.49 -10.11 32.99
N ALA D 447 13.44 -10.90 32.84
CA ALA D 447 13.19 -11.98 33.77
C ALA D 447 14.13 -13.15 33.57
N ALA D 448 14.68 -13.28 32.37
CA ALA D 448 15.50 -14.42 32.03
C ALA D 448 16.98 -14.14 32.21
N TYR D 449 17.42 -12.90 32.09
CA TYR D 449 18.84 -12.64 31.97
C TYR D 449 19.34 -11.58 32.95
N THR D 450 18.52 -11.06 33.86
CA THR D 450 18.92 -9.90 34.66
C THR D 450 18.56 -10.04 36.13
N LEU D 451 18.02 -11.17 36.57
CA LEU D 451 17.68 -11.39 37.96
C LEU D 451 18.85 -12.06 38.67
N LYS D 452 18.64 -13.19 39.35
CA LYS D 452 19.64 -13.77 40.23
C LYS D 452 20.57 -14.75 39.53
N VAL D 453 20.36 -15.05 38.25
CA VAL D 453 21.25 -15.92 37.50
C VAL D 453 21.69 -15.22 36.23
N GLY D 454 23.00 -15.07 36.05
CA GLY D 454 23.58 -14.54 34.83
C GLY D 454 24.34 -15.61 34.06
N SER D 455 24.18 -15.64 32.74
CA SER D 455 24.63 -16.76 31.94
C SER D 455 25.41 -16.28 30.73
N GLU D 456 26.47 -17.02 30.38
CA GLU D 456 27.27 -16.79 29.19
C GLU D 456 27.31 -18.07 28.36
N TYR D 457 26.71 -18.06 27.16
CA TYR D 457 26.64 -19.25 26.34
C TYR D 457 26.64 -18.99 24.84
N THR D 458 26.77 -17.74 24.39
CA THR D 458 26.53 -17.40 22.99
C THR D 458 27.81 -17.58 22.19
N HIS D 459 28.93 -17.80 22.87
CA HIS D 459 30.22 -18.01 22.25
C HIS D 459 30.40 -19.45 21.78
N ILE D 460 29.49 -20.36 22.17
CA ILE D 460 29.58 -21.76 21.78
C ILE D 460 29.29 -21.88 20.29
N LEU D 461 30.02 -22.77 19.60
CA LEU D 461 29.99 -22.85 18.15
C LEU D 461 28.89 -23.78 17.65
N ASP D 462 28.53 -24.80 18.43
CA ASP D 462 27.55 -25.78 18.01
C ASP D 462 26.14 -25.24 18.23
N ARG D 463 25.24 -25.49 17.27
CA ARG D 463 23.92 -24.90 17.27
C ARG D 463 23.00 -25.65 18.22
N ASP D 464 23.15 -26.96 18.32
CA ASP D 464 22.30 -27.78 19.17
C ASP D 464 22.55 -27.53 20.64
N GLU D 465 23.82 -27.33 21.02
CA GLU D 465 24.18 -26.95 22.38
C GLU D 465 23.55 -25.62 22.76
N ARG D 466 23.74 -24.61 21.92
CA ARG D 466 23.20 -23.28 22.18
C ARG D 466 21.70 -23.32 22.37
N THR D 467 21.00 -24.09 21.54
CA THR D 467 19.55 -24.12 21.58
C THR D 467 19.07 -24.79 22.85
N TRP D 468 19.78 -25.80 23.32
CA TRP D 468 19.42 -26.52 24.52
C TRP D 468 19.46 -25.61 25.72
N LEU D 469 20.54 -24.83 25.84
CA LEU D 469 20.72 -23.91 26.95
C LEU D 469 19.70 -22.79 26.88
N GLN D 470 19.51 -22.23 25.69
CA GLN D 470 18.62 -21.10 25.48
C GLN D 470 17.20 -21.45 25.86
N ASP D 471 16.77 -22.67 25.53
CA ASP D 471 15.41 -23.10 25.79
C ASP D 471 15.19 -23.26 27.29
N ARG D 472 16.17 -23.80 28.00
CA ARG D 472 16.00 -24.10 29.41
C ARG D 472 16.15 -22.87 30.26
N LEU D 473 16.82 -21.85 29.74
CA LEU D 473 17.14 -20.65 30.49
C LEU D 473 16.01 -19.65 30.36
N GLU D 474 15.17 -19.79 29.34
CA GLU D 474 14.06 -18.89 29.07
C GLU D 474 12.74 -19.49 29.54
N ALA D 475 12.70 -20.78 29.83
CA ALA D 475 11.54 -21.38 30.47
C ALA D 475 11.46 -20.93 31.91
N GLY D 476 12.61 -20.83 32.57
CA GLY D 476 12.68 -20.34 33.94
C GLY D 476 12.86 -21.46 34.94
N MET D 477 13.01 -21.09 36.21
CA MET D 477 13.18 -22.05 37.29
C MET D 477 11.80 -22.52 37.74
N PRO D 478 11.53 -23.84 37.77
CA PRO D 478 10.24 -24.34 38.23
C PRO D 478 10.04 -24.18 39.73
N LYS D 479 8.79 -24.01 40.15
CA LYS D 479 8.47 -23.72 41.53
C LYS D 479 8.63 -24.99 42.36
N PRO D 480 9.41 -24.98 43.46
CA PRO D 480 9.60 -26.17 44.27
C PRO D 480 8.49 -26.44 45.28
N THR D 481 8.39 -27.69 45.71
CA THR D 481 7.36 -28.14 46.62
C THR D 481 7.75 -27.77 48.04
N GLN D 482 6.86 -28.02 49.00
CA GLN D 482 7.10 -27.61 50.37
C GLN D 482 8.14 -28.52 51.02
N ALA D 483 8.10 -29.81 50.70
CA ALA D 483 9.07 -30.73 51.23
C ALA D 483 10.48 -30.36 50.80
N GLU D 484 10.62 -29.96 49.54
CA GLU D 484 11.90 -29.54 48.99
C GLU D 484 12.40 -28.30 49.71
N GLN D 485 11.51 -27.36 49.98
CA GLN D 485 11.87 -26.12 50.63
C GLN D 485 12.36 -26.38 52.05
N LYS D 486 11.76 -27.32 52.76
CA LYS D 486 12.15 -27.59 54.12
C LYS D 486 13.52 -28.27 54.13
N TYR D 487 13.83 -29.04 53.08
CA TYR D 487 15.10 -29.72 52.99
C TYR D 487 16.22 -28.72 52.79
N ILE D 488 15.99 -27.67 52.00
CA ILE D 488 16.99 -26.64 51.81
C ILE D 488 17.25 -25.93 53.13
N LEU D 489 16.23 -25.73 53.96
CA LEU D 489 16.39 -25.02 55.22
C LEU D 489 17.17 -25.87 56.21
N GLN D 490 17.01 -27.19 56.18
CA GLN D 490 17.76 -28.07 57.06
C GLN D 490 19.25 -28.01 56.79
N LYS D 491 19.63 -27.95 55.51
CA LYS D 491 21.02 -27.95 55.12
C LYS D 491 21.67 -26.62 55.46
N LEU D 492 20.96 -25.50 55.25
CA LEU D 492 21.49 -24.19 55.61
C LEU D 492 21.71 -24.12 57.11
N ASN D 493 20.79 -24.68 57.88
CA ASN D 493 20.91 -24.63 59.32
C ASN D 493 22.13 -25.39 59.77
N ALA D 494 22.34 -26.58 59.21
CA ALA D 494 23.45 -27.44 59.60
C ALA D 494 24.76 -26.71 59.41
N ALA D 495 24.92 -26.07 58.26
CA ALA D 495 26.14 -25.34 57.94
C ALA D 495 26.44 -24.28 58.99
N GLU D 496 25.49 -23.38 59.23
CA GLU D 496 25.71 -22.25 60.11
C GLU D 496 25.89 -22.72 61.55
N ALA D 497 25.13 -23.73 61.96
CA ALA D 497 25.16 -24.19 63.33
C ALA D 497 26.51 -24.79 63.69
N PHE D 498 27.09 -25.56 62.76
CA PHE D 498 28.36 -26.22 62.95
C PHE D 498 29.46 -25.19 63.17
N GLU D 499 29.44 -24.11 62.39
CA GLU D 499 30.43 -23.07 62.48
C GLU D 499 30.38 -22.39 63.84
N ASN D 500 29.16 -22.08 64.30
CA ASN D 500 28.97 -21.38 65.55
C ASN D 500 29.38 -22.24 66.73
N PHE D 501 29.16 -23.55 66.63
CA PHE D 501 29.53 -24.43 67.71
C PHE D 501 31.03 -24.43 67.93
N LEU D 502 31.80 -24.54 66.84
CA LEU D 502 33.25 -24.58 66.90
C LEU D 502 33.79 -23.25 67.42
N GLN D 503 33.16 -22.15 67.03
CA GLN D 503 33.58 -20.83 67.46
C GLN D 503 33.50 -20.74 68.97
N THR D 504 32.44 -21.31 69.55
CA THR D 504 32.16 -21.18 70.97
C THR D 504 33.05 -22.07 71.81
N LYS D 505 33.36 -23.28 71.35
CA LYS D 505 34.06 -24.25 72.18
C LYS D 505 35.57 -24.20 71.98
N TYR D 506 36.05 -23.71 70.83
CA TYR D 506 37.48 -23.61 70.56
C TYR D 506 37.78 -22.25 69.93
N VAL D 507 38.20 -21.28 70.75
CA VAL D 507 38.15 -19.88 70.35
C VAL D 507 39.36 -19.54 69.49
N GLY D 508 40.55 -19.87 69.96
CA GLY D 508 41.77 -19.44 69.32
C GLY D 508 42.12 -20.24 68.05
N GLN D 509 41.51 -21.43 67.91
CA GLN D 509 42.00 -22.40 66.95
C GLN D 509 41.56 -22.02 65.53
N LYS D 510 42.42 -22.33 64.56
CA LYS D 510 42.29 -21.97 63.17
C LYS D 510 41.40 -22.99 62.47
N ARG D 511 40.35 -22.54 61.77
CA ARG D 511 39.40 -23.48 61.18
C ARG D 511 38.99 -23.11 59.75
N PHE D 512 39.25 -21.89 59.28
CA PHE D 512 38.89 -21.46 57.94
C PHE D 512 37.39 -21.62 57.70
N SER D 513 36.61 -20.65 58.17
CA SER D 513 35.17 -20.77 58.23
C SER D 513 34.53 -20.51 56.88
N LEU D 514 33.28 -20.96 56.75
CA LEU D 514 32.50 -20.88 55.53
C LEU D 514 31.42 -19.83 55.69
N GLU D 515 31.47 -19.06 56.77
CA GLU D 515 30.48 -18.05 57.06
C GLU D 515 30.52 -16.97 56.00
N GLY D 516 29.38 -16.72 55.37
CA GLY D 516 29.31 -15.86 54.23
C GLY D 516 29.00 -16.63 52.95
N ALA D 517 29.28 -17.94 52.97
CA ALA D 517 29.15 -18.78 51.80
C ALA D 517 28.54 -20.12 52.16
N GLU D 518 27.42 -20.09 52.88
CA GLU D 518 26.81 -21.32 53.36
C GLU D 518 25.95 -21.97 52.29
N ALA D 519 25.70 -21.28 51.18
CA ALA D 519 24.90 -21.85 50.11
C ALA D 519 25.66 -22.91 49.33
N LEU D 520 26.96 -23.03 49.57
CA LEU D 520 27.76 -24.07 48.97
C LEU D 520 27.28 -25.45 49.33
N ILE D 521 26.71 -25.64 50.53
CA ILE D 521 26.33 -26.96 50.98
C ILE D 521 25.10 -27.46 50.23
N PRO D 522 24.00 -26.72 50.11
CA PRO D 522 22.94 -27.11 49.20
C PRO D 522 23.25 -27.18 47.71
N LEU D 523 24.28 -26.48 47.22
CA LEU D 523 24.68 -26.58 45.82
C LEU D 523 25.33 -27.92 45.53
N MET D 524 26.25 -28.33 46.39
CA MET D 524 26.96 -29.58 46.23
C MET D 524 26.02 -30.75 46.41
N ASP D 525 25.04 -30.61 47.30
CA ASP D 525 24.06 -31.64 47.56
C ASP D 525 23.16 -31.85 46.35
N SER D 526 22.81 -30.75 45.67
CA SER D 526 21.95 -30.80 44.51
C SER D 526 22.61 -31.57 43.38
N ALA D 527 23.89 -31.31 43.15
CA ALA D 527 24.64 -31.93 42.08
C ALA D 527 24.79 -33.42 42.30
N ILE D 528 25.13 -33.83 43.53
CA ILE D 528 25.33 -35.22 43.87
C ILE D 528 24.02 -35.99 43.77
N ASP D 529 22.92 -35.33 44.09
CA ASP D 529 21.60 -35.94 44.05
C ASP D 529 21.18 -36.19 42.62
N THR D 530 21.48 -35.25 41.72
CA THR D 530 21.15 -35.37 40.32
C THR D 530 21.95 -36.49 39.68
N ALA D 531 23.20 -36.67 40.11
CA ALA D 531 24.05 -37.72 39.57
C ALA D 531 23.55 -39.09 39.99
N ALA D 532 23.02 -39.21 41.20
CA ALA D 532 22.47 -40.45 41.69
C ALA D 532 21.21 -40.83 40.92
N GLY D 533 20.47 -39.83 40.47
CA GLY D 533 19.30 -40.07 39.66
C GLY D 533 19.63 -40.54 38.25
N GLN D 534 20.79 -40.13 37.73
CA GLN D 534 21.21 -40.50 36.39
C GLN D 534 21.72 -41.93 36.37
N GLY D 535 22.09 -42.46 37.53
CA GLY D 535 22.44 -43.85 37.66
C GLY D 535 23.95 -44.09 37.64
N LEU D 536 24.74 -43.12 38.12
CA LEU D 536 26.18 -43.18 38.04
C LEU D 536 26.74 -43.80 39.30
N ASP D 537 28.07 -44.01 39.34
CA ASP D 537 28.69 -44.89 40.31
C ASP D 537 29.36 -44.14 41.46
N GLU D 538 30.10 -43.07 41.18
CA GLU D 538 30.88 -42.38 42.19
C GLU D 538 31.02 -40.90 41.87
N VAL D 539 31.29 -40.08 42.90
CA VAL D 539 31.67 -38.69 42.78
C VAL D 539 32.97 -38.48 43.54
N VAL D 540 33.99 -37.90 42.89
CA VAL D 540 35.28 -37.62 43.50
C VAL D 540 35.45 -36.11 43.65
N ILE D 541 35.84 -35.64 44.84
CA ILE D 541 35.92 -34.23 45.16
C ILE D 541 37.38 -33.84 45.43
N GLY D 542 37.77 -32.67 44.93
CA GLY D 542 39.00 -32.02 45.33
C GLY D 542 38.75 -30.56 45.66
N MET D 543 39.35 -30.05 46.74
CA MET D 543 39.07 -28.71 47.18
C MET D 543 40.20 -28.16 48.03
N PRO D 544 40.24 -26.82 48.25
CA PRO D 544 41.12 -26.21 49.24
C PRO D 544 40.61 -26.12 50.67
N HIS D 545 41.21 -25.21 51.46
CA HIS D 545 40.99 -25.05 52.89
C HIS D 545 39.61 -24.48 53.26
N ARG D 546 39.03 -23.63 52.42
CA ARG D 546 37.85 -22.86 52.77
C ARG D 546 36.63 -23.75 52.90
N GLY D 547 36.23 -24.05 54.13
CA GLY D 547 35.03 -24.80 54.42
C GLY D 547 35.21 -26.30 54.28
N ARG D 548 36.34 -26.84 54.70
CA ARG D 548 36.63 -28.23 54.46
C ARG D 548 35.97 -29.10 55.51
N LEU D 549 36.07 -28.70 56.77
CA LEU D 549 35.52 -29.47 57.86
C LEU D 549 34.00 -29.50 57.79
N ASN D 550 33.41 -28.53 57.10
CA ASN D 550 31.99 -28.43 56.92
C ASN D 550 31.53 -29.43 55.87
N VAL D 551 32.30 -29.56 54.79
CA VAL D 551 32.02 -30.49 53.70
C VAL D 551 32.24 -31.92 54.15
N LEU D 552 33.24 -32.16 54.98
CA LEU D 552 33.51 -33.49 55.49
C LEU D 552 32.35 -34.02 56.30
N PHE D 553 31.68 -33.16 57.06
CA PHE D 553 30.61 -33.60 57.94
C PHE D 553 29.27 -33.62 57.23
N ASN D 554 28.99 -32.65 56.36
CA ASN D 554 27.64 -32.47 55.83
C ASN D 554 27.46 -33.08 54.45
N ILE D 555 28.55 -33.33 53.70
CA ILE D 555 28.44 -33.90 52.36
C ILE D 555 28.99 -35.31 52.31
N VAL D 556 30.07 -35.62 53.01
CA VAL D 556 30.76 -36.89 52.84
C VAL D 556 30.35 -37.86 53.93
N GLY D 557 30.13 -37.38 55.15
CA GLY D 557 29.58 -38.21 56.21
C GLY D 557 30.61 -38.71 57.21
N LYS D 558 31.70 -37.98 57.38
CA LYS D 558 32.69 -38.30 58.39
C LYS D 558 32.05 -38.09 59.75
N PRO D 559 32.19 -39.02 60.72
CA PRO D 559 31.55 -38.89 62.03
C PRO D 559 32.07 -37.71 62.84
N LEU D 560 31.19 -37.17 63.69
CA LEU D 560 31.42 -35.90 64.35
C LEU D 560 32.44 -36.09 65.47
N ALA D 561 32.48 -37.29 66.03
CA ALA D 561 33.40 -37.59 67.10
C ALA D 561 34.83 -37.42 66.62
N SER D 562 35.08 -37.81 65.37
CA SER D 562 36.40 -37.74 64.78
C SER D 562 36.89 -36.30 64.71
N ILE D 563 36.00 -35.38 64.35
CA ILE D 563 36.38 -33.99 64.17
C ILE D 563 36.65 -33.33 65.51
N PHE D 564 35.84 -33.63 66.53
CA PHE D 564 36.05 -33.05 67.85
C PHE D 564 37.37 -33.56 68.43
N ASN D 565 37.68 -34.84 68.23
CA ASN D 565 38.91 -35.41 68.73
C ASN D 565 40.11 -34.69 68.12
N GLU D 566 40.02 -34.38 66.82
CA GLU D 566 41.09 -33.68 66.12
C GLU D 566 41.39 -32.35 66.82
N PHE D 567 40.34 -31.64 67.23
CA PHE D 567 40.47 -30.33 67.85
C PHE D 567 41.06 -30.44 69.26
N GLU D 568 40.96 -31.62 69.88
CA GLU D 568 41.49 -31.83 71.22
C GLU D 568 42.88 -32.46 71.17
N GLY D 569 43.40 -32.73 69.97
CA GLY D 569 44.80 -33.09 69.80
C GLY D 569 45.03 -34.58 69.55
N GLN D 570 43.95 -35.37 69.44
CA GLN D 570 44.06 -36.78 69.11
C GLN D 570 43.83 -36.95 67.61
N MET D 571 44.88 -37.40 66.89
CA MET D 571 44.87 -37.46 65.44
C MET D 571 44.92 -38.92 65.01
N GLU D 572 44.12 -39.26 63.98
CA GLU D 572 44.07 -40.62 63.46
C GLU D 572 45.35 -40.90 62.67
N GLN D 573 45.88 -42.12 62.83
CA GLN D 573 47.14 -42.51 62.24
C GLN D 573 46.89 -43.17 60.88
N GLY D 574 47.62 -42.72 59.86
CA GLY D 574 47.52 -43.25 58.52
C GLY D 574 48.41 -44.47 58.31
N GLN D 575 49.69 -44.31 58.63
CA GLN D 575 50.69 -45.36 58.51
C GLN D 575 51.41 -45.50 59.85
N ILE D 576 51.85 -46.72 60.17
CA ILE D 576 52.51 -46.98 61.42
C ILE D 576 53.85 -46.23 61.43
N GLY D 577 54.00 -45.31 62.39
CA GLY D 577 55.21 -44.54 62.55
C GLY D 577 55.26 -43.30 61.67
N GLY D 578 54.09 -42.84 61.22
CA GLY D 578 54.00 -41.71 60.30
C GLY D 578 54.03 -40.37 61.02
N SER D 579 54.27 -39.30 60.26
CA SER D 579 54.49 -37.96 60.81
C SER D 579 53.18 -37.18 60.89
N GLY D 580 52.32 -37.27 59.88
CA GLY D 580 51.00 -36.69 59.97
C GLY D 580 50.87 -35.40 59.18
N ASP D 581 49.70 -34.75 59.29
CA ASP D 581 49.44 -33.47 58.66
C ASP D 581 48.25 -32.80 59.35
N VAL D 582 48.08 -31.50 59.08
CA VAL D 582 47.06 -30.68 59.70
C VAL D 582 45.68 -31.12 59.23
N LYS D 583 44.66 -30.75 60.00
CA LYS D 583 43.34 -31.38 59.94
C LYS D 583 42.61 -31.04 58.64
N TYR D 584 42.96 -29.94 57.99
CA TYR D 584 42.26 -29.53 56.79
C TYR D 584 43.02 -29.96 55.53
N HIS D 585 43.78 -31.07 55.62
CA HIS D 585 44.46 -31.63 54.47
C HIS D 585 44.13 -33.10 54.27
N LEU D 586 43.10 -33.62 54.97
CA LEU D 586 42.83 -35.05 55.00
C LEU D 586 41.62 -35.39 54.13
N GLY D 587 41.45 -36.69 53.82
CA GLY D 587 40.35 -37.17 52.98
C GLY D 587 39.44 -38.17 53.70
N SER D 588 38.37 -38.61 53.02
CA SER D 588 37.45 -39.60 53.55
C SER D 588 36.53 -40.16 52.47
N GLU D 589 35.76 -41.21 52.81
CA GLU D 589 34.80 -41.85 51.92
C GLU D 589 33.43 -41.96 52.60
N GLY D 590 32.37 -42.13 51.80
CA GLY D 590 31.02 -42.24 52.32
C GLY D 590 29.99 -42.60 51.26
N GLN D 591 28.71 -42.67 51.66
CA GLN D 591 27.59 -42.97 50.79
C GLN D 591 26.57 -41.84 50.86
N HIS D 592 25.78 -41.66 49.80
CA HIS D 592 24.74 -40.65 49.77
C HIS D 592 23.47 -41.28 49.22
N LEU D 593 22.38 -41.19 49.99
CA LEU D 593 21.08 -41.71 49.61
C LEU D 593 20.21 -40.56 49.13
N GLN D 594 19.47 -40.81 48.05
CA GLN D 594 18.59 -39.83 47.45
C GLN D 594 17.41 -39.59 48.38
N MET D 595 17.01 -38.33 48.58
CA MET D 595 16.02 -37.97 49.58
C MET D 595 14.62 -38.28 49.07
N PHE D 596 14.39 -38.01 47.78
CA PHE D 596 13.11 -38.26 47.14
C PHE D 596 13.33 -39.16 45.94
N GLY D 597 13.87 -40.36 46.18
CA GLY D 597 14.16 -41.32 45.14
C GLY D 597 14.72 -42.61 45.73
N ASP D 598 15.08 -43.57 44.86
CA ASP D 598 15.59 -44.85 45.31
C ASP D 598 17.07 -44.99 44.94
N GLY D 599 17.74 -43.88 44.64
CA GLY D 599 19.12 -43.91 44.20
C GLY D 599 20.11 -43.91 45.36
N GLU D 600 21.36 -44.28 45.05
CA GLU D 600 22.45 -44.30 46.01
C GLU D 600 23.75 -44.12 45.24
N ILE D 601 24.70 -43.34 45.79
CA ILE D 601 25.96 -43.07 45.12
C ILE D 601 27.06 -43.02 46.18
N LYS D 602 28.31 -43.21 45.74
CA LYS D 602 29.47 -43.19 46.60
C LYS D 602 30.19 -41.85 46.47
N VAL D 603 30.69 -41.29 47.57
CA VAL D 603 31.33 -39.99 47.59
C VAL D 603 32.69 -40.09 48.25
N SER D 604 33.71 -39.53 47.60
CA SER D 604 35.10 -39.58 48.07
C SER D 604 35.72 -38.19 48.05
N LEU D 605 36.66 -37.94 48.96
CA LEU D 605 37.43 -36.70 48.99
C LEU D 605 38.91 -37.02 49.14
N THR D 606 39.76 -36.34 48.37
CA THR D 606 41.17 -36.68 48.23
C THR D 606 42.05 -35.74 49.04
N ALA D 607 43.22 -36.23 49.44
CA ALA D 607 44.18 -35.48 50.23
C ALA D 607 44.91 -34.48 49.36
N ASN D 608 45.50 -33.45 49.98
CA ASN D 608 46.21 -32.43 49.24
C ASN D 608 47.12 -31.64 50.15
N PRO D 609 48.19 -31.01 49.63
CA PRO D 609 49.00 -30.07 50.39
C PRO D 609 48.52 -28.63 50.39
N SER D 610 49.27 -27.76 51.05
CA SER D 610 48.92 -26.35 51.15
C SER D 610 49.06 -25.63 49.82
N HIS D 611 49.96 -26.11 48.97
CA HIS D 611 50.18 -25.53 47.65
C HIS D 611 48.89 -25.58 46.87
N LEU D 612 48.37 -24.42 46.48
CA LEU D 612 47.06 -24.31 45.88
C LEU D 612 47.09 -24.84 44.46
N GLU D 613 46.03 -25.57 44.10
CA GLU D 613 45.72 -26.00 42.75
C GLU D 613 46.62 -27.15 42.30
N ALA D 614 47.30 -27.82 43.23
CA ALA D 614 48.16 -28.94 42.89
C ALA D 614 47.39 -30.26 42.88
N VAL D 615 46.10 -30.21 43.21
CA VAL D 615 45.25 -31.38 43.30
C VAL D 615 44.47 -31.55 42.00
N ASN D 616 44.56 -30.60 41.08
CA ASN D 616 43.74 -30.61 39.89
C ASN D 616 44.12 -31.79 39.00
N PRO D 617 45.38 -31.95 38.54
CA PRO D 617 45.75 -33.13 37.78
C PRO D 617 45.66 -34.46 38.50
N VAL D 618 45.86 -34.46 39.82
CA VAL D 618 45.85 -35.68 40.60
C VAL D 618 44.44 -36.25 40.64
N MET D 619 43.42 -35.41 40.79
CA MET D 619 42.07 -35.94 40.94
C MET D 619 41.52 -36.34 39.58
N GLU D 620 42.03 -35.77 38.49
CA GLU D 620 41.63 -36.17 37.15
C GLU D 620 42.13 -37.57 36.83
N GLY D 621 43.34 -37.89 37.25
CA GLY D 621 43.89 -39.22 37.08
C GLY D 621 43.17 -40.29 37.89
N ILE D 622 42.74 -39.95 39.12
CA ILE D 622 42.00 -40.88 39.95
C ILE D 622 40.71 -41.26 39.25
N VAL D 623 40.05 -40.30 38.61
CA VAL D 623 38.78 -40.56 37.98
C VAL D 623 38.97 -41.45 36.76
N ARG D 624 40.04 -41.21 35.99
CA ARG D 624 40.29 -41.95 34.76
C ARG D 624 40.59 -43.40 35.09
N ALA D 625 41.31 -43.65 36.17
CA ALA D 625 41.66 -45.01 36.54
C ALA D 625 40.43 -45.80 36.97
N LYS D 626 39.51 -45.14 37.68
CA LYS D 626 38.30 -45.78 38.14
C LYS D 626 37.39 -46.10 36.98
N GLN D 627 37.32 -45.22 35.99
CA GLN D 627 36.49 -45.44 34.83
C GLN D 627 37.01 -46.62 34.03
N ASP D 628 38.33 -46.76 33.92
CA ASP D 628 38.93 -47.81 33.12
C ASP D 628 38.69 -49.17 33.74
N TYR D 629 38.60 -49.23 35.07
CA TYR D 629 38.37 -50.47 35.78
C TYR D 629 36.94 -50.96 35.62
N LEU D 630 35.98 -50.05 35.51
CA LEU D 630 34.60 -50.43 35.36
C LEU D 630 34.34 -50.95 33.95
N ASP D 631 34.90 -50.27 32.94
CA ASP D 631 34.95 -50.78 31.58
C ASP D 631 33.57 -50.83 30.95
N LYS D 632 32.94 -49.66 30.79
CA LYS D 632 31.60 -49.57 30.25
C LYS D 632 31.59 -48.93 28.86
N GLY D 633 32.74 -48.52 28.35
CA GLY D 633 32.84 -48.07 26.96
C GLY D 633 32.68 -46.56 26.80
N VAL D 634 32.38 -46.15 25.56
CA VAL D 634 32.34 -44.75 25.16
C VAL D 634 31.09 -44.08 25.72
N ASP D 635 30.02 -44.87 25.92
CA ASP D 635 28.75 -44.38 26.41
C ASP D 635 28.70 -44.46 27.94
N GLY D 636 29.85 -44.75 28.56
CA GLY D 636 29.95 -44.88 30.00
C GLY D 636 30.31 -43.56 30.64
N LYS D 637 31.53 -43.45 31.17
CA LYS D 637 32.02 -42.27 31.84
C LYS D 637 31.13 -41.96 33.04
N THR D 638 31.16 -42.85 34.04
CA THR D 638 30.18 -42.90 35.10
C THR D 638 30.77 -42.57 36.46
N VAL D 639 31.96 -41.95 36.49
CA VAL D 639 32.53 -41.37 37.69
C VAL D 639 32.68 -39.88 37.45
N VAL D 640 32.08 -39.06 38.32
CA VAL D 640 31.94 -37.62 38.12
C VAL D 640 32.99 -36.88 38.92
N PRO D 641 33.84 -36.02 38.30
CA PRO D 641 34.71 -35.12 39.05
C PRO D 641 34.10 -33.76 39.41
N LEU D 642 34.23 -33.38 40.69
CA LEU D 642 33.68 -32.14 41.22
C LEU D 642 34.79 -31.38 41.92
N LEU D 643 35.15 -30.21 41.38
CA LEU D 643 36.38 -29.54 41.73
C LEU D 643 36.10 -28.10 42.18
N LEU D 644 36.55 -27.75 43.39
CA LEU D 644 36.29 -26.47 44.01
C LEU D 644 37.55 -25.61 43.97
N HIS D 645 37.38 -24.29 43.78
CA HIS D 645 38.49 -23.36 43.71
C HIS D 645 38.18 -22.09 44.51
N GLY D 646 39.18 -21.23 44.67
CA GLY D 646 39.00 -19.85 45.09
C GLY D 646 39.30 -18.87 43.97
N ASP D 647 38.83 -17.64 44.09
CA ASP D 647 38.82 -16.69 42.99
C ASP D 647 40.24 -16.22 42.66
N ALA D 648 41.05 -15.90 43.66
CA ALA D 648 42.40 -15.44 43.43
C ALA D 648 43.27 -16.54 42.82
N ALA D 649 43.14 -17.77 43.32
CA ALA D 649 43.95 -18.86 42.85
C ALA D 649 43.59 -19.28 41.43
N PHE D 650 42.31 -19.20 41.08
CA PHE D 650 41.86 -19.66 39.79
C PHE D 650 42.37 -18.76 38.69
N ALA D 651 42.48 -17.45 38.94
CA ALA D 651 42.90 -16.50 37.94
C ALA D 651 44.40 -16.40 37.85
N GLY D 652 45.12 -16.80 38.89
CA GLY D 652 46.53 -16.48 39.00
C GLY D 652 47.45 -17.60 38.59
N LEU D 653 47.22 -18.81 39.11
CA LEU D 653 48.13 -19.92 38.93
C LEU D 653 47.90 -20.56 37.56
N GLY D 654 48.99 -21.00 36.93
CA GLY D 654 48.97 -21.46 35.55
C GLY D 654 48.61 -22.94 35.40
N ILE D 655 48.60 -23.68 36.50
CA ILE D 655 48.26 -25.09 36.50
C ILE D 655 46.79 -25.27 36.14
N VAL D 656 45.94 -24.27 36.37
CA VAL D 656 44.51 -24.40 36.16
C VAL D 656 44.22 -24.58 34.68
N PRO D 657 44.57 -23.62 33.77
CA PRO D 657 44.33 -23.81 32.35
C PRO D 657 45.11 -24.94 31.69
N GLU D 658 46.26 -25.29 32.27
CA GLU D 658 47.08 -26.38 31.78
C GLU D 658 46.36 -27.71 31.94
N THR D 659 45.54 -27.85 32.98
CA THR D 659 44.82 -29.08 33.26
C THR D 659 43.51 -29.12 32.47
N ILE D 660 42.89 -27.97 32.21
CA ILE D 660 41.66 -27.94 31.44
C ILE D 660 41.96 -28.31 30.00
N ASN D 661 43.21 -28.15 29.58
CA ASN D 661 43.62 -28.41 28.20
C ASN D 661 43.71 -29.91 27.92
N LEU D 662 43.67 -30.76 28.96
CA LEU D 662 43.71 -32.20 28.76
C LEU D 662 42.32 -32.81 28.62
N ALA D 663 41.26 -32.00 28.57
CA ALA D 663 39.91 -32.49 28.74
C ALA D 663 39.45 -33.36 27.59
N LYS D 664 39.84 -33.05 26.36
CA LYS D 664 39.31 -33.73 25.19
C LYS D 664 40.39 -34.55 24.49
N LEU D 665 41.46 -34.92 25.17
CA LEU D 665 42.53 -35.69 24.56
C LEU D 665 42.30 -37.17 24.84
N ARG D 666 42.98 -38.01 24.06
CA ARG D 666 42.61 -39.40 23.89
C ARG D 666 42.89 -40.18 25.16
N GLY D 667 44.00 -39.93 25.83
CA GLY D 667 44.32 -40.69 27.02
C GLY D 667 43.96 -39.99 28.33
N TYR D 668 43.17 -38.91 28.28
CA TYR D 668 42.93 -38.09 29.45
C TYR D 668 41.45 -37.75 29.66
N ASP D 669 40.58 -38.05 28.70
CA ASP D 669 39.19 -37.63 28.74
C ASP D 669 38.46 -38.39 29.85
N VAL D 670 37.62 -37.68 30.62
CA VAL D 670 36.86 -38.27 31.70
C VAL D 670 35.40 -37.87 31.62
N GLY D 671 34.97 -37.28 30.51
CA GLY D 671 33.57 -37.02 30.29
C GLY D 671 33.11 -35.65 30.75
N GLY D 672 34.04 -34.79 31.17
CA GLY D 672 33.69 -33.45 31.64
C GLY D 672 33.95 -33.29 33.13
N THR D 673 34.17 -32.05 33.56
CA THR D 673 34.40 -31.71 34.95
C THR D 673 33.47 -30.57 35.35
N ILE D 674 32.87 -30.66 36.55
CA ILE D 674 32.06 -29.60 37.10
C ILE D 674 32.93 -28.75 38.01
N HIS D 675 33.08 -27.46 37.69
CA HIS D 675 33.91 -26.54 38.45
C HIS D 675 33.06 -25.56 39.24
N ILE D 676 33.41 -25.33 40.52
CA ILE D 676 32.77 -24.32 41.35
C ILE D 676 33.83 -23.36 41.84
N VAL D 677 33.65 -22.06 41.58
CA VAL D 677 34.53 -21.02 42.06
C VAL D 677 33.80 -20.23 43.14
N VAL D 678 34.33 -20.24 44.36
CA VAL D 678 33.77 -19.52 45.49
C VAL D 678 34.31 -18.10 45.47
N ASN D 679 33.53 -17.18 44.91
CA ASN D 679 33.94 -15.82 44.65
C ASN D 679 33.50 -14.95 45.82
N ASN D 680 34.39 -14.75 46.79
CA ASN D 680 34.08 -13.98 47.96
C ASN D 680 34.81 -12.64 47.92
N GLN D 681 35.29 -12.28 46.74
CA GLN D 681 35.65 -10.91 46.41
C GLN D 681 36.89 -10.46 47.17
N ILE D 682 37.76 -11.39 47.57
CA ILE D 682 38.96 -11.04 48.28
C ILE D 682 39.92 -12.23 48.32
N GLY D 683 41.22 -11.92 48.29
CA GLY D 683 42.29 -12.88 48.44
C GLY D 683 42.60 -13.12 49.90
N PHE D 684 43.75 -12.64 50.36
CA PHE D 684 44.07 -12.63 51.78
C PHE D 684 43.93 -11.20 52.26
N THR D 685 44.78 -10.31 51.72
CA THR D 685 44.70 -8.89 51.94
C THR D 685 44.62 -8.16 50.60
N THR D 686 44.28 -8.88 49.53
CA THR D 686 44.39 -8.36 48.18
C THR D 686 43.03 -8.41 47.51
N THR D 687 42.67 -7.34 46.79
CA THR D 687 41.38 -7.22 46.14
C THR D 687 41.52 -7.55 44.67
N PRO D 688 40.43 -7.86 43.95
CA PRO D 688 40.48 -8.26 42.56
C PRO D 688 41.20 -7.36 41.57
N ASP D 689 41.35 -6.08 41.91
CA ASP D 689 42.01 -5.12 41.04
C ASP D 689 43.52 -5.40 40.96
N SER D 690 44.05 -6.13 41.94
CA SER D 690 45.46 -6.45 41.98
C SER D 690 45.71 -7.93 41.72
N SER D 691 44.69 -8.68 41.32
CA SER D 691 44.78 -10.13 41.23
C SER D 691 44.60 -10.63 39.81
N ARG D 692 43.87 -9.91 38.95
CA ARG D 692 43.63 -10.40 37.62
C ARG D 692 43.44 -9.25 36.64
N SER D 693 43.59 -9.56 35.36
CA SER D 693 43.40 -8.65 34.26
C SER D 693 42.19 -9.04 33.43
N MET D 694 41.40 -10.00 33.92
CA MET D 694 40.15 -10.40 33.29
C MET D 694 39.02 -9.74 34.05
N HIS D 695 37.83 -9.61 33.43
CA HIS D 695 36.69 -8.99 34.07
C HIS D 695 36.10 -9.92 35.12
N TYR D 696 35.93 -11.20 34.77
CA TYR D 696 35.47 -12.23 35.69
C TYR D 696 36.60 -13.23 35.92
N ALA D 697 36.53 -13.95 37.03
CA ALA D 697 37.53 -14.94 37.38
C ALA D 697 37.40 -16.19 36.51
N THR D 698 36.22 -16.40 35.93
CA THR D 698 35.91 -17.60 35.19
C THR D 698 35.99 -17.37 33.69
N ASP D 699 36.94 -16.54 33.22
CA ASP D 699 36.98 -16.16 31.82
C ASP D 699 37.81 -17.13 30.99
N TYR D 700 38.51 -18.08 31.62
CA TYR D 700 39.20 -19.13 30.90
C TYR D 700 38.21 -20.04 30.17
N ALA D 701 36.95 -20.04 30.59
CA ALA D 701 35.92 -20.83 29.95
C ALA D 701 35.73 -20.45 28.49
N LYS D 702 35.93 -19.17 28.17
CA LYS D 702 35.72 -18.70 26.82
C LYS D 702 36.84 -19.14 25.89
N ALA D 703 37.97 -19.56 26.44
CA ALA D 703 39.07 -20.07 25.64
C ALA D 703 38.81 -21.51 25.20
N PHE D 704 37.94 -22.22 25.93
CA PHE D 704 37.71 -23.63 25.70
C PHE D 704 36.32 -23.92 25.19
N GLY D 705 35.46 -22.91 25.11
CA GLY D 705 34.14 -23.04 24.50
C GLY D 705 33.13 -23.71 25.42
N CYS D 706 33.04 -23.23 26.67
CA CYS D 706 32.21 -23.87 27.68
C CYS D 706 31.28 -22.85 28.33
N PRO D 707 30.10 -23.24 28.85
CA PRO D 707 29.19 -22.31 29.49
C PRO D 707 29.50 -21.88 30.92
N VAL D 708 29.08 -20.68 31.31
CA VAL D 708 29.30 -20.16 32.65
C VAL D 708 27.98 -19.69 33.24
N PHE D 709 27.75 -19.99 34.52
CA PHE D 709 26.58 -19.55 35.26
C PHE D 709 27.02 -18.79 36.51
N HIS D 710 26.63 -17.52 36.64
CA HIS D 710 26.87 -16.72 37.81
C HIS D 710 25.61 -16.66 38.66
N VAL D 711 25.69 -16.95 39.96
CA VAL D 711 24.52 -17.04 40.80
C VAL D 711 24.76 -16.33 42.12
N ASN D 712 23.71 -15.68 42.62
CA ASN D 712 23.69 -14.95 43.87
C ASN D 712 23.63 -15.93 45.02
N GLY D 713 24.51 -15.75 46.00
CA GLY D 713 24.66 -16.69 47.08
C GLY D 713 23.70 -16.42 48.25
N ASP D 714 22.77 -15.49 48.08
CA ASP D 714 21.74 -15.25 49.07
C ASP D 714 20.36 -15.57 48.50
N ASP D 715 20.29 -16.40 47.45
CA ASP D 715 19.02 -16.90 46.93
C ASP D 715 19.11 -18.41 46.77
N PRO D 716 18.87 -19.19 47.85
CA PRO D 716 19.15 -20.62 47.82
C PRO D 716 18.40 -21.48 46.81
N GLU D 717 17.23 -21.06 46.36
CA GLU D 717 16.47 -21.85 45.41
C GLU D 717 17.09 -21.75 44.03
N ALA D 718 17.66 -20.59 43.69
CA ALA D 718 18.35 -20.43 42.43
C ALA D 718 19.65 -21.20 42.41
N VAL D 719 20.29 -21.37 43.56
CA VAL D 719 21.55 -22.09 43.65
C VAL D 719 21.29 -23.57 43.38
N VAL D 720 20.17 -24.09 43.87
CA VAL D 720 19.83 -25.49 43.71
C VAL D 720 19.48 -25.78 42.27
N TRP D 721 18.88 -24.81 41.58
CA TRP D 721 18.52 -24.99 40.19
C TRP D 721 19.76 -25.03 39.31
N VAL D 722 20.75 -24.20 39.59
CA VAL D 722 21.95 -24.10 38.77
C VAL D 722 22.77 -25.37 38.92
N GLY D 723 22.77 -25.96 40.11
CA GLY D 723 23.47 -27.21 40.33
C GLY D 723 22.92 -28.36 39.50
N GLN D 724 21.59 -28.42 39.39
CA GLN D 724 20.91 -29.46 38.64
C GLN D 724 21.16 -29.29 37.15
N LEU D 725 21.11 -28.07 36.66
CA LEU D 725 21.22 -27.77 35.25
C LEU D 725 22.63 -28.05 34.74
N ALA D 726 23.64 -27.86 35.60
CA ALA D 726 25.02 -28.10 35.25
C ALA D 726 25.30 -29.59 35.10
N THR D 727 24.74 -30.40 35.99
CA THR D 727 24.96 -31.83 35.98
C THR D 727 24.27 -32.49 34.79
N GLU D 728 23.16 -31.91 34.33
CA GLU D 728 22.46 -32.41 33.17
C GLU D 728 23.22 -32.08 31.90
N TYR D 729 23.84 -30.90 31.84
CA TYR D 729 24.60 -30.48 30.67
C TYR D 729 25.81 -31.38 30.48
N ARG D 730 26.44 -31.80 31.58
CA ARG D 730 27.61 -32.64 31.52
C ARG D 730 27.27 -34.01 30.96
N ARG D 731 26.10 -34.54 31.33
CA ARG D 731 25.72 -35.88 30.94
C ARG D 731 25.35 -35.95 29.47
N ARG D 732 24.82 -34.87 28.91
CA ARG D 732 24.35 -34.90 27.54
C ARG D 732 25.47 -34.61 26.56
N PHE D 733 26.39 -33.69 26.89
CA PHE D 733 27.32 -33.18 25.92
C PHE D 733 28.76 -33.59 26.20
N GLY D 734 29.07 -33.98 27.44
CA GLY D 734 30.38 -34.51 27.75
C GLY D 734 31.48 -33.46 27.80
N LYS D 735 31.16 -32.26 28.29
CA LYS D 735 32.08 -31.14 28.32
C LYS D 735 32.11 -30.53 29.72
N ASP D 736 33.03 -29.59 29.93
CA ASP D 736 33.22 -28.93 31.21
C ASP D 736 32.20 -27.81 31.38
N VAL D 737 31.85 -27.50 32.63
CA VAL D 737 30.86 -26.50 32.98
C VAL D 737 31.36 -25.74 34.19
N PHE D 738 31.11 -24.43 34.27
CA PHE D 738 31.65 -23.57 35.31
C PHE D 738 30.55 -22.82 36.05
N ILE D 739 30.60 -22.86 37.39
CA ILE D 739 29.67 -22.14 38.25
C ILE D 739 30.45 -21.14 39.10
N ASP D 740 29.96 -19.89 39.13
CA ASP D 740 30.54 -18.80 39.91
C ASP D 740 29.56 -18.40 41.00
N LEU D 741 29.89 -18.74 42.25
CA LEU D 741 29.03 -18.47 43.39
C LEU D 741 29.51 -17.20 44.07
N VAL D 742 28.74 -16.12 43.93
CA VAL D 742 29.13 -14.81 44.42
C VAL D 742 28.64 -14.65 45.86
N CYS D 743 29.57 -14.39 46.78
CA CYS D 743 29.32 -14.34 48.19
C CYS D 743 30.34 -13.45 48.89
N TYR D 744 30.47 -13.51 50.22
CA TYR D 744 31.44 -12.71 50.95
C TYR D 744 32.11 -13.53 52.03
N ARG D 745 33.11 -12.96 52.70
CA ARG D 745 33.84 -13.58 53.79
C ARG D 745 33.60 -12.77 55.06
N LEU D 746 32.98 -13.37 56.08
CA LEU D 746 32.46 -12.64 57.22
C LEU D 746 33.58 -12.20 58.15
N ARG D 747 34.52 -13.08 58.42
CA ARG D 747 35.63 -12.77 59.29
C ARG D 747 36.86 -12.49 58.44
N GLY D 748 38.04 -12.49 59.07
CA GLY D 748 39.29 -12.36 58.36
C GLY D 748 39.70 -13.66 57.65
N HIS D 749 40.91 -13.67 57.11
CA HIS D 749 41.40 -14.81 56.36
C HIS D 749 41.39 -16.04 57.26
N ASN D 750 41.91 -15.86 58.47
CA ASN D 750 41.76 -16.82 59.54
C ASN D 750 41.08 -16.09 60.69
N GLU D 751 40.90 -16.76 61.83
CA GLU D 751 40.11 -16.21 62.92
C GLU D 751 40.99 -15.41 63.88
N ALA D 752 42.21 -15.08 63.47
CA ALA D 752 43.10 -14.30 64.30
C ALA D 752 43.49 -12.98 63.61
N ASP D 753 42.82 -12.64 62.50
CA ASP D 753 43.22 -11.52 61.68
C ASP D 753 42.13 -10.46 61.69
N ASP D 754 42.54 -9.18 61.54
CA ASP D 754 41.62 -8.06 61.49
C ASP D 754 41.58 -7.48 60.09
N PRO D 755 40.48 -7.66 59.33
CA PRO D 755 40.43 -7.17 57.96
C PRO D 755 40.19 -5.68 57.75
N SER D 756 39.93 -4.95 58.83
CA SER D 756 39.61 -3.53 58.75
C SER D 756 40.86 -2.70 58.54
N MET D 757 42.05 -3.27 58.80
CA MET D 757 43.29 -2.55 58.66
C MET D 757 43.49 -2.15 57.20
N THR D 758 43.05 -3.00 56.27
CA THR D 758 43.37 -2.83 54.87
C THR D 758 42.12 -2.71 53.98
N GLN D 759 40.96 -3.17 54.44
CA GLN D 759 39.72 -3.01 53.69
C GLN D 759 38.64 -2.39 54.58
N PRO D 760 38.75 -1.10 54.97
CA PRO D 760 37.76 -0.48 55.85
C PRO D 760 36.34 -0.34 55.33
N LYS D 761 36.18 0.05 54.07
CA LYS D 761 34.88 0.38 53.54
C LYS D 761 34.07 -0.87 53.24
N MET D 762 34.75 -1.95 52.86
CA MET D 762 34.09 -3.19 52.51
C MET D 762 33.54 -3.84 53.77
N TYR D 763 34.21 -3.67 54.91
CA TYR D 763 33.78 -4.32 56.13
C TYR D 763 32.85 -3.43 56.93
N GLU D 764 32.47 -2.26 56.40
CA GLU D 764 31.34 -1.52 56.92
C GLU D 764 30.04 -2.11 56.40
N LEU D 765 30.06 -2.65 55.18
CA LEU D 765 28.89 -3.26 54.60
C LEU D 765 28.65 -4.67 55.13
N ILE D 766 29.67 -5.33 55.68
CA ILE D 766 29.56 -6.74 56.01
C ILE D 766 29.16 -6.90 57.45
N THR D 767 29.74 -6.11 58.35
CA THR D 767 29.50 -6.29 59.76
C THR D 767 28.07 -5.92 60.12
N GLY D 768 27.36 -6.86 60.73
CA GLY D 768 26.01 -6.62 61.22
C GLY D 768 24.92 -6.94 60.20
N ARG D 769 25.23 -7.74 59.17
CA ARG D 769 24.22 -8.21 58.24
C ARG D 769 23.42 -9.32 58.89
N GLU D 770 22.33 -9.73 58.24
CA GLU D 770 21.61 -10.91 58.65
C GLU D 770 21.97 -12.04 57.70
N THR D 771 22.07 -13.26 58.24
CA THR D 771 22.61 -14.40 57.53
C THR D 771 21.62 -14.95 56.53
N VAL D 772 22.07 -15.88 55.69
CA VAL D 772 21.27 -16.43 54.61
C VAL D 772 20.21 -17.36 55.16
N ARG D 773 20.47 -17.98 56.30
CA ARG D 773 19.50 -18.83 56.96
C ARG D 773 18.36 -18.01 57.53
N ALA D 774 18.69 -16.87 58.13
CA ALA D 774 17.71 -15.99 58.72
C ALA D 774 16.80 -15.38 57.67
N GLN D 775 17.36 -14.94 56.57
CA GLN D 775 16.58 -14.36 55.50
C GLN D 775 15.64 -15.40 54.91
N TYR D 776 16.07 -16.64 54.76
CA TYR D 776 15.28 -17.64 54.08
C TYR D 776 14.14 -18.09 54.98
N THR D 777 14.37 -18.16 56.29
CA THR D 777 13.34 -18.52 57.23
C THR D 777 12.25 -17.47 57.24
N GLU D 778 12.63 -16.20 57.11
CA GLU D 778 11.69 -15.10 57.15
C GLU D 778 10.84 -15.10 55.91
N ASP D 779 11.42 -15.43 54.76
CA ASP D 779 10.70 -15.46 53.50
C ASP D 779 9.65 -16.57 53.49
N LEU D 780 9.98 -17.75 54.00
CA LEU D 780 9.08 -18.88 53.98
C LEU D 780 7.91 -18.64 54.92
N LEU D 781 8.15 -18.05 56.09
CA LEU D 781 7.08 -17.75 57.04
C LEU D 781 6.17 -16.69 56.47
N GLY D 782 6.71 -15.80 55.66
CA GLY D 782 5.89 -14.77 55.04
C GLY D 782 4.94 -15.31 54.00
N ARG D 783 5.40 -16.24 53.17
CA ARG D 783 4.58 -16.77 52.10
C ARG D 783 3.72 -17.92 52.59
N GLY D 784 3.81 -18.26 53.86
CA GLY D 784 2.94 -19.25 54.45
C GLY D 784 3.34 -20.68 54.11
N ASP D 785 4.63 -20.88 53.84
CA ASP D 785 5.15 -22.17 53.37
C ASP D 785 5.72 -22.98 54.54
N LEU D 786 5.70 -22.44 55.76
CA LEU D 786 6.27 -23.11 56.92
C LEU D 786 5.63 -22.55 58.19
N SER D 787 5.47 -23.38 59.22
CA SER D 787 4.94 -22.94 60.51
C SER D 787 6.07 -22.56 61.45
N ASN D 788 5.72 -21.95 62.58
CA ASN D 788 6.73 -21.52 63.54
C ASN D 788 7.24 -22.70 64.34
N GLU D 789 6.37 -23.64 64.67
CA GLU D 789 6.77 -24.82 65.40
C GLU D 789 7.81 -25.59 64.60
N ASP D 790 7.58 -25.70 63.29
CA ASP D 790 8.50 -26.41 62.41
C ASP D 790 9.85 -25.70 62.41
N ALA D 791 9.83 -24.38 62.28
CA ALA D 791 11.04 -23.59 62.18
C ALA D 791 11.86 -23.68 63.45
N GLU D 792 11.22 -23.92 64.59
CA GLU D 792 11.92 -23.95 65.86
C GLU D 792 12.47 -25.34 66.13
N ALA D 793 11.79 -26.36 65.63
CA ALA D 793 12.25 -27.72 65.80
C ALA D 793 13.53 -27.96 65.02
N VAL D 794 13.61 -27.41 63.81
CA VAL D 794 14.77 -27.56 62.95
C VAL D 794 16.02 -27.15 63.70
N VAL D 795 15.95 -26.06 64.46
CA VAL D 795 17.11 -25.54 65.15
C VAL D 795 17.42 -26.37 66.38
N ARG D 796 16.40 -26.67 67.19
CA ARG D 796 16.59 -27.32 68.47
C ARG D 796 17.17 -28.72 68.30
N ASP D 797 16.68 -29.45 67.31
CA ASP D 797 17.07 -30.83 67.14
C ASP D 797 18.56 -30.96 66.84
N PHE D 798 19.05 -30.12 65.92
CA PHE D 798 20.43 -30.21 65.49
C PHE D 798 21.38 -29.83 66.61
N HIS D 799 21.00 -28.85 67.42
CA HIS D 799 21.86 -28.39 68.50
C HIS D 799 21.96 -29.45 69.58
N ASP D 800 20.88 -30.21 69.80
CA ASP D 800 20.88 -31.24 70.81
C ASP D 800 21.81 -32.37 70.40
N GLN D 801 21.78 -32.71 69.11
CA GLN D 801 22.64 -33.76 68.56
C GLN D 801 24.10 -33.44 68.80
N MET D 802 24.51 -32.20 68.54
CA MET D 802 25.90 -31.79 68.64
C MET D 802 26.34 -31.78 70.09
N GLU D 803 25.48 -31.34 70.98
CA GLU D 803 25.81 -31.25 72.39
C GLU D 803 26.02 -32.66 72.97
N SER D 804 25.20 -33.61 72.51
CA SER D 804 25.29 -34.98 72.97
C SER D 804 26.66 -35.58 72.66
N VAL D 805 27.07 -35.46 71.40
CA VAL D 805 28.32 -36.05 70.93
C VAL D 805 29.50 -35.41 71.65
N PHE D 806 29.44 -34.09 71.87
CA PHE D 806 30.52 -33.36 72.48
C PHE D 806 30.77 -33.86 73.89
N ASN D 807 29.70 -34.08 74.64
CA ASN D 807 29.82 -34.51 76.03
C ASN D 807 30.44 -35.90 76.09
N GLU D 808 30.03 -36.78 75.16
CA GLU D 808 30.52 -38.14 75.10
C GLU D 808 32.03 -38.14 74.86
N VAL D 809 32.52 -37.18 74.07
CA VAL D 809 33.92 -37.11 73.67
C VAL D 809 34.78 -36.62 74.83
N LYS D 810 34.19 -35.85 75.76
CA LYS D 810 34.94 -35.26 76.86
C LYS D 810 35.04 -36.22 78.05
N GLU D 811 34.18 -37.25 78.10
CA GLU D 811 34.23 -38.23 79.17
C GLU D 811 35.56 -38.99 79.13
N GLY D 812 35.92 -39.49 77.94
CA GLY D 812 37.21 -40.11 77.73
C GLY D 812 38.35 -39.12 77.95
N GLY D 813 39.37 -39.55 78.70
CA GLY D 813 40.50 -38.71 79.05
C GLY D 813 41.43 -38.48 77.87
N LYS D 814 42.24 -37.41 77.96
CA LYS D 814 43.18 -37.05 76.92
C LYS D 814 44.50 -37.80 77.14
N LYS D 815 45.05 -38.37 76.05
CA LYS D 815 46.33 -39.04 76.09
C LYS D 815 47.45 -38.00 76.00
N GLN D 816 48.67 -38.40 76.38
CA GLN D 816 49.82 -37.52 76.32
C GLN D 816 50.63 -37.85 75.06
N ALA D 817 51.47 -36.89 74.65
CA ALA D 817 52.22 -36.99 73.41
C ALA D 817 53.28 -38.10 73.50
N GLU D 818 53.57 -38.71 72.35
CA GLU D 818 54.55 -39.79 72.27
C GLU D 818 55.32 -39.62 70.94
N ALA D 819 56.60 -40.00 70.96
CA ALA D 819 57.49 -39.79 69.82
C ALA D 819 57.06 -40.67 68.65
N GLN D 820 57.34 -40.19 67.43
CA GLN D 820 57.01 -40.89 66.20
C GLN D 820 58.24 -41.65 65.71
N THR D 821 58.06 -42.92 65.34
CA THR D 821 59.16 -43.86 65.22
C THR D 821 59.74 -43.89 63.81
N GLY D 822 58.89 -43.82 62.78
CA GLY D 822 59.33 -43.83 61.39
C GLY D 822 58.62 -44.91 60.58
N ILE D 823 58.80 -44.90 59.26
CA ILE D 823 58.03 -45.77 58.39
C ILE D 823 58.92 -46.77 57.67
N THR D 824 60.17 -46.94 58.11
CA THR D 824 61.12 -47.75 57.37
C THR D 824 60.68 -49.21 57.32
N GLY D 825 60.15 -49.74 58.44
CA GLY D 825 59.84 -51.16 58.54
C GLY D 825 58.35 -51.46 58.46
N SER D 826 57.56 -50.52 57.93
CA SER D 826 56.12 -50.66 57.92
C SER D 826 55.64 -51.51 56.75
N GLN D 827 56.50 -51.74 55.75
CA GLN D 827 56.19 -52.61 54.63
C GLN D 827 57.32 -53.62 54.47
N LYS D 828 56.99 -54.81 53.95
CA LYS D 828 57.93 -55.93 53.89
C LYS D 828 58.63 -55.96 52.53
N LEU D 829 59.82 -56.59 52.50
CA LEU D 829 60.62 -56.74 51.30
C LEU D 829 60.44 -58.14 50.73
N PRO D 830 60.39 -58.32 49.40
CA PRO D 830 60.11 -59.61 48.79
C PRO D 830 61.30 -60.58 48.78
N HIS D 831 61.48 -61.29 49.89
CA HIS D 831 62.60 -62.21 50.03
C HIS D 831 62.30 -63.51 49.29
N GLY D 832 63.20 -63.87 48.38
CA GLY D 832 63.14 -65.15 47.68
C GLY D 832 62.18 -65.15 46.50
N LEU D 833 62.09 -64.04 45.77
CA LEU D 833 61.21 -63.94 44.61
C LEU D 833 62.06 -64.07 43.36
N GLU D 834 61.59 -64.86 42.39
CA GLU D 834 62.32 -65.11 41.17
C GLU D 834 61.61 -64.43 40.02
N THR D 835 62.37 -63.77 39.15
CA THR D 835 61.81 -62.86 38.17
C THR D 835 62.15 -63.25 36.74
N ASN D 836 62.53 -64.52 36.53
CA ASN D 836 62.92 -64.98 35.21
C ASN D 836 61.70 -65.55 34.50
N ILE D 837 61.69 -65.48 33.17
CA ILE D 837 60.62 -66.05 32.37
C ILE D 837 61.14 -67.31 31.70
N SER D 838 60.23 -68.10 31.11
CA SER D 838 60.58 -69.35 30.43
C SER D 838 61.03 -69.07 29.01
N ARG D 839 61.66 -70.07 28.38
CA ARG D 839 62.19 -69.92 27.04
C ARG D 839 61.06 -69.87 26.03
N GLU D 840 59.94 -70.52 26.34
CA GLU D 840 58.78 -70.50 25.47
C GLU D 840 58.16 -69.11 25.46
N GLU D 841 58.13 -68.47 26.62
CA GLU D 841 57.56 -67.13 26.76
C GLU D 841 58.37 -66.12 25.98
N LEU D 842 59.69 -66.30 25.95
CA LEU D 842 60.59 -65.35 25.30
C LEU D 842 60.42 -65.41 23.79
N LEU D 843 60.23 -66.61 23.24
CA LEU D 843 60.11 -66.77 21.80
C LEU D 843 58.77 -66.22 21.33
N GLU D 844 57.74 -66.34 22.15
CA GLU D 844 56.42 -65.87 21.78
C GLU D 844 56.43 -64.35 21.72
N LEU D 845 57.13 -63.70 22.65
CA LEU D 845 57.24 -62.24 22.67
C LEU D 845 57.96 -61.77 21.43
N GLY D 846 58.99 -62.51 21.02
CA GLY D 846 59.75 -62.19 19.83
C GLY D 846 58.90 -62.23 18.57
N GLN D 847 58.05 -63.25 18.43
CA GLN D 847 57.26 -63.45 17.24
C GLN D 847 56.17 -62.41 17.09
N ALA D 848 55.79 -61.73 18.15
CA ALA D 848 54.75 -60.74 18.08
C ALA D 848 55.03 -59.72 16.99
N PHE D 849 56.30 -59.50 16.69
CA PHE D 849 56.71 -58.49 15.73
C PHE D 849 56.76 -59.03 14.31
N ALA D 850 56.44 -60.31 14.11
CA ALA D 850 56.33 -60.91 12.80
C ALA D 850 54.88 -61.15 12.40
N ASN D 851 53.96 -61.16 13.36
CA ASN D 851 52.57 -61.42 13.09
C ASN D 851 51.86 -60.13 12.74
N THR D 852 52.17 -59.57 11.58
CA THR D 852 51.58 -58.32 11.14
C THR D 852 50.17 -58.58 10.67
N PRO D 853 49.27 -57.59 10.65
CA PRO D 853 47.96 -57.76 10.01
C PRO D 853 48.06 -58.04 8.53
N GLU D 854 46.91 -58.09 7.83
CA GLU D 854 46.81 -58.76 6.55
C GLU D 854 47.58 -58.04 5.46
N GLY D 855 47.32 -56.76 5.25
CA GLY D 855 48.08 -56.06 4.22
C GLY D 855 48.90 -54.91 4.78
N PHE D 856 49.59 -55.14 5.91
CA PHE D 856 50.39 -54.15 6.59
C PHE D 856 51.84 -54.34 6.21
N ASN D 857 52.55 -53.25 5.95
CA ASN D 857 53.99 -53.27 5.78
C ASN D 857 54.62 -52.17 6.61
N TYR D 858 55.84 -52.41 7.08
CA TYR D 858 56.58 -51.45 7.87
C TYR D 858 57.24 -50.43 6.96
N HIS D 859 57.66 -49.30 7.53
CA HIS D 859 58.42 -48.28 6.86
C HIS D 859 59.82 -48.81 6.67
N PRO D 860 60.54 -48.48 5.59
CA PRO D 860 61.85 -49.04 5.34
C PRO D 860 62.94 -48.85 6.37
N ARG D 861 62.78 -47.87 7.27
CA ARG D 861 63.78 -47.57 8.27
C ARG D 861 63.39 -48.17 9.62
N VAL D 862 62.18 -48.75 9.70
CA VAL D 862 61.68 -49.40 10.89
C VAL D 862 61.75 -50.91 10.74
N ALA D 863 61.85 -51.40 9.50
CA ALA D 863 61.77 -52.82 9.23
C ALA D 863 62.99 -53.56 9.73
N PRO D 864 64.21 -53.04 9.62
CA PRO D 864 65.36 -53.66 10.24
C PRO D 864 65.31 -53.87 11.75
N VAL D 865 64.62 -52.97 12.47
CA VAL D 865 64.47 -53.05 13.91
C VAL D 865 63.57 -54.23 14.26
N ALA D 866 62.49 -54.40 13.49
CA ALA D 866 61.59 -55.50 13.70
C ALA D 866 62.27 -56.84 13.44
N LYS D 867 63.07 -56.95 12.39
CA LYS D 867 63.71 -58.21 12.10
C LYS D 867 64.67 -58.58 13.21
N LYS D 868 65.36 -57.60 13.75
CA LYS D 868 66.38 -57.86 14.76
C LYS D 868 65.72 -58.33 16.05
N ARG D 869 64.50 -57.85 16.32
CA ARG D 869 63.76 -58.25 17.51
C ARG D 869 63.37 -59.71 17.42
N VAL D 870 63.03 -60.19 16.23
CA VAL D 870 62.59 -61.56 16.03
C VAL D 870 63.76 -62.52 16.11
N SER D 871 64.95 -62.11 15.68
CA SER D 871 66.09 -63.00 15.64
C SER D 871 66.88 -62.99 16.93
N SER D 872 66.76 -61.92 17.73
CA SER D 872 67.65 -61.70 18.86
C SER D 872 67.30 -62.62 20.01
N VAL D 873 66.05 -63.07 20.07
CA VAL D 873 65.57 -63.89 21.17
C VAL D 873 66.09 -65.31 21.01
N THR D 874 66.90 -65.57 19.98
CA THR D 874 67.54 -66.88 19.84
C THR D 874 69.03 -66.77 19.54
N GLU D 875 69.52 -65.64 19.04
CA GLU D 875 70.91 -65.51 18.65
C GLU D 875 71.71 -64.57 19.54
N GLY D 876 71.05 -63.61 20.22
CA GLY D 876 71.74 -62.72 21.14
C GLY D 876 71.66 -61.26 20.70
N GLY D 877 72.29 -60.40 21.47
CA GLY D 877 72.41 -58.99 21.13
C GLY D 877 71.12 -58.22 21.36
N ILE D 878 70.59 -58.29 22.57
CA ILE D 878 69.38 -57.58 22.92
C ILE D 878 69.76 -56.20 23.46
N ASP D 879 69.12 -55.15 22.94
CA ASP D 879 69.47 -53.78 23.29
C ASP D 879 68.56 -53.28 24.40
N TRP D 880 68.72 -52.01 24.77
CA TRP D 880 68.06 -51.44 25.92
C TRP D 880 66.56 -51.38 25.73
N ALA D 881 66.11 -50.84 24.61
CA ALA D 881 64.69 -50.63 24.40
C ALA D 881 63.94 -51.95 24.38
N TRP D 882 64.55 -52.98 23.83
CA TRP D 882 63.92 -54.28 23.69
C TRP D 882 63.81 -54.96 25.05
N GLY D 883 64.78 -54.70 25.93
CA GLY D 883 64.72 -55.18 27.30
C GLY D 883 63.55 -54.60 28.08
N GLU D 884 63.31 -53.31 27.92
CA GLU D 884 62.21 -52.63 28.59
C GLU D 884 60.88 -53.16 28.09
N LEU D 885 60.72 -53.33 26.78
CA LEU D 885 59.46 -53.77 26.21
C LEU D 885 59.20 -55.22 26.57
N LEU D 886 60.23 -56.04 26.69
CA LEU D 886 60.05 -57.42 27.09
C LEU D 886 59.48 -57.50 28.50
N ALA D 887 59.89 -56.57 29.37
CA ALA D 887 59.38 -56.52 30.73
C ALA D 887 57.90 -56.14 30.76
N PHE D 888 57.53 -55.08 30.07
CA PHE D 888 56.17 -54.63 30.11
C PHE D 888 55.26 -55.63 29.42
N GLY D 889 55.74 -56.27 28.36
CA GLY D 889 54.95 -57.25 27.65
C GLY D 889 54.67 -58.48 28.48
N SER D 890 55.67 -58.97 29.20
CA SER D 890 55.48 -60.12 30.04
C SER D 890 54.44 -59.86 31.10
N LEU D 891 54.43 -58.66 31.67
CA LEU D 891 53.49 -58.34 32.73
C LEU D 891 52.08 -58.19 32.17
N ALA D 892 51.94 -57.71 30.95
CA ALA D 892 50.62 -57.59 30.35
C ALA D 892 50.05 -58.95 29.99
N ASN D 893 50.91 -59.92 29.71
CA ASN D 893 50.46 -61.26 29.37
C ASN D 893 49.83 -61.92 30.58
N SER D 894 50.36 -61.67 31.77
CA SER D 894 49.87 -62.31 32.98
C SER D 894 48.52 -61.77 33.41
N GLY D 895 48.15 -60.59 32.93
CA GLY D 895 46.79 -60.13 33.07
C GLY D 895 46.67 -58.75 33.67
N ARG D 896 47.67 -57.89 33.49
CA ARG D 896 47.70 -56.59 34.12
C ARG D 896 47.52 -55.47 33.11
N LEU D 897 47.08 -54.31 33.60
CA LEU D 897 46.95 -53.11 32.81
C LEU D 897 48.24 -52.31 32.95
N VAL D 898 48.97 -52.15 31.83
CA VAL D 898 50.22 -51.44 31.78
C VAL D 898 50.01 -50.17 30.97
N ARG D 899 50.39 -49.02 31.54
CA ARG D 899 50.21 -47.70 30.93
C ARG D 899 51.54 -46.98 30.89
N LEU D 900 51.92 -46.47 29.71
CA LEU D 900 53.14 -45.71 29.50
C LEU D 900 52.79 -44.40 28.81
N ALA D 901 53.18 -43.26 29.42
CA ALA D 901 52.84 -41.95 28.92
C ALA D 901 54.01 -40.99 29.04
N GLY D 902 54.11 -40.05 28.09
CA GLY D 902 55.21 -39.11 28.01
C GLY D 902 55.30 -38.43 26.65
N GLU D 903 56.22 -37.48 26.50
CA GLU D 903 56.40 -36.75 25.26
C GLU D 903 57.12 -37.59 24.23
N ASP D 904 56.44 -37.87 23.12
CA ASP D 904 57.00 -38.61 21.99
C ASP D 904 57.40 -40.01 22.43
N SER D 905 56.52 -40.68 23.16
CA SER D 905 56.89 -41.91 23.84
C SER D 905 56.47 -43.13 23.03
N ARG D 906 55.68 -42.95 21.97
CA ARG D 906 55.31 -44.04 21.09
C ARG D 906 56.47 -44.41 20.18
N ARG D 907 57.16 -43.42 19.63
CA ARG D 907 58.33 -43.64 18.78
C ARG D 907 59.58 -43.69 19.63
N GLY D 908 59.70 -42.78 20.59
CA GLY D 908 60.91 -42.57 21.34
C GLY D 908 61.62 -41.30 20.91
N THR D 909 62.27 -40.62 21.86
CA THR D 909 62.95 -39.37 21.60
C THR D 909 64.20 -39.63 20.77
N PHE D 910 64.82 -40.77 20.99
CA PHE D 910 66.05 -41.12 20.31
C PHE D 910 65.79 -42.18 19.25
N THR D 911 64.53 -42.32 18.82
CA THR D 911 64.12 -43.24 17.77
C THR D 911 64.54 -44.65 18.13
N GLN D 912 64.09 -45.15 19.29
CA GLN D 912 64.60 -46.41 19.80
C GLN D 912 63.49 -47.38 20.17
N ARG D 913 62.23 -46.96 20.31
CA ARG D 913 61.23 -47.79 20.96
C ARG D 913 60.33 -48.47 19.94
N HIS D 914 59.62 -47.70 19.14
CA HIS D 914 58.72 -48.23 18.15
C HIS D 914 57.75 -49.22 18.78
N ALA D 915 56.88 -48.72 19.65
CA ALA D 915 55.88 -49.53 20.30
C ALA D 915 54.61 -49.53 19.47
N VAL D 916 54.37 -48.46 18.73
CA VAL D 916 53.34 -48.45 17.72
C VAL D 916 53.99 -48.10 16.40
N ALA D 917 53.66 -48.85 15.33
CA ALA D 917 54.22 -48.64 14.01
C ALA D 917 53.15 -48.15 13.05
N ILE D 918 53.55 -47.43 11.99
CA ILE D 918 52.62 -46.86 11.03
C ILE D 918 53.03 -47.28 9.63
N ASP D 919 52.03 -47.62 8.79
CA ASP D 919 52.24 -48.03 7.41
C ASP D 919 52.31 -46.81 6.51
N PRO D 920 53.36 -46.63 5.70
CA PRO D 920 53.50 -45.45 4.88
C PRO D 920 52.46 -45.23 3.80
N ALA D 921 51.79 -46.31 3.39
CA ALA D 921 50.90 -46.28 2.26
C ALA D 921 49.48 -45.96 2.69
N THR D 922 49.08 -46.40 3.88
CA THR D 922 47.69 -46.27 4.27
C THR D 922 47.49 -45.54 5.59
N ALA D 923 48.56 -45.40 6.39
CA ALA D 923 48.53 -44.73 7.69
C ALA D 923 47.82 -45.55 8.76
N GLU D 924 47.84 -46.89 8.63
CA GLU D 924 47.26 -47.78 9.62
C GLU D 924 48.25 -47.96 10.76
N GLU D 925 47.74 -48.20 11.98
CA GLU D 925 48.57 -48.34 13.17
C GLU D 925 48.59 -49.80 13.63
N PHE D 926 49.67 -50.20 14.28
CA PHE D 926 49.84 -51.55 14.78
C PHE D 926 50.55 -51.52 16.13
N ASN D 927 50.01 -52.24 17.12
CA ASN D 927 50.57 -52.34 18.46
C ASN D 927 50.77 -53.81 18.80
N PRO D 928 51.94 -54.40 18.54
CA PRO D 928 52.15 -55.82 18.70
C PRO D 928 51.87 -56.43 20.06
N LEU D 929 52.38 -55.81 21.12
CA LEU D 929 52.34 -56.38 22.44
C LEU D 929 50.93 -56.31 23.02
N HIS D 930 50.09 -55.39 22.57
CA HIS D 930 48.72 -55.34 23.01
C HIS D 930 47.93 -56.48 22.40
N GLU D 931 48.21 -56.79 21.13
CA GLU D 931 47.53 -57.86 20.43
C GLU D 931 47.85 -59.18 21.12
N LEU D 932 49.10 -59.42 21.44
CA LEU D 932 49.50 -60.67 22.05
C LEU D 932 48.84 -60.82 23.39
N ALA D 933 48.70 -59.73 24.15
CA ALA D 933 48.17 -59.80 25.49
C ALA D 933 46.69 -60.14 25.46
N GLN D 934 45.97 -59.60 24.48
CA GLN D 934 44.55 -59.81 24.39
C GLN D 934 44.23 -61.21 23.85
N SER D 935 45.22 -61.92 23.32
CA SER D 935 45.01 -63.24 22.78
C SER D 935 45.48 -64.32 23.73
N LYS D 936 45.50 -64.07 25.03
CA LYS D 936 45.93 -65.06 26.00
C LYS D 936 44.89 -65.29 27.07
N GLY D 937 43.82 -64.51 27.06
CA GLY D 937 42.64 -64.84 27.84
C GLY D 937 42.73 -64.45 29.29
N ASN D 938 43.63 -63.54 29.63
CA ASN D 938 43.68 -62.98 30.98
C ASN D 938 43.25 -61.52 30.99
N ASN D 939 42.87 -60.98 29.83
CA ASN D 939 42.39 -59.63 29.68
C ASN D 939 43.43 -58.60 30.09
N GLY D 940 44.65 -58.73 29.57
CA GLY D 940 45.71 -57.79 29.80
C GLY D 940 45.73 -56.73 28.74
N LYS D 941 46.38 -55.60 29.03
CA LYS D 941 46.40 -54.44 28.16
C LYS D 941 47.78 -53.78 28.19
N PHE D 942 48.24 -53.27 27.05
CA PHE D 942 49.41 -52.43 26.95
C PHE D 942 49.03 -51.15 26.21
N LEU D 943 48.92 -50.03 26.94
CA LEU D 943 48.44 -48.76 26.44
C LEU D 943 49.57 -47.73 26.43
N VAL D 944 49.87 -47.15 25.27
CA VAL D 944 50.93 -46.17 25.12
C VAL D 944 50.35 -44.88 24.56
N TYR D 945 50.66 -43.74 25.17
CA TYR D 945 50.09 -42.46 24.80
C TYR D 945 51.17 -41.39 24.69
N ASN D 946 50.98 -40.46 23.75
CA ASN D 946 51.80 -39.28 23.58
C ASN D 946 51.16 -38.11 24.30
N SER D 947 51.83 -37.55 25.29
CA SER D 947 51.29 -36.50 26.12
C SER D 947 51.35 -35.15 25.43
N ALA D 948 50.66 -34.17 25.99
CA ALA D 948 50.84 -32.78 25.62
C ALA D 948 52.13 -32.26 26.23
N LEU D 949 52.50 -31.03 25.89
CA LEU D 949 53.79 -30.48 26.30
C LEU D 949 53.65 -29.85 27.68
N THR D 950 53.65 -30.71 28.71
CA THR D 950 53.52 -30.29 30.11
C THR D 950 54.25 -31.29 30.99
N GLU D 951 54.90 -30.80 32.05
CA GLU D 951 55.56 -31.66 33.00
C GLU D 951 54.80 -31.70 34.32
N TYR D 952 54.15 -30.61 34.69
CA TYR D 952 53.45 -30.49 35.95
C TYR D 952 52.15 -31.28 35.87
N ALA D 953 51.38 -31.10 34.80
CA ALA D 953 50.11 -31.78 34.64
C ALA D 953 50.31 -33.23 34.22
N GLY D 954 51.36 -33.52 33.47
CA GLY D 954 51.67 -34.87 33.05
C GLY D 954 51.98 -35.78 34.22
N MET D 955 52.96 -35.40 35.04
CA MET D 955 53.40 -36.26 36.13
C MET D 955 52.31 -36.36 37.17
N GLY D 956 51.54 -35.29 37.35
CA GLY D 956 50.47 -35.29 38.32
C GLY D 956 49.37 -36.27 37.95
N PHE D 957 49.09 -36.38 36.65
CA PHE D 957 48.05 -37.27 36.16
C PHE D 957 48.44 -38.72 36.38
N GLU D 958 49.72 -39.04 36.23
CA GLU D 958 50.17 -40.40 36.37
C GLU D 958 50.20 -40.80 37.85
N TYR D 959 50.57 -39.89 38.74
CA TYR D 959 50.53 -40.17 40.16
C TYR D 959 49.11 -40.50 40.57
N GLY D 960 48.16 -39.76 40.04
CA GLY D 960 46.77 -39.97 40.36
C GLY D 960 46.27 -41.33 39.89
N TYR D 961 46.77 -41.77 38.74
CA TYR D 961 46.35 -43.02 38.14
C TYR D 961 46.80 -44.17 39.03
N SER D 962 47.95 -44.02 39.65
CA SER D 962 48.50 -45.05 40.50
C SER D 962 47.73 -45.17 41.82
N VAL D 963 47.10 -44.08 42.25
CA VAL D 963 46.36 -44.08 43.50
C VAL D 963 44.96 -44.62 43.26
N GLY D 964 44.41 -44.37 42.08
CA GLY D 964 43.07 -44.78 41.75
C GLY D 964 42.95 -46.26 41.39
N ASN D 965 44.05 -46.91 40.98
CA ASN D 965 44.05 -48.33 40.72
C ASN D 965 45.37 -48.91 41.19
N GLU D 966 45.33 -49.62 42.31
CA GLU D 966 46.53 -50.05 42.99
C GLU D 966 47.18 -51.22 42.26
N ASP D 967 46.48 -51.84 41.30
CA ASP D 967 46.94 -53.06 40.68
C ASP D 967 47.46 -52.84 39.26
N SER D 968 47.58 -51.57 38.85
CA SER D 968 48.08 -51.23 37.53
C SER D 968 49.56 -50.90 37.59
N ILE D 969 50.25 -51.00 36.45
CA ILE D 969 51.64 -50.62 36.31
C ILE D 969 51.70 -49.36 35.47
N VAL D 970 52.15 -48.23 36.06
CA VAL D 970 52.14 -46.92 35.43
C VAL D 970 53.54 -46.36 35.40
N ALA D 971 53.92 -45.75 34.26
CA ALA D 971 55.23 -45.16 34.06
C ALA D 971 55.12 -43.84 33.31
N TRP D 972 55.79 -42.80 33.83
CA TRP D 972 55.90 -41.50 33.19
C TRP D 972 57.33 -41.30 32.72
N GLU D 973 57.49 -40.81 31.48
CA GLU D 973 58.78 -40.62 30.86
C GLU D 973 58.98 -39.14 30.54
N ALA D 974 60.20 -38.66 30.75
CA ALA D 974 60.59 -37.30 30.44
C ALA D 974 61.46 -37.29 29.19
N GLN D 975 61.33 -36.25 28.37
CA GLN D 975 62.06 -36.17 27.12
C GLN D 975 63.55 -36.12 27.42
N PHE D 976 63.94 -35.24 28.34
CA PHE D 976 65.22 -35.31 29.01
C PHE D 976 64.97 -35.12 30.49
N GLY D 977 65.84 -35.66 31.33
CA GLY D 977 65.66 -35.60 32.76
C GLY D 977 65.85 -34.21 33.35
N ASP D 978 66.25 -33.27 32.51
CA ASP D 978 66.55 -31.91 32.93
C ASP D 978 65.28 -31.07 32.95
N PHE D 979 64.17 -31.60 32.47
CA PHE D 979 62.94 -30.84 32.41
C PHE D 979 61.99 -31.26 33.52
N ALA D 980 62.46 -32.09 34.46
CA ALA D 980 61.62 -32.58 35.53
C ALA D 980 61.48 -31.56 36.66
N ASN D 981 62.31 -30.50 36.64
CA ASN D 981 62.20 -29.45 37.63
C ASN D 981 60.96 -28.58 37.39
N GLY D 982 60.29 -28.78 36.27
CA GLY D 982 59.02 -28.14 36.03
C GLY D 982 57.88 -28.81 36.77
N ALA D 983 58.15 -29.97 37.38
CA ALA D 983 57.17 -30.70 38.15
C ALA D 983 57.65 -30.89 39.59
N GLN D 984 58.36 -29.91 40.12
CA GLN D 984 59.01 -30.05 41.41
C GLN D 984 57.97 -30.14 42.53
N THR D 985 56.87 -29.41 42.39
CA THR D 985 55.80 -29.44 43.37
C THR D 985 55.32 -30.86 43.59
N ILE D 986 55.05 -31.59 42.50
CA ILE D 986 54.55 -32.96 42.58
C ILE D 986 55.58 -33.86 43.22
N ILE D 987 56.85 -33.71 42.87
CA ILE D 987 57.89 -34.55 43.43
C ILE D 987 58.01 -34.34 44.93
N ASP D 988 57.88 -33.09 45.40
CA ASP D 988 58.14 -32.76 46.79
C ASP D 988 56.93 -32.99 47.67
N GLU D 989 55.72 -32.80 47.14
CA GLU D 989 54.53 -32.74 47.96
C GLU D 989 53.74 -34.06 47.91
N TYR D 990 53.93 -34.88 46.87
CA TYR D 990 53.14 -36.08 46.68
C TYR D 990 54.02 -37.33 46.63
N VAL D 991 54.99 -37.38 45.72
CA VAL D 991 55.70 -38.62 45.40
C VAL D 991 56.65 -38.97 46.53
N SER D 992 57.36 -37.98 47.05
CA SER D 992 58.43 -38.23 48.00
C SER D 992 57.92 -38.39 49.43
N SER D 993 56.72 -37.87 49.73
CA SER D 993 56.33 -37.65 51.12
C SER D 993 54.87 -37.96 51.42
N GLY D 994 54.15 -38.62 50.52
CA GLY D 994 52.74 -38.87 50.72
C GLY D 994 52.44 -39.94 51.76
N GLU D 995 53.29 -40.96 51.85
CA GLU D 995 53.10 -42.04 52.78
C GLU D 995 53.29 -41.57 54.21
N ALA D 996 54.29 -40.74 54.45
CA ALA D 996 54.59 -40.29 55.80
C ALA D 996 53.58 -39.27 56.30
N LYS D 997 52.90 -38.57 55.40
CA LYS D 997 51.97 -37.53 55.81
C LYS D 997 50.55 -38.06 55.93
N TRP D 998 50.08 -38.84 54.96
CA TRP D 998 48.69 -39.24 54.92
C TRP D 998 48.50 -40.74 54.91
N GLY D 999 49.56 -41.53 54.76
CA GLY D 999 49.41 -42.96 54.63
C GLY D 999 48.92 -43.39 53.24
N GLN D 1000 49.16 -42.56 52.22
CA GLN D 1000 48.76 -42.82 50.85
C GLN D 1000 49.96 -43.40 50.11
N THR D 1001 49.81 -44.59 49.52
CA THR D 1001 50.91 -45.30 48.92
C THR D 1001 50.78 -45.29 47.40
N SER D 1002 51.91 -45.37 46.70
CA SER D 1002 51.96 -45.36 45.24
C SER D 1002 53.12 -46.21 44.73
N LYS D 1003 53.00 -46.71 43.49
CA LYS D 1003 54.04 -47.46 42.82
C LYS D 1003 54.33 -46.88 41.43
N LEU D 1004 54.46 -45.57 41.33
CA LEU D 1004 54.73 -44.90 40.08
C LEU D 1004 56.17 -45.16 39.69
N ILE D 1005 56.45 -45.22 38.38
CA ILE D 1005 57.79 -45.37 37.83
C ILE D 1005 58.13 -44.10 37.08
N LEU D 1006 59.26 -43.48 37.42
CA LEU D 1006 59.79 -42.34 36.69
C LEU D 1006 61.00 -42.78 35.87
N LEU D 1007 60.95 -42.57 34.56
CA LEU D 1007 62.04 -42.86 33.63
C LEU D 1007 62.66 -41.54 33.18
N LEU D 1008 63.89 -41.25 33.63
CA LEU D 1008 64.54 -39.96 33.43
C LEU D 1008 65.86 -40.13 32.70
N PRO D 1009 66.00 -39.75 31.41
CA PRO D 1009 67.26 -39.84 30.70
C PRO D 1009 68.40 -38.99 31.25
N HIS D 1010 69.62 -39.54 31.26
CA HIS D 1010 70.74 -38.95 31.96
C HIS D 1010 72.05 -39.36 31.29
N GLY D 1011 72.99 -38.44 31.17
CA GLY D 1011 74.32 -38.76 30.67
C GLY D 1011 75.07 -37.55 30.17
N TYR D 1012 76.38 -37.54 30.37
CA TYR D 1012 77.26 -36.44 29.99
C TYR D 1012 77.94 -36.77 28.67
N GLU D 1013 77.50 -36.14 27.59
CA GLU D 1013 77.92 -36.49 26.25
C GLU D 1013 78.29 -35.29 25.37
N GLY D 1014 78.16 -34.06 25.88
CA GLY D 1014 78.58 -32.89 25.16
C GLY D 1014 77.46 -32.15 24.45
N GLN D 1015 76.22 -32.27 24.93
CA GLN D 1015 75.11 -31.61 24.27
C GLN D 1015 74.71 -30.34 25.01
N GLY D 1016 75.41 -30.00 26.08
CA GLY D 1016 75.20 -28.72 26.74
C GLY D 1016 74.55 -28.85 28.11
N PRO D 1017 74.35 -27.74 28.85
CA PRO D 1017 73.84 -27.79 30.20
C PRO D 1017 72.38 -28.15 30.44
N ASP D 1018 71.52 -28.11 29.42
CA ASP D 1018 70.13 -28.46 29.59
C ASP D 1018 69.80 -29.79 28.91
N HIS D 1019 70.83 -30.58 28.60
CA HIS D 1019 70.64 -31.89 28.02
C HIS D 1019 71.69 -32.83 28.57
N SER D 1020 71.94 -32.80 29.88
CA SER D 1020 73.02 -33.57 30.46
C SER D 1020 72.69 -34.24 31.79
N SER D 1021 71.93 -33.61 32.70
CA SER D 1021 71.77 -34.17 34.03
C SER D 1021 70.33 -34.15 34.51
N ALA D 1022 69.91 -35.25 35.14
CA ALA D 1022 68.58 -35.38 35.71
C ALA D 1022 68.58 -35.06 37.20
N ARG D 1023 69.73 -34.59 37.71
CA ARG D 1023 69.86 -34.09 39.07
C ARG D 1023 69.69 -35.22 40.08
N ILE D 1024 70.65 -36.13 40.09
CA ILE D 1024 70.65 -37.28 40.98
C ILE D 1024 70.74 -36.80 42.43
N GLU D 1025 71.55 -35.76 42.67
CA GLU D 1025 71.81 -35.26 44.02
C GLU D 1025 70.52 -34.79 44.69
N ARG D 1026 69.60 -34.22 43.91
CA ARG D 1026 68.37 -33.70 44.46
C ARG D 1026 67.49 -34.85 44.93
N PHE D 1027 67.42 -35.93 44.16
CA PHE D 1027 66.58 -37.07 44.50
C PHE D 1027 67.14 -37.79 45.72
N LEU D 1028 68.46 -37.85 45.85
CA LEU D 1028 69.05 -38.53 46.98
C LEU D 1028 68.91 -37.72 48.27
N GLN D 1029 68.68 -36.40 48.18
CA GLN D 1029 68.39 -35.60 49.36
C GLN D 1029 67.01 -35.97 49.92
N LEU D 1030 66.04 -36.14 49.04
CA LEU D 1030 64.67 -36.38 49.44
C LEU D 1030 64.48 -37.75 50.06
N CYS D 1031 65.46 -38.65 49.93
CA CYS D 1031 65.32 -40.01 50.41
C CYS D 1031 65.69 -40.13 51.88
N ALA D 1032 64.78 -40.75 52.66
CA ALA D 1032 65.01 -41.10 54.04
C ALA D 1032 63.90 -42.04 54.48
N GLU D 1033 64.21 -42.92 55.44
CA GLU D 1033 63.25 -43.88 55.98
C GLU D 1033 62.82 -44.89 54.92
N GLY D 1034 63.66 -45.14 53.92
CA GLY D 1034 63.30 -46.02 52.82
C GLY D 1034 62.05 -45.59 52.08
N SER D 1035 61.99 -44.34 51.66
CA SER D 1035 60.78 -43.77 51.09
C SER D 1035 60.60 -44.20 49.64
N MET D 1036 61.68 -44.23 48.85
CA MET D 1036 61.61 -44.70 47.48
C MET D 1036 62.94 -45.31 47.04
N THR D 1037 62.91 -46.01 45.90
CA THR D 1037 64.03 -46.74 45.33
C THR D 1037 64.63 -45.97 44.16
N VAL D 1038 65.96 -45.81 44.15
CA VAL D 1038 66.68 -45.05 43.12
C VAL D 1038 67.77 -45.94 42.52
N ALA D 1039 67.82 -46.03 41.18
CA ALA D 1039 68.69 -46.96 40.49
C ALA D 1039 69.22 -46.39 39.17
N GLN D 1040 70.36 -46.92 38.71
CA GLN D 1040 70.98 -46.56 37.46
C GLN D 1040 71.65 -47.79 36.84
N PRO D 1041 70.90 -48.68 36.16
CA PRO D 1041 71.45 -49.93 35.67
C PRO D 1041 72.30 -49.80 34.41
N SER D 1042 73.11 -50.84 34.14
CA SER D 1042 74.11 -50.79 33.09
C SER D 1042 73.94 -51.86 32.01
N THR D 1043 72.93 -52.73 32.11
CA THR D 1043 72.68 -53.77 31.12
C THR D 1043 71.20 -53.95 30.95
N PRO D 1044 70.69 -54.22 29.73
CA PRO D 1044 69.27 -54.43 29.51
C PRO D 1044 68.58 -55.48 30.37
N ALA D 1045 69.29 -56.57 30.65
CA ALA D 1045 68.75 -57.64 31.46
C ALA D 1045 68.50 -57.17 32.88
N ASN D 1046 69.37 -56.30 33.40
CA ASN D 1046 69.27 -55.85 34.77
C ASN D 1046 68.13 -54.85 34.89
N HIS D 1047 67.82 -54.13 33.82
CA HIS D 1047 66.69 -53.23 33.81
C HIS D 1047 65.40 -54.04 33.82
N PHE D 1048 65.41 -55.18 33.12
CA PHE D 1048 64.28 -56.07 33.02
C PHE D 1048 63.93 -56.62 34.40
N HIS D 1049 64.93 -57.06 35.13
CA HIS D 1049 64.73 -57.70 36.41
C HIS D 1049 64.27 -56.68 37.46
N LEU D 1050 64.74 -55.45 37.37
CA LEU D 1050 64.36 -54.40 38.31
C LEU D 1050 62.88 -54.06 38.15
N LEU D 1051 62.41 -53.93 36.92
CA LEU D 1051 61.03 -53.59 36.68
C LEU D 1051 60.10 -54.71 37.14
N ARG D 1052 60.51 -55.97 36.96
CA ARG D 1052 59.65 -57.10 37.29
C ARG D 1052 59.61 -57.30 38.79
N ARG D 1053 60.69 -57.04 39.51
CA ARG D 1053 60.69 -57.17 40.95
C ARG D 1053 59.74 -56.17 41.58
N HIS D 1054 59.70 -54.96 41.03
CA HIS D 1054 58.84 -53.91 41.51
C HIS D 1054 57.38 -54.28 41.32
N ALA D 1055 57.05 -54.88 40.18
CA ALA D 1055 55.66 -55.12 39.83
C ALA D 1055 55.09 -56.33 40.56
N LEU D 1056 55.93 -57.30 40.92
CA LEU D 1056 55.44 -58.54 41.48
C LEU D 1056 55.58 -58.56 43.00
N SER D 1057 56.15 -57.52 43.62
CA SER D 1057 56.31 -57.49 45.06
C SER D 1057 55.08 -56.88 45.73
N ASP D 1058 55.14 -56.74 47.06
CA ASP D 1058 54.08 -56.12 47.83
C ASP D 1058 54.63 -54.91 48.58
N LEU D 1059 55.66 -54.26 48.01
CA LEU D 1059 56.25 -53.05 48.56
C LEU D 1059 55.76 -51.87 47.75
N LYS D 1060 54.82 -51.11 48.31
CA LYS D 1060 54.11 -50.09 47.57
C LYS D 1060 54.79 -48.74 47.75
N ARG D 1061 55.95 -48.58 47.08
CA ARG D 1061 56.71 -47.33 47.11
C ARG D 1061 57.22 -47.04 45.71
N PRO D 1062 57.44 -45.77 45.34
CA PRO D 1062 57.89 -45.43 43.99
C PRO D 1062 59.29 -45.86 43.59
N LEU D 1063 59.55 -45.84 42.27
CA LEU D 1063 60.81 -46.27 41.68
C LEU D 1063 61.29 -45.23 40.67
N VAL D 1064 62.53 -44.74 40.86
CA VAL D 1064 63.13 -43.74 40.00
C VAL D 1064 64.34 -44.34 39.32
N ILE D 1065 64.32 -44.39 37.97
CA ILE D 1065 65.37 -44.99 37.16
C ILE D 1065 66.01 -43.91 36.30
N PHE D 1066 67.34 -43.98 36.15
CA PHE D 1066 68.10 -43.06 35.32
C PHE D 1066 68.56 -43.81 34.08
N THR D 1067 67.96 -43.46 32.93
CA THR D 1067 68.04 -44.24 31.71
C THR D 1067 69.08 -43.62 30.77
N PRO D 1068 69.71 -44.39 29.85
CA PRO D 1068 70.74 -43.85 28.97
C PRO D 1068 70.30 -43.22 27.66
N LYS D 1069 71.26 -42.58 26.96
CA LYS D 1069 71.03 -41.89 25.71
C LYS D 1069 71.94 -42.41 24.59
N SER D 1070 73.21 -42.64 24.90
CA SER D 1070 74.18 -43.11 23.93
C SER D 1070 74.43 -44.61 24.07
N MET D 1071 74.21 -45.14 25.27
CA MET D 1071 74.41 -46.54 25.57
C MET D 1071 73.29 -47.36 24.95
N LEU D 1072 72.23 -46.70 24.48
CA LEU D 1072 71.13 -47.35 23.78
C LEU D 1072 71.64 -48.18 22.62
N ARG D 1073 72.73 -47.75 21.97
CA ARG D 1073 73.21 -48.39 20.76
C ARG D 1073 74.67 -48.81 20.88
N ASN D 1074 75.12 -49.12 22.08
CA ASN D 1074 76.48 -49.58 22.32
C ASN D 1074 76.46 -51.11 22.33
N LYS D 1075 77.38 -51.72 21.59
CA LYS D 1075 77.32 -53.15 21.35
C LYS D 1075 78.00 -53.92 22.46
N ALA D 1076 78.71 -53.23 23.35
CA ALA D 1076 79.32 -53.89 24.49
C ALA D 1076 78.34 -54.03 25.64
N ALA D 1077 77.16 -53.40 25.51
CA ALA D 1077 76.19 -53.39 26.58
C ALA D 1077 75.02 -54.32 26.30
N ALA D 1078 75.03 -55.05 25.17
CA ALA D 1078 73.91 -55.90 24.82
C ALA D 1078 73.91 -57.16 25.66
N SER D 1079 72.77 -57.86 25.70
CA SER D 1079 72.54 -59.00 26.59
C SER D 1079 72.17 -60.26 25.79
N ALA D 1080 72.46 -61.42 26.39
CA ALA D 1080 72.18 -62.73 25.81
C ALA D 1080 70.88 -63.28 26.36
N PRO D 1081 70.20 -64.22 25.68
CA PRO D 1081 68.94 -64.76 26.16
C PRO D 1081 68.96 -65.48 27.51
N GLU D 1082 70.09 -66.07 27.85
CA GLU D 1082 70.24 -66.77 29.10
C GLU D 1082 70.08 -65.81 30.28
N ASP D 1083 70.33 -64.52 30.05
CA ASP D 1083 70.27 -63.53 31.11
C ASP D 1083 68.82 -63.21 31.47
N PHE D 1084 67.87 -63.54 30.59
CA PHE D 1084 66.47 -63.33 30.88
C PHE D 1084 65.78 -64.59 31.37
N THR D 1085 66.39 -65.77 31.20
CA THR D 1085 65.71 -67.04 31.43
C THR D 1085 66.44 -67.97 32.40
N GLU D 1086 67.72 -67.73 32.69
CA GLU D 1086 68.42 -68.59 33.63
C GLU D 1086 68.91 -67.84 34.86
N VAL D 1087 69.19 -66.53 34.74
CA VAL D 1087 69.50 -65.69 35.88
C VAL D 1087 68.19 -65.30 36.55
N THR D 1088 68.12 -65.46 37.88
CA THR D 1088 66.85 -65.48 38.58
C THR D 1088 66.50 -64.13 39.20
N LYS D 1089 67.50 -63.31 39.58
CA LYS D 1089 67.27 -62.13 40.38
C LYS D 1089 68.01 -60.91 39.82
N PHE D 1090 67.65 -59.72 40.33
CA PHE D 1090 68.31 -58.46 40.04
C PHE D 1090 69.57 -58.33 40.87
N GLN D 1091 70.61 -57.77 40.26
CA GLN D 1091 71.89 -57.60 40.92
C GLN D 1091 72.07 -56.13 41.27
N SER D 1092 72.50 -55.86 42.51
CA SER D 1092 72.67 -54.50 43.00
C SER D 1092 74.12 -54.07 42.89
N VAL D 1093 75.04 -55.02 42.92
CA VAL D 1093 76.45 -54.78 42.71
C VAL D 1093 76.95 -55.83 41.73
N ILE D 1094 77.66 -55.40 40.66
CA ILE D 1094 78.25 -56.29 39.69
C ILE D 1094 79.76 -56.19 39.80
N ASN D 1095 80.40 -57.29 40.13
CA ASN D 1095 81.83 -57.34 40.33
C ASN D 1095 82.52 -57.44 38.98
N ASP D 1096 83.83 -57.21 38.94
CA ASP D 1096 84.57 -57.10 37.69
C ASP D 1096 84.67 -58.46 37.02
N PRO D 1097 84.24 -58.61 35.75
CA PRO D 1097 84.37 -59.87 35.05
C PRO D 1097 85.67 -60.15 34.31
N ASN D 1098 86.67 -59.28 34.43
CA ASN D 1098 87.93 -59.46 33.75
C ASN D 1098 89.08 -59.35 34.74
N VAL D 1099 89.01 -60.13 35.82
CA VAL D 1099 90.12 -60.20 36.76
C VAL D 1099 90.74 -61.59 36.70
N ALA D 1100 92.00 -61.64 36.27
CA ALA D 1100 92.73 -62.89 36.12
C ALA D 1100 93.04 -63.48 37.49
N ASP D 1101 93.72 -62.69 38.33
CA ASP D 1101 94.10 -63.12 39.67
C ASP D 1101 93.76 -62.01 40.66
N ALA D 1102 93.08 -62.39 41.75
CA ALA D 1102 92.51 -61.44 42.67
C ALA D 1102 93.52 -61.03 43.74
N ALA D 1103 94.65 -61.74 43.81
CA ALA D 1103 95.65 -61.48 44.83
C ALA D 1103 96.66 -60.44 44.36
N LYS D 1104 96.50 -59.94 43.12
CA LYS D 1104 97.41 -58.97 42.57
C LYS D 1104 96.74 -57.60 42.41
N VAL D 1105 95.51 -57.44 42.92
CA VAL D 1105 94.80 -56.18 42.83
C VAL D 1105 95.25 -55.27 43.96
N LYS D 1106 95.46 -53.97 43.65
CA LYS D 1106 95.88 -53.01 44.64
C LYS D 1106 95.08 -51.70 44.56
N LYS D 1107 94.11 -51.60 43.65
CA LYS D 1107 93.20 -50.48 43.59
C LYS D 1107 91.82 -50.97 43.19
N VAL D 1108 90.78 -50.47 43.86
CA VAL D 1108 89.40 -50.75 43.51
C VAL D 1108 88.72 -49.45 43.12
N MET D 1109 88.04 -49.45 41.99
CA MET D 1109 87.27 -48.31 41.52
C MET D 1109 85.78 -48.62 41.66
N LEU D 1110 85.00 -47.67 42.19
CA LEU D 1110 83.55 -47.78 42.24
C LEU D 1110 82.97 -46.80 41.24
N VAL D 1111 81.99 -47.26 40.44
CA VAL D 1111 81.42 -46.48 39.37
C VAL D 1111 79.93 -46.78 39.29
N SER D 1112 79.16 -45.91 38.65
CA SER D 1112 77.76 -46.15 38.34
C SER D 1112 77.41 -45.59 36.98
N GLY D 1113 76.81 -46.41 36.11
CA GLY D 1113 76.29 -45.94 34.84
C GLY D 1113 77.21 -46.23 33.66
N LYS D 1114 77.25 -45.32 32.70
CA LYS D 1114 77.86 -45.56 31.41
C LYS D 1114 79.36 -45.32 31.39
N LEU D 1115 79.94 -44.77 32.44
CA LEU D 1115 81.36 -44.50 32.46
C LEU D 1115 82.12 -45.80 32.65
N TYR D 1116 81.42 -46.89 32.97
CA TYR D 1116 82.05 -48.18 33.13
C TYR D 1116 82.76 -48.58 31.85
N TYR D 1117 82.09 -48.37 30.72
CA TYR D 1117 82.50 -48.94 29.46
C TYR D 1117 83.74 -48.23 28.93
N GLU D 1118 84.06 -47.05 29.45
CA GLU D 1118 85.25 -46.32 29.06
C GLU D 1118 86.42 -46.77 29.90
N LEU D 1119 86.20 -46.95 31.20
CA LEU D 1119 87.25 -47.38 32.09
C LEU D 1119 87.69 -48.80 31.73
N ALA D 1120 86.73 -49.65 31.38
CA ALA D 1120 86.99 -51.03 31.02
C ALA D 1120 87.85 -51.11 29.77
N LYS D 1121 87.52 -50.26 28.79
CA LYS D 1121 88.21 -50.15 27.53
C LYS D 1121 89.67 -49.85 27.77
N ARG D 1122 89.95 -48.89 28.64
CA ARG D 1122 91.29 -48.40 28.88
C ARG D 1122 92.09 -49.45 29.63
N LYS D 1123 91.43 -50.18 30.52
CA LYS D 1123 92.09 -51.20 31.33
C LYS D 1123 92.62 -52.32 30.44
N GLU D 1124 91.85 -52.66 29.40
CA GLU D 1124 92.21 -53.71 28.45
C GLU D 1124 93.39 -53.26 27.59
N LYS D 1125 93.37 -51.99 27.18
CA LYS D 1125 94.36 -51.45 26.27
C LYS D 1125 95.72 -51.38 26.95
N ASP D 1126 95.76 -50.97 28.22
CA ASP D 1126 97.01 -50.73 28.90
C ASP D 1126 97.46 -51.97 29.68
N GLY D 1127 96.61 -52.99 29.75
CA GLY D 1127 97.00 -54.24 30.38
C GLY D 1127 97.25 -54.09 31.87
N ARG D 1128 96.30 -53.50 32.59
CA ARG D 1128 96.43 -53.29 34.02
C ARG D 1128 95.76 -54.45 34.75
N ASP D 1129 96.54 -55.16 35.56
CA ASP D 1129 96.06 -56.29 36.33
C ASP D 1129 96.03 -55.96 37.82
N ASP D 1130 96.30 -54.70 38.15
CA ASP D 1130 96.31 -54.27 39.54
C ASP D 1130 95.07 -53.42 39.83
N ILE D 1131 94.12 -53.38 38.90
CA ILE D 1131 92.90 -52.60 39.08
C ILE D 1131 91.69 -53.52 38.95
N ALA D 1132 90.62 -53.20 39.69
CA ALA D 1132 89.34 -53.87 39.57
C ALA D 1132 88.20 -52.85 39.58
N ILE D 1133 87.31 -52.89 38.59
CA ILE D 1133 86.21 -51.96 38.49
C ILE D 1133 84.92 -52.62 38.96
N VAL D 1134 84.23 -52.01 39.94
CA VAL D 1134 83.02 -52.54 40.55
C VAL D 1134 81.87 -51.56 40.37
N ARG D 1135 80.71 -52.05 39.92
CA ARG D 1135 79.57 -51.23 39.57
C ARG D 1135 78.53 -51.24 40.68
N ILE D 1136 77.83 -50.10 40.85
CA ILE D 1136 76.73 -49.97 41.79
C ILE D 1136 75.48 -49.61 41.00
N GLU D 1137 74.47 -50.48 41.04
CA GLU D 1137 73.31 -50.39 40.19
C GLU D 1137 72.13 -49.77 40.94
N MET D 1138 72.02 -50.07 42.24
CA MET D 1138 71.01 -49.50 43.10
C MET D 1138 71.69 -48.51 44.04
N LEU D 1139 71.26 -47.24 43.98
CA LEU D 1139 71.90 -46.15 44.69
C LEU D 1139 71.28 -45.99 46.07
N HIS D 1140 69.94 -46.03 46.14
CA HIS D 1140 69.23 -45.99 47.42
C HIS D 1140 68.15 -47.05 47.44
N PRO D 1141 68.06 -47.94 48.46
CA PRO D 1141 68.99 -48.02 49.57
C PRO D 1141 70.40 -48.45 49.23
N ILE D 1142 71.33 -48.24 50.15
CA ILE D 1142 72.73 -48.56 49.93
C ILE D 1142 72.91 -50.05 50.18
N PRO D 1143 73.39 -50.83 49.19
CA PRO D 1143 73.68 -52.23 49.40
C PRO D 1143 75.06 -52.43 50.01
N PHE D 1144 75.15 -52.20 51.32
CA PHE D 1144 76.44 -52.11 51.95
C PHE D 1144 77.00 -53.50 52.27
N ASN D 1145 76.14 -54.51 52.33
CA ASN D 1145 76.59 -55.87 52.56
C ASN D 1145 77.30 -56.41 51.32
N ARG D 1146 76.79 -56.07 50.15
CA ARG D 1146 77.37 -56.54 48.90
C ARG D 1146 78.68 -55.81 48.61
N ILE D 1147 78.73 -54.50 48.88
CA ILE D 1147 79.93 -53.73 48.65
C ILE D 1147 81.01 -54.25 49.58
N SER D 1148 80.64 -54.60 50.80
CA SER D 1148 81.60 -55.12 51.76
C SER D 1148 82.16 -56.45 51.28
N GLU D 1149 81.28 -57.29 50.73
CA GLU D 1149 81.64 -58.61 50.26
C GLU D 1149 82.61 -58.51 49.09
N ALA D 1150 82.35 -57.56 48.19
CA ALA D 1150 83.17 -57.35 47.01
C ALA D 1150 84.57 -56.88 47.40
N LEU D 1151 84.63 -55.91 48.31
CA LEU D 1151 85.89 -55.35 48.76
C LEU D 1151 86.72 -56.41 49.48
N ALA D 1152 86.04 -57.31 50.20
CA ALA D 1152 86.72 -58.34 50.97
C ALA D 1152 87.36 -59.38 50.07
N GLY D 1153 86.87 -59.50 48.84
CA GLY D 1153 87.40 -60.44 47.87
C GLY D 1153 88.77 -60.04 47.33
N TYR D 1154 89.18 -58.80 47.57
CA TYR D 1154 90.51 -58.33 47.20
C TYR D 1154 91.29 -57.99 48.46
N PRO D 1155 92.04 -58.94 49.05
CA PRO D 1155 92.66 -58.74 50.36
C PRO D 1155 93.93 -57.89 50.42
N ASN D 1156 94.49 -57.50 49.28
CA ASN D 1156 95.71 -56.73 49.25
C ASN D 1156 95.45 -55.33 48.70
N ALA D 1157 94.20 -54.87 48.74
CA ALA D 1157 93.86 -53.55 48.25
C ALA D 1157 94.31 -52.50 49.25
N GLU D 1158 94.77 -51.35 48.74
CA GLU D 1158 95.29 -50.27 49.55
C GLU D 1158 94.47 -48.99 49.37
N GLU D 1159 93.81 -48.84 48.21
CA GLU D 1159 93.06 -47.65 47.89
C GLU D 1159 91.66 -48.01 47.41
N VAL D 1160 90.73 -47.08 47.59
CA VAL D 1160 89.42 -47.13 46.97
C VAL D 1160 89.16 -45.77 46.33
N LEU D 1161 88.75 -45.78 45.06
CA LEU D 1161 88.48 -44.59 44.29
C LEU D 1161 87.00 -44.56 43.94
N PHE D 1162 86.36 -43.41 44.05
CA PHE D 1162 85.00 -43.22 43.60
C PHE D 1162 85.04 -42.34 42.37
N VAL D 1163 84.58 -42.86 41.22
CA VAL D 1163 84.73 -42.19 39.95
C VAL D 1163 83.36 -41.83 39.39
N GLN D 1164 83.15 -40.56 39.05
CA GLN D 1164 81.92 -40.12 38.42
C GLN D 1164 82.20 -39.06 37.37
N ASP D 1165 81.25 -38.87 36.47
CA ASP D 1165 81.34 -37.89 35.41
C ASP D 1165 80.86 -36.53 35.86
N GLU D 1166 79.97 -36.47 36.84
CA GLU D 1166 79.33 -35.22 37.21
C GLU D 1166 80.31 -34.35 37.98
N PRO D 1167 80.08 -33.02 38.05
CA PRO D 1167 80.86 -32.15 38.94
C PRO D 1167 80.80 -32.59 40.40
N ALA D 1168 81.74 -32.09 41.21
CA ALA D 1168 81.95 -32.60 42.55
C ALA D 1168 80.82 -32.25 43.50
N ASN D 1169 79.97 -31.29 43.16
CA ASN D 1169 78.86 -30.92 44.00
C ASN D 1169 77.57 -31.51 43.45
N GLN D 1170 77.68 -32.45 42.51
CA GLN D 1170 76.54 -33.08 41.88
C GLN D 1170 76.82 -34.57 41.77
N GLY D 1171 75.83 -35.34 41.33
CA GLY D 1171 75.97 -36.79 41.17
C GLY D 1171 75.84 -37.50 42.50
N PRO D 1172 76.14 -38.81 42.58
CA PRO D 1172 76.10 -39.54 43.84
C PRO D 1172 77.18 -39.40 44.90
N TRP D 1173 78.20 -38.58 44.69
CA TRP D 1173 79.34 -38.52 45.61
C TRP D 1173 78.95 -37.91 46.95
N PRO D 1174 78.25 -36.76 47.01
CA PRO D 1174 77.88 -36.16 48.27
C PRO D 1174 77.17 -37.09 49.25
N PHE D 1175 76.27 -37.94 48.72
CA PHE D 1175 75.49 -38.87 49.50
C PHE D 1175 76.38 -39.98 50.04
N TYR D 1176 77.28 -40.48 49.20
CA TYR D 1176 78.05 -41.66 49.53
C TYR D 1176 79.21 -41.33 50.47
N GLN D 1177 79.79 -40.13 50.36
CA GLN D 1177 80.91 -39.77 51.21
C GLN D 1177 80.44 -39.58 52.64
N GLU D 1178 79.16 -39.27 52.83
CA GLU D 1178 78.59 -39.07 54.15
C GLU D 1178 78.26 -40.40 54.80
N HIS D 1179 77.65 -41.31 54.04
CA HIS D 1179 76.97 -42.46 54.61
C HIS D 1179 77.79 -43.75 54.57
N LEU D 1180 78.68 -43.92 53.60
CA LEU D 1180 79.26 -45.22 53.37
C LEU D 1180 80.34 -45.55 54.40
N PRO D 1181 81.22 -44.61 54.80
CA PRO D 1181 82.19 -44.88 55.85
C PRO D 1181 81.66 -45.38 57.18
N GLU D 1182 80.46 -44.96 57.55
CA GLU D 1182 79.82 -45.39 58.79
C GLU D 1182 79.39 -46.85 58.67
N LEU D 1183 78.85 -47.23 57.50
CA LEU D 1183 78.25 -48.53 57.29
C LEU D 1183 79.33 -49.60 57.05
N ILE D 1184 80.51 -49.21 56.55
CA ILE D 1184 81.61 -50.14 56.38
C ILE D 1184 82.82 -49.58 57.10
N PRO D 1185 82.96 -49.82 58.43
CA PRO D 1185 84.05 -49.25 59.22
C PRO D 1185 85.48 -49.55 58.81
N ASN D 1186 85.72 -50.73 58.20
CA ASN D 1186 87.07 -51.20 57.97
C ASN D 1186 87.56 -50.84 56.57
N MET D 1187 86.78 -50.05 55.83
CA MET D 1187 87.12 -49.69 54.46
C MET D 1187 88.22 -48.63 54.48
N PRO D 1188 89.19 -48.64 53.54
CA PRO D 1188 90.15 -47.54 53.39
C PRO D 1188 89.46 -46.22 53.06
N LYS D 1189 90.17 -45.10 53.26
CA LYS D 1189 89.59 -43.80 52.97
C LYS D 1189 89.35 -43.68 51.46
N MET D 1190 88.19 -43.14 51.09
CA MET D 1190 87.82 -43.01 49.70
C MET D 1190 88.47 -41.76 49.12
N ARG D 1191 88.67 -41.76 47.80
CA ARG D 1191 89.25 -40.65 47.08
C ARG D 1191 88.39 -40.36 45.86
N ARG D 1192 87.99 -39.11 45.70
CA ARG D 1192 87.11 -38.71 44.63
C ARG D 1192 87.91 -38.52 43.36
N VAL D 1193 87.33 -38.90 42.22
CA VAL D 1193 87.83 -38.51 40.91
C VAL D 1193 86.64 -38.10 40.07
N SER D 1194 86.54 -36.82 39.73
CA SER D 1194 85.41 -36.28 39.02
C SER D 1194 85.78 -34.98 38.34
N ARG D 1195 84.79 -34.33 37.73
CA ARG D 1195 84.93 -32.96 37.26
C ARG D 1195 84.90 -32.00 38.43
N ARG D 1196 85.43 -30.77 38.24
CA ARG D 1196 85.44 -29.75 39.27
C ARG D 1196 84.03 -29.23 39.53
N ALA D 1197 83.82 -28.60 40.69
CA ALA D 1197 82.52 -28.08 41.07
C ALA D 1197 82.14 -26.88 40.20
N GLN D 1198 80.86 -26.78 39.86
CA GLN D 1198 80.40 -25.79 38.90
C GLN D 1198 79.05 -25.25 39.33
N SER D 1199 78.74 -24.04 38.86
CA SER D 1199 77.47 -23.39 39.10
C SER D 1199 76.42 -23.91 38.14
N SER D 1200 76.83 -24.21 36.91
CA SER D 1200 75.95 -24.84 35.94
C SER D 1200 76.19 -26.34 35.94
N THR D 1201 75.43 -27.05 35.10
CA THR D 1201 75.47 -28.50 35.04
C THR D 1201 76.67 -28.98 34.23
N ALA D 1202 76.91 -28.36 33.08
CA ALA D 1202 77.95 -28.80 32.17
C ALA D 1202 78.38 -27.66 31.25
N THR D 1203 79.46 -27.87 30.50
CA THR D 1203 79.99 -26.88 29.56
C THR D 1203 79.09 -26.78 28.34
N GLY D 1204 79.27 -25.71 27.58
CA GLY D 1204 78.51 -25.48 26.36
C GLY D 1204 79.33 -25.72 25.10
N VAL D 1205 80.64 -25.89 25.26
CA VAL D 1205 81.56 -26.16 24.17
C VAL D 1205 81.86 -27.64 24.11
N ALA D 1206 81.91 -28.21 22.91
CA ALA D 1206 82.06 -29.64 22.72
C ALA D 1206 83.52 -30.07 22.84
N LYS D 1207 84.45 -29.24 22.36
CA LYS D 1207 85.85 -29.60 22.42
C LYS D 1207 86.34 -29.62 23.86
N VAL D 1208 85.79 -28.75 24.70
CA VAL D 1208 86.15 -28.69 26.10
C VAL D 1208 85.65 -29.95 26.80
N HIS D 1209 84.49 -30.45 26.39
CA HIS D 1209 83.93 -31.67 26.96
C HIS D 1209 84.88 -32.83 26.72
N GLN D 1210 85.44 -32.92 25.53
CA GLN D 1210 86.30 -34.03 25.18
C GLN D 1210 87.61 -33.93 25.93
N LEU D 1211 88.09 -32.72 26.16
CA LEU D 1211 89.33 -32.50 26.88
C LEU D 1211 89.17 -32.89 28.35
N GLU D 1212 88.01 -32.58 28.92
CA GLU D 1212 87.71 -32.88 30.31
C GLU D 1212 87.65 -34.38 30.55
N GLU D 1213 87.05 -35.11 29.60
CA GLU D 1213 86.87 -36.54 29.74
C GLU D 1213 88.22 -37.25 29.73
N LYS D 1214 89.13 -36.80 28.87
CA LYS D 1214 90.45 -37.36 28.78
C LYS D 1214 91.20 -37.14 30.09
N GLN D 1215 91.08 -35.94 30.65
CA GLN D 1215 91.75 -35.55 31.86
C GLN D 1215 91.29 -36.41 33.03
N LEU D 1216 90.00 -36.75 33.05
CA LEU D 1216 89.36 -37.50 34.11
C LEU D 1216 89.87 -38.93 34.14
N ILE D 1217 89.87 -39.59 32.98
CA ILE D 1217 90.24 -40.98 32.89
C ILE D 1217 91.73 -41.13 33.16
N ASP D 1218 92.53 -40.14 32.76
CA ASP D 1218 93.96 -40.19 32.99
C ASP D 1218 94.25 -40.11 34.49
N GLU D 1219 93.47 -39.28 35.20
CA GLU D 1219 93.67 -39.08 36.62
C GLU D 1219 93.33 -40.34 37.39
N ALA D 1220 92.38 -41.13 36.87
CA ALA D 1220 91.93 -42.35 37.50
C ALA D 1220 93.02 -43.42 37.47
N PHE D 1221 93.78 -43.47 36.37
CA PHE D 1221 94.80 -44.49 36.18
C PHE D 1221 96.18 -43.93 36.54
N GLU D 1222 96.23 -43.09 37.58
CA GLU D 1222 97.46 -42.47 38.06
C GLU D 1222 98.00 -41.51 37.01
N PRO E 104 30.73 -55.43 -25.98
CA PRO E 104 31.39 -54.92 -27.20
C PRO E 104 31.35 -55.93 -28.35
N GLY E 105 31.11 -55.44 -29.56
CA GLY E 105 31.14 -56.25 -30.76
C GLY E 105 29.82 -56.21 -31.53
N GLN E 106 29.70 -57.11 -32.51
CA GLN E 106 28.59 -57.14 -33.45
C GLN E 106 27.66 -58.30 -33.09
N THR E 107 26.36 -58.13 -33.30
CA THR E 107 25.40 -59.18 -33.00
C THR E 107 24.16 -59.01 -33.86
N PRO E 108 23.72 -60.06 -34.60
CA PRO E 108 22.50 -60.01 -35.40
C PRO E 108 21.23 -59.64 -34.64
N ILE E 109 20.35 -58.89 -35.33
CA ILE E 109 19.07 -58.49 -34.79
C ILE E 109 18.09 -59.62 -35.05
N ARG E 110 17.38 -60.07 -34.01
CA ARG E 110 16.47 -61.20 -34.14
C ARG E 110 15.17 -60.88 -33.41
N GLY E 111 14.06 -61.38 -33.97
CA GLY E 111 12.79 -61.40 -33.28
C GLY E 111 11.92 -60.20 -33.64
N ILE E 112 11.29 -59.59 -32.62
CA ILE E 112 10.44 -58.43 -32.78
C ILE E 112 11.27 -57.24 -33.26
N PHE E 113 12.54 -57.21 -32.88
CA PHE E 113 13.43 -56.09 -33.20
C PHE E 113 13.76 -56.08 -34.68
N LYS E 114 13.83 -57.27 -35.30
CA LYS E 114 14.07 -57.37 -36.72
C LYS E 114 12.87 -56.82 -37.49
N SER E 115 11.66 -57.04 -36.97
CA SER E 115 10.45 -56.54 -37.58
C SER E 115 10.37 -55.01 -37.48
N ILE E 116 10.80 -54.45 -36.35
CA ILE E 116 10.79 -53.02 -36.14
C ILE E 116 11.78 -52.35 -37.08
N ALA E 117 12.92 -53.00 -37.31
CA ALA E 117 13.96 -52.47 -38.17
C ALA E 117 13.50 -52.44 -39.62
N LYS E 118 12.79 -53.49 -40.05
CA LYS E 118 12.39 -53.61 -41.44
C LYS E 118 11.32 -52.58 -41.78
N ASN E 119 10.42 -52.32 -40.84
CA ASN E 119 9.32 -51.39 -41.07
C ASN E 119 9.84 -49.96 -41.16
N MET E 120 10.84 -49.63 -40.35
CA MET E 120 11.44 -48.30 -40.34
C MET E 120 12.13 -48.03 -41.68
N ASP E 121 12.70 -49.08 -42.27
CA ASP E 121 13.36 -48.98 -43.56
C ASP E 121 12.34 -48.77 -44.67
N ILE E 122 11.20 -49.46 -44.60
CA ILE E 122 10.15 -49.31 -45.58
C ILE E 122 9.59 -47.90 -45.54
N SER E 123 9.52 -47.31 -44.33
CA SER E 123 8.84 -46.04 -44.12
C SER E 123 9.60 -44.87 -44.72
N LEU E 124 10.79 -45.13 -45.26
CA LEU E 124 11.59 -44.08 -45.85
C LEU E 124 10.93 -43.56 -47.12
N GLU E 125 9.96 -44.29 -47.67
CA GLU E 125 9.35 -43.91 -48.92
C GLU E 125 8.04 -43.14 -48.70
N ILE E 126 7.90 -42.50 -47.53
CA ILE E 126 6.77 -41.63 -47.26
C ILE E 126 7.27 -40.21 -47.09
N PRO E 127 6.85 -39.23 -47.92
CA PRO E 127 7.08 -37.82 -47.64
C PRO E 127 6.22 -37.26 -46.52
N THR E 128 6.85 -36.74 -45.47
CA THR E 128 6.14 -36.36 -44.26
C THR E 128 6.35 -34.88 -43.94
N ALA E 129 5.35 -34.27 -43.32
CA ALA E 129 5.43 -32.94 -42.77
C ALA E 129 4.74 -32.91 -41.40
N THR E 130 5.03 -31.87 -40.60
CA THR E 130 4.61 -31.80 -39.21
C THR E 130 4.00 -30.44 -38.89
N SER E 131 3.02 -30.42 -37.98
CA SER E 131 2.42 -29.21 -37.45
C SER E 131 2.43 -29.27 -35.92
N VAL E 132 2.59 -28.12 -35.27
CA VAL E 132 2.74 -28.02 -33.83
C VAL E 132 1.80 -26.94 -33.30
N ARG E 133 1.06 -27.22 -32.23
CA ARG E 133 0.17 -26.25 -31.61
C ARG E 133 0.17 -26.41 -30.09
N ASP E 134 0.10 -25.30 -29.36
CA ASP E 134 0.09 -25.29 -27.90
C ASP E 134 -1.26 -24.79 -27.39
N MET E 135 -1.73 -25.39 -26.29
CA MET E 135 -3.09 -25.22 -25.81
C MET E 135 -3.07 -25.04 -24.30
N PRO E 136 -4.03 -24.29 -23.69
CA PRO E 136 -4.20 -24.29 -22.24
C PRO E 136 -4.63 -25.63 -21.69
N ALA E 137 -4.30 -25.91 -20.42
CA ALA E 137 -4.56 -27.22 -19.85
C ALA E 137 -5.22 -27.16 -18.47
N ARG E 138 -5.72 -25.99 -18.05
CA ARG E 138 -6.24 -25.80 -16.70
C ARG E 138 -7.54 -26.57 -16.53
N LEU E 139 -8.45 -26.43 -17.51
CA LEU E 139 -9.77 -26.99 -17.42
C LEU E 139 -9.70 -28.51 -17.40
N MET E 140 -8.68 -29.09 -18.02
CA MET E 140 -8.53 -30.54 -18.02
C MET E 140 -8.20 -31.01 -16.62
N PHE E 141 -7.31 -30.32 -15.93
CA PHE E 141 -6.93 -30.71 -14.59
C PHE E 141 -8.15 -30.65 -13.67
N GLU E 142 -8.94 -29.58 -13.77
CA GLU E 142 -10.08 -29.35 -12.90
C GLU E 142 -11.14 -30.41 -13.10
N ASN E 143 -11.55 -30.62 -14.35
CA ASN E 143 -12.67 -31.47 -14.63
C ASN E 143 -12.31 -32.94 -14.46
N ARG E 144 -11.04 -33.29 -14.62
CA ARG E 144 -10.63 -34.66 -14.39
C ARG E 144 -10.74 -34.98 -12.92
N ALA E 145 -10.39 -34.02 -12.07
CA ALA E 145 -10.44 -34.22 -10.63
C ALA E 145 -11.87 -34.43 -10.17
N MET E 146 -12.82 -33.72 -10.78
CA MET E 146 -14.21 -33.84 -10.43
C MET E 146 -14.74 -35.23 -10.78
N VAL E 147 -14.27 -35.79 -11.90
CA VAL E 147 -14.76 -37.09 -12.35
C VAL E 147 -14.17 -38.19 -11.47
N ASN E 148 -12.92 -38.03 -11.07
CA ASN E 148 -12.25 -39.07 -10.30
C ASN E 148 -12.77 -39.10 -8.87
N ASP E 149 -13.30 -37.99 -8.36
CA ASP E 149 -13.89 -37.95 -7.02
C ASP E 149 -15.19 -38.76 -7.00
N GLN E 150 -15.99 -38.65 -8.06
CA GLN E 150 -17.22 -39.39 -8.19
C GLN E 150 -16.93 -40.89 -8.22
N LEU E 151 -15.89 -41.29 -8.95
CA LEU E 151 -15.61 -42.70 -9.13
C LEU E 151 -15.10 -43.30 -7.82
N LYS E 152 -14.38 -42.51 -7.03
CA LYS E 152 -13.80 -43.01 -5.81
C LYS E 152 -14.89 -43.36 -4.79
N ARG E 153 -15.96 -42.56 -4.73
CA ARG E 153 -17.04 -42.81 -3.79
C ARG E 153 -17.83 -44.04 -4.22
N THR E 154 -17.91 -44.27 -5.54
CA THR E 154 -18.68 -45.38 -6.08
C THR E 154 -17.78 -46.60 -6.33
N ARG E 155 -16.56 -46.58 -5.76
CA ARG E 155 -15.61 -47.68 -5.88
C ARG E 155 -15.44 -48.10 -7.34
N GLY E 156 -15.37 -47.11 -8.23
CA GLY E 156 -15.02 -47.35 -9.63
C GLY E 156 -13.52 -47.21 -9.85
N GLY E 157 -13.13 -46.86 -11.09
CA GLY E 157 -11.73 -46.80 -11.46
C GLY E 157 -11.18 -45.37 -11.46
N LYS E 158 -10.52 -45.01 -12.57
CA LYS E 158 -9.78 -43.77 -12.71
C LYS E 158 -9.66 -43.45 -14.20
N ILE E 159 -9.90 -42.20 -14.60
CA ILE E 159 -9.64 -41.82 -15.97
C ILE E 159 -8.35 -41.02 -16.04
N SER E 160 -7.75 -40.98 -17.25
CA SER E 160 -6.46 -40.36 -17.52
C SER E 160 -6.60 -39.30 -18.60
N PHE E 161 -5.52 -38.55 -18.85
CA PHE E 161 -5.52 -37.48 -19.82
C PHE E 161 -5.60 -38.05 -21.23
N THR E 162 -5.01 -39.23 -21.44
CA THR E 162 -5.01 -39.86 -22.75
C THR E 162 -6.41 -40.28 -23.15
N HIS E 163 -7.25 -40.67 -22.19
CA HIS E 163 -8.64 -41.00 -22.46
C HIS E 163 -9.38 -39.81 -23.03
N ILE E 164 -9.17 -38.64 -22.44
CA ILE E 164 -9.90 -37.44 -22.81
C ILE E 164 -9.43 -36.96 -24.18
N ILE E 165 -8.11 -36.96 -24.39
CA ILE E 165 -7.54 -36.45 -25.63
C ILE E 165 -7.87 -37.42 -26.75
N GLY E 166 -7.90 -38.72 -26.43
CA GLY E 166 -8.31 -39.74 -27.39
C GLY E 166 -9.72 -39.50 -27.92
N TYR E 167 -10.66 -39.21 -27.01
CA TYR E 167 -12.05 -39.06 -27.40
C TYR E 167 -12.19 -37.79 -28.24
N ALA E 168 -11.49 -36.72 -27.87
CA ALA E 168 -11.54 -35.47 -28.61
C ALA E 168 -10.98 -35.67 -30.02
N MET E 169 -9.94 -36.51 -30.13
CA MET E 169 -9.27 -36.77 -31.39
C MET E 169 -10.22 -37.46 -32.35
N VAL E 170 -11.04 -38.38 -31.83
CA VAL E 170 -12.01 -39.12 -32.64
C VAL E 170 -13.06 -38.18 -33.18
N LYS E 171 -13.56 -37.28 -32.34
CA LYS E 171 -14.57 -36.32 -32.75
C LYS E 171 -14.03 -35.41 -33.84
N ALA E 172 -12.73 -35.08 -33.74
CA ALA E 172 -12.09 -34.18 -34.68
C ALA E 172 -11.91 -34.83 -36.04
N VAL E 173 -11.60 -36.13 -36.06
CA VAL E 173 -11.41 -36.87 -37.30
C VAL E 173 -12.75 -36.99 -38.02
N MET E 174 -13.84 -37.07 -37.27
CA MET E 174 -15.18 -37.10 -37.85
C MET E 174 -15.48 -35.76 -38.53
N ALA E 175 -15.04 -34.66 -37.92
CA ALA E 175 -15.28 -33.33 -38.46
C ALA E 175 -14.40 -33.05 -39.68
N HIS E 176 -13.24 -33.71 -39.77
CA HIS E 176 -12.29 -33.51 -40.86
C HIS E 176 -11.89 -34.87 -41.42
N PRO E 177 -12.74 -35.51 -42.24
CA PRO E 177 -12.52 -36.89 -42.69
C PRO E 177 -11.25 -37.19 -43.49
N ASP E 178 -10.65 -36.18 -44.11
CA ASP E 178 -9.47 -36.36 -44.95
C ASP E 178 -8.28 -36.89 -44.15
N MET E 179 -8.30 -36.73 -42.82
CA MET E 179 -7.19 -37.13 -41.99
C MET E 179 -7.16 -38.64 -41.82
N ASN E 180 -8.14 -39.36 -42.38
CA ASN E 180 -8.23 -40.80 -42.18
C ASN E 180 -7.76 -41.56 -43.43
N ASN E 181 -7.37 -40.85 -44.49
CA ASN E 181 -7.07 -41.47 -45.77
C ASN E 181 -5.61 -41.88 -45.85
N SER E 182 -5.27 -42.73 -46.82
CA SER E 182 -3.91 -43.19 -47.03
C SER E 182 -3.62 -43.33 -48.52
N TYR E 183 -2.40 -43.75 -48.88
CA TYR E 183 -1.91 -43.77 -50.25
C TYR E 183 -1.38 -45.14 -50.59
N ASP E 184 -1.60 -45.59 -51.83
CA ASP E 184 -1.06 -46.85 -52.30
C ASP E 184 -1.03 -46.87 -53.82
N VAL E 185 -0.15 -47.68 -54.40
CA VAL E 185 -0.10 -47.84 -55.83
C VAL E 185 -0.62 -49.22 -56.20
N ILE E 186 -1.69 -49.25 -57.01
CA ILE E 186 -2.46 -50.45 -57.32
C ILE E 186 -2.60 -50.59 -58.83
N ASP E 187 -2.12 -51.70 -59.37
CA ASP E 187 -2.10 -51.90 -60.81
C ASP E 187 -1.15 -50.86 -61.40
N GLY E 188 -0.18 -50.46 -60.60
CA GLY E 188 0.77 -49.45 -61.03
C GLY E 188 0.14 -48.10 -61.31
N LYS E 189 -0.97 -47.77 -60.70
CA LYS E 189 -1.47 -46.41 -60.73
C LYS E 189 -1.58 -45.87 -59.29
N PRO E 190 -1.25 -44.59 -59.04
CA PRO E 190 -1.58 -43.92 -57.79
C PRO E 190 -3.04 -43.92 -57.38
N THR E 191 -3.29 -44.13 -56.08
CA THR E 191 -4.63 -44.37 -55.58
C THR E 191 -4.81 -43.82 -54.18
N LEU E 192 -5.97 -43.23 -53.91
CA LEU E 192 -6.36 -42.79 -52.59
C LEU E 192 -7.25 -43.86 -51.98
N ILE E 193 -7.04 -44.17 -50.70
CA ILE E 193 -7.78 -45.22 -50.02
C ILE E 193 -8.62 -44.59 -48.91
N VAL E 194 -9.94 -44.78 -48.98
CA VAL E 194 -10.87 -44.23 -48.02
C VAL E 194 -11.48 -45.36 -47.21
N PRO E 195 -11.10 -45.57 -45.94
CA PRO E 195 -11.60 -46.70 -45.17
C PRO E 195 -13.06 -46.58 -44.74
N GLU E 196 -13.59 -47.68 -44.18
CA GLU E 196 -14.96 -47.76 -43.73
C GLU E 196 -15.09 -47.23 -42.30
N HIS E 197 -14.08 -47.50 -41.47
CA HIS E 197 -14.15 -47.17 -40.06
C HIS E 197 -12.94 -46.35 -39.61
N ILE E 198 -13.04 -45.77 -38.41
CA ILE E 198 -11.93 -45.15 -37.72
C ILE E 198 -11.41 -46.11 -36.67
N ASN E 199 -10.26 -46.73 -36.94
CA ASN E 199 -9.61 -47.62 -35.99
C ASN E 199 -8.41 -46.91 -35.39
N LEU E 200 -8.39 -46.78 -34.05
CA LEU E 200 -7.43 -45.94 -33.37
C LEU E 200 -6.36 -46.82 -32.74
N GLY E 201 -5.11 -46.60 -33.12
CA GLY E 201 -3.99 -47.36 -32.59
C GLY E 201 -3.36 -46.67 -31.40
N LEU E 202 -3.05 -47.44 -30.36
CA LEU E 202 -2.40 -46.96 -29.16
C LEU E 202 -1.00 -47.51 -29.10
N ALA E 203 -0.02 -46.66 -28.79
CA ALA E 203 1.36 -47.06 -28.66
C ALA E 203 1.65 -47.43 -27.22
N ILE E 204 1.76 -48.73 -26.93
CA ILE E 204 1.93 -49.23 -25.58
C ILE E 204 3.36 -49.73 -25.41
N ASP E 205 4.07 -49.15 -24.44
CA ASP E 205 5.41 -49.57 -24.08
C ASP E 205 5.29 -50.68 -23.04
N LEU E 206 5.65 -51.91 -23.44
CA LEU E 206 5.58 -53.07 -22.56
C LEU E 206 6.95 -53.74 -22.48
N PRO E 207 7.53 -53.88 -21.27
CA PRO E 207 8.70 -54.74 -21.05
C PRO E 207 8.42 -56.22 -21.30
N GLN E 208 9.47 -56.96 -21.68
CA GLN E 208 9.37 -58.36 -22.05
C GLN E 208 10.10 -59.20 -20.99
N LYS E 209 10.08 -60.53 -21.18
CA LYS E 209 10.63 -61.47 -20.22
C LYS E 209 12.13 -61.27 -20.04
N ASP E 210 12.82 -60.96 -21.15
CA ASP E 210 14.28 -60.82 -21.16
C ASP E 210 14.70 -59.64 -20.29
N GLY E 211 13.96 -58.54 -20.38
CA GLY E 211 14.30 -57.29 -19.71
C GLY E 211 14.56 -56.14 -20.69
N SER E 212 14.02 -56.27 -21.91
CA SER E 212 14.13 -55.24 -22.94
C SER E 212 12.75 -54.72 -23.29
N ARG E 213 12.59 -53.39 -23.27
CA ARG E 213 11.34 -52.74 -23.62
C ARG E 213 11.14 -52.79 -25.13
N ALA E 214 9.88 -52.94 -25.54
CA ALA E 214 9.49 -52.87 -26.95
C ALA E 214 8.15 -52.16 -27.06
N LEU E 215 7.95 -51.43 -28.15
CA LEU E 215 6.72 -50.69 -28.37
C LEU E 215 5.87 -51.40 -29.42
N VAL E 216 4.57 -51.55 -29.11
CA VAL E 216 3.63 -52.19 -30.02
C VAL E 216 2.44 -51.27 -30.19
N VAL E 217 1.75 -51.39 -31.34
CA VAL E 217 0.58 -50.58 -31.62
C VAL E 217 -0.65 -51.47 -31.79
N ALA E 218 -1.59 -51.37 -30.84
CA ALA E 218 -2.82 -52.14 -30.80
C ALA E 218 -4.00 -51.26 -31.15
N ALA E 219 -5.09 -51.85 -31.63
CA ALA E 219 -6.17 -51.08 -32.24
C ALA E 219 -7.48 -51.21 -31.47
N ILE E 220 -8.19 -50.07 -31.35
CA ILE E 220 -9.59 -50.02 -30.95
C ILE E 220 -10.41 -49.85 -32.23
N LYS E 221 -11.36 -50.75 -32.48
CA LYS E 221 -12.01 -50.79 -33.78
C LYS E 221 -13.41 -50.19 -33.72
N GLU E 222 -13.83 -49.58 -34.83
CA GLU E 222 -15.16 -49.04 -35.00
C GLU E 222 -15.45 -48.03 -33.89
N THR E 223 -14.71 -46.92 -33.92
CA THR E 223 -14.70 -45.96 -32.83
C THR E 223 -15.71 -44.85 -33.10
N GLU E 224 -16.17 -44.73 -34.35
CA GLU E 224 -17.02 -43.62 -34.72
C GLU E 224 -18.47 -43.86 -34.34
N LYS E 225 -18.74 -44.99 -33.68
CA LYS E 225 -20.07 -45.31 -33.19
C LYS E 225 -19.97 -45.67 -31.72
N MET E 226 -19.28 -44.84 -30.94
CA MET E 226 -19.09 -45.05 -29.52
C MET E 226 -19.36 -43.74 -28.77
N ASN E 227 -19.87 -43.85 -27.54
CA ASN E 227 -19.92 -42.74 -26.60
C ASN E 227 -18.77 -42.92 -25.61
N PHE E 228 -18.63 -41.99 -24.65
CA PHE E 228 -17.44 -41.98 -23.81
C PHE E 228 -17.39 -43.24 -22.95
N SER E 229 -18.55 -43.74 -22.53
CA SER E 229 -18.61 -44.92 -21.68
C SER E 229 -18.06 -46.13 -22.43
N GLU E 230 -18.51 -46.30 -23.67
CA GLU E 230 -18.08 -47.40 -24.52
C GLU E 230 -16.59 -47.27 -24.81
N PHE E 231 -16.14 -46.05 -25.11
CA PHE E 231 -14.76 -45.77 -25.47
C PHE E 231 -13.82 -46.19 -24.35
N LEU E 232 -14.18 -45.85 -23.12
CA LEU E 232 -13.32 -46.10 -21.97
C LEU E 232 -13.15 -47.60 -21.76
N ALA E 233 -14.22 -48.35 -21.96
CA ALA E 233 -14.21 -49.79 -21.76
C ALA E 233 -13.27 -50.47 -22.75
N ALA E 234 -13.39 -50.09 -24.03
CA ALA E 234 -12.58 -50.66 -25.09
C ALA E 234 -11.10 -50.36 -24.86
N TYR E 235 -10.80 -49.14 -24.42
CA TYR E 235 -9.44 -48.71 -24.15
C TYR E 235 -8.83 -49.62 -23.10
N GLU E 236 -9.54 -49.79 -21.99
CA GLU E 236 -9.03 -50.52 -20.84
C GLU E 236 -8.90 -52.00 -21.15
N ASP E 237 -9.74 -52.49 -22.07
CA ASP E 237 -9.68 -53.87 -22.50
C ASP E 237 -8.34 -54.16 -23.17
N ILE E 238 -7.95 -53.29 -24.12
CA ILE E 238 -6.71 -53.47 -24.88
C ILE E 238 -5.52 -53.43 -23.93
N VAL E 239 -5.52 -52.48 -23.00
CA VAL E 239 -4.39 -52.27 -22.10
C VAL E 239 -4.25 -53.47 -21.19
N ALA E 240 -5.37 -53.97 -20.68
CA ALA E 240 -5.38 -55.07 -19.72
C ALA E 240 -4.78 -56.33 -20.34
N ARG E 241 -5.21 -56.66 -21.55
CA ARG E 241 -4.78 -57.87 -22.21
C ARG E 241 -3.32 -57.79 -22.61
N SER E 242 -2.81 -56.57 -22.80
CA SER E 242 -1.44 -56.38 -23.25
C SER E 242 -0.46 -56.76 -22.13
N ARG E 243 -0.83 -56.45 -20.89
CA ARG E 243 0.03 -56.72 -19.75
C ARG E 243 0.08 -58.22 -19.46
N LYS E 244 -1.06 -58.90 -19.63
CA LYS E 244 -1.17 -60.34 -19.38
C LYS E 244 -0.61 -61.15 -20.54
N GLY E 245 -0.35 -60.50 -21.67
CA GLY E 245 0.25 -61.17 -22.82
C GLY E 245 -0.77 -62.02 -23.56
N LYS E 246 -1.93 -61.44 -23.87
CA LYS E 246 -3.03 -62.17 -24.48
C LYS E 246 -3.63 -61.38 -25.64
N LEU E 247 -2.77 -60.78 -26.48
CA LEU E 247 -3.20 -60.09 -27.68
C LEU E 247 -3.06 -61.03 -28.87
N THR E 248 -4.08 -61.05 -29.73
CA THR E 248 -4.09 -61.89 -30.92
C THR E 248 -3.50 -61.11 -32.09
N MET E 249 -3.52 -61.73 -33.27
CA MET E 249 -2.93 -61.16 -34.46
C MET E 249 -3.90 -60.18 -35.10
N ASP E 250 -5.19 -60.29 -34.77
CA ASP E 250 -6.20 -59.43 -35.36
C ASP E 250 -6.13 -58.04 -34.74
N ASP E 251 -5.56 -57.93 -33.54
CA ASP E 251 -5.51 -56.66 -32.82
C ASP E 251 -4.44 -55.75 -33.40
N TYR E 252 -3.52 -56.29 -34.20
CA TYR E 252 -2.46 -55.51 -34.78
C TYR E 252 -2.76 -55.15 -36.22
N GLN E 253 -4.00 -55.29 -36.69
CA GLN E 253 -4.29 -55.07 -38.09
C GLN E 253 -5.43 -54.09 -38.25
N GLY E 254 -5.32 -53.24 -39.28
CA GLY E 254 -6.41 -52.38 -39.69
C GLY E 254 -6.35 -50.98 -39.12
N VAL E 255 -5.20 -50.56 -38.58
CA VAL E 255 -5.07 -49.26 -37.96
C VAL E 255 -5.17 -48.19 -39.03
N THR E 256 -5.91 -47.12 -38.74
CA THR E 256 -6.07 -46.02 -39.68
C THR E 256 -5.48 -44.71 -39.15
N VAL E 257 -5.28 -44.59 -37.83
CA VAL E 257 -4.74 -43.38 -37.23
C VAL E 257 -4.24 -43.71 -35.84
N SER E 258 -3.12 -43.10 -35.41
CA SER E 258 -2.38 -43.51 -34.22
C SER E 258 -2.23 -42.38 -33.20
N LEU E 259 -1.96 -42.75 -31.95
CA LEU E 259 -1.79 -41.84 -30.82
C LEU E 259 -0.62 -42.30 -29.95
N THR E 260 0.21 -41.34 -29.53
CA THR E 260 1.39 -41.62 -28.73
C THR E 260 1.53 -40.54 -27.64
N ASN E 261 2.17 -40.89 -26.52
CA ASN E 261 2.28 -40.03 -25.37
C ASN E 261 3.70 -39.97 -24.86
N PRO E 262 4.62 -39.23 -25.52
CA PRO E 262 5.96 -39.01 -24.98
C PRO E 262 6.07 -38.06 -23.78
N GLY E 263 4.95 -37.43 -23.39
CA GLY E 263 4.93 -36.48 -22.30
C GLY E 263 4.94 -37.13 -20.91
N GLY E 264 4.75 -38.45 -20.86
CA GLY E 264 4.87 -39.19 -19.62
C GLY E 264 6.24 -39.05 -18.96
N ILE E 265 7.29 -39.10 -19.78
CA ILE E 265 8.65 -38.96 -19.32
C ILE E 265 8.95 -37.50 -19.02
N GLY E 266 8.37 -36.57 -19.80
CA GLY E 266 8.55 -35.15 -19.57
C GLY E 266 9.09 -34.41 -20.79
N THR E 267 9.06 -35.05 -21.96
CA THR E 267 9.45 -34.43 -23.21
C THR E 267 8.43 -33.37 -23.58
N ARG E 268 8.91 -32.27 -24.20
CA ARG E 268 8.05 -31.14 -24.52
C ARG E 268 7.28 -31.42 -25.80
N HIS E 269 7.98 -31.87 -26.85
CA HIS E 269 7.33 -32.41 -28.03
C HIS E 269 8.31 -33.25 -28.84
N SER E 270 7.81 -34.01 -29.82
CA SER E 270 8.62 -34.88 -30.64
C SER E 270 8.21 -34.78 -32.11
N VAL E 271 9.10 -35.25 -33.00
CA VAL E 271 8.82 -35.39 -34.42
C VAL E 271 8.97 -36.84 -34.81
N PRO E 272 7.91 -37.67 -34.73
CA PRO E 272 8.01 -39.11 -34.96
C PRO E 272 7.96 -39.58 -36.41
N ARG E 273 8.11 -40.91 -36.60
CA ARG E 273 8.07 -41.54 -37.90
C ARG E 273 6.68 -42.10 -38.17
N LEU E 274 6.26 -42.05 -39.44
CA LEU E 274 4.97 -42.53 -39.87
C LEU E 274 5.17 -43.87 -40.57
N THR E 275 4.35 -44.86 -40.23
CA THR E 275 4.46 -46.21 -40.77
C THR E 275 3.48 -46.39 -41.91
N LYS E 276 3.82 -47.31 -42.83
CA LYS E 276 3.11 -47.44 -44.09
C LYS E 276 1.70 -47.96 -43.85
N GLY E 277 0.73 -47.37 -44.57
CA GLY E 277 -0.65 -47.77 -44.48
C GLY E 277 -1.53 -46.76 -43.74
N GLN E 278 -0.93 -45.69 -43.22
CA GLN E 278 -1.64 -44.68 -42.46
C GLN E 278 -1.45 -43.30 -43.07
N GLY E 279 -2.22 -42.34 -42.57
CA GLY E 279 -2.16 -40.97 -43.04
C GLY E 279 -1.60 -40.01 -41.99
N THR E 280 -1.83 -40.28 -40.69
CA THR E 280 -1.38 -39.37 -39.66
C THR E 280 -1.06 -40.11 -38.37
N ILE E 281 -0.24 -39.44 -37.54
CA ILE E 281 0.08 -39.85 -36.18
C ILE E 281 0.08 -38.60 -35.30
N ILE E 282 -0.56 -38.68 -34.12
CA ILE E 282 -0.73 -37.57 -33.20
C ILE E 282 0.07 -37.83 -31.94
N GLY E 283 0.78 -36.80 -31.45
CA GLY E 283 1.63 -36.92 -30.27
C GLY E 283 1.27 -35.90 -29.19
N VAL E 284 1.32 -36.34 -27.93
CA VAL E 284 0.94 -35.54 -26.77
C VAL E 284 2.17 -35.33 -25.89
N GLY E 285 2.50 -34.06 -25.65
CA GLY E 285 3.68 -33.69 -24.89
C GLY E 285 3.35 -33.42 -23.43
N SER E 286 4.34 -32.89 -22.71
CA SER E 286 4.26 -32.69 -21.28
C SER E 286 3.22 -31.63 -20.93
N MET E 287 2.46 -31.87 -19.85
CA MET E 287 1.50 -30.92 -19.33
C MET E 287 2.05 -30.34 -18.04
N ASP E 288 2.69 -29.18 -18.13
CA ASP E 288 3.44 -28.61 -17.03
C ASP E 288 3.62 -27.10 -17.28
N TYR E 289 4.05 -26.37 -16.25
CA TYR E 289 4.40 -24.98 -16.39
C TYR E 289 5.59 -24.88 -17.32
N PRO E 290 5.79 -23.74 -18.02
CA PRO E 290 7.00 -23.52 -18.79
C PRO E 290 8.24 -23.42 -17.91
N ALA E 291 9.42 -23.65 -18.50
CA ALA E 291 10.64 -23.80 -17.73
C ALA E 291 11.14 -22.49 -17.14
N GLU E 292 10.63 -21.35 -17.61
CA GLU E 292 10.99 -20.05 -17.06
C GLU E 292 10.19 -19.73 -15.80
N PHE E 293 9.27 -20.61 -15.40
CA PHE E 293 8.50 -20.43 -14.19
C PHE E 293 8.67 -21.60 -13.23
N GLN E 294 9.65 -22.46 -13.46
CA GLN E 294 9.77 -23.68 -12.67
C GLN E 294 10.43 -23.43 -11.32
N GLY E 295 10.91 -22.21 -11.08
CA GLY E 295 11.48 -21.86 -9.80
C GLY E 295 10.61 -20.90 -9.00
N ALA E 296 9.50 -20.44 -9.59
CA ALA E 296 8.65 -19.45 -8.95
C ALA E 296 7.83 -20.09 -7.85
N SER E 297 7.29 -19.24 -6.97
CA SER E 297 6.48 -19.68 -5.85
C SER E 297 5.05 -19.90 -6.30
N GLU E 298 4.32 -20.74 -5.55
CA GLU E 298 2.92 -21.00 -5.83
C GLU E 298 2.10 -19.73 -5.65
N ASP E 299 2.45 -18.95 -4.61
CA ASP E 299 1.74 -17.73 -4.29
C ASP E 299 1.79 -16.78 -5.47
N ARG E 300 2.97 -16.64 -6.06
CA ARG E 300 3.20 -15.64 -7.10
C ARG E 300 2.48 -16.07 -8.39
N LEU E 301 2.50 -17.37 -8.69
CA LEU E 301 1.85 -17.89 -9.88
C LEU E 301 0.34 -17.71 -9.79
N ALA E 302 -0.22 -17.89 -8.59
CA ALA E 302 -1.65 -17.71 -8.35
C ALA E 302 -2.05 -16.25 -8.53
N GLU E 303 -1.19 -15.33 -8.10
CA GLU E 303 -1.47 -13.91 -8.17
C GLU E 303 -1.55 -13.48 -9.64
N LEU E 304 -0.59 -13.93 -10.44
CA LEU E 304 -0.44 -13.47 -11.81
C LEU E 304 -1.56 -14.08 -12.66
N GLY E 305 -1.82 -15.36 -12.47
CA GLY E 305 -2.81 -16.07 -13.26
C GLY E 305 -2.19 -16.93 -14.36
N VAL E 306 -1.05 -17.55 -14.04
CA VAL E 306 -0.30 -18.34 -14.98
C VAL E 306 -0.85 -19.75 -14.97
N GLY E 307 -1.08 -20.33 -16.14
CA GLY E 307 -1.60 -21.67 -16.26
C GLY E 307 -0.57 -22.64 -16.81
N LYS E 308 -1.02 -23.87 -17.07
CA LYS E 308 -0.18 -24.90 -17.65
C LYS E 308 -0.52 -25.10 -19.12
N LEU E 309 0.42 -25.72 -19.84
CA LEU E 309 0.42 -25.87 -21.29
C LEU E 309 0.22 -27.33 -21.64
N VAL E 310 -0.09 -27.58 -22.91
CA VAL E 310 0.14 -28.87 -23.54
C VAL E 310 0.43 -28.59 -25.01
N THR E 311 1.44 -29.27 -25.56
CA THR E 311 1.79 -29.17 -26.97
C THR E 311 1.39 -30.45 -27.67
N ILE E 312 0.66 -30.31 -28.78
CA ILE E 312 0.18 -31.44 -29.58
C ILE E 312 0.73 -31.32 -30.99
N THR E 313 1.15 -32.45 -31.57
CA THR E 313 1.76 -32.51 -32.89
C THR E 313 0.95 -33.38 -33.83
N SER E 314 1.14 -33.16 -35.13
CA SER E 314 0.51 -33.92 -36.19
C SER E 314 1.52 -34.18 -37.31
N THR E 315 1.81 -35.45 -37.60
CA THR E 315 2.73 -35.84 -38.65
C THR E 315 1.97 -36.60 -39.72
N TYR E 316 2.02 -36.13 -40.96
CA TYR E 316 1.12 -36.59 -42.01
C TYR E 316 1.84 -36.82 -43.33
N ASP E 317 1.24 -37.64 -44.19
CA ASP E 317 1.72 -37.94 -45.53
C ASP E 317 1.23 -36.89 -46.51
N HIS E 318 2.16 -36.22 -47.18
CA HIS E 318 1.88 -34.99 -47.89
C HIS E 318 1.38 -35.24 -49.31
N ARG E 319 1.33 -36.50 -49.71
CA ARG E 319 0.78 -36.86 -51.00
C ARG E 319 -0.74 -36.87 -50.96
N VAL E 320 -1.35 -36.98 -49.77
CA VAL E 320 -2.79 -37.14 -49.67
C VAL E 320 -3.40 -36.16 -48.67
N ILE E 321 -2.61 -35.51 -47.81
CA ILE E 321 -3.14 -34.53 -46.86
C ILE E 321 -2.36 -33.24 -47.02
N GLN E 322 -3.09 -32.11 -47.04
CA GLN E 322 -2.49 -30.80 -47.17
C GLN E 322 -2.31 -30.16 -45.80
N GLY E 323 -1.55 -29.07 -45.76
CA GLY E 323 -1.19 -28.42 -44.52
C GLY E 323 -2.38 -27.76 -43.84
N ALA E 324 -3.24 -27.12 -44.65
CA ALA E 324 -4.41 -26.42 -44.14
C ALA E 324 -5.36 -27.37 -43.42
N VAL E 325 -5.48 -28.60 -43.93
CA VAL E 325 -6.33 -29.59 -43.32
C VAL E 325 -5.77 -29.98 -41.96
N SER E 326 -4.45 -30.18 -41.88
CA SER E 326 -3.78 -30.55 -40.64
C SER E 326 -3.92 -29.46 -39.59
N GLY E 327 -3.82 -28.20 -40.01
CA GLY E 327 -3.96 -27.08 -39.11
C GLY E 327 -5.36 -26.98 -38.55
N GLU E 328 -6.37 -27.14 -39.41
CA GLU E 328 -7.76 -27.05 -39.02
C GLU E 328 -8.13 -28.18 -38.07
N PHE E 329 -7.52 -29.34 -38.26
CA PHE E 329 -7.73 -30.47 -37.38
C PHE E 329 -7.31 -30.11 -35.96
N LEU E 330 -6.12 -29.53 -35.80
CA LEU E 330 -5.62 -29.19 -34.48
C LEU E 330 -6.43 -28.04 -33.87
N ARG E 331 -6.96 -27.14 -34.71
CA ARG E 331 -7.77 -26.04 -34.21
C ARG E 331 -9.08 -26.57 -33.61
N THR E 332 -9.64 -27.61 -34.22
CA THR E 332 -10.87 -28.22 -33.74
C THR E 332 -10.63 -28.90 -32.40
N MET E 333 -9.52 -29.60 -32.26
CA MET E 333 -9.21 -30.27 -31.01
C MET E 333 -9.04 -29.27 -29.89
N SER E 334 -8.48 -28.10 -30.21
CA SER E 334 -8.25 -27.05 -29.24
C SER E 334 -9.57 -26.48 -28.73
N ARG E 335 -10.57 -26.38 -29.62
CA ARG E 335 -11.87 -25.82 -29.27
C ARG E 335 -12.67 -26.79 -28.41
N LEU E 336 -12.54 -28.10 -28.68
CA LEU E 336 -13.34 -29.09 -27.98
C LEU E 336 -12.90 -29.20 -26.53
N LEU E 337 -11.60 -29.02 -26.26
CA LEU E 337 -11.10 -29.27 -24.92
C LEU E 337 -11.36 -28.07 -24.00
N THR E 338 -12.04 -27.04 -24.52
CA THR E 338 -12.37 -25.87 -23.73
C THR E 338 -13.83 -25.49 -24.00
N ASP E 339 -14.66 -26.49 -24.32
CA ASP E 339 -16.02 -26.26 -24.80
C ASP E 339 -17.02 -26.79 -23.78
N ASP E 340 -18.14 -26.08 -23.63
CA ASP E 340 -19.15 -26.40 -22.65
C ASP E 340 -19.80 -27.73 -22.98
N SER E 341 -20.16 -27.91 -24.25
CA SER E 341 -20.95 -29.05 -24.67
C SER E 341 -20.15 -30.34 -24.64
N PHE E 342 -18.82 -30.24 -24.72
CA PHE E 342 -17.97 -31.40 -24.75
C PHE E 342 -17.94 -32.04 -23.37
N TRP E 343 -17.82 -31.22 -22.34
CA TRP E 343 -17.68 -31.70 -20.98
C TRP E 343 -19.02 -32.13 -20.39
N ASP E 344 -20.13 -31.64 -20.97
CA ASP E 344 -21.45 -32.12 -20.59
C ASP E 344 -21.59 -33.58 -20.97
N GLU E 345 -21.08 -33.97 -22.14
CA GLU E 345 -21.14 -35.35 -22.58
C GLU E 345 -20.41 -36.24 -21.60
N ILE E 346 -19.21 -35.86 -21.19
CA ILE E 346 -18.36 -36.74 -20.41
C ILE E 346 -18.98 -36.92 -19.04
N PHE E 347 -19.52 -35.83 -18.49
CA PHE E 347 -20.10 -35.82 -17.15
C PHE E 347 -21.38 -36.66 -17.13
N ASP E 348 -22.19 -36.52 -18.18
CA ASP E 348 -23.44 -37.27 -18.30
C ASP E 348 -23.17 -38.76 -18.33
N ALA E 349 -22.12 -39.16 -19.03
CA ALA E 349 -21.82 -40.56 -19.25
C ALA E 349 -21.24 -41.22 -18.00
N MET E 350 -20.65 -40.43 -17.10
CA MET E 350 -19.97 -40.98 -15.96
C MET E 350 -20.81 -40.80 -14.69
N ASN E 351 -21.98 -40.17 -14.82
CA ASN E 351 -22.94 -40.01 -13.74
C ASN E 351 -22.33 -39.18 -12.62
N VAL E 352 -22.03 -37.91 -12.93
CA VAL E 352 -21.59 -36.97 -11.92
C VAL E 352 -22.65 -35.87 -11.84
N PRO E 353 -23.09 -35.46 -10.63
CA PRO E 353 -24.26 -34.61 -10.48
C PRO E 353 -24.08 -33.10 -10.58
N TYR E 354 -22.83 -32.64 -10.63
CA TYR E 354 -22.52 -31.22 -10.58
C TYR E 354 -22.34 -30.67 -11.99
N THR E 355 -22.51 -29.36 -12.16
CA THR E 355 -22.19 -28.71 -13.40
C THR E 355 -20.67 -28.68 -13.56
N PRO E 356 -20.12 -28.96 -14.77
CA PRO E 356 -18.69 -28.85 -14.99
C PRO E 356 -18.16 -27.43 -14.87
N MET E 357 -16.92 -27.30 -14.43
CA MET E 357 -16.22 -26.04 -14.36
C MET E 357 -16.08 -25.47 -15.77
N ARG E 358 -16.32 -24.17 -15.94
CA ARG E 358 -16.37 -23.55 -17.24
C ARG E 358 -15.08 -22.78 -17.50
N TRP E 359 -14.86 -22.39 -18.77
CA TRP E 359 -13.68 -21.67 -19.20
C TRP E 359 -14.01 -20.19 -19.30
N ALA E 360 -13.18 -19.35 -18.68
CA ALA E 360 -13.38 -17.91 -18.70
C ALA E 360 -12.08 -17.20 -18.38
N GLN E 361 -12.07 -15.88 -18.58
CA GLN E 361 -10.92 -15.05 -18.26
C GLN E 361 -10.97 -14.63 -16.80
N ASP E 362 -9.79 -14.35 -16.24
CA ASP E 362 -9.66 -13.85 -14.89
C ASP E 362 -10.18 -12.43 -14.84
N VAL E 363 -10.87 -12.07 -13.75
CA VAL E 363 -11.51 -10.78 -13.61
C VAL E 363 -10.77 -9.98 -12.55
N PRO E 364 -10.74 -8.64 -12.64
CA PRO E 364 -10.07 -7.80 -11.64
C PRO E 364 -10.82 -7.69 -10.30
N ASN E 365 -10.05 -7.51 -9.22
CA ASN E 365 -10.60 -7.31 -7.88
C ASN E 365 -10.96 -5.84 -7.72
N THR E 366 -12.05 -5.43 -8.35
CA THR E 366 -12.55 -4.07 -8.31
C THR E 366 -14.04 -4.10 -8.01
N GLY E 367 -14.60 -2.96 -7.61
CA GLY E 367 -15.98 -2.87 -7.21
C GLY E 367 -16.22 -3.60 -5.90
N VAL E 368 -17.13 -4.59 -5.93
CA VAL E 368 -17.37 -5.44 -4.77
C VAL E 368 -16.20 -6.40 -4.63
N ASP E 369 -15.65 -6.46 -3.42
CA ASP E 369 -14.44 -7.21 -3.14
C ASP E 369 -14.76 -8.69 -3.26
N LYS E 370 -13.72 -9.50 -3.43
CA LYS E 370 -13.90 -10.91 -3.65
C LYS E 370 -14.20 -11.65 -2.35
N ASN E 371 -13.78 -11.13 -1.20
CA ASN E 371 -14.16 -11.72 0.06
C ASN E 371 -15.66 -11.64 0.27
N THR E 372 -16.28 -10.54 -0.16
CA THR E 372 -17.71 -10.38 -0.07
C THR E 372 -18.41 -11.43 -0.92
N ARG E 373 -17.83 -11.78 -2.07
CA ARG E 373 -18.44 -12.71 -2.98
C ARG E 373 -18.36 -14.14 -2.45
N VAL E 374 -17.31 -14.47 -1.71
CA VAL E 374 -17.16 -15.81 -1.16
C VAL E 374 -18.13 -15.98 0.00
N MET E 375 -18.47 -14.90 0.70
CA MET E 375 -19.39 -15.00 1.81
C MET E 375 -20.82 -15.15 1.29
N GLN E 376 -21.10 -14.57 0.14
CA GLN E 376 -22.40 -14.70 -0.48
C GLN E 376 -22.61 -16.11 -1.02
N LEU E 377 -21.53 -16.79 -1.42
CA LEU E 377 -21.61 -18.15 -1.91
C LEU E 377 -21.91 -19.10 -0.75
N ILE E 378 -21.30 -18.86 0.41
CA ILE E 378 -21.54 -19.68 1.58
C ILE E 378 -23.00 -19.58 1.99
N GLU E 379 -23.57 -18.38 1.91
CA GLU E 379 -24.94 -18.15 2.32
C GLU E 379 -25.91 -18.82 1.36
N ALA E 380 -25.56 -18.86 0.07
CA ALA E 380 -26.41 -19.46 -0.94
C ALA E 380 -26.52 -20.96 -0.77
N TYR E 381 -25.45 -21.64 -0.39
CA TYR E 381 -25.47 -23.08 -0.21
C TYR E 381 -26.22 -23.45 1.06
N ARG E 382 -26.03 -22.68 2.12
CA ARG E 382 -26.73 -22.91 3.37
C ARG E 382 -28.23 -22.74 3.18
N SER E 383 -28.64 -21.92 2.23
CA SER E 383 -30.03 -21.57 2.06
C SER E 383 -30.73 -22.40 1.00
N ARG E 384 -30.04 -22.73 -0.10
CA ARG E 384 -30.70 -23.29 -1.28
C ARG E 384 -29.98 -24.50 -1.84
N GLY E 385 -29.11 -25.15 -1.07
CA GLY E 385 -28.31 -26.25 -1.58
C GLY E 385 -29.08 -27.55 -1.71
N HIS E 386 -30.22 -27.62 -1.02
CA HIS E 386 -31.08 -28.79 -1.04
C HIS E 386 -31.69 -29.00 -2.41
N LEU E 387 -31.60 -28.01 -3.28
CA LEU E 387 -32.22 -28.12 -4.59
C LEU E 387 -31.41 -29.00 -5.50
N ILE E 388 -30.14 -29.29 -5.19
CA ILE E 388 -29.33 -30.13 -6.03
C ILE E 388 -28.75 -31.31 -5.26
N ALA E 389 -29.40 -31.77 -4.20
CA ALA E 389 -28.86 -32.82 -3.37
C ALA E 389 -29.28 -34.19 -3.89
N ASP E 390 -28.47 -35.20 -3.59
CA ASP E 390 -28.68 -36.55 -4.08
C ASP E 390 -29.62 -37.29 -3.14
N THR E 391 -30.92 -37.01 -3.25
CA THR E 391 -31.87 -37.55 -2.32
C THR E 391 -32.88 -38.46 -3.00
N ASN E 392 -32.80 -38.64 -4.31
CA ASN E 392 -33.74 -39.48 -5.02
C ASN E 392 -33.06 -40.78 -5.40
N PRO E 393 -33.56 -41.95 -4.97
CA PRO E 393 -33.00 -43.22 -5.38
C PRO E 393 -33.09 -43.55 -6.86
N LEU E 394 -34.11 -43.02 -7.53
CA LEU E 394 -34.28 -43.19 -8.96
C LEU E 394 -33.68 -42.00 -9.69
N SER E 395 -33.32 -42.20 -10.95
CA SER E 395 -32.89 -41.14 -11.83
C SER E 395 -34.10 -40.65 -12.62
N TRP E 396 -35.01 -39.98 -11.92
CA TRP E 396 -36.34 -39.71 -12.42
C TRP E 396 -36.68 -38.25 -12.22
N VAL E 397 -37.12 -37.59 -13.30
CA VAL E 397 -37.69 -36.26 -13.20
C VAL E 397 -39.10 -36.32 -13.77
N GLN E 398 -40.07 -35.88 -12.96
CA GLN E 398 -41.47 -35.96 -13.32
C GLN E 398 -41.76 -34.95 -14.41
N PRO E 399 -42.28 -35.38 -15.57
CA PRO E 399 -42.50 -34.50 -16.70
C PRO E 399 -43.28 -33.20 -16.64
N GLY E 400 -44.27 -33.05 -15.75
CA GLY E 400 -45.08 -31.85 -15.81
C GLY E 400 -44.87 -30.88 -14.64
N MET E 401 -43.80 -31.07 -13.87
CA MET E 401 -43.57 -30.27 -12.67
C MET E 401 -42.53 -29.19 -12.98
N PRO E 402 -42.72 -27.94 -12.52
CA PRO E 402 -41.73 -26.89 -12.72
C PRO E 402 -40.41 -27.18 -12.02
N VAL E 403 -39.30 -26.82 -12.66
CA VAL E 403 -37.98 -26.99 -12.09
C VAL E 403 -37.53 -25.63 -11.56
N PRO E 404 -37.26 -25.48 -10.25
CA PRO E 404 -36.78 -24.21 -9.71
C PRO E 404 -35.44 -23.77 -10.27
N ASP E 405 -35.22 -22.45 -10.25
CA ASP E 405 -33.96 -21.85 -10.65
C ASP E 405 -32.93 -22.14 -9.57
N HIS E 406 -31.77 -22.64 -9.98
CA HIS E 406 -30.66 -22.84 -9.05
C HIS E 406 -29.36 -22.35 -9.67
N ARG E 407 -29.38 -21.11 -10.16
CA ARG E 407 -28.21 -20.47 -10.73
C ARG E 407 -27.38 -19.84 -9.63
N ASP E 408 -27.89 -19.81 -8.39
CA ASP E 408 -27.20 -19.20 -7.28
C ASP E 408 -26.07 -20.09 -6.78
N LEU E 409 -25.99 -21.33 -7.27
CA LEU E 409 -25.09 -22.29 -6.71
C LEU E 409 -23.88 -22.51 -7.60
N ASP E 410 -23.71 -21.72 -8.67
CA ASP E 410 -22.52 -21.84 -9.50
C ASP E 410 -21.69 -20.56 -9.39
N ILE E 411 -20.36 -20.71 -9.47
CA ILE E 411 -19.45 -19.66 -9.08
C ILE E 411 -19.47 -18.51 -10.09
N GLU E 412 -20.10 -18.70 -11.25
CA GLU E 412 -20.15 -17.68 -12.27
C GLU E 412 -21.10 -16.56 -11.88
N THR E 413 -22.14 -16.88 -11.12
CA THR E 413 -23.15 -15.89 -10.78
C THR E 413 -22.64 -14.95 -9.70
N HIS E 414 -21.56 -15.33 -9.00
CA HIS E 414 -20.97 -14.51 -7.97
C HIS E 414 -19.66 -13.90 -8.44
N ASN E 415 -19.42 -13.88 -9.76
CA ASN E 415 -18.24 -13.31 -10.37
C ASN E 415 -16.96 -13.92 -9.84
N LEU E 416 -16.87 -15.25 -9.85
CA LEU E 416 -15.65 -15.95 -9.54
C LEU E 416 -15.37 -16.89 -10.68
N THR E 417 -14.15 -17.46 -10.74
CA THR E 417 -13.66 -18.16 -11.90
C THR E 417 -12.68 -19.22 -11.44
N ILE E 418 -12.35 -20.16 -12.32
CA ILE E 418 -11.37 -21.20 -12.04
C ILE E 418 -10.06 -20.63 -11.53
N TRP E 419 -9.76 -19.36 -11.84
CA TRP E 419 -8.49 -18.75 -11.47
C TRP E 419 -8.47 -18.33 -10.01
N ASP E 420 -9.57 -18.54 -9.27
CA ASP E 420 -9.65 -18.13 -7.89
C ASP E 420 -9.62 -19.32 -6.94
N LEU E 421 -9.45 -20.53 -7.46
CA LEU E 421 -9.64 -21.72 -6.66
C LEU E 421 -8.50 -21.93 -5.69
N ASP E 422 -7.29 -21.44 -6.00
CA ASP E 422 -6.14 -21.63 -5.13
C ASP E 422 -5.74 -20.34 -4.42
N ARG E 423 -6.54 -19.28 -4.55
CA ARG E 423 -6.36 -18.06 -3.77
C ARG E 423 -7.01 -18.23 -2.41
N THR E 424 -6.58 -17.41 -1.45
CA THR E 424 -6.97 -17.55 -0.05
C THR E 424 -7.83 -16.36 0.36
N PHE E 425 -8.86 -16.61 1.19
CA PHE E 425 -9.87 -15.62 1.50
C PHE E 425 -10.22 -15.64 2.99
N ASN E 426 -10.83 -14.57 3.50
CA ASN E 426 -11.30 -14.48 4.87
C ASN E 426 -12.74 -14.96 4.94
N VAL E 427 -13.00 -15.92 5.84
CA VAL E 427 -14.27 -16.65 5.82
C VAL E 427 -15.00 -16.51 7.15
N GLY E 428 -14.38 -15.90 8.15
CA GLY E 428 -15.08 -15.46 9.33
C GLY E 428 -15.59 -16.60 10.19
N GLY E 429 -14.75 -17.62 10.41
CA GLY E 429 -15.06 -18.66 11.37
C GLY E 429 -15.68 -19.90 10.74
N PHE E 430 -15.94 -19.87 9.43
CA PHE E 430 -16.47 -21.02 8.74
C PHE E 430 -15.47 -22.16 8.84
N GLY E 431 -15.96 -23.33 9.29
CA GLY E 431 -15.11 -24.51 9.41
C GLY E 431 -14.12 -24.39 10.56
N GLY E 432 -14.37 -23.46 11.47
CA GLY E 432 -13.47 -23.21 12.59
C GLY E 432 -12.15 -22.60 12.16
N LYS E 433 -12.16 -21.85 11.05
CA LYS E 433 -10.95 -21.25 10.52
C LYS E 433 -11.24 -19.80 10.13
N GLU E 434 -10.21 -18.96 10.19
CA GLU E 434 -10.31 -17.56 9.84
C GLU E 434 -9.99 -17.34 8.38
N THR E 435 -9.32 -18.31 7.75
CA THR E 435 -8.83 -18.17 6.39
C THR E 435 -8.86 -19.53 5.68
N MET E 436 -9.07 -19.52 4.36
CA MET E 436 -9.31 -20.73 3.60
C MET E 436 -9.18 -20.45 2.11
N THR E 437 -9.02 -21.49 1.29
CA THR E 437 -9.02 -21.37 -0.15
C THR E 437 -10.42 -21.69 -0.70
N LEU E 438 -10.72 -21.21 -1.90
CA LEU E 438 -12.03 -21.40 -2.48
C LEU E 438 -12.27 -22.86 -2.82
N ARG E 439 -11.21 -23.62 -3.02
CA ARG E 439 -11.33 -25.04 -3.27
C ARG E 439 -11.82 -25.73 -2.00
N GLU E 440 -11.24 -25.41 -0.85
CA GLU E 440 -11.65 -26.04 0.38
C GLU E 440 -13.06 -25.61 0.79
N VAL E 441 -13.44 -24.36 0.50
CA VAL E 441 -14.77 -23.87 0.83
C VAL E 441 -15.80 -24.68 0.07
N LEU E 442 -15.58 -24.87 -1.24
CA LEU E 442 -16.53 -25.59 -2.06
C LEU E 442 -16.64 -27.03 -1.62
N SER E 443 -15.52 -27.63 -1.24
CA SER E 443 -15.51 -29.02 -0.83
C SER E 443 -16.36 -29.22 0.42
N ARG E 444 -16.21 -28.35 1.40
CA ARG E 444 -16.95 -28.47 2.64
C ARG E 444 -18.44 -28.23 2.43
N LEU E 445 -18.79 -27.22 1.65
CA LEU E 445 -20.18 -26.91 1.39
C LEU E 445 -20.87 -28.08 0.70
N ARG E 446 -20.18 -28.73 -0.22
CA ARG E 446 -20.77 -29.80 -1.00
C ARG E 446 -20.94 -31.05 -0.14
N ALA E 447 -20.05 -31.27 0.81
CA ALA E 447 -20.12 -32.43 1.67
C ALA E 447 -21.23 -32.30 2.69
N ALA E 448 -21.62 -31.07 3.02
CA ALA E 448 -22.57 -30.82 4.07
C ALA E 448 -23.99 -30.67 3.55
N TYR E 449 -24.17 -30.20 2.31
CA TYR E 449 -25.48 -29.79 1.88
C TYR E 449 -25.91 -30.41 0.56
N THR E 450 -25.14 -31.33 -0.03
CA THR E 450 -25.45 -31.78 -1.38
C THR E 450 -25.34 -33.30 -1.54
N LEU E 451 -25.08 -34.05 -0.48
CA LEU E 451 -25.00 -35.51 -0.54
C LEU E 451 -26.36 -36.11 -0.24
N LYS E 452 -26.47 -37.03 0.72
CA LYS E 452 -27.68 -37.81 0.92
C LYS E 452 -28.67 -37.16 1.89
N VAL E 453 -28.32 -36.03 2.52
CA VAL E 453 -29.24 -35.32 3.39
C VAL E 453 -29.35 -33.88 2.94
N GLY E 454 -30.57 -33.43 2.65
CA GLY E 454 -30.85 -32.04 2.33
C GLY E 454 -31.67 -31.38 3.43
N SER E 455 -31.32 -30.15 3.80
CA SER E 455 -31.85 -29.52 5.00
C SER E 455 -32.34 -28.11 4.70
N GLU E 456 -33.45 -27.73 5.34
CA GLU E 456 -34.01 -26.39 5.27
C GLU E 456 -34.16 -25.85 6.69
N TYR E 457 -33.40 -24.80 7.04
CA TYR E 457 -33.43 -24.26 8.39
C TYR E 457 -33.16 -22.77 8.47
N THR E 458 -32.98 -22.07 7.37
CA THR E 458 -32.48 -20.70 7.41
C THR E 458 -33.64 -19.71 7.58
N HIS E 459 -34.87 -20.21 7.46
CA HIS E 459 -36.06 -19.41 7.63
C HIS E 459 -36.43 -19.23 9.09
N ILE E 460 -35.77 -19.94 10.01
CA ILE E 460 -36.05 -19.84 11.43
C ILE E 460 -35.57 -18.49 11.94
N LEU E 461 -36.34 -17.86 12.84
CA LEU E 461 -36.10 -16.50 13.26
C LEU E 461 -35.14 -16.42 14.44
N ASP E 462 -35.10 -17.44 15.29
CA ASP E 462 -34.26 -17.41 16.48
C ASP E 462 -32.83 -17.78 16.11
N ARG E 463 -31.87 -17.08 16.71
CA ARG E 463 -30.46 -17.21 16.34
C ARG E 463 -29.86 -18.46 16.97
N ASP E 464 -30.27 -18.78 18.20
CA ASP E 464 -29.71 -19.92 18.91
C ASP E 464 -30.15 -21.24 18.29
N GLU E 465 -31.40 -21.33 17.82
CA GLU E 465 -31.87 -22.48 17.08
C GLU E 465 -31.07 -22.69 15.81
N ARG E 466 -30.94 -21.65 14.99
CA ARG E 466 -30.21 -21.73 13.74
C ARG E 466 -28.80 -22.21 13.96
N THR E 467 -28.13 -21.71 15.00
CA THR E 467 -26.74 -22.01 15.23
C THR E 467 -26.58 -23.46 15.65
N TRP E 468 -27.54 -23.98 16.41
CA TRP E 468 -27.49 -25.35 16.89
C TRP E 468 -27.55 -26.32 15.71
N LEU E 469 -28.47 -26.07 14.78
CA LEU E 469 -28.64 -26.90 13.60
C LEU E 469 -27.43 -26.80 12.69
N GLN E 470 -26.96 -25.58 12.46
CA GLN E 470 -25.86 -25.32 11.56
C GLN E 470 -24.60 -26.01 12.01
N ASP E 471 -24.35 -26.02 13.32
CA ASP E 471 -23.16 -26.62 13.87
C ASP E 471 -23.19 -28.12 13.72
N ARG E 472 -24.35 -28.75 13.93
CA ARG E 472 -24.46 -30.20 13.91
C ARG E 472 -24.50 -30.73 12.50
N LEU E 473 -24.88 -29.89 11.55
CA LEU E 473 -25.08 -30.31 10.18
C LEU E 473 -23.78 -30.19 9.41
N GLU E 474 -22.84 -29.39 9.92
CA GLU E 474 -21.56 -29.16 9.27
C GLU E 474 -20.44 -29.98 9.93
N ALA E 475 -20.69 -30.53 11.11
CA ALA E 475 -19.77 -31.48 11.72
C ALA E 475 -19.82 -32.79 10.96
N GLY E 476 -21.03 -33.20 10.53
CA GLY E 476 -21.20 -34.38 9.74
C GLY E 476 -21.75 -35.55 10.56
N MET E 477 -22.00 -36.67 9.88
CA MET E 477 -22.50 -37.87 10.53
C MET E 477 -21.32 -38.66 11.08
N PRO E 478 -21.30 -39.00 12.38
CA PRO E 478 -20.21 -39.79 12.95
C PRO E 478 -20.21 -41.23 12.48
N LYS E 479 -19.02 -41.83 12.40
CA LYS E 479 -18.86 -43.16 11.84
C LYS E 479 -19.37 -44.18 12.84
N PRO E 480 -20.30 -45.09 12.46
CA PRO E 480 -20.82 -46.08 13.39
C PRO E 480 -19.93 -47.32 13.58
N THR E 481 -20.12 -48.00 14.70
CA THR E 481 -19.34 -49.16 15.07
C THR E 481 -19.86 -50.37 14.32
N GLN E 482 -19.19 -51.51 14.47
CA GLN E 482 -19.55 -52.70 13.72
C GLN E 482 -20.81 -53.32 14.28
N ALA E 483 -20.98 -53.28 15.60
CA ALA E 483 -22.17 -53.81 16.23
C ALA E 483 -23.40 -53.05 15.76
N GLU E 484 -23.28 -51.73 15.65
CA GLU E 484 -24.36 -50.89 15.20
C GLU E 484 -24.74 -51.23 13.77
N GLN E 485 -23.73 -51.45 12.92
CA GLN E 485 -23.95 -51.76 11.53
C GLN E 485 -24.68 -53.07 11.37
N LYS E 486 -24.37 -54.07 12.20
CA LYS E 486 -25.01 -55.35 12.08
C LYS E 486 -26.45 -55.26 12.53
N TYR E 487 -26.74 -54.35 13.47
CA TYR E 487 -28.10 -54.17 13.97
C TYR E 487 -28.98 -53.56 12.88
N ILE E 488 -28.44 -52.64 12.09
CA ILE E 488 -29.19 -52.04 11.00
C ILE E 488 -29.51 -53.11 9.96
N LEU E 489 -28.60 -54.07 9.73
CA LEU E 489 -28.81 -55.10 8.74
C LEU E 489 -29.87 -56.09 9.20
N GLN E 490 -29.96 -56.35 10.51
CA GLN E 490 -30.97 -57.26 11.03
C GLN E 490 -32.37 -56.70 10.81
N LYS E 491 -32.54 -55.39 11.00
CA LYS E 491 -33.84 -54.76 10.89
C LYS E 491 -34.28 -54.69 9.43
N LEU E 492 -33.34 -54.39 8.51
CA LEU E 492 -33.67 -54.38 7.09
C LEU E 492 -34.09 -55.75 6.64
N ASN E 493 -33.42 -56.78 7.13
CA ASN E 493 -33.72 -58.13 6.73
C ASN E 493 -35.12 -58.50 7.18
N ALA E 494 -35.47 -58.17 8.42
CA ALA E 494 -36.76 -58.50 8.99
C ALA E 494 -37.88 -57.93 8.15
N ALA E 495 -37.74 -56.67 7.77
CA ALA E 495 -38.73 -55.98 6.97
C ALA E 495 -39.00 -56.71 5.66
N GLU E 496 -37.94 -56.94 4.87
CA GLU E 496 -38.08 -57.51 3.55
C GLU E 496 -38.54 -58.96 3.64
N ALA E 497 -38.06 -59.70 4.63
CA ALA E 497 -38.37 -61.11 4.74
C ALA E 497 -39.85 -61.33 5.04
N PHE E 498 -40.41 -60.49 5.90
CA PHE E 498 -41.80 -60.57 6.31
C PHE E 498 -42.70 -60.36 5.11
N GLU E 499 -42.37 -59.39 4.25
CA GLU E 499 -43.16 -59.08 3.08
C GLU E 499 -43.18 -60.27 2.13
N ASN E 500 -42.01 -60.86 1.90
CA ASN E 500 -41.87 -61.96 0.96
C ASN E 500 -42.60 -63.19 1.45
N PHE E 501 -42.63 -63.41 2.76
CA PHE E 501 -43.30 -64.57 3.31
C PHE E 501 -44.79 -64.50 3.03
N LEU E 502 -45.39 -63.33 3.29
CA LEU E 502 -46.82 -63.14 3.09
C LEU E 502 -47.18 -63.24 1.61
N GLN E 503 -46.30 -62.77 0.73
CA GLN E 503 -46.52 -62.83 -0.70
C GLN E 503 -46.66 -64.28 -1.12
N THR E 504 -45.82 -65.16 -0.55
CA THR E 504 -45.73 -66.54 -0.97
C THR E 504 -46.89 -67.37 -0.45
N LYS E 505 -47.35 -67.13 0.79
CA LYS E 505 -48.32 -67.98 1.42
C LYS E 505 -49.76 -67.51 1.19
N TYR E 506 -49.96 -66.22 0.91
CA TYR E 506 -51.29 -65.66 0.67
C TYR E 506 -51.23 -64.73 -0.53
N VAL E 507 -51.59 -65.23 -1.71
CA VAL E 507 -51.21 -64.59 -2.97
C VAL E 507 -52.18 -63.45 -3.28
N GLY E 508 -53.48 -63.75 -3.25
CA GLY E 508 -54.49 -62.81 -3.69
C GLY E 508 -54.79 -61.71 -2.67
N GLN E 509 -54.40 -61.92 -1.41
CA GLN E 509 -54.91 -61.12 -0.32
C GLN E 509 -54.19 -59.76 -0.28
N LYS E 510 -54.96 -58.74 0.13
CA LYS E 510 -54.56 -57.34 0.13
C LYS E 510 -53.79 -57.05 1.41
N ARG E 511 -52.60 -56.45 1.29
CA ARG E 511 -51.74 -56.27 2.45
C ARG E 511 -51.07 -54.88 2.50
N PHE E 512 -51.04 -54.13 1.39
CA PHE E 512 -50.41 -52.83 1.34
C PHE E 512 -48.95 -52.90 1.78
N SER E 513 -48.08 -53.31 0.85
CA SER E 513 -46.71 -53.65 1.18
C SER E 513 -45.84 -52.42 1.34
N LEU E 514 -44.69 -52.62 1.99
CA LEU E 514 -43.74 -51.58 2.31
C LEU E 514 -42.51 -51.71 1.42
N GLU E 515 -42.59 -52.58 0.41
CA GLU E 515 -41.48 -52.85 -0.48
C GLU E 515 -41.17 -51.59 -1.27
N GLY E 516 -39.92 -51.14 -1.20
CA GLY E 516 -39.52 -49.88 -1.76
C GLY E 516 -39.18 -48.87 -0.66
N ALA E 517 -39.68 -49.10 0.55
CA ALA E 517 -39.55 -48.17 1.64
C ALA E 517 -39.25 -48.92 2.94
N GLU E 518 -38.27 -49.81 2.91
CA GLU E 518 -37.98 -50.64 4.06
C GLU E 518 -37.10 -49.90 5.06
N ALA E 519 -36.56 -48.74 4.70
CA ALA E 519 -35.73 -47.97 5.61
C ALA E 519 -36.55 -47.31 6.70
N LEU E 520 -37.87 -47.32 6.57
CA LEU E 520 -38.76 -46.80 7.59
C LEU E 520 -38.60 -47.53 8.92
N ILE E 521 -38.25 -48.82 8.90
CA ILE E 521 -38.20 -49.60 10.12
C ILE E 521 -36.99 -49.20 10.95
N PRO E 522 -35.76 -49.14 10.42
CA PRO E 522 -34.68 -48.54 11.17
C PRO E 522 -34.77 -47.06 11.54
N LEU E 523 -35.57 -46.26 10.84
CA LEU E 523 -35.77 -44.85 11.19
C LEU E 523 -36.61 -44.73 12.45
N MET E 524 -37.70 -45.48 12.52
CA MET E 524 -38.59 -45.44 13.65
C MET E 524 -37.93 -46.03 14.88
N ASP E 525 -37.08 -47.04 14.67
CA ASP E 525 -36.36 -47.69 15.74
C ASP E 525 -35.35 -46.73 16.35
N SER E 526 -34.70 -45.92 15.52
CA SER E 526 -33.70 -44.96 15.96
C SER E 526 -34.32 -43.92 16.87
N ALA E 527 -35.48 -43.41 16.48
CA ALA E 527 -36.17 -42.37 17.21
C ALA E 527 -36.62 -42.86 18.57
N ILE E 528 -37.20 -44.06 18.63
CA ILE E 528 -37.72 -44.62 19.87
C ILE E 528 -36.57 -44.94 20.81
N ASP E 529 -35.42 -45.32 20.27
CA ASP E 529 -34.25 -45.65 21.06
C ASP E 529 -33.67 -44.40 21.70
N THR E 530 -33.66 -43.29 20.95
CA THR E 530 -33.16 -42.02 21.44
C THR E 530 -34.04 -41.49 22.55
N ALA E 531 -35.36 -41.70 22.45
CA ALA E 531 -36.30 -41.25 23.45
C ALA E 531 -36.13 -42.02 24.75
N ALA E 532 -35.81 -43.31 24.65
CA ALA E 532 -35.58 -44.14 25.82
C ALA E 532 -34.31 -43.70 26.54
N GLY E 533 -33.34 -43.19 25.80
CA GLY E 533 -32.13 -42.69 26.40
C GLY E 533 -32.33 -41.37 27.12
N GLN E 534 -33.31 -40.57 26.67
CA GLN E 534 -33.58 -39.28 27.29
C GLN E 534 -34.34 -39.46 28.58
N GLY E 535 -34.97 -40.62 28.76
CA GLY E 535 -35.60 -40.95 30.03
C GLY E 535 -37.09 -40.71 30.03
N LEU E 536 -37.75 -40.83 28.88
CA LEU E 536 -39.16 -40.49 28.74
C LEU E 536 -40.01 -41.73 28.96
N ASP E 537 -41.33 -41.57 28.96
CA ASP E 537 -42.25 -42.57 29.49
C ASP E 537 -42.92 -43.39 28.39
N GLU E 538 -43.40 -42.76 27.31
CA GLU E 538 -44.18 -43.46 26.31
C GLU E 538 -44.00 -42.81 24.94
N VAL E 539 -44.26 -43.59 23.88
CA VAL E 539 -44.35 -43.12 22.51
C VAL E 539 -45.69 -43.57 21.94
N VAL E 540 -46.48 -42.64 21.37
CA VAL E 540 -47.77 -42.92 20.78
C VAL E 540 -47.68 -42.72 19.27
N ILE E 541 -48.14 -43.71 18.49
CA ILE E 541 -48.00 -43.72 17.04
C ILE E 541 -49.38 -43.62 16.39
N GLY E 542 -49.49 -42.83 15.33
CA GLY E 542 -50.62 -42.85 14.42
C GLY E 542 -50.15 -42.91 12.97
N MET E 543 -50.80 -43.74 12.15
CA MET E 543 -50.33 -43.94 10.80
C MET E 543 -51.46 -44.42 9.90
N PRO E 544 -51.28 -44.37 8.56
CA PRO E 544 -52.18 -45.02 7.61
C PRO E 544 -51.87 -46.48 7.27
N HIS E 545 -52.40 -46.93 6.13
CA HIS E 545 -52.36 -48.31 5.66
C HIS E 545 -50.99 -48.81 5.23
N ARG E 546 -50.13 -47.94 4.70
CA ARG E 546 -48.89 -48.34 4.05
C ARG E 546 -47.89 -48.88 5.07
N GLY E 547 -47.75 -50.19 5.11
CA GLY E 547 -46.76 -50.85 5.95
C GLY E 547 -47.20 -50.98 7.40
N ARG E 548 -48.45 -51.29 7.64
CA ARG E 548 -48.96 -51.29 9.00
C ARG E 548 -48.63 -52.60 9.68
N LEU E 549 -48.83 -53.72 8.98
CA LEU E 549 -48.60 -55.02 9.55
C LEU E 549 -47.12 -55.23 9.84
N ASN E 550 -46.28 -54.48 9.15
CA ASN E 550 -44.85 -54.56 9.31
C ASN E 550 -44.44 -53.83 10.58
N VAL E 551 -45.05 -52.68 10.84
CA VAL E 551 -44.79 -51.87 12.03
C VAL E 551 -45.33 -52.56 13.27
N LEU E 552 -46.47 -53.23 13.15
CA LEU E 552 -47.05 -53.93 14.28
C LEU E 552 -46.14 -55.04 14.77
N PHE E 553 -45.45 -55.72 13.86
CA PHE E 553 -44.62 -56.85 14.23
C PHE E 553 -43.21 -56.42 14.63
N ASN E 554 -42.63 -55.44 13.94
CA ASN E 554 -41.21 -55.14 14.09
C ASN E 554 -40.95 -53.97 15.02
N ILE E 555 -41.94 -53.10 15.28
CA ILE E 555 -41.74 -51.94 16.15
C ILE E 555 -42.53 -52.08 17.44
N VAL E 556 -43.75 -52.62 17.40
CA VAL E 556 -44.63 -52.59 18.56
C VAL E 556 -44.57 -53.92 19.31
N GLY E 557 -44.44 -55.03 18.60
CA GLY E 557 -44.20 -56.31 19.23
C GLY E 557 -45.44 -57.19 19.32
N LYS E 558 -46.39 -57.00 18.42
CA LYS E 558 -47.56 -57.86 18.35
C LYS E 558 -47.10 -59.25 17.92
N PRO E 559 -47.55 -60.33 18.57
CA PRO E 559 -47.11 -61.69 18.24
C PRO E 559 -47.51 -62.13 16.84
N LEU E 560 -46.68 -63.00 16.25
CA LEU E 560 -46.77 -63.33 14.84
C LEU E 560 -47.94 -64.26 14.60
N ALA E 561 -48.30 -65.04 15.62
CA ALA E 561 -49.41 -65.96 15.53
C ALA E 561 -50.69 -65.20 15.26
N SER E 562 -50.83 -64.03 15.90
CA SER E 562 -52.01 -63.20 15.77
C SER E 562 -52.21 -62.75 14.32
N ILE E 563 -51.11 -62.38 13.66
CA ILE E 563 -51.19 -61.85 12.31
C ILE E 563 -51.54 -62.95 11.32
N PHE E 564 -50.95 -64.14 11.50
CA PHE E 564 -51.24 -65.25 10.60
C PHE E 564 -52.70 -65.68 10.75
N ASN E 565 -53.21 -65.68 11.99
CA ASN E 565 -54.59 -66.04 12.24
C ASN E 565 -55.53 -65.09 11.51
N GLU E 566 -55.20 -63.80 11.53
CA GLU E 566 -55.99 -62.78 10.85
C GLU E 566 -56.14 -63.13 9.37
N PHE E 567 -55.05 -63.58 8.74
CA PHE E 567 -55.04 -63.89 7.33
C PHE E 567 -55.84 -65.14 7.02
N GLU E 568 -56.04 -66.00 8.02
CA GLU E 568 -56.80 -67.24 7.83
C GLU E 568 -58.25 -67.06 8.23
N GLY E 569 -58.63 -65.86 8.69
CA GLY E 569 -60.04 -65.51 8.87
C GLY E 569 -60.50 -65.53 10.34
N GLN E 570 -59.58 -65.79 11.28
CA GLN E 570 -59.90 -65.73 12.70
C GLN E 570 -59.49 -64.37 13.24
N MET E 571 -60.48 -63.58 13.68
CA MET E 571 -60.27 -62.20 14.08
C MET E 571 -60.53 -62.06 15.58
N GLU E 572 -59.66 -61.31 16.27
CA GLU E 572 -59.79 -61.09 17.69
C GLU E 572 -60.96 -60.15 17.97
N GLN E 573 -61.73 -60.46 19.02
CA GLN E 573 -62.94 -59.73 19.34
C GLN E 573 -62.62 -58.61 20.33
N GLY E 574 -63.10 -57.40 20.03
CA GLY E 574 -62.89 -56.23 20.87
C GLY E 574 -63.96 -56.12 21.96
N GLN E 575 -65.23 -56.16 21.54
CA GLN E 575 -66.36 -56.07 22.43
C GLN E 575 -67.28 -57.26 22.14
N ILE E 576 -67.98 -57.73 23.17
CA ILE E 576 -68.87 -58.86 23.03
C ILE E 576 -70.02 -58.48 22.12
N GLY E 577 -70.14 -59.18 20.98
CA GLY E 577 -71.20 -58.96 20.02
C GLY E 577 -70.87 -57.84 19.03
N GLY E 578 -69.60 -57.53 18.87
CA GLY E 578 -69.16 -56.43 18.01
C GLY E 578 -69.04 -56.85 16.55
N SER E 579 -68.98 -55.85 15.66
CA SER E 579 -69.01 -56.06 14.23
C SER E 579 -67.62 -56.23 13.64
N GLY E 580 -66.65 -55.43 14.09
CA GLY E 580 -65.26 -55.64 13.71
C GLY E 580 -64.79 -54.63 12.67
N ASP E 581 -63.55 -54.84 12.20
CA ASP E 581 -62.97 -54.02 11.15
C ASP E 581 -61.80 -54.76 10.52
N VAL E 582 -61.35 -54.26 9.36
CA VAL E 582 -60.30 -54.89 8.57
C VAL E 582 -58.97 -54.78 9.32
N LYS E 583 -58.01 -55.64 8.94
CA LYS E 583 -56.85 -55.95 9.75
C LYS E 583 -55.89 -54.77 9.83
N TYR E 584 -55.93 -53.85 8.87
CA TYR E 584 -55.00 -52.74 8.86
C TYR E 584 -55.63 -51.49 9.46
N HIS E 585 -56.58 -51.65 10.39
CA HIS E 585 -57.19 -50.54 11.09
C HIS E 585 -57.10 -50.71 12.61
N LEU E 586 -56.31 -51.67 13.10
CA LEU E 586 -56.31 -52.05 14.50
C LEU E 586 -55.07 -51.52 15.22
N GLY E 587 -55.10 -51.51 16.56
CA GLY E 587 -54.01 -51.00 17.39
C GLY E 587 -53.42 -52.07 18.31
N SER E 588 -52.36 -51.70 19.06
CA SER E 588 -51.72 -52.59 20.03
C SER E 588 -50.78 -51.83 20.95
N GLU E 589 -50.27 -52.52 21.99
CA GLU E 589 -49.32 -51.98 22.95
C GLU E 589 -48.12 -52.89 23.10
N GLY E 590 -47.00 -52.37 23.61
CA GLY E 590 -45.78 -53.14 23.80
C GLY E 590 -44.69 -52.38 24.55
N GLN E 591 -43.53 -53.02 24.70
CA GLN E 591 -42.35 -52.45 25.35
C GLN E 591 -41.16 -52.48 24.40
N HIS E 592 -40.21 -51.57 24.59
CA HIS E 592 -39.01 -51.52 23.78
C HIS E 592 -37.81 -51.36 24.70
N LEU E 593 -36.85 -52.29 24.60
CA LEU E 593 -35.62 -52.26 25.38
C LEU E 593 -34.49 -51.73 24.51
N GLN E 594 -33.66 -50.89 25.11
CA GLN E 594 -32.54 -50.26 24.44
C GLN E 594 -31.48 -51.33 24.19
N MET E 595 -30.90 -51.34 22.98
CA MET E 595 -30.02 -52.41 22.54
C MET E 595 -28.64 -52.25 23.17
N PHE E 596 -28.17 -51.00 23.24
CA PHE E 596 -26.88 -50.67 23.83
C PHE E 596 -27.08 -49.64 24.94
N GLY E 597 -27.86 -50.03 25.95
CA GLY E 597 -28.17 -49.17 27.07
C GLY E 597 -29.04 -49.89 28.09
N ASP E 598 -29.44 -49.19 29.15
CA ASP E 598 -30.25 -49.79 30.21
C ASP E 598 -31.64 -49.21 30.22
N GLY E 599 -32.04 -48.55 29.12
CA GLY E 599 -33.33 -47.87 29.05
C GLY E 599 -34.46 -48.81 28.63
N GLU E 600 -35.69 -48.37 28.88
CA GLU E 600 -36.90 -49.08 28.51
C GLU E 600 -38.02 -48.06 28.32
N ILE E 601 -38.87 -48.25 27.31
CA ILE E 601 -39.96 -47.32 27.02
C ILE E 601 -41.18 -48.12 26.56
N LYS E 602 -42.35 -47.51 26.66
CA LYS E 602 -43.61 -48.12 26.27
C LYS E 602 -44.05 -47.59 24.91
N VAL E 603 -44.59 -48.44 24.04
CA VAL E 603 -44.97 -48.07 22.69
C VAL E 603 -46.40 -48.48 22.43
N SER E 604 -47.21 -47.55 21.90
CA SER E 604 -48.62 -47.75 21.63
C SER E 604 -48.98 -47.34 20.21
N LEU E 605 -49.98 -47.99 19.60
CA LEU E 605 -50.50 -47.63 18.29
C LEU E 605 -52.02 -47.55 18.36
N THR E 606 -52.60 -46.51 17.75
CA THR E 606 -54.01 -46.19 17.90
C THR E 606 -54.82 -46.61 16.68
N ALA E 607 -56.10 -46.88 16.89
CA ALA E 607 -57.00 -47.30 15.83
C ALA E 607 -57.41 -46.12 14.97
N ASN E 608 -57.87 -46.40 13.75
CA ASN E 608 -58.25 -45.35 12.83
C ASN E 608 -59.14 -45.90 11.72
N PRO E 609 -59.97 -45.07 11.07
CA PRO E 609 -60.71 -45.46 9.88
C PRO E 609 -59.96 -45.25 8.56
N SER E 610 -60.63 -45.56 7.45
CA SER E 610 -60.04 -45.44 6.13
C SER E 610 -59.83 -43.99 5.73
N HIS E 611 -60.67 -43.09 6.26
CA HIS E 611 -60.58 -41.68 5.98
C HIS E 611 -59.22 -41.17 6.40
N LEU E 612 -58.45 -40.66 5.45
CA LEU E 612 -57.07 -40.29 5.67
C LEU E 612 -57.00 -39.03 6.52
N GLU E 613 -56.05 -39.03 7.46
CA GLU E 613 -55.64 -37.88 8.23
C GLU E 613 -56.65 -37.51 9.32
N ALA E 614 -57.57 -38.42 9.63
CA ALA E 614 -58.56 -38.18 10.66
C ALA E 614 -58.07 -38.58 12.04
N VAL E 615 -56.84 -39.11 12.12
CA VAL E 615 -56.26 -39.60 13.35
C VAL E 615 -55.35 -38.54 13.93
N ASN E 616 -55.12 -37.44 13.21
CA ASN E 616 -54.15 -36.45 13.62
C ASN E 616 -54.60 -35.76 14.91
N PRO E 617 -55.79 -35.13 14.99
CA PRO E 617 -56.25 -34.56 16.24
C PRO E 617 -56.53 -35.55 17.37
N VAL E 618 -56.92 -36.78 17.03
CA VAL E 618 -57.24 -37.78 18.03
C VAL E 618 -55.98 -38.20 18.78
N MET E 619 -54.86 -38.36 18.08
CA MET E 619 -53.68 -38.85 18.74
C MET E 619 -53.01 -37.74 19.54
N GLU E 620 -53.24 -36.48 19.17
CA GLU E 620 -52.73 -35.34 19.92
C GLU E 620 -53.42 -35.23 21.27
N GLY E 621 -54.72 -35.48 21.30
CA GLY E 621 -55.48 -35.48 22.53
C GLY E 621 -55.10 -36.62 23.48
N ILE E 622 -54.80 -37.80 22.93
CA ILE E 622 -54.38 -38.93 23.74
C ILE E 622 -53.09 -38.58 24.47
N VAL E 623 -52.18 -37.89 23.79
CA VAL E 623 -50.89 -37.56 24.37
C VAL E 623 -51.07 -36.54 25.47
N ARG E 624 -51.95 -35.55 25.26
CA ARG E 624 -52.15 -34.49 26.23
C ARG E 624 -52.75 -35.04 27.51
N ALA E 625 -53.66 -35.99 27.40
CA ALA E 625 -54.31 -36.55 28.55
C ALA E 625 -53.33 -37.35 29.39
N LYS E 626 -52.42 -38.07 28.73
CA LYS E 626 -51.43 -38.87 29.42
C LYS E 626 -50.42 -37.99 30.14
N GLN E 627 -50.05 -36.88 29.52
CA GLN E 627 -49.12 -35.96 30.13
C GLN E 627 -49.72 -35.33 31.38
N ASP E 628 -51.02 -35.01 31.33
CA ASP E 628 -51.68 -34.35 32.44
C ASP E 628 -51.78 -35.28 33.65
N TYR E 629 -51.89 -36.57 33.41
CA TYR E 629 -52.01 -37.55 34.47
C TYR E 629 -50.69 -37.77 35.18
N LEU E 630 -49.58 -37.65 34.48
CA LEU E 630 -48.28 -37.84 35.08
C LEU E 630 -47.91 -36.64 35.95
N ASP E 631 -48.18 -35.43 35.45
CA ASP E 631 -48.12 -34.22 36.25
C ASP E 631 -46.69 -33.87 36.64
N LYS E 632 -45.84 -33.61 35.65
CA LYS E 632 -44.44 -33.31 35.89
C LYS E 632 -44.10 -31.86 35.60
N GLY E 633 -45.07 -31.06 35.15
CA GLY E 633 -44.87 -29.62 35.03
C GLY E 633 -44.41 -29.18 33.64
N VAL E 634 -43.86 -27.96 33.58
CA VAL E 634 -43.49 -27.30 32.33
C VAL E 634 -42.24 -27.94 31.74
N ASP E 635 -41.38 -28.49 32.62
CA ASP E 635 -40.13 -29.11 32.22
C ASP E 635 -40.34 -30.60 31.94
N GLY E 636 -41.60 -31.04 31.91
CA GLY E 636 -41.93 -32.42 31.69
C GLY E 636 -42.13 -32.70 30.20
N LYS E 637 -43.38 -32.96 29.82
CA LYS E 637 -43.74 -33.28 28.44
C LYS E 637 -43.00 -34.53 28.00
N THR E 638 -43.34 -35.66 28.62
CA THR E 638 -42.56 -36.88 28.57
C THR E 638 -43.27 -38.01 27.84
N VAL E 639 -44.31 -37.69 27.07
CA VAL E 639 -44.93 -38.61 26.14
C VAL E 639 -44.77 -38.06 24.74
N VAL E 640 -44.16 -38.84 23.84
CA VAL E 640 -43.73 -38.37 22.53
C VAL E 640 -44.74 -38.79 21.48
N PRO E 641 -45.32 -37.88 20.66
CA PRO E 641 -46.09 -38.24 19.49
C PRO E 641 -45.32 -38.42 18.19
N LEU E 642 -45.55 -39.55 17.51
CA LEU E 642 -44.86 -39.91 16.28
C LEU E 642 -45.91 -40.22 15.23
N LEU E 643 -45.96 -39.40 14.18
CA LEU E 643 -47.09 -39.38 13.26
C LEU E 643 -46.60 -39.56 11.83
N LEU E 644 -47.16 -40.56 11.13
CA LEU E 644 -46.76 -40.94 9.79
C LEU E 644 -47.82 -40.50 8.78
N HIS E 645 -47.39 -40.08 7.59
CA HIS E 645 -48.28 -39.61 6.55
C HIS E 645 -47.86 -40.19 5.20
N GLY E 646 -48.69 -39.97 4.17
CA GLY E 646 -48.34 -40.14 2.77
C GLY E 646 -48.27 -38.80 2.06
N ASP E 647 -47.59 -38.75 0.91
CA ASP E 647 -47.25 -37.50 0.25
C ASP E 647 -48.48 -36.82 -0.32
N ALA E 648 -49.36 -37.57 -1.00
CA ALA E 648 -50.55 -36.98 -1.58
C ALA E 648 -51.50 -36.46 -0.51
N ALA E 649 -51.69 -37.22 0.57
CA ALA E 649 -52.61 -36.84 1.62
C ALA E 649 -52.12 -35.63 2.39
N PHE E 650 -50.81 -35.52 2.60
CA PHE E 650 -50.25 -34.45 3.39
C PHE E 650 -50.44 -33.11 2.71
N ALA E 651 -50.32 -33.08 1.38
CA ALA E 651 -50.40 -31.84 0.63
C ALA E 651 -51.83 -31.45 0.34
N GLY E 652 -52.75 -32.40 0.37
CA GLY E 652 -54.08 -32.18 -0.17
C GLY E 652 -55.12 -31.83 0.87
N LEU E 653 -55.20 -32.63 1.94
CA LEU E 653 -56.27 -32.51 2.92
C LEU E 653 -55.96 -31.37 3.89
N GLY E 654 -57.00 -30.65 4.30
CA GLY E 654 -56.86 -29.43 5.06
C GLY E 654 -56.77 -29.64 6.57
N ILE E 655 -57.06 -30.86 7.03
CA ILE E 655 -56.98 -31.21 8.43
C ILE E 655 -55.54 -31.18 8.92
N VAL E 656 -54.57 -31.35 8.02
CA VAL E 656 -53.18 -31.44 8.41
C VAL E 656 -52.71 -30.10 8.97
N PRO E 657 -52.74 -28.99 8.21
CA PRO E 657 -52.32 -27.69 8.76
C PRO E 657 -53.20 -27.14 9.88
N GLU E 658 -54.46 -27.55 9.92
CA GLU E 658 -55.40 -27.16 10.95
C GLU E 658 -54.96 -27.72 12.31
N THR E 659 -54.34 -28.89 12.31
CA THR E 659 -53.91 -29.55 13.53
C THR E 659 -52.54 -29.05 13.95
N ILE E 660 -51.68 -28.68 13.01
CA ILE E 660 -50.36 -28.16 13.33
C ILE E 660 -50.51 -26.79 13.97
N ASN E 661 -51.63 -26.12 13.75
CA ASN E 661 -51.87 -24.78 14.26
C ASN E 661 -52.20 -24.81 15.75
N LEU E 662 -52.47 -25.97 16.33
CA LEU E 662 -52.75 -26.08 17.75
C LEU E 662 -51.49 -26.32 18.57
N ALA E 663 -50.31 -26.30 17.97
CA ALA E 663 -49.11 -26.82 18.59
C ALA E 663 -48.65 -25.98 19.78
N LYS E 664 -48.79 -24.65 19.70
CA LYS E 664 -48.24 -23.77 20.70
C LYS E 664 -49.33 -23.06 21.49
N LEU E 665 -50.54 -23.60 21.54
CA LEU E 665 -51.63 -22.97 22.26
C LEU E 665 -51.73 -23.58 23.64
N ARG E 666 -52.44 -22.89 24.53
CA ARG E 666 -52.31 -23.08 25.97
C ARG E 666 -52.92 -24.41 26.38
N GLY E 667 -54.04 -24.79 25.81
CA GLY E 667 -54.68 -26.02 26.23
C GLY E 667 -54.39 -27.21 25.30
N TYR E 668 -53.41 -27.09 24.39
CA TYR E 668 -53.19 -28.09 23.37
C TYR E 668 -51.74 -28.49 23.22
N ASP E 669 -50.80 -27.80 23.85
CA ASP E 669 -49.38 -28.01 23.64
C ASP E 669 -48.97 -29.37 24.22
N VAL E 670 -48.15 -30.12 23.49
CA VAL E 670 -47.67 -31.42 23.92
C VAL E 670 -46.17 -31.53 23.77
N GLY E 671 -45.47 -30.43 23.53
CA GLY E 671 -44.04 -30.43 23.53
C GLY E 671 -43.41 -30.66 22.17
N GLY E 672 -44.21 -30.72 21.11
CA GLY E 672 -43.70 -30.96 19.77
C GLY E 672 -44.15 -32.31 19.23
N THR E 673 -44.19 -32.43 17.91
CA THR E 673 -44.56 -33.65 17.21
C THR E 673 -43.49 -33.97 16.17
N ILE E 674 -43.12 -35.26 16.07
CA ILE E 674 -42.21 -35.73 15.04
C ILE E 674 -43.03 -36.27 13.88
N HIS E 675 -42.89 -35.67 12.69
CA HIS E 675 -43.64 -36.06 11.51
C HIS E 675 -42.75 -36.78 10.51
N ILE E 676 -43.23 -37.88 9.93
CA ILE E 676 -42.55 -38.60 8.88
C ILE E 676 -43.48 -38.68 7.67
N VAL E 677 -43.02 -38.20 6.52
CA VAL E 677 -43.76 -38.29 5.26
C VAL E 677 -43.06 -39.30 4.36
N VAL E 678 -43.76 -40.38 4.01
CA VAL E 678 -43.26 -41.41 3.13
C VAL E 678 -43.51 -41.00 1.70
N ASN E 679 -42.49 -40.42 1.06
CA ASN E 679 -42.60 -39.83 -0.24
C ASN E 679 -42.18 -40.84 -1.29
N ASN E 680 -43.16 -41.58 -1.83
CA ASN E 680 -42.89 -42.60 -2.82
C ASN E 680 -43.34 -42.15 -4.20
N GLN E 681 -43.56 -40.85 -4.35
CA GLN E 681 -43.60 -40.19 -5.62
C GLN E 681 -44.84 -40.59 -6.42
N ILE E 682 -45.91 -41.00 -5.75
CA ILE E 682 -47.12 -41.39 -6.43
C ILE E 682 -48.28 -41.51 -5.44
N GLY E 683 -49.48 -41.17 -5.92
CA GLY E 683 -50.72 -41.31 -5.19
C GLY E 683 -51.28 -42.71 -5.36
N PHE E 684 -52.36 -42.84 -6.10
CA PHE E 684 -52.89 -44.14 -6.49
C PHE E 684 -52.54 -44.33 -7.97
N THR E 685 -53.11 -43.48 -8.83
CA THR E 685 -52.75 -43.42 -10.23
C THR E 685 -52.39 -41.98 -10.59
N THR E 686 -52.07 -41.16 -9.59
CA THR E 686 -51.87 -39.73 -9.78
C THR E 686 -50.46 -39.35 -9.37
N THR E 687 -49.80 -38.51 -10.18
CA THR E 687 -48.44 -38.10 -9.95
C THR E 687 -48.41 -36.73 -9.32
N PRO E 688 -47.29 -36.31 -8.69
CA PRO E 688 -47.21 -35.03 -8.00
C PRO E 688 -47.60 -33.77 -8.75
N ASP E 689 -47.56 -33.81 -10.08
CA ASP E 689 -47.90 -32.67 -10.90
C ASP E 689 -49.39 -32.37 -10.84
N SER E 690 -50.20 -33.36 -10.44
CA SER E 690 -51.63 -33.19 -10.34
C SER E 690 -52.11 -33.19 -8.90
N SER E 691 -51.20 -33.15 -7.93
CA SER E 691 -51.54 -33.33 -6.54
C SER E 691 -51.24 -32.10 -5.70
N ARG E 692 -50.28 -31.27 -6.08
CA ARG E 692 -49.93 -30.13 -5.26
C ARG E 692 -49.39 -29.00 -6.11
N SER E 693 -49.41 -27.80 -5.53
CA SER E 693 -48.88 -26.58 -6.13
C SER E 693 -47.65 -26.09 -5.38
N MET E 694 -47.15 -26.91 -4.46
CA MET E 694 -45.92 -26.63 -3.74
C MET E 694 -44.80 -27.44 -4.38
N HIS E 695 -43.55 -27.04 -4.18
CA HIS E 695 -42.41 -27.75 -4.76
C HIS E 695 -42.18 -29.05 -4.02
N TYR E 696 -42.19 -29.01 -2.69
CA TYR E 696 -42.09 -30.19 -1.85
C TYR E 696 -43.40 -30.40 -1.10
N ALA E 697 -43.63 -31.63 -0.65
CA ALA E 697 -44.84 -31.97 0.07
C ALA E 697 -44.82 -31.42 1.49
N THR E 698 -43.62 -31.12 2.00
CA THR E 698 -43.44 -30.71 3.37
C THR E 698 -43.26 -29.21 3.49
N ASP E 699 -43.94 -28.42 2.67
CA ASP E 699 -43.69 -26.98 2.62
C ASP E 699 -44.56 -26.22 3.62
N TYR E 700 -45.50 -26.89 4.28
CA TYR E 700 -46.26 -26.29 5.35
C TYR E 700 -45.37 -25.96 6.54
N ALA E 701 -44.20 -26.59 6.63
CA ALA E 701 -43.26 -26.33 7.69
C ALA E 701 -42.78 -24.89 7.70
N LYS E 702 -42.68 -24.27 6.52
CA LYS E 702 -42.20 -22.92 6.39
C LYS E 702 -43.23 -21.91 6.88
N ALA E 703 -44.49 -22.31 6.98
CA ALA E 703 -45.53 -21.45 7.51
C ALA E 703 -45.47 -21.37 9.03
N PHE E 704 -44.87 -22.38 9.67
CA PHE E 704 -44.88 -22.48 11.11
C PHE E 704 -43.49 -22.32 11.72
N GLY E 705 -42.47 -22.19 10.88
CA GLY E 705 -41.13 -21.89 11.36
C GLY E 705 -40.41 -23.10 11.94
N CYS E 706 -40.42 -24.21 11.20
CA CYS E 706 -39.88 -25.47 11.69
C CYS E 706 -38.89 -26.05 10.69
N PRO E 707 -37.91 -26.87 11.12
CA PRO E 707 -36.93 -27.45 10.22
C PRO E 707 -37.38 -28.68 9.43
N VAL E 708 -36.81 -28.88 8.24
CA VAL E 708 -37.12 -30.04 7.40
C VAL E 708 -35.83 -30.75 7.01
N PHE E 709 -35.86 -32.08 7.04
CA PHE E 709 -34.75 -32.93 6.61
C PHE E 709 -35.23 -33.89 5.53
N HIS E 710 -34.63 -33.82 4.34
CA HIS E 710 -34.90 -34.76 3.26
C HIS E 710 -33.79 -35.78 3.19
N VAL E 711 -34.12 -37.07 3.16
CA VAL E 711 -33.11 -38.11 3.22
C VAL E 711 -33.41 -39.20 2.20
N ASN E 712 -32.34 -39.74 1.60
CA ASN E 712 -32.37 -40.80 0.61
C ASN E 712 -32.67 -42.12 1.30
N GLY E 713 -33.63 -42.86 0.76
CA GLY E 713 -34.11 -44.06 1.39
C GLY E 713 -33.31 -45.30 1.01
N ASP E 714 -32.20 -45.12 0.29
CA ASP E 714 -31.29 -46.20 -0.02
C ASP E 714 -29.93 -45.99 0.63
N ASP E 715 -29.86 -45.16 1.68
CA ASP E 715 -28.64 -45.01 2.46
C ASP E 715 -28.98 -45.14 3.94
N PRO E 716 -29.07 -46.37 4.48
CA PRO E 716 -29.59 -46.59 5.82
C PRO E 716 -28.87 -45.93 6.99
N GLU E 717 -27.58 -45.64 6.86
CA GLU E 717 -26.86 -45.02 7.96
C GLU E 717 -27.24 -43.56 8.08
N ALA E 718 -27.52 -42.89 6.98
CA ALA E 718 -27.98 -41.52 7.00
C ALA E 718 -29.39 -41.42 7.56
N VAL E 719 -30.21 -42.44 7.36
CA VAL E 719 -31.58 -42.44 7.85
C VAL E 719 -31.56 -42.53 9.37
N VAL E 720 -30.64 -43.31 9.92
CA VAL E 720 -30.55 -43.51 11.35
C VAL E 720 -30.04 -42.25 12.01
N TRP E 721 -29.19 -41.50 11.34
CA TRP E 721 -28.66 -40.27 11.89
C TRP E 721 -29.74 -39.20 11.96
N VAL E 722 -30.60 -39.12 10.94
CA VAL E 722 -31.61 -38.09 10.86
C VAL E 722 -32.68 -38.33 11.92
N GLY E 723 -32.96 -39.60 12.22
CA GLY E 723 -33.91 -39.94 13.26
C GLY E 723 -33.46 -39.49 14.63
N GLN E 724 -32.17 -39.64 14.92
CA GLN E 724 -31.58 -39.24 16.19
C GLN E 724 -31.58 -37.73 16.34
N LEU E 725 -31.23 -37.02 15.28
CA LEU E 725 -31.08 -35.57 15.30
C LEU E 725 -32.42 -34.89 15.48
N ALA E 726 -33.48 -35.49 14.95
CA ALA E 726 -34.82 -34.95 15.06
C ALA E 726 -35.35 -35.06 16.49
N THR E 727 -35.09 -36.18 17.15
CA THR E 727 -35.57 -36.43 18.49
C THR E 727 -34.84 -35.55 19.50
N GLU E 728 -33.58 -35.20 19.22
CA GLU E 728 -32.82 -34.31 20.06
C GLU E 728 -33.31 -32.87 19.93
N TYR E 729 -33.69 -32.46 18.72
CA TYR E 729 -34.17 -31.11 18.48
C TYR E 729 -35.49 -30.88 19.21
N ARG E 730 -36.34 -31.91 19.25
CA ARG E 730 -37.63 -31.81 19.91
C ARG E 730 -37.46 -31.62 21.41
N ARG E 731 -36.49 -32.29 22.00
CA ARG E 731 -36.31 -32.27 23.45
C ARG E 731 -35.74 -30.94 23.90
N ARG E 732 -34.94 -30.28 23.07
CA ARG E 732 -34.29 -29.05 23.49
C ARG E 732 -35.18 -27.84 23.27
N PHE E 733 -35.94 -27.81 22.18
CA PHE E 733 -36.63 -26.58 21.77
C PHE E 733 -38.14 -26.68 21.89
N GLY E 734 -38.69 -27.88 21.94
CA GLY E 734 -40.11 -28.06 22.17
C GLY E 734 -40.98 -27.68 20.99
N LYS E 735 -40.52 -27.97 19.77
CA LYS E 735 -41.21 -27.60 18.55
C LYS E 735 -41.35 -28.81 17.64
N ASP E 736 -42.10 -28.66 16.55
CA ASP E 736 -42.34 -29.71 15.58
C ASP E 736 -41.16 -29.83 14.62
N VAL E 737 -40.95 -31.05 14.09
CA VAL E 737 -39.86 -31.35 13.19
C VAL E 737 -40.39 -32.28 12.11
N PHE E 738 -39.90 -32.12 10.87
CA PHE E 738 -40.44 -32.84 9.72
C PHE E 738 -39.34 -33.62 8.98
N ILE E 739 -39.58 -34.90 8.70
CA ILE E 739 -38.68 -35.76 7.95
C ILE E 739 -39.38 -36.21 6.67
N ASP E 740 -38.68 -36.09 5.54
CA ASP E 740 -39.16 -36.50 4.23
C ASP E 740 -38.29 -37.65 3.73
N LEU E 741 -38.85 -38.86 3.71
CA LEU E 741 -38.15 -40.06 3.32
C LEU E 741 -38.48 -40.36 1.87
N VAL E 742 -37.50 -40.15 0.98
CA VAL E 742 -37.71 -40.28 -0.45
C VAL E 742 -37.42 -41.71 -0.88
N CYS E 743 -38.41 -42.38 -1.47
CA CYS E 743 -38.36 -43.78 -1.80
C CYS E 743 -39.29 -44.08 -2.97
N TYR E 744 -39.61 -45.34 -3.25
CA TYR E 744 -40.51 -45.69 -4.33
C TYR E 744 -41.48 -46.78 -3.89
N ARG E 745 -42.45 -47.11 -4.75
CA ARG E 745 -43.43 -48.16 -4.52
C ARG E 745 -43.23 -49.26 -5.55
N LEU E 746 -42.88 -50.48 -5.12
CA LEU E 746 -42.42 -51.52 -6.01
C LEU E 746 -43.56 -52.11 -6.81
N ARG E 747 -44.68 -52.39 -6.17
CA ARG E 747 -45.82 -52.95 -6.85
C ARG E 747 -46.84 -51.86 -7.11
N GLY E 748 -48.08 -52.25 -7.42
CA GLY E 748 -49.16 -51.30 -7.56
C GLY E 748 -49.69 -50.81 -6.21
N HIS E 749 -50.80 -50.07 -6.25
CA HIS E 749 -51.37 -49.49 -5.06
C HIS E 749 -51.73 -50.60 -4.09
N ASN E 750 -52.38 -51.63 -4.61
CA ASN E 750 -52.57 -52.88 -3.92
C ASN E 750 -51.94 -53.97 -4.79
N GLU E 751 -52.06 -55.23 -4.38
CA GLU E 751 -51.36 -56.32 -5.04
C GLU E 751 -52.20 -56.91 -6.17
N ALA E 752 -53.25 -56.21 -6.58
CA ALA E 752 -54.10 -56.69 -7.66
C ALA E 752 -54.12 -55.69 -8.81
N ASP E 753 -53.25 -54.69 -8.78
CA ASP E 753 -53.31 -53.58 -9.73
C ASP E 753 -52.05 -53.58 -10.61
N ASP E 754 -52.20 -53.10 -11.86
CA ASP E 754 -51.08 -53.00 -12.79
C ASP E 754 -50.73 -51.54 -13.01
N PRO E 755 -49.58 -51.04 -12.49
CA PRO E 755 -49.25 -49.64 -12.63
C PRO E 755 -48.70 -49.17 -13.98
N SER E 756 -48.46 -50.11 -14.89
CA SER E 756 -47.88 -49.80 -16.18
C SER E 756 -48.91 -49.19 -17.13
N MET E 757 -50.20 -49.35 -16.81
CA MET E 757 -51.25 -48.83 -17.67
C MET E 757 -51.15 -47.31 -17.74
N THR E 758 -50.74 -46.67 -16.64
CA THR E 758 -50.81 -45.22 -16.53
C THR E 758 -49.46 -44.58 -16.26
N GLN E 759 -48.48 -45.33 -15.74
CA GLN E 759 -47.14 -44.81 -15.53
C GLN E 759 -46.11 -45.74 -16.17
N PRO E 760 -46.03 -45.83 -17.52
CA PRO E 760 -45.09 -46.72 -18.18
C PRO E 760 -43.60 -46.47 -17.99
N LYS E 761 -43.19 -45.21 -18.03
CA LYS E 761 -41.79 -44.87 -18.03
C LYS E 761 -41.20 -44.99 -16.64
N MET E 762 -42.00 -44.72 -15.61
CA MET E 762 -41.54 -44.77 -14.24
C MET E 762 -41.32 -46.21 -13.83
N TYR E 763 -42.10 -47.15 -14.36
CA TYR E 763 -42.00 -48.52 -13.96
C TYR E 763 -41.04 -49.30 -14.86
N GLU E 764 -40.38 -48.62 -15.80
CA GLU E 764 -39.21 -49.17 -16.47
C GLU E 764 -37.99 -49.04 -15.58
N LEU E 765 -37.93 -47.97 -14.79
CA LEU E 765 -36.83 -47.75 -13.88
C LEU E 765 -36.93 -48.60 -12.63
N ILE E 766 -38.13 -49.06 -12.27
CA ILE E 766 -38.34 -49.69 -10.98
C ILE E 766 -38.19 -51.19 -11.09
N THR E 767 -38.73 -51.78 -12.15
CA THR E 767 -38.75 -53.22 -12.28
C THR E 767 -37.35 -53.75 -12.50
N GLY E 768 -36.91 -54.66 -11.63
CA GLY E 768 -35.64 -55.33 -11.76
C GLY E 768 -34.49 -54.62 -11.07
N ARG E 769 -34.78 -53.74 -10.11
CA ARG E 769 -33.75 -53.13 -9.28
C ARG E 769 -33.28 -54.13 -8.26
N GLU E 770 -32.20 -53.79 -7.54
CA GLU E 770 -31.77 -54.56 -6.40
C GLU E 770 -32.20 -53.81 -5.15
N THR E 771 -32.61 -54.54 -4.12
CA THR E 771 -33.24 -54.00 -2.94
C THR E 771 -32.22 -53.33 -2.03
N VAL E 772 -32.71 -52.64 -1.00
CA VAL E 772 -31.87 -51.86 -0.10
C VAL E 772 -31.10 -52.79 0.83
N ARG E 773 -31.63 -53.96 1.11
CA ARG E 773 -30.95 -54.94 1.92
C ARG E 773 -29.77 -55.54 1.16
N ALA E 774 -29.97 -55.81 -0.13
CA ALA E 774 -28.94 -56.38 -0.96
C ALA E 774 -27.79 -55.42 -1.16
N GLN E 775 -28.08 -54.16 -1.42
CA GLN E 775 -27.07 -53.15 -1.60
C GLN E 775 -26.25 -52.98 -0.33
N TYR E 776 -26.89 -53.01 0.83
CA TYR E 776 -26.20 -52.72 2.07
C TYR E 776 -25.31 -53.88 2.46
N THR E 777 -25.74 -55.10 2.19
CA THR E 777 -24.94 -56.28 2.46
C THR E 777 -23.68 -56.27 1.61
N GLU E 778 -23.80 -55.82 0.38
CA GLU E 778 -22.70 -55.80 -0.56
C GLU E 778 -21.68 -54.76 -0.15
N ASP E 779 -22.14 -53.63 0.37
CA ASP E 779 -21.26 -52.55 0.80
C ASP E 779 -20.45 -52.96 2.01
N LEU E 780 -21.06 -53.63 2.98
CA LEU E 780 -20.39 -54.01 4.20
C LEU E 780 -19.34 -55.10 3.93
N LEU E 781 -19.65 -56.05 3.04
CA LEU E 781 -18.70 -57.09 2.70
C LEU E 781 -17.53 -56.50 1.94
N GLY E 782 -17.76 -55.44 1.19
CA GLY E 782 -16.69 -54.78 0.47
C GLY E 782 -15.71 -54.07 1.37
N ARG E 783 -16.20 -53.39 2.39
CA ARG E 783 -15.35 -52.61 3.28
C ARG E 783 -14.79 -53.48 4.40
N GLY E 784 -15.14 -54.76 4.41
CA GLY E 784 -14.55 -55.68 5.35
C GLY E 784 -15.16 -55.57 6.74
N ASP E 785 -16.43 -55.11 6.82
CA ASP E 785 -17.10 -54.84 8.08
C ASP E 785 -17.96 -56.02 8.51
N LEU E 786 -18.03 -57.08 7.70
CA LEU E 786 -18.87 -58.23 7.99
C LEU E 786 -18.34 -59.45 7.24
N SER E 787 -18.48 -60.65 7.83
CA SER E 787 -18.08 -61.89 7.19
C SER E 787 -19.25 -62.51 6.43
N ASN E 788 -18.97 -63.53 5.62
CA ASN E 788 -20.00 -64.17 4.83
C ASN E 788 -20.84 -65.10 5.70
N GLU E 789 -20.21 -65.76 6.66
CA GLU E 789 -20.93 -66.64 7.55
C GLU E 789 -21.96 -65.84 8.33
N ASP E 790 -21.57 -64.65 8.79
CA ASP E 790 -22.45 -63.79 9.54
C ASP E 790 -23.64 -63.38 8.67
N ALA E 791 -23.35 -62.98 7.43
CA ALA E 791 -24.37 -62.50 6.52
C ALA E 791 -25.37 -63.58 6.18
N GLU E 792 -24.96 -64.84 6.24
CA GLU E 792 -25.84 -65.94 5.86
C GLU E 792 -26.67 -66.38 7.05
N ALA E 793 -26.12 -66.25 8.24
CA ALA E 793 -26.84 -66.61 9.45
C ALA E 793 -28.01 -65.66 9.68
N VAL E 794 -27.80 -64.37 9.42
CA VAL E 794 -28.83 -63.37 9.60
C VAL E 794 -30.10 -63.77 8.85
N VAL E 795 -29.93 -64.28 7.63
CA VAL E 795 -31.06 -64.62 6.79
C VAL E 795 -31.71 -65.92 7.27
N ARG E 796 -30.89 -66.94 7.50
CA ARG E 796 -31.38 -68.28 7.80
C ARG E 796 -32.17 -68.29 9.10
N ASP E 797 -31.68 -67.58 10.11
CA ASP E 797 -32.30 -67.64 11.43
C ASP E 797 -33.71 -67.10 11.39
N PHE E 798 -33.91 -65.95 10.74
CA PHE E 798 -35.21 -65.30 10.73
C PHE E 798 -36.22 -66.12 9.96
N HIS E 799 -35.78 -66.77 8.88
CA HIS E 799 -36.70 -67.54 8.06
C HIS E 799 -37.15 -68.78 8.81
N ASP E 800 -36.28 -69.35 9.64
CA ASP E 800 -36.62 -70.54 10.39
C ASP E 800 -37.66 -70.21 11.45
N GLN E 801 -37.51 -69.04 12.08
CA GLN E 801 -38.45 -68.58 13.09
C GLN E 801 -39.86 -68.46 12.51
N MET E 802 -39.97 -67.88 11.32
CA MET E 802 -41.27 -67.63 10.71
C MET E 802 -41.92 -68.94 10.29
N GLU E 803 -41.13 -69.87 9.79
CA GLU E 803 -41.64 -71.16 9.32
C GLU E 803 -42.18 -71.95 10.51
N SER E 804 -41.51 -71.86 11.65
CA SER E 804 -41.91 -72.57 12.85
C SER E 804 -43.29 -72.14 13.29
N VAL E 805 -43.50 -70.82 13.42
CA VAL E 805 -44.75 -70.27 13.91
C VAL E 805 -45.87 -70.61 12.95
N PHE E 806 -45.61 -70.55 11.64
CA PHE E 806 -46.62 -70.79 10.64
C PHE E 806 -47.16 -72.20 10.75
N ASN E 807 -46.28 -73.18 10.95
CA ASN E 807 -46.67 -74.56 11.00
C ASN E 807 -47.53 -74.80 12.25
N GLU E 808 -47.16 -74.16 13.36
CA GLU E 808 -47.89 -74.29 14.61
C GLU E 808 -49.31 -73.78 14.45
N VAL E 809 -49.49 -72.74 13.64
CA VAL E 809 -50.78 -72.08 13.46
C VAL E 809 -51.71 -72.94 12.59
N LYS E 810 -51.12 -73.77 11.72
CA LYS E 810 -51.90 -74.58 10.79
C LYS E 810 -52.36 -75.90 11.41
N GLU E 811 -51.72 -76.31 12.52
CA GLU E 811 -52.09 -77.55 13.20
C GLU E 811 -53.51 -77.42 13.75
N GLY E 812 -53.78 -76.31 14.45
CA GLY E 812 -55.12 -76.00 14.92
C GLY E 812 -56.09 -75.79 13.75
N GLY E 813 -57.26 -76.42 13.85
CA GLY E 813 -58.26 -76.37 12.78
C GLY E 813 -58.95 -75.01 12.70
N LYS E 814 -59.54 -74.72 11.54
CA LYS E 814 -60.23 -73.47 11.29
C LYS E 814 -61.68 -73.59 11.76
N LYS E 815 -62.15 -72.56 12.49
CA LYS E 815 -63.54 -72.50 12.93
C LYS E 815 -64.41 -71.98 11.78
N GLN E 816 -65.72 -72.19 11.89
CA GLN E 816 -66.67 -71.73 10.89
C GLN E 816 -67.33 -70.45 11.37
N ALA E 817 -67.90 -69.70 10.42
CA ALA E 817 -68.46 -68.38 10.69
C ALA E 817 -69.71 -68.50 11.57
N GLU E 818 -69.94 -67.47 12.38
CA GLU E 818 -71.08 -67.42 13.29
C GLU E 818 -71.61 -65.99 13.32
N ALA E 819 -72.92 -65.84 13.49
CA ALA E 819 -73.58 -64.54 13.42
C ALA E 819 -73.17 -63.68 14.60
N GLN E 820 -73.17 -62.36 14.39
CA GLN E 820 -72.80 -61.38 15.41
C GLN E 820 -74.06 -60.83 16.06
N THR E 821 -74.07 -60.77 17.39
CA THR E 821 -75.29 -60.65 18.16
C THR E 821 -75.66 -59.19 18.43
N GLY E 822 -74.66 -58.34 18.74
CA GLY E 822 -74.90 -56.93 19.01
C GLY E 822 -74.29 -56.51 20.34
N ILE E 823 -74.26 -55.20 20.61
CA ILE E 823 -73.55 -54.68 21.76
C ILE E 823 -74.50 -54.03 22.76
N THR E 824 -75.81 -54.26 22.63
CA THR E 824 -76.78 -53.54 23.45
C THR E 824 -76.61 -53.88 24.93
N GLY E 825 -76.37 -55.15 25.25
CA GLY E 825 -76.34 -55.60 26.63
C GLY E 825 -74.93 -55.87 27.16
N SER E 826 -73.91 -55.31 26.51
CA SER E 826 -72.54 -55.60 26.87
C SER E 826 -72.06 -54.73 28.03
N GLN E 827 -72.80 -53.66 28.35
CA GLN E 827 -72.50 -52.81 29.48
C GLN E 827 -73.75 -52.66 30.33
N LYS E 828 -73.58 -52.47 31.65
CA LYS E 828 -74.69 -52.46 32.58
C LYS E 828 -75.18 -51.03 32.84
N LEU E 829 -76.45 -50.91 33.27
CA LEU E 829 -77.08 -49.64 33.58
C LEU E 829 -77.08 -49.42 35.08
N PRO E 830 -76.87 -48.17 35.56
CA PRO E 830 -76.76 -47.91 36.99
C PRO E 830 -78.08 -47.88 37.74
N HIS E 831 -78.55 -49.06 38.15
CA HIS E 831 -79.82 -49.18 38.83
C HIS E 831 -79.67 -48.78 40.29
N GLY E 832 -80.47 -47.81 40.73
CA GLY E 832 -80.55 -47.41 42.12
C GLY E 832 -79.45 -46.45 42.54
N LEU E 833 -79.04 -45.54 41.66
CA LEU E 833 -78.01 -44.57 41.96
C LEU E 833 -78.67 -43.24 42.25
N GLU E 834 -78.21 -42.56 43.32
CA GLU E 834 -78.79 -41.30 43.73
C GLU E 834 -77.80 -40.18 43.45
N THR E 835 -78.29 -39.07 42.91
CA THR E 835 -77.44 -38.05 42.34
C THR E 835 -77.64 -36.69 43.01
N ASN E 836 -78.21 -36.67 44.21
CA ASN E 836 -78.46 -35.42 44.91
C ASN E 836 -77.29 -35.09 45.80
N ILE E 837 -77.07 -33.79 46.05
CA ILE E 837 -76.02 -33.35 46.95
C ILE E 837 -76.66 -32.87 48.24
N SER E 838 -75.84 -32.63 49.26
CA SER E 838 -76.30 -32.16 50.56
C SER E 838 -76.47 -30.65 50.56
N ARG E 839 -77.17 -30.14 51.57
CA ARG E 839 -77.46 -28.73 51.67
C ARG E 839 -76.21 -27.95 52.02
N GLU E 840 -75.29 -28.58 52.74
CA GLU E 840 -74.03 -27.97 53.09
C GLU E 840 -73.16 -27.79 51.85
N GLU E 841 -73.19 -28.78 50.96
CA GLU E 841 -72.42 -28.74 49.74
C GLU E 841 -72.90 -27.64 48.82
N LEU E 842 -74.21 -27.40 48.80
CA LEU E 842 -74.81 -26.42 47.91
C LEU E 842 -74.43 -25.00 48.35
N LEU E 843 -74.39 -24.75 49.66
CA LEU E 843 -74.08 -23.43 50.16
C LEU E 843 -72.61 -23.11 49.94
N GLU E 844 -71.75 -24.11 50.03
CA GLU E 844 -70.33 -23.91 49.85
C GLU E 844 -70.04 -23.53 48.40
N LEU E 845 -70.75 -24.16 47.46
CA LEU E 845 -70.59 -23.87 46.04
C LEU E 845 -71.02 -22.43 45.77
N GLY E 846 -72.10 -22.02 46.42
CA GLY E 846 -72.60 -20.66 46.28
C GLY E 846 -71.59 -19.61 46.73
N GLN E 847 -70.94 -19.85 47.87
CA GLN E 847 -70.03 -18.89 48.46
C GLN E 847 -68.75 -18.73 47.65
N ALA E 848 -68.43 -19.69 46.81
CA ALA E 848 -67.22 -19.61 46.02
C ALA E 848 -67.14 -18.30 45.26
N PHE E 849 -68.28 -17.73 44.93
CA PHE E 849 -68.35 -16.52 44.12
C PHE E 849 -68.30 -15.26 44.96
N ALA E 850 -68.19 -15.39 46.29
CA ALA E 850 -67.99 -14.27 47.19
C ALA E 850 -66.57 -14.21 47.72
N ASN E 851 -65.82 -15.30 47.64
CA ASN E 851 -64.47 -15.37 48.16
C ASN E 851 -63.49 -14.89 47.10
N THR E 852 -63.51 -13.61 46.79
CA THR E 852 -62.65 -13.04 45.78
C THR E 852 -61.26 -12.90 46.35
N PRO E 853 -60.19 -12.85 45.54
CA PRO E 853 -58.86 -12.53 46.04
C PRO E 853 -58.78 -11.13 46.65
N GLU E 854 -57.56 -10.71 47.02
CA GLU E 854 -57.38 -9.63 47.98
C GLU E 854 -57.83 -8.28 47.43
N GLY E 855 -57.34 -7.86 46.27
CA GLY E 855 -57.79 -6.59 45.74
C GLY E 855 -58.47 -6.73 44.39
N PHE E 856 -59.35 -7.73 44.26
CA PHE E 856 -60.05 -8.04 43.02
C PHE E 856 -61.43 -7.43 43.08
N ASN E 857 -61.88 -6.82 41.98
CA ASN E 857 -63.26 -6.40 41.83
C ASN E 857 -63.78 -6.86 40.48
N TYR E 858 -65.08 -7.13 40.43
CA TYR E 858 -65.74 -7.55 39.22
C TYR E 858 -66.06 -6.35 38.35
N HIS E 859 -66.33 -6.59 37.06
CA HIS E 859 -66.78 -5.59 36.13
C HIS E 859 -68.22 -5.27 36.46
N PRO E 860 -68.69 -4.03 36.30
CA PRO E 860 -70.02 -3.66 36.70
C PRO E 860 -71.21 -4.40 36.11
N ARG E 861 -71.00 -5.10 34.99
CA ARG E 861 -72.07 -5.80 34.31
C ARG E 861 -72.01 -7.29 34.64
N VAL E 862 -70.95 -7.72 35.35
CA VAL E 862 -70.76 -9.10 35.78
C VAL E 862 -71.09 -9.24 37.25
N ALA E 863 -71.09 -8.14 38.00
CA ALA E 863 -71.24 -8.18 39.44
C ALA E 863 -72.64 -8.59 39.85
N PRO E 864 -73.71 -8.14 39.19
CA PRO E 864 -75.05 -8.66 39.48
C PRO E 864 -75.25 -10.16 39.33
N VAL E 865 -74.51 -10.79 38.40
CA VAL E 865 -74.61 -12.23 38.16
C VAL E 865 -74.01 -12.96 39.34
N ALA E 866 -72.88 -12.47 39.86
CA ALA E 866 -72.23 -13.07 41.00
C ALA E 866 -73.11 -12.97 42.24
N LYS E 867 -73.74 -11.83 42.48
CA LYS E 867 -74.55 -11.68 43.67
C LYS E 867 -75.72 -12.65 43.62
N LYS E 868 -76.30 -12.84 42.44
CA LYS E 868 -77.47 -13.68 42.31
C LYS E 868 -77.11 -15.13 42.56
N ARG E 869 -75.89 -15.52 42.22
CA ARG E 869 -75.43 -16.88 42.43
C ARG E 869 -75.30 -17.17 43.92
N VAL E 870 -74.87 -16.18 44.70
CA VAL E 870 -74.68 -16.35 46.13
C VAL E 870 -76.00 -16.42 46.86
N SER E 871 -77.02 -15.69 46.39
CA SER E 871 -78.29 -15.63 47.09
C SER E 871 -79.25 -16.72 46.66
N SER E 872 -79.05 -17.29 45.47
CA SER E 872 -80.04 -18.17 44.86
C SER E 872 -80.05 -19.54 45.52
N VAL E 873 -78.91 -19.91 46.13
CA VAL E 873 -78.77 -21.21 46.73
C VAL E 873 -79.51 -21.26 48.05
N THR E 874 -80.20 -20.18 48.43
CA THR E 874 -81.04 -20.20 49.61
C THR E 874 -82.41 -19.61 49.37
N GLU E 875 -82.62 -18.80 48.33
CA GLU E 875 -83.88 -18.15 48.08
C GLU E 875 -84.61 -18.67 46.85
N GLY E 876 -83.90 -19.23 45.87
CA GLY E 876 -84.54 -19.80 44.70
C GLY E 876 -84.12 -19.12 43.42
N GLY E 877 -84.70 -19.56 42.30
CA GLY E 877 -84.50 -18.92 41.02
C GLY E 877 -83.14 -19.22 40.41
N ILE E 878 -82.82 -20.50 40.28
CA ILE E 878 -81.56 -20.91 39.69
C ILE E 878 -81.76 -21.07 38.19
N ASP E 879 -80.86 -20.49 37.39
CA ASP E 879 -81.00 -20.47 35.95
C ASP E 879 -80.18 -21.61 35.34
N TRP E 880 -80.16 -21.67 34.01
CA TRP E 880 -79.59 -22.78 33.29
C TRP E 880 -78.08 -22.86 33.50
N ALA E 881 -77.37 -21.76 33.31
CA ALA E 881 -75.92 -21.78 33.37
C ALA E 881 -75.44 -22.17 34.75
N TRP E 882 -76.15 -21.74 35.78
CA TRP E 882 -75.76 -21.98 37.15
C TRP E 882 -75.98 -23.45 37.50
N GLY E 883 -77.01 -24.07 36.91
CA GLY E 883 -77.24 -25.49 37.06
C GLY E 883 -76.11 -26.34 36.50
N GLU E 884 -75.61 -25.97 35.31
CA GLU E 884 -74.51 -26.67 34.68
C GLU E 884 -73.24 -26.55 35.51
N LEU E 885 -72.93 -25.35 36.00
CA LEU E 885 -71.71 -25.13 36.74
C LEU E 885 -71.76 -25.82 38.09
N LEU E 886 -72.94 -25.91 38.70
CA LEU E 886 -73.08 -26.61 39.96
C LEU E 886 -72.75 -28.09 39.79
N ALA E 887 -73.10 -28.66 38.64
CA ALA E 887 -72.79 -30.05 38.35
C ALA E 887 -71.31 -30.28 38.19
N PHE E 888 -70.64 -29.46 37.39
CA PHE E 888 -69.24 -29.66 37.15
C PHE E 888 -68.44 -29.38 38.41
N GLY E 889 -68.87 -28.40 39.19
CA GLY E 889 -68.18 -28.05 40.43
C GLY E 889 -68.26 -29.17 41.45
N SER E 890 -69.43 -29.75 41.61
CA SER E 890 -69.59 -30.83 42.55
C SER E 890 -68.67 -32.01 42.21
N LEU E 891 -68.52 -32.31 40.92
CA LEU E 891 -67.71 -33.43 40.50
C LEU E 891 -66.23 -33.13 40.71
N ALA E 892 -65.82 -31.88 40.55
CA ALA E 892 -64.44 -31.52 40.76
C ALA E 892 -64.08 -31.56 42.23
N ASN E 893 -65.05 -31.34 43.10
CA ASN E 893 -64.82 -31.37 44.53
C ASN E 893 -64.50 -32.78 44.99
N SER E 894 -65.14 -33.78 44.39
CA SER E 894 -64.97 -35.15 44.79
C SER E 894 -63.62 -35.71 44.37
N GLY E 895 -62.97 -35.08 43.41
CA GLY E 895 -61.59 -35.37 43.13
C GLY E 895 -61.31 -35.69 41.67
N ARG E 896 -62.09 -35.15 40.74
CA ARG E 896 -61.97 -35.49 39.34
C ARG E 896 -61.45 -34.32 38.53
N LEU E 897 -60.87 -34.64 37.37
CA LEU E 897 -60.41 -33.66 36.41
C LEU E 897 -61.53 -33.39 35.43
N VAL E 898 -62.05 -32.15 35.43
CA VAL E 898 -63.12 -31.72 34.57
C VAL E 898 -62.55 -30.72 33.57
N ARG E 899 -62.80 -30.96 32.27
CA ARG E 899 -62.29 -30.15 31.18
C ARG E 899 -63.45 -29.71 30.30
N LEU E 900 -63.55 -28.40 30.02
CA LEU E 900 -64.56 -27.81 29.16
C LEU E 900 -63.87 -26.95 28.11
N ALA E 901 -64.13 -27.23 26.83
CA ALA E 901 -63.48 -26.54 25.73
C ALA E 901 -64.45 -26.24 24.61
N GLY E 902 -64.23 -25.12 23.91
CA GLY E 902 -65.11 -24.64 22.86
C GLY E 902 -64.85 -23.19 22.51
N GLU E 903 -65.56 -22.66 21.50
CA GLU E 903 -65.40 -21.29 21.05
C GLU E 903 -66.12 -20.34 22.00
N ASP E 904 -65.34 -19.46 22.63
CA ASP E 904 -65.85 -18.43 23.51
C ASP E 904 -66.57 -19.06 24.70
N SER E 905 -65.95 -20.06 25.31
CA SER E 905 -66.63 -20.90 26.28
C SER E 905 -66.34 -20.44 27.70
N ARG E 906 -65.39 -19.53 27.89
CA ARG E 906 -65.11 -18.99 29.19
C ARG E 906 -66.15 -17.97 29.60
N ARG E 907 -66.56 -17.11 28.67
CA ARG E 907 -67.61 -16.13 28.90
C ARG E 907 -68.96 -16.71 28.57
N GLY E 908 -69.05 -17.42 27.45
CA GLY E 908 -70.30 -17.89 26.90
C GLY E 908 -70.68 -17.08 25.66
N THR E 909 -71.33 -17.73 24.70
CA THR E 909 -71.73 -17.10 23.46
C THR E 909 -72.86 -16.13 23.72
N PHE E 910 -73.71 -16.46 24.67
CA PHE E 910 -74.86 -15.65 24.98
C PHE E 910 -74.65 -14.89 26.29
N THR E 911 -73.39 -14.74 26.70
CA THR E 911 -73.01 -14.00 27.89
C THR E 911 -73.74 -14.55 29.11
N GLN E 912 -73.57 -15.85 29.38
CA GLN E 912 -74.36 -16.51 30.40
C GLN E 912 -73.53 -17.27 31.41
N ARG E 913 -72.25 -17.56 31.15
CA ARG E 913 -71.54 -18.53 31.95
C ARG E 913 -70.64 -17.86 32.98
N HIS E 914 -69.68 -17.06 32.53
CA HIS E 914 -68.75 -16.38 33.40
C HIS E 914 -68.09 -17.37 34.34
N ALA E 915 -67.29 -18.27 33.79
CA ALA E 915 -66.55 -19.25 34.56
C ALA E 915 -65.20 -18.68 34.95
N VAL E 916 -64.66 -17.79 34.14
CA VAL E 916 -63.51 -17.00 34.51
C VAL E 916 -63.88 -15.54 34.38
N ALA E 917 -63.54 -14.73 35.39
CA ALA E 917 -63.85 -13.31 35.42
C ALA E 917 -62.56 -12.50 35.33
N ILE E 918 -62.66 -11.26 34.83
CA ILE E 918 -61.51 -10.39 34.64
C ILE E 918 -61.77 -9.04 35.32
N ASP E 919 -60.74 -8.50 35.98
CA ASP E 919 -60.82 -7.21 36.67
C ASP E 919 -60.53 -6.10 35.69
N PRO E 920 -61.40 -5.07 35.56
CA PRO E 920 -61.18 -4.02 34.60
C PRO E 920 -59.97 -3.14 34.80
N ALA E 921 -59.47 -3.08 36.03
CA ALA E 921 -58.42 -2.16 36.38
C ALA E 921 -57.05 -2.77 36.18
N THR E 922 -56.91 -4.08 36.40
CA THR E 922 -55.60 -4.69 36.39
C THR E 922 -55.47 -5.84 35.40
N ALA E 923 -56.60 -6.38 34.93
CA ALA E 923 -56.64 -7.49 33.98
C ALA E 923 -56.26 -8.82 34.63
N GLU E 924 -56.52 -8.97 35.93
CA GLU E 924 -56.27 -10.21 36.65
C GLU E 924 -57.44 -11.17 36.41
N GLU E 925 -57.17 -12.48 36.43
CA GLU E 925 -58.17 -13.50 36.18
C GLU E 925 -58.52 -14.23 37.46
N PHE E 926 -59.76 -14.74 37.53
CA PHE E 926 -60.24 -15.47 38.68
C PHE E 926 -61.14 -16.62 38.24
N ASN E 927 -60.89 -17.83 38.78
CA ASN E 927 -61.65 -19.03 38.48
C ASN E 927 -62.17 -19.63 39.78
N PRO E 928 -63.37 -19.27 40.23
CA PRO E 928 -63.87 -19.69 41.53
C PRO E 928 -63.91 -21.17 41.86
N LEU E 929 -64.44 -21.96 40.93
CA LEU E 929 -64.71 -23.36 41.18
C LEU E 929 -63.41 -24.17 41.18
N HIS E 930 -62.36 -23.69 40.53
CA HIS E 930 -61.08 -24.38 40.58
C HIS E 930 -60.43 -24.16 41.94
N GLU E 931 -60.58 -22.96 42.49
CA GLU E 931 -60.03 -22.62 43.78
C GLU E 931 -60.67 -23.49 44.84
N LEU E 932 -61.98 -23.60 44.82
CA LEU E 932 -62.68 -24.38 45.81
C LEU E 932 -62.27 -25.83 45.75
N ALA E 933 -62.04 -26.34 44.55
CA ALA E 933 -61.75 -27.76 44.38
C ALA E 933 -60.36 -28.07 44.92
N GLN E 934 -59.42 -27.14 44.75
CA GLN E 934 -58.07 -27.37 45.18
C GLN E 934 -57.93 -27.20 46.70
N SER E 935 -58.95 -26.65 47.35
CA SER E 935 -58.91 -26.44 48.78
C SER E 935 -59.71 -27.49 49.53
N LYS E 936 -59.87 -28.69 48.98
CA LYS E 936 -60.61 -29.73 49.64
C LYS E 936 -59.80 -31.01 49.77
N GLY E 937 -58.61 -31.05 49.17
CA GLY E 937 -57.65 -32.06 49.49
C GLY E 937 -57.89 -33.38 48.76
N ASN E 938 -58.64 -33.35 47.66
CA ASN E 938 -58.77 -34.51 46.82
C ASN E 938 -58.10 -34.30 45.47
N ASN E 939 -57.45 -33.16 45.28
CA ASN E 939 -56.71 -32.84 44.09
C ASN E 939 -57.59 -32.82 42.85
N GLY E 940 -58.72 -32.12 42.93
CA GLY E 940 -59.62 -31.95 41.80
C GLY E 940 -59.29 -30.70 41.03
N LYS E 941 -59.75 -30.63 39.78
CA LYS E 941 -59.43 -29.57 38.87
C LYS E 941 -60.65 -29.20 38.02
N PHE E 942 -60.83 -27.92 37.73
CA PHE E 942 -61.80 -27.43 36.76
C PHE E 942 -61.09 -26.53 35.76
N LEU E 943 -60.88 -27.02 34.54
CA LEU E 943 -60.10 -26.38 33.50
C LEU E 943 -61.00 -25.94 32.35
N VAL E 944 -61.02 -24.65 32.02
CA VAL E 944 -61.84 -24.11 30.95
C VAL E 944 -60.95 -23.41 29.93
N TYR E 945 -61.13 -23.71 28.64
CA TYR E 945 -60.29 -23.20 27.58
C TYR E 945 -61.12 -22.67 26.44
N ASN E 946 -60.62 -21.61 25.80
CA ASN E 946 -61.17 -21.05 24.57
C ASN E 946 -60.42 -21.61 23.37
N SER E 947 -61.13 -22.33 22.50
CA SER E 947 -60.52 -23.01 21.37
C SER E 947 -60.23 -22.06 20.24
N ALA E 948 -59.46 -22.52 19.25
CA ALA E 948 -59.31 -21.84 17.98
C ALA E 948 -60.56 -22.09 17.14
N LEU E 949 -60.63 -21.44 15.98
CA LEU E 949 -61.84 -21.49 15.18
C LEU E 949 -61.79 -22.72 14.28
N THR E 950 -62.11 -23.88 14.86
CA THR E 950 -62.12 -25.16 14.16
C THR E 950 -63.15 -26.07 14.79
N GLU E 951 -63.83 -26.88 13.98
CA GLU E 951 -64.78 -27.84 14.50
C GLU E 951 -64.26 -29.26 14.34
N TYR E 952 -63.47 -29.51 13.29
CA TYR E 952 -62.95 -30.83 12.99
C TYR E 952 -61.83 -31.16 13.96
N ALA E 953 -60.89 -30.23 14.16
CA ALA E 953 -59.76 -30.46 15.03
C ALA E 953 -60.17 -30.32 16.49
N GLY E 954 -61.13 -29.45 16.79
CA GLY E 954 -61.63 -29.28 18.14
C GLY E 954 -62.27 -30.53 18.69
N MET E 955 -63.27 -31.06 17.99
CA MET E 955 -64.01 -32.19 18.50
C MET E 955 -63.13 -33.43 18.51
N GLY E 956 -62.21 -33.52 17.55
CA GLY E 956 -61.31 -34.65 17.49
C GLY E 956 -60.38 -34.69 18.68
N PHE E 957 -59.93 -33.52 19.13
CA PHE E 957 -59.01 -33.43 20.26
C PHE E 957 -59.71 -33.86 21.54
N GLU E 958 -60.98 -33.54 21.69
CA GLU E 958 -61.69 -33.89 22.90
C GLU E 958 -62.02 -35.37 22.94
N TYR E 959 -62.33 -35.98 21.80
CA TYR E 959 -62.57 -37.40 21.74
C TYR E 959 -61.31 -38.13 22.17
N GLY E 960 -60.16 -37.65 21.73
CA GLY E 960 -58.90 -38.26 22.07
C GLY E 960 -58.60 -38.17 23.55
N TYR E 961 -59.00 -37.06 24.17
CA TYR E 961 -58.73 -36.82 25.57
C TYR E 961 -59.51 -37.83 26.40
N SER E 962 -60.70 -38.18 25.95
CA SER E 962 -61.54 -39.11 26.66
C SER E 962 -61.02 -40.53 26.58
N VAL E 963 -60.27 -40.85 25.53
CA VAL E 963 -59.73 -42.19 25.35
C VAL E 963 -58.43 -42.32 26.13
N GLY E 964 -57.68 -41.25 26.24
CA GLY E 964 -56.40 -41.26 26.92
C GLY E 964 -56.51 -41.24 28.44
N ASN E 965 -57.63 -40.77 28.98
CA ASN E 965 -57.87 -40.81 30.42
C ASN E 965 -59.32 -41.14 30.67
N GLU E 966 -59.57 -42.37 31.09
CA GLU E 966 -60.92 -42.89 31.18
C GLU E 966 -61.67 -42.31 32.37
N ASP E 967 -60.96 -41.64 33.29
CA ASP E 967 -61.55 -41.22 34.55
C ASP E 967 -61.80 -39.72 34.57
N SER E 968 -61.63 -39.03 33.44
CA SER E 968 -61.86 -37.60 33.35
C SER E 968 -63.24 -37.32 32.80
N ILE E 969 -63.76 -36.11 33.06
CA ILE E 969 -65.02 -35.65 32.51
C ILE E 969 -64.72 -34.57 31.48
N VAL E 970 -65.02 -34.82 30.20
CA VAL E 970 -64.68 -33.95 29.09
C VAL E 970 -65.94 -33.54 28.35
N ALA E 971 -66.03 -32.25 27.98
CA ALA E 971 -67.16 -31.70 27.27
C ALA E 971 -66.70 -30.74 26.19
N TRP E 972 -67.22 -30.89 24.96
CA TRP E 972 -67.00 -29.98 23.86
C TRP E 972 -68.28 -29.23 23.55
N GLU E 973 -68.15 -27.90 23.36
CA GLU E 973 -69.28 -27.03 23.11
C GLU E 973 -69.15 -26.40 21.74
N ALA E 974 -70.28 -26.26 21.05
CA ALA E 974 -70.36 -25.62 19.75
C ALA E 974 -71.02 -24.25 19.92
N GLN E 975 -70.57 -23.27 19.13
CA GLN E 975 -71.08 -21.92 19.23
C GLN E 975 -72.56 -21.92 18.89
N PHE E 976 -72.91 -22.55 17.78
CA PHE E 976 -74.27 -22.97 17.48
C PHE E 976 -74.21 -24.40 17.00
N GLY E 977 -75.28 -25.15 17.19
CA GLY E 977 -75.31 -26.56 16.84
C GLY E 977 -75.31 -26.80 15.34
N ASP E 978 -75.40 -25.73 14.55
CA ASP E 978 -75.50 -25.80 13.11
C ASP E 978 -74.12 -25.87 12.49
N PHE E 979 -73.07 -25.72 13.28
CA PHE E 979 -71.72 -25.73 12.75
C PHE E 979 -71.04 -27.07 13.04
N ALA E 980 -71.78 -28.05 13.54
CA ALA E 980 -71.22 -29.34 13.89
C ALA E 980 -71.06 -30.23 12.66
N ASN E 981 -71.66 -29.86 11.53
CA ASN E 981 -71.50 -30.60 10.30
C ASN E 981 -70.11 -30.43 9.71
N GLY E 982 -69.33 -29.52 10.27
CA GLY E 982 -67.93 -29.39 9.89
C GLY E 982 -67.06 -30.46 10.53
N ALA E 983 -67.63 -31.23 11.46
CA ALA E 983 -66.93 -32.30 12.13
C ALA E 983 -67.65 -33.63 11.90
N GLN E 984 -68.23 -33.81 10.73
CA GLN E 984 -69.07 -34.95 10.47
C GLN E 984 -68.25 -36.23 10.44
N THR E 985 -67.02 -36.16 9.95
CA THR E 985 -66.13 -37.31 9.89
C THR E 985 -65.96 -37.90 11.29
N ILE E 986 -65.68 -37.06 12.29
CA ILE E 986 -65.46 -37.50 13.65
C ILE E 986 -66.73 -38.11 14.22
N ILE E 987 -67.89 -37.51 13.97
CA ILE E 987 -69.13 -38.03 14.49
C ILE E 987 -69.43 -39.41 13.91
N ASP E 988 -69.14 -39.62 12.63
CA ASP E 988 -69.54 -40.83 11.94
C ASP E 988 -68.53 -41.97 12.14
N GLU E 989 -67.25 -41.64 12.26
CA GLU E 989 -66.21 -42.64 12.20
C GLU E 989 -65.68 -43.00 13.58
N TYR E 990 -65.85 -42.13 14.58
CA TYR E 990 -65.28 -42.35 15.90
C TYR E 990 -66.36 -42.39 16.98
N VAL E 991 -67.17 -41.34 17.11
CA VAL E 991 -68.04 -41.17 18.26
C VAL E 991 -69.20 -42.14 18.20
N SER E 992 -69.79 -42.32 17.03
CA SER E 992 -71.01 -43.07 16.88
C SER E 992 -70.75 -44.57 16.78
N SER E 993 -69.54 -44.98 16.38
CA SER E 993 -69.33 -46.34 15.90
C SER E 993 -68.01 -46.97 16.36
N GLY E 994 -67.30 -46.38 17.31
CA GLY E 994 -66.01 -46.88 17.71
C GLY E 994 -66.07 -48.16 18.54
N GLU E 995 -67.09 -48.29 19.36
CA GLU E 995 -67.26 -49.44 20.22
C GLU E 995 -67.56 -50.69 19.41
N ALA E 996 -68.42 -50.56 18.40
CA ALA E 996 -68.82 -51.71 17.61
C ALA E 996 -67.73 -52.17 16.66
N LYS E 997 -66.79 -51.28 16.30
CA LYS E 997 -65.76 -51.63 15.34
C LYS E 997 -64.50 -52.12 16.03
N TRP E 998 -64.05 -51.44 17.08
CA TRP E 998 -62.76 -51.74 17.68
C TRP E 998 -62.85 -52.07 19.16
N GLY E 999 -64.01 -51.89 19.79
CA GLY E 999 -64.11 -52.09 21.22
C GLY E 999 -63.52 -50.93 22.03
N GLN E 1000 -63.44 -49.74 21.43
CA GLN E 1000 -62.91 -48.55 22.06
C GLN E 1000 -64.06 -47.73 22.61
N THR E 1001 -64.05 -47.44 23.91
CA THR E 1001 -65.17 -46.80 24.58
C THR E 1001 -64.82 -45.36 24.95
N SER E 1002 -65.83 -44.49 25.01
CA SER E 1002 -65.66 -43.09 25.34
C SER E 1002 -66.87 -42.56 26.09
N LYS E 1003 -66.66 -41.50 26.88
CA LYS E 1003 -67.72 -40.80 27.60
C LYS E 1003 -67.68 -39.30 27.33
N LEU E 1004 -67.55 -38.91 26.07
CA LEU E 1004 -67.51 -37.52 25.68
C LEU E 1004 -68.90 -36.93 25.81
N ILE E 1005 -68.98 -35.63 26.13
CA ILE E 1005 -70.23 -34.90 26.20
C ILE E 1005 -70.22 -33.84 25.10
N LEU E 1006 -71.26 -33.84 24.27
CA LEU E 1006 -71.44 -32.80 23.27
C LEU E 1006 -72.58 -31.89 23.69
N LEU E 1007 -72.30 -30.59 23.81
CA LEU E 1007 -73.27 -29.56 24.14
C LEU E 1007 -73.56 -28.73 22.89
N LEU E 1008 -74.77 -28.87 22.33
CA LEU E 1008 -75.13 -28.30 21.04
C LEU E 1008 -76.34 -27.39 21.18
N PRO E 1009 -76.21 -26.05 21.10
CA PRO E 1009 -77.36 -25.15 21.15
C PRO E 1009 -78.39 -25.29 20.04
N HIS E 1010 -79.66 -25.19 20.39
CA HIS E 1010 -80.76 -25.54 19.49
C HIS E 1010 -82.00 -24.74 19.85
N GLY E 1011 -82.72 -24.25 18.84
CA GLY E 1011 -83.99 -23.60 19.07
C GLY E 1011 -84.43 -22.72 17.91
N TYR E 1012 -85.74 -22.67 17.67
CA TYR E 1012 -86.33 -21.92 16.57
C TYR E 1012 -86.85 -20.59 17.09
N GLU E 1013 -86.15 -19.50 16.80
CA GLU E 1013 -86.43 -18.20 17.39
C GLU E 1013 -86.43 -17.05 16.38
N GLY E 1014 -86.14 -17.32 15.10
CA GLY E 1014 -86.23 -16.30 14.08
C GLY E 1014 -84.89 -15.67 13.70
N GLN E 1015 -83.78 -16.39 13.90
CA GLN E 1015 -82.48 -15.83 13.59
C GLN E 1015 -81.97 -16.35 12.25
N GLY E 1016 -82.74 -17.18 11.55
CA GLY E 1016 -82.39 -17.58 10.21
C GLY E 1016 -81.98 -19.05 10.12
N PRO E 1017 -81.69 -19.56 8.90
CA PRO E 1017 -81.41 -20.97 8.72
C PRO E 1017 -80.08 -21.55 9.21
N ASP E 1018 -79.10 -20.72 9.55
CA ASP E 1018 -77.83 -21.21 10.05
C ASP E 1018 -77.66 -20.89 11.54
N HIS E 1019 -78.76 -20.56 12.22
CA HIS E 1019 -78.74 -20.31 13.64
C HIS E 1019 -80.03 -20.84 14.26
N SER E 1020 -80.46 -22.04 13.88
CA SER E 1020 -81.74 -22.56 14.34
C SER E 1020 -81.74 -24.04 14.71
N SER E 1021 -81.02 -24.93 14.00
CA SER E 1021 -81.17 -26.35 14.26
C SER E 1021 -79.83 -27.07 14.33
N ALA E 1022 -79.71 -27.98 15.32
CA ALA E 1022 -78.53 -28.80 15.51
C ALA E 1022 -78.70 -30.16 14.85
N ARG E 1023 -79.80 -30.35 14.11
CA ARG E 1023 -80.02 -31.53 13.28
C ARG E 1023 -80.22 -32.75 14.17
N ILE E 1024 -81.33 -32.79 14.89
CA ILE E 1024 -81.68 -33.87 15.79
C ILE E 1024 -81.88 -35.15 14.98
N GLU E 1025 -82.52 -35.02 13.80
CA GLU E 1025 -82.87 -36.16 12.97
C GLU E 1025 -81.62 -36.94 12.55
N ARG E 1026 -80.51 -36.26 12.32
CA ARG E 1026 -79.30 -36.90 11.88
C ARG E 1026 -78.72 -37.76 13.00
N PHE E 1027 -78.74 -37.26 14.24
CA PHE E 1027 -78.20 -37.97 15.37
C PHE E 1027 -79.05 -39.17 15.70
N LEU E 1028 -80.37 -39.07 15.52
CA LEU E 1028 -81.23 -40.19 15.83
C LEU E 1028 -81.15 -41.28 14.76
N GLN E 1029 -80.65 -40.97 13.55
CA GLN E 1029 -80.39 -42.00 12.55
C GLN E 1029 -79.21 -42.86 12.99
N LEU E 1030 -78.16 -42.24 13.50
CA LEU E 1030 -76.93 -42.92 13.85
C LEU E 1030 -77.11 -43.84 15.05
N CYS E 1031 -78.21 -43.71 15.79
CA CYS E 1031 -78.40 -44.48 17.01
C CYS E 1031 -78.99 -45.85 16.74
N ALA E 1032 -78.34 -46.89 17.28
CA ALA E 1032 -78.84 -48.25 17.26
C ALA E 1032 -78.00 -49.07 18.21
N GLU E 1033 -78.59 -50.12 18.79
CA GLU E 1033 -77.92 -51.02 19.73
C GLU E 1033 -77.53 -50.29 21.02
N GLY E 1034 -78.24 -49.22 21.36
CA GLY E 1034 -77.91 -48.42 22.52
C GLY E 1034 -76.50 -47.84 22.47
N SER E 1035 -76.15 -47.20 21.37
CA SER E 1035 -74.79 -46.75 21.15
C SER E 1035 -74.48 -45.48 21.92
N MET E 1036 -75.42 -44.53 21.97
CA MET E 1036 -75.24 -43.32 22.76
C MET E 1036 -76.58 -42.78 23.25
N THR E 1037 -76.51 -41.83 24.20
CA THR E 1037 -77.66 -41.22 24.85
C THR E 1037 -77.93 -39.82 24.29
N VAL E 1038 -79.18 -39.54 23.94
CA VAL E 1038 -79.59 -38.26 23.36
C VAL E 1038 -80.73 -37.66 24.18
N ALA E 1039 -80.60 -36.38 24.57
CA ALA E 1039 -81.52 -35.75 25.50
C ALA E 1039 -81.73 -34.27 25.18
N GLN E 1040 -82.86 -33.74 25.63
CA GLN E 1040 -83.22 -32.33 25.49
C GLN E 1040 -84.00 -31.87 26.71
N PRO E 1041 -83.34 -31.54 27.84
CA PRO E 1041 -84.03 -31.22 29.07
C PRO E 1041 -84.65 -29.83 29.11
N SER E 1042 -85.59 -29.63 30.06
CA SER E 1042 -86.39 -28.42 30.10
C SER E 1042 -86.26 -27.63 31.41
N THR E 1043 -85.45 -28.10 32.37
CA THR E 1043 -85.27 -27.40 33.63
C THR E 1043 -83.83 -27.55 34.07
N PRO E 1044 -83.21 -26.52 34.69
CA PRO E 1044 -81.83 -26.62 35.16
C PRO E 1044 -81.49 -27.79 36.08
N ALA E 1045 -82.42 -28.15 36.95
CA ALA E 1045 -82.22 -29.24 37.86
C ALA E 1045 -82.11 -30.57 37.12
N ASN E 1046 -82.86 -30.72 36.03
CA ASN E 1046 -82.89 -31.97 35.29
C ASN E 1046 -81.61 -32.08 34.47
N HIS E 1047 -81.01 -30.97 34.07
CA HIS E 1047 -79.74 -30.98 33.39
C HIS E 1047 -78.65 -31.40 34.34
N PHE E 1048 -78.76 -30.96 35.60
CA PHE E 1048 -77.81 -31.26 36.65
C PHE E 1048 -77.78 -32.76 36.92
N HIS E 1049 -78.95 -33.36 37.02
CA HIS E 1049 -79.05 -34.76 37.36
C HIS E 1049 -78.58 -35.64 36.21
N LEU E 1050 -78.79 -35.23 34.97
CA LEU E 1050 -78.36 -35.98 33.81
C LEU E 1050 -76.84 -36.04 33.73
N LEU E 1051 -76.18 -34.91 33.96
CA LEU E 1051 -74.73 -34.87 33.89
C LEU E 1051 -74.11 -35.71 34.99
N ARG E 1052 -74.71 -35.72 36.19
CA ARG E 1052 -74.14 -36.42 37.33
C ARG E 1052 -74.35 -37.92 37.19
N ARG E 1053 -75.47 -38.35 36.60
CA ARG E 1053 -75.70 -39.78 36.39
C ARG E 1053 -74.69 -40.35 35.42
N HIS E 1054 -74.34 -39.58 34.40
CA HIS E 1054 -73.38 -39.98 33.40
C HIS E 1054 -72.00 -40.14 34.02
N ALA E 1055 -71.62 -39.23 34.90
CA ALA E 1055 -70.27 -39.20 35.43
C ALA E 1055 -70.05 -40.26 36.50
N LEU E 1056 -71.09 -40.64 37.23
CA LEU E 1056 -70.94 -41.53 38.36
C LEU E 1056 -71.30 -42.97 38.01
N SER E 1057 -71.75 -43.25 36.78
CA SER E 1057 -72.12 -44.59 36.39
C SER E 1057 -70.90 -45.34 35.84
N ASP E 1058 -71.13 -46.57 35.38
CA ASP E 1058 -70.11 -47.39 34.77
C ASP E 1058 -70.53 -47.76 33.34
N LEU E 1059 -71.32 -46.90 32.70
CA LEU E 1059 -71.75 -47.06 31.32
C LEU E 1059 -70.93 -46.13 30.45
N LYS E 1060 -69.96 -46.69 29.72
CA LYS E 1060 -68.97 -45.90 29.03
C LYS E 1060 -69.41 -45.67 27.59
N ARG E 1061 -70.40 -44.78 27.40
CA ARG E 1061 -70.91 -44.41 26.10
C ARG E 1061 -71.14 -42.91 26.06
N PRO E 1062 -71.08 -42.25 24.89
CA PRO E 1062 -71.25 -40.80 24.81
C PRO E 1062 -72.64 -40.24 25.11
N LEU E 1063 -72.70 -38.93 25.36
CA LEU E 1063 -73.90 -38.21 25.73
C LEU E 1063 -74.03 -36.95 24.89
N VAL E 1064 -75.16 -36.79 24.20
CA VAL E 1064 -75.44 -35.66 23.34
C VAL E 1064 -76.63 -34.89 23.90
N ILE E 1065 -76.42 -33.62 24.26
CA ILE E 1065 -77.43 -32.77 24.88
C ILE E 1065 -77.72 -31.60 23.95
N PHE E 1066 -79.01 -31.22 23.85
CA PHE E 1066 -79.46 -30.10 23.05
C PHE E 1066 -79.85 -28.97 23.99
N THR E 1067 -79.03 -27.91 24.02
CA THR E 1067 -79.08 -26.87 25.02
C THR E 1067 -79.84 -25.66 24.50
N PRO E 1068 -80.46 -24.81 25.36
CA PRO E 1068 -81.22 -23.66 24.89
C PRO E 1068 -80.50 -22.35 24.66
N LYS E 1069 -81.20 -21.38 24.06
CA LYS E 1069 -80.66 -20.07 23.72
C LYS E 1069 -81.47 -18.94 24.35
N SER E 1070 -82.80 -19.04 24.31
CA SER E 1070 -83.68 -18.02 24.85
C SER E 1070 -84.22 -18.42 26.21
N MET E 1071 -84.28 -19.72 26.47
CA MET E 1071 -84.78 -20.25 27.72
C MET E 1071 -83.75 -20.05 28.82
N LEU E 1072 -82.53 -19.66 28.45
CA LEU E 1072 -81.49 -19.33 29.40
C LEU E 1072 -81.96 -18.28 30.40
N ARG E 1073 -82.84 -17.36 29.98
CA ARG E 1073 -83.25 -16.24 30.80
C ARG E 1073 -84.76 -16.17 30.96
N ASN E 1074 -85.44 -17.31 30.92
CA ASN E 1074 -86.88 -17.38 31.10
C ASN E 1074 -87.14 -17.71 32.56
N LYS E 1075 -88.04 -16.96 33.19
CA LYS E 1075 -88.21 -17.03 34.62
C LYS E 1075 -89.19 -18.12 34.99
N ALA E 1076 -89.88 -18.70 34.03
CA ALA E 1076 -90.76 -19.81 34.31
C ALA E 1076 -90.01 -21.13 34.32
N ALA E 1077 -88.74 -21.10 33.93
CA ALA E 1077 -87.94 -22.31 33.81
C ALA E 1077 -86.94 -22.45 34.95
N ALA E 1078 -86.91 -21.51 35.90
CA ALA E 1078 -85.93 -21.55 36.96
C ALA E 1078 -86.29 -22.62 37.99
N SER E 1079 -85.32 -23.01 38.82
CA SER E 1079 -85.43 -24.13 39.74
C SER E 1079 -85.20 -23.70 41.19
N ALA E 1080 -85.78 -24.46 42.13
CA ALA E 1080 -85.66 -24.22 43.56
C ALA E 1080 -84.58 -25.10 44.14
N PRO E 1081 -84.00 -24.76 45.31
CA PRO E 1081 -82.94 -25.56 45.91
C PRO E 1081 -83.29 -27.00 46.29
N GLU E 1082 -84.56 -27.25 46.60
CA GLU E 1082 -85.01 -28.58 46.97
C GLU E 1082 -84.85 -29.54 45.80
N ASP E 1083 -84.82 -29.02 44.57
CA ASP E 1083 -84.73 -29.83 43.38
C ASP E 1083 -83.32 -30.38 43.20
N PHE E 1084 -82.33 -29.79 43.86
CA PHE E 1084 -80.97 -30.27 43.81
C PHE E 1084 -80.61 -31.13 45.00
N THR E 1085 -81.40 -31.09 46.09
CA THR E 1085 -81.00 -31.71 47.35
C THR E 1085 -82.02 -32.69 47.91
N GLU E 1086 -83.26 -32.69 47.43
CA GLU E 1086 -84.25 -33.64 47.93
C GLU E 1086 -84.76 -34.57 46.85
N VAL E 1087 -84.77 -34.13 45.58
CA VAL E 1087 -85.10 -35.00 44.46
C VAL E 1087 -83.85 -35.81 44.13
N THR E 1088 -84.00 -37.13 43.98
CA THR E 1088 -82.87 -38.05 44.01
C THR E 1088 -82.38 -38.43 42.62
N LYS E 1089 -83.26 -38.44 41.61
CA LYS E 1089 -82.93 -39.01 40.31
C LYS E 1089 -83.35 -38.09 39.17
N PHE E 1090 -82.85 -38.39 37.96
CA PHE E 1090 -83.21 -37.75 36.72
C PHE E 1090 -84.53 -38.27 36.21
N GLN E 1091 -85.36 -37.39 35.66
CA GLN E 1091 -86.66 -37.76 35.14
C GLN E 1091 -86.61 -37.75 33.63
N SER E 1092 -87.15 -38.81 33.02
CA SER E 1092 -87.15 -38.98 31.57
C SER E 1092 -88.45 -38.51 30.96
N VAL E 1093 -89.53 -38.57 31.73
CA VAL E 1093 -90.83 -38.05 31.35
C VAL E 1093 -91.36 -37.23 32.51
N ILE E 1094 -91.81 -36.00 32.24
CA ILE E 1094 -92.40 -35.13 33.24
C ILE E 1094 -93.87 -34.94 32.90
N ASN E 1095 -94.75 -35.36 33.78
CA ASN E 1095 -96.18 -35.29 33.57
C ASN E 1095 -96.65 -33.88 33.88
N ASP E 1096 -97.89 -33.56 33.47
CA ASP E 1096 -98.40 -32.19 33.54
C ASP E 1096 -98.65 -31.80 34.99
N PRO E 1097 -98.07 -30.69 35.49
CA PRO E 1097 -98.32 -30.25 36.85
C PRO E 1097 -99.54 -29.36 37.10
N ASN E 1098 -100.36 -29.12 36.08
CA ASN E 1098 -101.52 -28.25 36.23
C ASN E 1098 -102.76 -28.98 35.73
N VAL E 1099 -103.00 -30.19 36.22
CA VAL E 1099 -104.22 -30.90 35.91
C VAL E 1099 -105.07 -31.01 37.17
N ALA E 1100 -106.25 -30.38 37.11
CA ALA E 1100 -107.17 -30.35 38.24
C ALA E 1100 -107.77 -31.73 38.44
N ASP E 1101 -108.41 -32.26 37.39
CA ASP E 1101 -109.05 -33.55 37.43
C ASP E 1101 -108.67 -34.35 36.20
N ALA E 1102 -108.24 -35.60 36.42
CA ALA E 1102 -107.65 -36.40 35.36
C ALA E 1102 -108.71 -37.15 34.57
N ALA E 1103 -109.96 -37.15 35.07
CA ALA E 1103 -111.03 -37.89 34.44
C ALA E 1103 -111.74 -37.04 33.39
N LYS E 1104 -111.31 -35.79 33.23
CA LYS E 1104 -111.93 -34.88 32.28
C LYS E 1104 -111.00 -34.58 31.10
N VAL E 1105 -109.86 -35.27 31.00
CA VAL E 1105 -108.91 -35.05 29.93
C VAL E 1105 -109.36 -35.87 28.72
N LYS E 1106 -109.26 -35.27 27.52
CA LYS E 1106 -109.64 -35.94 26.29
C LYS E 1106 -108.60 -35.75 25.17
N LYS E 1107 -107.51 -35.02 25.44
CA LYS E 1107 -106.41 -34.92 24.51
C LYS E 1107 -105.10 -34.88 25.29
N VAL E 1108 -104.10 -35.63 24.81
CA VAL E 1108 -102.77 -35.60 25.37
C VAL E 1108 -101.81 -35.08 24.31
N MET E 1109 -100.97 -34.11 24.67
CA MET E 1109 -99.95 -33.58 23.81
C MET E 1109 -98.58 -34.05 24.29
N LEU E 1110 -97.73 -34.51 23.37
CA LEU E 1110 -96.35 -34.85 23.68
C LEU E 1110 -95.45 -33.79 23.06
N VAL E 1111 -94.48 -33.30 23.83
CA VAL E 1111 -93.62 -32.22 23.41
C VAL E 1111 -92.21 -32.47 23.95
N SER E 1112 -91.21 -31.83 23.37
CA SER E 1112 -89.85 -31.85 23.88
C SER E 1112 -89.20 -30.48 23.71
N GLY E 1113 -88.65 -29.92 24.79
CA GLY E 1113 -87.87 -28.71 24.71
C GLY E 1113 -88.64 -27.46 25.14
N LYS E 1114 -88.37 -26.34 24.47
CA LYS E 1114 -88.81 -25.03 24.91
C LYS E 1114 -90.22 -24.70 24.47
N LEU E 1115 -90.83 -25.49 23.60
CA LEU E 1115 -92.17 -25.18 23.13
C LEU E 1115 -93.18 -25.51 24.22
N TYR E 1116 -92.75 -26.16 25.30
CA TYR E 1116 -93.64 -26.46 26.40
C TYR E 1116 -94.20 -25.17 26.98
N TYR E 1117 -93.34 -24.17 27.14
CA TYR E 1117 -93.67 -23.01 27.92
C TYR E 1117 -94.66 -22.12 27.18
N GLU E 1118 -94.82 -22.33 25.87
CA GLU E 1118 -95.78 -21.58 25.08
C GLU E 1118 -97.14 -22.25 25.16
N LEU E 1119 -97.15 -23.58 25.06
CA LEU E 1119 -98.37 -24.34 25.10
C LEU E 1119 -99.01 -24.19 26.48
N ALA E 1120 -98.19 -24.21 27.53
CA ALA E 1120 -98.65 -24.10 28.90
C ALA E 1120 -99.31 -22.75 29.14
N LYS E 1121 -98.68 -21.70 28.60
CA LYS E 1121 -99.14 -20.33 28.70
C LYS E 1121 -100.55 -20.23 28.12
N ARG E 1122 -100.76 -20.82 26.96
CA ARG E 1122 -102.01 -20.71 26.23
C ARG E 1122 -103.10 -21.49 26.94
N LYS E 1123 -102.73 -22.62 27.54
CA LYS E 1123 -103.68 -23.47 28.23
C LYS E 1123 -104.26 -22.75 29.43
N GLU E 1124 -103.43 -21.98 30.11
CA GLU E 1124 -103.84 -21.21 31.28
C GLU E 1124 -104.76 -20.08 30.88
N LYS E 1125 -104.45 -19.41 29.76
CA LYS E 1125 -105.17 -18.25 29.30
C LYS E 1125 -106.59 -18.63 28.88
N ASP E 1126 -106.72 -19.76 28.19
CA ASP E 1126 -108.00 -20.13 27.61
C ASP E 1126 -108.78 -21.05 28.54
N GLY E 1127 -108.17 -21.48 29.64
CA GLY E 1127 -108.87 -22.27 30.63
C GLY E 1127 -109.31 -23.64 30.11
N ARG E 1128 -108.37 -24.37 29.51
CA ARG E 1128 -108.68 -25.69 28.96
C ARG E 1128 -108.34 -26.75 30.00
N ASP E 1129 -109.36 -27.54 30.37
CA ASP E 1129 -109.21 -28.59 31.36
C ASP E 1129 -109.35 -29.96 30.69
N ASP E 1130 -109.41 -29.98 29.37
CA ASP E 1130 -109.55 -31.22 28.63
C ASP E 1130 -108.23 -31.57 27.94
N ILE E 1131 -107.16 -30.84 28.25
CA ILE E 1131 -105.86 -31.07 27.65
C ILE E 1131 -104.84 -31.36 28.75
N ALA E 1132 -103.85 -32.21 28.44
CA ALA E 1132 -102.71 -32.46 29.29
C ALA E 1132 -101.41 -32.48 28.48
N ILE E 1133 -100.41 -31.69 28.88
CA ILE E 1133 -99.16 -31.61 28.17
C ILE E 1133 -98.10 -32.44 28.89
N VAL E 1134 -97.46 -33.39 28.18
CA VAL E 1134 -96.47 -34.31 28.72
C VAL E 1134 -95.14 -34.15 28.00
N ARG E 1135 -94.04 -34.03 28.75
CA ARG E 1135 -92.73 -33.74 28.21
C ARG E 1135 -91.88 -34.99 28.10
N ILE E 1136 -91.02 -35.05 27.08
CA ILE E 1136 -90.06 -36.13 26.90
C ILE E 1136 -88.67 -35.53 26.93
N GLU E 1137 -87.85 -35.95 27.90
CA GLU E 1137 -86.58 -35.31 28.18
C GLU E 1137 -85.44 -36.12 27.58
N MET E 1138 -85.58 -37.46 27.59
CA MET E 1138 -84.62 -38.35 26.98
C MET E 1138 -85.23 -38.93 25.72
N LEU E 1139 -84.57 -38.69 24.57
CA LEU E 1139 -85.10 -39.04 23.27
C LEU E 1139 -84.66 -40.44 22.89
N HIS E 1140 -83.38 -40.77 23.10
CA HIS E 1140 -82.87 -42.11 22.87
C HIS E 1140 -82.02 -42.55 24.05
N PRO E 1141 -82.24 -43.72 24.69
CA PRO E 1141 -83.32 -44.64 24.36
C PRO E 1141 -84.72 -44.14 24.64
N ILE E 1142 -85.72 -44.82 24.09
CA ILE E 1142 -87.11 -44.42 24.24
C ILE E 1142 -87.59 -44.92 25.58
N PRO E 1143 -88.07 -44.04 26.49
CA PRO E 1143 -88.64 -44.47 27.75
C PRO E 1143 -90.10 -44.85 27.59
N PHE E 1144 -90.35 -46.04 27.06
CA PHE E 1144 -91.68 -46.39 26.63
C PHE E 1144 -92.52 -46.87 27.80
N ASN E 1145 -91.89 -47.30 28.89
CA ASN E 1145 -92.62 -47.73 30.08
C ASN E 1145 -93.23 -46.52 30.78
N ARG E 1146 -92.48 -45.41 30.81
CA ARG E 1146 -92.95 -44.19 31.45
C ARG E 1146 -94.04 -43.52 30.63
N ILE E 1147 -93.89 -43.51 29.30
CA ILE E 1147 -94.87 -42.90 28.43
C ILE E 1147 -96.16 -43.69 28.55
N SER E 1148 -96.04 -45.01 28.66
CA SER E 1148 -97.21 -45.86 28.79
C SER E 1148 -97.94 -45.57 30.10
N GLU E 1149 -97.16 -45.38 31.17
CA GLU E 1149 -97.68 -45.13 32.50
C GLU E 1149 -98.43 -43.81 32.52
N ALA E 1150 -97.88 -42.79 31.85
CA ALA E 1150 -98.47 -41.47 31.82
C ALA E 1150 -99.78 -41.48 31.06
N LEU E 1151 -99.80 -42.15 29.91
CA LEU E 1151 -100.99 -42.22 29.07
C LEU E 1151 -102.08 -42.98 29.79
N ALA E 1152 -101.71 -43.99 30.59
CA ALA E 1152 -102.68 -44.82 31.30
C ALA E 1152 -103.36 -44.04 32.42
N GLY E 1153 -102.72 -42.97 32.90
CA GLY E 1153 -103.27 -42.15 33.95
C GLY E 1153 -104.45 -41.29 33.49
N TYR E 1154 -104.65 -41.19 32.18
CA TYR E 1154 -105.79 -40.49 31.62
C TYR E 1154 -106.67 -41.48 30.87
N PRO E 1155 -107.67 -42.10 31.54
CA PRO E 1155 -108.42 -43.21 30.95
C PRO E 1155 -109.51 -42.87 29.93
N ASN E 1156 -109.82 -41.57 29.74
CA ASN E 1156 -110.85 -41.17 28.82
C ASN E 1156 -110.26 -40.41 27.64
N ALA E 1157 -108.97 -40.58 27.37
CA ALA E 1157 -108.31 -39.90 26.27
C ALA E 1157 -108.70 -40.56 24.95
N GLU E 1158 -108.86 -39.76 23.90
CA GLU E 1158 -109.28 -40.22 22.59
C GLU E 1158 -108.22 -39.92 21.54
N GLU E 1159 -107.38 -38.92 21.77
CA GLU E 1159 -106.39 -38.49 20.80
C GLU E 1159 -105.03 -38.37 21.48
N VAL E 1160 -103.96 -38.52 20.68
CA VAL E 1160 -102.62 -38.17 21.07
C VAL E 1160 -102.02 -37.32 19.96
N LEU E 1161 -101.45 -36.18 20.33
CA LEU E 1161 -100.84 -35.24 19.40
C LEU E 1161 -99.35 -35.19 19.68
N PHE E 1162 -98.53 -35.18 18.63
CA PHE E 1162 -97.11 -34.96 18.75
C PHE E 1162 -96.81 -33.57 18.21
N VAL E 1163 -96.27 -32.67 19.03
CA VAL E 1163 -96.11 -31.28 18.66
C VAL E 1163 -94.64 -30.93 18.64
N GLN E 1164 -94.15 -30.38 17.53
CA GLN E 1164 -92.78 -29.90 17.45
C GLN E 1164 -92.70 -28.63 16.64
N ASP E 1165 -91.60 -27.90 16.80
CA ASP E 1165 -91.35 -26.66 16.09
C ASP E 1165 -90.70 -26.90 14.75
N GLU E 1166 -89.97 -28.00 14.59
CA GLU E 1166 -89.16 -28.22 13.40
C GLU E 1166 -90.06 -28.61 12.24
N PRO E 1167 -89.61 -28.43 10.98
CA PRO E 1167 -90.32 -28.97 9.83
C PRO E 1167 -90.58 -30.46 9.91
N ALA E 1168 -91.50 -30.97 9.09
CA ALA E 1168 -92.01 -32.32 9.24
C ALA E 1168 -90.99 -33.39 8.86
N ASN E 1169 -89.93 -33.01 8.14
CA ASN E 1169 -88.89 -33.94 7.75
C ASN E 1169 -87.67 -33.78 8.64
N GLN E 1170 -87.82 -33.04 9.75
CA GLN E 1170 -86.74 -32.78 10.67
C GLN E 1170 -87.27 -32.93 12.09
N GLY E 1171 -86.39 -32.85 13.07
CA GLY E 1171 -86.78 -32.97 14.48
C GLY E 1171 -86.97 -34.41 14.88
N PRO E 1172 -87.54 -34.70 16.08
CA PRO E 1172 -87.81 -36.07 16.50
C PRO E 1172 -88.99 -36.86 15.95
N TRP E 1173 -89.80 -36.30 15.06
CA TRP E 1173 -91.01 -36.97 14.62
C TRP E 1173 -90.73 -38.19 13.77
N PRO E 1174 -89.84 -38.15 12.76
CA PRO E 1174 -89.56 -39.32 11.95
C PRO E 1174 -89.18 -40.58 12.72
N PHE E 1175 -88.39 -40.40 13.79
CA PHE E 1175 -87.92 -41.50 14.62
C PHE E 1175 -89.07 -42.07 15.42
N TYR E 1176 -89.92 -41.20 15.98
CA TYR E 1176 -90.94 -41.62 16.91
C TYR E 1176 -92.14 -42.23 16.19
N GLN E 1177 -92.46 -41.78 14.99
CA GLN E 1177 -93.60 -42.30 14.27
C GLN E 1177 -93.33 -43.73 13.82
N GLU E 1178 -92.05 -44.10 13.67
CA GLU E 1178 -91.66 -45.42 13.26
C GLU E 1178 -91.68 -46.39 14.43
N HIS E 1179 -91.14 -45.95 15.58
CA HIS E 1179 -90.78 -46.87 16.65
C HIS E 1179 -91.81 -46.95 17.78
N LEU E 1180 -92.57 -45.88 18.03
CA LEU E 1180 -93.34 -45.81 19.26
C LEU E 1180 -94.60 -46.66 19.17
N PRO E 1181 -95.33 -46.70 18.04
CA PRO E 1181 -96.50 -47.58 17.92
C PRO E 1181 -96.25 -49.07 18.16
N GLU E 1182 -95.06 -49.56 17.85
CA GLU E 1182 -94.71 -50.94 18.07
C GLU E 1182 -94.55 -51.21 19.56
N LEU E 1183 -93.91 -50.27 20.27
CA LEU E 1183 -93.56 -50.45 21.67
C LEU E 1183 -94.76 -50.25 22.59
N ILE E 1184 -95.75 -49.47 22.16
CA ILE E 1184 -96.98 -49.29 22.93
C ILE E 1184 -98.17 -49.65 22.04
N PRO E 1185 -98.54 -50.93 21.94
CA PRO E 1185 -99.60 -51.38 21.03
C PRO E 1185 -100.99 -50.78 21.21
N ASN E 1186 -101.35 -50.40 22.44
CA ASN E 1186 -102.72 -50.02 22.74
C ASN E 1186 -102.92 -48.51 22.66
N MET E 1187 -101.91 -47.77 22.19
CA MET E 1187 -101.97 -46.32 22.11
C MET E 1187 -102.83 -45.93 20.92
N PRO E 1188 -103.64 -44.85 21.00
CA PRO E 1188 -104.34 -44.31 19.83
C PRO E 1188 -103.38 -43.84 18.75
N LYS E 1189 -103.89 -43.67 17.52
CA LYS E 1189 -103.04 -43.22 16.42
C LYS E 1189 -102.58 -41.80 16.70
N MET E 1190 -101.28 -41.54 16.45
CA MET E 1190 -100.69 -40.25 16.71
C MET E 1190 -101.02 -39.31 15.56
N ARG E 1191 -101.02 -38.01 15.84
CA ARG E 1191 -101.28 -36.98 14.85
C ARG E 1191 -100.20 -35.90 14.98
N ARG E 1192 -99.55 -35.57 13.87
CA ARG E 1192 -98.46 -34.62 13.87
C ARG E 1192 -99.03 -33.21 13.86
N VAL E 1193 -98.36 -32.30 14.58
CA VAL E 1193 -98.58 -30.88 14.44
C VAL E 1193 -97.21 -30.20 14.42
N SER E 1194 -96.84 -29.63 13.27
CA SER E 1194 -95.53 -29.06 13.08
C SER E 1194 -95.55 -28.06 11.94
N ARG E 1195 -94.38 -27.52 11.60
CA ARG E 1195 -94.19 -26.77 10.39
C ARG E 1195 -94.15 -27.71 9.18
N ARG E 1196 -94.41 -27.17 7.98
CA ARG E 1196 -94.38 -27.95 6.74
C ARG E 1196 -92.95 -28.35 6.40
N ALA E 1197 -92.79 -29.37 5.55
CA ALA E 1197 -91.48 -29.87 5.16
C ALA E 1197 -90.77 -28.86 4.28
N GLN E 1198 -89.45 -28.75 4.44
CA GLN E 1198 -88.68 -27.71 3.79
C GLN E 1198 -87.32 -28.25 3.37
N SER E 1199 -86.73 -27.61 2.36
CA SER E 1199 -85.42 -27.96 1.87
C SER E 1199 -84.35 -27.33 2.76
N SER E 1200 -84.62 -26.13 3.26
CA SER E 1200 -83.74 -25.49 4.23
C SER E 1200 -84.27 -25.75 5.64
N THR E 1201 -83.54 -25.24 6.63
CA THR E 1201 -83.84 -25.46 8.03
C THR E 1201 -84.98 -24.56 8.50
N ALA E 1202 -84.92 -23.28 8.13
CA ALA E 1202 -85.89 -22.30 8.61
C ALA E 1202 -85.95 -21.12 7.66
N THR E 1203 -86.93 -20.22 7.88
CA THR E 1203 -87.11 -19.03 7.08
C THR E 1203 -86.05 -18.00 7.39
N GLY E 1204 -85.89 -17.01 6.52
CA GLY E 1204 -84.93 -15.94 6.70
C GLY E 1204 -85.59 -14.63 7.11
N VAL E 1205 -86.92 -14.57 7.04
CA VAL E 1205 -87.70 -13.41 7.41
C VAL E 1205 -88.27 -13.61 8.80
N ALA E 1206 -88.24 -12.56 9.63
CA ALA E 1206 -88.64 -12.64 11.01
C ALA E 1206 -90.15 -12.56 11.19
N LYS E 1207 -90.83 -11.77 10.36
CA LYS E 1207 -92.27 -11.63 10.48
C LYS E 1207 -92.96 -12.93 10.10
N VAL E 1208 -92.38 -13.67 9.15
CA VAL E 1208 -92.93 -14.93 8.71
C VAL E 1208 -92.79 -15.96 9.82
N HIS E 1209 -91.69 -15.88 10.57
CA HIS E 1209 -91.47 -16.78 11.69
C HIS E 1209 -92.56 -16.62 12.73
N GLN E 1210 -92.95 -15.38 13.00
CA GLN E 1210 -93.93 -15.11 14.02
C GLN E 1210 -95.30 -15.59 13.57
N LEU E 1211 -95.58 -15.46 12.28
CA LEU E 1211 -96.85 -15.87 11.72
C LEU E 1211 -96.99 -17.39 11.78
N GLU E 1212 -95.88 -18.09 11.51
CA GLU E 1212 -95.86 -19.55 11.51
C GLU E 1212 -96.11 -20.10 12.91
N GLU E 1213 -95.54 -19.44 13.92
CA GLU E 1213 -95.63 -19.91 15.28
C GLU E 1213 -97.07 -19.80 15.78
N LYS E 1214 -97.74 -18.71 15.40
CA LYS E 1214 -99.12 -18.49 15.78
C LYS E 1214 -100.00 -19.57 15.14
N GLN E 1215 -99.74 -19.87 13.88
CA GLN E 1215 -100.51 -20.84 13.12
C GLN E 1215 -100.39 -22.22 13.75
N LEU E 1216 -99.20 -22.55 14.25
CA LEU E 1216 -98.88 -23.84 14.82
C LEU E 1216 -99.65 -24.07 16.11
N ILE E 1217 -99.59 -23.10 17.02
CA ILE E 1217 -100.20 -23.24 18.33
C ILE E 1217 -101.71 -23.23 18.18
N ASP E 1218 -102.24 -22.50 17.20
CA ASP E 1218 -103.68 -22.48 16.99
C ASP E 1218 -104.16 -23.84 16.52
N GLU E 1219 -103.37 -24.49 15.67
CA GLU E 1219 -103.73 -25.78 15.10
C GLU E 1219 -103.73 -26.84 16.19
N ALA E 1220 -102.89 -26.68 17.21
CA ALA E 1220 -102.77 -27.63 18.30
C ALA E 1220 -104.02 -27.62 19.17
N PHE E 1221 -104.61 -26.42 19.37
CA PHE E 1221 -105.77 -26.28 20.23
C PHE E 1221 -107.04 -26.25 19.41
N GLU E 1222 -107.10 -27.06 18.35
CA GLU E 1222 -108.24 -27.18 17.46
C GLU E 1222 -108.43 -25.86 16.70
N PRO F 104 -19.94 60.58 24.84
CA PRO F 104 -18.87 60.87 25.80
C PRO F 104 -19.38 61.62 27.03
N GLY F 105 -18.88 61.24 28.20
CA GLY F 105 -19.23 61.89 29.46
C GLY F 105 -19.86 60.91 30.45
N GLN F 106 -20.48 61.48 31.49
CA GLN F 106 -21.06 60.72 32.59
C GLN F 106 -22.57 60.68 32.45
N THR F 107 -23.20 59.59 32.86
CA THR F 107 -24.65 59.49 32.83
C THR F 107 -25.13 58.50 33.89
N PRO F 108 -26.07 58.89 34.78
CA PRO F 108 -26.64 57.99 35.77
C PRO F 108 -27.27 56.72 35.23
N ILE F 109 -27.12 55.63 35.98
CA ILE F 109 -27.69 54.33 35.63
C ILE F 109 -29.12 54.31 36.16
N ARG F 110 -30.08 53.98 35.29
CA ARG F 110 -31.47 53.99 35.66
C ARG F 110 -32.15 52.72 35.14
N GLY F 111 -33.13 52.22 35.90
CA GLY F 111 -34.03 51.18 35.43
C GLY F 111 -33.57 49.79 35.83
N ILE F 112 -33.66 48.86 34.87
CA ILE F 112 -33.26 47.48 35.08
C ILE F 112 -31.74 47.40 35.32
N PHE F 113 -31.00 48.35 34.73
CA PHE F 113 -29.55 48.35 34.81
C PHE F 113 -29.08 48.70 36.22
N LYS F 114 -29.85 49.55 36.91
CA LYS F 114 -29.55 49.92 38.27
C LYS F 114 -29.73 48.71 39.18
N SER F 115 -30.72 47.87 38.87
CA SER F 115 -30.98 46.66 39.65
C SER F 115 -29.86 45.64 39.44
N ILE F 116 -29.35 45.53 38.21
CA ILE F 116 -28.29 44.60 37.89
C ILE F 116 -27.02 45.01 38.61
N ALA F 117 -26.79 46.33 38.69
CA ALA F 117 -25.60 46.87 39.31
C ALA F 117 -25.61 46.62 40.81
N LYS F 118 -26.77 46.76 41.44
CA LYS F 118 -26.88 46.64 42.88
C LYS F 118 -26.68 45.19 43.32
N ASN F 119 -27.21 44.25 42.53
CA ASN F 119 -27.11 42.84 42.87
C ASN F 119 -25.68 42.35 42.75
N MET F 120 -24.94 42.85 41.76
CA MET F 120 -23.55 42.47 41.55
C MET F 120 -22.70 42.94 42.71
N ASP F 121 -23.05 44.10 43.29
CA ASP F 121 -22.35 44.65 44.44
C ASP F 121 -22.63 43.81 45.69
N ILE F 122 -23.87 43.36 45.86
CA ILE F 122 -24.24 42.54 47.00
C ILE F 122 -23.50 41.22 46.92
N SER F 123 -23.29 40.70 45.72
CA SER F 123 -22.76 39.36 45.51
C SER F 123 -21.29 39.25 45.89
N LEU F 124 -20.67 40.38 46.22
CA LEU F 124 -19.27 40.38 46.59
C LEU F 124 -19.06 39.64 47.91
N GLU F 125 -20.14 39.40 48.67
CA GLU F 125 -20.00 38.80 49.98
C GLU F 125 -20.26 37.29 49.92
N ILE F 126 -20.04 36.67 48.75
CA ILE F 126 -20.10 35.23 48.61
C ILE F 126 -18.72 34.72 48.25
N PRO F 127 -18.09 33.84 49.05
CA PRO F 127 -16.90 33.12 48.63
C PRO F 127 -17.17 32.01 47.63
N THR F 128 -16.56 32.08 46.45
CA THR F 128 -16.91 31.19 45.35
C THR F 128 -15.69 30.41 44.87
N ALA F 129 -15.94 29.18 44.40
CA ALA F 129 -14.95 28.36 43.74
C ALA F 129 -15.57 27.70 42.51
N THR F 130 -14.73 27.21 41.59
CA THR F 130 -15.18 26.73 40.29
C THR F 130 -14.54 25.37 39.96
N SER F 131 -15.29 24.53 39.24
CA SER F 131 -14.82 23.26 38.71
C SER F 131 -15.11 23.19 37.22
N VAL F 132 -14.23 22.53 36.47
CA VAL F 132 -14.30 22.48 35.01
C VAL F 132 -14.12 21.03 34.57
N ARG F 133 -14.96 20.55 33.66
CA ARG F 133 -14.86 19.20 33.12
C ARG F 133 -15.24 19.19 31.64
N ASP F 134 -14.54 18.37 30.85
CA ASP F 134 -14.80 18.24 29.42
C ASP F 134 -15.32 16.84 29.10
N MET F 135 -16.26 16.76 28.16
CA MET F 135 -17.03 15.56 27.90
C MET F 135 -17.14 15.34 26.39
N PRO F 136 -17.22 14.08 25.90
CA PRO F 136 -17.59 13.82 24.51
C PRO F 136 -18.97 14.29 24.14
N ALA F 137 -19.20 14.61 22.87
CA ALA F 137 -20.46 15.19 22.44
C ALA F 137 -21.05 14.53 21.20
N ARG F 138 -20.53 13.37 20.78
CA ARG F 138 -20.93 12.75 19.53
C ARG F 138 -22.34 12.20 19.64
N LEU F 139 -22.62 11.50 20.74
CA LEU F 139 -23.88 10.82 20.92
C LEU F 139 -25.01 11.83 21.03
N MET F 140 -24.73 13.04 21.49
CA MET F 140 -25.76 14.06 21.59
C MET F 140 -26.18 14.50 20.19
N PHE F 141 -25.21 14.69 19.32
CA PHE F 141 -25.51 15.12 17.97
C PHE F 141 -26.35 14.07 17.25
N GLU F 142 -25.98 12.79 17.41
CA GLU F 142 -26.65 11.70 16.72
C GLU F 142 -28.09 11.57 17.18
N ASN F 143 -28.28 11.48 18.50
CA ASN F 143 -29.59 11.17 19.04
C ASN F 143 -30.53 12.36 18.92
N ARG F 144 -30.00 13.56 18.89
CA ARG F 144 -30.84 14.74 18.71
C ARG F 144 -31.42 14.73 17.30
N ALA F 145 -30.60 14.32 16.33
CA ALA F 145 -31.03 14.29 14.95
C ALA F 145 -32.15 13.28 14.76
N MET F 146 -32.06 12.15 15.46
CA MET F 146 -33.07 11.12 15.36
C MET F 146 -34.40 11.62 15.91
N VAL F 147 -34.37 12.42 16.98
CA VAL F 147 -35.60 12.90 17.60
C VAL F 147 -36.22 13.97 16.72
N ASN F 148 -35.41 14.80 16.10
CA ASN F 148 -35.94 15.91 15.32
C ASN F 148 -36.52 15.41 14.00
N ASP F 149 -36.06 14.26 13.50
CA ASP F 149 -36.63 13.66 12.29
C ASP F 149 -38.05 13.18 12.56
N GLN F 150 -38.28 12.57 13.72
CA GLN F 150 -39.59 12.10 14.10
C GLN F 150 -40.56 13.27 14.22
N LEU F 151 -40.11 14.39 14.79
CA LEU F 151 -41.00 15.51 15.03
C LEU F 151 -41.36 16.17 13.71
N LYS F 152 -40.45 16.16 12.74
CA LYS F 152 -40.70 16.83 11.48
C LYS F 152 -41.81 16.13 10.71
N ARG F 153 -41.84 14.78 10.76
CA ARG F 153 -42.85 14.03 10.03
C ARG F 153 -44.22 14.24 10.69
N THR F 154 -44.23 14.42 12.01
CA THR F 154 -45.45 14.58 12.77
C THR F 154 -45.81 16.06 12.95
N ARG F 155 -45.15 16.94 12.20
CA ARG F 155 -45.38 18.37 12.23
C ARG F 155 -45.37 18.89 13.68
N GLY F 156 -44.41 18.40 14.47
CA GLY F 156 -44.14 18.92 15.80
C GLY F 156 -43.08 20.02 15.75
N GLY F 157 -42.37 20.21 16.87
CA GLY F 157 -41.39 21.29 16.98
C GLY F 157 -39.96 20.80 16.78
N LYS F 158 -39.08 21.18 17.72
CA LYS F 158 -37.64 20.97 17.63
C LYS F 158 -37.09 20.98 19.05
N ILE F 159 -36.20 20.05 19.39
CA ILE F 159 -35.52 20.11 20.66
C ILE F 159 -34.09 20.62 20.45
N SER F 160 -33.50 21.16 21.53
CA SER F 160 -32.19 21.79 21.53
C SER F 160 -31.27 21.10 22.53
N PHE F 161 -29.99 21.49 22.53
CA PHE F 161 -29.00 20.90 23.41
C PHE F 161 -29.24 21.31 24.85
N THR F 162 -29.77 22.51 25.05
CA THR F 162 -30.03 23.03 26.37
C THR F 162 -31.15 22.24 27.06
N HIS F 163 -32.12 21.75 26.27
CA HIS F 163 -33.19 20.92 26.80
C HIS F 163 -32.62 19.64 27.39
N ILE F 164 -31.69 19.02 26.68
CA ILE F 164 -31.14 17.73 27.08
C ILE F 164 -30.26 17.90 28.30
N ILE F 165 -29.41 18.93 28.29
CA ILE F 165 -28.47 19.16 29.37
C ILE F 165 -29.23 19.61 30.61
N GLY F 166 -30.31 20.37 30.40
CA GLY F 166 -31.20 20.77 31.49
C GLY F 166 -31.78 19.58 32.23
N TYR F 167 -32.27 18.60 31.48
CA TYR F 167 -32.93 17.45 32.07
C TYR F 167 -31.91 16.62 32.83
N ALA F 168 -30.72 16.46 32.25
CA ALA F 168 -29.64 15.71 32.89
C ALA F 168 -29.23 16.36 34.19
N MET F 169 -29.22 17.70 34.19
CA MET F 169 -28.80 18.49 35.34
C MET F 169 -29.77 18.28 36.50
N VAL F 170 -31.07 18.18 36.21
CA VAL F 170 -32.09 17.95 37.21
C VAL F 170 -31.91 16.59 37.85
N LYS F 171 -31.67 15.57 37.04
CA LYS F 171 -31.48 14.22 37.53
C LYS F 171 -30.25 14.16 38.44
N ALA F 172 -29.22 14.95 38.11
CA ALA F 172 -27.97 14.94 38.84
C ALA F 172 -28.13 15.61 40.20
N VAL F 173 -28.95 16.67 40.27
CA VAL F 173 -29.20 17.38 41.51
C VAL F 173 -29.99 16.48 42.45
N MET F 174 -30.86 15.62 41.91
CA MET F 174 -31.58 14.65 42.71
C MET F 174 -30.62 13.65 43.32
N ALA F 175 -29.61 13.24 42.56
CA ALA F 175 -28.64 12.26 43.02
C ALA F 175 -27.68 12.85 44.05
N HIS F 176 -27.46 14.18 43.99
CA HIS F 176 -26.55 14.87 44.89
C HIS F 176 -27.26 16.08 45.48
N PRO F 177 -28.14 15.90 46.49
CA PRO F 177 -28.98 16.98 47.00
C PRO F 177 -28.32 18.22 47.59
N ASP F 178 -27.06 18.09 48.02
CA ASP F 178 -26.34 19.18 48.65
C ASP F 178 -26.15 20.36 47.71
N MET F 179 -26.27 20.14 46.40
CA MET F 179 -26.04 21.19 45.42
C MET F 179 -27.22 22.14 45.38
N ASN F 180 -28.28 21.89 46.15
CA ASN F 180 -29.47 22.71 46.09
C ASN F 180 -29.56 23.65 47.29
N ASN F 181 -28.60 23.59 48.21
CA ASN F 181 -28.68 24.31 49.47
C ASN F 181 -28.09 25.70 49.33
N SER F 182 -28.38 26.59 50.30
CA SER F 182 -27.88 27.95 50.32
C SER F 182 -27.55 28.38 51.74
N TYR F 183 -27.07 29.62 51.92
CA TYR F 183 -26.56 30.12 53.18
C TYR F 183 -27.23 31.44 53.53
N ASP F 184 -27.51 31.64 54.83
CA ASP F 184 -28.08 32.90 55.30
C ASP F 184 -27.82 33.05 56.79
N VAL F 185 -27.80 34.29 57.28
CA VAL F 185 -27.65 34.54 58.70
C VAL F 185 -28.98 35.04 59.26
N ILE F 186 -29.52 34.31 60.24
CA ILE F 186 -30.87 34.47 60.77
C ILE F 186 -30.80 34.57 62.28
N ASP F 187 -31.28 35.69 62.83
CA ASP F 187 -31.17 35.94 64.26
C ASP F 187 -29.69 36.08 64.59
N GLY F 188 -28.91 36.51 63.61
CA GLY F 188 -27.49 36.65 63.79
C GLY F 188 -26.78 35.33 64.07
N LYS F 189 -27.31 34.21 63.62
CA LYS F 189 -26.56 32.98 63.61
C LYS F 189 -26.45 32.45 62.18
N PRO F 190 -25.31 31.87 61.76
CA PRO F 190 -25.20 31.09 60.55
C PRO F 190 -26.18 29.94 60.39
N THR F 191 -26.70 29.76 59.18
CA THR F 191 -27.79 28.84 58.93
C THR F 191 -27.71 28.25 57.53
N LEU F 192 -28.00 26.95 57.42
CA LEU F 192 -28.12 26.25 56.15
C LEU F 192 -29.60 26.19 55.79
N ILE F 193 -29.93 26.44 54.52
CA ILE F 193 -31.30 26.46 54.06
C ILE F 193 -31.51 25.32 53.07
N VAL F 194 -32.45 24.42 53.37
CA VAL F 194 -32.75 23.28 52.54
C VAL F 194 -34.13 23.45 51.94
N PRO F 195 -34.28 23.78 50.64
CA PRO F 195 -35.59 24.03 50.06
C PRO F 195 -36.46 22.79 49.88
N GLU F 196 -37.73 23.05 49.51
CA GLU F 196 -38.70 22.00 49.31
C GLU F 196 -38.62 21.45 47.89
N HIS F 197 -38.35 22.33 46.92
CA HIS F 197 -38.38 21.96 45.52
C HIS F 197 -37.08 22.35 44.80
N ILE F 198 -36.90 21.81 43.60
CA ILE F 198 -35.85 22.21 42.67
C ILE F 198 -36.46 23.14 41.64
N ASN F 199 -36.19 24.43 41.76
CA ASN F 199 -36.64 25.42 40.79
C ASN F 199 -35.46 25.85 39.94
N LEU F 200 -35.57 25.68 38.62
CA LEU F 200 -34.45 25.84 37.70
C LEU F 200 -34.58 27.16 36.98
N GLY F 201 -33.58 28.03 37.13
CA GLY F 201 -33.57 29.33 36.48
C GLY F 201 -32.85 29.27 35.15
N LEU F 202 -33.44 29.92 34.13
CA LEU F 202 -32.87 30.00 32.81
C LEU F 202 -32.45 31.44 32.55
N ALA F 203 -31.24 31.62 32.01
CA ALA F 203 -30.73 32.95 31.69
C ALA F 203 -31.08 33.27 30.24
N ILE F 204 -32.07 34.16 30.05
CA ILE F 204 -32.57 34.49 28.72
C ILE F 204 -32.10 35.89 28.36
N ASP F 205 -31.38 35.99 27.24
CA ASP F 205 -30.94 37.28 26.71
C ASP F 205 -32.04 37.81 25.79
N LEU F 206 -32.72 38.88 26.23
CA LEU F 206 -33.80 39.46 25.45
C LEU F 206 -33.53 40.95 25.22
N PRO F 207 -33.47 41.41 23.95
CA PRO F 207 -33.57 42.84 23.62
C PRO F 207 -34.90 43.45 24.02
N GLN F 208 -34.89 44.77 24.32
CA GLN F 208 -36.13 45.50 24.61
C GLN F 208 -36.40 46.50 23.47
N LYS F 209 -37.48 47.28 23.62
CA LYS F 209 -37.93 48.22 22.61
C LYS F 209 -36.86 49.28 22.31
N ASP F 210 -36.14 49.72 23.34
CA ASP F 210 -35.14 50.77 23.22
C ASP F 210 -34.01 50.35 22.28
N GLY F 211 -33.56 49.09 22.39
CA GLY F 211 -32.49 48.58 21.56
C GLY F 211 -31.25 48.16 22.36
N SER F 212 -31.43 47.93 23.67
CA SER F 212 -30.37 47.50 24.56
C SER F 212 -30.70 46.12 25.12
N ARG F 213 -29.75 45.19 25.02
CA ARG F 213 -29.92 43.83 25.51
C ARG F 213 -29.81 43.83 27.02
N ALA F 214 -30.62 42.97 27.67
CA ALA F 214 -30.55 42.74 29.10
C ALA F 214 -30.80 41.27 29.38
N LEU F 215 -30.17 40.74 30.43
CA LEU F 215 -30.31 39.34 30.78
C LEU F 215 -31.21 39.22 32.01
N VAL F 216 -32.17 38.29 31.95
CA VAL F 216 -33.10 38.04 33.03
C VAL F 216 -33.07 36.54 33.35
N VAL F 217 -33.38 36.18 34.60
CA VAL F 217 -33.44 34.79 35.00
C VAL F 217 -34.85 34.42 35.44
N ALA F 218 -35.50 33.55 34.66
CA ALA F 218 -36.86 33.09 34.90
C ALA F 218 -36.84 31.64 35.36
N ALA F 219 -37.90 31.21 36.05
CA ALA F 219 -37.86 29.95 36.78
C ALA F 219 -38.87 28.94 36.26
N ILE F 220 -38.45 27.68 36.18
CA ILE F 220 -39.33 26.53 36.03
C ILE F 220 -39.48 25.89 37.39
N LYS F 221 -40.72 25.73 37.88
CA LYS F 221 -40.93 25.37 39.28
C LYS F 221 -41.34 23.92 39.40
N GLU F 222 -40.94 23.30 40.52
CA GLU F 222 -41.29 21.94 40.87
C GLU F 222 -40.89 20.99 39.75
N THR F 223 -39.57 20.87 39.56
CA THR F 223 -39.00 20.18 38.42
C THR F 223 -38.72 18.72 38.77
N GLU F 224 -38.70 18.39 40.05
CA GLU F 224 -38.29 17.07 40.48
C GLU F 224 -39.43 16.06 40.37
N LYS F 225 -40.58 16.51 39.85
CA LYS F 225 -41.72 15.65 39.63
C LYS F 225 -42.19 15.83 38.19
N MET F 226 -41.25 15.77 37.24
CA MET F 226 -41.54 15.94 35.83
C MET F 226 -40.81 14.85 35.04
N ASN F 227 -41.42 14.43 33.92
CA ASN F 227 -40.75 13.62 32.91
C ASN F 227 -40.35 14.53 31.76
N PHE F 228 -39.70 13.98 30.73
CA PHE F 228 -39.11 14.82 29.70
C PHE F 228 -40.19 15.59 28.95
N SER F 229 -41.37 14.97 28.77
CA SER F 229 -42.45 15.60 28.04
C SER F 229 -42.93 16.85 28.77
N GLU F 230 -43.12 16.71 30.08
CA GLU F 230 -43.57 17.79 30.93
C GLU F 230 -42.51 18.90 30.96
N PHE F 231 -41.24 18.50 31.07
CA PHE F 231 -40.13 19.42 31.18
C PHE F 231 -40.05 20.31 29.95
N LEU F 232 -40.22 19.73 28.77
CA LEU F 232 -40.07 20.45 27.52
C LEU F 232 -41.16 21.51 27.40
N ALA F 233 -42.38 21.17 27.85
CA ALA F 233 -43.51 22.07 27.75
C ALA F 233 -43.29 23.30 28.62
N ALA F 234 -42.87 23.08 29.87
CA ALA F 234 -42.62 24.15 30.82
C ALA F 234 -41.54 25.08 30.32
N TYR F 235 -40.49 24.51 29.73
CA TYR F 235 -39.37 25.27 29.21
C TYR F 235 -39.87 26.22 28.15
N GLU F 236 -40.63 25.69 27.19
CA GLU F 236 -41.06 26.45 26.03
C GLU F 236 -42.08 27.50 26.43
N ASP F 237 -42.82 27.24 27.51
CA ASP F 237 -43.78 28.19 28.03
C ASP F 237 -43.07 29.47 28.49
N ILE F 238 -42.00 29.31 29.29
CA ILE F 238 -41.25 30.43 29.83
C ILE F 238 -40.66 31.25 28.70
N VAL F 239 -40.07 30.58 27.71
CA VAL F 239 -39.37 31.24 26.63
C VAL F 239 -40.35 32.04 25.80
N ALA F 240 -41.53 31.44 25.53
CA ALA F 240 -42.53 32.05 24.67
C ALA F 240 -43.03 33.36 25.26
N ARG F 241 -43.36 33.33 26.57
CA ARG F 241 -43.93 34.48 27.23
C ARG F 241 -42.90 35.59 27.38
N SER F 242 -41.62 35.24 27.38
CA SER F 242 -40.56 36.21 27.57
C SER F 242 -40.45 37.11 26.35
N ARG F 243 -40.64 36.54 25.16
CA ARG F 243 -40.50 37.28 23.91
C ARG F 243 -41.68 38.23 23.75
N LYS F 244 -42.88 37.79 24.16
CA LYS F 244 -44.10 38.59 24.03
C LYS F 244 -44.19 39.63 25.14
N GLY F 245 -43.34 39.51 26.17
CA GLY F 245 -43.31 40.49 27.23
C GLY F 245 -44.46 40.30 28.21
N LYS F 246 -44.67 39.06 28.66
CA LYS F 246 -45.80 38.73 29.50
C LYS F 246 -45.36 37.86 30.68
N LEU F 247 -44.23 38.21 31.31
CA LEU F 247 -43.76 37.54 32.51
C LEU F 247 -44.21 38.34 33.73
N THR F 248 -44.69 37.63 34.75
CA THR F 248 -45.16 38.25 35.98
C THR F 248 -44.00 38.33 36.97
N MET F 249 -44.30 38.78 38.19
CA MET F 249 -43.27 38.98 39.21
C MET F 249 -43.02 37.67 39.92
N ASP F 250 -43.94 36.71 39.82
CA ASP F 250 -43.80 35.44 40.50
C ASP F 250 -42.78 34.56 39.78
N ASP F 251 -42.56 34.83 38.48
CA ASP F 251 -41.67 34.02 37.68
C ASP F 251 -40.20 34.32 38.00
N TYR F 252 -39.94 35.43 38.67
CA TYR F 252 -38.58 35.81 39.00
C TYR F 252 -38.24 35.48 40.44
N GLN F 253 -39.04 34.65 41.12
CA GLN F 253 -38.80 34.40 42.53
C GLN F 253 -38.73 32.91 42.82
N GLY F 254 -37.81 32.55 43.72
CA GLY F 254 -37.75 31.20 44.26
C GLY F 254 -36.72 30.31 43.56
N VAL F 255 -35.79 30.89 42.81
CA VAL F 255 -34.80 30.13 42.07
C VAL F 255 -33.86 29.46 43.06
N THR F 256 -33.52 28.19 42.82
CA THR F 256 -32.62 27.45 43.69
C THR F 256 -31.34 27.05 42.96
N VAL F 257 -31.35 27.01 41.63
CA VAL F 257 -30.18 26.62 40.85
C VAL F 257 -30.36 27.11 39.42
N SER F 258 -29.27 27.56 38.76
CA SER F 258 -29.34 28.28 37.51
C SER F 258 -28.55 27.60 36.39
N LEU F 259 -28.88 27.94 35.14
CA LEU F 259 -28.27 27.41 33.93
C LEU F 259 -28.04 28.53 32.92
N THR F 260 -26.86 28.53 32.28
CA THR F 260 -26.49 29.56 31.31
C THR F 260 -25.77 28.90 30.15
N ASN F 261 -25.82 29.53 28.97
CA ASN F 261 -25.28 28.97 27.74
C ASN F 261 -24.46 30.01 26.99
N PRO F 262 -23.21 30.30 27.43
CA PRO F 262 -22.32 31.16 26.65
C PRO F 262 -21.72 30.55 25.39
N GLY F 263 -21.98 29.27 25.14
CA GLY F 263 -21.43 28.56 23.99
C GLY F 263 -22.17 28.86 22.69
N GLY F 264 -23.32 29.54 22.77
CA GLY F 264 -24.03 30.00 21.59
C GLY F 264 -23.20 30.92 20.71
N ILE F 265 -22.45 31.84 21.34
CA ILE F 265 -21.59 32.76 20.64
C ILE F 265 -20.33 32.03 20.17
N GLY F 266 -19.85 31.07 20.95
CA GLY F 266 -18.67 30.29 20.60
C GLY F 266 -17.56 30.35 21.64
N THR F 267 -17.87 30.83 22.84
CA THR F 267 -16.95 30.84 23.95
C THR F 267 -16.68 29.41 24.41
N ARG F 268 -15.44 29.14 24.84
CA ARG F 268 -15.04 27.80 25.21
C ARG F 268 -15.51 27.48 26.62
N HIS F 269 -15.25 28.38 27.58
CA HIS F 269 -15.87 28.31 28.89
C HIS F 269 -15.77 29.67 29.57
N SER F 270 -16.50 29.82 30.69
CA SER F 270 -16.53 31.06 31.44
C SER F 270 -16.45 30.80 32.94
N VAL F 271 -16.13 31.85 33.71
CA VAL F 271 -16.17 31.83 35.16
C VAL F 271 -17.13 32.91 35.63
N PRO F 272 -18.44 32.60 35.79
CA PRO F 272 -19.46 33.60 36.11
C PRO F 272 -19.61 33.98 37.59
N ARG F 273 -20.51 34.94 37.85
CA ARG F 273 -20.81 35.42 39.20
C ARG F 273 -22.04 34.72 39.74
N LEU F 274 -22.04 34.47 41.05
CA LEU F 274 -23.14 33.81 41.72
C LEU F 274 -23.93 34.85 42.48
N THR F 275 -25.27 34.81 42.37
CA THR F 275 -26.15 35.79 42.98
C THR F 275 -26.69 35.26 44.29
N LYS F 276 -27.04 36.16 45.21
CA LYS F 276 -27.36 35.79 46.58
C LYS F 276 -28.67 35.02 46.63
N GLY F 277 -28.68 33.97 47.45
CA GLY F 277 -29.85 33.13 47.62
C GLY F 277 -29.74 31.76 46.97
N GLN F 278 -28.62 31.50 46.28
CA GLN F 278 -28.41 30.25 45.56
C GLN F 278 -27.12 29.59 46.02
N GLY F 279 -26.93 28.35 45.58
CA GLY F 279 -25.75 27.58 45.92
C GLY F 279 -24.85 27.32 44.72
N THR F 280 -25.41 27.21 43.51
CA THR F 280 -24.61 26.90 42.35
C THR F 280 -25.20 27.50 41.08
N ILE F 281 -24.33 27.65 40.07
CA ILE F 281 -24.67 28.04 38.71
C ILE F 281 -23.86 27.18 37.74
N ILE F 282 -24.52 26.65 36.70
CA ILE F 282 -23.91 25.73 35.74
C ILE F 282 -23.82 26.41 34.38
N GLY F 283 -22.69 26.28 33.70
CA GLY F 283 -22.44 26.92 32.41
C GLY F 283 -22.07 25.91 31.33
N VAL F 284 -22.58 26.13 30.11
CA VAL F 284 -22.40 25.24 28.98
C VAL F 284 -21.63 25.98 27.90
N GLY F 285 -20.49 25.42 27.49
CA GLY F 285 -19.61 26.04 26.51
C GLY F 285 -19.86 25.51 25.12
N SER F 286 -18.96 25.87 24.20
CA SER F 286 -19.10 25.56 22.78
C SER F 286 -18.96 24.07 22.53
N MET F 287 -19.79 23.55 21.63
CA MET F 287 -19.72 22.17 21.20
C MET F 287 -19.16 22.12 19.79
N ASP F 288 -17.85 21.90 19.69
CA ASP F 288 -17.13 22.02 18.43
C ASP F 288 -15.83 21.24 18.53
N TYR F 289 -15.18 21.02 17.39
CA TYR F 289 -13.86 20.43 17.35
C TYR F 289 -12.88 21.36 18.05
N PRO F 290 -11.77 20.85 18.61
CA PRO F 290 -10.73 21.72 19.15
C PRO F 290 -10.05 22.55 18.07
N ALA F 291 -9.41 23.66 18.46
CA ALA F 291 -8.91 24.63 17.52
C ALA F 291 -7.69 24.13 16.75
N GLU F 292 -7.04 23.07 17.21
CA GLU F 292 -5.91 22.49 16.51
C GLU F 292 -6.35 21.57 15.38
N PHE F 293 -7.66 21.38 15.20
CA PHE F 293 -8.19 20.56 14.13
C PHE F 293 -9.16 21.35 13.26
N GLN F 294 -9.19 22.68 13.39
CA GLN F 294 -10.19 23.46 12.68
C GLN F 294 -9.81 23.71 11.23
N GLY F 295 -8.61 23.29 10.83
CA GLY F 295 -8.20 23.41 9.44
C GLY F 295 -8.12 22.06 8.72
N ALA F 296 -8.35 20.97 9.45
CA ALA F 296 -8.20 19.63 8.91
C ALA F 296 -9.38 19.30 8.00
N SER F 297 -9.20 18.28 7.16
CA SER F 297 -10.20 17.84 6.22
C SER F 297 -11.18 16.90 6.92
N GLU F 298 -12.40 16.81 6.38
CA GLU F 298 -13.42 15.91 6.91
C GLU F 298 -12.95 14.46 6.77
N ASP F 299 -12.32 14.15 5.64
CA ASP F 299 -11.85 12.82 5.35
C ASP F 299 -10.89 12.36 6.43
N ARG F 300 -9.96 13.24 6.80
CA ARG F 300 -8.89 12.87 7.71
C ARG F 300 -9.44 12.69 9.12
N LEU F 301 -10.39 13.54 9.52
CA LEU F 301 -10.99 13.47 10.83
C LEU F 301 -11.79 12.17 10.99
N ALA F 302 -12.47 11.75 9.92
CA ALA F 302 -13.23 10.52 9.91
C ALA F 302 -12.32 9.31 10.04
N GLU F 303 -11.17 9.36 9.39
CA GLU F 303 -10.22 8.26 9.42
C GLU F 303 -9.69 8.04 10.82
N LEU F 304 -9.32 9.14 11.50
CA LEU F 304 -8.66 9.08 12.78
C LEU F 304 -9.66 8.66 13.86
N GLY F 305 -10.85 9.26 13.81
CA GLY F 305 -11.88 9.00 14.80
C GLY F 305 -11.97 10.11 15.83
N VAL F 306 -11.81 11.35 15.38
CA VAL F 306 -11.82 12.51 16.26
C VAL F 306 -13.24 12.97 16.44
N GLY F 307 -13.63 13.25 17.68
CA GLY F 307 -14.97 13.70 17.99
C GLY F 307 -15.01 15.15 18.42
N LYS F 308 -16.19 15.60 18.84
CA LYS F 308 -16.39 16.94 19.36
C LYS F 308 -16.49 16.93 20.88
N LEU F 309 -16.27 18.09 21.48
CA LEU F 309 -16.15 18.31 22.92
C LEU F 309 -17.34 19.11 23.40
N VAL F 310 -17.52 19.13 24.73
CA VAL F 310 -18.27 20.17 25.41
C VAL F 310 -17.64 20.35 26.78
N THR F 311 -17.45 21.60 27.21
CA THR F 311 -16.91 21.91 28.51
C THR F 311 -18.03 22.46 29.39
N ILE F 312 -18.18 21.90 30.60
CA ILE F 312 -19.22 22.30 31.54
C ILE F 312 -18.56 22.75 32.83
N THR F 313 -19.08 23.85 33.41
CA THR F 313 -18.52 24.45 34.60
C THR F 313 -19.53 24.46 35.74
N SER F 314 -19.02 24.57 36.97
CA SER F 314 -19.82 24.65 38.18
C SER F 314 -19.22 25.68 39.13
N THR F 315 -19.98 26.74 39.46
CA THR F 315 -19.53 27.77 40.37
C THR F 315 -20.41 27.75 41.61
N TYR F 316 -19.81 27.59 42.79
CA TYR F 316 -20.54 27.28 44.00
C TYR F 316 -20.05 28.09 45.20
N ASP F 317 -20.91 28.20 46.22
CA ASP F 317 -20.62 28.87 47.47
C ASP F 317 -19.94 27.91 48.43
N HIS F 318 -18.73 28.27 48.88
CA HIS F 318 -17.84 27.32 49.52
C HIS F 318 -18.11 27.22 51.02
N ARG F 319 -19.05 28.01 51.53
CA ARG F 319 -19.44 27.91 52.92
C ARG F 319 -20.39 26.73 53.13
N VAL F 320 -21.04 26.25 52.07
CA VAL F 320 -22.06 25.23 52.22
C VAL F 320 -21.85 24.05 51.26
N ILE F 321 -21.01 24.18 50.24
CA ILE F 321 -20.74 23.09 49.31
C ILE F 321 -19.23 22.87 49.24
N GLN F 322 -18.81 21.62 49.29
CA GLN F 322 -17.41 21.26 49.22
C GLN F 322 -17.03 20.88 47.79
N GLY F 323 -15.73 20.79 47.53
CA GLY F 323 -15.21 20.55 46.20
C GLY F 323 -15.54 19.16 45.68
N ALA F 324 -15.44 18.16 46.56
CA ALA F 324 -15.69 16.78 46.20
C ALA F 324 -17.13 16.58 45.74
N VAL F 325 -18.07 17.30 46.35
CA VAL F 325 -19.46 17.21 45.98
C VAL F 325 -19.65 17.78 44.58
N SER F 326 -19.01 18.92 44.29
CA SER F 326 -19.11 19.57 43.00
C SER F 326 -18.52 18.69 41.90
N GLY F 327 -17.41 18.03 42.20
CA GLY F 327 -16.78 17.13 41.25
C GLY F 327 -17.65 15.93 40.92
N GLU F 328 -18.24 15.33 41.96
CA GLU F 328 -19.09 14.16 41.79
C GLU F 328 -20.36 14.51 41.02
N PHE F 329 -20.85 15.73 41.20
CA PHE F 329 -22.00 16.21 40.46
C PHE F 329 -21.70 16.19 38.97
N LEU F 330 -20.55 16.72 38.56
CA LEU F 330 -20.20 16.80 37.15
C LEU F 330 -19.92 15.40 36.60
N ARG F 331 -19.40 14.49 37.43
CA ARG F 331 -19.13 13.13 37.00
C ARG F 331 -20.43 12.40 36.68
N THR F 332 -21.48 12.67 37.45
CA THR F 332 -22.78 12.06 37.24
C THR F 332 -23.38 12.56 35.93
N MET F 333 -23.27 13.86 35.66
CA MET F 333 -23.80 14.42 34.44
C MET F 333 -23.11 13.82 33.23
N SER F 334 -21.82 13.55 33.36
CA SER F 334 -21.02 12.99 32.28
C SER F 334 -21.47 11.56 31.96
N ARG F 335 -21.85 10.80 32.99
CA ARG F 335 -22.29 9.41 32.82
C ARG F 335 -23.67 9.34 32.19
N LEU F 336 -24.55 10.27 32.54
CA LEU F 336 -25.91 10.23 32.06
C LEU F 336 -25.97 10.52 30.57
N LEU F 337 -25.10 11.39 30.07
CA LEU F 337 -25.19 11.82 28.69
C LEU F 337 -24.58 10.79 27.74
N THR F 338 -24.12 9.67 28.28
CA THR F 338 -23.55 8.60 27.47
C THR F 338 -24.10 7.26 27.95
N ASP F 339 -25.33 7.27 28.49
CA ASP F 339 -25.90 6.13 29.16
C ASP F 339 -27.10 5.59 28.38
N ASP F 340 -27.24 4.27 28.37
CA ASP F 340 -28.28 3.60 27.59
C ASP F 340 -29.65 3.98 28.14
N SER F 341 -29.79 3.91 29.46
CA SER F 341 -31.08 4.06 30.10
C SER F 341 -31.59 5.48 30.03
N PHE F 342 -30.69 6.45 29.88
CA PHE F 342 -31.07 7.85 29.87
C PHE F 342 -31.78 8.16 28.56
N TRP F 343 -31.25 7.64 27.46
CA TRP F 343 -31.77 7.95 26.14
C TRP F 343 -33.01 7.14 25.82
N ASP F 344 -33.22 6.02 26.54
CA ASP F 344 -34.46 5.27 26.42
C ASP F 344 -35.62 6.12 26.95
N GLU F 345 -35.40 6.85 28.03
CA GLU F 345 -36.43 7.70 28.59
C GLU F 345 -36.84 8.75 27.57
N ILE F 346 -35.86 9.41 26.94
CA ILE F 346 -36.17 10.55 26.10
C ILE F 346 -36.92 10.07 24.87
N PHE F 347 -36.50 8.92 24.34
CA PHE F 347 -37.07 8.36 23.12
C PHE F 347 -38.50 7.91 23.38
N ASP F 348 -38.72 7.27 24.54
CA ASP F 348 -40.03 6.79 24.93
C ASP F 348 -41.02 7.94 25.03
N ALA F 349 -40.56 9.06 25.58
CA ALA F 349 -41.44 10.19 25.85
C ALA F 349 -41.80 10.94 24.57
N MET F 350 -40.97 10.83 23.53
CA MET F 350 -41.18 11.62 22.33
C MET F 350 -41.77 10.74 21.22
N ASN F 351 -41.98 9.46 21.50
CA ASN F 351 -42.62 8.52 20.58
C ASN F 351 -41.79 8.38 19.31
N VAL F 352 -40.57 7.84 19.46
CA VAL F 352 -39.74 7.51 18.31
C VAL F 352 -39.54 6.00 18.33
N PRO F 353 -39.69 5.31 17.18
CA PRO F 353 -39.77 3.85 17.16
C PRO F 353 -38.47 3.05 17.10
N TYR F 354 -37.35 3.74 16.91
CA TYR F 354 -36.07 3.08 16.71
C TYR F 354 -35.31 2.98 18.02
N THR F 355 -34.37 2.04 18.09
CA THR F 355 -33.45 1.98 19.22
C THR F 355 -32.48 3.15 19.12
N PRO F 356 -32.16 3.84 20.24
CA PRO F 356 -31.16 4.91 20.20
C PRO F 356 -29.76 4.40 19.89
N MET F 357 -28.97 5.25 19.23
CA MET F 357 -27.58 4.98 18.95
C MET F 357 -26.83 4.84 20.26
N ARG F 358 -25.94 3.86 20.36
CA ARG F 358 -25.27 3.54 21.60
C ARG F 358 -23.84 4.08 21.57
N TRP F 359 -23.19 4.09 22.75
CA TRP F 359 -21.84 4.59 22.91
C TRP F 359 -20.88 3.42 22.95
N ALA F 360 -19.83 3.48 22.13
CA ALA F 360 -18.84 2.42 22.08
C ALA F 360 -17.55 2.95 21.49
N GLN F 361 -16.48 2.14 21.58
CA GLN F 361 -15.20 2.48 21.01
C GLN F 361 -15.14 2.06 19.55
N ASP F 362 -14.29 2.74 18.78
CA ASP F 362 -14.05 2.42 17.39
C ASP F 362 -13.28 1.12 17.33
N VAL F 363 -13.61 0.28 16.34
CA VAL F 363 -13.02 -1.06 16.20
C VAL F 363 -12.14 -1.06 14.97
N PRO F 364 -11.06 -1.89 14.94
CA PRO F 364 -10.18 -1.98 13.78
C PRO F 364 -10.76 -2.73 12.59
N ASN F 365 -10.35 -2.34 11.38
CA ASN F 365 -10.75 -3.00 10.15
C ASN F 365 -9.86 -4.22 9.93
N THR F 366 -10.11 -5.27 10.71
CA THR F 366 -9.37 -6.51 10.64
C THR F 366 -10.36 -7.67 10.58
N GLY F 367 -9.88 -8.85 10.19
CA GLY F 367 -10.74 -10.01 10.03
C GLY F 367 -11.67 -9.85 8.84
N VAL F 368 -12.97 -9.91 9.10
CA VAL F 368 -13.97 -9.66 8.08
C VAL F 368 -14.02 -8.17 7.81
N ASP F 369 -13.93 -7.81 6.54
CA ASP F 369 -13.82 -6.42 6.11
C ASP F 369 -15.13 -5.71 6.41
N LYS F 370 -15.09 -4.38 6.47
CA LYS F 370 -16.25 -3.61 6.82
C LYS F 370 -17.22 -3.50 5.66
N ASN F 371 -16.76 -3.59 4.42
CA ASN F 371 -17.66 -3.61 3.28
C ASN F 371 -18.55 -4.85 3.34
N THR F 372 -18.01 -5.97 3.76
CA THR F 372 -18.78 -7.19 3.91
C THR F 372 -19.88 -6.99 4.94
N ARG F 373 -19.59 -6.23 6.00
CA ARG F 373 -20.54 -6.05 7.08
C ARG F 373 -21.68 -5.12 6.65
N VAL F 374 -21.42 -4.16 5.78
CA VAL F 374 -22.44 -3.25 5.33
C VAL F 374 -23.38 -3.98 4.37
N MET F 375 -22.87 -4.98 3.65
CA MET F 375 -23.69 -5.72 2.71
C MET F 375 -24.59 -6.68 3.47
N GLN F 376 -24.12 -7.18 4.60
CA GLN F 376 -24.92 -8.04 5.45
C GLN F 376 -26.04 -7.28 6.13
N LEU F 377 -25.83 -5.99 6.39
CA LEU F 377 -26.86 -5.15 6.99
C LEU F 377 -27.96 -4.88 5.98
N ILE F 378 -27.60 -4.65 4.72
CA ILE F 378 -28.58 -4.41 3.67
C ILE F 378 -29.46 -5.63 3.52
N GLU F 379 -28.88 -6.83 3.60
CA GLU F 379 -29.60 -8.06 3.41
C GLU F 379 -30.55 -8.31 4.57
N ALA F 380 -30.16 -7.91 5.77
CA ALA F 380 -30.97 -8.11 6.97
C ALA F 380 -32.23 -7.26 6.94
N TYR F 381 -32.15 -6.03 6.44
CA TYR F 381 -33.32 -5.15 6.37
C TYR F 381 -34.26 -5.61 5.28
N ARG F 382 -33.74 -6.03 4.14
CA ARG F 382 -34.56 -6.54 3.06
C ARG F 382 -35.31 -7.78 3.48
N SER F 383 -34.77 -8.53 4.43
CA SER F 383 -35.32 -9.83 4.79
C SER F 383 -36.21 -9.74 6.02
N ARG F 384 -35.85 -8.92 7.01
CA ARG F 384 -36.50 -8.98 8.31
C ARG F 384 -36.90 -7.60 8.84
N GLY F 385 -36.98 -6.59 7.99
CA GLY F 385 -37.26 -5.25 8.45
C GLY F 385 -38.72 -5.02 8.81
N HIS F 386 -39.59 -5.90 8.33
CA HIS F 386 -41.00 -5.83 8.58
C HIS F 386 -41.32 -6.05 10.05
N LEU F 387 -40.36 -6.53 10.82
CA LEU F 387 -40.60 -6.85 12.21
C LEU F 387 -40.62 -5.59 13.05
N ILE F 388 -40.13 -4.45 12.54
CA ILE F 388 -40.12 -3.22 13.31
C ILE F 388 -40.80 -2.09 12.55
N ALA F 389 -41.73 -2.40 11.65
CA ALA F 389 -42.36 -1.37 10.83
C ALA F 389 -43.59 -0.81 11.51
N ASP F 390 -43.92 0.44 11.17
CA ASP F 390 -45.01 1.16 11.80
C ASP F 390 -46.31 0.84 11.09
N THR F 391 -46.88 -0.33 11.40
CA THR F 391 -48.05 -0.82 10.68
C THR F 391 -49.25 -0.96 11.59
N ASN F 392 -49.11 -0.68 12.89
CA ASN F 392 -50.22 -0.83 13.81
C ASN F 392 -50.74 0.56 14.17
N PRO F 393 -52.03 0.87 13.93
CA PRO F 393 -52.59 2.13 14.34
C PRO F 393 -52.65 2.39 15.83
N LEU F 394 -52.76 1.33 16.62
CA LEU F 394 -52.75 1.41 18.07
C LEU F 394 -51.34 1.18 18.58
N SER F 395 -51.08 1.68 19.78
CA SER F 395 -49.84 1.41 20.49
C SER F 395 -50.07 0.24 21.43
N TRP F 396 -50.23 -0.95 20.83
CA TRP F 396 -50.76 -2.11 21.54
C TRP F 396 -49.88 -3.30 21.28
N VAL F 397 -49.45 -3.98 22.35
CA VAL F 397 -48.80 -5.26 22.25
C VAL F 397 -49.61 -6.27 23.04
N GLN F 398 -50.00 -7.35 22.38
CA GLN F 398 -50.86 -8.37 22.98
C GLN F 398 -50.07 -9.13 24.01
N PRO F 399 -50.52 -9.17 25.28
CA PRO F 399 -49.79 -9.80 26.35
C PRO F 399 -49.28 -11.23 26.31
N GLY F 400 -49.92 -12.15 25.60
CA GLY F 400 -49.48 -13.54 25.69
C GLY F 400 -48.81 -14.08 24.43
N MET F 401 -48.43 -13.20 23.51
CA MET F 401 -47.86 -13.62 22.24
C MET F 401 -46.35 -13.47 22.27
N PRO F 402 -45.58 -14.44 21.75
CA PRO F 402 -44.12 -14.33 21.69
C PRO F 402 -43.66 -13.19 20.81
N VAL F 403 -42.58 -12.50 21.24
CA VAL F 403 -42.00 -11.42 20.46
C VAL F 403 -40.77 -11.98 19.76
N PRO F 404 -40.70 -11.96 18.41
CA PRO F 404 -39.52 -12.43 17.70
C PRO F 404 -38.26 -11.63 17.99
N ASP F 405 -37.12 -12.29 17.83
CA ASP F 405 -35.81 -11.67 17.95
C ASP F 405 -35.59 -10.77 16.74
N HIS F 406 -35.20 -9.52 16.99
CA HIS F 406 -34.82 -8.63 15.91
C HIS F 406 -33.55 -7.87 16.27
N ARG F 407 -32.52 -8.62 16.65
CA ARG F 407 -31.21 -8.09 16.96
C ARG F 407 -30.40 -7.93 15.68
N ASP F 408 -30.91 -8.44 14.56
CA ASP F 408 -30.19 -8.39 13.30
C ASP F 408 -30.26 -6.99 12.69
N LEU F 409 -31.09 -6.11 13.25
CA LEU F 409 -31.38 -4.85 12.62
C LEU F 409 -30.65 -3.70 13.31
N ASP F 410 -29.76 -3.99 14.28
CA ASP F 410 -28.98 -2.92 14.90
C ASP F 410 -27.51 -3.10 14.55
N ILE F 411 -26.80 -1.97 14.42
CA ILE F 411 -25.50 -1.96 13.79
C ILE F 411 -24.45 -2.61 14.70
N GLU F 412 -24.78 -2.89 15.96
CA GLU F 412 -23.85 -3.48 16.89
C GLU F 412 -23.63 -4.96 16.57
N THR F 413 -24.64 -5.62 16.03
CA THR F 413 -24.56 -7.05 15.78
C THR F 413 -23.70 -7.34 14.56
N HIS F 414 -23.46 -6.33 13.73
CA HIS F 414 -22.64 -6.46 12.54
C HIS F 414 -21.29 -5.79 12.74
N ASN F 415 -20.90 -5.51 13.99
CA ASN F 415 -19.63 -4.91 14.34
C ASN F 415 -19.41 -3.57 13.65
N LEU F 416 -20.37 -2.68 13.77
CA LEU F 416 -20.21 -1.31 13.31
C LEU F 416 -20.58 -0.40 14.46
N THR F 417 -20.27 0.89 14.34
CA THR F 417 -20.32 1.80 15.46
C THR F 417 -20.62 3.19 14.93
N ILE F 418 -20.99 4.11 15.81
CA ILE F 418 -21.25 5.50 15.46
C ILE F 418 -20.09 6.12 14.69
N TRP F 419 -18.87 5.57 14.85
CA TRP F 419 -17.69 6.14 14.23
C TRP F 419 -17.59 5.78 12.75
N ASP F 420 -18.55 4.99 12.23
CA ASP F 420 -18.52 4.57 10.85
C ASP F 420 -19.56 5.27 10.01
N LEU F 421 -20.31 6.20 10.59
CA LEU F 421 -21.48 6.74 9.92
C LEU F 421 -21.11 7.67 8.79
N ASP F 422 -19.94 8.31 8.86
CA ASP F 422 -19.53 9.25 7.82
C ASP F 422 -18.41 8.70 6.96
N ARG F 423 -18.05 7.43 7.13
CA ARG F 423 -17.13 6.75 6.24
C ARG F 423 -17.88 6.24 5.02
N THR F 424 -17.15 5.97 3.94
CA THR F 424 -17.73 5.64 2.65
C THR F 424 -17.41 4.19 2.29
N PHE F 425 -18.36 3.48 1.67
CA PHE F 425 -18.27 2.05 1.46
C PHE F 425 -18.75 1.68 0.06
N ASN F 426 -18.38 0.48 -0.42
CA ASN F 426 -18.84 -0.05 -1.69
C ASN F 426 -20.10 -0.86 -1.49
N VAL F 427 -21.16 -0.54 -2.23
CA VAL F 427 -22.49 -1.04 -1.95
C VAL F 427 -23.06 -1.81 -3.14
N GLY F 428 -22.38 -1.79 -4.28
CA GLY F 428 -22.67 -2.71 -5.36
C GLY F 428 -24.01 -2.44 -6.02
N GLY F 429 -24.31 -1.19 -6.30
CA GLY F 429 -25.47 -0.84 -7.11
C GLY F 429 -26.70 -0.49 -6.28
N PHE F 430 -26.61 -0.60 -4.96
CA PHE F 430 -27.72 -0.23 -4.09
C PHE F 430 -28.01 1.26 -4.26
N GLY F 431 -29.27 1.59 -4.53
CA GLY F 431 -29.68 2.97 -4.70
C GLY F 431 -29.18 3.57 -6.01
N GLY F 432 -28.77 2.71 -6.94
CA GLY F 432 -28.22 3.16 -8.21
C GLY F 432 -26.86 3.83 -8.05
N LYS F 433 -26.10 3.44 -7.02
CA LYS F 433 -24.80 4.02 -6.77
C LYS F 433 -23.81 2.93 -6.44
N GLU F 434 -22.53 3.19 -6.75
CA GLU F 434 -21.45 2.25 -6.50
C GLU F 434 -20.84 2.48 -5.13
N THR F 435 -21.08 3.67 -4.55
CA THR F 435 -20.43 4.06 -3.31
C THR F 435 -21.38 4.95 -2.50
N MET F 436 -21.28 4.90 -1.17
CA MET F 436 -22.23 5.54 -0.28
C MET F 436 -21.68 5.59 1.13
N THR F 437 -22.25 6.44 1.98
CA THR F 437 -21.92 6.47 3.40
C THR F 437 -22.92 5.63 4.19
N LEU F 438 -22.54 5.21 5.39
CA LEU F 438 -23.40 4.36 6.20
C LEU F 438 -24.61 5.12 6.68
N ARG F 439 -24.52 6.44 6.77
CA ARG F 439 -25.65 7.26 7.14
C ARG F 439 -26.68 7.21 6.04
N GLU F 440 -26.28 7.35 4.78
CA GLU F 440 -27.22 7.34 3.69
C GLU F 440 -27.82 5.94 3.50
N VAL F 441 -27.04 4.88 3.75
CA VAL F 441 -27.53 3.52 3.61
C VAL F 441 -28.66 3.31 4.61
N LEU F 442 -28.45 3.69 5.86
CA LEU F 442 -29.45 3.49 6.89
C LEU F 442 -30.71 4.28 6.59
N SER F 443 -30.55 5.49 6.06
CA SER F 443 -31.68 6.34 5.77
C SER F 443 -32.57 5.71 4.71
N ARG F 444 -31.97 5.18 3.65
CA ARG F 444 -32.73 4.60 2.56
C ARG F 444 -33.42 3.32 3.00
N LEU F 445 -32.72 2.47 3.75
CA LEU F 445 -33.29 1.22 4.22
C LEU F 445 -34.51 1.48 5.10
N ARG F 446 -34.43 2.50 5.95
CA ARG F 446 -35.49 2.78 6.89
C ARG F 446 -36.69 3.38 6.19
N ALA F 447 -36.47 4.12 5.11
CA ALA F 447 -37.56 4.72 4.37
C ALA F 447 -38.31 3.69 3.54
N ALA F 448 -37.66 2.60 3.18
CA ALA F 448 -38.22 1.62 2.30
C ALA F 448 -38.89 0.47 3.04
N TYR F 449 -38.43 0.14 4.25
CA TYR F 449 -38.83 -1.10 4.86
C TYR F 449 -39.35 -0.93 6.28
N THR F 450 -39.50 0.29 6.81
CA THR F 450 -39.81 0.45 8.21
C THR F 450 -40.89 1.50 8.48
N LEU F 451 -41.49 2.08 7.45
CA LEU F 451 -42.54 3.06 7.62
C LEU F 451 -43.90 2.37 7.60
N LYS F 452 -44.84 2.79 6.74
CA LYS F 452 -46.21 2.33 6.81
C LYS F 452 -46.48 1.08 5.97
N VAL F 453 -45.50 0.58 5.21
CA VAL F 453 -45.66 -0.64 4.45
C VAL F 453 -44.54 -1.60 4.79
N GLY F 454 -44.89 -2.81 5.25
CA GLY F 454 -43.94 -3.88 5.50
C GLY F 454 -44.11 -5.01 4.50
N SER F 455 -43.01 -5.54 3.98
CA SER F 455 -43.05 -6.45 2.85
C SER F 455 -42.22 -7.69 3.11
N GLU F 456 -42.71 -8.83 2.64
CA GLU F 456 -42.01 -10.10 2.69
C GLU F 456 -41.93 -10.68 1.28
N TYR F 457 -40.72 -10.78 0.71
CA TYR F 457 -40.55 -11.25 -0.65
C TYR F 457 -39.24 -11.99 -0.90
N THR F 458 -38.40 -12.21 0.10
CA THR F 458 -37.05 -12.69 -0.13
C THR F 458 -37.03 -14.22 -0.18
N HIS F 459 -38.15 -14.84 0.18
CA HIS F 459 -38.29 -16.28 0.16
C HIS F 459 -38.62 -16.81 -1.24
N ILE F 460 -38.93 -15.92 -2.18
CA ILE F 460 -39.26 -16.32 -3.55
C ILE F 460 -38.01 -16.84 -4.24
N LEU F 461 -38.16 -17.89 -5.05
CA LEU F 461 -37.04 -18.63 -5.61
C LEU F 461 -36.58 -18.03 -6.93
N ASP F 462 -37.48 -17.41 -7.69
CA ASP F 462 -37.15 -16.87 -9.00
C ASP F 462 -36.49 -15.51 -8.85
N ARG F 463 -35.45 -15.26 -9.65
CA ARG F 463 -34.63 -14.06 -9.52
C ARG F 463 -35.33 -12.86 -10.14
N ASP F 464 -36.03 -13.07 -11.25
CA ASP F 464 -36.68 -11.98 -11.95
C ASP F 464 -37.86 -11.42 -11.16
N GLU F 465 -38.62 -12.30 -10.49
CA GLU F 465 -39.69 -11.88 -9.58
C GLU F 465 -39.14 -11.01 -8.46
N ARG F 466 -38.12 -11.51 -7.77
CA ARG F 466 -37.52 -10.80 -6.65
C ARG F 466 -37.05 -9.42 -7.06
N THR F 467 -36.43 -9.31 -8.23
CA THR F 467 -35.84 -8.06 -8.68
C THR F 467 -36.94 -7.06 -8.98
N TRP F 468 -38.06 -7.52 -9.54
CA TRP F 468 -39.17 -6.67 -9.90
C TRP F 468 -39.75 -6.00 -8.66
N LEU F 469 -39.96 -6.80 -7.61
CA LEU F 469 -40.52 -6.30 -6.36
C LEU F 469 -39.54 -5.37 -5.67
N GLN F 470 -38.28 -5.75 -5.62
CA GLN F 470 -37.24 -5.00 -4.94
C GLN F 470 -37.08 -3.61 -5.55
N ASP F 471 -37.16 -3.53 -6.87
CA ASP F 471 -36.98 -2.27 -7.57
C ASP F 471 -38.15 -1.35 -7.29
N ARG F 472 -39.36 -1.86 -7.25
CA ARG F 472 -40.54 -1.03 -7.12
C ARG F 472 -40.74 -0.60 -5.67
N LEU F 473 -40.18 -1.35 -4.74
CA LEU F 473 -40.39 -1.14 -3.32
C LEU F 473 -39.37 -0.14 -2.79
N GLU F 474 -38.26 0.04 -3.51
CA GLU F 474 -37.19 0.94 -3.12
C GLU F 474 -37.25 2.25 -3.89
N ALA F 475 -38.02 2.31 -4.96
CA ALA F 475 -38.30 3.58 -5.63
C ALA F 475 -39.21 4.43 -4.77
N GLY F 476 -40.19 3.79 -4.12
CA GLY F 476 -41.09 4.47 -3.21
C GLY F 476 -42.45 4.71 -3.83
N MET F 477 -43.36 5.28 -3.04
CA MET F 477 -44.70 5.59 -3.49
C MET F 477 -44.68 6.95 -4.17
N PRO F 478 -45.16 7.09 -5.42
CA PRO F 478 -45.18 8.38 -6.10
C PRO F 478 -46.23 9.33 -5.53
N LYS F 479 -45.95 10.63 -5.59
CA LYS F 479 -46.78 11.64 -4.97
C LYS F 479 -48.05 11.80 -5.78
N PRO F 480 -49.25 11.70 -5.18
CA PRO F 480 -50.49 11.84 -5.92
C PRO F 480 -50.93 13.28 -6.15
N THR F 481 -51.78 13.48 -7.17
CA THR F 481 -52.25 14.78 -7.57
C THR F 481 -53.38 15.20 -6.65
N GLN F 482 -53.88 16.43 -6.81
CA GLN F 482 -54.89 16.96 -5.93
C GLN F 482 -56.23 16.33 -6.22
N ALA F 483 -56.53 16.08 -7.50
CA ALA F 483 -57.76 15.43 -7.87
C ALA F 483 -57.86 14.04 -7.26
N GLU F 484 -56.74 13.31 -7.27
CA GLU F 484 -56.68 11.97 -6.71
C GLU F 484 -56.93 12.03 -5.21
N GLN F 485 -56.35 13.01 -4.54
CA GLN F 485 -56.49 13.15 -3.11
C GLN F 485 -57.92 13.43 -2.72
N LYS F 486 -58.64 14.23 -3.51
CA LYS F 486 -60.01 14.56 -3.18
C LYS F 486 -60.90 13.33 -3.39
N TYR F 487 -60.53 12.47 -4.34
CA TYR F 487 -61.30 11.27 -4.62
C TYR F 487 -61.18 10.29 -3.45
N ILE F 488 -60.00 10.19 -2.83
CA ILE F 488 -59.82 9.33 -1.68
C ILE F 488 -60.67 9.84 -0.52
N LEU F 489 -60.82 11.15 -0.37
CA LEU F 489 -61.58 11.72 0.73
C LEU F 489 -63.07 11.49 0.53
N GLN F 490 -63.54 11.48 -0.72
CA GLN F 490 -64.95 11.23 -0.99
C GLN F 490 -65.33 9.81 -0.59
N LYS F 491 -64.46 8.84 -0.86
CA LYS F 491 -64.75 7.45 -0.58
C LYS F 491 -64.72 7.19 0.93
N LEU F 492 -63.77 7.79 1.65
CA LEU F 492 -63.71 7.64 3.10
C LEU F 492 -64.97 8.22 3.73
N ASN F 493 -65.43 9.35 3.21
CA ASN F 493 -66.59 9.99 3.77
C ASN F 493 -67.81 9.11 3.59
N ALA F 494 -67.97 8.53 2.40
CA ALA F 494 -69.12 7.71 2.08
C ALA F 494 -69.21 6.55 3.06
N ALA F 495 -68.09 5.89 3.31
CA ALA F 495 -68.04 4.76 4.20
C ALA F 495 -68.54 5.12 5.58
N GLU F 496 -67.94 6.13 6.20
CA GLU F 496 -68.25 6.50 7.57
C GLU F 496 -69.67 7.04 7.68
N ALA F 497 -70.10 7.81 6.68
CA ALA F 497 -71.40 8.44 6.74
C ALA F 497 -72.53 7.41 6.70
N PHE F 498 -72.36 6.38 5.88
CA PHE F 498 -73.35 5.32 5.73
C PHE F 498 -73.54 4.59 7.05
N GLU F 499 -72.44 4.31 7.75
CA GLU F 499 -72.50 3.60 9.01
C GLU F 499 -73.25 4.40 10.05
N ASN F 500 -72.97 5.71 10.12
CA ASN F 500 -73.57 6.58 11.11
C ASN F 500 -75.06 6.74 10.85
N PHE F 501 -75.45 6.75 9.58
CA PHE F 501 -76.85 6.92 9.24
C PHE F 501 -77.66 5.74 9.77
N LEU F 502 -77.18 4.52 9.52
CA LEU F 502 -77.86 3.31 9.93
C LEU F 502 -77.92 3.23 11.46
N GLN F 503 -76.87 3.67 12.13
CA GLN F 503 -76.82 3.65 13.58
C GLN F 503 -77.95 4.50 14.14
N THR F 504 -78.21 5.65 13.51
CA THR F 504 -79.16 6.62 14.02
C THR F 504 -80.59 6.21 13.76
N LYS F 505 -80.88 5.60 12.61
CA LYS F 505 -82.26 5.34 12.22
C LYS F 505 -82.73 3.95 12.64
N TYR F 506 -81.80 3.00 12.84
CA TYR F 506 -82.15 1.64 13.26
C TYR F 506 -81.19 1.20 14.36
N VAL F 507 -81.60 1.33 15.62
CA VAL F 507 -80.66 1.31 16.73
C VAL F 507 -80.33 -0.13 17.11
N GLY F 508 -81.37 -0.94 17.32
CA GLY F 508 -81.19 -2.28 17.85
C GLY F 508 -80.69 -3.29 16.81
N GLN F 509 -80.83 -2.96 15.52
CA GLN F 509 -80.69 -3.94 14.47
C GLN F 509 -79.22 -4.24 14.20
N LYS F 510 -78.97 -5.51 13.85
CA LYS F 510 -77.65 -6.08 13.67
C LYS F 510 -77.15 -5.77 12.27
N ARG F 511 -75.94 -5.20 12.14
CA ARG F 511 -75.47 -4.76 10.84
C ARG F 511 -74.00 -5.11 10.56
N PHE F 512 -73.22 -5.47 11.59
CA PHE F 512 -71.81 -5.81 11.44
C PHE F 512 -71.04 -4.67 10.76
N SER F 513 -70.67 -3.67 11.56
CA SER F 513 -70.15 -2.41 11.04
C SER F 513 -68.69 -2.53 10.64
N LEU F 514 -68.25 -1.57 9.83
CA LEU F 514 -66.92 -1.51 9.27
C LEU F 514 -66.13 -0.41 9.95
N GLU F 515 -66.67 0.16 11.02
CA GLU F 515 -66.04 1.25 11.72
C GLU F 515 -64.75 0.77 12.36
N GLY F 516 -63.66 1.45 12.03
CA GLY F 516 -62.34 1.01 12.41
C GLY F 516 -61.54 0.55 11.20
N ALA F 517 -62.23 0.20 10.11
CA ALA F 517 -61.61 -0.37 8.94
C ALA F 517 -62.21 0.21 7.68
N GLU F 518 -62.31 1.54 7.62
CA GLU F 518 -62.95 2.20 6.49
C GLU F 518 -62.02 2.33 5.30
N ALA F 519 -60.73 2.04 5.48
CA ALA F 519 -59.78 2.13 4.39
C ALA F 519 -59.95 0.99 3.39
N LEU F 520 -60.75 -0.01 3.74
CA LEU F 520 -61.07 -1.11 2.85
C LEU F 520 -61.75 -0.62 1.58
N ILE F 521 -62.53 0.45 1.65
CA ILE F 521 -63.30 0.89 0.50
C ILE F 521 -62.39 1.50 -0.55
N PRO F 522 -61.51 2.46 -0.25
CA PRO F 522 -60.51 2.86 -1.22
C PRO F 522 -59.49 1.82 -1.68
N LEU F 523 -59.24 0.75 -0.92
CA LEU F 523 -58.33 -0.31 -1.35
C LEU F 523 -58.97 -1.13 -2.45
N MET F 524 -60.22 -1.51 -2.27
CA MET F 524 -60.94 -2.33 -3.23
C MET F 524 -61.19 -1.53 -4.50
N ASP F 525 -61.41 -0.23 -4.37
CA ASP F 525 -61.65 0.65 -5.49
C ASP F 525 -60.39 0.78 -6.34
N SER F 526 -59.23 0.84 -5.69
CA SER F 526 -57.96 0.97 -6.37
C SER F 526 -57.67 -0.23 -7.24
N ALA F 527 -57.93 -1.42 -6.70
CA ALA F 527 -57.67 -2.67 -7.40
C ALA F 527 -58.56 -2.82 -8.62
N ILE F 528 -59.85 -2.52 -8.48
CA ILE F 528 -60.81 -2.65 -9.56
C ILE F 528 -60.51 -1.65 -10.66
N ASP F 529 -60.00 -0.48 -10.29
CA ASP F 529 -59.67 0.57 -11.23
C ASP F 529 -58.46 0.17 -12.06
N THR F 530 -57.48 -0.45 -11.42
CA THR F 530 -56.27 -0.90 -12.09
C THR F 530 -56.59 -2.01 -13.07
N ALA F 531 -57.54 -2.88 -12.73
CA ALA F 531 -57.94 -3.98 -13.59
C ALA F 531 -58.64 -3.46 -14.84
N ALA F 532 -59.43 -2.40 -14.69
CA ALA F 532 -60.12 -1.79 -15.81
C ALA F 532 -59.13 -1.15 -16.77
N GLY F 533 -58.02 -0.66 -16.24
CA GLY F 533 -56.99 -0.08 -17.08
C GLY F 533 -56.22 -1.13 -17.86
N GLN F 534 -56.12 -2.34 -17.32
CA GLN F 534 -55.40 -3.43 -17.98
C GLN F 534 -56.22 -3.99 -19.12
N GLY F 535 -57.53 -3.77 -19.09
CA GLY F 535 -58.39 -4.14 -20.19
C GLY F 535 -59.11 -5.46 -19.97
N LEU F 536 -59.42 -5.80 -18.71
CA LEU F 536 -59.99 -7.08 -18.38
C LEU F 536 -61.50 -6.98 -18.34
N ASP F 537 -62.19 -8.11 -18.13
CA ASP F 537 -63.61 -8.22 -18.42
C ASP F 537 -64.48 -8.14 -17.17
N GLU F 538 -64.11 -8.83 -16.08
CA GLU F 538 -64.95 -8.90 -14.90
C GLU F 538 -64.11 -9.05 -13.63
N VAL F 539 -64.69 -8.69 -12.49
CA VAL F 539 -64.15 -8.95 -11.17
C VAL F 539 -65.22 -9.65 -10.34
N VAL F 540 -64.89 -10.79 -9.73
CA VAL F 540 -65.81 -11.57 -8.90
C VAL F 540 -65.34 -11.50 -7.46
N ILE F 541 -66.25 -11.17 -6.53
CA ILE F 541 -65.93 -10.95 -5.12
C ILE F 541 -66.60 -12.02 -4.27
N GLY F 542 -65.87 -12.52 -3.27
CA GLY F 542 -66.43 -13.31 -2.19
C GLY F 542 -65.94 -12.79 -0.84
N MET F 543 -66.84 -12.70 0.14
CA MET F 543 -66.49 -12.11 1.41
C MET F 543 -67.41 -12.59 2.52
N PRO F 544 -67.02 -12.39 3.80
CA PRO F 544 -67.92 -12.58 4.94
C PRO F 544 -68.81 -11.41 5.35
N HIS F 545 -69.29 -11.44 6.59
CA HIS F 545 -70.25 -10.51 7.16
C HIS F 545 -69.72 -9.09 7.39
N ARG F 546 -68.43 -8.93 7.69
CA ARG F 546 -67.87 -7.68 8.16
C ARG F 546 -67.84 -6.65 7.03
N GLY F 547 -68.78 -5.70 7.06
CA GLY F 547 -68.82 -4.61 6.12
C GLY F 547 -69.42 -4.97 4.79
N ARG F 548 -70.48 -5.78 4.79
CA ARG F 548 -71.01 -6.27 3.54
C ARG F 548 -71.95 -5.25 2.92
N LEU F 549 -72.81 -4.64 3.72
CA LEU F 549 -73.77 -3.69 3.23
C LEU F 549 -73.08 -2.43 2.73
N ASN F 550 -71.86 -2.20 3.20
CA ASN F 550 -71.07 -1.05 2.81
C ASN F 550 -70.48 -1.30 1.44
N VAL F 551 -70.01 -2.53 1.18
CA VAL F 551 -69.42 -2.91 -0.09
C VAL F 551 -70.49 -3.00 -1.16
N LEU F 552 -71.68 -3.45 -0.80
CA LEU F 552 -72.77 -3.55 -1.76
C LEU F 552 -73.16 -2.20 -2.31
N PHE F 553 -73.10 -1.16 -1.48
CA PHE F 553 -73.53 0.17 -1.88
C PHE F 553 -72.40 0.95 -2.55
N ASN F 554 -71.17 0.84 -2.04
CA ASN F 554 -70.10 1.73 -2.45
C ASN F 554 -69.19 1.12 -3.51
N ILE F 555 -69.16 -0.21 -3.67
CA ILE F 555 -68.30 -0.85 -4.65
C ILE F 555 -69.10 -1.49 -5.77
N VAL F 556 -70.26 -2.08 -5.49
CA VAL F 556 -70.97 -2.86 -6.48
C VAL F 556 -72.08 -2.05 -7.12
N GLY F 557 -72.74 -1.18 -6.35
CA GLY F 557 -73.70 -0.24 -6.91
C GLY F 557 -75.15 -0.67 -6.72
N LYS F 558 -75.44 -1.44 -5.68
CA LYS F 558 -76.80 -1.79 -5.35
C LYS F 558 -77.51 -0.54 -4.90
N PRO F 559 -78.75 -0.25 -5.38
CA PRO F 559 -79.46 0.97 -5.02
C PRO F 559 -79.81 1.05 -3.53
N LEU F 560 -79.88 2.29 -3.03
CA LEU F 560 -79.95 2.54 -1.60
C LEU F 560 -81.35 2.23 -1.10
N ALA F 561 -82.33 2.37 -1.98
CA ALA F 561 -83.71 2.10 -1.63
C ALA F 561 -83.87 0.65 -1.21
N SER F 562 -83.16 -0.24 -1.91
CA SER F 562 -83.22 -1.67 -1.64
C SER F 562 -82.75 -1.99 -0.23
N ILE F 563 -81.69 -1.33 0.21
CA ILE F 563 -81.09 -1.61 1.50
C ILE F 563 -82.00 -1.10 2.63
N PHE F 564 -82.58 0.08 2.45
CA PHE F 564 -83.47 0.62 3.47
C PHE F 564 -84.72 -0.25 3.59
N ASN F 565 -85.24 -0.73 2.46
CA ASN F 565 -86.42 -1.59 2.49
C ASN F 565 -86.13 -2.86 3.28
N GLU F 566 -84.93 -3.41 3.10
CA GLU F 566 -84.53 -4.62 3.82
C GLU F 566 -84.63 -4.40 5.32
N PHE F 567 -84.21 -3.22 5.79
CA PHE F 567 -84.20 -2.91 7.21
C PHE F 567 -85.60 -2.70 7.74
N GLU F 568 -86.57 -2.40 6.86
CA GLU F 568 -87.95 -2.19 7.27
C GLU F 568 -88.77 -3.46 7.11
N GLY F 569 -88.16 -4.54 6.62
CA GLY F 569 -88.78 -5.86 6.64
C GLY F 569 -89.33 -6.32 5.30
N GLN F 570 -89.12 -5.53 4.23
CA GLN F 570 -89.50 -5.91 2.88
C GLN F 570 -88.30 -6.50 2.17
N MET F 571 -88.37 -7.80 1.84
CA MET F 571 -87.24 -8.54 1.30
C MET F 571 -87.56 -8.94 -0.13
N GLU F 572 -86.56 -8.81 -1.02
CA GLU F 572 -86.70 -9.17 -2.42
C GLU F 572 -86.74 -10.69 -2.56
N GLN F 573 -87.63 -11.18 -3.44
CA GLN F 573 -87.86 -12.60 -3.61
C GLN F 573 -86.97 -13.14 -4.73
N GLY F 574 -86.27 -14.24 -4.44
CA GLY F 574 -85.38 -14.88 -5.40
C GLY F 574 -86.13 -15.86 -6.30
N GLN F 575 -86.86 -16.78 -5.67
CA GLN F 575 -87.64 -17.79 -6.36
C GLN F 575 -89.07 -17.73 -5.83
N ILE F 576 -90.03 -18.06 -6.69
CA ILE F 576 -91.44 -18.01 -6.31
C ILE F 576 -91.69 -19.08 -5.25
N GLY F 577 -92.12 -18.63 -4.07
CA GLY F 577 -92.43 -19.52 -2.96
C GLY F 577 -91.21 -19.89 -2.12
N GLY F 578 -90.15 -19.09 -2.20
CA GLY F 578 -88.90 -19.38 -1.52
C GLY F 578 -88.91 -18.90 -0.07
N SER F 579 -87.94 -19.41 0.71
CA SER F 579 -87.89 -19.19 2.15
C SER F 579 -87.07 -17.96 2.51
N GLY F 580 -85.94 -17.74 1.83
CA GLY F 580 -85.18 -16.51 1.99
C GLY F 580 -83.94 -16.69 2.85
N ASP F 581 -83.26 -15.58 3.12
CA ASP F 581 -82.09 -15.56 3.99
C ASP F 581 -81.84 -14.13 4.47
N VAL F 582 -81.00 -14.00 5.49
CA VAL F 582 -80.70 -12.73 6.14
C VAL F 582 -79.93 -11.84 5.18
N LYS F 583 -79.94 -10.52 5.47
CA LYS F 583 -79.59 -9.49 4.50
C LYS F 583 -78.11 -9.51 4.15
N TYR F 584 -77.26 -10.03 5.04
CA TYR F 584 -75.83 -10.02 4.80
C TYR F 584 -75.34 -11.34 4.22
N HIS F 585 -76.21 -12.04 3.48
CA HIS F 585 -75.84 -13.28 2.79
C HIS F 585 -76.18 -13.22 1.30
N LEU F 586 -76.52 -12.04 0.77
CA LEU F 586 -77.04 -11.92 -0.58
C LEU F 586 -75.99 -11.36 -1.53
N GLY F 587 -76.24 -11.49 -2.84
CA GLY F 587 -75.31 -11.03 -3.88
C GLY F 587 -75.91 -9.97 -4.80
N SER F 588 -75.11 -9.44 -5.74
CA SER F 588 -75.56 -8.48 -6.72
C SER F 588 -74.55 -8.30 -7.85
N GLU F 589 -74.96 -7.56 -8.90
CA GLU F 589 -74.12 -7.24 -10.05
C GLU F 589 -74.11 -5.74 -10.33
N GLY F 590 -73.10 -5.25 -11.06
CA GLY F 590 -72.99 -3.84 -11.39
C GLY F 590 -71.86 -3.54 -12.37
N GLN F 591 -71.66 -2.25 -12.68
CA GLN F 591 -70.62 -1.76 -13.56
C GLN F 591 -69.75 -0.74 -12.83
N HIS F 592 -68.51 -0.60 -13.24
CA HIS F 592 -67.59 0.36 -12.65
C HIS F 592 -66.88 1.12 -13.76
N LEU F 593 -66.99 2.45 -13.75
CA LEU F 593 -66.36 3.33 -14.72
C LEU F 593 -65.10 3.93 -14.11
N GLN F 594 -64.04 3.99 -14.91
CA GLN F 594 -62.76 4.53 -14.48
C GLN F 594 -62.90 6.03 -14.31
N MET F 595 -62.34 6.58 -13.22
CA MET F 595 -62.56 7.98 -12.86
C MET F 595 -61.68 8.89 -13.71
N PHE F 596 -60.45 8.46 -13.97
CA PHE F 596 -59.50 9.20 -14.78
C PHE F 596 -59.03 8.31 -15.93
N GLY F 597 -59.97 7.88 -16.76
CA GLY F 597 -59.68 6.99 -17.88
C GLY F 597 -60.94 6.70 -18.68
N ASP F 598 -60.83 5.86 -19.71
CA ASP F 598 -61.96 5.54 -20.56
C ASP F 598 -62.36 4.07 -20.39
N GLY F 599 -61.92 3.45 -19.29
CA GLY F 599 -62.17 2.04 -19.06
C GLY F 599 -63.52 1.79 -18.38
N GLU F 600 -63.97 0.53 -18.46
CA GLU F 600 -65.21 0.08 -17.84
C GLU F 600 -65.07 -1.41 -17.54
N ILE F 601 -65.56 -1.87 -16.38
CA ILE F 601 -65.47 -3.27 -15.99
C ILE F 601 -66.75 -3.67 -15.28
N LYS F 602 -67.02 -4.97 -15.22
CA LYS F 602 -68.20 -5.53 -14.58
C LYS F 602 -67.82 -6.10 -13.22
N VAL F 603 -68.67 -5.91 -12.21
CA VAL F 603 -68.38 -6.32 -10.84
C VAL F 603 -69.54 -7.16 -10.31
N SER F 604 -69.23 -8.31 -9.73
CA SER F 604 -70.20 -9.26 -9.21
C SER F 604 -69.85 -9.67 -7.79
N LEU F 605 -70.87 -9.99 -6.98
CA LEU F 605 -70.69 -10.51 -5.63
C LEU F 605 -71.57 -11.74 -5.44
N THR F 606 -71.02 -12.80 -4.83
CA THR F 606 -71.67 -14.10 -4.76
C THR F 606 -72.28 -14.36 -3.40
N ALA F 607 -73.32 -15.20 -3.36
CA ALA F 607 -74.01 -15.55 -2.15
C ALA F 607 -73.21 -16.53 -1.32
N ASN F 608 -73.51 -16.62 -0.02
CA ASN F 608 -72.78 -17.50 0.86
C ASN F 608 -73.56 -17.75 2.14
N PRO F 609 -73.32 -18.88 2.84
CA PRO F 609 -73.87 -19.10 4.17
C PRO F 609 -73.04 -18.55 5.32
N SER F 610 -73.51 -18.78 6.54
CA SER F 610 -72.82 -18.29 7.74
C SER F 610 -71.52 -19.02 7.98
N HIS F 611 -71.43 -20.28 7.54
CA HIS F 611 -70.24 -21.08 7.68
C HIS F 611 -69.07 -20.38 7.00
N LEU F 612 -68.05 -20.03 7.76
CA LEU F 612 -66.96 -19.20 7.28
C LEU F 612 -66.08 -20.00 6.33
N GLU F 613 -65.66 -19.35 5.25
CA GLU F 613 -64.63 -19.81 4.34
C GLU F 613 -65.15 -20.92 3.41
N ALA F 614 -66.48 -21.09 3.32
CA ALA F 614 -67.07 -22.09 2.46
C ALA F 614 -67.30 -21.56 1.05
N VAL F 615 -66.99 -20.29 0.81
CA VAL F 615 -67.21 -19.62 -0.45
C VAL F 615 -65.92 -19.63 -1.26
N ASN F 616 -64.82 -20.10 -0.67
CA ASN F 616 -63.52 -20.01 -1.33
C ASN F 616 -63.48 -20.89 -2.57
N PRO F 617 -63.74 -22.21 -2.50
CA PRO F 617 -63.79 -23.03 -3.70
C PRO F 617 -64.91 -22.71 -4.68
N VAL F 618 -66.04 -22.20 -4.18
CA VAL F 618 -67.18 -21.91 -5.04
C VAL F 618 -66.86 -20.73 -5.94
N MET F 619 -66.17 -19.71 -5.44
CA MET F 619 -65.94 -18.53 -6.24
C MET F 619 -64.81 -18.78 -7.23
N GLU F 620 -63.92 -19.74 -6.93
CA GLU F 620 -62.84 -20.12 -7.84
C GLU F 620 -63.41 -20.82 -9.07
N GLY F 621 -64.40 -21.68 -8.86
CA GLY F 621 -65.09 -22.35 -9.93
C GLY F 621 -65.88 -21.42 -10.84
N ILE F 622 -66.52 -20.39 -10.26
CA ILE F 622 -67.27 -19.43 -11.03
C ILE F 622 -66.33 -18.71 -11.99
N VAL F 623 -65.12 -18.39 -11.53
CA VAL F 623 -64.19 -17.65 -12.34
C VAL F 623 -63.68 -18.52 -13.48
N ARG F 624 -63.43 -19.80 -13.21
CA ARG F 624 -62.89 -20.70 -14.21
C ARG F 624 -63.90 -20.92 -15.32
N ALA F 625 -65.18 -21.02 -14.98
CA ALA F 625 -66.21 -21.26 -15.96
C ALA F 625 -66.36 -20.06 -16.88
N LYS F 626 -66.24 -18.85 -16.33
CA LYS F 626 -66.37 -17.64 -17.11
C LYS F 626 -65.20 -17.47 -18.05
N GLN F 627 -64.00 -17.83 -17.60
CA GLN F 627 -62.82 -17.75 -18.43
C GLN F 627 -62.92 -18.70 -19.60
N ASP F 628 -63.46 -19.89 -19.37
CA ASP F 628 -63.55 -20.92 -20.40
C ASP F 628 -64.53 -20.52 -21.49
N TYR F 629 -65.56 -19.76 -21.14
CA TYR F 629 -66.57 -19.33 -22.08
C TYR F 629 -66.04 -18.23 -22.98
N LEU F 630 -65.14 -17.39 -22.48
CA LEU F 630 -64.61 -16.31 -23.29
C LEU F 630 -63.60 -16.85 -24.29
N ASP F 631 -62.74 -17.78 -23.86
CA ASP F 631 -61.91 -18.57 -24.76
C ASP F 631 -60.83 -17.71 -25.41
N LYS F 632 -59.94 -17.15 -24.60
CA LYS F 632 -58.89 -16.26 -25.10
C LYS F 632 -57.52 -16.90 -24.98
N GLY F 633 -57.41 -18.12 -24.45
CA GLY F 633 -56.17 -18.86 -24.48
C GLY F 633 -55.32 -18.68 -23.22
N VAL F 634 -54.03 -19.02 -23.35
CA VAL F 634 -53.09 -19.06 -22.24
C VAL F 634 -52.71 -17.63 -21.82
N ASP F 635 -52.75 -16.70 -22.78
CA ASP F 635 -52.39 -15.31 -22.55
C ASP F 635 -53.61 -14.51 -22.13
N GLY F 636 -54.72 -15.20 -21.84
CA GLY F 636 -55.96 -14.56 -21.45
C GLY F 636 -56.04 -14.41 -19.95
N LYS F 637 -56.94 -15.18 -19.33
CA LYS F 637 -57.17 -15.15 -17.90
C LYS F 637 -57.61 -13.75 -17.49
N THR F 638 -58.81 -13.35 -17.94
CA THR F 638 -59.24 -11.97 -17.92
C THR F 638 -60.43 -11.75 -17.00
N VAL F 639 -60.69 -12.70 -16.09
CA VAL F 639 -61.63 -12.52 -15.01
C VAL F 639 -60.87 -12.63 -13.70
N VAL F 640 -60.95 -11.61 -12.85
CA VAL F 640 -60.11 -11.46 -11.67
C VAL F 640 -60.87 -11.88 -10.43
N PRO F 641 -60.38 -12.84 -9.62
CA PRO F 641 -60.94 -13.12 -8.30
C PRO F 641 -60.38 -12.29 -7.14
N LEU F 642 -61.29 -11.71 -6.35
CA LEU F 642 -60.94 -10.86 -5.22
C LEU F 642 -61.64 -11.38 -3.98
N LEU F 643 -60.86 -11.86 -3.00
CA LEU F 643 -61.38 -12.67 -1.92
C LEU F 643 -60.99 -12.07 -0.58
N LEU F 644 -61.99 -11.81 0.28
CA LEU F 644 -61.82 -11.15 1.56
C LEU F 644 -61.95 -12.16 2.69
N HIS F 645 -61.16 -12.01 3.76
CA HIS F 645 -61.18 -12.90 4.90
C HIS F 645 -61.13 -12.11 6.20
N GLY F 646 -61.30 -12.80 7.33
CA GLY F 646 -60.98 -12.31 8.65
C GLY F 646 -59.79 -13.04 9.24
N ASP F 647 -59.14 -12.46 10.25
CA ASP F 647 -57.86 -12.93 10.73
C ASP F 647 -58.00 -14.28 11.46
N ALA F 648 -58.99 -14.43 12.32
CA ALA F 648 -59.19 -15.66 13.04
C ALA F 648 -59.54 -16.81 12.12
N ALA F 649 -60.42 -16.56 11.15
CA ALA F 649 -60.88 -17.60 10.24
C ALA F 649 -59.78 -18.05 9.29
N PHE F 650 -58.92 -17.12 8.88
CA PHE F 650 -57.89 -17.44 7.91
C PHE F 650 -56.85 -18.36 8.50
N ALA F 651 -56.54 -18.20 9.79
CA ALA F 651 -55.49 -18.97 10.44
C ALA F 651 -56.03 -20.31 10.93
N GLY F 652 -57.34 -20.42 11.13
CA GLY F 652 -57.89 -21.54 11.86
C GLY F 652 -58.44 -22.64 11.00
N LEU F 653 -59.28 -22.29 10.02
CA LEU F 653 -60.00 -23.26 9.22
C LEU F 653 -59.10 -23.82 8.14
N GLY F 654 -59.25 -25.12 7.85
CA GLY F 654 -58.35 -25.85 6.97
C GLY F 654 -58.71 -25.75 5.50
N ILE F 655 -59.90 -25.25 5.19
CA ILE F 655 -60.36 -25.09 3.83
C ILE F 655 -59.53 -24.03 3.11
N VAL F 656 -58.92 -23.10 3.84
CA VAL F 656 -58.20 -22.00 3.23
C VAL F 656 -56.97 -22.53 2.50
N PRO F 657 -56.00 -23.19 3.15
CA PRO F 657 -54.85 -23.73 2.44
C PRO F 657 -55.14 -24.84 1.44
N GLU F 658 -56.25 -25.56 1.65
CA GLU F 658 -56.68 -26.61 0.76
C GLU F 658 -57.07 -26.04 -0.59
N THR F 659 -57.60 -24.82 -0.61
CA THR F 659 -58.05 -24.17 -1.84
C THR F 659 -56.89 -23.46 -2.51
N ILE F 660 -55.92 -22.96 -1.76
CA ILE F 660 -54.77 -22.29 -2.34
C ILE F 660 -53.90 -23.31 -3.06
N ASN F 661 -54.04 -24.59 -2.70
CA ASN F 661 -53.24 -25.66 -3.27
C ASN F 661 -53.71 -26.02 -4.67
N LEU F 662 -54.87 -25.53 -5.11
CA LEU F 662 -55.36 -25.80 -6.44
C LEU F 662 -54.92 -24.74 -7.45
N ALA F 663 -54.08 -23.79 -7.05
CA ALA F 663 -53.84 -22.59 -7.82
C ALA F 663 -53.12 -22.86 -9.14
N LYS F 664 -52.17 -23.80 -9.15
CA LYS F 664 -51.31 -24.00 -10.29
C LYS F 664 -51.56 -25.35 -10.94
N LEU F 665 -52.73 -25.96 -10.74
CA LEU F 665 -53.03 -27.24 -11.32
C LEU F 665 -53.79 -27.06 -12.62
N ARG F 666 -53.84 -28.11 -13.43
CA ARG F 666 -54.14 -28.00 -14.84
C ARG F 666 -55.61 -27.67 -15.04
N GLY F 667 -56.50 -28.25 -14.27
CA GLY F 667 -57.91 -27.99 -14.46
C GLY F 667 -58.50 -26.95 -13.51
N TYR F 668 -57.65 -26.19 -12.79
CA TYR F 668 -58.12 -25.32 -11.74
C TYR F 668 -57.51 -23.92 -11.80
N ASP F 669 -56.51 -23.69 -12.64
CA ASP F 669 -55.77 -22.44 -12.65
C ASP F 669 -56.66 -21.32 -13.19
N VAL F 670 -56.61 -20.15 -12.53
CA VAL F 670 -57.40 -19.00 -12.93
C VAL F 670 -56.53 -17.76 -13.03
N GLY F 671 -55.22 -17.90 -13.00
CA GLY F 671 -54.33 -16.78 -13.24
C GLY F 671 -53.90 -16.04 -11.99
N GLY F 672 -54.27 -16.53 -10.81
CA GLY F 672 -53.91 -15.88 -9.57
C GLY F 672 -55.13 -15.33 -8.86
N THR F 673 -55.03 -15.18 -7.54
CA THR F 673 -56.08 -14.64 -6.68
C THR F 673 -55.51 -13.53 -5.82
N ILE F 674 -56.25 -12.42 -5.68
CA ILE F 674 -55.87 -11.34 -4.78
C ILE F 674 -56.60 -11.54 -3.46
N HIS F 675 -55.85 -11.71 -2.36
CA HIS F 675 -56.42 -11.95 -1.05
C HIS F 675 -56.26 -10.73 -0.15
N ILE F 676 -57.31 -10.36 0.57
CA ILE F 676 -57.27 -9.30 1.57
C ILE F 676 -57.70 -9.87 2.91
N VAL F 677 -56.84 -9.73 3.93
CA VAL F 677 -57.16 -10.14 5.29
C VAL F 677 -57.36 -8.89 6.14
N VAL F 678 -58.57 -8.72 6.68
CA VAL F 678 -58.91 -7.61 7.54
C VAL F 678 -58.51 -7.95 8.96
N ASN F 679 -57.34 -7.48 9.37
CA ASN F 679 -56.71 -7.83 10.63
C ASN F 679 -57.08 -6.78 11.67
N ASN F 680 -58.14 -7.03 12.43
CA ASN F 680 -58.60 -6.10 13.43
C ASN F 680 -58.31 -6.63 14.83
N GLN F 681 -57.41 -7.60 14.90
CA GLN F 681 -56.71 -7.95 16.11
C GLN F 681 -57.65 -8.59 17.13
N ILE F 682 -58.74 -9.21 16.68
CA ILE F 682 -59.67 -9.85 17.59
C ILE F 682 -60.63 -10.75 16.82
N GLY F 683 -61.02 -11.85 17.46
CA GLY F 683 -62.01 -12.78 16.97
C GLY F 683 -63.41 -12.31 17.33
N PHE F 684 -64.06 -13.01 18.25
CA PHE F 684 -65.32 -12.58 18.82
C PHE F 684 -65.02 -12.07 20.23
N THR F 685 -64.56 -12.99 21.09
CA THR F 685 -64.10 -12.69 22.43
C THR F 685 -62.68 -13.22 22.60
N THR F 686 -62.00 -13.56 21.50
CA THR F 686 -60.75 -14.29 21.55
C THR F 686 -59.66 -13.48 20.89
N THR F 687 -58.47 -13.43 21.50
CA THR F 687 -57.36 -12.65 21.02
C THR F 687 -56.39 -13.56 20.27
N PRO F 688 -55.49 -13.01 19.44
CA PRO F 688 -54.57 -13.81 18.64
C PRO F 688 -53.71 -14.85 19.34
N ASP F 689 -53.49 -14.68 20.64
CA ASP F 689 -52.67 -15.60 21.41
C ASP F 689 -53.38 -16.95 21.57
N SER F 690 -54.70 -16.97 21.40
CA SER F 690 -55.47 -18.20 21.52
C SER F 690 -56.01 -18.69 20.19
N SER F 691 -55.58 -18.08 19.08
CA SER F 691 -56.16 -18.33 17.79
C SER F 691 -55.16 -18.95 16.81
N ARG F 692 -53.87 -18.70 16.96
CA ARG F 692 -52.92 -19.21 16.02
C ARG F 692 -51.57 -19.45 16.66
N SER F 693 -50.75 -20.26 16.00
CA SER F 693 -49.40 -20.57 16.40
C SER F 693 -48.39 -19.99 15.42
N MET F 694 -48.86 -19.16 14.49
CA MET F 694 -48.00 -18.45 13.56
C MET F 694 -47.84 -17.02 14.06
N HIS F 695 -46.79 -16.32 13.64
CA HIS F 695 -46.54 -14.95 14.06
C HIS F 695 -47.53 -14.01 13.41
N TYR F 696 -47.72 -14.15 12.09
CA TYR F 696 -48.70 -13.40 11.34
C TYR F 696 -49.80 -14.33 10.85
N ALA F 697 -50.97 -13.77 10.55
CA ALA F 697 -52.10 -14.55 10.07
C ALA F 697 -51.89 -14.98 8.63
N THR F 698 -51.02 -14.29 7.90
CA THR F 698 -50.81 -14.52 6.48
C THR F 698 -49.56 -15.33 6.22
N ASP F 699 -49.23 -16.30 7.08
CA ASP F 699 -47.97 -17.01 6.97
C ASP F 699 -48.09 -18.24 6.07
N TYR F 700 -49.29 -18.59 5.64
CA TYR F 700 -49.47 -19.66 4.66
C TYR F 700 -48.87 -19.26 3.31
N ALA F 701 -48.66 -17.98 3.08
CA ALA F 701 -48.06 -17.50 1.86
C ALA F 701 -46.65 -18.04 1.66
N LYS F 702 -45.92 -18.25 2.75
CA LYS F 702 -44.55 -18.73 2.68
C LYS F 702 -44.49 -20.20 2.30
N ALA F 703 -45.60 -20.92 2.43
CA ALA F 703 -45.66 -22.31 2.03
C ALA F 703 -45.81 -22.44 0.52
N PHE F 704 -46.33 -21.40 -0.13
CA PHE F 704 -46.67 -21.45 -1.54
C PHE F 704 -45.78 -20.54 -2.38
N GLY F 705 -44.91 -19.75 -1.74
CA GLY F 705 -43.93 -18.95 -2.45
C GLY F 705 -44.52 -17.68 -3.04
N CYS F 706 -45.26 -16.92 -2.23
CA CYS F 706 -45.99 -15.75 -2.71
C CYS F 706 -45.66 -14.54 -1.85
N PRO F 707 -45.75 -13.29 -2.38
CA PRO F 707 -45.45 -12.10 -1.60
C PRO F 707 -46.55 -11.61 -0.66
N VAL F 708 -46.15 -10.93 0.44
CA VAL F 708 -47.09 -10.39 1.40
C VAL F 708 -46.78 -8.92 1.63
N PHE F 709 -47.83 -8.09 1.72
CA PHE F 709 -47.74 -6.67 2.02
C PHE F 709 -48.58 -6.35 3.25
N HIS F 710 -47.96 -5.83 4.31
CA HIS F 710 -48.67 -5.37 5.49
C HIS F 710 -48.77 -3.85 5.45
N VAL F 711 -49.96 -3.29 5.65
CA VAL F 711 -50.16 -1.86 5.49
C VAL F 711 -51.00 -1.32 6.64
N ASN F 712 -50.67 -0.11 7.09
CA ASN F 712 -51.34 0.61 8.15
C ASN F 712 -52.65 1.15 7.63
N GLY F 713 -53.73 0.92 8.37
CA GLY F 713 -55.07 1.27 7.93
C GLY F 713 -55.46 2.69 8.28
N ASP F 714 -54.53 3.50 8.79
CA ASP F 714 -54.76 4.90 9.02
C ASP F 714 -53.86 5.77 8.15
N ASP F 715 -53.36 5.21 7.03
CA ASP F 715 -52.63 5.99 6.04
C ASP F 715 -53.18 5.69 4.65
N PRO F 716 -54.28 6.36 4.24
CA PRO F 716 -54.98 5.98 3.03
C PRO F 716 -54.23 6.04 1.71
N GLU F 717 -53.20 6.86 1.60
CA GLU F 717 -52.46 6.94 0.36
C GLU F 717 -51.58 5.71 0.17
N ALA F 718 -51.06 5.17 1.25
CA ALA F 718 -50.28 3.94 1.19
C ALA F 718 -51.16 2.74 0.87
N VAL F 719 -52.43 2.76 1.29
CA VAL F 719 -53.34 1.68 1.04
C VAL F 719 -53.66 1.63 -0.45
N VAL F 720 -53.79 2.78 -1.09
CA VAL F 720 -54.12 2.86 -2.49
C VAL F 720 -52.95 2.40 -3.34
N TRP F 721 -51.73 2.65 -2.87
CA TRP F 721 -50.55 2.23 -3.60
C TRP F 721 -50.40 0.73 -3.57
N VAL F 722 -50.69 0.09 -2.43
CA VAL F 722 -50.51 -1.33 -2.26
C VAL F 722 -51.52 -2.08 -3.11
N GLY F 723 -52.72 -1.53 -3.25
CA GLY F 723 -53.74 -2.13 -4.08
C GLY F 723 -53.35 -2.18 -5.55
N GLN F 724 -52.72 -1.12 -6.04
CA GLN F 724 -52.27 -1.01 -7.42
C GLN F 724 -51.13 -1.97 -7.69
N LEU F 725 -50.19 -2.07 -6.76
CA LEU F 725 -48.99 -2.86 -6.93
C LEU F 725 -49.31 -4.35 -6.94
N ALA F 726 -50.34 -4.75 -6.18
CA ALA F 726 -50.75 -6.13 -6.11
C ALA F 726 -51.40 -6.58 -7.41
N THR F 727 -52.22 -5.73 -8.02
CA THR F 727 -52.93 -6.05 -9.24
C THR F 727 -51.97 -6.11 -10.42
N GLU F 728 -50.89 -5.35 -10.37
CA GLU F 728 -49.87 -5.39 -11.42
C GLU F 728 -49.04 -6.66 -11.32
N TYR F 729 -48.76 -7.11 -10.10
CA TYR F 729 -47.98 -8.33 -9.89
C TYR F 729 -48.73 -9.54 -10.39
N ARG F 730 -50.04 -9.55 -10.23
CA ARG F 730 -50.87 -10.66 -10.66
C ARG F 730 -50.87 -10.77 -12.17
N ARG F 731 -50.89 -9.65 -12.87
CA ARG F 731 -51.01 -9.64 -14.31
C ARG F 731 -49.71 -10.09 -14.97
N ARG F 732 -48.57 -9.81 -14.33
CA ARG F 732 -47.29 -10.12 -14.95
C ARG F 732 -46.86 -11.55 -14.69
N PHE F 733 -47.13 -12.08 -13.49
CA PHE F 733 -46.53 -13.33 -13.07
C PHE F 733 -47.55 -14.45 -12.93
N GLY F 734 -48.83 -14.12 -12.78
CA GLY F 734 -49.87 -15.12 -12.76
C GLY F 734 -49.91 -15.94 -11.49
N LYS F 735 -49.65 -15.31 -10.34
CA LYS F 735 -49.59 -15.98 -9.05
C LYS F 735 -50.46 -15.24 -8.04
N ASP F 736 -50.61 -15.83 -6.85
CA ASP F 736 -51.41 -15.28 -5.78
C ASP F 736 -50.62 -14.22 -5.02
N VAL F 737 -51.34 -13.25 -4.44
CA VAL F 737 -50.75 -12.14 -3.71
C VAL F 737 -51.61 -11.87 -2.48
N PHE F 738 -50.98 -11.49 -1.36
CA PHE F 738 -51.67 -11.36 -0.08
C PHE F 738 -51.47 -9.98 0.51
N ILE F 739 -52.57 -9.33 0.94
CA ILE F 739 -52.54 -8.03 1.60
C ILE F 739 -53.11 -8.18 3.00
N ASP F 740 -52.40 -7.63 3.99
CA ASP F 740 -52.79 -7.62 5.38
C ASP F 740 -53.06 -6.20 5.83
N LEU F 741 -54.34 -5.86 6.03
CA LEU F 741 -54.77 -4.54 6.40
C LEU F 741 -54.96 -4.46 7.90
N VAL F 742 -54.05 -3.78 8.60
CA VAL F 742 -54.03 -3.75 10.05
C VAL F 742 -54.90 -2.59 10.53
N CYS F 743 -55.92 -2.89 11.34
CA CYS F 743 -56.92 -1.94 11.78
C CYS F 743 -57.52 -2.38 13.11
N TYR F 744 -58.65 -1.82 13.53
CA TYR F 744 -59.29 -2.20 14.76
C TYR F 744 -60.80 -2.30 14.59
N ARG F 745 -61.50 -2.76 15.62
CA ARG F 745 -62.95 -2.89 15.65
C ARG F 745 -63.50 -1.95 16.71
N LEU F 746 -64.30 -0.95 16.32
CA LEU F 746 -64.68 0.14 17.21
C LEU F 746 -65.69 -0.31 18.23
N ARG F 747 -66.71 -1.06 17.81
CA ARG F 747 -67.72 -1.53 18.72
C ARG F 747 -67.45 -2.99 19.06
N GLY F 748 -68.47 -3.67 19.60
CA GLY F 748 -68.38 -5.11 19.84
C GLY F 748 -68.55 -5.92 18.57
N HIS F 749 -68.65 -7.24 18.73
CA HIS F 749 -68.75 -8.14 17.61
C HIS F 749 -69.99 -7.79 16.80
N ASN F 750 -71.10 -7.60 17.51
CA ASN F 750 -72.30 -7.02 16.96
C ASN F 750 -72.60 -5.78 17.79
N GLU F 751 -73.72 -5.11 17.52
CA GLU F 751 -74.02 -3.83 18.14
C GLU F 751 -74.81 -4.01 19.43
N ALA F 752 -74.85 -5.24 19.95
CA ALA F 752 -75.56 -5.51 21.19
C ALA F 752 -74.61 -6.07 22.26
N ASP F 753 -73.30 -6.03 22.00
CA ASP F 753 -72.33 -6.69 22.85
C ASP F 753 -71.41 -5.66 23.49
N ASP F 754 -70.92 -5.96 24.70
CA ASP F 754 -70.00 -5.09 25.42
C ASP F 754 -68.62 -5.72 25.47
N PRO F 755 -67.62 -5.19 24.73
CA PRO F 755 -66.30 -5.79 24.70
C PRO F 755 -65.38 -5.56 25.89
N SER F 756 -65.82 -4.72 26.84
CA SER F 756 -65.00 -4.36 27.98
C SER F 756 -65.01 -5.46 29.03
N MET F 757 -65.97 -6.39 28.95
CA MET F 757 -66.07 -7.46 29.92
C MET F 757 -64.84 -8.33 29.85
N THR F 758 -64.27 -8.51 28.64
CA THR F 758 -63.22 -9.49 28.43
C THR F 758 -61.93 -8.87 27.89
N GLN F 759 -62.00 -7.68 27.28
CA GLN F 759 -60.81 -6.99 26.81
C GLN F 759 -60.79 -5.56 27.35
N PRO F 760 -60.58 -5.33 28.66
CA PRO F 760 -60.58 -3.99 29.22
C PRO F 760 -59.50 -3.02 28.76
N LYS F 761 -58.27 -3.48 28.64
CA LYS F 761 -57.15 -2.62 28.38
C LYS F 761 -57.11 -2.20 26.93
N MET F 762 -57.56 -3.06 26.03
CA MET F 762 -57.54 -2.79 24.60
C MET F 762 -58.59 -1.74 24.28
N TYR F 763 -59.71 -1.72 25.00
CA TYR F 763 -60.77 -0.79 24.70
C TYR F 763 -60.63 0.50 25.50
N GLU F 764 -59.54 0.66 26.25
CA GLU F 764 -59.15 1.96 26.76
C GLU F 764 -58.43 2.75 25.68
N LEU F 765 -57.71 2.07 24.80
CA LEU F 765 -57.01 2.71 23.71
C LEU F 765 -57.94 3.05 22.56
N ILE F 766 -59.09 2.40 22.44
CA ILE F 766 -59.92 2.53 21.25
C ILE F 766 -60.97 3.60 21.47
N THR F 767 -61.58 3.64 22.64
CA THR F 767 -62.69 4.54 22.89
C THR F 767 -62.19 5.98 22.91
N GLY F 768 -62.78 6.82 22.06
CA GLY F 768 -62.49 8.24 22.04
C GLY F 768 -61.36 8.63 21.10
N ARG F 769 -61.01 7.77 20.14
CA ARG F 769 -60.05 8.11 19.11
C ARG F 769 -60.70 9.02 18.09
N GLU F 770 -59.90 9.59 17.19
CA GLU F 770 -60.43 10.31 16.05
C GLU F 770 -60.32 9.41 14.83
N THR F 771 -61.31 9.48 13.94
CA THR F 771 -61.48 8.56 12.85
C THR F 771 -60.49 8.85 11.73
N VAL F 772 -60.43 7.95 10.74
CA VAL F 772 -59.46 8.04 9.67
C VAL F 772 -59.85 9.13 8.70
N ARG F 773 -61.13 9.44 8.59
CA ARG F 773 -61.62 10.52 7.77
C ARG F 773 -61.23 11.86 8.36
N ALA F 774 -61.35 12.00 9.67
CA ALA F 774 -61.01 13.21 10.37
C ALA F 774 -59.53 13.51 10.31
N GLN F 775 -58.70 12.50 10.50
CA GLN F 775 -57.27 12.68 10.43
C GLN F 775 -56.84 13.10 9.04
N TYR F 776 -57.46 12.53 8.00
CA TYR F 776 -57.01 12.77 6.64
C TYR F 776 -57.43 14.16 6.20
N THR F 777 -58.60 14.62 6.63
CA THR F 777 -59.05 15.96 6.33
C THR F 777 -58.14 17.00 6.95
N GLU F 778 -57.65 16.73 8.16
CA GLU F 778 -56.81 17.63 8.88
C GLU F 778 -55.44 17.74 8.23
N ASP F 779 -54.93 16.62 7.71
CA ASP F 779 -53.65 16.59 7.05
C ASP F 779 -53.67 17.38 5.75
N LEU F 780 -54.73 17.24 4.96
CA LEU F 780 -54.81 17.91 3.68
C LEU F 780 -54.95 19.41 3.86
N LEU F 781 -55.74 19.85 4.85
CA LEU F 781 -55.89 21.28 5.12
C LEU F 781 -54.59 21.86 5.62
N GLY F 782 -53.79 21.08 6.31
CA GLY F 782 -52.50 21.54 6.78
C GLY F 782 -51.50 21.78 5.68
N ARG F 783 -51.45 20.88 4.69
CA ARG F 783 -50.47 20.96 3.63
C ARG F 783 -51.00 21.87 2.51
N GLY F 784 -52.19 22.40 2.66
CA GLY F 784 -52.70 23.37 1.70
C GLY F 784 -53.23 22.72 0.43
N ASP F 785 -53.66 21.45 0.53
CA ASP F 785 -54.08 20.66 -0.62
C ASP F 785 -55.59 20.70 -0.80
N LEU F 786 -56.31 21.38 0.09
CA LEU F 786 -57.77 21.43 0.04
C LEU F 786 -58.26 22.67 0.78
N SER F 787 -59.38 23.25 0.33
CA SER F 787 -59.98 24.40 0.99
C SER F 787 -61.04 23.97 1.98
N ASN F 788 -61.52 24.88 2.81
CA ASN F 788 -62.53 24.55 3.80
C ASN F 788 -63.90 24.41 3.16
N GLU F 789 -64.19 25.25 2.17
CA GLU F 789 -65.46 25.16 1.48
C GLU F 789 -65.60 23.80 0.81
N ASP F 790 -64.51 23.32 0.22
CA ASP F 790 -64.51 22.02 -0.43
C ASP F 790 -64.78 20.93 0.58
N ALA F 791 -64.10 21.00 1.72
CA ALA F 791 -64.19 19.99 2.75
C ALA F 791 -65.59 19.92 3.34
N GLU F 792 -66.33 21.03 3.31
CA GLU F 792 -67.64 21.07 3.92
C GLU F 792 -68.69 20.61 2.92
N ALA F 793 -68.45 20.86 1.64
CA ALA F 793 -69.37 20.43 0.61
C ALA F 793 -69.39 18.91 0.50
N VAL F 794 -68.23 18.28 0.63
CA VAL F 794 -68.11 16.84 0.54
C VAL F 794 -69.08 16.18 1.53
N VAL F 795 -69.17 16.73 2.74
CA VAL F 795 -69.98 16.13 3.77
C VAL F 795 -71.45 16.42 3.53
N ARG F 796 -71.79 17.68 3.22
CA ARG F 796 -73.16 18.11 3.12
C ARG F 796 -73.88 17.40 1.99
N ASP F 797 -73.20 17.25 0.85
CA ASP F 797 -73.84 16.70 -0.33
C ASP F 797 -74.28 15.26 -0.11
N PHE F 798 -73.41 14.45 0.48
CA PHE F 798 -73.69 13.04 0.66
C PHE F 798 -74.82 12.84 1.66
N HIS F 799 -74.88 13.67 2.69
CA HIS F 799 -75.90 13.52 3.70
C HIS F 799 -77.26 13.89 3.15
N ASP F 800 -77.30 14.85 2.23
CA ASP F 800 -78.56 15.28 1.64
C ASP F 800 -79.11 14.17 0.76
N GLN F 801 -78.24 13.50 0.02
CA GLN F 801 -78.62 12.40 -0.85
C GLN F 801 -79.29 11.29 -0.06
N MET F 802 -78.71 10.94 1.09
CA MET F 802 -79.21 9.83 1.88
C MET F 802 -80.56 10.19 2.51
N GLU F 803 -80.71 11.43 2.95
CA GLU F 803 -81.93 11.87 3.59
C GLU F 803 -83.07 11.86 2.58
N SER F 804 -82.78 12.23 1.35
CA SER F 804 -83.77 12.26 0.28
C SER F 804 -84.38 10.89 0.04
N VAL F 805 -83.50 9.90 -0.15
CA VAL F 805 -83.91 8.55 -0.46
C VAL F 805 -84.72 7.97 0.70
N PHE F 806 -84.28 8.24 1.93
CA PHE F 806 -84.92 7.69 3.10
C PHE F 806 -86.36 8.15 3.20
N ASN F 807 -86.60 9.43 2.94
CA ASN F 807 -87.94 10.00 3.05
C ASN F 807 -88.85 9.38 2.00
N GLU F 808 -88.31 9.18 0.79
CA GLU F 808 -89.06 8.59 -0.30
C GLU F 808 -89.52 7.18 0.05
N VAL F 809 -88.69 6.45 0.80
CA VAL F 809 -88.95 5.06 1.13
C VAL F 809 -90.03 4.96 2.21
N LYS F 810 -90.16 5.99 3.04
CA LYS F 810 -91.11 5.98 4.15
C LYS F 810 -92.51 6.41 3.71
N GLU F 811 -92.62 7.07 2.56
CA GLU F 811 -93.92 7.51 2.05
C GLU F 811 -94.78 6.28 1.75
N GLY F 812 -94.21 5.32 1.01
CA GLY F 812 -94.87 4.05 0.75
C GLY F 812 -95.11 3.27 2.04
N GLY F 813 -96.33 2.76 2.20
CA GLY F 813 -96.72 2.04 3.41
C GLY F 813 -96.09 0.66 3.49
N LYS F 814 -96.04 0.10 4.71
CA LYS F 814 -95.45 -1.21 4.96
C LYS F 814 -96.51 -2.28 4.76
N LYS F 815 -96.14 -3.34 4.04
CA LYS F 815 -97.00 -4.50 3.83
C LYS F 815 -96.95 -5.39 5.07
N GLN F 816 -97.94 -6.29 5.19
CA GLN F 816 -98.00 -7.23 6.29
C GLN F 816 -97.49 -8.59 5.82
N ALA F 817 -97.10 -9.43 6.78
CA ALA F 817 -96.48 -10.72 6.50
C ALA F 817 -97.48 -11.67 5.86
N GLU F 818 -96.97 -12.57 5.01
CA GLU F 818 -97.78 -13.54 4.32
C GLU F 818 -97.00 -14.87 4.26
N ALA F 819 -97.73 -15.99 4.30
CA ALA F 819 -97.12 -17.30 4.37
C ALA F 819 -96.39 -17.63 3.07
N GLN F 820 -95.33 -18.45 3.18
CA GLN F 820 -94.52 -18.86 2.05
C GLN F 820 -94.98 -20.24 1.57
N THR F 821 -95.16 -20.37 0.25
CA THR F 821 -95.94 -21.46 -0.31
C THR F 821 -95.08 -22.69 -0.63
N GLY F 822 -93.88 -22.47 -1.16
CA GLY F 822 -92.97 -23.57 -1.50
C GLY F 822 -92.48 -23.46 -2.94
N ILE F 823 -91.51 -24.30 -3.31
CA ILE F 823 -90.86 -24.16 -4.62
C ILE F 823 -91.11 -25.39 -5.49
N THR F 824 -92.06 -26.25 -5.12
CA THR F 824 -92.24 -27.51 -5.82
C THR F 824 -92.64 -27.30 -7.27
N GLY F 825 -93.53 -26.32 -7.53
CA GLY F 825 -94.09 -26.14 -8.86
C GLY F 825 -93.52 -24.92 -9.59
N SER F 826 -92.36 -24.43 -9.17
CA SER F 826 -91.79 -23.22 -9.72
C SER F 826 -91.03 -23.49 -11.01
N GLN F 827 -90.70 -24.75 -11.28
CA GLN F 827 -90.05 -25.15 -12.53
C GLN F 827 -90.84 -26.28 -13.16
N LYS F 828 -90.81 -26.38 -14.50
CA LYS F 828 -91.64 -27.31 -15.24
C LYS F 828 -90.88 -28.61 -15.51
N LEU F 829 -91.64 -29.69 -15.73
CA LEU F 829 -91.10 -31.01 -16.03
C LEU F 829 -91.18 -31.27 -17.54
N PRO F 830 -90.17 -31.93 -18.14
CA PRO F 830 -90.14 -32.11 -19.59
C PRO F 830 -91.05 -33.22 -20.10
N HIS F 831 -92.32 -32.88 -20.34
CA HIS F 831 -93.30 -33.84 -20.77
C HIS F 831 -93.15 -34.09 -22.28
N GLY F 832 -92.96 -35.36 -22.64
CA GLY F 832 -92.94 -35.78 -24.02
C GLY F 832 -91.59 -35.56 -24.71
N LEU F 833 -90.50 -35.76 -23.98
CA LEU F 833 -89.16 -35.59 -24.54
C LEU F 833 -88.58 -36.97 -24.80
N GLU F 834 -87.96 -37.13 -25.98
CA GLU F 834 -87.40 -38.40 -26.39
C GLU F 834 -85.89 -38.32 -26.37
N THR F 835 -85.24 -39.35 -25.84
CA THR F 835 -83.83 -39.28 -25.51
C THR F 835 -83.02 -40.35 -26.24
N ASN F 836 -83.56 -40.91 -27.33
CA ASN F 836 -82.87 -41.94 -28.07
C ASN F 836 -82.04 -41.32 -29.18
N ILE F 837 -80.95 -41.98 -29.55
CA ILE F 837 -80.11 -41.53 -30.65
C ILE F 837 -80.35 -42.43 -31.85
N SER F 838 -79.83 -42.03 -33.02
CA SER F 838 -79.98 -42.78 -34.25
C SER F 838 -78.92 -43.86 -34.35
N ARG F 839 -79.12 -44.81 -35.27
CA ARG F 839 -78.23 -45.94 -35.42
C ARG F 839 -76.91 -45.49 -36.04
N GLU F 840 -76.97 -44.44 -36.85
CA GLU F 840 -75.78 -43.88 -37.46
C GLU F 840 -74.91 -43.23 -36.41
N GLU F 841 -75.53 -42.55 -35.44
CA GLU F 841 -74.82 -41.87 -34.37
C GLU F 841 -74.11 -42.87 -33.48
N LEU F 842 -74.73 -44.03 -33.25
CA LEU F 842 -74.18 -45.05 -32.37
C LEU F 842 -72.94 -45.67 -32.97
N LEU F 843 -72.94 -45.91 -34.29
CA LEU F 843 -71.82 -46.54 -34.95
C LEU F 843 -70.63 -45.60 -35.00
N GLU F 844 -70.89 -44.30 -35.14
CA GLU F 844 -69.83 -43.32 -35.22
C GLU F 844 -69.12 -43.21 -33.88
N LEU F 845 -69.89 -43.28 -32.78
CA LEU F 845 -69.31 -43.23 -31.44
C LEU F 845 -68.43 -44.45 -31.21
N GLY F 846 -68.87 -45.60 -31.71
CA GLY F 846 -68.11 -46.83 -31.60
C GLY F 846 -66.76 -46.75 -32.30
N GLN F 847 -66.74 -46.18 -33.51
CA GLN F 847 -65.54 -46.13 -34.31
C GLN F 847 -64.50 -45.18 -33.75
N ALA F 848 -64.90 -44.26 -32.90
CA ALA F 848 -63.96 -43.31 -32.33
C ALA F 848 -62.77 -44.01 -31.70
N PHE F 849 -62.98 -45.23 -31.23
CA PHE F 849 -61.96 -45.98 -30.52
C PHE F 849 -61.08 -46.79 -31.46
N ALA F 850 -61.35 -46.74 -32.77
CA ALA F 850 -60.52 -47.37 -33.78
C ALA F 850 -59.69 -46.35 -34.55
N ASN F 851 -60.05 -45.08 -34.51
CA ASN F 851 -59.36 -44.04 -35.24
C ASN F 851 -58.23 -43.50 -34.41
N THR F 852 -57.19 -44.32 -34.20
CA THR F 852 -56.06 -43.92 -33.40
C THR F 852 -55.18 -42.98 -34.20
N PRO F 853 -54.35 -42.12 -33.59
CA PRO F 853 -53.37 -41.35 -34.32
C PRO F 853 -52.35 -42.21 -35.04
N GLU F 854 -51.33 -41.58 -35.66
CA GLU F 854 -50.55 -42.21 -36.71
C GLU F 854 -49.70 -43.36 -36.19
N GLY F 855 -48.87 -43.14 -35.19
CA GLY F 855 -48.09 -44.24 -34.68
C GLY F 855 -48.38 -44.56 -33.22
N PHE F 856 -49.67 -44.59 -32.86
CA PHE F 856 -50.13 -44.84 -31.51
C PHE F 856 -50.52 -46.30 -31.38
N ASN F 857 -50.14 -46.94 -30.28
CA ASN F 857 -50.64 -48.26 -29.93
C ASN F 857 -51.08 -48.26 -28.48
N TYR F 858 -52.08 -49.10 -28.18
CA TYR F 858 -52.61 -49.24 -26.85
C TYR F 858 -51.73 -50.17 -26.04
N HIS F 859 -51.88 -50.13 -24.71
CA HIS F 859 -51.22 -51.03 -23.79
C HIS F 859 -51.90 -52.37 -23.92
N PRO F 860 -51.21 -53.50 -23.77
CA PRO F 860 -51.82 -54.80 -23.97
C PRO F 860 -53.02 -55.20 -23.14
N ARG F 861 -53.24 -54.52 -22.02
CA ARG F 861 -54.32 -54.83 -21.11
C ARG F 861 -55.49 -53.88 -21.33
N VAL F 862 -55.29 -52.85 -22.17
CA VAL F 862 -56.31 -51.86 -22.51
C VAL F 862 -56.86 -52.15 -23.90
N ALA F 863 -56.14 -52.90 -24.72
CA ALA F 863 -56.50 -53.11 -26.11
C ALA F 863 -57.75 -53.95 -26.24
N PRO F 864 -57.95 -55.01 -25.45
CA PRO F 864 -59.21 -55.74 -25.47
C PRO F 864 -60.47 -54.94 -25.16
N VAL F 865 -60.36 -53.90 -24.33
CA VAL F 865 -61.47 -53.05 -23.96
C VAL F 865 -61.87 -52.21 -25.16
N ALA F 866 -60.88 -51.70 -25.89
CA ALA F 866 -61.13 -50.91 -27.08
C ALA F 866 -61.80 -51.74 -28.16
N LYS F 867 -61.35 -52.98 -28.37
CA LYS F 867 -61.93 -53.79 -29.42
C LYS F 867 -63.40 -54.09 -29.10
N LYS F 868 -63.70 -54.30 -27.83
CA LYS F 868 -65.05 -54.68 -27.43
C LYS F 868 -65.99 -53.50 -27.63
N ARG F 869 -65.48 -52.28 -27.47
CA ARG F 869 -66.27 -51.08 -27.64
C ARG F 869 -66.67 -50.92 -29.11
N VAL F 870 -65.77 -51.28 -30.02
CA VAL F 870 -66.03 -51.13 -31.44
C VAL F 870 -67.01 -52.18 -31.94
N SER F 871 -66.99 -53.38 -31.37
CA SER F 871 -67.84 -54.46 -31.85
C SER F 871 -69.20 -54.48 -31.17
N SER F 872 -69.32 -53.86 -29.99
CA SER F 872 -70.50 -54.03 -29.15
C SER F 872 -71.67 -53.23 -29.70
N VAL F 873 -71.37 -52.17 -30.45
CA VAL F 873 -72.40 -51.28 -30.96
C VAL F 873 -73.10 -51.94 -32.13
N THR F 874 -72.76 -53.18 -32.47
CA THR F 874 -73.48 -53.91 -33.50
C THR F 874 -73.83 -55.32 -33.08
N GLU F 875 -73.16 -55.90 -32.08
CA GLU F 875 -73.37 -57.28 -31.68
C GLU F 875 -74.02 -57.41 -30.30
N GLY F 876 -73.86 -56.43 -29.41
CA GLY F 876 -74.50 -56.46 -28.11
C GLY F 876 -73.49 -56.48 -26.98
N GLY F 877 -74.00 -56.54 -25.76
CA GLY F 877 -73.17 -56.69 -24.58
C GLY F 877 -72.47 -55.40 -24.18
N ILE F 878 -73.23 -54.34 -24.01
CA ILE F 878 -72.67 -53.06 -23.60
C ILE F 878 -72.67 -52.99 -22.09
N ASP F 879 -71.53 -52.61 -21.49
CA ASP F 879 -71.37 -52.60 -20.05
C ASP F 879 -71.64 -51.21 -19.49
N TRP F 880 -71.45 -51.04 -18.19
CA TRP F 880 -71.84 -49.84 -17.49
C TRP F 880 -71.02 -48.64 -17.94
N ALA F 881 -69.70 -48.78 -17.96
CA ALA F 881 -68.84 -47.66 -18.25
C ALA F 881 -69.07 -47.14 -19.67
N TRP F 882 -69.36 -48.05 -20.60
CA TRP F 882 -69.53 -47.69 -21.99
C TRP F 882 -70.86 -46.98 -22.17
N GLY F 883 -71.85 -47.33 -21.37
CA GLY F 883 -73.12 -46.63 -21.37
C GLY F 883 -73.00 -45.17 -20.94
N GLU F 884 -72.20 -44.93 -19.89
CA GLU F 884 -71.98 -43.59 -19.39
C GLU F 884 -71.24 -42.75 -20.42
N LEU F 885 -70.20 -43.30 -21.05
CA LEU F 885 -69.40 -42.55 -22.01
C LEU F 885 -70.20 -42.28 -23.28
N LEU F 886 -71.09 -43.17 -23.67
CA LEU F 886 -71.94 -42.94 -24.82
C LEU F 886 -72.84 -41.74 -24.59
N ALA F 887 -73.30 -41.55 -23.36
CA ALA F 887 -74.14 -40.42 -23.01
C ALA F 887 -73.38 -39.11 -23.09
N PHE F 888 -72.21 -39.06 -22.48
CA PHE F 888 -71.46 -37.82 -22.46
C PHE F 888 -70.96 -37.48 -23.85
N GLY F 889 -70.60 -38.49 -24.63
CA GLY F 889 -70.12 -38.28 -25.99
C GLY F 889 -71.20 -37.72 -26.89
N SER F 890 -72.41 -38.27 -26.80
CA SER F 890 -73.49 -37.78 -27.62
C SER F 890 -73.77 -36.31 -27.33
N LEU F 891 -73.70 -35.91 -26.07
CA LEU F 891 -74.00 -34.54 -25.70
C LEU F 891 -72.90 -33.60 -26.17
N ALA F 892 -71.65 -34.06 -26.19
CA ALA F 892 -70.56 -33.23 -26.66
C ALA F 892 -70.62 -33.04 -28.17
N ASN F 893 -71.19 -34.01 -28.87
CA ASN F 893 -71.31 -33.92 -30.32
C ASN F 893 -72.29 -32.83 -30.70
N SER F 894 -73.35 -32.65 -29.92
CA SER F 894 -74.38 -31.68 -30.23
C SER F 894 -73.90 -30.25 -30.00
N GLY F 895 -72.85 -30.08 -29.22
CA GLY F 895 -72.19 -28.79 -29.16
C GLY F 895 -72.01 -28.26 -27.75
N ARG F 896 -71.92 -29.13 -26.74
CA ARG F 896 -71.88 -28.71 -25.37
C ARG F 896 -70.52 -28.97 -24.75
N LEU F 897 -70.22 -28.24 -23.68
CA LEU F 897 -69.01 -28.43 -22.90
C LEU F 897 -69.33 -29.38 -21.76
N VAL F 898 -68.68 -30.56 -21.78
CA VAL F 898 -68.87 -31.59 -20.79
C VAL F 898 -67.58 -31.71 -19.98
N ARG F 899 -67.70 -31.64 -18.65
CA ARG F 899 -66.58 -31.68 -17.72
C ARG F 899 -66.79 -32.77 -16.69
N LEU F 900 -65.80 -33.66 -16.51
CA LEU F 900 -65.82 -34.73 -15.55
C LEU F 900 -64.56 -34.67 -14.70
N ALA F 901 -64.71 -34.57 -13.37
CA ALA F 901 -63.60 -34.42 -12.46
C ALA F 901 -63.79 -35.28 -11.21
N GLY F 902 -62.67 -35.75 -10.66
CA GLY F 902 -62.68 -36.65 -9.51
C GLY F 902 -61.33 -37.35 -9.33
N GLU F 903 -61.19 -38.14 -8.26
CA GLU F 903 -59.97 -38.86 -7.95
C GLU F 903 -59.83 -40.08 -8.85
N ASP F 904 -58.78 -40.09 -9.67
CA ASP F 904 -58.45 -41.20 -10.54
C ASP F 904 -59.57 -41.45 -11.52
N SER F 905 -60.07 -40.38 -12.14
CA SER F 905 -61.29 -40.47 -12.92
C SER F 905 -61.00 -40.64 -14.40
N ARG F 906 -59.74 -40.49 -14.81
CA ARG F 906 -59.36 -40.72 -16.20
C ARG F 906 -59.29 -42.22 -16.50
N ARG F 907 -58.71 -42.99 -15.59
CA ARG F 907 -58.64 -44.44 -15.72
C ARG F 907 -59.87 -45.09 -15.12
N GLY F 908 -60.28 -44.61 -13.94
CA GLY F 908 -61.32 -45.25 -13.16
C GLY F 908 -60.72 -45.96 -11.94
N THR F 909 -61.46 -45.96 -10.83
CA THR F 909 -61.00 -46.56 -9.60
C THR F 909 -60.99 -48.07 -9.74
N PHE F 910 -61.92 -48.60 -10.51
CA PHE F 910 -62.06 -50.03 -10.69
C PHE F 910 -61.56 -50.44 -12.07
N THR F 911 -60.74 -49.60 -12.70
CA THR F 911 -60.13 -49.87 -14.00
C THR F 911 -61.22 -50.18 -15.01
N GLN F 912 -62.16 -49.25 -15.21
CA GLN F 912 -63.32 -49.54 -16.03
C GLN F 912 -63.57 -48.49 -17.10
N ARG F 913 -62.96 -47.31 -17.04
CA ARG F 913 -63.41 -46.20 -17.86
C ARG F 913 -62.50 -46.02 -19.08
N HIS F 914 -61.23 -45.74 -18.86
CA HIS F 914 -60.29 -45.52 -19.93
C HIS F 914 -60.80 -44.46 -20.89
N ALA F 915 -60.91 -43.23 -20.40
CA ALA F 915 -61.35 -42.11 -21.21
C ALA F 915 -60.16 -41.45 -21.86
N VAL F 916 -59.00 -41.53 -21.22
CA VAL F 916 -57.74 -41.16 -21.85
C VAL F 916 -56.82 -42.37 -21.78
N ALA F 917 -56.16 -42.70 -22.89
CA ALA F 917 -55.26 -43.82 -22.98
C ALA F 917 -53.83 -43.35 -23.18
N ILE F 918 -52.86 -44.17 -22.77
CA ILE F 918 -51.45 -43.82 -22.85
C ILE F 918 -50.69 -44.91 -23.57
N ASP F 919 -49.74 -44.52 -24.44
CA ASP F 919 -48.92 -45.44 -25.20
C ASP F 919 -47.70 -45.85 -24.38
N PRO F 920 -47.43 -47.15 -24.18
CA PRO F 920 -46.33 -47.58 -23.36
C PRO F 920 -44.94 -47.21 -23.82
N ALA F 921 -44.79 -46.96 -25.13
CA ALA F 921 -43.49 -46.77 -25.73
C ALA F 921 -43.10 -45.31 -25.71
N THR F 922 -44.05 -44.40 -25.84
CA THR F 922 -43.72 -42.99 -26.00
C THR F 922 -44.37 -42.09 -24.96
N ALA F 923 -45.40 -42.57 -24.27
CA ALA F 923 -46.12 -41.83 -23.25
C ALA F 923 -47.02 -40.74 -23.84
N GLU F 924 -47.51 -40.95 -25.06
CA GLU F 924 -48.43 -40.03 -25.71
C GLU F 924 -49.84 -40.31 -25.20
N GLU F 925 -50.69 -39.28 -25.16
CA GLU F 925 -52.06 -39.39 -24.66
C GLU F 925 -53.05 -39.31 -25.81
N PHE F 926 -54.21 -39.94 -25.63
CA PHE F 926 -55.26 -39.95 -26.63
C PHE F 926 -56.62 -39.88 -25.94
N ASN F 927 -57.50 -38.97 -26.42
CA ASN F 927 -58.84 -38.77 -25.91
C ASN F 927 -59.83 -38.90 -27.05
N PRO F 928 -60.37 -40.09 -27.32
CA PRO F 928 -61.21 -40.31 -28.49
C PRO F 928 -62.44 -39.44 -28.67
N LEU F 929 -63.22 -39.27 -27.61
CA LEU F 929 -64.50 -38.62 -27.70
C LEU F 929 -64.33 -37.12 -27.85
N HIS F 930 -63.21 -36.55 -27.42
CA HIS F 930 -62.96 -35.14 -27.64
C HIS F 930 -62.62 -34.87 -29.09
N GLU F 931 -61.88 -35.79 -29.70
CA GLU F 931 -61.49 -35.67 -31.10
C GLU F 931 -62.74 -35.71 -31.96
N LEU F 932 -63.64 -36.65 -31.70
CA LEU F 932 -64.83 -36.79 -32.50
C LEU F 932 -65.68 -35.54 -32.39
N ALA F 933 -65.74 -34.95 -31.20
CA ALA F 933 -66.61 -33.81 -30.98
C ALA F 933 -66.10 -32.60 -31.72
N GLN F 934 -64.78 -32.43 -31.77
CA GLN F 934 -64.20 -31.29 -32.42
C GLN F 934 -64.24 -31.40 -33.93
N SER F 935 -64.55 -32.59 -34.46
CA SER F 935 -64.61 -32.80 -35.88
C SER F 935 -66.03 -32.82 -36.41
N LYS F 936 -66.96 -32.14 -35.74
CA LYS F 936 -68.34 -32.12 -36.18
C LYS F 936 -68.85 -30.69 -36.33
N GLY F 937 -68.04 -29.71 -35.95
CA GLY F 937 -68.29 -28.34 -36.34
C GLY F 937 -69.33 -27.64 -35.48
N ASN F 938 -69.59 -28.16 -34.28
CA ASN F 938 -70.43 -27.46 -33.32
C ASN F 938 -69.62 -26.96 -32.13
N ASN F 939 -68.32 -27.17 -32.15
CA ASN F 939 -67.40 -26.70 -31.13
C ASN F 939 -67.72 -27.30 -29.77
N GLY F 940 -67.88 -28.62 -29.71
CA GLY F 940 -68.12 -29.32 -28.46
C GLY F 940 -66.82 -29.79 -27.86
N LYS F 941 -66.85 -30.10 -26.56
CA LYS F 941 -65.66 -30.45 -25.80
C LYS F 941 -65.99 -31.55 -24.80
N PHE F 942 -65.06 -32.48 -24.58
CA PHE F 942 -65.10 -33.46 -23.51
C PHE F 942 -63.81 -33.39 -22.72
N LEU F 943 -63.86 -32.82 -21.51
CA LEU F 943 -62.71 -32.54 -20.67
C LEU F 943 -62.73 -33.42 -19.43
N VAL F 944 -61.69 -34.22 -19.19
CA VAL F 944 -61.60 -35.11 -18.06
C VAL F 944 -60.35 -34.79 -17.26
N TYR F 945 -60.47 -34.64 -15.94
CA TYR F 945 -59.39 -34.21 -15.08
C TYR F 945 -59.30 -35.11 -13.86
N ASN F 946 -58.06 -35.34 -13.38
CA ASN F 946 -57.77 -36.02 -12.14
C ASN F 946 -57.55 -34.98 -11.04
N SER F 947 -58.39 -35.01 -10.01
CA SER F 947 -58.36 -34.01 -8.95
C SER F 947 -57.25 -34.31 -7.95
N ALA F 948 -56.98 -33.34 -7.08
CA ALA F 948 -56.16 -33.55 -5.91
C ALA F 948 -56.97 -34.30 -4.86
N LEU F 949 -56.33 -34.68 -3.76
CA LEU F 949 -56.98 -35.52 -2.77
C LEU F 949 -57.73 -34.63 -1.79
N THR F 950 -58.93 -34.19 -2.20
CA THR F 950 -59.79 -33.33 -1.41
C THR F 950 -61.24 -33.59 -1.79
N GLU F 951 -62.14 -33.55 -0.82
CA GLU F 951 -63.56 -33.73 -1.09
C GLU F 951 -64.30 -32.40 -0.91
N TYR F 952 -63.84 -31.55 0.00
CA TYR F 952 -64.49 -30.31 0.32
C TYR F 952 -64.21 -29.31 -0.80
N ALA F 953 -62.95 -29.18 -1.21
CA ALA F 953 -62.58 -28.24 -2.24
C ALA F 953 -62.96 -28.75 -3.63
N GLY F 954 -62.93 -30.07 -3.83
CA GLY F 954 -63.33 -30.66 -5.08
C GLY F 954 -64.78 -30.42 -5.42
N MET F 955 -65.69 -30.79 -4.53
CA MET F 955 -67.10 -30.70 -4.81
C MET F 955 -67.51 -29.24 -4.87
N GLY F 956 -66.87 -28.39 -4.07
CA GLY F 956 -67.17 -26.98 -4.07
C GLY F 956 -66.83 -26.32 -5.40
N PHE F 957 -65.73 -26.75 -6.01
CA PHE F 957 -65.29 -26.20 -7.27
C PHE F 957 -66.25 -26.56 -8.38
N GLU F 958 -66.81 -27.76 -8.34
CA GLU F 958 -67.72 -28.19 -9.39
C GLU F 958 -69.07 -27.51 -9.25
N TYR F 959 -69.54 -27.28 -8.02
CA TYR F 959 -70.77 -26.55 -7.82
C TYR F 959 -70.63 -25.16 -8.40
N GLY F 960 -69.49 -24.54 -8.18
CA GLY F 960 -69.24 -23.21 -8.68
C GLY F 960 -69.24 -23.15 -10.20
N TYR F 961 -68.73 -24.21 -10.83
CA TYR F 961 -68.62 -24.26 -12.28
C TYR F 961 -70.01 -24.30 -12.87
N SER F 962 -70.93 -24.96 -12.20
CA SER F 962 -72.29 -25.09 -12.68
C SER F 962 -73.06 -23.77 -12.58
N VAL F 963 -72.67 -22.91 -11.65
CA VAL F 963 -73.33 -21.64 -11.44
C VAL F 963 -72.78 -20.61 -12.42
N GLY F 964 -71.50 -20.72 -12.74
CA GLY F 964 -70.85 -19.77 -13.63
C GLY F 964 -71.15 -19.99 -15.11
N ASN F 965 -71.57 -21.20 -15.49
CA ASN F 965 -71.98 -21.48 -16.85
C ASN F 965 -73.17 -22.41 -16.84
N GLU F 966 -74.36 -21.87 -17.10
CA GLU F 966 -75.60 -22.59 -16.92
C GLU F 966 -75.80 -23.63 -18.02
N ASP F 967 -75.01 -23.57 -19.10
CA ASP F 967 -75.24 -24.39 -20.27
C ASP F 967 -74.23 -25.53 -20.37
N SER F 968 -73.42 -25.74 -19.34
CA SER F 968 -72.43 -26.81 -19.33
C SER F 968 -72.97 -28.02 -18.57
N ILE F 969 -72.39 -29.20 -18.85
CA ILE F 969 -72.71 -30.42 -18.13
C ILE F 969 -71.53 -30.79 -17.26
N VAL F 970 -71.70 -30.76 -15.93
CA VAL F 970 -70.63 -30.95 -14.96
C VAL F 970 -70.96 -32.12 -14.06
N ALA F 971 -69.95 -32.97 -13.78
CA ALA F 971 -70.11 -34.14 -12.93
C ALA F 971 -68.90 -34.30 -12.03
N TRP F 972 -69.14 -34.52 -10.73
CA TRP F 972 -68.11 -34.82 -9.75
C TRP F 972 -68.26 -36.26 -9.29
N GLU F 973 -67.14 -36.98 -9.23
CA GLU F 973 -67.11 -38.38 -8.87
C GLU F 973 -66.31 -38.58 -7.60
N ALA F 974 -66.78 -39.48 -6.74
CA ALA F 974 -66.11 -39.85 -5.51
C ALA F 974 -65.49 -41.23 -5.66
N GLN F 975 -64.33 -41.44 -5.04
CA GLN F 975 -63.62 -42.69 -5.16
C GLN F 975 -64.47 -43.81 -4.58
N PHE F 976 -64.99 -43.59 -3.38
CA PHE F 976 -66.09 -44.36 -2.84
C PHE F 976 -67.08 -43.36 -2.25
N GLY F 977 -68.36 -43.74 -2.20
CA GLY F 977 -69.39 -42.84 -1.74
C GLY F 977 -69.33 -42.57 -0.24
N ASP F 978 -68.43 -43.26 0.45
CA ASP F 978 -68.30 -43.18 1.90
C ASP F 978 -67.41 -42.01 2.29
N PHE F 979 -66.78 -41.36 1.33
CA PHE F 979 -65.89 -40.27 1.62
C PHE F 979 -66.54 -38.93 1.33
N ALA F 980 -67.84 -38.92 1.04
CA ALA F 980 -68.55 -37.69 0.71
C ALA F 980 -68.94 -36.92 1.96
N ASN F 981 -68.83 -37.53 3.14
CA ASN F 981 -69.10 -36.83 4.38
C ASN F 981 -68.01 -35.82 4.71
N GLY F 982 -66.93 -35.84 3.97
CA GLY F 982 -65.91 -34.81 4.09
C GLY F 982 -66.31 -33.52 3.40
N ALA F 983 -67.40 -33.55 2.65
CA ALA F 983 -67.92 -32.38 1.96
C ALA F 983 -69.34 -32.07 2.40
N GLN F 984 -69.64 -32.32 3.67
CA GLN F 984 -71.00 -32.23 4.15
C GLN F 984 -71.49 -30.79 4.14
N THR F 985 -70.60 -29.85 4.43
CA THR F 985 -70.92 -28.43 4.42
C THR F 985 -71.51 -28.04 3.07
N ILE F 986 -70.84 -28.43 1.97
CA ILE F 986 -71.29 -28.09 0.63
C ILE F 986 -72.63 -28.73 0.33
N ILE F 987 -72.83 -29.98 0.73
CA ILE F 987 -74.08 -30.66 0.46
C ILE F 987 -75.23 -29.97 1.19
N ASP F 988 -75.01 -29.51 2.41
CA ASP F 988 -76.08 -29.00 3.25
C ASP F 988 -76.36 -27.52 2.98
N GLU F 989 -75.34 -26.75 2.63
CA GLU F 989 -75.46 -25.30 2.59
C GLU F 989 -75.65 -24.78 1.18
N TYR F 990 -75.25 -25.55 0.14
CA TYR F 990 -75.29 -25.08 -1.23
C TYR F 990 -76.16 -25.97 -2.11
N VAL F 991 -75.87 -27.27 -2.18
CA VAL F 991 -76.46 -28.15 -3.17
C VAL F 991 -77.92 -28.42 -2.84
N SER F 992 -78.21 -28.67 -1.57
CA SER F 992 -79.52 -29.13 -1.16
C SER F 992 -80.50 -27.97 -0.99
N SER F 993 -80.01 -26.74 -0.77
CA SER F 993 -80.85 -25.68 -0.23
C SER F 993 -80.60 -24.31 -0.84
N GLY F 994 -79.87 -24.22 -1.94
CA GLY F 994 -79.53 -22.92 -2.51
C GLY F 994 -80.70 -22.23 -3.22
N GLU F 995 -81.56 -23.02 -3.85
CA GLU F 995 -82.69 -22.47 -4.57
C GLU F 995 -83.70 -21.86 -3.62
N ALA F 996 -83.97 -22.52 -2.50
CA ALA F 996 -84.97 -22.05 -1.56
C ALA F 996 -84.50 -20.84 -0.77
N LYS F 997 -83.19 -20.65 -0.65
CA LYS F 997 -82.66 -19.55 0.15
C LYS F 997 -82.38 -18.32 -0.70
N TRP F 998 -81.75 -18.49 -1.86
CA TRP F 998 -81.29 -17.35 -2.64
C TRP F 998 -81.85 -17.33 -4.05
N GLY F 999 -82.53 -18.38 -4.50
CA GLY F 999 -82.98 -18.46 -5.88
C GLY F 999 -81.86 -18.78 -6.86
N GLN F 1000 -80.79 -19.43 -6.38
CA GLN F 1000 -79.64 -19.82 -7.18
C GLN F 1000 -79.81 -21.28 -7.58
N THR F 1001 -79.81 -21.55 -8.90
CA THR F 1001 -80.10 -22.88 -9.41
C THR F 1001 -78.83 -23.54 -9.95
N SER F 1002 -78.80 -24.87 -9.91
CA SER F 1002 -77.66 -25.66 -10.37
C SER F 1002 -78.12 -26.98 -10.96
N LYS F 1003 -77.30 -27.55 -11.86
CA LYS F 1003 -77.54 -28.86 -12.44
C LYS F 1003 -76.31 -29.76 -12.30
N LEU F 1004 -75.71 -29.80 -11.12
CA LEU F 1004 -74.55 -30.62 -10.86
C LEU F 1004 -74.97 -32.08 -10.79
N ILE F 1005 -74.06 -32.98 -11.20
CA ILE F 1005 -74.29 -34.42 -11.12
C ILE F 1005 -73.27 -34.98 -10.12
N LEU F 1006 -73.76 -35.72 -9.13
CA LEU F 1006 -72.91 -36.44 -8.19
C LEU F 1006 -72.97 -37.93 -8.50
N LEU F 1007 -71.81 -38.54 -8.76
CA LEU F 1007 -71.67 -39.96 -9.01
C LEU F 1007 -71.00 -40.61 -7.79
N LEU F 1008 -71.77 -41.41 -7.03
CA LEU F 1008 -71.33 -41.94 -5.75
C LEU F 1008 -71.39 -43.46 -5.75
N PRO F 1009 -70.26 -44.20 -5.81
CA PRO F 1009 -70.27 -45.66 -5.73
C PRO F 1009 -70.83 -46.28 -4.46
N HIS F 1010 -71.60 -47.35 -4.60
CA HIS F 1010 -72.37 -47.91 -3.51
C HIS F 1010 -72.58 -49.40 -3.71
N GLY F 1011 -72.48 -50.19 -2.64
CA GLY F 1011 -72.80 -51.61 -2.71
C GLY F 1011 -72.18 -52.39 -1.56
N TYR F 1012 -72.91 -53.42 -1.10
CA TYR F 1012 -72.50 -54.25 0.01
C TYR F 1012 -71.90 -55.54 -0.52
N GLU F 1013 -70.57 -55.66 -0.44
CA GLU F 1013 -69.83 -56.74 -1.08
C GLU F 1013 -68.78 -57.39 -0.18
N GLY F 1014 -68.59 -56.90 1.05
CA GLY F 1014 -67.69 -57.53 1.99
C GLY F 1014 -66.33 -56.85 2.08
N GLN F 1015 -66.23 -55.57 1.77
CA GLN F 1015 -64.96 -54.89 1.81
C GLN F 1015 -64.82 -54.05 3.08
N GLY F 1016 -65.82 -54.07 3.96
CA GLY F 1016 -65.70 -53.44 5.25
C GLY F 1016 -66.56 -52.20 5.39
N PRO F 1017 -66.59 -51.55 6.57
CA PRO F 1017 -67.47 -50.43 6.82
C PRO F 1017 -67.19 -49.08 6.16
N ASP F 1018 -66.00 -48.88 5.60
CA ASP F 1018 -65.68 -47.63 4.94
C ASP F 1018 -65.57 -47.82 3.43
N HIS F 1019 -66.11 -48.92 2.91
CA HIS F 1019 -66.14 -49.18 1.49
C HIS F 1019 -67.43 -49.89 1.14
N SER F 1020 -68.57 -49.43 1.67
CA SER F 1020 -69.83 -50.14 1.49
C SER F 1020 -71.03 -49.23 1.24
N SER F 1021 -71.16 -48.06 1.88
CA SER F 1021 -72.39 -47.29 1.76
C SER F 1021 -72.15 -45.81 1.52
N ALA F 1022 -72.93 -45.24 0.62
CA ALA F 1022 -72.87 -43.82 0.30
C ALA F 1022 -73.92 -43.03 1.09
N ARG F 1023 -74.61 -43.70 2.01
CA ARG F 1023 -75.53 -43.07 2.95
C ARG F 1023 -76.74 -42.51 2.22
N ILE F 1024 -77.57 -43.42 1.69
CA ILE F 1024 -78.77 -43.07 0.95
C ILE F 1024 -79.75 -42.37 1.89
N GLU F 1025 -79.84 -42.84 3.14
CA GLU F 1025 -80.80 -42.33 4.11
C GLU F 1025 -80.58 -40.84 4.37
N ARG F 1026 -79.32 -40.40 4.36
CA ARG F 1026 -79.00 -39.01 4.64
C ARG F 1026 -79.50 -38.12 3.51
N PHE F 1027 -79.32 -38.55 2.26
CA PHE F 1027 -79.74 -37.78 1.11
C PHE F 1027 -81.25 -37.70 1.03
N LEU F 1028 -81.94 -38.76 1.41
CA LEU F 1028 -83.39 -38.75 1.34
C LEU F 1028 -84.00 -37.91 2.46
N GLN F 1029 -83.27 -37.63 3.54
CA GLN F 1029 -83.73 -36.71 4.56
C GLN F 1029 -83.75 -35.28 4.01
N LEU F 1030 -82.69 -34.91 3.29
CA LEU F 1030 -82.53 -33.55 2.80
C LEU F 1030 -83.55 -33.21 1.71
N CYS F 1031 -84.24 -34.19 1.15
CA CYS F 1031 -85.16 -33.95 0.05
C CYS F 1031 -86.54 -33.52 0.54
N ALA F 1032 -87.03 -32.42 -0.02
CA ALA F 1032 -88.38 -31.94 0.18
C ALA F 1032 -88.66 -30.84 -0.83
N GLU F 1033 -89.93 -30.69 -1.22
CA GLU F 1033 -90.37 -29.69 -2.18
C GLU F 1033 -89.78 -29.95 -3.57
N GLY F 1034 -89.45 -31.20 -3.86
CA GLY F 1034 -88.82 -31.53 -5.13
C GLY F 1034 -87.49 -30.82 -5.36
N SER F 1035 -86.60 -30.86 -4.38
CA SER F 1035 -85.38 -30.07 -4.43
C SER F 1035 -84.34 -30.69 -5.34
N MET F 1036 -84.20 -32.02 -5.31
CA MET F 1036 -83.28 -32.71 -6.21
C MET F 1036 -83.76 -34.12 -6.51
N THR F 1037 -83.14 -34.74 -7.53
CA THR F 1037 -83.49 -36.06 -8.04
C THR F 1037 -82.47 -37.11 -7.55
N VAL F 1038 -82.97 -38.23 -7.02
CA VAL F 1038 -82.14 -39.30 -6.48
C VAL F 1038 -82.51 -40.62 -7.15
N ALA F 1039 -81.50 -41.36 -7.65
CA ALA F 1039 -81.73 -42.54 -8.47
C ALA F 1039 -80.66 -43.61 -8.24
N GLN F 1040 -81.02 -44.87 -8.53
CA GLN F 1040 -80.12 -46.01 -8.44
C GLN F 1040 -80.46 -47.00 -9.55
N PRO F 1041 -79.98 -46.78 -10.80
CA PRO F 1041 -80.37 -47.63 -11.91
C PRO F 1041 -79.68 -48.99 -11.97
N SER F 1042 -80.26 -49.91 -12.75
CA SER F 1042 -79.83 -51.30 -12.76
C SER F 1042 -79.37 -51.79 -14.13
N THR F 1043 -79.39 -50.95 -15.17
CA THR F 1043 -78.94 -51.35 -16.50
C THR F 1043 -78.25 -50.18 -17.16
N PRO F 1044 -77.18 -50.40 -17.95
CA PRO F 1044 -76.49 -49.31 -18.63
C PRO F 1044 -77.34 -48.39 -19.50
N ALA F 1045 -78.34 -48.94 -20.17
CA ALA F 1045 -79.21 -48.17 -21.02
C ALA F 1045 -80.04 -47.19 -20.20
N ASN F 1046 -80.44 -47.59 -18.99
CA ASN F 1046 -81.29 -46.77 -18.16
C ASN F 1046 -80.46 -45.64 -17.56
N HIS F 1047 -79.17 -45.84 -17.36
CA HIS F 1047 -78.29 -44.81 -16.89
C HIS F 1047 -78.10 -43.77 -17.99
N PHE F 1048 -78.04 -44.24 -19.25
CA PHE F 1048 -77.87 -43.40 -20.40
C PHE F 1048 -79.05 -42.45 -20.55
N HIS F 1049 -80.24 -42.98 -20.41
CA HIS F 1049 -81.44 -42.21 -20.61
C HIS F 1049 -81.65 -41.19 -19.50
N LEU F 1050 -81.24 -41.52 -18.27
CA LEU F 1050 -81.36 -40.63 -17.13
C LEU F 1050 -80.47 -39.41 -17.32
N LEU F 1051 -79.23 -39.62 -17.74
CA LEU F 1051 -78.30 -38.53 -17.92
C LEU F 1051 -78.76 -37.61 -19.04
N ARG F 1052 -79.34 -38.16 -20.11
CA ARG F 1052 -79.72 -37.37 -21.27
C ARG F 1052 -80.98 -36.58 -20.97
N ARG F 1053 -81.89 -37.11 -20.18
CA ARG F 1053 -83.10 -36.39 -19.82
C ARG F 1053 -82.76 -35.16 -18.99
N HIS F 1054 -81.78 -35.30 -18.10
CA HIS F 1054 -81.34 -34.22 -17.25
C HIS F 1054 -80.73 -33.11 -18.08
N ALA F 1055 -79.93 -33.45 -19.08
CA ALA F 1055 -79.17 -32.48 -19.83
C ALA F 1055 -80.03 -31.73 -20.83
N LEU F 1056 -81.08 -32.35 -21.34
CA LEU F 1056 -81.87 -31.76 -22.40
C LEU F 1056 -83.15 -31.10 -21.89
N SER F 1057 -83.43 -31.17 -20.58
CA SER F 1057 -84.62 -30.58 -20.04
C SER F 1057 -84.37 -29.13 -19.63
N ASP F 1058 -85.39 -28.49 -19.04
CA ASP F 1058 -85.28 -27.14 -18.55
C ASP F 1058 -85.59 -27.11 -17.05
N LEU F 1059 -85.30 -28.22 -16.35
CA LEU F 1059 -85.46 -28.33 -14.92
C LEU F 1059 -84.09 -28.22 -14.27
N LYS F 1060 -83.81 -27.06 -13.68
CA LYS F 1060 -82.48 -26.74 -13.22
C LYS F 1060 -82.33 -27.11 -11.74
N ARG F 1061 -82.21 -28.41 -11.47
CA ARG F 1061 -82.03 -28.94 -10.13
C ARG F 1061 -81.01 -30.06 -10.18
N PRO F 1062 -80.26 -30.33 -9.10
CA PRO F 1062 -79.23 -31.37 -9.10
C PRO F 1062 -79.70 -32.82 -9.21
N LEU F 1063 -78.76 -33.71 -9.55
CA LEU F 1063 -79.01 -35.12 -9.77
C LEU F 1063 -77.96 -35.95 -9.02
N VAL F 1064 -78.43 -36.87 -8.17
CA VAL F 1064 -77.58 -37.73 -7.36
C VAL F 1064 -77.81 -39.17 -7.79
N ILE F 1065 -76.75 -39.85 -8.28
CA ILE F 1065 -76.83 -41.21 -8.78
C ILE F 1065 -75.94 -42.10 -7.91
N PHE F 1066 -76.42 -43.31 -7.63
CA PHE F 1066 -75.70 -44.30 -6.86
C PHE F 1066 -75.22 -45.40 -7.80
N THR F 1067 -73.90 -45.45 -8.05
CA THR F 1067 -73.30 -46.22 -9.12
C THR F 1067 -72.74 -47.52 -8.57
N PRO F 1068 -72.61 -48.60 -9.38
CA PRO F 1068 -72.12 -49.87 -8.90
C PRO F 1068 -70.62 -50.12 -8.89
N LYS F 1069 -70.20 -51.24 -8.27
CA LYS F 1069 -68.81 -51.61 -8.12
C LYS F 1069 -68.54 -53.00 -8.70
N SER F 1070 -69.43 -53.96 -8.42
CA SER F 1070 -69.27 -55.33 -8.88
C SER F 1070 -70.13 -55.60 -10.10
N MET F 1071 -71.22 -54.85 -10.25
CA MET F 1071 -72.14 -54.99 -11.35
C MET F 1071 -71.53 -54.43 -12.62
N LEU F 1072 -70.42 -53.70 -12.49
CA LEU F 1072 -69.69 -53.19 -13.63
C LEU F 1072 -69.33 -54.29 -14.62
N ARG F 1073 -69.10 -55.51 -14.12
CA ARG F 1073 -68.62 -56.60 -14.96
C ARG F 1073 -69.52 -57.82 -14.87
N ASN F 1074 -70.81 -57.62 -14.61
CA ASN F 1074 -71.77 -58.70 -14.55
C ASN F 1074 -72.43 -58.83 -15.91
N LYS F 1075 -72.51 -60.05 -16.44
CA LYS F 1075 -72.91 -60.24 -17.82
C LYS F 1075 -74.41 -60.34 -17.94
N ALA F 1076 -75.13 -60.43 -16.83
CA ALA F 1076 -76.57 -60.43 -16.85
C ALA F 1076 -77.12 -59.01 -16.89
N ALA F 1077 -76.25 -58.02 -16.72
CA ALA F 1077 -76.67 -56.64 -16.64
C ALA F 1077 -76.36 -55.87 -17.91
N ALA F 1078 -75.78 -56.51 -18.92
CA ALA F 1078 -75.39 -55.81 -20.14
C ALA F 1078 -76.61 -55.50 -20.99
N SER F 1079 -76.45 -54.57 -21.95
CA SER F 1079 -77.54 -54.02 -22.74
C SER F 1079 -77.32 -54.23 -24.24
N ALA F 1080 -78.41 -54.28 -25.00
CA ALA F 1080 -78.39 -54.46 -26.44
C ALA F 1080 -78.51 -53.11 -27.13
N PRO F 1081 -78.09 -52.97 -28.40
CA PRO F 1081 -78.17 -51.69 -29.11
C PRO F 1081 -79.56 -51.09 -29.30
N GLU F 1082 -80.58 -51.93 -29.38
CA GLU F 1082 -81.93 -51.48 -29.55
C GLU F 1082 -82.39 -50.66 -28.35
N ASP F 1083 -81.75 -50.88 -27.18
CA ASP F 1083 -82.14 -50.18 -25.97
C ASP F 1083 -81.66 -48.73 -25.98
N PHE F 1084 -80.71 -48.40 -26.85
CA PHE F 1084 -80.23 -47.04 -26.98
C PHE F 1084 -80.88 -46.31 -28.16
N THR F 1085 -81.52 -47.03 -29.09
CA THR F 1085 -81.96 -46.45 -30.34
C THR F 1085 -83.44 -46.66 -30.64
N GLU F 1086 -84.12 -47.58 -29.97
CA GLU F 1086 -85.54 -47.79 -30.22
C GLU F 1086 -86.40 -47.51 -28.98
N VAL F 1087 -85.85 -47.68 -27.77
CA VAL F 1087 -86.53 -47.29 -26.54
C VAL F 1087 -86.33 -45.80 -26.36
N THR F 1088 -87.42 -45.06 -26.09
CA THR F 1088 -87.45 -43.62 -26.24
C THR F 1088 -87.20 -42.88 -24.92
N LYS F 1089 -87.57 -43.48 -23.78
CA LYS F 1089 -87.60 -42.76 -22.51
C LYS F 1089 -86.95 -43.57 -21.39
N PHE F 1090 -86.68 -42.89 -20.28
CA PHE F 1090 -86.18 -43.49 -19.04
C PHE F 1090 -87.32 -44.13 -18.28
N GLN F 1091 -87.06 -45.28 -17.67
CA GLN F 1091 -88.05 -46.01 -16.92
C GLN F 1091 -87.76 -45.86 -15.43
N SER F 1092 -88.81 -45.57 -14.66
CA SER F 1092 -88.69 -45.34 -13.23
C SER F 1092 -89.03 -46.60 -12.45
N VAL F 1093 -89.86 -47.46 -13.03
CA VAL F 1093 -90.18 -48.75 -12.47
C VAL F 1093 -90.08 -49.78 -13.59
N ILE F 1094 -89.36 -50.88 -13.34
CA ILE F 1094 -89.22 -51.97 -14.29
C ILE F 1094 -89.90 -53.20 -13.72
N ASN F 1095 -90.93 -53.68 -14.40
CA ASN F 1095 -91.72 -54.81 -13.97
C ASN F 1095 -90.98 -56.10 -14.31
N ASP F 1096 -91.41 -57.22 -13.73
CA ASP F 1096 -90.67 -58.47 -13.82
C ASP F 1096 -90.78 -59.02 -15.23
N PRO F 1097 -89.65 -59.32 -15.91
CA PRO F 1097 -89.69 -59.90 -17.25
C PRO F 1097 -89.78 -61.42 -17.35
N ASN F 1098 -89.93 -62.12 -16.23
CA ASN F 1098 -90.00 -63.57 -16.26
C ASN F 1098 -91.24 -64.04 -15.50
N VAL F 1099 -92.41 -63.51 -15.85
CA VAL F 1099 -93.66 -63.97 -15.28
C VAL F 1099 -94.46 -64.67 -16.36
N ALA F 1100 -94.69 -65.97 -16.16
CA ALA F 1100 -95.42 -66.79 -17.12
C ALA F 1100 -96.89 -66.41 -17.11
N ASP F 1101 -97.51 -66.48 -15.93
CA ASP F 1101 -98.91 -66.17 -15.76
C ASP F 1101 -99.08 -65.27 -14.54
N ALA F 1102 -99.83 -64.17 -14.73
CA ALA F 1102 -99.90 -63.13 -13.73
C ALA F 1102 -101.00 -63.41 -12.72
N ALA F 1103 -101.85 -64.40 -13.00
CA ALA F 1103 -102.97 -64.72 -12.13
C ALA F 1103 -102.58 -65.72 -11.05
N LYS F 1104 -101.31 -66.16 -11.06
CA LYS F 1104 -100.83 -67.14 -10.11
C LYS F 1104 -99.83 -66.52 -9.14
N VAL F 1105 -99.65 -65.20 -9.18
CA VAL F 1105 -98.72 -64.52 -8.29
C VAL F 1105 -99.43 -64.24 -6.97
N LYS F 1106 -98.71 -64.45 -5.85
CA LYS F 1106 -99.25 -64.22 -4.52
C LYS F 1106 -98.28 -63.46 -3.62
N LYS F 1107 -97.10 -63.09 -4.12
CA LYS F 1107 -96.18 -62.23 -3.40
C LYS F 1107 -95.47 -61.31 -4.38
N VAL F 1108 -95.37 -60.02 -4.01
CA VAL F 1108 -94.62 -59.05 -4.78
C VAL F 1108 -93.45 -58.55 -3.95
N MET F 1109 -92.25 -58.54 -4.53
CA MET F 1109 -91.07 -58.02 -3.89
C MET F 1109 -90.67 -56.71 -4.55
N LEU F 1110 -90.36 -55.68 -3.76
CA LEU F 1110 -89.83 -54.42 -4.26
C LEU F 1110 -88.36 -54.35 -3.89
N VAL F 1111 -87.51 -53.96 -4.85
CA VAL F 1111 -86.07 -53.95 -4.66
C VAL F 1111 -85.49 -52.75 -5.41
N SER F 1112 -84.28 -52.33 -5.06
CA SER F 1112 -83.56 -51.31 -5.79
C SER F 1112 -82.08 -51.66 -5.83
N GLY F 1113 -81.48 -51.66 -7.03
CA GLY F 1113 -80.05 -51.81 -7.18
C GLY F 1113 -79.64 -53.23 -7.57
N LYS F 1114 -78.49 -53.68 -7.05
CA LYS F 1114 -77.83 -54.87 -7.52
C LYS F 1114 -78.36 -56.15 -6.88
N LEU F 1115 -79.20 -56.05 -5.86
CA LEU F 1115 -79.70 -57.24 -5.21
C LEU F 1115 -80.75 -57.90 -6.08
N TYR F 1116 -81.16 -57.25 -7.16
CA TYR F 1116 -82.13 -57.83 -8.07
C TYR F 1116 -81.57 -59.12 -8.64
N TYR F 1117 -80.31 -59.10 -9.03
CA TYR F 1117 -79.74 -60.15 -9.84
C TYR F 1117 -79.53 -61.42 -9.01
N GLU F 1118 -79.57 -61.31 -7.68
CA GLU F 1118 -79.46 -62.46 -6.81
C GLU F 1118 -80.82 -63.09 -6.60
N LEU F 1119 -81.83 -62.25 -6.39
CA LEU F 1119 -83.17 -62.73 -6.17
C LEU F 1119 -83.68 -63.42 -7.43
N ALA F 1120 -83.36 -62.85 -8.59
CA ALA F 1120 -83.79 -63.40 -9.87
C ALA F 1120 -83.19 -64.77 -10.11
N LYS F 1121 -81.91 -64.91 -9.77
CA LYS F 1121 -81.15 -66.13 -9.89
C LYS F 1121 -81.85 -67.24 -9.11
N ARG F 1122 -82.23 -66.94 -7.88
CA ARG F 1122 -82.79 -67.92 -6.96
C ARG F 1122 -84.18 -68.31 -7.42
N LYS F 1123 -84.92 -67.37 -7.98
CA LYS F 1123 -86.28 -67.61 -8.43
C LYS F 1123 -86.28 -68.62 -9.57
N GLU F 1124 -85.28 -68.52 -10.44
CA GLU F 1124 -85.14 -69.40 -11.59
C GLU F 1124 -84.76 -70.80 -11.12
N LYS F 1125 -83.88 -70.89 -10.14
CA LYS F 1125 -83.35 -72.15 -9.65
C LYS F 1125 -84.43 -72.96 -8.97
N ASP F 1126 -85.28 -72.31 -8.18
CA ASP F 1126 -86.25 -73.01 -7.37
C ASP F 1126 -87.60 -73.12 -8.08
N GLY F 1127 -87.73 -72.45 -9.22
CA GLY F 1127 -88.94 -72.57 -10.03
C GLY F 1127 -90.17 -72.01 -9.33
N ARG F 1128 -90.07 -70.77 -8.84
CA ARG F 1128 -91.17 -70.14 -8.14
C ARG F 1128 -91.97 -69.29 -9.13
N ASP F 1129 -93.27 -69.61 -9.26
CA ASP F 1129 -94.15 -68.91 -10.17
C ASP F 1129 -95.18 -68.11 -9.39
N ASP F 1130 -95.02 -68.04 -8.07
CA ASP F 1130 -95.93 -67.31 -7.21
C ASP F 1130 -95.27 -66.02 -6.72
N ILE F 1131 -94.10 -65.67 -7.28
CA ILE F 1131 -93.39 -64.47 -6.88
C ILE F 1131 -93.18 -63.59 -8.11
N ALA F 1132 -93.17 -62.27 -7.89
CA ALA F 1132 -92.81 -61.29 -8.90
C ALA F 1132 -91.90 -60.21 -8.33
N ILE F 1133 -90.74 -59.97 -8.95
CA ILE F 1133 -89.78 -58.99 -8.47
C ILE F 1133 -89.91 -57.72 -9.29
N VAL F 1134 -90.12 -56.57 -8.61
CA VAL F 1134 -90.32 -55.26 -9.24
C VAL F 1134 -89.25 -54.28 -8.77
N ARG F 1135 -88.63 -53.56 -9.69
CA ARG F 1135 -87.50 -52.69 -9.41
C ARG F 1135 -87.93 -51.24 -9.35
N ILE F 1136 -87.28 -50.45 -8.48
CA ILE F 1136 -87.49 -49.02 -8.37
C ILE F 1136 -86.19 -48.33 -8.68
N GLU F 1137 -86.16 -47.51 -9.74
CA GLU F 1137 -84.95 -46.95 -10.28
C GLU F 1137 -84.78 -45.51 -9.82
N MET F 1138 -85.89 -44.78 -9.70
CA MET F 1138 -85.89 -43.42 -9.20
C MET F 1138 -86.50 -43.42 -7.80
N LEU F 1139 -85.71 -42.98 -6.81
CA LEU F 1139 -86.09 -43.06 -5.41
C LEU F 1139 -86.85 -41.81 -4.99
N HIS F 1140 -86.34 -40.63 -5.39
CA HIS F 1140 -87.03 -39.37 -5.14
C HIS F 1140 -87.05 -38.53 -6.41
N PRO F 1141 -88.21 -38.02 -6.89
CA PRO F 1141 -89.52 -38.26 -6.32
C PRO F 1141 -90.04 -39.67 -6.41
N ILE F 1142 -91.09 -39.97 -5.64
CA ILE F 1142 -91.64 -41.31 -5.60
C ILE F 1142 -92.56 -41.47 -6.80
N PRO F 1143 -92.32 -42.46 -7.68
CA PRO F 1143 -93.22 -42.73 -8.78
C PRO F 1143 -94.37 -43.61 -8.35
N PHE F 1144 -95.36 -43.01 -7.69
CA PHE F 1144 -96.38 -43.78 -7.03
C PHE F 1144 -97.45 -44.23 -7.99
N ASN F 1145 -97.59 -43.56 -9.13
CA ASN F 1145 -98.54 -43.95 -10.15
C ASN F 1145 -98.11 -45.23 -10.83
N ARG F 1146 -96.80 -45.37 -11.07
CA ARG F 1146 -96.26 -46.54 -11.72
C ARG F 1146 -96.27 -47.74 -10.79
N ILE F 1147 -95.94 -47.52 -9.51
CA ILE F 1147 -95.94 -48.59 -8.53
C ILE F 1147 -97.36 -49.10 -8.38
N SER F 1148 -98.32 -48.19 -8.40
CA SER F 1148 -99.72 -48.57 -8.27
C SER F 1148 -100.15 -49.41 -9.46
N GLU F 1149 -99.71 -49.02 -10.65
CA GLU F 1149 -100.06 -49.69 -11.88
C GLU F 1149 -99.50 -51.10 -11.89
N ALA F 1150 -98.26 -51.25 -11.41
CA ALA F 1150 -97.59 -52.54 -11.38
C ALA F 1150 -98.29 -53.49 -10.41
N LEU F 1151 -98.62 -52.99 -9.22
CA LEU F 1151 -99.27 -53.79 -8.20
C LEU F 1151 -100.65 -54.22 -8.67
N ALA F 1152 -101.33 -53.37 -9.44
CA ALA F 1152 -102.67 -53.64 -9.90
C ALA F 1152 -102.68 -54.75 -10.96
N GLY F 1153 -101.54 -54.96 -11.61
CA GLY F 1153 -101.41 -56.00 -12.63
C GLY F 1153 -101.40 -57.42 -12.04
N TYR F 1154 -101.23 -57.53 -10.72
CA TYR F 1154 -101.30 -58.81 -10.04
C TYR F 1154 -102.48 -58.81 -9.08
N PRO F 1155 -103.69 -59.23 -9.52
CA PRO F 1155 -104.90 -59.08 -8.73
C PRO F 1155 -105.14 -60.05 -7.57
N ASN F 1156 -104.29 -61.07 -7.45
CA ASN F 1156 -104.45 -62.07 -6.40
C ASN F 1156 -103.30 -62.00 -5.40
N ALA F 1157 -102.60 -60.87 -5.34
CA ALA F 1157 -101.49 -60.70 -4.42
C ALA F 1157 -102.02 -60.47 -3.01
N GLU F 1158 -101.31 -61.02 -2.01
CA GLU F 1158 -101.71 -60.96 -0.62
C GLU F 1158 -100.66 -60.24 0.22
N GLU F 1159 -99.40 -60.25 -0.23
CA GLU F 1159 -98.31 -59.67 0.53
C GLU F 1159 -97.49 -58.74 -0.36
N VAL F 1160 -96.83 -57.76 0.25
CA VAL F 1160 -95.80 -56.97 -0.38
C VAL F 1160 -94.59 -56.95 0.55
N LEU F 1161 -93.42 -57.26 -0.01
CA LEU F 1161 -92.17 -57.30 0.72
C LEU F 1161 -91.25 -56.21 0.20
N PHE F 1162 -90.57 -55.50 1.10
CA PHE F 1162 -89.54 -54.55 0.71
C PHE F 1162 -88.21 -55.14 1.10
N VAL F 1163 -87.32 -55.37 0.12
CA VAL F 1163 -86.08 -56.09 0.34
C VAL F 1163 -84.90 -55.16 0.08
N GLN F 1164 -83.99 -55.05 1.05
CA GLN F 1164 -82.78 -54.29 0.87
C GLN F 1164 -81.61 -54.96 1.54
N ASP F 1165 -80.40 -54.58 1.14
CA ASP F 1165 -79.17 -55.11 1.69
C ASP F 1165 -78.73 -54.35 2.93
N GLU F 1166 -79.12 -53.07 3.05
CA GLU F 1166 -78.58 -52.23 4.10
C GLU F 1166 -79.25 -52.59 5.42
N PRO F 1167 -78.63 -52.25 6.57
CA PRO F 1167 -79.29 -52.37 7.87
C PRO F 1167 -80.61 -51.63 7.95
N ALA F 1168 -81.43 -51.96 8.94
CA ALA F 1168 -82.81 -51.51 8.99
C ALA F 1168 -82.94 -50.02 9.28
N ASN F 1169 -81.89 -49.38 9.78
CA ASN F 1169 -81.91 -47.97 10.07
C ASN F 1169 -81.18 -47.20 8.98
N GLN F 1170 -80.89 -47.86 7.85
CA GLN F 1170 -80.18 -47.26 6.75
C GLN F 1170 -80.86 -47.69 5.45
N GLY F 1171 -80.42 -47.14 4.32
CA GLY F 1171 -80.98 -47.48 3.02
C GLY F 1171 -82.28 -46.75 2.78
N PRO F 1172 -83.05 -47.09 1.72
CA PRO F 1172 -84.34 -46.48 1.46
C PRO F 1172 -85.59 -46.85 2.26
N TRP F 1173 -85.50 -47.75 3.23
CA TRP F 1173 -86.69 -48.24 3.92
C TRP F 1173 -87.32 -47.19 4.80
N PRO F 1174 -86.56 -46.45 5.64
CA PRO F 1174 -87.16 -45.42 6.49
C PRO F 1174 -88.02 -44.41 5.77
N PHE F 1175 -87.59 -44.00 4.57
CA PHE F 1175 -88.28 -43.00 3.77
C PHE F 1175 -89.57 -43.59 3.21
N TYR F 1176 -89.51 -44.84 2.74
CA TYR F 1176 -90.61 -45.44 2.02
C TYR F 1176 -91.70 -45.92 2.98
N GLN F 1177 -91.34 -46.36 4.18
CA GLN F 1177 -92.33 -46.85 5.12
C GLN F 1177 -93.19 -45.71 5.62
N GLU F 1178 -92.67 -44.48 5.60
CA GLU F 1178 -93.39 -43.31 6.04
C GLU F 1178 -94.34 -42.81 4.96
N HIS F 1179 -93.86 -42.76 3.71
CA HIS F 1179 -94.52 -42.00 2.67
C HIS F 1179 -95.40 -42.83 1.75
N LEU F 1180 -95.09 -44.10 1.54
CA LEU F 1180 -95.72 -44.84 0.45
C LEU F 1180 -97.13 -45.27 0.82
N PRO F 1181 -97.41 -45.72 2.06
CA PRO F 1181 -98.79 -46.06 2.44
C PRO F 1181 -99.83 -44.96 2.27
N GLU F 1182 -99.43 -43.70 2.43
CA GLU F 1182 -100.33 -42.57 2.26
C GLU F 1182 -100.68 -42.40 0.79
N LEU F 1183 -99.69 -42.57 -0.10
CA LEU F 1183 -99.84 -42.28 -1.51
C LEU F 1183 -100.57 -43.42 -2.22
N ILE F 1184 -100.50 -44.65 -1.70
CA ILE F 1184 -101.24 -45.77 -2.26
C ILE F 1184 -102.10 -46.38 -1.16
N PRO F 1185 -103.30 -45.85 -0.90
CA PRO F 1185 -104.14 -46.32 0.20
C PRO F 1185 -104.56 -47.79 0.22
N ASN F 1186 -104.70 -48.40 -0.96
CA ASN F 1186 -105.29 -49.73 -1.07
C ASN F 1186 -104.23 -50.83 -1.07
N MET F 1187 -102.97 -50.47 -0.84
CA MET F 1187 -101.87 -51.42 -0.88
C MET F 1187 -101.89 -52.24 0.42
N PRO F 1188 -101.57 -53.56 0.38
CA PRO F 1188 -101.39 -54.34 1.60
C PRO F 1188 -100.26 -53.81 2.47
N LYS F 1189 -100.23 -54.21 3.75
CA LYS F 1189 -99.19 -53.75 4.65
C LYS F 1189 -97.85 -54.30 4.19
N MET F 1190 -96.82 -53.44 4.21
CA MET F 1190 -95.50 -53.83 3.74
C MET F 1190 -94.78 -54.57 4.86
N ARG F 1191 -93.82 -55.42 4.48
CA ARG F 1191 -93.01 -56.18 5.41
C ARG F 1191 -91.55 -56.05 5.02
N ARG F 1192 -90.71 -55.66 5.97
CA ARG F 1192 -89.30 -55.41 5.71
C ARG F 1192 -88.56 -56.73 5.71
N VAL F 1193 -87.58 -56.86 4.81
CA VAL F 1193 -86.58 -57.91 4.86
C VAL F 1193 -85.22 -57.28 4.61
N SER F 1194 -84.36 -57.26 5.62
CA SER F 1194 -83.07 -56.60 5.54
C SER F 1194 -82.13 -57.14 6.59
N ARG F 1195 -80.94 -56.55 6.69
CA ARG F 1195 -80.03 -56.79 7.78
C ARG F 1195 -80.54 -56.07 9.03
N ARG F 1196 -80.09 -56.51 10.23
CA ARG F 1196 -80.47 -55.90 11.49
C ARG F 1196 -79.84 -54.52 11.61
N ALA F 1197 -80.41 -53.69 12.51
CA ALA F 1197 -79.92 -52.33 12.72
C ALA F 1197 -78.56 -52.34 13.39
N GLN F 1198 -77.69 -51.41 13.00
CA GLN F 1198 -76.31 -51.41 13.42
C GLN F 1198 -75.82 -49.99 13.66
N SER F 1199 -74.81 -49.86 14.50
CA SER F 1199 -74.18 -48.59 14.79
C SER F 1199 -73.19 -48.22 13.70
N SER F 1200 -72.51 -49.23 13.14
CA SER F 1200 -71.65 -49.02 11.99
C SER F 1200 -72.40 -49.39 10.71
N THR F 1201 -71.72 -49.22 9.58
CA THR F 1201 -72.31 -49.42 8.27
C THR F 1201 -72.39 -50.89 7.92
N ALA F 1202 -71.31 -51.65 8.17
CA ALA F 1202 -71.22 -53.04 7.79
C ALA F 1202 -70.18 -53.76 8.63
N THR F 1203 -70.13 -55.09 8.51
CA THR F 1203 -69.19 -55.92 9.23
C THR F 1203 -67.79 -55.78 8.67
N GLY F 1204 -66.80 -56.22 9.43
CA GLY F 1204 -65.41 -56.16 9.00
C GLY F 1204 -64.87 -57.54 8.61
N VAL F 1205 -65.63 -58.59 8.89
CA VAL F 1205 -65.26 -59.96 8.57
C VAL F 1205 -66.00 -60.38 7.32
N ALA F 1206 -65.31 -61.10 6.42
CA ALA F 1206 -65.84 -61.45 5.12
C ALA F 1206 -66.73 -62.68 5.20
N LYS F 1207 -66.40 -63.65 6.06
CA LYS F 1207 -67.20 -64.85 6.17
C LYS F 1207 -68.56 -64.52 6.77
N VAL F 1208 -68.62 -63.54 7.66
CA VAL F 1208 -69.86 -63.13 8.29
C VAL F 1208 -70.75 -62.46 7.25
N HIS F 1209 -70.14 -61.72 6.32
CA HIS F 1209 -70.88 -61.07 5.25
C HIS F 1209 -71.60 -62.11 4.40
N GLN F 1210 -70.93 -63.21 4.10
CA GLN F 1210 -71.49 -64.22 3.24
C GLN F 1210 -72.62 -64.94 3.95
N LEU F 1211 -72.49 -65.13 5.26
CA LEU F 1211 -73.48 -65.81 6.06
C LEU F 1211 -74.75 -64.95 6.14
N GLU F 1212 -74.57 -63.64 6.28
CA GLU F 1212 -75.68 -62.70 6.38
C GLU F 1212 -76.49 -62.67 5.10
N GLU F 1213 -75.80 -62.71 3.95
CA GLU F 1213 -76.45 -62.61 2.66
C GLU F 1213 -77.32 -63.83 2.42
N LYS F 1214 -76.83 -65.00 2.82
CA LYS F 1214 -77.58 -66.23 2.66
C LYS F 1214 -78.83 -66.19 3.51
N GLN F 1215 -78.70 -65.68 4.74
CA GLN F 1215 -79.80 -65.62 5.69
C GLN F 1215 -80.90 -64.70 5.17
N LEU F 1216 -80.50 -63.62 4.49
CA LEU F 1216 -81.40 -62.60 3.98
C LEU F 1216 -82.25 -63.15 2.86
N ILE F 1217 -81.62 -63.80 1.88
CA ILE F 1217 -82.32 -64.29 0.71
C ILE F 1217 -83.22 -65.45 1.11
N ASP F 1218 -82.82 -66.24 2.10
CA ASP F 1218 -83.65 -67.35 2.55
C ASP F 1218 -84.92 -66.83 3.20
N GLU F 1219 -84.78 -65.73 3.95
CA GLU F 1219 -85.92 -65.14 4.66
C GLU F 1219 -86.92 -64.57 3.68
N ALA F 1220 -86.44 -64.10 2.52
CA ALA F 1220 -87.28 -63.51 1.50
C ALA F 1220 -88.18 -64.55 0.86
N PHE F 1221 -87.66 -65.77 0.66
CA PHE F 1221 -88.39 -66.83 0.00
C PHE F 1221 -89.02 -67.77 1.03
N GLU F 1222 -89.50 -67.21 2.14
CA GLU F 1222 -90.15 -67.95 3.21
C GLU F 1222 -89.13 -68.86 3.90
#